data_8TI1
#
_entry.id   8TI1
#
_cell.length_a   1.00
_cell.length_b   1.00
_cell.length_c   1.00
_cell.angle_alpha   90.00
_cell.angle_beta   90.00
_cell.angle_gamma   90.00
#
_symmetry.space_group_name_H-M   'P 1'
#
loop_
_entity.id
_entity.type
_entity.pdbx_description
1 polymer 'ATP-sensitive inward rectifier potassium channel 11'
2 polymer SUR1
3 non-polymer '[(2R)-1-octadecanoyloxy-3-[oxidanyl-[(1R,2R,3S,4R,5R,6S)-2,3,6-tris(oxidanyl)-4,5-diphosphonooxy-cyclohexyl]oxy-phospho ryl]oxy-propan-2-yl] (8Z)-icosa-5,8,11,14-tetraenoate'
4 non-polymer 'POTASSIUM ION'
5 non-polymer DI-PALMITOYL-3-SN-PHOSPHATIDYLETHANOLAMINE
6 non-polymer O-[(R)-{[(2R)-2,3-bis(octadecanoyloxy)propyl]oxy}(hydroxy)phosphoryl]-L-serine
7 non-polymer 2-acetamido-2-deoxy-beta-D-glucopyranose
8 water water
#
loop_
_entity_poly.entity_id
_entity_poly.type
_entity_poly.pdbx_seq_one_letter_code
_entity_poly.pdbx_strand_id
1 'polypeptide(L)'
;MLSRKGIIPEEYVLTRLAEDPTEPRYRTRERRARFVSKKGNCNVAHKNIRERGRFLQDVFTTLVDLKWPHTLLIFTMSFL
CSWLLFAMVWWLIAFAHGDLAPGEGTNVPCVTSIHSFSSAFLFSIEVQVTIGFGGRMVTEECPLAILILIVQNIVGLMIN
AIMLGCIFMKTAQAHRRAETLIFSKHAVITLRHGRLCFMLRVGDLRKSMIISATIHMQVVRKTTSPEGEVVPLHQVDIPM
ENGVGGNSIFLVAPLIIYHVIDSNSPLYDLAPSDLHHHQDLEIIVILEGVVETTGITTQARTSYLADEILWGQRFVPIVA
EEDGRYSVDYSKFGNTVKVPTPLCTARQLDEDRSLLDALTLASSRGPLRKRSVAVAKAKPKFSISPDSLS
;
A,B,C,D
2 'polypeptide(L)'
;MPLAFCGTENHSAAYRVDQGVLNNGCFVDALNVVPHVFLLFITFPILFIGWGSQSSKVHIHHSTWLHFPGHNLRWILTFI
LLFVLVCEIAEGILSDGVTESRHLHLYMPAGMAFMAAITSVVYYHNIETSNFPKLLIALLIYWTLAFITKTIKFVKFYDH
AIGFSQLRFCLTGLLVILYGMLLLVEVNVIRVRRYIFFKTPREVKPPEDLQDLGVRFLQPFVNLLSKGTYWWMNAFIKTA
HKKPIDLRAIGKLPIAMRALTNYQRLCVAFDAQARKDTQSPQGARAIWRALCHAFGRRLILSSTFRILADLLGFAGPLCI
FGIVDHLGKENHVFQPKTQFLGVYFVSSQEFLGNAYVLAVLLFLALLLQRTFLQASYYVAIETGINLRGAIQTKIYNKIM
HLSTSNLSMGEMTAGQICNLVAIDTNQLMWFFFLCPNLWAMPVQIIVGVILLYYILGVSALIGAAVIILLAPVQYFVATK
LSQAQRSTLEHSNERLKQTNEMLRGMKLLKLYAWESIFCSRVEVTRRKEMTSLRAFAVYTSISIFMNTAIPIAAVLITFV
GHVSFFKESDLSPSVAFASLSLFHILVTPLFLLSSVVRSTVKALVSVKKLSEFLSSAEIREEQCAPREPAPQGQAGKYQA
VPLKVVNRKRPAREEVRDLLGPLQRLAPSMDGDADNFCVQIIGGFFTWTPDGIPTLSNITIRIPRGQLTMIVGQVGCGKS
SLLLATLGEMQKVSGAVFWNSNLPDSEGEDPSSPERETAAGSDIRSRGPVAYASQKPWLLNATVEENITFESPFNKQRYK
MVIEACSLQPDIDILPHGDQTQIGERGINLSGGQRQRISVARALYQQTNVVFLDDPFSALDVHLSDHLMQAGILELLRDD
KRTVVLVTHKLQYLPHADWIIAMKDGTIQREGTLKDFQRSECQLFEHWKTLMNRQDQELEKETVMERKASEPSQGLPRAM
SSRDGLLLDEEEEEEEAAESEEDDNLSSVLHQRAKIPWRACTKYLSSAGILLLSLLVFSQLLKHMVLVAIDYWLAKWTDS
ALVLSPAARNCSLSQECDLDQSVYAMVFTLLCSLGIVLCLVTSVTVEWTGLKVAKRLHRSLLNRIILAPMRFFETTPLGS
ILNRFSSDCNTIDQHIPSTLECLSRSTLLCVSALTVISYVTPVFLVALLPLAVVCYFIQKYFRVASRDLQQLDDTTQLPL
LSHFAETVEGLTTIRAFRYEARFQQKLLEYTDSNNIASLFLTAANRWLEVRMEYIGACVVLIAAATSISNSLHRELSAGL
VGLGLTYALMVSNYLNWMVRNLADMEIQLGAVKRIHALLKTEAESYEGLLAPSLIPKNWPDQGKIQIQNLSVRYDSSLKP
VLKHVNALISPGQKIGICGRTGSGKSSFSLAFFRMVDMFEGRIIIDGIDIAKLPLHTLRSRLSIILQDPVLFSGTIRFNL
DPEKKCSDSTLWEALEIAQLKLVVKALPGGLDAIITEGGENFSQGQRQLFCLARAFVRKTSIFIMDEATASIDMATENIL
QKVVMTAFADRTVVTIAHRVHTILSADLVMVLKRGAILEFDKPETLLSQKDSVFASFVRADK
;
E,H,G,F
#
loop_
_chem_comp.id
_chem_comp.type
_chem_comp.name
_chem_comp.formula
K non-polymer 'POTASSIUM ION' 'K 1'
NAG D-saccharide, beta linking 2-acetamido-2-deoxy-beta-D-glucopyranose 'C8 H15 N O6'
P5S non-polymer O-[(R)-{[(2R)-2,3-bis(octadecanoyloxy)propyl]oxy}(hydroxy)phosphoryl]-L-serine 'C42 H82 N O10 P'
PEF non-polymer DI-PALMITOYL-3-SN-PHOSPHATIDYLETHANOLAMINE 'C37 H74 N O8 P'
PT5 non-polymer '[(2R)-1-octadecanoyloxy-3-[oxidanyl-[(1R,2R,3S,4R,5R,6S)-2,3,6-tris(oxidanyl)-4,5-diphosphonooxy-cyclohexyl]oxy-phospho ryl]oxy-propan-2-yl] (8Z)-icosa-5,8,11,14-tetraenoate' 'C47 H85 O19 P3'
#
# COMPACT_ATOMS: atom_id res chain seq x y z
N ARG A 32 -21.20 5.55 35.06
CA ARG A 32 -19.84 5.48 34.57
C ARG A 32 -19.74 5.76 33.08
N ALA A 33 -18.52 5.68 32.56
CA ALA A 33 -18.25 5.79 31.14
C ALA A 33 -17.21 4.77 30.76
N ARG A 34 -17.25 4.35 29.50
CA ARG A 34 -16.32 3.34 28.98
C ARG A 34 -15.28 4.02 28.10
N PHE A 35 -14.01 3.75 28.37
CA PHE A 35 -12.95 4.31 27.53
C PHE A 35 -13.01 3.73 26.12
N VAL A 36 -13.26 2.44 26.01
CA VAL A 36 -13.45 1.77 24.72
C VAL A 36 -14.69 0.90 24.81
N SER A 37 -15.58 1.02 23.83
CA SER A 37 -16.79 0.21 23.81
C SER A 37 -16.45 -1.25 23.55
N LYS A 38 -17.41 -2.12 23.81
CA LYS A 38 -17.21 -3.55 23.57
C LYS A 38 -16.95 -3.85 22.10
N LYS A 39 -17.40 -2.99 21.20
CA LYS A 39 -17.17 -3.17 19.77
C LYS A 39 -15.91 -2.49 19.28
N GLY A 40 -15.12 -1.91 20.19
CA GLY A 40 -13.91 -1.22 19.81
C GLY A 40 -14.04 0.27 19.57
N ASN A 41 -15.26 0.81 19.62
CA ASN A 41 -15.43 2.25 19.48
C ASN A 41 -14.84 2.96 20.69
N CYS A 42 -14.14 4.06 20.43
CA CYS A 42 -13.53 4.84 21.50
C CYS A 42 -14.47 5.97 21.90
N ASN A 43 -14.85 6.00 23.18
CA ASN A 43 -15.78 6.99 23.69
C ASN A 43 -15.03 8.17 24.31
N VAL A 44 -14.34 8.91 23.45
CA VAL A 44 -13.64 10.13 23.84
C VAL A 44 -14.05 11.24 22.88
N ALA A 45 -14.37 12.40 23.43
CA ALA A 45 -14.73 13.57 22.65
C ALA A 45 -13.66 14.65 22.81
N HIS A 46 -13.15 15.14 21.69
CA HIS A 46 -12.14 16.18 21.70
C HIS A 46 -12.82 17.55 21.68
N LYS A 47 -12.48 18.38 22.66
CA LYS A 47 -13.18 19.64 22.85
C LYS A 47 -12.20 20.80 22.92
N ASN A 48 -12.69 21.98 22.58
CA ASN A 48 -11.96 23.24 22.71
C ASN A 48 -10.65 23.23 21.91
N ILE A 49 -10.69 22.64 20.72
CA ILE A 49 -9.55 22.70 19.81
C ILE A 49 -9.52 24.07 19.16
N ARG A 50 -8.40 24.77 19.28
CA ARG A 50 -8.25 26.11 18.72
C ARG A 50 -7.19 26.15 17.64
N GLU A 51 -7.04 25.07 16.88
CA GLU A 51 -6.01 24.92 15.87
C GLU A 51 -6.61 24.38 14.58
N ARG A 52 -7.69 25.03 14.12
CA ARG A 52 -8.37 24.62 12.90
C ARG A 52 -7.46 24.65 11.69
N GLY A 53 -6.36 25.43 11.75
CA GLY A 53 -5.44 25.46 10.63
C GLY A 53 -4.82 24.11 10.34
N ARG A 54 -4.60 23.31 11.38
CA ARG A 54 -4.02 21.98 11.17
C ARG A 54 -4.96 21.10 10.36
N PHE A 55 -6.26 21.14 10.66
CA PHE A 55 -7.22 20.35 9.91
C PHE A 55 -7.30 20.81 8.46
N LEU A 56 -7.21 22.12 8.23
CA LEU A 56 -7.26 22.63 6.87
C LEU A 56 -6.01 22.26 6.09
N GLN A 57 -4.88 22.14 6.78
CA GLN A 57 -3.64 21.78 6.09
C GLN A 57 -3.60 20.30 5.75
N ASP A 58 -4.45 19.49 6.37
CA ASP A 58 -4.53 18.06 6.11
C ASP A 58 -5.90 17.79 5.49
N VAL A 59 -5.98 17.90 4.16
CA VAL A 59 -7.27 17.83 3.49
C VAL A 59 -7.62 16.39 3.09
N PHE A 60 -6.66 15.63 2.58
CA PHE A 60 -6.99 14.30 2.06
C PHE A 60 -7.47 13.37 3.16
N THR A 61 -6.81 13.39 4.32
CA THR A 61 -7.27 12.56 5.42
C THR A 61 -8.69 12.92 5.83
N THR A 62 -9.01 14.21 5.78
CA THR A 62 -10.39 14.64 6.03
C THR A 62 -11.34 14.06 4.98
N LEU A 63 -10.91 14.06 3.71
CA LEU A 63 -11.78 13.60 2.64
C LEU A 63 -12.13 12.12 2.80
N VAL A 64 -11.14 11.30 3.16
CA VAL A 64 -11.41 9.88 3.29
C VAL A 64 -12.12 9.57 4.61
N ASP A 65 -11.90 10.38 5.64
CA ASP A 65 -12.51 10.13 6.94
C ASP A 65 -13.99 10.46 6.99
N LEU A 66 -14.53 11.10 5.96
CA LEU A 66 -15.94 11.44 5.95
C LEU A 66 -16.81 10.18 5.92
N LYS A 67 -18.02 10.30 6.46
CA LYS A 67 -18.97 9.21 6.38
C LYS A 67 -19.41 9.00 4.94
N TRP A 68 -19.95 7.82 4.66
CA TRP A 68 -20.34 7.48 3.30
C TRP A 68 -21.34 8.46 2.68
N PRO A 69 -22.41 8.89 3.36
CA PRO A 69 -23.30 9.88 2.73
C PRO A 69 -22.59 11.17 2.35
N HIS A 70 -21.63 11.62 3.14
CA HIS A 70 -20.85 12.79 2.75
C HIS A 70 -19.86 12.46 1.65
N THR A 71 -19.26 11.27 1.68
CA THR A 71 -18.33 10.89 0.64
C THR A 71 -19.02 10.81 -0.72
N LEU A 72 -20.24 10.26 -0.75
CA LEU A 72 -21.00 10.24 -2.00
C LEU A 72 -21.32 11.65 -2.48
N LEU A 73 -21.69 12.54 -1.56
CA LEU A 73 -21.99 13.91 -1.94
C LEU A 73 -20.77 14.61 -2.50
N ILE A 74 -19.63 14.47 -1.83
CA ILE A 74 -18.39 15.09 -2.31
C ILE A 74 -17.97 14.47 -3.64
N PHE A 75 -18.06 13.15 -3.74
CA PHE A 75 -17.74 12.49 -5.01
C PHE A 75 -18.65 12.98 -6.13
N THR A 76 -19.95 13.08 -5.84
CA THR A 76 -20.88 13.56 -6.86
C THR A 76 -20.64 15.03 -7.17
N MET A 77 -20.46 15.85 -6.14
CA MET A 77 -20.35 17.29 -6.36
C MET A 77 -19.00 17.66 -6.95
N SER A 78 -17.98 16.81 -6.81
CA SER A 78 -16.69 17.09 -7.41
C SER A 78 -16.77 17.04 -8.93
N PHE A 79 -17.39 15.99 -9.47
CA PHE A 79 -17.54 15.88 -10.92
C PHE A 79 -18.63 16.82 -11.44
N LEU A 80 -19.76 16.90 -10.74
CA LEU A 80 -20.89 17.68 -11.25
C LEU A 80 -20.55 19.15 -11.33
N CYS A 81 -19.88 19.69 -10.30
CA CYS A 81 -19.46 21.08 -10.35
C CYS A 81 -18.37 21.31 -11.39
N SER A 82 -17.51 20.33 -11.60
CA SER A 82 -16.48 20.46 -12.63
C SER A 82 -17.11 20.56 -14.01
N TRP A 83 -18.14 19.75 -14.28
CA TRP A 83 -18.83 19.82 -15.56
C TRP A 83 -19.53 21.17 -15.71
N LEU A 84 -20.17 21.65 -14.66
CA LEU A 84 -20.86 22.94 -14.72
C LEU A 84 -19.88 24.08 -14.94
N LEU A 85 -18.74 24.05 -14.26
CA LEU A 85 -17.78 25.15 -14.37
C LEU A 85 -17.30 25.32 -15.81
N PHE A 86 -16.94 24.21 -16.46
CA PHE A 86 -16.53 24.28 -17.86
C PHE A 86 -17.70 24.43 -18.80
N ALA A 87 -18.90 23.99 -18.39
CA ALA A 87 -20.09 24.22 -19.22
C ALA A 87 -20.34 25.70 -19.42
N MET A 88 -20.18 26.50 -18.36
CA MET A 88 -20.30 27.94 -18.50
C MET A 88 -19.22 28.50 -19.40
N VAL A 89 -17.99 27.98 -19.29
CA VAL A 89 -16.91 28.44 -20.15
C VAL A 89 -17.20 28.11 -21.59
N TRP A 90 -17.65 26.88 -21.86
CA TRP A 90 -18.00 26.51 -23.23
C TRP A 90 -19.17 27.34 -23.74
N TRP A 91 -20.16 27.57 -22.89
CA TRP A 91 -21.30 28.40 -23.28
C TRP A 91 -20.87 29.84 -23.53
N LEU A 92 -19.96 30.36 -22.71
CA LEU A 92 -19.58 31.76 -22.83
C LEU A 92 -18.80 32.02 -24.11
N ILE A 93 -17.81 31.19 -24.42
CA ILE A 93 -17.02 31.42 -25.63
C ILE A 93 -17.84 31.16 -26.88
N ALA A 94 -18.82 30.26 -26.82
CA ALA A 94 -19.74 30.12 -27.95
C ALA A 94 -20.58 31.37 -28.11
N PHE A 95 -20.97 32.00 -27.01
CA PHE A 95 -21.66 33.29 -27.07
C PHE A 95 -20.75 34.36 -27.66
N ALA A 96 -19.54 34.48 -27.14
CA ALA A 96 -18.64 35.54 -27.59
C ALA A 96 -18.28 35.38 -29.06
N HIS A 97 -18.33 34.15 -29.58
CA HIS A 97 -18.04 33.89 -30.98
C HIS A 97 -19.25 34.05 -31.87
N GLY A 98 -20.43 34.33 -31.29
CA GLY A 98 -21.63 34.47 -32.08
C GLY A 98 -22.26 33.16 -32.50
N ASP A 99 -21.84 32.05 -31.89
CA ASP A 99 -22.40 30.75 -32.24
C ASP A 99 -23.83 30.58 -31.78
N LEU A 100 -24.19 31.21 -30.65
CA LEU A 100 -25.55 31.09 -30.14
C LEU A 100 -26.56 31.75 -31.07
N ALA A 101 -26.15 32.77 -31.81
CA ALA A 101 -27.04 33.45 -32.74
C ALA A 101 -27.27 32.56 -33.96
N PRO A 102 -28.52 32.22 -34.29
CA PRO A 102 -28.78 31.39 -35.46
C PRO A 102 -28.76 32.13 -36.78
N GLY A 103 -28.25 33.36 -36.82
CA GLY A 103 -28.24 34.16 -38.03
C GLY A 103 -27.42 33.56 -39.15
N GLU A 104 -28.10 33.06 -40.18
CA GLU A 104 -27.48 32.51 -41.38
C GLU A 104 -26.47 31.41 -41.05
N GLY A 105 -25.54 31.16 -41.96
CA GLY A 105 -24.49 30.18 -41.73
C GLY A 105 -23.14 30.72 -42.18
N THR A 106 -22.41 29.91 -42.95
CA THR A 106 -21.12 30.29 -43.52
C THR A 106 -20.09 30.67 -42.46
N ASN A 107 -20.36 30.34 -41.19
CA ASN A 107 -19.45 30.60 -40.10
C ASN A 107 -19.17 29.30 -39.38
N VAL A 108 -17.89 29.01 -39.15
CA VAL A 108 -17.47 27.77 -38.49
C VAL A 108 -17.42 28.03 -36.99
N PRO A 109 -18.25 27.39 -36.18
CA PRO A 109 -18.29 27.69 -34.75
C PRO A 109 -17.07 27.15 -34.03
N CYS A 110 -16.87 27.64 -32.80
CA CYS A 110 -15.82 27.09 -31.95
C CYS A 110 -16.08 25.62 -31.67
N VAL A 111 -17.31 25.29 -31.27
CA VAL A 111 -17.74 23.91 -31.07
C VAL A 111 -19.03 23.72 -31.84
N THR A 112 -19.07 22.69 -32.69
CA THR A 112 -20.22 22.48 -33.55
C THR A 112 -21.45 22.08 -32.73
N SER A 113 -22.61 22.48 -33.23
CA SER A 113 -23.90 22.05 -32.70
C SER A 113 -24.08 22.42 -31.23
N ILE A 114 -23.66 23.63 -30.86
CA ILE A 114 -23.93 24.19 -29.54
C ILE A 114 -24.93 25.33 -29.72
N HIS A 115 -26.09 25.20 -29.08
CA HIS A 115 -27.17 26.17 -29.21
C HIS A 115 -27.50 26.87 -27.91
N SER A 116 -27.65 26.12 -26.83
CA SER A 116 -28.02 26.67 -25.53
C SER A 116 -27.03 26.21 -24.47
N PHE A 117 -27.28 26.59 -23.23
CA PHE A 117 -26.44 26.13 -22.13
C PHE A 117 -26.54 24.63 -21.95
N SER A 118 -27.71 24.04 -22.21
CA SER A 118 -27.86 22.60 -22.09
C SER A 118 -26.95 21.88 -23.07
N SER A 119 -26.83 22.39 -24.30
CA SER A 119 -25.88 21.82 -25.25
C SER A 119 -24.46 21.97 -24.74
N ALA A 120 -24.13 23.12 -24.18
CA ALA A 120 -22.79 23.31 -23.62
C ALA A 120 -22.55 22.38 -22.44
N PHE A 121 -23.56 22.20 -21.59
CA PHE A 121 -23.41 21.29 -20.45
C PHE A 121 -23.24 19.85 -20.91
N LEU A 122 -24.00 19.42 -21.91
CA LEU A 122 -23.81 18.09 -22.45
C LEU A 122 -22.44 17.93 -23.08
N PHE A 123 -21.96 18.98 -23.76
CA PHE A 123 -20.63 18.92 -24.35
C PHE A 123 -19.55 18.81 -23.28
N SER A 124 -19.73 19.52 -22.16
CA SER A 124 -18.74 19.43 -21.08
C SER A 124 -18.67 18.03 -20.51
N ILE A 125 -19.82 17.37 -20.36
CA ILE A 125 -19.82 15.98 -19.88
C ILE A 125 -19.11 15.07 -20.87
N GLU A 126 -19.36 15.26 -22.17
CA GLU A 126 -18.72 14.43 -23.19
C GLU A 126 -17.21 14.59 -23.16
N VAL A 127 -16.72 15.82 -23.02
CA VAL A 127 -15.28 16.06 -23.02
C VAL A 127 -14.64 15.53 -21.75
N GLN A 128 -15.21 15.85 -20.59
CA GLN A 128 -14.53 15.54 -19.34
C GLN A 128 -14.60 14.06 -19.00
N VAL A 129 -15.76 13.42 -19.19
CA VAL A 129 -15.86 11.98 -18.99
C VAL A 129 -15.32 11.21 -20.18
N THR A 130 -14.84 11.91 -21.21
CA THR A 130 -14.24 11.30 -22.40
C THR A 130 -15.22 10.37 -23.11
N ILE A 131 -16.49 10.76 -23.13
CA ILE A 131 -17.47 10.03 -23.93
C ILE A 131 -17.31 10.37 -25.41
N GLY A 132 -17.47 11.65 -25.74
CA GLY A 132 -17.22 12.12 -27.08
C GLY A 132 -18.17 11.54 -28.11
N PHE A 133 -19.44 11.92 -28.03
CA PHE A 133 -20.41 11.46 -29.03
C PHE A 133 -20.05 11.94 -30.41
N GLY A 134 -19.66 13.21 -30.54
CA GLY A 134 -19.23 13.75 -31.81
C GLY A 134 -20.25 14.63 -32.50
N GLY A 135 -21.51 14.62 -32.06
CA GLY A 135 -22.44 15.62 -32.56
C GLY A 135 -22.01 17.02 -32.19
N ARG A 136 -21.44 17.18 -31.00
CA ARG A 136 -20.86 18.44 -30.55
C ARG A 136 -19.36 18.25 -30.49
N MET A 137 -18.64 18.83 -31.45
CA MET A 137 -17.22 18.58 -31.64
C MET A 137 -16.45 19.88 -31.66
N VAL A 138 -15.24 19.86 -31.12
CA VAL A 138 -14.37 21.02 -31.16
C VAL A 138 -13.87 21.24 -32.56
N THR A 139 -13.90 22.49 -33.02
CA THR A 139 -13.38 22.85 -34.33
C THR A 139 -12.10 23.67 -34.14
N GLU A 140 -11.40 23.91 -35.26
CA GLU A 140 -10.10 24.54 -35.26
C GLU A 140 -10.17 26.04 -35.51
N GLU A 141 -11.31 26.67 -35.22
CA GLU A 141 -11.46 28.09 -35.49
C GLU A 141 -11.09 28.96 -34.30
N CYS A 142 -11.32 28.48 -33.07
CA CYS A 142 -11.09 29.31 -31.90
C CYS A 142 -9.94 28.73 -31.08
N PRO A 143 -8.75 29.34 -31.12
CA PRO A 143 -7.65 28.84 -30.30
C PRO A 143 -7.96 28.83 -28.81
N LEU A 144 -8.80 29.76 -28.35
CA LEU A 144 -9.23 29.74 -26.95
C LEU A 144 -10.01 28.48 -26.64
N ALA A 145 -10.86 28.03 -27.56
CA ALA A 145 -11.59 26.78 -27.36
C ALA A 145 -10.63 25.61 -27.27
N ILE A 146 -9.59 25.59 -28.10
CA ILE A 146 -8.58 24.55 -28.00
C ILE A 146 -7.85 24.66 -26.66
N LEU A 147 -7.62 25.89 -26.20
CA LEU A 147 -6.98 26.08 -24.90
C LEU A 147 -7.84 25.51 -23.77
N ILE A 148 -9.15 25.75 -23.82
CA ILE A 148 -10.04 25.22 -22.79
C ILE A 148 -10.08 23.70 -22.85
N LEU A 149 -10.05 23.14 -24.06
CA LEU A 149 -10.04 21.68 -24.20
C LEU A 149 -8.82 21.08 -23.53
N ILE A 150 -7.66 21.74 -23.67
CA ILE A 150 -6.46 21.29 -22.99
C ILE A 150 -6.63 21.40 -21.48
N VAL A 151 -7.17 22.54 -21.02
CA VAL A 151 -7.31 22.78 -19.58
C VAL A 151 -8.29 21.79 -18.97
N GLN A 152 -9.43 21.58 -19.63
CA GLN A 152 -10.45 20.70 -19.07
C GLN A 152 -9.95 19.27 -18.94
N ASN A 153 -9.23 18.78 -19.95
CA ASN A 153 -8.70 17.41 -19.89
C ASN A 153 -7.68 17.26 -18.78
N ILE A 154 -6.80 18.24 -18.60
CA ILE A 154 -5.81 18.17 -17.53
C ILE A 154 -6.49 18.23 -16.17
N VAL A 155 -7.43 19.16 -16.01
CA VAL A 155 -8.18 19.25 -14.76
C VAL A 155 -9.07 18.02 -14.59
N GLY A 156 -9.66 17.54 -15.69
CA GLY A 156 -10.50 16.36 -15.59
C GLY A 156 -9.76 15.14 -15.12
N LEU A 157 -8.50 14.98 -15.57
CA LEU A 157 -7.71 13.83 -15.15
C LEU A 157 -7.35 13.90 -13.68
N MET A 158 -6.97 15.08 -13.19
CA MET A 158 -6.60 15.21 -11.78
C MET A 158 -7.79 14.92 -10.87
N ILE A 159 -8.97 15.46 -11.20
CA ILE A 159 -10.15 15.15 -10.42
C ILE A 159 -10.50 13.68 -10.53
N ASN A 160 -10.35 13.12 -11.73
CA ASN A 160 -10.61 11.69 -11.91
C ASN A 160 -9.63 10.85 -11.10
N ALA A 161 -8.36 11.24 -11.08
CA ALA A 161 -7.36 10.46 -10.36
C ALA A 161 -7.59 10.51 -8.86
N ILE A 162 -7.78 11.70 -8.30
CA ILE A 162 -7.91 11.84 -6.86
C ILE A 162 -9.19 11.20 -6.36
N MET A 163 -10.32 11.50 -7.02
CA MET A 163 -11.61 11.04 -6.49
C MET A 163 -11.77 9.54 -6.60
N LEU A 164 -11.38 8.95 -7.73
CA LEU A 164 -11.49 7.49 -7.87
C LEU A 164 -10.57 6.78 -6.89
N GLY A 165 -9.35 7.29 -6.72
CA GLY A 165 -8.45 6.70 -5.73
C GLY A 165 -8.96 6.91 -4.31
N CYS A 166 -9.56 8.06 -4.04
CA CYS A 166 -10.07 8.33 -2.69
C CYS A 166 -11.22 7.39 -2.33
N ILE A 167 -12.12 7.13 -3.28
CA ILE A 167 -13.26 6.29 -2.97
C ILE A 167 -12.87 4.82 -2.86
N PHE A 168 -11.76 4.41 -3.47
CA PHE A 168 -11.29 3.05 -3.27
C PHE A 168 -10.61 2.89 -1.92
N MET A 169 -9.85 3.90 -1.47
CA MET A 169 -9.32 3.87 -0.12
C MET A 169 -10.44 3.85 0.91
N LYS A 170 -11.50 4.61 0.66
CA LYS A 170 -12.66 4.58 1.55
C LYS A 170 -13.28 3.20 1.59
N THR A 171 -13.35 2.52 0.45
CA THR A 171 -13.94 1.19 0.41
C THR A 171 -13.01 0.15 1.03
N ALA A 172 -11.71 0.25 0.75
CA ALA A 172 -10.75 -0.77 1.16
C ALA A 172 -10.12 -0.49 2.52
N GLN A 173 -10.81 0.24 3.39
CA GLN A 173 -10.29 0.48 4.72
C GLN A 173 -10.24 -0.82 5.51
N ALA A 174 -9.20 -0.97 6.33
CA ALA A 174 -8.97 -2.20 7.05
C ALA A 174 -9.70 -2.29 8.38
N HIS A 175 -10.31 -1.19 8.83
CA HIS A 175 -11.03 -1.22 10.11
CA HIS A 175 -11.00 -1.26 10.12
C HIS A 175 -12.29 -2.08 10.04
N ARG A 176 -12.88 -2.21 8.85
CA ARG A 176 -14.06 -3.07 8.73
C ARG A 176 -13.70 -4.53 8.88
N ARG A 177 -12.45 -4.90 8.56
CA ARG A 177 -11.99 -6.26 8.79
C ARG A 177 -11.99 -6.59 10.28
N ALA A 178 -11.83 -5.58 11.14
CA ALA A 178 -11.85 -5.82 12.58
C ALA A 178 -13.21 -6.26 13.08
N GLU A 179 -14.26 -6.09 12.28
CA GLU A 179 -15.59 -6.54 12.69
C GLU A 179 -15.69 -8.06 12.72
N THR A 180 -14.81 -8.77 12.02
CA THR A 180 -14.79 -10.21 12.01
C THR A 180 -13.79 -10.79 12.99
N LEU A 181 -13.10 -9.96 13.75
CA LEU A 181 -12.26 -10.40 14.85
C LEU A 181 -13.05 -10.26 16.14
N ILE A 182 -13.29 -11.37 16.82
CA ILE A 182 -14.18 -11.42 17.97
C ILE A 182 -13.38 -11.70 19.22
N PHE A 183 -13.70 -10.98 20.29
CA PHE A 183 -13.18 -11.25 21.61
C PHE A 183 -14.29 -11.84 22.49
N SER A 184 -13.89 -12.38 23.63
CA SER A 184 -14.87 -12.90 24.57
C SER A 184 -15.69 -11.75 25.16
N LYS A 185 -16.94 -12.06 25.49
CA LYS A 185 -17.77 -11.09 26.19
C LYS A 185 -17.40 -10.96 27.66
N HIS A 186 -16.70 -11.95 28.21
CA HIS A 186 -16.25 -11.91 29.60
C HIS A 186 -14.78 -12.32 29.67
N ALA A 187 -14.04 -11.66 30.55
CA ALA A 187 -12.68 -12.04 30.86
C ALA A 187 -12.67 -12.91 32.11
N VAL A 188 -11.61 -13.71 32.23
CA VAL A 188 -11.53 -14.74 33.25
C VAL A 188 -10.20 -14.61 33.98
N ILE A 189 -10.24 -14.64 35.31
CA ILE A 189 -9.04 -14.71 36.14
C ILE A 189 -9.08 -16.05 36.86
N THR A 190 -8.01 -16.84 36.73
CA THR A 190 -8.00 -18.16 37.31
C THR A 190 -6.56 -18.61 37.54
N LEU A 191 -6.41 -19.74 38.22
CA LEU A 191 -5.10 -20.31 38.49
C LEU A 191 -4.61 -21.08 37.28
N ARG A 192 -3.41 -20.74 36.80
CA ARG A 192 -2.75 -21.48 35.75
C ARG A 192 -1.28 -21.65 36.14
N HIS A 193 -0.85 -22.90 36.28
CA HIS A 193 0.52 -23.23 36.66
C HIS A 193 0.88 -22.60 38.00
N GLY A 194 -0.09 -22.52 38.90
CA GLY A 194 0.14 -22.05 40.25
C GLY A 194 0.05 -20.55 40.46
N ARG A 195 -0.16 -19.77 39.41
CA ARG A 195 -0.25 -18.33 39.52
C ARG A 195 -1.54 -17.85 38.87
N LEU A 196 -2.14 -16.82 39.46
CA LEU A 196 -3.36 -16.25 38.90
C LEU A 196 -3.07 -15.59 37.57
N CYS A 197 -3.95 -15.83 36.60
CA CYS A 197 -3.78 -15.31 35.25
C CYS A 197 -5.07 -14.66 34.79
N PHE A 198 -4.96 -13.46 34.22
CA PHE A 198 -6.10 -12.77 33.64
C PHE A 198 -6.23 -13.24 32.19
N MET A 199 -7.22 -14.09 31.93
CA MET A 199 -7.33 -14.75 30.64
C MET A 199 -8.52 -14.22 29.86
N LEU A 200 -8.38 -14.19 28.53
CA LEU A 200 -9.46 -13.89 27.61
C LEU A 200 -9.21 -14.65 26.32
N ARG A 201 -10.25 -14.79 25.51
CA ARG A 201 -10.17 -15.54 24.27
C ARG A 201 -10.45 -14.62 23.09
N VAL A 202 -9.62 -14.74 22.05
CA VAL A 202 -9.77 -13.95 20.83
C VAL A 202 -9.75 -14.90 19.65
N GLY A 203 -10.69 -14.71 18.72
CA GLY A 203 -10.79 -15.57 17.56
C GLY A 203 -10.97 -14.76 16.29
N ASP A 204 -10.76 -15.45 15.17
CA ASP A 204 -10.90 -14.86 13.84
C ASP A 204 -11.92 -15.67 13.06
N LEU A 205 -12.99 -15.02 12.61
CA LEU A 205 -14.05 -15.71 11.89
C LEU A 205 -13.69 -16.01 10.44
N ARG A 206 -12.92 -15.14 9.81
CA ARG A 206 -12.61 -15.29 8.40
C ARG A 206 -11.64 -16.43 8.15
N LYS A 207 -11.71 -17.01 6.96
CA LYS A 207 -10.76 -18.03 6.56
C LYS A 207 -9.36 -17.45 6.40
N SER A 208 -9.26 -16.23 5.89
CA SER A 208 -7.97 -15.60 5.66
C SER A 208 -7.30 -15.25 6.99
N MET A 209 -6.03 -14.93 6.93
CA MET A 209 -5.18 -14.75 8.10
C MET A 209 -4.99 -13.28 8.42
N ILE A 210 -4.49 -13.02 9.62
CA ILE A 210 -4.04 -11.70 10.04
C ILE A 210 -2.52 -11.79 10.16
N ILE A 211 -1.81 -11.25 9.17
CA ILE A 211 -0.36 -11.36 9.14
C ILE A 211 0.25 -10.43 10.19
N SER A 212 1.26 -10.93 10.90
CA SER A 212 1.98 -10.16 11.90
C SER A 212 1.05 -9.61 12.98
N ALA A 213 0.19 -10.49 13.48
CA ALA A 213 -0.73 -10.10 14.54
C ALA A 213 0.02 -9.85 15.84
N THR A 214 -0.32 -8.74 16.50
CA THR A 214 0.28 -8.37 17.78
C THR A 214 -0.83 -8.07 18.77
N ILE A 215 -0.63 -8.45 20.02
CA ILE A 215 -1.60 -8.23 21.09
C ILE A 215 -0.98 -7.28 22.11
N HIS A 216 -1.69 -6.19 22.40
CA HIS A 216 -1.29 -5.25 23.43
C HIS A 216 -2.43 -5.13 24.44
N MET A 217 -2.11 -5.32 25.71
CA MET A 217 -3.08 -5.24 26.80
C MET A 217 -2.68 -4.11 27.73
N GLN A 218 -3.65 -3.29 28.10
CA GLN A 218 -3.40 -2.14 28.97
C GLN A 218 -4.46 -2.07 30.05
N VAL A 219 -4.08 -1.50 31.19
CA VAL A 219 -5.00 -1.25 32.30
C VAL A 219 -5.28 0.25 32.33
N VAL A 220 -6.55 0.62 32.28
CA VAL A 220 -6.96 2.01 32.23
C VAL A 220 -7.71 2.33 33.51
N ARG A 221 -7.12 3.17 34.35
CA ARG A 221 -7.76 3.62 35.58
C ARG A 221 -7.03 4.87 36.06
N LYS A 222 -7.66 5.57 37.00
CA LYS A 222 -7.11 6.80 37.55
C LYS A 222 -6.14 6.44 38.67
N THR A 223 -4.85 6.76 38.47
CA THR A 223 -3.81 6.46 39.43
C THR A 223 -3.17 7.76 39.90
N THR A 224 -2.99 7.89 41.21
CA THR A 224 -2.40 9.07 41.81
C THR A 224 -1.01 8.72 42.30
N SER A 225 -0.01 9.45 41.80
CA SER A 225 1.36 9.25 42.24
C SER A 225 1.53 9.77 43.66
N PRO A 226 2.54 9.29 44.38
CA PRO A 226 2.78 9.79 45.75
C PRO A 226 3.01 11.30 45.80
N GLU A 227 3.54 11.89 44.73
CA GLU A 227 3.76 13.33 44.71
C GLU A 227 2.47 14.13 44.56
N GLY A 228 1.34 13.46 44.33
CA GLY A 228 0.07 14.14 44.21
C GLY A 228 -0.44 14.31 42.80
N GLU A 229 0.36 13.96 41.79
CA GLU A 229 -0.10 14.04 40.41
C GLU A 229 -1.18 13.00 40.16
N VAL A 230 -2.24 13.40 39.47
CA VAL A 230 -3.36 12.52 39.15
C VAL A 230 -3.47 12.42 37.64
N VAL A 231 -3.56 11.19 37.14
CA VAL A 231 -3.72 10.91 35.71
C VAL A 231 -5.11 10.30 35.53
N PRO A 232 -6.05 11.01 34.89
CA PRO A 232 -7.43 10.50 34.83
C PRO A 232 -7.57 9.16 34.15
N LEU A 233 -6.77 8.89 33.12
CA LEU A 233 -6.86 7.64 32.35
C LEU A 233 -5.47 7.05 32.15
N HIS A 234 -4.71 6.93 33.24
CA HIS A 234 -3.35 6.41 33.14
C HIS A 234 -3.36 5.00 32.57
N GLN A 235 -2.85 4.85 31.35
CA GLN A 235 -2.83 3.56 30.67
C GLN A 235 -1.53 2.85 31.01
N VAL A 236 -1.61 1.83 31.84
CA VAL A 236 -0.45 1.04 32.24
C VAL A 236 -0.42 -0.19 31.35
N ASP A 237 0.68 -0.38 30.63
CA ASP A 237 0.79 -1.48 29.69
C ASP A 237 1.19 -2.75 30.44
N ILE A 238 0.39 -3.80 30.31
CA ILE A 238 0.67 -5.06 30.98
C ILE A 238 1.15 -6.09 29.96
N PRO A 239 2.07 -6.97 30.33
CA PRO A 239 2.53 -7.98 29.38
C PRO A 239 1.66 -9.23 29.42
N MET A 240 1.67 -9.95 28.30
CA MET A 240 1.03 -11.25 28.21
C MET A 240 2.10 -12.33 28.08
N GLU A 241 1.82 -13.50 28.64
CA GLU A 241 2.79 -14.59 28.58
C GLU A 241 2.79 -15.19 27.19
N ASN A 242 3.92 -15.11 26.52
CA ASN A 242 4.09 -15.66 25.18
C ASN A 242 5.20 -16.69 25.08
N GLY A 243 6.23 -16.60 25.92
CA GLY A 243 7.33 -17.54 25.94
C GLY A 243 8.61 -16.98 25.34
N VAL A 244 8.50 -16.04 24.41
CA VAL A 244 9.66 -15.45 23.76
C VAL A 244 9.57 -13.94 23.88
N GLY A 245 8.89 -13.45 24.91
CA GLY A 245 8.59 -12.04 25.01
C GLY A 245 7.09 -11.79 24.96
N GLY A 246 6.61 -11.22 23.87
CA GLY A 246 5.19 -11.02 23.73
C GLY A 246 4.87 -10.22 22.49
N ASN A 247 3.60 -9.80 22.41
CA ASN A 247 3.09 -8.99 21.30
C ASN A 247 3.28 -9.68 19.95
N SER A 248 2.98 -10.97 19.91
CA SER A 248 3.05 -11.72 18.66
C SER A 248 2.27 -13.01 18.81
N ILE A 249 1.26 -13.20 17.96
CA ILE A 249 0.44 -14.41 17.96
C ILE A 249 0.25 -14.87 16.53
N PHE A 250 -0.10 -16.14 16.39
CA PHE A 250 -0.46 -16.75 15.10
C PHE A 250 -1.94 -17.10 15.21
N LEU A 251 -2.80 -16.15 14.83
CA LEU A 251 -4.24 -16.25 15.07
C LEU A 251 -4.89 -16.94 13.89
N VAL A 252 -5.04 -18.26 13.99
CA VAL A 252 -5.89 -19.02 13.06
C VAL A 252 -6.96 -19.83 13.77
N ALA A 253 -6.75 -20.24 15.02
CA ALA A 253 -7.76 -20.81 15.87
C ALA A 253 -7.87 -19.95 17.12
N PRO A 254 -9.04 -19.90 17.76
CA PRO A 254 -9.22 -18.97 18.88
C PRO A 254 -8.24 -19.25 20.01
N LEU A 255 -7.40 -18.26 20.29
CA LEU A 255 -6.36 -18.35 21.30
C LEU A 255 -6.85 -17.78 22.62
N ILE A 256 -6.31 -18.30 23.72
CA ILE A 256 -6.52 -17.73 25.03
C ILE A 256 -5.34 -16.81 25.33
N ILE A 257 -5.60 -15.51 25.37
CA ILE A 257 -4.58 -14.52 25.68
C ILE A 257 -4.66 -14.21 27.16
N TYR A 258 -3.58 -14.48 27.89
CA TYR A 258 -3.60 -14.32 29.34
C TYR A 258 -2.35 -13.60 29.82
N HIS A 259 -2.53 -12.84 30.88
CA HIS A 259 -1.45 -12.09 31.53
C HIS A 259 -1.26 -12.66 32.93
N VAL A 260 -0.03 -13.07 33.25
CA VAL A 260 0.27 -13.65 34.55
C VAL A 260 0.41 -12.52 35.55
N ILE A 261 -0.35 -12.59 36.64
CA ILE A 261 -0.35 -11.56 37.67
C ILE A 261 0.78 -11.88 38.65
N ASP A 262 1.83 -11.07 38.64
CA ASP A 262 2.97 -11.27 39.50
C ASP A 262 3.32 -10.00 40.26
N SER A 263 4.49 -9.98 40.91
CA SER A 263 4.83 -8.91 41.82
C SER A 263 4.78 -7.53 41.16
N ASN A 264 5.20 -7.45 39.90
CA ASN A 264 5.26 -6.17 39.20
C ASN A 264 4.04 -5.93 38.31
N SER A 265 3.01 -6.75 38.42
CA SER A 265 1.83 -6.52 37.61
C SER A 265 0.91 -5.51 38.28
N PRO A 266 0.22 -4.67 37.51
CA PRO A 266 -0.72 -3.71 38.11
C PRO A 266 -1.89 -4.36 38.82
N LEU A 267 -2.21 -5.61 38.50
CA LEU A 267 -3.31 -6.34 39.14
C LEU A 267 -2.84 -7.15 40.34
N TYR A 268 -1.61 -6.91 40.81
CA TYR A 268 -1.05 -7.69 41.90
C TYR A 268 -1.83 -7.53 43.20
N ASP A 269 -2.63 -6.48 43.32
CA ASP A 269 -3.45 -6.25 44.50
C ASP A 269 -4.93 -6.25 44.17
N LEU A 270 -5.34 -7.06 43.21
CA LEU A 270 -6.74 -7.15 42.81
C LEU A 270 -7.43 -8.27 43.56
N ALA A 271 -8.55 -7.95 44.19
CA ALA A 271 -9.32 -8.90 44.97
C ALA A 271 -10.65 -9.20 44.30
N PRO A 272 -11.23 -10.38 44.53
CA PRO A 272 -12.54 -10.68 43.92
C PRO A 272 -13.64 -9.72 44.34
N SER A 273 -13.52 -9.10 45.51
CA SER A 273 -14.51 -8.10 45.91
C SER A 273 -14.44 -6.85 45.06
N ASP A 274 -13.28 -6.56 44.45
CA ASP A 274 -13.15 -5.37 43.61
C ASP A 274 -13.88 -5.51 42.29
N LEU A 275 -14.24 -6.73 41.88
CA LEU A 275 -14.85 -6.96 40.58
C LEU A 275 -16.35 -6.71 40.62
N HIS A 276 -16.70 -5.45 40.92
CA HIS A 276 -18.08 -4.98 40.84
C HIS A 276 -18.13 -3.84 39.83
N HIS A 277 -19.36 -3.40 39.52
CA HIS A 277 -19.55 -2.51 38.38
C HIS A 277 -18.83 -1.17 38.57
N HIS A 278 -18.93 -0.59 39.76
CA HIS A 278 -18.34 0.72 40.03
C HIS A 278 -17.01 0.53 40.74
N GLN A 279 -15.97 0.28 39.95
CA GLN A 279 -14.63 0.03 40.48
C GLN A 279 -13.55 0.92 39.89
N ASP A 280 -13.77 1.49 38.70
CA ASP A 280 -12.75 2.26 37.98
C ASP A 280 -11.53 1.38 37.71
N LEU A 281 -11.76 0.33 36.92
CA LEU A 281 -10.71 -0.62 36.54
C LEU A 281 -11.12 -1.19 35.19
N GLU A 282 -10.36 -0.87 34.15
CA GLU A 282 -10.69 -1.29 32.79
C GLU A 282 -9.47 -1.90 32.13
N ILE A 283 -9.69 -3.01 31.43
CA ILE A 283 -8.63 -3.70 30.70
C ILE A 283 -8.94 -3.59 29.21
N ILE A 284 -7.94 -3.17 28.44
CA ILE A 284 -8.09 -2.95 27.00
C ILE A 284 -7.19 -3.93 26.27
N VAL A 285 -7.75 -4.60 25.28
CA VAL A 285 -7.00 -5.54 24.44
C VAL A 285 -7.00 -5.00 23.02
N ILE A 286 -5.82 -4.93 22.43
CA ILE A 286 -5.63 -4.38 21.08
C ILE A 286 -4.96 -5.45 20.23
N LEU A 287 -5.56 -5.74 19.08
CA LEU A 287 -5.03 -6.71 18.14
C LEU A 287 -4.75 -5.99 16.82
N GLU A 288 -3.48 -5.90 16.47
CA GLU A 288 -3.05 -5.19 15.27
C GLU A 288 -2.30 -6.15 14.35
N GLY A 289 -2.61 -6.09 13.06
CA GLY A 289 -1.94 -6.93 12.09
C GLY A 289 -2.31 -6.53 10.68
N VAL A 290 -1.55 -7.06 9.74
CA VAL A 290 -1.80 -6.80 8.33
C VAL A 290 -2.85 -7.76 7.82
N VAL A 291 -3.88 -7.23 7.17
CA VAL A 291 -4.92 -8.07 6.58
C VAL A 291 -4.32 -8.81 5.39
N GLU A 292 -4.35 -10.14 5.44
CA GLU A 292 -3.72 -10.93 4.38
C GLU A 292 -4.41 -10.70 3.05
N THR A 293 -5.74 -10.62 3.04
CA THR A 293 -6.48 -10.46 1.80
C THR A 293 -6.18 -9.11 1.14
N THR A 294 -6.12 -8.05 1.94
CA THR A 294 -5.99 -6.69 1.42
C THR A 294 -4.55 -6.19 1.42
N GLY A 295 -3.83 -6.38 2.51
CA GLY A 295 -2.49 -5.85 2.66
C GLY A 295 -2.37 -4.60 3.49
N ILE A 296 -3.46 -4.15 4.12
CA ILE A 296 -3.49 -2.94 4.92
C ILE A 296 -3.61 -3.34 6.39
N THR A 297 -2.78 -2.73 7.24
CA THR A 297 -2.82 -3.06 8.65
C THR A 297 -4.14 -2.63 9.26
N THR A 298 -4.67 -3.46 10.15
CA THR A 298 -5.93 -3.21 10.82
C THR A 298 -5.70 -3.14 12.32
N GLN A 299 -6.79 -2.94 13.06
CA GLN A 299 -6.71 -2.88 14.52
C GLN A 299 -8.08 -3.22 15.08
N ALA A 300 -8.12 -4.23 15.96
CA ALA A 300 -9.34 -4.62 16.65
C ALA A 300 -9.16 -4.36 18.14
N ARG A 301 -10.12 -3.67 18.74
CA ARG A 301 -10.04 -3.27 20.12
C ARG A 301 -11.25 -3.79 20.89
N THR A 302 -11.05 -3.99 22.19
CA THR A 302 -12.14 -4.37 23.09
C THR A 302 -11.72 -3.97 24.49
N SER A 303 -12.71 -3.90 25.39
CA SER A 303 -12.46 -3.49 26.76
C SER A 303 -13.30 -4.33 27.70
N TYR A 304 -12.70 -4.68 28.84
CA TYR A 304 -13.38 -5.44 29.89
C TYR A 304 -13.42 -4.58 31.15
N LEU A 305 -14.61 -4.16 31.54
CA LEU A 305 -14.75 -3.42 32.78
C LEU A 305 -14.56 -4.36 33.96
N ALA A 306 -14.71 -3.81 35.17
CA ALA A 306 -14.51 -4.61 36.36
C ALA A 306 -15.58 -5.68 36.49
N ASP A 307 -16.83 -5.35 36.16
CA ASP A 307 -17.92 -6.31 36.30
C ASP A 307 -17.98 -7.32 35.17
N GLU A 308 -17.21 -7.12 34.10
CA GLU A 308 -17.16 -8.06 33.00
C GLU A 308 -16.04 -9.09 33.16
N ILE A 309 -15.34 -9.07 34.28
CA ILE A 309 -14.27 -10.03 34.58
C ILE A 309 -14.80 -11.00 35.62
N LEU A 310 -14.69 -12.29 35.33
CA LEU A 310 -15.22 -13.34 36.19
C LEU A 310 -14.09 -14.00 36.95
N TRP A 311 -14.26 -14.14 38.27
CA TRP A 311 -13.18 -14.66 39.11
C TRP A 311 -13.18 -16.19 39.19
N GLY A 312 -14.31 -16.79 39.53
CA GLY A 312 -14.32 -18.24 39.64
C GLY A 312 -14.75 -18.92 38.35
N GLN A 313 -14.00 -18.74 37.28
CA GLN A 313 -14.38 -19.28 35.98
C GLN A 313 -13.16 -19.76 35.23
N ARG A 314 -13.40 -20.37 34.07
CA ARG A 314 -12.37 -20.88 33.19
C ARG A 314 -13.02 -21.21 31.85
N PHE A 315 -12.34 -20.87 30.76
CA PHE A 315 -12.90 -21.10 29.42
C PHE A 315 -12.98 -22.59 29.11
N VAL A 316 -13.98 -22.95 28.33
CA VAL A 316 -14.20 -24.34 27.93
C VAL A 316 -13.57 -24.58 26.57
N PRO A 317 -12.86 -25.69 26.35
CA PRO A 317 -12.27 -25.95 25.03
C PRO A 317 -13.33 -26.04 23.96
N ILE A 318 -13.00 -25.51 22.77
CA ILE A 318 -13.96 -25.48 21.67
C ILE A 318 -13.32 -26.00 20.39
N VAL A 319 -12.15 -26.62 20.50
CA VAL A 319 -11.42 -27.14 19.35
C VAL A 319 -11.49 -28.65 19.41
N ALA A 320 -12.01 -29.26 18.34
CA ALA A 320 -12.12 -30.70 18.23
C ALA A 320 -11.39 -31.16 16.97
N GLU A 321 -11.48 -32.45 16.69
CA GLU A 321 -10.84 -33.06 15.52
C GLU A 321 -11.86 -33.92 14.79
N GLU A 322 -12.42 -33.39 13.72
CA GLU A 322 -13.37 -34.11 12.89
C GLU A 322 -12.66 -34.58 11.63
N ASP A 323 -12.63 -35.90 11.42
CA ASP A 323 -11.91 -36.51 10.31
C ASP A 323 -10.45 -36.07 10.31
N GLY A 324 -10.02 -35.38 9.25
CA GLY A 324 -8.65 -34.91 9.17
C GLY A 324 -8.57 -33.39 9.15
N ARG A 325 -9.45 -32.75 9.88
CA ARG A 325 -9.52 -31.28 9.90
C ARG A 325 -10.11 -30.84 11.22
N TYR A 326 -9.36 -30.00 11.94
CA TYR A 326 -9.84 -29.50 13.22
C TYR A 326 -11.08 -28.63 13.02
N SER A 327 -12.08 -28.82 13.87
CA SER A 327 -13.32 -28.06 13.80
C SER A 327 -13.44 -27.19 15.03
N VAL A 328 -13.66 -25.90 14.81
CA VAL A 328 -13.80 -24.94 15.90
C VAL A 328 -15.29 -24.63 16.06
N ASP A 329 -15.81 -24.86 17.27
CA ASP A 329 -17.22 -24.64 17.56
C ASP A 329 -17.37 -23.24 18.15
N TYR A 330 -17.68 -22.27 17.30
CA TYR A 330 -17.80 -20.89 17.75
C TYR A 330 -19.05 -20.62 18.57
N SER A 331 -19.97 -21.58 18.64
CA SER A 331 -21.14 -21.38 19.49
C SER A 331 -20.76 -21.31 20.96
N LYS A 332 -19.77 -22.09 21.39
CA LYS A 332 -19.30 -22.09 22.76
C LYS A 332 -18.10 -21.18 22.98
N PHE A 333 -18.01 -20.11 22.19
CA PHE A 333 -16.81 -19.28 22.19
C PHE A 333 -16.56 -18.66 23.55
N GLY A 334 -17.57 -18.01 24.12
CA GLY A 334 -17.43 -17.30 25.37
C GLY A 334 -17.84 -18.06 26.61
N ASN A 335 -18.22 -19.33 26.49
CA ASN A 335 -18.69 -20.07 27.64
C ASN A 335 -17.56 -20.34 28.63
N THR A 336 -17.88 -20.24 29.92
CA THR A 336 -16.92 -20.49 30.98
C THR A 336 -17.52 -21.48 31.97
N VAL A 337 -16.65 -22.22 32.66
CA VAL A 337 -17.05 -23.21 33.63
C VAL A 337 -16.34 -22.89 34.96
N LYS A 338 -17.11 -22.89 36.04
CA LYS A 338 -16.55 -22.57 37.35
C LYS A 338 -15.50 -23.60 37.75
N VAL A 339 -14.40 -23.13 38.33
CA VAL A 339 -13.33 -23.99 38.79
C VAL A 339 -12.91 -23.52 40.17
N PRO A 340 -12.33 -24.39 41.01
CA PRO A 340 -11.91 -23.95 42.34
C PRO A 340 -10.73 -22.98 42.29
N THR A 341 -10.97 -21.73 42.66
CA THR A 341 -9.96 -20.69 42.62
C THR A 341 -9.94 -19.98 43.97
N PRO A 342 -8.77 -19.72 44.53
CA PRO A 342 -8.71 -18.99 45.81
C PRO A 342 -9.31 -17.60 45.68
N LEU A 343 -9.97 -17.16 46.75
CA LEU A 343 -10.58 -15.84 46.80
C LEU A 343 -9.64 -14.77 47.34
N CYS A 344 -8.33 -15.00 47.26
CA CYS A 344 -7.33 -14.07 47.74
C CYS A 344 -6.68 -13.35 46.58
N THR A 345 -6.05 -12.21 46.87
CA THR A 345 -5.33 -11.46 45.86
C THR A 345 -4.04 -12.19 45.49
N ALA A 346 -3.45 -11.77 44.36
CA ALA A 346 -2.18 -12.35 43.96
C ALA A 346 -1.08 -12.00 44.96
N ARG A 347 -1.20 -10.85 45.64
CA ARG A 347 -0.26 -10.53 46.70
C ARG A 347 -0.36 -11.54 47.85
N GLN A 348 -1.58 -11.89 48.24
CA GLN A 348 -1.77 -12.83 49.33
C GLN A 348 -1.35 -14.23 48.95
N LEU A 349 -1.45 -14.59 47.67
CA LEU A 349 -1.03 -15.92 47.24
C LEU A 349 0.46 -16.13 47.46
N ASP A 350 1.27 -15.12 47.13
CA ASP A 350 2.71 -15.24 47.39
C ASP A 350 3.01 -15.32 48.87
N GLU A 351 2.29 -14.55 49.69
CA GLU A 351 2.43 -14.63 51.13
C GLU A 351 1.83 -15.91 51.70
N ASP A 352 1.07 -16.66 50.90
CA ASP A 352 0.43 -17.90 51.34
C ASP A 352 -0.43 -17.69 52.58
N MET B 1 -41.26 28.78 -27.00
CA MET B 1 -40.43 29.79 -26.35
C MET B 1 -39.83 29.25 -25.05
N PRO B 2 -38.73 28.51 -25.16
CA PRO B 2 -38.09 27.96 -23.96
C PRO B 2 -37.35 29.01 -23.17
N LEU B 3 -36.72 28.60 -22.07
CA LEU B 3 -35.93 29.53 -21.28
C LEU B 3 -34.72 30.00 -22.07
N ALA B 4 -34.50 31.31 -22.11
CA ALA B 4 -33.37 31.89 -22.83
C ALA B 4 -32.73 32.94 -21.93
N PHE B 5 -31.40 32.91 -21.87
CA PHE B 5 -30.68 33.88 -21.05
C PHE B 5 -30.88 35.29 -21.59
N CYS B 6 -30.85 35.45 -22.90
CA CYS B 6 -30.95 36.75 -23.55
C CYS B 6 -32.34 37.02 -24.13
N GLY B 7 -33.29 36.11 -23.93
CA GLY B 7 -34.62 36.31 -24.46
C GLY B 7 -34.73 35.99 -25.93
N THR B 8 -35.87 35.44 -26.35
CA THR B 8 -36.06 35.01 -27.73
C THR B 8 -36.94 36.03 -28.45
N GLU B 9 -36.31 37.07 -28.97
CA GLU B 9 -36.96 38.07 -29.79
C GLU B 9 -36.38 38.05 -31.20
N ASN B 10 -37.14 38.60 -32.14
CA ASN B 10 -36.79 38.55 -33.55
C ASN B 10 -36.53 37.10 -33.97
N HIS B 11 -35.28 36.81 -34.34
CA HIS B 11 -34.84 35.45 -34.59
C HIS B 11 -33.71 35.12 -33.62
N SER B 12 -33.91 35.44 -32.34
CA SER B 12 -32.85 35.42 -31.35
C SER B 12 -31.72 36.36 -31.76
N ALA B 13 -32.09 37.48 -32.37
CA ALA B 13 -31.11 38.45 -32.85
C ALA B 13 -30.39 39.15 -31.70
N ALA B 14 -30.88 39.04 -30.48
CA ALA B 14 -30.20 39.63 -29.33
C ALA B 14 -28.94 38.88 -28.95
N TYR B 15 -28.71 37.71 -29.52
CA TYR B 15 -27.49 36.95 -29.26
C TYR B 15 -26.35 37.32 -30.19
N ARG B 16 -26.60 38.15 -31.20
CA ARG B 16 -25.54 38.54 -32.12
C ARG B 16 -24.50 39.39 -31.40
N VAL B 17 -23.23 39.10 -31.63
CA VAL B 17 -22.14 39.79 -30.95
C VAL B 17 -21.31 40.62 -31.92
N ASP B 18 -21.83 40.91 -33.10
CA ASP B 18 -21.14 41.82 -34.00
C ASP B 18 -21.10 43.21 -33.40
N GLN B 19 -20.24 44.05 -33.98
CA GLN B 19 -19.93 45.37 -33.42
C GLN B 19 -19.43 45.25 -31.98
N GLY B 20 -18.61 44.24 -31.73
CA GLY B 20 -18.01 44.06 -30.42
C GLY B 20 -18.86 43.27 -29.45
N VAL B 21 -18.24 42.38 -28.68
CA VAL B 21 -18.98 41.62 -27.69
C VAL B 21 -19.41 42.51 -26.54
N LEU B 22 -18.54 43.43 -26.11
CA LEU B 22 -18.86 44.29 -24.99
C LEU B 22 -19.97 45.28 -25.31
N ASN B 23 -20.27 45.49 -26.59
CA ASN B 23 -21.41 46.31 -26.99
C ASN B 23 -22.70 45.51 -27.03
N ASN B 24 -22.65 44.21 -26.74
CA ASN B 24 -23.84 43.39 -26.61
C ASN B 24 -24.25 43.36 -25.15
N GLY B 25 -25.45 43.85 -24.85
CA GLY B 25 -25.87 44.00 -23.48
C GLY B 25 -25.92 42.68 -22.72
N CYS B 26 -26.42 41.63 -23.36
CA CYS B 26 -26.54 40.34 -22.69
C CYS B 26 -25.18 39.78 -22.28
N PHE B 27 -24.19 39.89 -23.17
CA PHE B 27 -22.88 39.31 -22.88
C PHE B 27 -22.25 39.96 -21.66
N VAL B 28 -22.37 41.28 -21.54
CA VAL B 28 -21.85 41.97 -20.37
C VAL B 28 -22.56 41.49 -19.11
N ASP B 29 -23.88 41.33 -19.17
CA ASP B 29 -24.61 40.76 -18.04
C ASP B 29 -24.18 39.33 -17.77
N ALA B 30 -23.98 38.54 -18.83
CA ALA B 30 -23.45 37.20 -18.66
C ALA B 30 -22.04 37.24 -18.08
N LEU B 31 -21.25 38.23 -18.49
CA LEU B 31 -19.90 38.36 -17.96
C LEU B 31 -19.90 38.65 -16.47
N ASN B 32 -20.96 39.28 -15.96
CA ASN B 32 -21.06 39.59 -14.55
C ASN B 32 -21.35 38.37 -13.68
N VAL B 33 -21.74 37.24 -14.28
CA VAL B 33 -21.93 36.02 -13.51
C VAL B 33 -20.59 35.36 -13.19
N VAL B 34 -19.53 35.73 -13.90
CA VAL B 34 -18.22 35.09 -13.68
C VAL B 34 -17.72 35.29 -12.26
N PRO B 35 -17.70 36.50 -11.69
CA PRO B 35 -17.21 36.64 -10.31
C PRO B 35 -18.02 35.84 -9.31
N HIS B 36 -19.33 35.74 -9.51
CA HIS B 36 -20.19 35.10 -8.52
C HIS B 36 -19.99 33.59 -8.49
N VAL B 37 -19.91 32.96 -9.67
CA VAL B 37 -19.63 31.52 -9.69
C VAL B 37 -18.22 31.24 -9.20
N PHE B 38 -17.30 32.17 -9.39
CA PHE B 38 -15.94 31.99 -8.87
C PHE B 38 -15.96 31.91 -7.36
N LEU B 39 -16.70 32.81 -6.71
CA LEU B 39 -16.74 32.83 -5.25
C LEU B 39 -17.38 31.55 -4.71
N LEU B 40 -18.43 31.07 -5.35
CA LEU B 40 -19.08 29.84 -4.90
C LEU B 40 -18.16 28.65 -5.03
N PHE B 41 -17.43 28.55 -6.15
CA PHE B 41 -16.57 27.41 -6.40
C PHE B 41 -15.29 27.42 -5.58
N ILE B 42 -14.96 28.55 -4.94
CA ILE B 42 -13.77 28.65 -4.11
C ILE B 42 -14.10 28.47 -2.64
N THR B 43 -15.13 29.17 -2.16
CA THR B 43 -15.43 29.15 -0.72
C THR B 43 -16.07 27.85 -0.29
N PHE B 44 -16.98 27.30 -1.10
CA PHE B 44 -17.66 26.08 -0.70
C PHE B 44 -16.72 24.91 -0.46
N PRO B 45 -15.73 24.61 -1.33
CA PRO B 45 -14.75 23.60 -0.94
C PRO B 45 -13.98 23.95 0.31
N ILE B 46 -13.63 25.23 0.50
CA ILE B 46 -12.88 25.63 1.67
C ILE B 46 -13.74 25.56 2.92
N LEU B 47 -14.97 26.07 2.83
CA LEU B 47 -15.85 26.07 4.00
C LEU B 47 -16.19 24.64 4.44
N PHE B 48 -16.47 23.76 3.47
CA PHE B 48 -16.81 22.39 3.82
C PHE B 48 -15.63 21.66 4.45
N ILE B 49 -14.42 21.85 3.90
CA ILE B 49 -13.27 21.09 4.36
C ILE B 49 -12.91 21.47 5.79
N GLY B 50 -12.81 22.75 6.07
CA GLY B 50 -12.31 23.19 7.36
C GLY B 50 -13.37 23.35 8.44
N TRP B 51 -14.63 23.46 8.04
CA TRP B 51 -15.69 23.75 9.00
C TRP B 51 -16.81 22.71 9.03
N GLY B 52 -17.22 22.19 7.88
CA GLY B 52 -18.34 21.28 7.82
C GLY B 52 -17.99 19.81 7.68
N SER B 53 -16.73 19.44 7.86
CA SER B 53 -16.31 18.05 7.66
C SER B 53 -16.32 17.24 8.95
N GLN B 54 -15.53 17.67 9.93
CA GLN B 54 -15.46 16.97 11.21
C GLN B 54 -16.58 17.44 12.12
N SER B 55 -17.23 16.50 12.80
CA SER B 55 -18.33 16.85 13.68
C SER B 55 -18.62 15.69 14.62
N SER B 56 -19.32 16.03 15.71
CA SER B 56 -19.94 15.09 16.64
C SER B 56 -18.93 14.36 17.51
N LYS B 57 -17.65 14.45 17.18
CA LYS B 57 -16.61 13.98 18.07
C LYS B 57 -15.36 14.84 18.04
N VAL B 58 -15.35 15.92 17.27
CA VAL B 58 -14.21 16.83 17.17
C VAL B 58 -14.75 18.24 17.26
N HIS B 59 -14.52 18.91 18.37
CA HIS B 59 -15.01 20.26 18.62
CA HIS B 59 -15.00 20.27 18.59
C HIS B 59 -13.86 21.24 18.42
N ILE B 60 -14.07 22.24 17.55
CA ILE B 60 -13.01 23.19 17.21
C ILE B 60 -13.44 24.58 17.66
N HIS B 61 -14.16 24.65 18.78
CA HIS B 61 -14.65 25.92 19.29
C HIS B 61 -13.50 26.89 19.56
N HIS B 62 -13.65 28.12 19.10
CA HIS B 62 -12.71 29.21 19.36
C HIS B 62 -13.35 30.15 20.36
N SER B 63 -12.95 30.04 21.63
CA SER B 63 -13.42 30.99 22.63
C SER B 63 -12.44 32.17 22.75
N THR B 64 -12.05 32.69 21.59
CA THR B 64 -11.22 33.89 21.47
C THR B 64 -11.15 34.26 19.99
N TRP B 65 -11.33 35.54 19.66
CA TRP B 65 -11.28 35.94 18.27
C TRP B 65 -11.02 37.43 18.19
N LEU B 66 -10.25 37.83 17.19
CA LEU B 66 -9.96 39.23 16.93
C LEU B 66 -10.57 39.62 15.59
N HIS B 67 -11.31 40.72 15.58
CA HIS B 67 -11.90 41.21 14.34
C HIS B 67 -10.84 41.82 13.44
N PHE B 68 -10.95 41.56 12.14
CA PHE B 68 -10.06 42.19 11.19
C PHE B 68 -10.32 43.68 11.12
N PRO B 69 -9.30 44.49 10.78
CA PRO B 69 -9.53 45.92 10.63
C PRO B 69 -10.57 46.22 9.56
N GLY B 70 -11.54 47.06 9.90
CA GLY B 70 -12.66 47.32 9.04
C GLY B 70 -13.81 46.35 9.16
N HIS B 71 -13.91 45.62 10.27
CA HIS B 71 -14.98 44.64 10.43
C HIS B 71 -16.35 45.30 10.38
N ASN B 72 -16.51 46.42 11.11
CA ASN B 72 -17.80 47.10 11.12
C ASN B 72 -18.16 47.63 9.75
N LEU B 73 -17.19 48.20 9.04
CA LEU B 73 -17.46 48.75 7.71
C LEU B 73 -17.83 47.65 6.73
N ARG B 74 -17.17 46.50 6.81
CA ARG B 74 -17.45 45.42 5.86
C ARG B 74 -18.89 44.92 5.99
N TRP B 75 -19.37 44.74 7.22
CA TRP B 75 -20.73 44.28 7.41
C TRP B 75 -21.74 45.34 6.96
N ILE B 76 -21.43 46.62 7.18
CA ILE B 76 -22.32 47.68 6.73
C ILE B 76 -22.45 47.67 5.22
N LEU B 77 -21.32 47.57 4.52
CA LEU B 77 -21.35 47.58 3.07
C LEU B 77 -22.11 46.39 2.51
N THR B 78 -21.90 45.20 3.09
CA THR B 78 -22.59 44.02 2.60
C THR B 78 -24.10 44.15 2.78
N PHE B 79 -24.55 44.69 3.91
CA PHE B 79 -25.98 44.90 4.11
C PHE B 79 -26.53 45.88 3.09
N ILE B 80 -25.78 46.94 2.79
CA ILE B 80 -26.17 47.83 1.70
C ILE B 80 -26.12 47.09 0.37
N LEU B 81 -25.07 46.28 0.17
CA LEU B 81 -24.96 45.50 -1.06
C LEU B 81 -26.12 44.53 -1.19
N LEU B 82 -26.48 43.84 -0.11
CA LEU B 82 -27.60 42.91 -0.15
C LEU B 82 -28.90 43.64 -0.45
N PHE B 83 -29.08 44.83 0.13
CA PHE B 83 -30.29 45.59 -0.13
C PHE B 83 -30.37 46.05 -1.59
N VAL B 84 -29.25 46.54 -2.14
CA VAL B 84 -29.27 47.04 -3.51
C VAL B 84 -29.55 45.91 -4.49
N LEU B 85 -28.96 44.74 -4.26
CA LEU B 85 -29.22 43.60 -5.15
C LEU B 85 -30.69 43.22 -5.13
N VAL B 86 -31.34 43.31 -3.96
CA VAL B 86 -32.77 43.05 -3.89
C VAL B 86 -33.54 44.03 -4.77
N CYS B 87 -33.15 45.30 -4.73
CA CYS B 87 -33.75 46.28 -5.63
C CYS B 87 -33.44 45.93 -7.09
N GLU B 88 -32.23 45.48 -7.37
CA GLU B 88 -31.86 45.14 -8.73
C GLU B 88 -32.64 43.94 -9.24
N ILE B 89 -32.86 42.94 -8.38
CA ILE B 89 -33.68 41.79 -8.77
C ILE B 89 -35.12 42.24 -9.02
N ALA B 90 -35.66 43.07 -8.13
CA ALA B 90 -37.02 43.57 -8.31
C ALA B 90 -37.13 44.45 -9.55
N GLU B 91 -36.12 45.28 -9.80
CA GLU B 91 -36.13 46.10 -11.00
C GLU B 91 -36.08 45.24 -12.26
N GLY B 92 -35.29 44.18 -12.24
CA GLY B 92 -35.21 43.32 -13.41
C GLY B 92 -36.51 42.60 -13.71
N ILE B 93 -37.19 42.13 -12.68
CA ILE B 93 -38.41 41.36 -12.88
C ILE B 93 -39.49 42.23 -13.52
N LEU B 94 -39.61 43.48 -13.07
CA LEU B 94 -40.61 44.38 -13.66
C LEU B 94 -40.36 44.60 -15.14
N SER B 95 -39.09 44.80 -15.51
CA SER B 95 -38.76 44.99 -16.93
C SER B 95 -39.01 43.72 -17.72
N ASP B 96 -38.77 42.56 -17.11
CA ASP B 96 -38.88 41.29 -17.82
C ASP B 96 -40.33 40.93 -18.12
N GLY B 97 -41.26 41.29 -17.23
CA GLY B 97 -42.63 40.84 -17.38
C GLY B 97 -43.33 41.42 -18.59
N VAL B 98 -42.84 42.55 -19.10
CA VAL B 98 -43.51 43.21 -20.23
C VAL B 98 -43.34 42.40 -21.51
N THR B 99 -42.13 41.90 -21.76
CA THR B 99 -41.88 41.15 -22.98
C THR B 99 -42.57 39.79 -22.94
N GLU B 100 -42.78 39.22 -24.12
CA GLU B 100 -43.42 37.92 -24.22
C GLU B 100 -42.50 36.81 -23.72
N SER B 101 -41.19 36.96 -23.89
CA SER B 101 -40.22 35.97 -23.45
C SER B 101 -39.53 36.46 -22.18
N ARG B 102 -39.01 35.53 -21.40
CA ARG B 102 -38.37 35.84 -20.13
C ARG B 102 -36.88 36.05 -20.34
N HIS B 103 -36.43 37.29 -20.14
CA HIS B 103 -35.01 37.63 -20.22
C HIS B 103 -34.35 37.31 -18.90
N LEU B 104 -33.64 36.18 -18.83
CA LEU B 104 -33.02 35.79 -17.58
C LEU B 104 -31.88 36.71 -17.19
N HIS B 105 -31.24 37.36 -18.15
CA HIS B 105 -30.09 38.19 -17.85
C HIS B 105 -30.46 39.41 -17.01
N LEU B 106 -31.74 39.75 -16.92
CA LEU B 106 -32.14 40.93 -16.17
C LEU B 106 -32.00 40.73 -14.67
N TYR B 107 -32.30 39.53 -14.19
CA TYR B 107 -32.34 39.32 -12.74
C TYR B 107 -31.50 38.14 -12.28
N MET B 108 -31.32 37.13 -13.13
CA MET B 108 -30.53 35.97 -12.72
C MET B 108 -29.10 36.32 -12.36
N PRO B 109 -28.36 37.13 -13.13
CA PRO B 109 -27.04 37.55 -12.65
C PRO B 109 -27.09 38.28 -11.33
N ALA B 110 -28.10 39.13 -11.12
CA ALA B 110 -28.24 39.81 -9.83
C ALA B 110 -28.69 38.84 -8.75
N GLY B 111 -29.53 37.87 -9.12
CA GLY B 111 -29.94 36.85 -8.15
C GLY B 111 -28.78 36.00 -7.69
N MET B 112 -27.90 35.61 -8.62
CA MET B 112 -26.73 34.83 -8.23
C MET B 112 -25.71 35.69 -7.51
N ALA B 113 -25.69 37.00 -7.77
CA ALA B 113 -24.85 37.89 -6.99
C ALA B 113 -25.30 37.94 -5.53
N PHE B 114 -26.60 37.78 -5.30
CA PHE B 114 -27.12 37.78 -3.94
C PHE B 114 -26.58 36.60 -3.15
N MET B 115 -26.53 35.42 -3.77
CA MET B 115 -25.98 34.25 -3.08
C MET B 115 -24.49 34.42 -2.83
N ALA B 116 -23.76 34.95 -3.80
CA ALA B 116 -22.32 35.16 -3.61
C ALA B 116 -22.05 36.19 -2.54
N ALA B 117 -22.84 37.26 -2.49
CA ALA B 117 -22.64 38.28 -1.48
C ALA B 117 -22.87 37.72 -0.08
N ILE B 118 -23.91 36.89 0.09
CA ILE B 118 -24.14 36.23 1.36
C ILE B 118 -23.01 35.27 1.66
N THR B 119 -22.57 34.51 0.65
CA THR B 119 -21.50 33.55 0.86
C THR B 119 -20.20 34.24 1.26
N SER B 120 -19.93 35.42 0.68
CA SER B 120 -18.74 36.16 1.05
C SER B 120 -18.78 36.55 2.52
N VAL B 121 -19.95 36.96 3.02
CA VAL B 121 -20.09 37.29 4.43
C VAL B 121 -19.86 36.05 5.28
N VAL B 122 -20.48 34.93 4.88
CA VAL B 122 -20.29 33.68 5.62
C VAL B 122 -18.84 33.23 5.55
N TYR B 123 -18.23 33.33 4.37
CA TYR B 123 -16.84 32.95 4.22
C TYR B 123 -15.93 33.84 5.06
N TYR B 124 -16.17 35.16 5.03
CA TYR B 124 -15.33 36.08 5.80
C TYR B 124 -15.44 35.82 7.29
N HIS B 125 -16.66 35.62 7.79
CA HIS B 125 -16.86 35.47 9.23
C HIS B 125 -16.13 34.24 9.75
N ASN B 126 -16.23 33.11 9.05
CA ASN B 126 -15.55 31.91 9.49
C ASN B 126 -14.04 32.10 9.44
N ILE B 127 -13.54 32.76 8.40
CA ILE B 127 -12.11 33.07 8.33
C ILE B 127 -11.71 34.00 9.46
N GLU B 128 -12.49 35.06 9.67
CA GLU B 128 -12.14 36.07 10.67
C GLU B 128 -12.09 35.46 12.07
N THR B 129 -13.00 34.52 12.36
CA THR B 129 -13.01 33.89 13.67
C THR B 129 -11.73 33.10 13.91
N SER B 130 -11.23 32.41 12.88
CA SER B 130 -10.06 31.56 12.99
C SER B 130 -8.85 32.15 12.28
N ASN B 131 -8.69 33.48 12.36
CA ASN B 131 -7.59 34.19 11.72
C ASN B 131 -7.55 33.94 10.22
N PHE B 132 -6.64 33.06 9.79
CA PHE B 132 -6.45 32.73 8.38
C PHE B 132 -6.42 33.95 7.46
N PRO B 133 -5.56 34.94 7.74
CA PRO B 133 -5.55 36.13 6.87
C PRO B 133 -5.21 35.84 5.44
N LYS B 134 -4.46 34.76 5.18
CA LYS B 134 -4.11 34.42 3.80
C LYS B 134 -5.34 34.07 2.98
N LEU B 135 -6.34 33.45 3.61
CA LEU B 135 -7.53 33.05 2.90
C LEU B 135 -8.40 34.22 2.48
N LEU B 136 -8.09 35.43 2.95
CA LEU B 136 -8.80 36.63 2.50
C LEU B 136 -8.49 36.97 1.04
N ILE B 137 -7.48 36.33 0.45
CA ILE B 137 -7.16 36.59 -0.95
C ILE B 137 -8.35 36.23 -1.85
N ALA B 138 -9.07 35.15 -1.51
CA ALA B 138 -10.21 34.74 -2.31
C ALA B 138 -11.26 35.85 -2.38
N LEU B 139 -11.54 36.51 -1.25
CA LEU B 139 -12.41 37.68 -1.29
C LEU B 139 -11.77 38.82 -2.07
N LEU B 140 -10.46 39.00 -1.92
CA LEU B 140 -9.77 40.07 -2.64
C LEU B 140 -9.88 39.87 -4.15
N ILE B 141 -9.72 38.63 -4.60
CA ILE B 141 -9.92 38.34 -6.02
C ILE B 141 -11.37 38.55 -6.41
N TYR B 142 -12.30 38.13 -5.55
CA TYR B 142 -13.72 38.24 -5.87
C TYR B 142 -14.14 39.69 -6.04
N TRP B 143 -13.72 40.56 -5.12
CA TRP B 143 -14.12 41.96 -5.21
C TRP B 143 -13.53 42.62 -6.44
N THR B 144 -12.28 42.29 -6.79
CA THR B 144 -11.66 42.87 -7.98
C THR B 144 -12.40 42.43 -9.23
N LEU B 145 -12.73 41.14 -9.34
CA LEU B 145 -13.46 40.66 -10.50
C LEU B 145 -14.86 41.29 -10.57
N ALA B 146 -15.55 41.38 -9.44
CA ALA B 146 -16.86 41.99 -9.43
C ALA B 146 -16.79 43.47 -9.78
N PHE B 147 -15.78 44.17 -9.26
CA PHE B 147 -15.64 45.59 -9.57
C PHE B 147 -15.33 45.80 -11.05
N ILE B 148 -14.47 44.97 -11.62
CA ILE B 148 -14.13 45.10 -13.03
C ILE B 148 -15.35 44.85 -13.90
N THR B 149 -16.09 43.79 -13.62
CA THR B 149 -17.22 43.42 -14.46
C THR B 149 -18.43 44.31 -14.27
N LYS B 150 -18.54 44.99 -13.13
CA LYS B 150 -19.61 45.97 -12.96
C LYS B 150 -19.24 47.34 -13.52
N THR B 151 -17.95 47.67 -13.52
CA THR B 151 -17.52 48.90 -14.18
C THR B 151 -17.80 48.85 -15.68
N ILE B 152 -17.57 47.68 -16.30
CA ILE B 152 -17.80 47.55 -17.73
C ILE B 152 -19.26 47.79 -18.06
N LYS B 153 -20.17 47.20 -17.28
CA LYS B 153 -21.59 47.39 -17.56
C LYS B 153 -22.01 48.83 -17.33
N PHE B 154 -21.47 49.48 -16.30
CA PHE B 154 -21.80 50.88 -16.06
C PHE B 154 -21.29 51.76 -17.19
N VAL B 155 -20.08 51.50 -17.68
CA VAL B 155 -19.52 52.32 -18.76
C VAL B 155 -20.36 52.17 -20.01
N LYS B 156 -20.75 50.93 -20.36
CA LYS B 156 -21.52 50.72 -21.58
C LYS B 156 -22.86 51.41 -21.53
N PHE B 157 -23.45 51.55 -20.34
CA PHE B 157 -24.66 52.37 -20.21
C PHE B 157 -24.38 53.81 -20.57
N TYR B 158 -23.23 54.33 -20.12
CA TYR B 158 -22.85 55.71 -20.45
C TYR B 158 -22.65 55.88 -21.94
N ASP B 159 -22.07 54.87 -22.60
CA ASP B 159 -21.91 54.93 -24.06
C ASP B 159 -23.25 54.92 -24.77
N HIS B 160 -24.20 54.14 -24.28
CA HIS B 160 -25.50 53.99 -24.92
C HIS B 160 -26.50 55.05 -24.47
N ALA B 161 -26.02 56.18 -23.96
CA ALA B 161 -26.87 57.30 -23.55
C ALA B 161 -27.92 56.88 -22.53
N ILE B 162 -27.51 56.05 -21.58
CA ILE B 162 -28.39 55.65 -20.48
C ILE B 162 -28.12 56.59 -19.31
N GLY B 163 -29.00 57.57 -19.12
CA GLY B 163 -28.85 58.54 -18.07
C GLY B 163 -29.34 58.02 -16.73
N PHE B 164 -29.35 58.92 -15.75
CA PHE B 164 -29.83 58.57 -14.43
C PHE B 164 -31.33 58.36 -14.37
N SER B 165 -32.05 58.70 -15.44
CA SER B 165 -33.50 58.46 -15.46
C SER B 165 -33.81 56.98 -15.34
N GLN B 166 -33.04 56.13 -16.02
CA GLN B 166 -33.21 54.69 -15.91
C GLN B 166 -32.69 54.22 -14.56
N LEU B 167 -33.53 53.49 -13.83
CA LEU B 167 -33.15 53.03 -12.50
C LEU B 167 -31.97 52.08 -12.56
N ARG B 168 -31.99 51.16 -13.53
CA ARG B 168 -30.92 50.16 -13.63
C ARG B 168 -29.56 50.82 -13.79
N PHE B 169 -29.51 52.01 -14.38
CA PHE B 169 -28.27 52.76 -14.43
C PHE B 169 -27.82 53.16 -13.03
N CYS B 170 -28.76 53.60 -12.19
CA CYS B 170 -28.41 54.00 -10.84
C CYS B 170 -27.97 52.81 -10.00
N LEU B 171 -28.73 51.71 -10.07
CA LEU B 171 -28.40 50.54 -9.25
C LEU B 171 -27.04 49.97 -9.63
N THR B 172 -26.73 49.93 -10.92
CA THR B 172 -25.40 49.50 -11.34
C THR B 172 -24.32 50.45 -10.82
N GLY B 173 -24.60 51.75 -10.84
CA GLY B 173 -23.63 52.70 -10.34
C GLY B 173 -23.32 52.49 -8.86
N LEU B 174 -24.35 52.22 -8.06
CA LEU B 174 -24.14 51.98 -6.64
C LEU B 174 -23.30 50.72 -6.42
N LEU B 175 -23.56 49.68 -7.21
CA LEU B 175 -22.80 48.44 -7.05
C LEU B 175 -21.32 48.65 -7.34
N VAL B 176 -21.01 49.50 -8.32
CA VAL B 176 -19.61 49.85 -8.58
C VAL B 176 -19.01 50.51 -7.34
N ILE B 177 -19.77 51.41 -6.70
CA ILE B 177 -19.28 52.04 -5.48
C ILE B 177 -19.12 51.01 -4.37
N LEU B 178 -20.15 50.18 -4.17
CA LEU B 178 -20.09 49.21 -3.08
C LEU B 178 -19.00 48.17 -3.30
N TYR B 179 -18.85 47.68 -4.53
CA TYR B 179 -17.75 46.79 -4.82
C TYR B 179 -16.41 47.51 -4.71
N GLY B 180 -16.37 48.78 -5.11
CA GLY B 180 -15.14 49.54 -4.99
C GLY B 180 -14.71 49.74 -3.54
N MET B 181 -15.65 50.13 -2.68
CA MET B 181 -15.33 50.32 -1.28
C MET B 181 -14.93 49.00 -0.62
N LEU B 182 -15.65 47.93 -0.91
CA LEU B 182 -15.29 46.62 -0.37
C LEU B 182 -13.92 46.17 -0.87
N LEU B 183 -13.56 46.54 -2.09
CA LEU B 183 -12.20 46.27 -2.56
C LEU B 183 -11.18 47.02 -1.73
N LEU B 184 -11.46 48.28 -1.40
CA LEU B 184 -10.54 49.06 -0.57
C LEU B 184 -10.42 48.48 0.83
N VAL B 185 -11.53 47.96 1.37
CA VAL B 185 -11.49 47.35 2.70
C VAL B 185 -10.54 46.16 2.70
N GLU B 186 -10.59 45.33 1.66
CA GLU B 186 -9.67 44.21 1.56
C GLU B 186 -8.22 44.68 1.44
N VAL B 187 -8.00 45.77 0.70
CA VAL B 187 -6.66 46.36 0.65
C VAL B 187 -6.29 46.92 2.01
N ASN B 188 -7.27 47.45 2.75
CA ASN B 188 -6.99 48.04 4.05
C ASN B 188 -6.45 47.00 5.03
N VAL B 189 -7.03 45.80 5.05
CA VAL B 189 -6.56 44.78 5.98
C VAL B 189 -5.15 44.33 5.62
N ILE B 190 -4.79 44.39 4.34
CA ILE B 190 -3.41 44.04 3.96
C ILE B 190 -2.44 45.05 4.55
N ARG B 191 -2.79 46.34 4.52
CA ARG B 191 -1.91 47.35 5.09
C ARG B 191 -1.80 47.21 6.60
N VAL B 192 -2.95 47.12 7.28
CA VAL B 192 -2.94 47.09 8.74
C VAL B 192 -2.38 45.76 9.25
N ARG B 193 -2.74 44.66 8.61
CA ARG B 193 -2.44 43.33 9.12
C ARG B 193 -1.57 42.55 8.15
N ARG B 194 -0.48 43.16 7.68
CA ARG B 194 0.36 42.62 6.62
C ARG B 194 0.56 41.12 6.76
N TYR B 195 0.15 40.36 5.73
CA TYR B 195 0.21 38.91 5.80
C TYR B 195 0.72 38.24 4.54
N ILE B 196 0.79 38.92 3.40
CA ILE B 196 1.18 38.25 2.15
C ILE B 196 2.37 38.94 1.51
N PHE B 197 2.26 40.25 1.25
CA PHE B 197 3.30 40.96 0.53
C PHE B 197 4.49 41.27 1.42
N PHE B 198 4.24 41.91 2.56
CA PHE B 198 5.31 42.26 3.48
C PHE B 198 5.90 41.01 4.12
N LYS B 199 7.17 41.09 4.48
CA LYS B 199 7.87 40.00 5.13
C LYS B 199 7.77 40.05 6.65
N THR B 200 7.02 41.00 7.19
CA THR B 200 6.78 41.11 8.63
C THR B 200 5.30 40.92 8.89
N PRO B 201 4.87 39.70 9.19
CA PRO B 201 3.46 39.48 9.50
C PRO B 201 3.08 40.05 10.86
N ARG B 202 2.74 41.34 10.88
CA ARG B 202 2.49 42.09 12.11
C ARG B 202 1.69 41.28 13.11
N GLU B 203 2.08 41.38 14.38
CA GLU B 203 1.47 40.60 15.45
C GLU B 203 -0.03 40.86 15.51
N VAL B 204 -0.80 39.79 15.72
CA VAL B 204 -2.25 39.90 15.73
C VAL B 204 -2.73 40.77 16.90
N LYS B 205 -1.93 40.85 17.96
CA LYS B 205 -2.28 41.59 19.17
C LYS B 205 -3.59 41.07 19.74
N PRO B 206 -3.59 39.87 20.34
CA PRO B 206 -4.85 39.28 20.79
C PRO B 206 -5.52 40.16 21.82
N PRO B 207 -6.85 40.14 21.88
CA PRO B 207 -7.56 41.02 22.82
C PRO B 207 -7.14 40.74 24.26
N GLU B 208 -7.05 41.82 25.04
CA GLU B 208 -6.69 41.68 26.46
C GLU B 208 -7.75 40.88 27.21
N ASP B 209 -9.02 41.14 26.91
CA ASP B 209 -10.11 40.35 27.46
C ASP B 209 -10.43 39.20 26.51
N LEU B 210 -11.56 38.54 26.74
CA LEU B 210 -12.05 37.40 25.95
C LEU B 210 -11.19 36.15 26.12
N GLN B 211 -10.25 36.16 27.05
CA GLN B 211 -9.51 34.96 27.40
C GLN B 211 -10.37 34.11 28.32
N ASP B 212 -9.77 33.09 28.94
CA ASP B 212 -10.50 32.23 29.87
C ASP B 212 -10.67 32.94 31.22
N LEU B 213 -11.36 34.08 31.15
CA LEU B 213 -11.70 34.86 32.35
C LEU B 213 -13.15 34.64 32.77
N GLY B 214 -13.82 33.65 32.19
CA GLY B 214 -15.20 33.40 32.54
C GLY B 214 -16.19 34.39 31.98
N VAL B 215 -15.81 35.14 30.95
CA VAL B 215 -16.71 36.13 30.37
C VAL B 215 -17.78 35.42 29.55
N ARG B 216 -19.04 35.58 29.94
CA ARG B 216 -20.16 35.01 29.20
C ARG B 216 -21.00 36.06 28.48
N PHE B 217 -20.83 37.34 28.82
CA PHE B 217 -21.55 38.43 28.16
C PHE B 217 -20.74 38.83 26.94
N LEU B 218 -20.98 38.14 25.83
CA LEU B 218 -20.19 38.29 24.61
C LEU B 218 -20.69 39.41 23.70
N GLN B 219 -21.59 40.25 24.18
CA GLN B 219 -22.15 41.30 23.33
C GLN B 219 -21.11 42.24 22.73
N PRO B 220 -20.11 42.75 23.44
CA PRO B 220 -19.14 43.65 22.82
C PRO B 220 -18.08 42.96 21.96
N PHE B 221 -18.14 41.65 21.80
CA PHE B 221 -17.13 40.92 21.04
C PHE B 221 -17.66 40.24 19.79
N VAL B 222 -18.97 39.96 19.72
CA VAL B 222 -19.52 39.28 18.56
C VAL B 222 -19.50 40.21 17.35
N ASN B 223 -19.74 39.61 16.17
CA ASN B 223 -19.78 40.38 14.94
C ASN B 223 -20.93 41.38 14.95
N LEU B 224 -20.95 42.23 13.93
CA LEU B 224 -21.92 43.32 13.90
C LEU B 224 -23.35 42.80 13.84
N LEU B 225 -23.59 41.77 13.03
CA LEU B 225 -24.95 41.21 12.93
C LEU B 225 -25.39 40.64 14.27
N SER B 226 -24.51 39.88 14.92
CA SER B 226 -24.86 39.31 16.22
C SER B 226 -25.05 40.37 17.28
N LYS B 227 -24.44 41.55 17.12
CA LYS B 227 -24.74 42.66 18.01
C LYS B 227 -26.16 43.16 17.81
N GLY B 228 -26.70 43.03 16.60
CA GLY B 228 -28.02 43.54 16.30
C GLY B 228 -29.12 42.50 16.44
N THR B 229 -28.73 41.23 16.57
CA THR B 229 -29.70 40.16 16.79
C THR B 229 -29.47 39.38 18.08
N TYR B 230 -28.38 39.63 18.80
CA TYR B 230 -28.09 38.95 20.07
C TYR B 230 -28.11 37.45 19.89
N TRP B 231 -27.49 36.99 18.80
CA TRP B 231 -27.44 35.56 18.50
C TRP B 231 -26.58 34.82 19.52
N TRP B 232 -25.60 35.49 20.11
CA TRP B 232 -24.77 34.83 21.12
C TRP B 232 -25.58 34.43 22.34
N MET B 233 -26.55 35.24 22.73
CA MET B 233 -27.42 34.90 23.85
C MET B 233 -28.33 33.73 23.54
N ASN B 234 -28.58 33.46 22.25
CA ASN B 234 -29.47 32.37 21.89
C ASN B 234 -28.96 31.03 22.40
N ALA B 235 -27.66 30.78 22.26
CA ALA B 235 -27.09 29.55 22.81
C ALA B 235 -27.17 29.53 24.33
N PHE B 236 -26.92 30.67 24.97
CA PHE B 236 -26.97 30.74 26.43
C PHE B 236 -28.37 30.45 26.95
N ILE B 237 -29.39 31.05 26.32
CA ILE B 237 -30.76 30.78 26.71
C ILE B 237 -31.16 29.36 26.34
N LYS B 238 -30.61 28.83 25.25
CA LYS B 238 -30.95 27.47 24.83
C LYS B 238 -30.62 26.45 25.90
N THR B 239 -29.60 26.73 26.73
CA THR B 239 -29.28 25.86 27.86
C THR B 239 -29.86 26.35 29.17
N ALA B 240 -30.28 27.62 29.26
CA ALA B 240 -30.86 28.12 30.49
C ALA B 240 -32.18 27.43 30.81
N HIS B 241 -32.89 26.97 29.78
CA HIS B 241 -34.12 26.22 30.01
C HIS B 241 -33.82 24.90 30.72
N LYS B 242 -32.74 24.23 30.34
CA LYS B 242 -32.40 22.94 30.93
C LYS B 242 -31.92 23.11 32.38
N LYS B 243 -31.02 24.06 32.61
CA LYS B 243 -30.43 24.22 33.92
C LYS B 243 -30.69 25.61 34.48
N PRO B 244 -31.09 25.72 35.75
CA PRO B 244 -31.22 27.04 36.36
C PRO B 244 -29.88 27.76 36.38
N ILE B 245 -29.93 29.07 36.16
CA ILE B 245 -28.72 29.87 36.07
C ILE B 245 -28.24 30.23 37.48
N ASP B 246 -27.01 30.72 37.57
CA ASP B 246 -26.45 31.15 38.84
C ASP B 246 -25.48 32.29 38.56
N LEU B 247 -24.89 32.82 39.64
CA LEU B 247 -23.90 33.88 39.50
C LEU B 247 -22.61 33.41 38.86
N ARG B 248 -22.41 32.09 38.71
CA ARG B 248 -21.23 31.53 38.06
C ARG B 248 -21.40 31.41 36.56
N ALA B 249 -22.55 30.89 36.09
CA ALA B 249 -22.79 30.81 34.66
C ALA B 249 -22.91 32.20 34.04
N ILE B 250 -23.41 33.16 34.82
CA ILE B 250 -23.49 34.54 34.36
C ILE B 250 -22.12 35.15 34.14
N GLY B 251 -21.08 34.55 34.72
CA GLY B 251 -19.70 34.91 34.46
C GLY B 251 -19.29 36.25 35.06
N LYS B 252 -18.16 36.74 34.59
CA LYS B 252 -17.62 38.02 35.01
C LYS B 252 -17.93 39.09 33.96
N LEU B 253 -17.78 40.35 34.37
CA LEU B 253 -18.08 41.46 33.49
C LEU B 253 -16.89 41.72 32.59
N PRO B 254 -17.09 42.16 31.34
CA PRO B 254 -15.96 42.53 30.49
C PRO B 254 -15.15 43.66 31.10
N ILE B 255 -13.85 43.68 30.81
CA ILE B 255 -12.91 44.59 31.45
C ILE B 255 -13.32 46.04 31.26
N ALA B 256 -13.78 46.38 30.05
CA ALA B 256 -14.06 47.78 29.74
C ALA B 256 -15.18 48.36 30.57
N MET B 257 -16.05 47.53 31.15
CA MET B 257 -17.18 48.01 31.93
C MET B 257 -17.41 47.22 33.21
N ARG B 258 -16.35 46.86 33.94
CA ARG B 258 -16.61 46.06 35.14
C ARG B 258 -17.35 46.86 36.20
N ALA B 259 -16.63 47.70 36.95
CA ALA B 259 -17.17 48.85 37.64
C ALA B 259 -16.15 49.99 37.59
N LEU B 260 -14.89 49.62 37.74
CA LEU B 260 -13.81 50.58 37.96
C LEU B 260 -13.51 51.39 36.71
N THR B 261 -13.43 50.70 35.57
CA THR B 261 -13.12 51.37 34.31
C THR B 261 -14.16 52.43 33.97
N ASN B 262 -15.39 52.27 34.44
CA ASN B 262 -16.39 53.31 34.33
C ASN B 262 -16.07 54.46 35.28
N TYR B 263 -15.71 54.12 36.52
CA TYR B 263 -15.37 55.15 37.51
C TYR B 263 -14.05 55.82 37.18
N GLN B 264 -13.10 55.07 36.60
CA GLN B 264 -11.78 55.61 36.29
C GLN B 264 -11.89 56.78 35.32
N ARG B 265 -12.75 56.65 34.31
CA ARG B 265 -13.01 57.76 33.40
C ARG B 265 -13.80 58.87 34.09
N LEU B 266 -14.72 58.50 34.99
CA LEU B 266 -15.53 59.47 35.71
C LEU B 266 -14.68 60.45 36.50
N CYS B 267 -13.74 59.92 37.30
CA CYS B 267 -12.87 60.79 38.09
C CYS B 267 -11.87 61.52 37.20
N VAL B 268 -11.50 60.91 36.07
CA VAL B 268 -10.60 61.58 35.13
C VAL B 268 -11.27 62.83 34.56
N ALA B 269 -12.54 62.71 34.20
CA ALA B 269 -13.27 63.85 33.65
C ALA B 269 -13.47 64.94 34.70
N PHE B 270 -13.48 64.55 35.98
CA PHE B 270 -13.71 65.50 37.06
C PHE B 270 -12.58 66.52 37.19
N ASP B 271 -11.44 66.26 36.56
CA ASP B 271 -10.31 67.16 36.68
C ASP B 271 -10.61 68.53 36.08
N ALA B 272 -11.53 68.60 35.12
CA ALA B 272 -11.90 69.84 34.46
C ALA B 272 -10.70 70.56 33.88
N PRO B 281 -15.36 73.80 40.55
CA PRO B 281 -15.76 73.06 41.74
C PRO B 281 -16.41 71.72 41.42
N GLN B 282 -17.20 71.20 42.36
CA GLN B 282 -17.90 69.93 42.21
C GLN B 282 -19.40 70.10 42.37
N GLY B 283 -19.94 71.20 41.85
CA GLY B 283 -21.35 71.48 41.94
C GLY B 283 -22.16 70.69 40.92
N ALA B 284 -23.46 70.99 40.90
CA ALA B 284 -24.36 70.29 39.97
C ALA B 284 -23.99 70.56 38.52
N ARG B 285 -23.64 71.81 38.19
CA ARG B 285 -23.25 72.13 36.83
C ARG B 285 -21.96 71.41 36.45
N ALA B 286 -21.02 71.31 37.38
CA ALA B 286 -19.76 70.63 37.09
C ALA B 286 -19.96 69.13 36.90
N ILE B 287 -20.93 68.54 37.60
CA ILE B 287 -21.18 67.11 37.49
C ILE B 287 -21.65 66.76 36.08
N TRP B 288 -22.57 67.56 35.54
CA TRP B 288 -23.12 67.26 34.21
C TRP B 288 -22.05 67.33 33.14
N ARG B 289 -21.11 68.27 33.28
CA ARG B 289 -20.04 68.38 32.29
C ARG B 289 -19.18 67.11 32.25
N ALA B 290 -18.89 66.54 33.42
CA ALA B 290 -18.09 65.33 33.47
C ALA B 290 -18.86 64.14 32.91
N LEU B 291 -20.12 63.99 33.30
CA LEU B 291 -20.93 62.88 32.79
C LEU B 291 -21.11 62.98 31.28
N CYS B 292 -21.35 64.19 30.77
CA CYS B 292 -21.46 64.37 29.33
C CYS B 292 -20.16 64.01 28.61
N HIS B 293 -19.02 64.39 29.19
CA HIS B 293 -17.75 64.07 28.58
C HIS B 293 -17.44 62.58 28.68
N ALA B 294 -17.72 61.98 29.84
CA ALA B 294 -17.39 60.57 30.03
C ALA B 294 -18.35 59.65 29.28
N PHE B 295 -19.64 59.96 29.29
CA PHE B 295 -20.66 59.08 28.73
C PHE B 295 -21.51 59.80 27.69
N GLY B 296 -20.87 60.61 26.85
CA GLY B 296 -21.59 61.27 25.78
C GLY B 296 -21.26 60.70 24.42
N ARG B 297 -19.99 60.32 24.22
CA ARG B 297 -19.57 59.73 22.95
C ARG B 297 -20.26 58.40 22.70
N ARG B 298 -20.74 57.72 23.74
CA ARG B 298 -21.53 56.52 23.60
C ARG B 298 -23.03 56.78 23.65
N LEU B 299 -23.45 57.83 24.37
CA LEU B 299 -24.87 58.14 24.46
C LEU B 299 -25.43 58.58 23.12
N ILE B 300 -24.66 59.38 22.37
CA ILE B 300 -25.14 59.84 21.06
C ILE B 300 -25.32 58.67 20.10
N LEU B 301 -24.55 57.59 20.29
CA LEU B 301 -24.74 56.41 19.46
C LEU B 301 -26.12 55.82 19.64
N SER B 302 -26.60 55.75 20.88
CA SER B 302 -27.95 55.24 21.12
C SER B 302 -29.00 56.18 20.54
N SER B 303 -28.80 57.49 20.68
CA SER B 303 -29.75 58.44 20.10
C SER B 303 -29.76 58.35 18.58
N THR B 304 -28.57 58.21 17.97
CA THR B 304 -28.50 58.12 16.51
C THR B 304 -29.28 56.92 15.98
N PHE B 305 -29.15 55.77 16.65
CA PHE B 305 -29.96 54.62 16.27
C PHE B 305 -31.44 54.91 16.47
N ARG B 306 -31.78 55.61 17.55
CA ARG B 306 -33.18 55.95 17.79
C ARG B 306 -33.71 56.90 16.72
N ILE B 307 -32.90 57.88 16.32
CA ILE B 307 -33.33 58.83 15.30
C ILE B 307 -33.58 58.12 13.98
N LEU B 308 -32.64 57.25 13.57
CA LEU B 308 -32.82 56.51 12.33
C LEU B 308 -34.01 55.56 12.42
N ALA B 309 -34.22 54.94 13.59
CA ALA B 309 -35.38 54.10 13.79
C ALA B 309 -36.67 54.92 13.68
N ASP B 310 -36.67 56.14 14.23
CA ASP B 310 -37.83 57.01 14.11
C ASP B 310 -38.07 57.41 12.66
N LEU B 311 -37.00 57.72 11.92
CA LEU B 311 -37.16 58.09 10.52
C LEU B 311 -37.76 56.95 9.70
N LEU B 312 -37.28 55.72 9.93
CA LEU B 312 -37.83 54.58 9.23
C LEU B 312 -39.21 54.19 9.76
N GLY B 313 -39.66 54.77 10.86
CA GLY B 313 -41.01 54.50 11.32
C GLY B 313 -42.06 54.99 10.35
N PHE B 314 -41.80 56.13 9.70
CA PHE B 314 -42.71 56.66 8.70
C PHE B 314 -42.73 55.84 7.41
N ALA B 315 -41.73 54.97 7.21
CA ALA B 315 -41.74 54.10 6.04
C ALA B 315 -42.90 53.13 6.06
N GLY B 316 -43.50 52.90 7.23
CA GLY B 316 -44.70 52.11 7.32
C GLY B 316 -45.88 52.78 6.62
N PRO B 317 -46.31 53.94 7.14
CA PRO B 317 -47.43 54.65 6.49
C PRO B 317 -47.17 55.03 5.04
N LEU B 318 -45.94 55.42 4.70
CA LEU B 318 -45.66 55.81 3.33
C LEU B 318 -45.85 54.64 2.37
N CYS B 319 -45.39 53.46 2.75
CA CYS B 319 -45.66 52.27 1.94
C CYS B 319 -47.14 51.95 1.92
N ILE B 320 -47.82 52.15 3.06
CA ILE B 320 -49.27 51.94 3.10
C ILE B 320 -49.96 52.92 2.15
N PHE B 321 -49.55 54.18 2.18
CA PHE B 321 -50.12 55.18 1.27
C PHE B 321 -49.81 54.82 -0.19
N GLY B 322 -48.59 54.37 -0.46
CA GLY B 322 -48.23 54.06 -1.83
C GLY B 322 -48.94 52.84 -2.38
N ILE B 323 -49.09 51.79 -1.56
CA ILE B 323 -49.62 50.53 -2.07
C ILE B 323 -51.10 50.67 -2.41
N VAL B 324 -51.87 51.38 -1.57
CA VAL B 324 -53.31 51.44 -1.76
C VAL B 324 -53.66 52.28 -2.99
N ASP B 325 -52.95 53.39 -3.20
CA ASP B 325 -53.24 54.24 -4.35
C ASP B 325 -53.03 53.50 -5.66
N HIS B 326 -51.95 52.73 -5.76
CA HIS B 326 -51.66 51.97 -6.97
C HIS B 326 -52.40 50.63 -7.02
N LEU B 327 -53.15 50.29 -5.97
CA LEU B 327 -53.99 49.11 -5.96
C LEU B 327 -55.46 49.43 -6.21
N GLY B 328 -55.96 50.51 -5.62
CA GLY B 328 -57.33 50.94 -5.85
C GLY B 328 -57.55 51.69 -7.14
N LYS B 329 -56.49 51.98 -7.88
CA LYS B 329 -56.61 52.67 -9.16
C LYS B 329 -57.03 51.73 -10.29
N GLU B 330 -57.08 50.41 -10.03
CA GLU B 330 -57.39 49.41 -11.03
C GLU B 330 -56.44 49.53 -12.22
N ASN B 331 -56.99 49.79 -13.42
CA ASN B 331 -56.23 50.00 -14.63
C ASN B 331 -55.40 48.76 -14.99
N HIS B 332 -54.44 48.40 -14.13
CA HIS B 332 -53.56 47.25 -14.35
C HIS B 332 -52.81 47.38 -15.68
N VAL B 333 -52.39 48.59 -16.01
CA VAL B 333 -51.64 48.87 -17.23
C VAL B 333 -50.19 49.10 -16.84
N PHE B 334 -49.28 48.31 -17.42
CA PHE B 334 -47.86 48.37 -17.10
C PHE B 334 -47.08 48.47 -18.39
N GLN B 335 -46.33 49.56 -18.56
CA GLN B 335 -45.52 49.77 -19.74
C GLN B 335 -44.33 50.65 -19.40
N PRO B 336 -43.10 50.13 -19.50
CA PRO B 336 -41.92 50.95 -19.16
C PRO B 336 -41.77 52.18 -20.04
N LYS B 337 -42.21 52.10 -21.30
CA LYS B 337 -42.12 53.23 -22.24
C LYS B 337 -40.68 53.70 -22.42
N THR B 338 -39.73 52.80 -22.19
CA THR B 338 -38.31 53.12 -22.33
C THR B 338 -37.59 51.83 -22.71
N GLN B 339 -37.27 51.68 -24.00
CA GLN B 339 -36.69 50.46 -24.53
C GLN B 339 -35.35 50.80 -25.19
N PHE B 340 -34.26 50.34 -24.59
CA PHE B 340 -32.93 50.50 -25.12
C PHE B 340 -32.36 49.13 -25.47
N LEU B 341 -31.78 49.01 -26.66
CA LEU B 341 -31.21 47.75 -27.15
C LEU B 341 -32.25 46.64 -27.15
N GLY B 342 -33.52 46.99 -27.36
CA GLY B 342 -34.58 46.02 -27.27
C GLY B 342 -34.92 45.57 -25.87
N VAL B 343 -34.38 46.23 -24.85
CA VAL B 343 -34.58 45.86 -23.45
C VAL B 343 -35.31 47.01 -22.76
N TYR B 344 -36.39 46.68 -22.06
CA TYR B 344 -37.17 47.69 -21.36
C TYR B 344 -36.44 48.15 -20.10
N PHE B 345 -36.43 49.46 -19.88
CA PHE B 345 -35.89 50.05 -18.66
C PHE B 345 -37.02 50.76 -17.93
N VAL B 346 -37.17 50.46 -16.64
CA VAL B 346 -38.22 51.07 -15.83
C VAL B 346 -37.67 52.30 -15.14
N SER B 347 -38.42 53.40 -15.20
CA SER B 347 -38.00 54.63 -14.56
C SER B 347 -38.09 54.50 -13.04
N SER B 348 -37.44 55.42 -12.34
CA SER B 348 -37.48 55.42 -10.88
C SER B 348 -38.88 55.61 -10.36
N GLN B 349 -39.64 56.52 -10.98
CA GLN B 349 -41.03 56.74 -10.56
C GLN B 349 -41.87 55.50 -10.79
N GLU B 350 -41.70 54.84 -11.94
CA GLU B 350 -42.47 53.64 -12.23
C GLU B 350 -42.07 52.48 -11.33
N PHE B 351 -40.79 52.42 -10.94
CA PHE B 351 -40.34 51.34 -10.06
C PHE B 351 -41.06 51.39 -8.72
N LEU B 352 -41.23 52.58 -8.15
CA LEU B 352 -41.99 52.73 -6.92
C LEU B 352 -43.48 52.90 -7.23
N GLY B 353 -43.99 52.03 -8.09
CA GLY B 353 -45.39 52.04 -8.45
C GLY B 353 -46.04 50.70 -8.24
N ASN B 354 -45.24 49.64 -8.27
CA ASN B 354 -45.76 48.29 -8.12
C ASN B 354 -46.01 47.98 -6.65
N ALA B 355 -47.12 47.30 -6.38
CA ALA B 355 -47.44 46.92 -5.01
C ALA B 355 -46.43 45.93 -4.46
N TYR B 356 -46.00 44.97 -5.28
CA TYR B 356 -45.03 43.98 -4.82
C TYR B 356 -43.71 44.65 -4.43
N VAL B 357 -43.26 45.62 -5.21
CA VAL B 357 -42.03 46.32 -4.89
C VAL B 357 -42.16 47.06 -3.57
N LEU B 358 -43.29 47.74 -3.37
CA LEU B 358 -43.49 48.47 -2.12
C LEU B 358 -43.57 47.51 -0.93
N ALA B 359 -44.22 46.36 -1.12
CA ALA B 359 -44.31 45.38 -0.03
C ALA B 359 -42.94 44.86 0.37
N VAL B 360 -42.10 44.53 -0.61
CA VAL B 360 -40.76 44.04 -0.31
C VAL B 360 -39.93 45.14 0.32
N LEU B 361 -40.00 46.35 -0.22
CA LEU B 361 -39.25 47.47 0.35
C LEU B 361 -39.72 47.78 1.76
N LEU B 362 -41.03 47.67 2.01
CA LEU B 362 -41.54 47.86 3.37
C LEU B 362 -40.98 46.79 4.31
N PHE B 363 -40.90 45.55 3.84
CA PHE B 363 -40.38 44.47 4.67
C PHE B 363 -38.92 44.72 5.06
N LEU B 364 -38.10 45.18 4.10
CA LEU B 364 -36.73 45.50 4.41
C LEU B 364 -36.63 46.74 5.29
N ALA B 365 -37.53 47.70 5.10
CA ALA B 365 -37.53 48.91 5.91
C ALA B 365 -37.82 48.60 7.38
N LEU B 366 -38.76 47.69 7.62
CA LEU B 366 -39.11 47.34 9.00
C LEU B 366 -37.93 46.66 9.70
N LEU B 367 -37.28 45.71 9.01
CA LEU B 367 -36.20 44.97 9.65
C LEU B 367 -35.08 45.90 10.12
N LEU B 368 -34.72 46.89 9.28
CA LEU B 368 -33.72 47.86 9.71
C LEU B 368 -34.24 48.73 10.84
N GLN B 369 -35.53 49.08 10.81
CA GLN B 369 -36.09 49.92 11.87
C GLN B 369 -36.19 49.17 13.18
N ARG B 370 -36.71 47.93 13.15
CA ARG B 370 -36.85 47.17 14.38
C ARG B 370 -35.50 46.92 15.04
N THR B 371 -34.50 46.58 14.23
CA THR B 371 -33.16 46.36 14.79
C THR B 371 -32.59 47.64 15.37
N PHE B 372 -32.80 48.78 14.70
CA PHE B 372 -32.22 50.03 15.14
C PHE B 372 -32.78 50.47 16.49
N LEU B 373 -34.10 50.38 16.67
CA LEU B 373 -34.68 50.78 17.95
C LEU B 373 -34.22 49.85 19.07
N GLN B 374 -34.09 48.56 18.78
CA GLN B 374 -33.52 47.64 19.77
C GLN B 374 -32.07 47.99 20.06
N ALA B 375 -31.31 48.33 19.02
CA ALA B 375 -29.92 48.74 19.23
C ALA B 375 -29.83 50.03 20.01
N SER B 376 -30.79 50.94 19.81
CA SER B 376 -30.83 52.17 20.59
C SER B 376 -31.11 51.87 22.06
N TYR B 377 -31.94 50.87 22.33
CA TYR B 377 -32.28 50.54 23.71
C TYR B 377 -31.06 50.00 24.46
N TYR B 378 -30.37 49.02 23.87
CA TYR B 378 -29.28 48.36 24.58
C TYR B 378 -28.14 49.35 24.88
N VAL B 379 -27.77 50.17 23.90
CA VAL B 379 -26.65 51.09 24.10
C VAL B 379 -26.94 52.06 25.22
N ALA B 380 -28.16 52.59 25.27
CA ALA B 380 -28.55 53.47 26.36
C ALA B 380 -28.53 52.74 27.70
N ILE B 381 -29.07 51.52 27.73
CA ILE B 381 -29.07 50.76 28.98
C ILE B 381 -27.65 50.38 29.38
N GLU B 382 -26.84 49.93 28.43
CA GLU B 382 -25.46 49.57 28.73
C GLU B 382 -24.69 50.77 29.26
N THR B 383 -24.87 51.94 28.65
CA THR B 383 -24.26 53.15 29.16
C THR B 383 -24.90 53.59 30.47
N GLY B 384 -26.21 53.34 30.63
CA GLY B 384 -26.87 53.73 31.86
C GLY B 384 -26.35 52.98 33.07
N ILE B 385 -26.21 51.66 32.95
CA ILE B 385 -25.69 50.88 34.07
C ILE B 385 -24.19 51.12 34.24
N ASN B 386 -23.51 51.53 33.16
CA ASN B 386 -22.11 51.91 33.29
C ASN B 386 -21.95 53.11 34.20
N LEU B 387 -22.83 54.10 34.05
CA LEU B 387 -22.80 55.24 34.96
C LEU B 387 -23.19 54.84 36.37
N ARG B 388 -24.13 53.90 36.49
CA ARG B 388 -24.60 53.47 37.81
C ARG B 388 -23.47 52.87 38.62
N GLY B 389 -22.64 52.04 37.99
CA GLY B 389 -21.48 51.49 38.69
C GLY B 389 -20.48 52.57 39.07
N ALA B 390 -20.23 53.52 38.15
CA ALA B 390 -19.29 54.60 38.44
C ALA B 390 -19.82 55.50 39.55
N ILE B 391 -21.12 55.79 39.54
CA ILE B 391 -21.71 56.66 40.56
C ILE B 391 -21.61 56.00 41.92
N GLN B 392 -21.94 54.71 42.00
CA GLN B 392 -21.87 54.01 43.29
C GLN B 392 -20.45 53.99 43.83
N THR B 393 -19.46 53.86 42.95
CA THR B 393 -18.07 53.97 43.40
C THR B 393 -17.77 55.35 43.97
N LYS B 394 -18.26 56.39 43.29
CA LYS B 394 -18.06 57.75 43.80
C LYS B 394 -18.79 57.96 45.12
N ILE B 395 -20.01 57.45 45.24
CA ILE B 395 -20.75 57.59 46.49
C ILE B 395 -20.03 56.87 47.62
N TYR B 396 -19.61 55.63 47.38
CA TYR B 396 -18.90 54.87 48.40
C TYR B 396 -17.57 55.54 48.75
N ASN B 397 -16.87 56.08 47.74
CA ASN B 397 -15.65 56.82 48.01
C ASN B 397 -15.92 58.05 48.84
N LYS B 398 -17.07 58.69 48.63
CA LYS B 398 -17.43 59.85 49.44
C LYS B 398 -17.65 59.48 50.90
N ILE B 399 -18.34 58.36 51.14
CA ILE B 399 -18.55 57.91 52.52
C ILE B 399 -17.24 57.49 53.16
N MET B 400 -16.41 56.77 52.42
CA MET B 400 -15.13 56.26 52.91
C MET B 400 -14.03 57.31 52.80
N HIS B 401 -12.78 56.85 52.87
CA HIS B 401 -11.59 57.69 52.91
C HIS B 401 -11.61 58.80 51.87
N LEU B 402 -10.87 59.88 52.15
CA LEU B 402 -10.95 61.16 51.45
C LEU B 402 -12.23 61.92 51.84
N SER B 403 -12.71 61.68 53.05
CA SER B 403 -13.86 62.37 53.64
C SER B 403 -13.54 62.76 55.07
N THR B 404 -12.36 63.32 55.28
CA THR B 404 -11.92 63.66 56.63
C THR B 404 -12.80 64.76 57.23
N SER B 405 -12.88 64.76 58.56
CA SER B 405 -13.63 65.75 59.32
C SER B 405 -15.11 65.76 58.90
N ASN B 406 -15.77 64.63 59.20
CA ASN B 406 -17.20 64.54 58.98
C ASN B 406 -17.93 65.61 59.76
N LEU B 407 -18.97 66.18 59.15
CA LEU B 407 -19.61 67.40 59.67
C LEU B 407 -20.16 67.22 61.08
N SER B 408 -21.17 66.37 61.24
CA SER B 408 -21.82 66.16 62.52
C SER B 408 -22.79 64.99 62.38
N MET B 409 -23.54 64.73 63.46
CA MET B 409 -24.58 63.70 63.50
C MET B 409 -24.02 62.32 63.13
N GLY B 410 -24.89 61.42 62.72
CA GLY B 410 -24.46 60.12 62.25
C GLY B 410 -24.19 60.13 60.76
N GLU B 411 -23.12 60.81 60.35
CA GLU B 411 -22.77 60.98 58.95
C GLU B 411 -23.93 61.60 58.18
N MET B 412 -24.26 62.84 58.56
CA MET B 412 -25.36 63.60 57.99
C MET B 412 -26.69 62.94 58.30
N THR B 413 -26.99 61.83 57.63
CA THR B 413 -28.21 61.07 57.89
C THR B 413 -28.01 59.64 57.41
N ALA B 414 -28.19 58.68 58.31
CA ALA B 414 -28.04 57.27 57.93
C ALA B 414 -29.13 56.87 56.94
N GLY B 415 -30.36 57.31 57.16
CA GLY B 415 -31.44 56.97 56.24
C GLY B 415 -31.28 57.59 54.88
N GLN B 416 -30.81 58.84 54.82
CA GLN B 416 -30.65 59.52 53.54
C GLN B 416 -29.63 58.83 52.66
N ILE B 417 -28.51 58.40 53.25
CA ILE B 417 -27.48 57.71 52.48
C ILE B 417 -28.00 56.38 51.95
N CYS B 418 -28.80 55.67 52.76
CA CYS B 418 -29.31 54.36 52.34
C CYS B 418 -30.16 54.48 51.08
N ASN B 419 -31.10 55.42 51.06
CA ASN B 419 -31.94 55.61 49.89
C ASN B 419 -31.23 56.37 48.77
N LEU B 420 -30.13 57.06 49.09
CA LEU B 420 -29.39 57.79 48.06
C LEU B 420 -28.83 56.83 47.01
N VAL B 421 -28.35 55.67 47.44
CA VAL B 421 -27.87 54.65 46.51
C VAL B 421 -28.95 53.63 46.17
N ALA B 422 -30.13 53.72 46.78
CA ALA B 422 -31.19 52.75 46.55
C ALA B 422 -32.21 53.24 45.52
N ILE B 423 -32.79 54.42 45.75
CA ILE B 423 -33.85 54.91 44.89
C ILE B 423 -33.54 56.33 44.41
N ASP B 424 -32.27 56.70 44.40
CA ASP B 424 -31.86 58.00 43.85
C ASP B 424 -30.85 57.88 42.73
N THR B 425 -29.88 56.96 42.84
CA THR B 425 -28.99 56.71 41.71
C THR B 425 -29.69 55.92 40.60
N ASN B 426 -30.72 55.15 40.96
CA ASN B 426 -31.51 54.46 39.94
C ASN B 426 -32.24 55.46 39.05
N GLN B 427 -32.76 56.54 39.65
CA GLN B 427 -33.43 57.57 38.86
C GLN B 427 -32.47 58.21 37.87
N LEU B 428 -31.22 58.46 38.30
CA LEU B 428 -30.21 58.95 37.38
C LEU B 428 -29.93 57.94 36.28
N MET B 429 -29.87 56.65 36.64
CA MET B 429 -29.65 55.61 35.65
C MET B 429 -30.83 55.53 34.68
N TRP B 430 -32.05 55.58 35.20
CA TRP B 430 -33.23 55.55 34.35
C TRP B 430 -33.36 56.81 33.49
N PHE B 431 -32.77 57.93 33.93
CA PHE B 431 -32.72 59.10 33.07
C PHE B 431 -31.91 58.81 31.81
N PHE B 432 -30.77 58.14 31.96
CA PHE B 432 -29.98 57.75 30.80
C PHE B 432 -30.62 56.61 30.02
N PHE B 433 -31.49 55.82 30.65
CA PHE B 433 -32.26 54.82 29.90
C PHE B 433 -33.17 55.50 28.90
N LEU B 434 -33.79 56.62 29.29
CA LEU B 434 -34.73 57.34 28.45
C LEU B 434 -34.17 58.65 27.92
N CYS B 435 -32.87 58.88 28.07
CA CYS B 435 -32.28 60.12 27.55
C CYS B 435 -32.42 60.25 26.04
N PRO B 436 -32.13 59.24 25.21
CA PRO B 436 -32.45 59.38 23.78
C PRO B 436 -33.94 59.50 23.52
N ASN B 437 -34.78 58.89 24.36
CA ASN B 437 -36.22 58.92 24.13
C ASN B 437 -36.75 60.34 24.14
N LEU B 438 -36.34 61.14 25.13
CA LEU B 438 -36.76 62.54 25.17
C LEU B 438 -36.23 63.30 23.97
N TRP B 439 -34.98 63.05 23.58
CA TRP B 439 -34.38 63.75 22.46
C TRP B 439 -35.06 63.38 21.15
N ALA B 440 -35.39 62.09 20.97
CA ALA B 440 -35.93 61.60 19.71
C ALA B 440 -37.43 61.79 19.58
N MET B 441 -38.14 62.15 20.66
CA MET B 441 -39.57 62.38 20.56
C MET B 441 -39.93 63.56 19.65
N PRO B 442 -39.33 64.75 19.81
CA PRO B 442 -39.74 65.86 18.93
C PRO B 442 -39.50 65.59 17.45
N VAL B 443 -38.42 64.89 17.12
CA VAL B 443 -38.12 64.61 15.72
C VAL B 443 -39.21 63.76 15.09
N GLN B 444 -39.65 62.72 15.82
CA GLN B 444 -40.73 61.88 15.32
C GLN B 444 -42.05 62.65 15.27
N ILE B 445 -42.27 63.54 16.25
CA ILE B 445 -43.54 64.27 16.30
C ILE B 445 -43.65 65.26 15.16
N ILE B 446 -42.58 66.04 14.92
CA ILE B 446 -42.67 67.10 13.92
C ILE B 446 -42.81 66.52 12.52
N VAL B 447 -42.07 65.44 12.22
CA VAL B 447 -42.20 64.80 10.91
C VAL B 447 -43.56 64.13 10.79
N GLY B 448 -44.06 63.55 11.88
CA GLY B 448 -45.34 62.88 11.82
C GLY B 448 -46.49 63.82 11.50
N VAL B 449 -46.52 64.99 12.15
CA VAL B 449 -47.59 65.94 11.89
C VAL B 449 -47.45 66.53 10.50
N ILE B 450 -46.22 66.77 10.05
CA ILE B 450 -46.00 67.32 8.71
C ILE B 450 -46.51 66.34 7.65
N LEU B 451 -46.18 65.06 7.82
CA LEU B 451 -46.68 64.06 6.88
C LEU B 451 -48.19 63.97 6.92
N LEU B 452 -48.78 64.12 8.10
CA LEU B 452 -50.24 64.14 8.20
C LEU B 452 -50.82 65.33 7.44
N TYR B 453 -50.19 66.50 7.55
CA TYR B 453 -50.69 67.68 6.86
C TYR B 453 -50.63 67.52 5.35
N TYR B 454 -49.63 66.80 4.85
CA TYR B 454 -49.52 66.56 3.42
C TYR B 454 -50.41 65.42 2.94
N ILE B 455 -51.17 64.79 3.85
CA ILE B 455 -52.07 63.72 3.46
C ILE B 455 -53.52 64.20 3.55
N LEU B 456 -53.94 64.67 4.73
CA LEU B 456 -55.32 65.07 4.96
C LEU B 456 -55.48 66.57 5.11
N GLY B 457 -54.41 67.33 5.01
CA GLY B 457 -54.52 68.79 5.04
C GLY B 457 -54.98 69.30 6.40
N VAL B 458 -56.07 70.08 6.38
CA VAL B 458 -56.53 70.75 7.59
C VAL B 458 -57.00 69.75 8.62
N SER B 459 -57.74 68.72 8.19
CA SER B 459 -58.32 67.77 9.14
C SER B 459 -57.25 67.08 9.98
N ALA B 460 -56.07 66.84 9.40
CA ALA B 460 -54.99 66.22 10.16
C ALA B 460 -54.43 67.16 11.22
N LEU B 461 -54.44 68.47 10.95
CA LEU B 461 -53.90 69.42 11.92
C LEU B 461 -54.68 69.39 13.22
N ILE B 462 -56.02 69.33 13.14
CA ILE B 462 -56.84 69.28 14.36
C ILE B 462 -56.62 67.98 15.10
N GLY B 463 -56.51 66.86 14.37
CA GLY B 463 -56.29 65.59 15.02
C GLY B 463 -54.93 65.49 15.70
N ALA B 464 -53.92 66.12 15.11
CA ALA B 464 -52.59 66.10 15.70
C ALA B 464 -52.50 67.07 16.88
N ALA B 465 -53.23 68.18 16.81
CA ALA B 465 -53.16 69.18 17.88
C ALA B 465 -53.69 68.62 19.19
N VAL B 466 -54.81 67.89 19.15
CA VAL B 466 -55.40 67.37 20.38
C VAL B 466 -54.49 66.34 21.03
N ILE B 467 -53.79 65.53 20.22
CA ILE B 467 -52.84 64.58 20.77
C ILE B 467 -51.69 65.29 21.44
N ILE B 468 -51.20 66.38 20.82
CA ILE B 468 -50.15 67.19 21.45
C ILE B 468 -50.65 67.79 22.75
N LEU B 469 -51.89 68.30 22.75
CA LEU B 469 -52.48 68.85 23.96
C LEU B 469 -52.73 67.78 25.02
N LEU B 470 -52.71 66.50 24.65
CA LEU B 470 -52.87 65.45 25.64
C LEU B 470 -51.62 65.30 26.51
N ALA B 471 -50.46 65.67 25.98
CA ALA B 471 -49.22 65.55 26.75
C ALA B 471 -49.25 66.33 28.05
N PRO B 472 -49.67 67.61 28.09
CA PRO B 472 -49.85 68.25 29.40
C PRO B 472 -50.88 67.56 30.27
N VAL B 473 -51.93 67.00 29.67
CA VAL B 473 -52.94 66.28 30.44
C VAL B 473 -52.34 65.05 31.09
N GLN B 474 -51.53 64.30 30.34
CA GLN B 474 -50.91 63.10 30.88
C GLN B 474 -49.95 63.44 32.02
N TYR B 475 -49.19 64.53 31.88
CA TYR B 475 -48.34 64.98 32.98
C TYR B 475 -49.18 65.52 34.13
N PHE B 476 -50.30 66.17 33.83
CA PHE B 476 -51.16 66.71 34.88
C PHE B 476 -51.71 65.60 35.75
N VAL B 477 -52.19 64.52 35.15
CA VAL B 477 -52.68 63.40 35.94
C VAL B 477 -51.54 62.64 36.58
N ALA B 478 -50.34 62.74 36.01
CA ALA B 478 -49.17 62.09 36.62
C ALA B 478 -48.85 62.71 37.98
N THR B 479 -48.89 64.04 38.07
CA THR B 479 -48.65 64.70 39.35
C THR B 479 -49.73 64.33 40.37
N LYS B 480 -50.99 64.27 39.93
CA LYS B 480 -52.06 63.84 40.82
C LYS B 480 -51.85 62.41 41.27
N LEU B 481 -51.45 61.52 40.35
CA LEU B 481 -51.21 60.14 40.71
C LEU B 481 -50.04 60.01 41.68
N SER B 482 -48.97 60.76 41.44
CA SER B 482 -47.81 60.71 42.34
C SER B 482 -48.16 61.25 43.72
N GLN B 483 -48.92 62.35 43.77
CA GLN B 483 -49.31 62.91 45.06
C GLN B 483 -50.23 61.96 45.82
N ALA B 484 -51.09 61.23 45.11
CA ALA B 484 -52.00 60.30 45.77
C ALA B 484 -51.23 59.19 46.49
N GLN B 485 -50.18 58.68 45.86
CA GLN B 485 -49.36 57.67 46.52
C GLN B 485 -48.61 58.26 47.70
N ARG B 486 -48.18 59.52 47.59
CA ARG B 486 -47.52 60.18 48.70
C ARG B 486 -48.44 60.30 49.91
N SER B 487 -49.70 60.68 49.67
CA SER B 487 -50.67 60.68 50.76
C SER B 487 -50.99 59.27 51.24
N THR B 488 -51.00 58.31 50.30
CA THR B 488 -51.23 56.91 50.68
C THR B 488 -50.12 56.39 51.58
N LEU B 489 -48.86 56.74 51.26
CA LEU B 489 -47.74 56.24 52.04
C LEU B 489 -47.79 56.71 53.49
N GLU B 490 -48.26 57.93 53.72
CA GLU B 490 -48.38 58.43 55.09
C GLU B 490 -49.35 57.58 55.90
N HIS B 491 -50.50 57.24 55.31
CA HIS B 491 -51.46 56.37 55.96
C HIS B 491 -51.04 54.91 55.95
N SER B 492 -50.42 54.45 54.86
CA SER B 492 -49.98 53.05 54.80
C SER B 492 -48.89 52.78 55.82
N ASN B 493 -47.97 53.73 56.02
CA ASN B 493 -46.92 53.55 57.01
C ASN B 493 -47.51 53.40 58.41
N GLU B 494 -48.52 54.21 58.74
CA GLU B 494 -49.20 54.05 60.02
C GLU B 494 -49.91 52.70 60.09
N ARG B 495 -50.53 52.27 59.00
CA ARG B 495 -51.14 50.94 58.97
C ARG B 495 -50.08 49.86 59.11
N LEU B 496 -48.96 50.00 58.43
CA LEU B 496 -47.87 49.03 58.57
C LEU B 496 -47.28 49.06 59.97
N LYS B 497 -47.07 50.26 60.53
CA LYS B 497 -46.50 50.36 61.87
C LYS B 497 -47.44 49.79 62.92
N GLN B 498 -48.73 50.07 62.81
CA GLN B 498 -49.70 49.52 63.75
C GLN B 498 -49.78 48.00 63.61
N THR B 499 -49.77 47.50 62.38
CA THR B 499 -49.81 46.05 62.17
C THR B 499 -48.50 45.41 62.62
N ASN B 500 -47.37 46.03 62.30
CA ASN B 500 -46.06 45.48 62.66
C ASN B 500 -45.65 45.91 64.07
N GLU B 501 -46.56 45.70 65.02
CA GLU B 501 -46.26 45.85 66.44
C GLU B 501 -46.30 44.54 67.20
N MET B 502 -47.17 43.60 66.78
CA MET B 502 -47.17 42.25 67.30
C MET B 502 -47.23 41.22 66.19
N LEU B 503 -47.12 41.63 64.92
CA LEU B 503 -47.15 40.68 63.82
C LEU B 503 -45.94 39.76 63.85
N ARG B 504 -44.74 40.33 63.99
CA ARG B 504 -43.55 39.52 64.17
C ARG B 504 -43.57 38.79 65.50
N GLY B 505 -44.21 39.37 66.51
CA GLY B 505 -44.40 38.76 67.80
C GLY B 505 -45.66 37.92 67.93
N MET B 506 -46.33 37.63 66.81
CA MET B 506 -47.55 36.84 66.86
C MET B 506 -47.31 35.43 67.36
N LYS B 507 -46.05 34.97 67.37
CA LYS B 507 -45.73 33.69 67.98
C LYS B 507 -46.00 33.71 69.48
N LEU B 508 -45.77 34.86 70.13
CA LEU B 508 -46.07 35.02 71.54
C LEU B 508 -47.24 35.94 71.83
N LEU B 509 -47.62 36.80 70.90
CA LEU B 509 -48.79 37.67 71.11
C LEU B 509 -50.07 36.85 71.20
N LYS B 510 -50.19 35.81 70.38
CA LYS B 510 -51.38 34.98 70.40
C LYS B 510 -51.51 34.19 71.70
N LEU B 511 -50.39 33.95 72.39
CA LEU B 511 -50.44 33.22 73.65
C LEU B 511 -51.22 33.99 74.71
N TYR B 512 -51.01 35.31 74.77
CA TYR B 512 -51.71 36.15 75.74
C TYR B 512 -53.18 36.35 75.41
N ALA B 513 -53.61 35.93 74.20
CA ALA B 513 -55.00 36.08 73.75
C ALA B 513 -55.42 37.55 73.71
N TRP B 514 -54.46 38.45 73.56
CA TRP B 514 -54.73 39.87 73.41
C TRP B 514 -54.91 40.30 71.97
N GLU B 515 -54.69 39.40 71.01
CA GLU B 515 -54.84 39.72 69.60
C GLU B 515 -56.30 39.79 69.16
N SER B 516 -57.24 39.34 70.01
CA SER B 516 -58.66 39.45 69.66
C SER B 516 -59.07 40.91 69.51
N ILE B 517 -58.63 41.76 70.44
CA ILE B 517 -58.90 43.19 70.33
C ILE B 517 -57.85 43.92 69.50
N PHE B 518 -56.63 43.37 69.39
CA PHE B 518 -55.63 43.99 68.54
C PHE B 518 -56.04 43.94 67.07
N CYS B 519 -56.62 42.82 66.64
CA CYS B 519 -57.12 42.68 65.27
C CYS B 519 -58.58 43.10 65.17
N SER B 520 -58.87 44.30 65.67
CA SER B 520 -60.23 44.85 65.60
C SER B 520 -60.17 46.24 64.98
N ARG B 521 -59.06 46.94 65.17
CA ARG B 521 -58.81 48.23 64.55
C ARG B 521 -58.03 48.10 63.25
N VAL B 522 -57.77 46.86 62.80
CA VAL B 522 -57.03 46.66 61.56
C VAL B 522 -57.80 47.26 60.38
N GLU B 523 -59.12 47.06 60.37
CA GLU B 523 -59.95 47.67 59.32
C GLU B 523 -59.88 49.19 59.39
N VAL B 524 -59.90 49.74 60.60
CA VAL B 524 -59.81 51.20 60.76
C VAL B 524 -58.46 51.70 60.24
N THR B 525 -57.38 51.00 60.58
CA THR B 525 -56.07 51.37 60.08
C THR B 525 -55.92 51.09 58.59
N ARG B 526 -56.77 50.24 58.02
CA ARG B 526 -56.73 49.96 56.59
C ARG B 526 -57.68 50.88 55.82
N ARG B 527 -58.84 51.20 56.39
CA ARG B 527 -59.77 52.10 55.72
C ARG B 527 -59.18 53.50 55.57
N LYS B 528 -58.41 53.96 56.55
CA LYS B 528 -57.71 55.23 56.41
C LYS B 528 -56.67 55.20 55.30
N GLU B 529 -56.19 54.02 54.94
CA GLU B 529 -55.31 53.85 53.79
C GLU B 529 -56.05 53.48 52.52
N MET B 530 -57.16 52.75 52.64
CA MET B 530 -57.96 52.41 51.45
C MET B 530 -58.61 53.64 50.84
N THR B 531 -59.02 54.61 51.67
CA THR B 531 -59.56 55.85 51.13
C THR B 531 -58.49 56.62 50.34
N SER B 532 -57.22 56.49 50.73
CA SER B 532 -56.15 57.01 49.91
C SER B 532 -55.89 56.14 48.69
N LEU B 533 -56.17 54.84 48.80
CA LEU B 533 -56.09 53.96 47.64
C LEU B 533 -57.14 54.34 46.60
N ARG B 534 -58.33 54.72 47.05
CA ARG B 534 -59.38 55.17 46.12
C ARG B 534 -58.93 56.39 45.34
N ALA B 535 -58.29 57.35 46.01
CA ALA B 535 -57.77 58.52 45.32
C ALA B 535 -56.70 58.14 44.30
N PHE B 536 -55.80 57.23 44.68
CA PHE B 536 -54.80 56.75 43.73
C PHE B 536 -55.44 55.98 42.60
N ALA B 537 -56.45 55.17 42.90
CA ALA B 537 -57.06 54.31 41.90
C ALA B 537 -57.80 55.12 40.84
N VAL B 538 -58.56 56.14 41.25
CA VAL B 538 -59.33 56.92 40.30
C VAL B 538 -58.40 57.67 39.34
N TYR B 539 -57.26 58.15 39.85
CA TYR B 539 -56.29 58.79 38.98
C TYR B 539 -55.73 57.81 37.96
N THR B 540 -55.48 56.57 38.38
CA THR B 540 -55.03 55.55 37.45
C THR B 540 -56.09 55.27 36.40
N SER B 541 -57.35 55.13 36.83
CA SER B 541 -58.43 54.89 35.87
C SER B 541 -58.62 56.09 34.95
N ILE B 542 -58.37 57.30 35.45
CA ILE B 542 -58.45 58.49 34.61
C ILE B 542 -57.41 58.41 33.50
N SER B 543 -56.18 58.01 33.83
CA SER B 543 -55.13 57.91 32.82
C SER B 543 -55.41 56.80 31.82
N ILE B 544 -56.23 55.81 32.18
CA ILE B 544 -56.48 54.69 31.28
C ILE B 544 -57.29 55.15 30.08
N PHE B 545 -58.47 55.72 30.32
CA PHE B 545 -59.30 56.17 29.19
C PHE B 545 -58.79 57.47 28.59
N MET B 546 -57.90 58.17 29.25
CA MET B 546 -57.17 59.28 28.64
C MET B 546 -56.02 58.81 27.77
N ASN B 547 -55.71 57.52 27.80
CA ASN B 547 -54.66 56.92 26.99
C ASN B 547 -55.20 55.84 26.05
N THR B 548 -56.04 54.94 26.56
CA THR B 548 -56.57 53.87 25.71
C THR B 548 -57.63 54.39 24.75
N ALA B 549 -58.50 55.28 25.22
CA ALA B 549 -59.63 55.74 24.41
C ALA B 549 -59.34 57.03 23.65
N ILE B 550 -58.18 57.64 23.84
CA ILE B 550 -57.86 58.89 23.13
C ILE B 550 -57.58 58.66 21.65
N PRO B 551 -57.00 57.53 21.20
CA PRO B 551 -56.87 57.35 19.74
C PRO B 551 -58.19 57.35 19.02
N ILE B 552 -59.25 56.85 19.64
CA ILE B 552 -60.57 56.87 19.03
C ILE B 552 -61.04 58.30 18.80
N ALA B 553 -60.84 59.16 19.80
CA ALA B 553 -61.22 60.57 19.65
C ALA B 553 -60.40 61.26 18.57
N ALA B 554 -59.10 60.92 18.50
CA ALA B 554 -58.24 61.54 17.49
C ALA B 554 -58.68 61.17 16.08
N VAL B 555 -59.11 59.93 15.87
CA VAL B 555 -59.59 59.52 14.56
C VAL B 555 -60.85 60.28 14.18
N LEU B 556 -61.79 60.38 15.13
CA LEU B 556 -63.07 61.03 14.84
C LEU B 556 -62.88 62.51 14.55
N ILE B 557 -62.03 63.19 15.33
CA ILE B 557 -61.83 64.62 15.11
C ILE B 557 -61.11 64.90 13.80
N THR B 558 -60.47 63.89 13.21
CA THR B 558 -59.85 64.01 11.91
C THR B 558 -60.76 63.54 10.78
N PHE B 559 -61.58 62.52 11.04
CA PHE B 559 -62.42 61.96 9.99
C PHE B 559 -63.61 62.85 9.68
N VAL B 560 -64.47 63.10 10.67
CA VAL B 560 -65.68 63.89 10.44
C VAL B 560 -65.38 65.35 10.13
N GLY B 561 -64.15 65.80 10.37
CA GLY B 561 -63.77 67.16 10.05
C GLY B 561 -63.49 67.41 8.58
N HIS B 562 -63.51 66.37 7.76
CA HIS B 562 -63.30 66.53 6.33
C HIS B 562 -64.43 67.27 5.65
N VAL B 563 -65.63 67.24 6.24
CA VAL B 563 -66.77 67.98 5.68
C VAL B 563 -67.36 68.99 6.65
N SER B 564 -67.16 68.85 7.96
CA SER B 564 -67.72 69.81 8.91
C SER B 564 -67.07 71.19 8.75
N PHE B 565 -65.76 71.22 8.55
CA PHE B 565 -65.03 72.48 8.39
C PHE B 565 -64.05 72.49 7.24
N PHE B 566 -63.79 71.34 6.61
CA PHE B 566 -62.84 71.27 5.49
C PHE B 566 -63.55 71.38 4.14
N LYS B 567 -64.61 70.59 3.95
CA LYS B 567 -65.41 70.60 2.72
C LYS B 567 -64.54 70.32 1.49
N GLU B 568 -64.00 69.10 1.46
CA GLU B 568 -63.12 68.70 0.36
C GLU B 568 -63.59 67.41 -0.29
N SER B 569 -62.77 66.86 -1.16
CA SER B 569 -63.15 65.66 -1.93
C SER B 569 -63.26 64.45 -1.01
N ASP B 570 -63.92 63.42 -1.51
CA ASP B 570 -64.08 62.19 -0.76
C ASP B 570 -62.73 61.58 -0.44
N LEU B 571 -62.55 61.16 0.81
CA LEU B 571 -61.29 60.57 1.24
C LEU B 571 -61.12 59.19 0.63
N SER B 572 -59.89 58.91 0.19
CA SER B 572 -59.53 57.62 -0.37
C SER B 572 -59.08 56.66 0.74
N PRO B 573 -59.14 55.35 0.50
CA PRO B 573 -58.61 54.42 1.51
C PRO B 573 -57.15 54.66 1.83
N SER B 574 -56.36 55.07 0.84
CA SER B 574 -54.94 55.29 1.06
C SER B 574 -54.70 56.41 2.07
N VAL B 575 -55.35 57.55 1.87
CA VAL B 575 -55.12 58.68 2.77
C VAL B 575 -55.69 58.40 4.15
N ALA B 576 -56.78 57.62 4.24
CA ALA B 576 -57.36 57.30 5.53
C ALA B 576 -56.45 56.39 6.33
N PHE B 577 -55.96 55.31 5.72
CA PHE B 577 -55.13 54.36 6.43
C PHE B 577 -53.75 54.93 6.73
N ALA B 578 -53.20 55.75 5.83
CA ALA B 578 -51.91 56.36 6.07
C ALA B 578 -51.96 57.27 7.30
N SER B 579 -53.02 58.07 7.42
CA SER B 579 -53.18 58.89 8.62
C SER B 579 -53.49 58.03 9.83
N LEU B 580 -54.27 56.96 9.64
CA LEU B 580 -54.53 56.03 10.74
C LEU B 580 -53.24 55.37 11.20
N SER B 581 -52.39 54.94 10.25
CA SER B 581 -51.10 54.37 10.61
C SER B 581 -50.20 55.40 11.27
N LEU B 582 -50.20 56.64 10.75
CA LEU B 582 -49.40 57.69 11.36
C LEU B 582 -49.88 57.99 12.78
N PHE B 583 -51.20 58.01 12.99
CA PHE B 583 -51.73 58.21 14.33
C PHE B 583 -51.33 57.07 15.26
N HIS B 584 -51.38 55.84 14.75
CA HIS B 584 -51.06 54.68 15.59
C HIS B 584 -49.61 54.71 16.04
N ILE B 585 -48.70 55.12 15.17
CA ILE B 585 -47.28 55.16 15.50
C ILE B 585 -46.93 56.50 16.14
N LEU B 586 -47.94 57.29 16.44
CA LEU B 586 -47.74 58.57 17.11
C LEU B 586 -48.37 58.63 18.49
N VAL B 587 -49.49 57.95 18.71
CA VAL B 587 -50.11 57.94 20.04
C VAL B 587 -49.24 57.18 21.03
N THR B 588 -48.73 56.02 20.61
CA THR B 588 -47.87 55.24 21.50
C THR B 588 -46.63 56.00 21.97
N PRO B 589 -45.87 56.72 21.09
CA PRO B 589 -44.78 57.58 21.57
C PRO B 589 -45.25 58.89 22.19
N LEU B 590 -46.25 58.81 23.06
CA LEU B 590 -46.71 59.96 23.82
C LEU B 590 -46.74 59.64 25.30
N PHE B 591 -47.07 58.39 25.63
CA PHE B 591 -47.04 57.96 27.02
C PHE B 591 -45.64 58.05 27.59
N LEU B 592 -44.63 57.69 26.78
CA LEU B 592 -43.25 57.85 27.20
C LEU B 592 -42.89 59.31 27.38
N LEU B 593 -43.48 60.20 26.55
CA LEU B 593 -43.20 61.62 26.68
C LEU B 593 -43.64 62.13 28.04
N SER B 594 -44.83 61.73 28.50
CA SER B 594 -45.24 62.08 29.85
C SER B 594 -44.34 61.43 30.89
N SER B 595 -43.97 60.16 30.66
CA SER B 595 -43.11 59.45 31.60
C SER B 595 -41.72 60.08 31.65
N VAL B 596 -41.15 60.42 30.50
CA VAL B 596 -39.80 60.96 30.49
C VAL B 596 -39.77 62.35 31.14
N VAL B 597 -40.84 63.14 30.96
CA VAL B 597 -40.90 64.43 31.64
C VAL B 597 -40.95 64.24 33.14
N ARG B 598 -41.75 63.29 33.61
CA ARG B 598 -41.77 62.96 35.03
C ARG B 598 -40.42 62.42 35.48
N SER B 599 -39.77 61.63 34.63
CA SER B 599 -38.44 61.12 34.96
C SER B 599 -37.40 62.23 34.89
N THR B 600 -37.58 63.20 33.99
CA THR B 600 -36.62 64.28 33.84
C THR B 600 -36.56 65.14 35.11
N VAL B 601 -37.72 65.55 35.62
CA VAL B 601 -37.74 66.35 36.85
C VAL B 601 -37.30 65.50 38.03
N LYS B 602 -37.70 64.22 38.05
CA LYS B 602 -37.29 63.34 39.15
C LYS B 602 -35.77 63.16 39.17
N ALA B 603 -35.16 62.97 38.01
CA ALA B 603 -33.71 62.83 37.95
C ALA B 603 -33.02 64.15 38.27
N LEU B 604 -33.62 65.27 37.87
CA LEU B 604 -33.03 66.58 38.15
C LEU B 604 -32.95 66.82 39.66
N VAL B 605 -33.96 66.39 40.40
CA VAL B 605 -33.90 66.46 41.86
C VAL B 605 -32.81 65.52 42.38
N SER B 606 -32.73 64.31 41.83
CA SER B 606 -31.78 63.32 42.34
C SER B 606 -30.34 63.77 42.12
N VAL B 607 -30.05 64.34 40.94
CA VAL B 607 -28.69 64.81 40.69
C VAL B 607 -28.37 66.02 41.57
N LYS B 608 -29.36 66.89 41.80
CA LYS B 608 -29.17 67.98 42.75
C LYS B 608 -28.97 67.44 44.16
N LYS B 609 -29.73 66.41 44.53
CA LYS B 609 -29.55 65.78 45.84
C LYS B 609 -28.15 65.18 45.96
N LEU B 610 -27.68 64.51 44.92
CA LEU B 610 -26.32 63.97 44.95
C LEU B 610 -25.28 65.07 44.99
N SER B 611 -25.49 66.15 44.22
CA SER B 611 -24.53 67.24 44.19
C SER B 611 -24.42 67.93 45.54
N GLU B 612 -25.56 68.19 46.18
CA GLU B 612 -25.53 68.85 47.48
C GLU B 612 -24.98 67.94 48.57
N PHE B 613 -25.22 66.64 48.45
CA PHE B 613 -24.67 65.67 49.40
C PHE B 613 -23.26 65.23 49.03
N LEU B 614 -22.74 65.66 47.88
CA LEU B 614 -21.38 65.33 47.50
C LEU B 614 -20.38 65.95 48.47
N SER B 615 -20.63 67.18 48.90
CA SER B 615 -19.75 67.87 49.83
C SER B 615 -20.37 67.93 51.23
N ASN B 676 8.42 56.16 67.87
CA ASN B 676 8.34 56.86 69.14
C ASN B 676 7.19 56.32 69.99
N PHE B 677 6.56 57.21 70.76
CA PHE B 677 5.43 56.80 71.58
C PHE B 677 4.23 56.45 70.71
N CYS B 678 3.57 55.33 71.02
CA CYS B 678 2.42 54.91 70.23
C CYS B 678 1.28 55.93 70.34
N VAL B 679 1.03 56.45 71.53
CA VAL B 679 0.01 57.45 71.76
C VAL B 679 0.72 58.68 72.34
N GLN B 680 1.12 59.59 71.46
CA GLN B 680 1.80 60.82 71.86
C GLN B 680 1.04 62.01 71.25
N ILE B 681 0.69 62.97 72.09
CA ILE B 681 -0.08 64.14 71.69
C ILE B 681 0.66 65.39 72.15
N ILE B 682 0.83 66.34 71.23
CA ILE B 682 1.53 67.59 71.53
C ILE B 682 0.52 68.69 71.82
N GLY B 683 -0.27 69.04 70.81
CA GLY B 683 -1.27 70.07 70.97
C GLY B 683 -2.62 69.56 71.45
N GLY B 684 -3.17 68.60 70.71
CA GLY B 684 -4.45 68.00 71.08
C GLY B 684 -5.62 68.96 71.04
N PHE B 685 -5.60 69.92 70.12
CA PHE B 685 -6.72 70.85 69.96
C PHE B 685 -7.73 70.36 68.94
N PHE B 686 -8.22 69.14 69.15
CA PHE B 686 -9.16 68.54 68.20
C PHE B 686 -10.53 69.21 68.29
N THR B 687 -11.20 69.28 67.15
CA THR B 687 -12.54 69.87 67.08
C THR B 687 -13.34 69.15 66.02
N TRP B 688 -14.67 69.14 66.20
CA TRP B 688 -15.56 68.55 65.23
C TRP B 688 -16.05 69.55 64.20
N THR B 689 -16.22 70.80 64.59
CA THR B 689 -16.54 71.85 63.62
C THR B 689 -15.36 72.05 62.68
N PRO B 690 -15.59 72.17 61.37
CA PRO B 690 -14.46 72.36 60.44
C PRO B 690 -13.64 73.61 60.74
N ASP B 691 -14.27 74.67 61.22
CA ASP B 691 -13.59 75.95 61.48
C ASP B 691 -13.82 76.35 62.93
N GLY B 692 -12.77 76.25 63.75
CA GLY B 692 -12.83 76.72 65.12
C GLY B 692 -13.67 75.84 66.04
N ILE B 693 -14.02 76.43 67.18
CA ILE B 693 -14.81 75.78 68.23
C ILE B 693 -14.10 74.51 68.70
N PRO B 694 -12.93 74.60 69.35
CA PRO B 694 -12.25 73.39 69.82
C PRO B 694 -12.97 72.80 71.02
N THR B 695 -13.47 71.58 70.87
CA THR B 695 -14.10 70.87 71.98
C THR B 695 -13.10 70.36 73.00
N LEU B 696 -11.82 70.30 72.64
CA LEU B 696 -10.77 69.88 73.55
C LEU B 696 -9.46 70.49 73.09
N SER B 697 -8.56 70.74 74.03
CA SER B 697 -7.28 71.36 73.72
C SER B 697 -6.30 71.09 74.85
N ASN B 698 -5.05 71.46 74.62
CA ASN B 698 -3.98 71.35 75.62
C ASN B 698 -3.80 69.93 76.11
N ILE B 699 -3.87 68.97 75.19
CA ILE B 699 -3.66 67.57 75.51
C ILE B 699 -2.18 67.25 75.35
N THR B 700 -1.59 66.65 76.38
CA THR B 700 -0.16 66.32 76.38
C THR B 700 0.02 64.97 77.04
N ILE B 701 0.16 63.92 76.22
CA ILE B 701 0.42 62.57 76.70
C ILE B 701 1.50 61.95 75.84
N ARG B 702 2.12 60.89 76.37
CA ARG B 702 3.18 60.18 75.65
C ARG B 702 3.17 58.73 76.13
N ILE B 703 2.58 57.85 75.34
CA ILE B 703 2.46 56.43 75.68
C ILE B 703 3.36 55.65 74.74
N PRO B 704 4.48 55.13 75.21
CA PRO B 704 5.37 54.34 74.35
C PRO B 704 4.81 52.93 74.13
N ARG B 705 5.59 52.12 73.42
CA ARG B 705 5.17 50.77 73.09
C ARG B 705 5.12 49.90 74.34
N GLY B 706 4.25 48.89 74.31
CA GLY B 706 4.11 47.98 75.43
C GLY B 706 3.64 48.64 76.71
N GLN B 707 2.68 49.56 76.59
CA GLN B 707 2.18 50.33 77.74
C GLN B 707 0.66 50.21 77.77
N LEU B 708 0.15 49.31 78.62
CA LEU B 708 -1.28 49.15 78.82
C LEU B 708 -1.79 50.35 79.60
N THR B 709 -2.42 51.29 78.91
CA THR B 709 -2.87 52.55 79.50
C THR B 709 -4.37 52.68 79.30
N MET B 710 -5.13 52.14 80.25
CA MET B 710 -6.58 52.29 80.22
C MET B 710 -6.97 53.72 80.55
N ILE B 711 -8.07 54.18 79.97
CA ILE B 711 -8.56 55.54 80.14
C ILE B 711 -9.78 55.52 81.05
N VAL B 712 -9.75 56.36 82.07
CA VAL B 712 -10.83 56.45 83.04
C VAL B 712 -11.18 57.93 83.25
N GLY B 713 -12.37 58.15 83.78
CA GLY B 713 -12.83 59.50 84.03
C GLY B 713 -14.27 59.49 84.52
N GLN B 714 -14.83 60.70 84.63
CA GLN B 714 -16.21 60.86 85.06
C GLN B 714 -17.13 60.65 83.86
N VAL B 715 -18.43 60.88 84.05
CA VAL B 715 -19.41 60.64 83.00
C VAL B 715 -19.42 61.82 82.05
N GLY B 716 -19.26 61.52 80.76
CA GLY B 716 -19.35 62.55 79.73
C GLY B 716 -18.21 63.52 79.68
N CYS B 717 -17.04 63.16 80.23
CA CYS B 717 -15.90 64.07 80.24
C CYS B 717 -15.03 63.91 79.00
N GLY B 718 -15.66 63.97 77.83
CA GLY B 718 -14.94 63.93 76.58
C GLY B 718 -14.11 62.68 76.36
N LYS B 719 -14.48 61.57 77.00
CA LYS B 719 -13.72 60.33 76.82
C LYS B 719 -13.81 59.83 75.39
N SER B 720 -15.00 59.87 74.80
CA SER B 720 -15.14 59.46 73.40
C SER B 720 -14.43 60.42 72.46
N SER B 721 -14.54 61.73 72.72
CA SER B 721 -13.90 62.71 71.85
C SER B 721 -12.39 62.57 71.89
N LEU B 722 -11.82 62.34 73.07
CA LEU B 722 -10.38 62.11 73.16
C LEU B 722 -9.98 60.84 72.42
N LEU B 723 -10.78 59.79 72.53
CA LEU B 723 -10.47 58.54 71.84
C LEU B 723 -10.52 58.73 70.32
N LEU B 724 -11.54 59.43 69.83
CA LEU B 724 -11.64 59.70 68.41
C LEU B 724 -10.49 60.58 67.94
N ALA B 725 -10.11 61.58 68.74
CA ALA B 725 -8.98 62.43 68.40
C ALA B 725 -7.69 61.62 68.34
N THR B 726 -7.54 60.65 69.23
CA THR B 726 -6.37 59.77 69.19
C THR B 726 -6.33 58.98 67.88
N LEU B 727 -7.48 58.44 67.46
CA LEU B 727 -7.53 57.73 66.19
C LEU B 727 -7.26 58.67 65.02
N GLY B 728 -7.81 59.87 65.07
CA GLY B 728 -7.61 60.85 64.01
C GLY B 728 -8.90 61.26 63.32
N GLU B 729 -10.04 61.00 63.97
CA GLU B 729 -11.33 61.32 63.41
C GLU B 729 -11.82 62.72 63.76
N MET B 730 -11.02 63.50 64.51
CA MET B 730 -11.38 64.85 64.89
C MET B 730 -10.38 65.83 64.30
N GLN B 731 -10.88 67.00 63.90
CA GLN B 731 -10.05 68.01 63.26
C GLN B 731 -9.24 68.75 64.33
N LYS B 732 -7.94 68.52 64.35
CA LYS B 732 -7.06 69.22 65.27
C LYS B 732 -6.81 70.65 64.80
N VAL B 733 -6.56 71.54 65.76
CA VAL B 733 -6.35 72.96 65.50
C VAL B 733 -4.92 73.38 65.79
N SER B 734 -4.38 72.99 66.95
CA SER B 734 -3.03 73.40 67.32
C SER B 734 -2.00 72.83 66.35
N GLY B 735 -2.15 71.57 65.98
CA GLY B 735 -1.23 70.96 65.04
C GLY B 735 -1.28 69.45 65.15
N ALA B 736 -0.49 68.81 64.29
CA ALA B 736 -0.41 67.35 64.28
C ALA B 736 0.25 66.84 65.55
N VAL B 737 -0.33 65.78 66.12
CA VAL B 737 0.23 65.18 67.33
C VAL B 737 1.47 64.37 67.06
N PHE B 738 1.81 64.14 65.79
CA PHE B 738 3.00 63.39 65.35
C PHE B 738 2.84 61.91 65.65
N TRP B 739 3.30 61.06 64.72
CA TRP B 739 3.19 59.63 64.91
C TRP B 739 4.40 58.95 64.26
N ASN B 740 4.67 57.73 64.70
CA ASN B 740 5.76 56.93 64.16
C ASN B 740 5.36 55.46 64.19
N SER B 741 6.05 54.67 63.38
CA SER B 741 5.76 53.24 63.31
C SER B 741 5.97 52.59 64.67
N ASN B 742 5.05 51.71 65.05
CA ASN B 742 5.13 51.07 66.36
C ASN B 742 6.38 50.19 66.48
N LEU B 743 6.69 49.44 65.44
CA LEU B 743 7.84 48.55 65.46
C LEU B 743 8.22 48.09 64.06
N SER B 766 3.94 58.60 59.47
CA SER B 766 4.58 57.29 59.34
C SER B 766 3.69 56.19 59.88
N ARG B 767 2.48 56.55 60.29
CA ARG B 767 1.53 55.60 60.86
C ARG B 767 0.13 56.18 60.68
N GLY B 768 -0.84 55.63 61.41
CA GLY B 768 -2.22 56.02 61.28
C GLY B 768 -3.22 54.87 61.32
N PRO B 769 -2.86 53.70 60.76
CA PRO B 769 -3.71 52.52 60.98
C PRO B 769 -3.60 52.01 62.41
N VAL B 770 -4.64 52.26 63.20
CA VAL B 770 -4.68 51.88 64.61
C VAL B 770 -6.04 51.28 64.92
N ALA B 771 -6.06 50.15 65.64
CA ALA B 771 -7.32 49.52 65.99
C ALA B 771 -8.12 50.41 66.92
N TYR B 772 -9.44 50.40 66.72
CA TYR B 772 -10.34 51.28 67.46
C TYR B 772 -11.76 50.75 67.30
N ALA B 773 -12.55 50.92 68.36
CA ALA B 773 -13.90 50.36 68.36
C ALA B 773 -14.95 51.40 68.75
N SER B 774 -14.55 52.40 69.54
CA SER B 774 -15.45 53.45 70.02
C SER B 774 -16.64 52.87 70.76
N GLN B 775 -17.70 53.67 70.90
CA GLN B 775 -18.90 53.25 71.61
C GLN B 775 -19.86 52.54 70.66
N LYS B 776 -20.82 51.82 71.26
CA LYS B 776 -21.89 51.09 70.59
C LYS B 776 -21.33 49.90 69.82
N PRO B 777 -22.07 48.78 69.76
CA PRO B 777 -21.60 47.61 69.00
C PRO B 777 -21.86 47.78 67.51
N TRP B 778 -20.81 47.60 66.71
CA TRP B 778 -20.92 47.61 65.26
C TRP B 778 -20.90 46.16 64.79
N LEU B 779 -22.07 45.64 64.43
CA LEU B 779 -22.25 44.23 64.11
C LEU B 779 -22.40 44.06 62.61
N LEU B 780 -21.64 43.13 62.04
CA LEU B 780 -21.79 42.78 60.64
C LEU B 780 -23.01 41.88 60.48
N ASN B 781 -23.92 42.26 59.57
CA ASN B 781 -25.14 41.49 59.37
C ASN B 781 -24.84 40.20 58.61
N ALA B 782 -24.11 39.30 59.25
CA ALA B 782 -23.71 38.03 58.65
C ALA B 782 -23.62 37.01 59.77
N THR B 783 -22.95 35.88 59.49
CA THR B 783 -22.77 34.86 60.51
C THR B 783 -21.89 35.37 61.64
N VAL B 784 -22.14 34.85 62.84
CA VAL B 784 -21.40 35.29 64.02
C VAL B 784 -19.92 34.93 63.88
N GLU B 785 -19.63 33.73 63.38
CA GLU B 785 -18.24 33.29 63.24
C GLU B 785 -17.46 34.21 62.30
N GLU B 786 -18.07 34.59 61.17
CA GLU B 786 -17.41 35.53 60.27
C GLU B 786 -17.25 36.90 60.91
N ASN B 787 -18.21 37.28 61.76
CA ASN B 787 -18.10 38.55 62.48
C ASN B 787 -16.89 38.55 63.40
N ILE B 788 -16.64 37.43 64.08
CA ILE B 788 -15.50 37.35 65.00
C ILE B 788 -14.18 37.47 64.24
N THR B 789 -14.06 36.74 63.13
CA THR B 789 -12.81 36.75 62.37
C THR B 789 -12.51 38.13 61.80
N PHE B 790 -13.48 38.70 61.08
CA PHE B 790 -13.38 40.05 60.52
C PHE B 790 -12.12 40.17 59.65
N GLU B 791 -12.13 39.41 58.56
CA GLU B 791 -11.06 39.42 57.56
C GLU B 791 -9.71 39.10 58.19
N SER B 792 -9.67 38.03 59.00
CA SER B 792 -8.46 37.57 59.65
C SER B 792 -8.33 36.07 59.48
N PRO B 793 -7.10 35.55 59.47
CA PRO B 793 -6.92 34.10 59.33
C PRO B 793 -7.57 33.34 60.47
N PHE B 794 -8.11 32.17 60.15
CA PHE B 794 -8.86 31.35 61.10
C PHE B 794 -7.92 30.29 61.68
N ASN B 795 -7.70 30.35 62.99
CA ASN B 795 -6.96 29.34 63.72
C ASN B 795 -7.86 28.73 64.79
N LYS B 796 -7.96 27.41 64.80
CA LYS B 796 -8.85 26.74 65.74
C LYS B 796 -8.46 27.02 67.18
N GLN B 797 -7.16 26.95 67.48
CA GLN B 797 -6.69 27.25 68.82
C GLN B 797 -6.94 28.70 69.18
N ARG B 798 -6.63 29.63 68.26
CA ARG B 798 -6.87 31.04 68.52
C ARG B 798 -8.35 31.34 68.66
N TYR B 799 -9.19 30.74 67.80
CA TYR B 799 -10.63 30.96 67.91
C TYR B 799 -11.17 30.40 69.22
N LYS B 800 -10.70 29.21 69.61
CA LYS B 800 -11.15 28.62 70.87
C LYS B 800 -10.66 29.43 72.06
N MET B 801 -9.44 29.98 71.97
CA MET B 801 -8.93 30.81 73.05
C MET B 801 -9.77 32.08 73.21
N VAL B 802 -10.15 32.70 72.10
CA VAL B 802 -10.93 33.94 72.17
C VAL B 802 -12.34 33.65 72.67
N ILE B 803 -12.97 32.60 72.14
CA ILE B 803 -14.34 32.27 72.57
C ILE B 803 -14.36 31.86 74.03
N GLU B 804 -13.25 31.32 74.54
CA GLU B 804 -13.17 31.03 75.97
C GLU B 804 -13.05 32.31 76.77
N ALA B 805 -12.22 33.25 76.33
CA ALA B 805 -12.13 34.54 76.99
C ALA B 805 -13.41 35.34 76.86
N CYS B 806 -14.04 35.30 75.68
CA CYS B 806 -15.31 35.99 75.48
C CYS B 806 -16.47 35.25 76.12
N SER B 807 -16.29 33.98 76.49
CA SER B 807 -17.34 33.16 77.08
C SER B 807 -18.59 33.13 76.20
N LEU B 808 -18.36 33.01 74.89
CA LEU B 808 -19.45 32.99 73.92
C LEU B 808 -19.98 31.59 73.67
N GLN B 809 -19.48 30.59 74.39
CA GLN B 809 -19.99 29.23 74.23
C GLN B 809 -21.49 29.12 74.53
N PRO B 810 -22.03 29.69 75.62
CA PRO B 810 -23.48 29.62 75.80
C PRO B 810 -24.27 30.31 74.70
N ASP B 811 -23.73 31.40 74.15
CA ASP B 811 -24.45 32.13 73.10
C ASP B 811 -24.58 31.28 71.84
N ILE B 812 -23.51 30.59 71.45
CA ILE B 812 -23.56 29.76 70.25
C ILE B 812 -24.45 28.54 70.47
N ASP B 813 -24.33 27.90 71.64
CA ASP B 813 -25.12 26.71 71.92
C ASP B 813 -26.60 27.03 71.98
N ILE B 814 -26.96 28.17 72.57
CA ILE B 814 -28.37 28.53 72.70
C ILE B 814 -29.02 28.72 71.34
N LEU B 815 -28.32 29.37 70.43
CA LEU B 815 -28.86 29.59 69.09
C LEU B 815 -28.98 28.27 68.34
N PRO B 816 -30.13 27.99 67.72
CA PRO B 816 -30.27 26.72 66.99
C PRO B 816 -29.29 26.58 65.84
N HIS B 817 -28.93 27.68 65.17
CA HIS B 817 -27.97 27.66 64.09
C HIS B 817 -26.54 27.93 64.55
N GLY B 818 -26.33 28.07 65.86
CA GLY B 818 -24.99 28.30 66.35
C GLY B 818 -24.49 29.67 65.97
N ASP B 819 -23.19 29.76 65.67
CA ASP B 819 -22.56 31.01 65.27
C ASP B 819 -22.74 31.33 63.79
N GLN B 820 -23.64 30.63 63.10
CA GLN B 820 -23.98 30.93 61.72
C GLN B 820 -25.21 31.80 61.59
N THR B 821 -25.80 32.23 62.70
CA THR B 821 -26.97 33.10 62.65
C THR B 821 -26.60 34.48 62.12
N GLN B 822 -27.55 35.12 61.45
CA GLN B 822 -27.34 36.48 60.95
C GLN B 822 -27.39 37.45 62.12
N ILE B 823 -26.23 37.74 62.71
CA ILE B 823 -26.16 38.61 63.88
C ILE B 823 -26.25 40.07 63.44
N GLY B 824 -27.12 40.83 64.08
CA GLY B 824 -27.30 42.22 63.73
C GLY B 824 -28.62 42.51 63.08
N GLU B 825 -28.67 43.52 62.22
CA GLU B 825 -29.90 43.87 61.52
C GLU B 825 -30.23 42.81 60.48
N ARG B 826 -31.52 42.74 60.13
CA ARG B 826 -32.04 41.77 59.16
C ARG B 826 -31.68 40.34 59.54
N GLY B 827 -31.82 40.03 60.83
CA GLY B 827 -31.52 38.70 61.31
C GLY B 827 -32.01 38.45 62.73
N ILE B 828 -31.24 37.71 63.51
CA ILE B 828 -31.61 37.40 64.89
C ILE B 828 -31.18 38.54 65.79
N ASN B 829 -32.12 39.02 66.60
CA ASN B 829 -31.85 40.11 67.55
C ASN B 829 -31.43 39.52 68.88
N LEU B 830 -30.30 39.96 69.40
CA LEU B 830 -29.71 39.47 70.64
C LEU B 830 -29.67 40.59 71.68
N SER B 831 -29.11 40.27 72.83
CA SER B 831 -28.99 41.25 73.91
C SER B 831 -27.90 42.27 73.60
N GLY B 832 -28.04 43.45 74.19
CA GLY B 832 -27.03 44.48 74.01
C GLY B 832 -25.68 44.08 74.58
N GLY B 833 -25.68 43.43 75.75
CA GLY B 833 -24.43 42.97 76.33
C GLY B 833 -23.75 41.92 75.47
N GLN B 834 -24.54 40.99 74.91
CA GLN B 834 -23.97 39.98 74.02
C GLN B 834 -23.39 40.63 72.76
N ARG B 835 -24.04 41.68 72.27
CA ARG B 835 -23.51 42.40 71.10
C ARG B 835 -22.16 43.03 71.42
N GLN B 836 -22.01 43.60 72.61
CA GLN B 836 -20.73 44.18 73.00
C GLN B 836 -19.64 43.12 73.10
N ARG B 837 -19.98 41.95 73.66
CA ARG B 837 -19.00 40.89 73.82
C ARG B 837 -18.45 40.43 72.47
N ILE B 838 -19.34 40.31 71.48
CA ILE B 838 -18.88 39.98 70.13
C ILE B 838 -18.03 41.10 69.56
N SER B 839 -18.45 42.36 69.79
CA SER B 839 -17.74 43.49 69.22
C SER B 839 -16.32 43.61 69.78
N VAL B 840 -16.19 43.53 71.11
CA VAL B 840 -14.87 43.68 71.72
C VAL B 840 -13.96 42.51 71.36
N ALA B 841 -14.53 41.30 71.29
CA ALA B 841 -13.73 40.14 70.91
C ALA B 841 -13.28 40.22 69.45
N ARG B 842 -14.04 40.91 68.61
CA ARG B 842 -13.63 41.07 67.21
C ARG B 842 -12.31 41.82 67.11
N ALA B 843 -12.18 42.92 67.86
CA ALA B 843 -10.93 43.69 67.84
C ALA B 843 -9.78 42.89 68.44
N LEU B 844 -10.04 42.17 69.53
CA LEU B 844 -8.98 41.41 70.19
C LEU B 844 -8.45 40.28 69.31
N TYR B 845 -9.35 39.61 68.58
CA TYR B 845 -8.94 38.49 67.74
C TYR B 845 -8.05 38.95 66.59
N GLN B 846 -8.07 40.24 66.25
CA GLN B 846 -7.26 40.74 65.14
C GLN B 846 -5.76 40.61 65.41
N GLN B 847 -5.35 40.52 66.67
CA GLN B 847 -3.94 40.37 67.05
C GLN B 847 -3.10 41.50 66.48
N THR B 848 -3.40 42.71 66.94
CA THR B 848 -2.67 43.91 66.54
C THR B 848 -1.81 44.42 67.69
N ASN B 849 -0.85 45.26 67.34
CA ASN B 849 0.06 45.82 68.33
C ASN B 849 -0.59 46.89 69.20
N VAL B 850 -1.70 47.48 68.75
CA VAL B 850 -2.43 48.48 69.50
C VAL B 850 -3.90 48.13 69.49
N VAL B 851 -4.55 48.21 70.64
CA VAL B 851 -5.98 47.91 70.77
C VAL B 851 -6.63 49.05 71.54
N PHE B 852 -7.70 49.61 70.97
CA PHE B 852 -8.50 50.64 71.62
C PHE B 852 -9.90 50.08 71.89
N LEU B 853 -10.36 50.20 73.13
CA LEU B 853 -11.66 49.69 73.53
C LEU B 853 -12.41 50.76 74.33
N ASP B 854 -13.73 50.69 74.26
CA ASP B 854 -14.60 51.64 74.95
C ASP B 854 -15.71 50.88 75.65
N ASP B 855 -15.79 51.03 76.96
CA ASP B 855 -16.81 50.40 77.78
C ASP B 855 -16.93 48.89 77.53
N PRO B 856 -15.87 48.11 77.78
CA PRO B 856 -15.99 46.66 77.61
C PRO B 856 -16.86 46.01 78.66
N PHE B 857 -16.71 46.40 79.93
CA PHE B 857 -17.50 45.84 81.01
C PHE B 857 -18.72 46.69 81.37
N SER B 858 -18.77 47.94 80.91
CA SER B 858 -19.91 48.80 81.21
C SER B 858 -21.19 48.27 80.57
N ALA B 859 -21.08 47.77 79.33
CA ALA B 859 -22.26 47.27 78.63
C ALA B 859 -22.85 46.05 79.33
N LEU B 860 -22.00 45.15 79.81
CA LEU B 860 -22.45 43.96 80.54
C LEU B 860 -21.51 43.77 81.72
N ASP B 861 -22.05 43.92 82.94
CA ASP B 861 -21.27 43.80 84.17
C ASP B 861 -21.38 42.43 84.81
N VAL B 862 -21.54 41.38 84.00
CA VAL B 862 -21.58 40.02 84.53
C VAL B 862 -20.18 39.63 84.97
N HIS B 863 -20.06 39.18 86.23
CA HIS B 863 -18.75 38.84 86.78
C HIS B 863 -18.10 37.68 86.03
N LEU B 864 -18.89 36.66 85.70
CA LEU B 864 -18.33 35.48 85.03
C LEU B 864 -17.76 35.83 83.66
N SER B 865 -18.47 36.64 82.88
CA SER B 865 -17.99 37.00 81.56
C SER B 865 -16.81 37.96 81.63
N ASP B 866 -16.92 38.99 82.48
CA ASP B 866 -15.88 40.02 82.54
C ASP B 866 -14.57 39.47 83.08
N HIS B 867 -14.62 38.67 84.14
CA HIS B 867 -13.40 38.19 84.77
C HIS B 867 -12.56 37.34 83.82
N LEU B 868 -13.20 36.42 83.11
CA LEU B 868 -12.49 35.62 82.12
C LEU B 868 -11.97 36.49 80.99
N MET B 869 -12.78 37.46 80.53
CA MET B 869 -12.30 38.40 79.52
C MET B 869 -11.17 39.25 80.06
N GLN B 870 -11.27 39.70 81.31
CA GLN B 870 -10.18 40.44 81.93
C GLN B 870 -8.93 39.60 82.04
N ALA B 871 -9.07 38.34 82.45
CA ALA B 871 -7.92 37.45 82.52
C ALA B 871 -7.35 37.19 81.13
N GLY B 872 -8.23 36.99 80.14
CA GLY B 872 -7.75 36.77 78.78
C GLY B 872 -7.07 37.99 78.19
N ILE B 873 -7.59 39.18 78.50
CA ILE B 873 -7.02 40.41 77.94
C ILE B 873 -5.61 40.65 78.47
N LEU B 874 -5.44 40.52 79.80
CA LEU B 874 -4.12 40.77 80.39
C LEU B 874 -3.09 39.75 79.92
N GLU B 875 -3.49 38.47 79.89
CA GLU B 875 -2.56 37.42 79.46
C GLU B 875 -2.18 37.58 78.00
N LEU B 876 -3.17 37.87 77.14
CA LEU B 876 -2.88 38.02 75.71
C LEU B 876 -1.98 39.23 75.46
N LEU B 877 -2.26 40.34 76.13
CA LEU B 877 -1.41 41.52 75.97
C LEU B 877 0.00 41.27 76.48
N ARG B 878 0.13 40.58 77.61
CA ARG B 878 1.45 40.30 78.17
C ARG B 878 2.28 39.44 77.23
N ASP B 879 1.67 38.39 76.65
CA ASP B 879 2.39 37.53 75.73
C ASP B 879 2.79 38.27 74.47
N ASP B 880 1.88 39.09 73.92
CA ASP B 880 2.16 39.82 72.69
C ASP B 880 2.94 41.10 72.90
N LYS B 881 3.05 41.57 74.15
CA LYS B 881 3.77 42.80 74.47
C LYS B 881 3.24 43.98 73.65
N ARG B 882 1.92 44.03 73.49
CA ARG B 882 1.26 45.04 72.68
C ARG B 882 0.73 46.16 73.57
N THR B 883 0.17 47.19 72.93
CA THR B 883 -0.39 48.34 73.62
C THR B 883 -1.90 48.22 73.69
N VAL B 884 -2.46 48.45 74.87
CA VAL B 884 -3.89 48.35 75.10
C VAL B 884 -4.37 49.62 75.80
N VAL B 885 -5.45 50.21 75.27
CA VAL B 885 -6.09 51.37 75.88
C VAL B 885 -7.58 51.06 75.99
N LEU B 886 -8.12 51.16 77.20
CA LEU B 886 -9.53 50.84 77.46
C LEU B 886 -10.20 51.99 78.18
N VAL B 887 -11.37 52.38 77.68
CA VAL B 887 -12.19 53.42 78.29
C VAL B 887 -13.39 52.75 78.93
N THR B 888 -13.45 52.80 80.26
CA THR B 888 -14.53 52.12 80.98
C THR B 888 -14.70 52.76 82.35
N HIS B 889 -15.85 52.48 82.96
CA HIS B 889 -16.15 52.91 84.32
C HIS B 889 -16.11 51.75 85.31
N LYS B 890 -15.51 50.63 84.91
CA LYS B 890 -15.44 49.45 85.78
C LYS B 890 -14.35 49.64 86.82
N LEU B 891 -14.72 49.55 88.09
CA LEU B 891 -13.78 49.70 89.19
C LEU B 891 -13.15 48.38 89.61
N GLN B 892 -13.51 47.27 88.96
CA GLN B 892 -12.91 45.98 89.31
C GLN B 892 -11.42 45.98 89.05
N TYR B 893 -10.99 46.56 87.93
CA TYR B 893 -9.58 46.65 87.59
C TYR B 893 -9.17 48.09 87.32
N LEU B 894 -9.85 49.04 87.97
CA LEU B 894 -9.46 50.44 87.84
C LEU B 894 -8.04 50.70 88.31
N PRO B 895 -7.59 50.21 89.48
CA PRO B 895 -6.17 50.36 89.82
C PRO B 895 -5.36 49.16 89.35
N HIS B 896 -4.20 49.47 88.76
CA HIS B 896 -3.32 48.43 88.24
C HIS B 896 -1.91 48.96 88.19
N ALA B 897 -0.95 48.03 88.16
CA ALA B 897 0.45 48.42 88.05
C ALA B 897 0.73 49.09 86.71
N ASP B 898 -0.07 48.81 85.69
CA ASP B 898 0.11 49.42 84.40
C ASP B 898 -0.29 50.89 84.44
N TRP B 899 0.05 51.60 83.36
CA TRP B 899 -0.25 53.03 83.28
C TRP B 899 -1.75 53.27 83.25
N ILE B 900 -2.18 54.37 83.87
CA ILE B 900 -3.57 54.79 83.89
C ILE B 900 -3.63 56.27 83.56
N ILE B 901 -4.61 56.66 82.75
CA ILE B 901 -4.80 58.04 82.34
C ILE B 901 -6.21 58.47 82.73
N ALA B 902 -6.32 59.64 83.37
CA ALA B 902 -7.59 60.18 83.81
C ALA B 902 -8.01 61.32 82.89
N MET B 903 -9.24 61.25 82.39
CA MET B 903 -9.78 62.25 81.48
C MET B 903 -10.94 62.97 82.14
N LYS B 904 -10.90 64.30 82.14
CA LYS B 904 -11.96 65.10 82.71
C LYS B 904 -11.92 66.49 82.10
N ASP B 905 -13.10 67.03 81.79
CA ASP B 905 -13.25 68.37 81.21
C ASP B 905 -12.45 68.52 79.93
N GLY B 906 -12.44 67.47 79.11
CA GLY B 906 -11.73 67.51 77.84
C GLY B 906 -10.24 67.67 77.95
N THR B 907 -9.63 67.12 78.99
CA THR B 907 -8.18 67.13 79.14
C THR B 907 -7.77 65.98 80.04
N ILE B 908 -6.50 65.62 79.97
CA ILE B 908 -5.94 64.51 80.72
C ILE B 908 -4.89 65.05 81.68
N GLN B 909 -5.06 64.76 82.97
CA GLN B 909 -4.10 65.22 83.98
C GLN B 909 -2.74 64.56 83.80
N ARG B 910 -2.72 63.24 83.70
CA ARG B 910 -1.48 62.51 83.53
C ARG B 910 -1.80 61.08 83.08
N GLU B 911 -0.81 60.46 82.43
CA GLU B 911 -0.90 59.06 82.00
C GLU B 911 0.35 58.37 82.50
N GLY B 912 0.30 57.89 83.74
CA GLY B 912 1.46 57.30 84.39
C GLY B 912 1.05 56.20 85.35
N THR B 913 1.92 55.95 86.32
CA THR B 913 1.72 54.84 87.26
C THR B 913 0.54 55.11 88.19
N LEU B 914 0.07 54.04 88.82
CA LEU B 914 -1.04 54.13 89.78
C LEU B 914 -0.68 54.92 91.02
N LYS B 915 0.61 55.16 91.28
CA LYS B 915 1.01 55.97 92.42
C LYS B 915 0.54 57.41 92.30
N ASP B 916 0.22 57.87 91.08
CA ASP B 916 -0.32 59.21 90.90
C ASP B 916 -1.67 59.36 91.58
N PHE B 917 -2.43 58.28 91.70
CA PHE B 917 -3.69 58.33 92.42
C PHE B 917 -3.47 58.68 93.89
N GLN B 918 -2.46 58.07 94.51
CA GLN B 918 -2.06 58.49 95.85
C GLN B 918 -1.51 59.90 95.84
N ARG B 919 -0.73 60.25 94.80
CA ARG B 919 -0.22 61.60 94.68
C ARG B 919 -1.34 62.60 94.49
N SER B 920 -2.38 62.23 93.76
CA SER B 920 -3.53 63.10 93.57
C SER B 920 -4.23 63.35 94.90
N GLU B 921 -4.84 64.53 95.03
CA GLU B 921 -5.51 64.89 96.27
C GLU B 921 -6.67 63.93 96.57
N CYS B 922 -7.45 63.57 95.55
CA CYS B 922 -8.57 62.66 95.69
C CYS B 922 -8.16 61.28 95.21
N GLN B 923 -8.31 60.27 96.06
CA GLN B 923 -7.98 58.89 95.71
C GLN B 923 -9.22 58.17 95.17
N LEU B 924 -9.76 58.73 94.09
CA LEU B 924 -10.97 58.22 93.45
C LEU B 924 -12.12 58.12 94.43
N PHE B 925 -12.24 59.13 95.30
CA PHE B 925 -13.27 59.17 96.35
C PHE B 925 -13.21 57.91 97.21
N GLU B 926 -11.99 57.49 97.55
CA GLU B 926 -11.75 56.28 98.34
C GLU B 926 -12.38 55.06 97.67
N HIS B 927 -12.24 54.98 96.35
CA HIS B 927 -12.78 53.89 95.54
C HIS B 927 -14.28 53.71 95.75
N PRO B 997 -46.69 26.80 37.02
CA PRO B 997 -47.04 28.22 36.96
C PRO B 997 -48.45 28.46 36.39
N TRP B 998 -49.21 29.33 37.04
CA TRP B 998 -50.54 29.76 36.59
C TRP B 998 -51.57 28.65 36.76
N ARG B 999 -51.13 27.44 37.11
CA ARG B 999 -52.07 26.35 37.35
C ARG B 999 -52.92 26.63 38.58
N ALA B 1000 -52.31 27.17 39.64
CA ALA B 1000 -53.04 27.58 40.83
C ALA B 1000 -53.81 28.88 40.63
N CYS B 1001 -53.59 29.59 39.53
CA CYS B 1001 -54.31 30.82 39.24
C CYS B 1001 -55.75 30.57 38.80
N THR B 1002 -56.14 29.30 38.62
CA THR B 1002 -57.54 28.99 38.36
C THR B 1002 -58.42 29.43 39.51
N LYS B 1003 -57.86 29.52 40.72
CA LYS B 1003 -58.53 30.09 41.87
C LYS B 1003 -58.49 31.61 41.78
N TYR B 1004 -58.73 32.30 42.90
CA TYR B 1004 -58.72 33.75 43.03
C TYR B 1004 -59.94 34.39 42.39
N LEU B 1005 -60.76 33.62 41.67
CA LEU B 1005 -62.02 34.15 41.14
C LEU B 1005 -63.06 34.35 42.23
N SER B 1006 -62.86 33.74 43.41
CA SER B 1006 -63.79 33.93 44.52
C SER B 1006 -63.80 35.38 44.99
N SER B 1007 -62.62 36.01 45.03
CA SER B 1007 -62.56 37.42 45.40
C SER B 1007 -63.31 38.27 44.38
N ALA B 1008 -63.17 37.96 43.09
CA ALA B 1008 -63.92 38.64 42.04
C ALA B 1008 -65.35 38.13 41.92
N GLY B 1009 -65.70 37.06 42.63
CA GLY B 1009 -67.06 36.55 42.54
C GLY B 1009 -67.37 36.00 41.16
N ILE B 1010 -68.63 36.14 40.77
CA ILE B 1010 -69.11 35.69 39.46
C ILE B 1010 -69.67 36.84 38.64
N LEU B 1011 -70.56 37.64 39.23
CA LEU B 1011 -71.14 38.77 38.53
C LEU B 1011 -70.08 39.80 38.15
N LEU B 1012 -69.17 40.09 39.08
CA LEU B 1012 -68.15 41.10 38.83
C LEU B 1012 -67.15 40.63 37.78
N LEU B 1013 -66.67 39.38 37.92
CA LEU B 1013 -65.68 38.86 36.97
C LEU B 1013 -66.27 38.73 35.57
N SER B 1014 -67.51 38.25 35.47
CA SER B 1014 -68.14 38.11 34.16
C SER B 1014 -68.36 39.46 33.49
N LEU B 1015 -68.65 40.49 34.29
CA LEU B 1015 -68.84 41.83 33.73
C LEU B 1015 -67.57 42.33 33.08
N LEU B 1016 -66.42 42.09 33.70
CA LEU B 1016 -65.15 42.51 33.11
C LEU B 1016 -64.89 41.76 31.81
N VAL B 1017 -65.18 40.46 31.77
CA VAL B 1017 -64.99 39.67 30.56
C VAL B 1017 -65.89 40.19 29.44
N PHE B 1018 -67.16 40.44 29.76
CA PHE B 1018 -68.08 40.95 28.75
C PHE B 1018 -67.67 42.35 28.28
N SER B 1019 -67.26 43.21 29.20
CA SER B 1019 -66.88 44.57 28.83
C SER B 1019 -65.59 44.57 28.02
N GLN B 1020 -64.56 43.86 28.50
CA GLN B 1020 -63.27 43.87 27.82
C GLN B 1020 -63.38 43.27 26.42
N LEU B 1021 -64.11 42.16 26.28
CA LEU B 1021 -64.29 41.55 24.97
C LEU B 1021 -65.08 42.46 24.04
N LEU B 1022 -66.04 43.21 24.60
CA LEU B 1022 -66.85 44.11 23.77
C LEU B 1022 -66.00 45.21 23.13
N LYS B 1023 -65.07 45.78 23.90
CA LYS B 1023 -64.31 46.93 23.41
C LYS B 1023 -63.47 46.56 22.19
N HIS B 1024 -62.80 45.40 22.24
CA HIS B 1024 -61.97 44.98 21.11
C HIS B 1024 -62.83 44.66 19.89
N MET B 1025 -63.98 44.01 20.10
CA MET B 1025 -64.85 43.68 18.99
C MET B 1025 -65.35 44.93 18.27
N VAL B 1026 -65.75 45.94 19.04
CA VAL B 1026 -66.24 47.19 18.44
C VAL B 1026 -65.13 47.87 17.65
N LEU B 1027 -63.92 47.91 18.21
CA LEU B 1027 -62.80 48.55 17.52
C LEU B 1027 -62.48 47.82 16.22
N VAL B 1028 -62.65 46.50 16.21
CA VAL B 1028 -62.51 45.75 14.95
C VAL B 1028 -63.55 46.21 13.95
N ALA B 1029 -64.80 46.37 14.41
CA ALA B 1029 -65.86 46.83 13.52
C ALA B 1029 -65.64 48.28 13.10
N ILE B 1030 -65.13 49.12 14.00
CA ILE B 1030 -64.92 50.53 13.68
C ILE B 1030 -63.94 50.69 12.53
N ASP B 1031 -62.82 49.97 12.60
CA ASP B 1031 -61.86 50.02 11.51
C ASP B 1031 -62.42 49.35 10.25
N TYR B 1032 -63.21 48.29 10.43
CA TYR B 1032 -63.79 47.60 9.28
C TYR B 1032 -64.74 48.51 8.52
N TRP B 1033 -65.61 49.25 9.24
CA TRP B 1033 -66.51 50.16 8.57
C TRP B 1033 -65.77 51.33 7.94
N LEU B 1034 -64.66 51.76 8.53
CA LEU B 1034 -63.85 52.80 7.92
C LEU B 1034 -63.30 52.35 6.57
N ALA B 1035 -62.85 51.11 6.49
CA ALA B 1035 -62.39 50.57 5.20
C ALA B 1035 -63.54 50.49 4.20
N LYS B 1036 -64.71 50.02 4.65
CA LYS B 1036 -65.85 49.93 3.74
C LYS B 1036 -66.35 51.30 3.34
N TRP B 1037 -66.35 52.26 4.27
CA TRP B 1037 -66.78 53.61 3.93
C TRP B 1037 -65.83 54.26 2.92
N THR B 1038 -64.53 54.11 3.14
CA THR B 1038 -63.57 54.66 2.18
C THR B 1038 -63.67 53.94 0.84
N ASP B 1039 -63.90 52.62 0.87
CA ASP B 1039 -64.14 51.90 -0.38
C ASP B 1039 -65.41 52.40 -1.05
N SER B 1040 -66.47 52.65 -0.27
CA SER B 1040 -67.68 53.21 -0.82
C SER B 1040 -67.55 54.68 -1.18
N ALA B 1041 -66.56 55.38 -0.60
CA ALA B 1041 -66.36 56.78 -0.93
C ALA B 1041 -65.96 56.96 -2.39
N LEU B 1042 -65.06 56.11 -2.89
CA LEU B 1042 -64.60 56.21 -4.26
C LEU B 1042 -65.57 55.58 -5.26
N VAL B 1043 -66.61 54.91 -4.78
CA VAL B 1043 -67.63 54.26 -5.60
C VAL B 1043 -67.03 53.49 -6.78
N ASP B 1060 -78.26 51.24 1.57
CA ASP B 1060 -77.11 52.09 1.28
C ASP B 1060 -77.06 53.30 2.20
N GLN B 1061 -76.15 53.26 3.17
CA GLN B 1061 -75.96 54.34 4.14
C GLN B 1061 -74.79 55.23 3.77
N SER B 1062 -74.59 55.46 2.46
CA SER B 1062 -73.47 56.24 1.98
C SER B 1062 -73.55 57.71 2.34
N VAL B 1063 -74.70 58.17 2.84
CA VAL B 1063 -74.86 59.58 3.18
C VAL B 1063 -74.08 59.92 4.44
N TYR B 1064 -72.93 60.57 4.26
CA TYR B 1064 -72.13 61.24 5.31
C TYR B 1064 -71.68 60.29 6.42
N ALA B 1065 -72.05 59.02 6.32
CA ALA B 1065 -71.55 57.94 7.19
C ALA B 1065 -71.40 58.36 8.65
N MET B 1066 -72.42 59.03 9.18
CA MET B 1066 -72.40 59.37 10.60
C MET B 1066 -72.82 58.21 11.49
N VAL B 1067 -73.44 57.18 10.92
CA VAL B 1067 -73.77 55.99 11.71
C VAL B 1067 -72.50 55.31 12.20
N PHE B 1068 -71.50 55.20 11.33
CA PHE B 1068 -70.22 54.62 11.73
C PHE B 1068 -69.55 55.49 12.79
N THR B 1069 -69.63 56.81 12.65
CA THR B 1069 -69.14 57.70 13.69
C THR B 1069 -69.93 57.53 14.98
N LEU B 1070 -71.26 57.35 14.86
CA LEU B 1070 -72.07 57.10 16.05
C LEU B 1070 -71.66 55.79 16.72
N LEU B 1071 -71.39 54.75 15.93
CA LEU B 1071 -70.85 53.52 16.49
C LEU B 1071 -69.48 53.76 17.08
N CYS B 1072 -68.72 54.69 16.53
CA CYS B 1072 -67.42 55.04 17.10
C CYS B 1072 -67.57 55.90 18.35
N SER B 1073 -68.66 56.68 18.44
CA SER B 1073 -68.87 57.52 19.61
C SER B 1073 -69.22 56.68 20.84
N LEU B 1074 -69.96 55.58 20.64
CA LEU B 1074 -70.32 54.74 21.78
C LEU B 1074 -69.14 53.90 22.26
N GLY B 1075 -68.20 53.59 21.36
CA GLY B 1075 -67.08 52.74 21.75
C GLY B 1075 -66.21 53.38 22.82
N ILE B 1076 -65.87 54.65 22.63
CA ILE B 1076 -65.05 55.35 23.62
C ILE B 1076 -65.78 55.46 24.94
N VAL B 1077 -67.09 55.76 24.89
CA VAL B 1077 -67.89 55.76 26.11
C VAL B 1077 -67.92 54.37 26.73
N LEU B 1078 -68.08 53.33 25.89
CA LEU B 1078 -67.99 51.97 26.39
C LEU B 1078 -66.58 51.65 26.87
N CYS B 1079 -65.57 52.21 26.21
CA CYS B 1079 -64.20 52.07 26.70
C CYS B 1079 -64.00 52.85 27.99
N LEU B 1080 -64.65 54.00 28.11
CA LEU B 1080 -64.54 54.81 29.33
C LEU B 1080 -65.08 54.05 30.53
N VAL B 1081 -66.26 53.46 30.40
CA VAL B 1081 -66.85 52.73 31.52
C VAL B 1081 -66.06 51.45 31.80
N THR B 1082 -65.47 50.85 30.75
CA THR B 1082 -64.65 49.66 30.95
C THR B 1082 -63.39 49.98 31.75
N SER B 1083 -62.86 51.19 31.58
CA SER B 1083 -61.65 51.58 32.31
C SER B 1083 -61.86 51.57 33.81
N VAL B 1084 -63.03 52.04 34.27
CA VAL B 1084 -63.33 52.04 35.70
C VAL B 1084 -64.02 50.77 36.16
N THR B 1085 -64.68 50.04 35.26
CA THR B 1085 -65.32 48.78 35.66
C THR B 1085 -64.28 47.76 36.11
N VAL B 1086 -63.17 47.64 35.38
CA VAL B 1086 -62.09 46.75 35.78
C VAL B 1086 -61.24 47.34 36.90
N GLU B 1087 -61.31 48.65 37.11
CA GLU B 1087 -60.54 49.29 38.16
C GLU B 1087 -61.27 49.29 39.49
N TRP B 1088 -62.58 49.56 39.48
CA TRP B 1088 -63.35 49.56 40.71
C TRP B 1088 -63.43 48.15 41.32
N THR B 1089 -63.61 47.13 40.48
CA THR B 1089 -63.66 45.77 40.99
C THR B 1089 -62.31 45.33 41.55
N GLY B 1090 -61.22 45.82 40.98
CA GLY B 1090 -59.90 45.51 41.51
C GLY B 1090 -59.70 46.02 42.93
N LEU B 1091 -60.30 47.16 43.26
CA LEU B 1091 -60.21 47.68 44.62
C LEU B 1091 -60.96 46.77 45.60
N LYS B 1092 -62.16 46.32 45.22
CA LYS B 1092 -62.97 45.51 46.13
C LYS B 1092 -62.31 44.16 46.41
N VAL B 1093 -61.74 43.53 45.38
CA VAL B 1093 -61.09 42.24 45.60
C VAL B 1093 -59.87 42.40 46.50
N ALA B 1094 -59.20 43.56 46.43
CA ALA B 1094 -58.14 43.85 47.40
C ALA B 1094 -58.70 43.93 48.81
N LYS B 1095 -59.87 44.54 48.97
CA LYS B 1095 -60.52 44.59 50.28
C LYS B 1095 -60.89 43.19 50.76
N ARG B 1096 -61.43 42.36 49.87
CA ARG B 1096 -61.77 40.99 50.26
C ARG B 1096 -60.53 40.17 50.58
N LEU B 1097 -59.45 40.35 49.81
CA LEU B 1097 -58.19 39.70 50.15
C LEU B 1097 -57.67 40.22 51.48
N HIS B 1098 -57.78 41.53 51.72
CA HIS B 1098 -57.39 42.09 53.00
C HIS B 1098 -58.27 41.53 54.13
N ARG B 1099 -59.57 41.43 53.90
CA ARG B 1099 -60.47 40.88 54.91
C ARG B 1099 -60.18 39.41 55.15
N SER B 1100 -59.96 38.64 54.08
CA SER B 1100 -59.74 37.20 54.23
C SER B 1100 -58.45 36.91 54.98
N LEU B 1101 -57.38 37.66 54.68
CA LEU B 1101 -56.12 37.44 55.37
C LEU B 1101 -56.21 37.84 56.84
N LEU B 1102 -56.95 38.91 57.14
CA LEU B 1102 -57.08 39.35 58.52
C LEU B 1102 -57.75 38.29 59.38
N ASN B 1103 -58.81 37.66 58.88
CA ASN B 1103 -59.48 36.61 59.63
C ASN B 1103 -58.55 35.43 59.88
N ARG B 1104 -57.79 35.02 58.86
CA ARG B 1104 -56.84 33.92 59.04
C ARG B 1104 -55.73 34.31 59.99
N ILE B 1105 -55.27 35.56 59.93
CA ILE B 1105 -54.18 36.00 60.80
C ILE B 1105 -54.60 35.94 62.27
N ILE B 1106 -55.82 36.40 62.57
CA ILE B 1106 -56.31 36.36 63.94
C ILE B 1106 -56.45 34.92 64.42
N LEU B 1107 -56.98 34.05 63.57
CA LEU B 1107 -57.20 32.66 63.90
C LEU B 1107 -55.97 31.78 63.67
N ALA B 1108 -54.85 32.37 63.26
CA ALA B 1108 -53.64 31.60 63.04
C ALA B 1108 -53.15 31.00 64.35
N PRO B 1109 -52.79 29.72 64.38
CA PRO B 1109 -52.34 29.10 65.64
C PRO B 1109 -51.04 29.72 66.12
N MET B 1110 -50.89 29.78 67.45
CA MET B 1110 -49.66 30.30 68.04
C MET B 1110 -48.52 29.30 67.90
N ARG B 1111 -48.82 28.01 68.07
CA ARG B 1111 -47.79 26.99 67.91
C ARG B 1111 -47.25 26.95 66.49
N PHE B 1112 -48.14 27.07 65.50
CA PHE B 1112 -47.68 27.19 64.12
C PHE B 1112 -46.89 28.46 63.90
N PHE B 1113 -47.33 29.57 64.53
CA PHE B 1113 -46.59 30.82 64.42
C PHE B 1113 -45.20 30.71 65.03
N GLU B 1114 -45.09 30.02 66.17
CA GLU B 1114 -43.78 29.82 66.80
C GLU B 1114 -42.88 28.96 65.93
N THR B 1115 -43.43 27.90 65.34
CA THR B 1115 -42.62 27.04 64.48
C THR B 1115 -42.15 27.77 63.24
N THR B 1116 -43.02 28.56 62.63
CA THR B 1116 -42.67 29.31 61.43
C THR B 1116 -41.79 30.50 61.79
N PRO B 1117 -41.05 31.03 60.80
CA PRO B 1117 -40.21 32.21 61.09
C PRO B 1117 -41.01 33.44 61.49
N LEU B 1118 -42.30 33.49 61.15
CA LEU B 1118 -43.21 34.59 61.47
C LEU B 1118 -42.79 35.91 60.83
N GLY B 1119 -41.81 35.89 59.92
CA GLY B 1119 -41.41 37.09 59.21
C GLY B 1119 -41.95 37.12 57.80
N SER B 1120 -42.11 35.93 57.21
CA SER B 1120 -42.71 35.83 55.88
C SER B 1120 -44.17 36.28 55.91
N ILE B 1121 -44.87 36.01 57.01
CA ILE B 1121 -46.25 36.46 57.13
C ILE B 1121 -46.34 37.97 57.11
N LEU B 1122 -45.44 38.64 57.85
CA LEU B 1122 -45.43 40.10 57.86
C LEU B 1122 -45.10 40.65 56.47
N ASN B 1123 -44.14 40.03 55.78
CA ASN B 1123 -43.84 40.45 54.41
C ASN B 1123 -45.01 40.20 53.48
N ARG B 1124 -45.65 39.03 53.60
CA ARG B 1124 -46.80 38.72 52.76
C ARG B 1124 -47.98 39.63 53.09
N PHE B 1125 -48.13 40.00 54.37
CA PHE B 1125 -49.23 40.86 54.76
C PHE B 1125 -49.05 42.27 54.21
N SER B 1126 -47.81 42.76 54.17
CA SER B 1126 -47.54 44.15 53.78
C SER B 1126 -47.09 44.26 52.33
N SER B 1127 -46.00 43.59 51.97
CA SER B 1127 -45.42 43.77 50.65
C SER B 1127 -46.30 43.17 49.56
N ASP B 1128 -46.75 41.93 49.76
CA ASP B 1128 -47.54 41.26 48.73
C ASP B 1128 -48.88 41.95 48.53
N CYS B 1129 -49.53 42.36 49.61
CA CYS B 1129 -50.83 43.03 49.49
C CYS B 1129 -50.68 44.38 48.80
N ASN B 1130 -49.58 45.09 49.06
CA ASN B 1130 -49.36 46.38 48.39
C ASN B 1130 -49.23 46.19 46.89
N THR B 1131 -48.53 45.15 46.45
CA THR B 1131 -48.44 44.86 45.03
C THR B 1131 -49.81 44.49 44.46
N ILE B 1132 -50.61 43.74 45.20
CA ILE B 1132 -51.92 43.33 44.74
C ILE B 1132 -52.83 44.54 44.57
N ASP B 1133 -52.69 45.53 45.45
CA ASP B 1133 -53.61 46.67 45.43
C ASP B 1133 -53.34 47.59 44.24
N GLN B 1134 -52.14 48.16 44.18
CA GLN B 1134 -51.87 49.24 43.24
C GLN B 1134 -51.33 48.78 41.88
N HIS B 1135 -50.95 47.52 41.74
CA HIS B 1135 -50.28 47.07 40.52
C HIS B 1135 -51.04 45.99 39.77
N ILE B 1136 -51.49 44.94 40.45
CA ILE B 1136 -52.01 43.75 39.76
C ILE B 1136 -53.22 44.06 38.89
N PRO B 1137 -54.25 44.79 39.37
CA PRO B 1137 -55.37 45.09 38.47
C PRO B 1137 -54.95 45.85 37.23
N SER B 1138 -53.99 46.76 37.35
CA SER B 1138 -53.50 47.48 36.18
C SER B 1138 -52.78 46.54 35.21
N THR B 1139 -51.91 45.68 35.74
CA THR B 1139 -51.17 44.75 34.89
C THR B 1139 -52.11 43.75 34.23
N LEU B 1140 -53.10 43.25 34.97
CA LEU B 1140 -54.06 42.32 34.39
C LEU B 1140 -54.89 42.98 33.31
N GLU B 1141 -55.29 44.24 33.53
CA GLU B 1141 -56.04 44.97 32.51
C GLU B 1141 -55.20 45.17 31.25
N CYS B 1142 -53.93 45.56 31.43
CA CYS B 1142 -53.04 45.72 30.29
C CYS B 1142 -52.79 44.39 29.58
N LEU B 1143 -52.65 43.32 30.35
CA LEU B 1143 -52.47 42.00 29.74
C LEU B 1143 -53.70 41.60 28.93
N SER B 1144 -54.90 41.85 29.48
CA SER B 1144 -56.12 41.41 28.82
C SER B 1144 -56.30 42.11 27.47
N ARG B 1145 -56.05 43.43 27.43
CA ARG B 1145 -56.22 44.15 26.17
C ARG B 1145 -55.16 43.77 25.16
N SER B 1146 -53.94 43.47 25.62
CA SER B 1146 -52.88 43.07 24.71
C SER B 1146 -53.11 41.66 24.15
N THR B 1147 -53.47 40.72 25.02
CA THR B 1147 -53.72 39.36 24.57
C THR B 1147 -55.00 39.22 23.75
N LEU B 1148 -55.90 40.20 23.84
CA LEU B 1148 -57.10 40.20 23.01
C LEU B 1148 -56.89 40.95 21.70
N LEU B 1149 -56.12 42.03 21.73
CA LEU B 1149 -55.88 42.80 20.52
C LEU B 1149 -55.11 41.98 19.49
N CYS B 1150 -54.12 41.20 19.93
CA CYS B 1150 -53.38 40.35 19.00
C CYS B 1150 -54.29 39.32 18.35
N VAL B 1151 -55.19 38.72 19.13
CA VAL B 1151 -56.17 37.79 18.56
C VAL B 1151 -57.06 38.52 17.58
N SER B 1152 -57.53 39.72 17.94
CA SER B 1152 -58.30 40.52 17.00
C SER B 1152 -57.45 40.89 15.78
N ALA B 1153 -56.19 41.25 16.01
CA ALA B 1153 -55.28 41.51 14.89
C ALA B 1153 -55.02 40.25 14.08
N LEU B 1154 -55.16 39.08 14.70
CA LEU B 1154 -55.01 37.81 14.00
C LEU B 1154 -56.31 37.35 13.35
N THR B 1155 -57.37 38.15 13.41
CA THR B 1155 -58.61 37.86 12.71
C THR B 1155 -58.91 38.84 11.59
N VAL B 1156 -58.49 40.09 11.72
CA VAL B 1156 -58.66 41.04 10.63
C VAL B 1156 -57.84 40.62 9.42
N ILE B 1157 -56.66 40.04 9.65
CA ILE B 1157 -55.87 39.49 8.56
C ILE B 1157 -56.60 38.32 7.91
N SER B 1158 -57.31 37.52 8.71
CA SER B 1158 -58.10 36.43 8.16
C SER B 1158 -59.26 36.98 7.32
N TYR B 1159 -59.91 38.04 7.79
CA TYR B 1159 -61.03 38.61 7.04
C TYR B 1159 -60.57 39.23 5.73
N VAL B 1160 -59.45 39.97 5.76
CA VAL B 1160 -58.97 40.58 4.53
C VAL B 1160 -58.46 39.51 3.57
N THR B 1161 -57.88 38.43 4.08
CA THR B 1161 -57.42 37.32 3.25
C THR B 1161 -57.45 36.04 4.06
N PRO B 1162 -58.39 35.14 3.78
CA PRO B 1162 -58.39 33.83 4.45
C PRO B 1162 -57.24 32.93 4.04
N VAL B 1163 -56.35 33.38 3.16
CA VAL B 1163 -55.22 32.56 2.75
C VAL B 1163 -54.00 32.77 3.64
N PHE B 1164 -53.91 33.93 4.31
CA PHE B 1164 -52.74 34.21 5.14
C PHE B 1164 -52.68 33.29 6.35
N LEU B 1165 -53.83 32.88 6.89
CA LEU B 1165 -53.86 32.10 8.11
C LEU B 1165 -53.24 30.73 7.94
N VAL B 1166 -53.00 30.29 6.71
CA VAL B 1166 -52.39 28.98 6.48
C VAL B 1166 -51.01 28.93 7.12
N ALA B 1167 -50.20 29.96 6.88
CA ALA B 1167 -48.86 30.03 7.44
C ALA B 1167 -48.79 30.83 8.75
N LEU B 1168 -49.89 31.45 9.16
CA LEU B 1168 -49.90 32.20 10.42
C LEU B 1168 -49.70 31.26 11.61
N LEU B 1169 -50.35 30.10 11.58
CA LEU B 1169 -50.26 29.17 12.71
C LEU B 1169 -48.84 28.67 12.96
N PRO B 1170 -48.06 28.22 11.96
CA PRO B 1170 -46.68 27.83 12.26
C PRO B 1170 -45.84 28.95 12.83
N LEU B 1171 -46.07 30.19 12.41
CA LEU B 1171 -45.33 31.32 12.98
C LEU B 1171 -45.66 31.51 14.45
N ALA B 1172 -46.94 31.36 14.81
CA ALA B 1172 -47.33 31.49 16.21
C ALA B 1172 -46.71 30.37 17.05
N VAL B 1173 -46.52 29.19 16.46
CA VAL B 1173 -45.86 28.10 17.16
C VAL B 1173 -44.42 28.49 17.50
N VAL B 1174 -43.72 29.07 16.53
CA VAL B 1174 -42.36 29.54 16.78
C VAL B 1174 -42.37 30.64 17.84
N CYS B 1175 -43.39 31.49 17.82
CA CYS B 1175 -43.52 32.52 18.85
C CYS B 1175 -43.71 31.89 20.23
N TYR B 1176 -44.45 30.79 20.29
CA TYR B 1176 -44.67 30.10 21.56
C TYR B 1176 -43.35 29.58 22.13
N PHE B 1177 -42.53 28.95 21.28
CA PHE B 1177 -41.26 28.43 21.76
C PHE B 1177 -40.33 29.54 22.22
N ILE B 1178 -40.29 30.65 21.48
CA ILE B 1178 -39.43 31.77 21.87
C ILE B 1178 -39.89 32.33 23.22
N GLN B 1179 -41.19 32.50 23.39
CA GLN B 1179 -41.71 33.01 24.66
C GLN B 1179 -41.44 32.03 25.79
N LYS B 1180 -41.61 30.73 25.54
CA LYS B 1180 -41.39 29.73 26.57
C LYS B 1180 -39.95 29.70 27.05
N TYR B 1181 -38.99 29.96 26.15
CA TYR B 1181 -37.59 30.01 26.54
C TYR B 1181 -37.19 31.35 27.14
N PHE B 1182 -38.02 32.38 27.01
CA PHE B 1182 -37.68 33.68 27.56
C PHE B 1182 -38.14 33.83 29.00
N ARG B 1183 -39.39 33.46 29.28
CA ARG B 1183 -39.93 33.61 30.63
C ARG B 1183 -39.13 32.79 31.64
N VAL B 1184 -38.69 31.60 31.24
CA VAL B 1184 -37.86 30.78 32.13
C VAL B 1184 -36.56 31.48 32.45
N ALA B 1185 -35.88 31.99 31.41
CA ALA B 1185 -34.58 32.62 31.62
C ALA B 1185 -34.72 33.99 32.27
N SER B 1186 -35.72 34.77 31.84
CA SER B 1186 -35.87 36.13 32.37
C SER B 1186 -36.20 36.11 33.86
N ARG B 1187 -37.09 35.21 34.27
CA ARG B 1187 -37.47 35.14 35.69
C ARG B 1187 -36.26 34.77 36.55
N ASP B 1188 -35.46 33.81 36.10
CA ASP B 1188 -34.25 33.46 36.85
C ASP B 1188 -33.28 34.63 36.90
N LEU B 1189 -33.16 35.37 35.81
CA LEU B 1189 -32.36 36.59 35.83
C LEU B 1189 -32.94 37.62 36.79
N GLN B 1190 -34.27 37.71 36.86
CA GLN B 1190 -34.89 38.60 37.83
C GLN B 1190 -34.53 38.22 39.25
N GLN B 1191 -34.52 36.92 39.54
CA GLN B 1191 -34.15 36.46 40.88
C GLN B 1191 -32.71 36.85 41.22
N LEU B 1192 -31.80 36.65 40.27
CA LEU B 1192 -30.40 36.98 40.52
C LEU B 1192 -30.22 38.48 40.71
N ASP B 1193 -30.94 39.28 39.92
CA ASP B 1193 -30.88 40.73 40.10
C ASP B 1193 -31.43 41.12 41.47
N ASP B 1194 -32.52 40.48 41.90
CA ASP B 1194 -33.01 40.69 43.26
C ASP B 1194 -32.01 40.14 44.27
N THR B 1195 -31.38 39.01 43.97
CA THR B 1195 -30.41 38.43 44.89
C THR B 1195 -29.22 39.36 45.10
N THR B 1196 -28.69 39.94 44.03
CA THR B 1196 -27.52 40.79 44.14
C THR B 1196 -27.85 42.20 44.62
N GLN B 1197 -29.13 42.59 44.64
CA GLN B 1197 -29.50 43.92 45.10
C GLN B 1197 -29.28 44.06 46.61
N LEU B 1198 -29.57 42.99 47.36
CA LEU B 1198 -29.46 43.06 48.82
C LEU B 1198 -28.06 43.35 49.32
N PRO B 1199 -27.01 42.63 48.91
CA PRO B 1199 -25.68 42.92 49.48
C PRO B 1199 -25.16 44.30 49.14
N LEU B 1200 -25.56 44.87 48.00
CA LEU B 1200 -25.03 46.17 47.61
C LEU B 1200 -25.47 47.27 48.57
N LEU B 1201 -26.77 47.35 48.85
CA LEU B 1201 -27.27 48.38 49.75
C LEU B 1201 -27.00 48.04 51.21
N SER B 1202 -26.97 46.76 51.56
CA SER B 1202 -26.63 46.38 52.93
C SER B 1202 -25.20 46.75 53.26
N HIS B 1203 -24.29 46.59 52.31
CA HIS B 1203 -22.90 47.02 52.52
C HIS B 1203 -22.83 48.52 52.75
N PHE B 1204 -23.61 49.30 51.99
CA PHE B 1204 -23.69 50.74 52.25
C PHE B 1204 -24.28 51.02 53.64
N ALA B 1205 -25.28 50.23 54.04
CA ALA B 1205 -25.80 50.34 55.40
C ALA B 1205 -24.72 50.02 56.43
N GLU B 1206 -23.94 48.98 56.17
CA GLU B 1206 -22.80 48.67 57.02
C GLU B 1206 -21.68 49.69 56.87
N THR B 1207 -21.68 50.46 55.78
CA THR B 1207 -20.65 51.47 55.57
C THR B 1207 -20.91 52.71 56.42
N VAL B 1208 -22.17 53.13 56.56
CA VAL B 1208 -22.47 54.35 57.29
C VAL B 1208 -22.25 54.19 58.78
N GLU B 1209 -22.29 52.96 59.30
CA GLU B 1209 -22.09 52.70 60.71
C GLU B 1209 -20.79 51.92 60.88
N GLY B 1210 -19.98 52.33 61.86
CA GLY B 1210 -18.69 51.71 62.04
C GLY B 1210 -17.65 52.11 61.01
N LEU B 1211 -17.88 53.20 60.28
CA LEU B 1211 -16.89 53.67 59.31
C LEU B 1211 -15.60 54.09 60.01
N THR B 1212 -15.71 54.74 61.17
CA THR B 1212 -14.52 55.07 61.94
C THR B 1212 -13.80 53.82 62.45
N THR B 1213 -14.54 52.73 62.70
CA THR B 1213 -13.92 51.45 63.03
C THR B 1213 -13.25 50.80 61.82
N ILE B 1214 -13.56 51.28 60.62
CA ILE B 1214 -12.94 50.79 59.39
C ILE B 1214 -11.80 51.70 58.94
N ARG B 1215 -12.03 53.01 58.97
CA ARG B 1215 -11.01 53.95 58.54
C ARG B 1215 -9.75 53.86 59.39
N ALA B 1216 -9.92 53.94 60.71
CA ALA B 1216 -8.76 53.93 61.59
C ALA B 1216 -8.11 52.56 61.65
N PHE B 1217 -8.90 51.51 61.82
CA PHE B 1217 -8.34 50.18 62.01
C PHE B 1217 -7.78 49.62 60.70
N ARG B 1218 -8.54 49.73 59.61
CA ARG B 1218 -8.17 49.11 58.35
C ARG B 1218 -7.78 50.16 57.32
N TYR B 1219 -7.13 49.69 56.26
CA TYR B 1219 -6.75 50.53 55.13
C TYR B 1219 -7.94 50.92 54.27
N GLU B 1220 -9.10 50.30 54.47
CA GLU B 1220 -10.35 50.62 53.79
C GLU B 1220 -10.31 50.16 52.33
N ALA B 1221 -9.15 49.71 51.87
CA ALA B 1221 -9.04 49.22 50.51
C ALA B 1221 -9.84 47.94 50.32
N ARG B 1222 -9.81 47.04 51.30
CA ARG B 1222 -10.54 45.79 51.19
C ARG B 1222 -12.04 46.03 51.15
N PHE B 1223 -12.54 46.94 52.00
CA PHE B 1223 -13.97 47.22 52.03
C PHE B 1223 -14.44 47.89 50.74
N GLN B 1224 -13.67 48.84 50.23
CA GLN B 1224 -14.03 49.48 48.97
C GLN B 1224 -13.99 48.48 47.82
N GLN B 1225 -12.95 47.64 47.77
CA GLN B 1225 -12.87 46.64 46.72
C GLN B 1225 -13.92 45.55 46.92
N LYS B 1226 -14.31 45.29 48.17
CA LYS B 1226 -15.39 44.34 48.41
C LYS B 1226 -16.70 44.82 47.80
N LEU B 1227 -16.92 46.14 47.79
CA LEU B 1227 -18.09 46.69 47.12
C LEU B 1227 -18.03 46.43 45.62
N LEU B 1228 -16.84 46.59 45.03
CA LEU B 1228 -16.70 46.35 43.59
C LEU B 1228 -17.10 44.93 43.22
N GLU B 1229 -16.88 43.97 44.13
CA GLU B 1229 -17.40 42.63 43.92
C GLU B 1229 -18.92 42.62 43.93
N TYR B 1230 -19.53 43.45 44.79
CA TYR B 1230 -20.99 43.53 44.84
C TYR B 1230 -21.55 44.24 43.62
N THR B 1231 -20.93 45.36 43.22
CA THR B 1231 -21.43 46.11 42.08
C THR B 1231 -21.31 45.31 40.79
N ASP B 1232 -20.17 44.63 40.60
CA ASP B 1232 -20.00 43.81 39.40
C ASP B 1232 -21.04 42.70 39.33
N SER B 1233 -21.27 42.02 40.46
CA SER B 1233 -22.33 41.01 40.49
C SER B 1233 -23.68 41.63 40.22
N ASN B 1234 -23.88 42.89 40.62
CA ASN B 1234 -25.13 43.57 40.35
C ASN B 1234 -25.23 44.00 38.89
N ASN B 1235 -24.14 44.54 38.33
CA ASN B 1235 -24.18 45.03 36.97
C ASN B 1235 -24.40 43.89 35.98
N ILE B 1236 -23.72 42.76 36.17
CA ILE B 1236 -23.85 41.64 35.25
C ILE B 1236 -25.29 41.13 35.22
N ALA B 1237 -25.92 41.06 36.39
CA ALA B 1237 -27.31 40.64 36.44
C ALA B 1237 -28.21 41.61 35.68
N SER B 1238 -27.90 42.91 35.75
CA SER B 1238 -28.72 43.91 35.07
C SER B 1238 -28.64 43.77 33.57
N LEU B 1239 -27.42 43.72 33.02
CA LEU B 1239 -27.27 43.69 31.57
C LEU B 1239 -27.68 42.34 30.99
N PHE B 1240 -27.44 41.25 31.71
CA PHE B 1240 -27.93 39.96 31.25
C PHE B 1240 -29.46 39.93 31.21
N LEU B 1241 -30.09 40.54 32.21
CA LEU B 1241 -31.54 40.73 32.15
C LEU B 1241 -31.93 41.61 30.97
N THR B 1242 -31.18 42.69 30.75
CA THR B 1242 -31.45 43.57 29.61
C THR B 1242 -31.25 42.82 28.30
N ALA B 1243 -30.16 42.06 28.18
CA ALA B 1243 -29.87 41.36 26.93
C ALA B 1243 -30.94 40.33 26.62
N ALA B 1244 -31.47 39.66 27.65
CA ALA B 1244 -32.55 38.71 27.42
C ALA B 1244 -33.79 39.40 26.88
N ASN B 1245 -34.12 40.59 27.41
CA ASN B 1245 -35.25 41.34 26.89
C ASN B 1245 -35.00 41.77 25.45
N ARG B 1246 -33.80 42.30 25.17
CA ARG B 1246 -33.48 42.70 23.80
C ARG B 1246 -33.49 41.50 22.87
N TRP B 1247 -33.02 40.34 23.36
CA TRP B 1247 -33.11 39.11 22.57
C TRP B 1247 -34.56 38.75 22.28
N LEU B 1248 -35.44 38.92 23.27
CA LEU B 1248 -36.85 38.57 23.09
C LEU B 1248 -37.50 39.50 22.06
N GLU B 1249 -37.28 40.81 22.20
CA GLU B 1249 -37.95 41.76 21.32
C GLU B 1249 -37.54 41.57 19.87
N VAL B 1250 -36.24 41.37 19.62
CA VAL B 1250 -35.74 41.26 18.25
C VAL B 1250 -36.38 40.09 17.54
N ARG B 1251 -36.36 38.91 18.15
CA ARG B 1251 -37.00 37.76 17.53
C ARG B 1251 -38.50 37.94 17.43
N MET B 1252 -39.09 38.72 18.33
CA MET B 1252 -40.51 39.04 18.21
C MET B 1252 -40.76 40.01 17.06
N GLU B 1253 -39.89 41.01 16.89
CA GLU B 1253 -40.06 41.95 15.80
C GLU B 1253 -39.89 41.27 14.46
N TYR B 1254 -38.91 40.39 14.33
CA TYR B 1254 -38.69 39.70 13.06
C TYR B 1254 -39.87 38.82 12.70
N ILE B 1255 -40.47 38.16 13.70
CA ILE B 1255 -41.71 37.42 13.45
C ILE B 1255 -42.81 38.37 13.01
N GLY B 1256 -42.94 39.51 13.69
CA GLY B 1256 -43.94 40.47 13.29
C GLY B 1256 -43.70 41.06 11.91
N ALA B 1257 -42.43 41.39 11.61
CA ALA B 1257 -42.10 41.92 10.29
C ALA B 1257 -42.34 40.88 9.21
N CYS B 1258 -42.02 39.62 9.48
CA CYS B 1258 -42.29 38.56 8.52
C CYS B 1258 -43.79 38.41 8.29
N VAL B 1259 -44.59 38.58 9.34
CA VAL B 1259 -46.03 38.49 9.21
C VAL B 1259 -46.54 39.55 8.25
N VAL B 1260 -45.99 40.77 8.33
CA VAL B 1260 -46.42 41.85 7.46
C VAL B 1260 -46.17 41.49 6.00
N LEU B 1261 -44.99 40.94 5.70
CA LEU B 1261 -44.66 40.60 4.32
C LEU B 1261 -45.58 39.52 3.78
N ILE B 1262 -45.85 38.49 4.59
CA ILE B 1262 -46.76 37.44 4.14
C ILE B 1262 -48.17 37.99 3.96
N ALA B 1263 -48.63 38.82 4.89
CA ALA B 1263 -49.95 39.41 4.77
C ALA B 1263 -50.04 40.33 3.56
N ALA B 1264 -49.02 41.16 3.35
CA ALA B 1264 -49.05 42.10 2.22
C ALA B 1264 -49.01 41.36 0.90
N ALA B 1265 -48.12 40.37 0.77
CA ALA B 1265 -47.99 39.65 -0.49
C ALA B 1265 -49.27 38.90 -0.83
N THR B 1266 -49.89 38.27 0.17
CA THR B 1266 -51.14 37.54 -0.08
C THR B 1266 -52.26 38.51 -0.45
N SER B 1267 -52.35 39.64 0.25
CA SER B 1267 -53.41 40.60 -0.02
C SER B 1267 -53.29 41.20 -1.42
N ILE B 1268 -52.06 41.51 -1.84
CA ILE B 1268 -51.86 42.05 -3.18
C ILE B 1268 -52.25 41.03 -4.23
N SER B 1269 -51.91 39.76 -4.00
CA SER B 1269 -52.19 38.73 -5.00
C SER B 1269 -53.69 38.60 -5.25
N ASN B 1270 -54.50 38.68 -4.20
CA ASN B 1270 -55.95 38.55 -4.37
C ASN B 1270 -56.49 39.67 -5.25
N SER B 1271 -56.03 40.90 -5.04
CA SER B 1271 -56.52 42.02 -5.84
C SER B 1271 -56.17 41.84 -7.31
N LEU B 1272 -54.96 41.34 -7.59
CA LEU B 1272 -54.54 41.09 -8.96
C LEU B 1272 -54.98 39.72 -9.48
N HIS B 1273 -55.67 38.93 -8.66
CA HIS B 1273 -56.27 37.67 -9.09
C HIS B 1273 -57.78 37.77 -9.17
N ARG B 1274 -58.29 38.97 -9.42
CA ARG B 1274 -59.73 39.22 -9.59
C ARG B 1274 -60.53 38.78 -8.36
N GLU B 1275 -59.99 39.07 -7.17
CA GLU B 1275 -60.68 38.81 -5.91
C GLU B 1275 -61.12 40.12 -5.24
N LEU B 1276 -61.34 41.17 -6.04
CA LEU B 1276 -61.86 42.44 -5.58
C LEU B 1276 -60.99 43.05 -4.48
N SER B 1277 -61.43 42.90 -3.22
CA SER B 1277 -60.73 43.44 -2.05
C SER B 1277 -60.70 44.97 -2.10
N ALA B 1278 -59.91 45.52 -3.02
CA ALA B 1278 -59.82 46.97 -3.24
C ALA B 1278 -59.29 47.62 -1.95
N GLY B 1279 -59.92 48.68 -1.46
CA GLY B 1279 -59.40 49.37 -0.28
C GLY B 1279 -59.49 48.58 1.00
N LEU B 1280 -60.24 47.46 0.99
CA LEU B 1280 -60.33 46.63 2.18
C LEU B 1280 -58.98 46.01 2.55
N VAL B 1281 -58.10 45.85 1.57
CA VAL B 1281 -56.77 45.29 1.83
C VAL B 1281 -55.98 46.23 2.75
N GLY B 1282 -56.04 47.53 2.49
CA GLY B 1282 -55.25 48.48 3.26
C GLY B 1282 -55.59 48.47 4.74
N LEU B 1283 -56.81 48.05 5.09
CA LEU B 1283 -57.18 47.98 6.49
C LEU B 1283 -56.35 46.94 7.23
N GLY B 1284 -56.19 45.76 6.63
CA GLY B 1284 -55.46 44.69 7.30
C GLY B 1284 -54.00 45.01 7.50
N LEU B 1285 -53.40 45.72 6.54
CA LEU B 1285 -51.97 46.00 6.61
C LEU B 1285 -51.64 46.90 7.80
N THR B 1286 -52.50 47.87 8.10
CA THR B 1286 -52.26 48.71 9.26
C THR B 1286 -52.27 47.90 10.55
N TYR B 1287 -53.20 46.95 10.66
CA TYR B 1287 -53.20 46.04 11.80
C TYR B 1287 -51.96 45.15 11.80
N ALA B 1288 -51.53 44.72 10.60
CA ALA B 1288 -50.36 43.84 10.51
C ALA B 1288 -49.12 44.54 11.05
N LEU B 1289 -48.97 45.83 10.79
CA LEU B 1289 -47.84 46.58 11.35
C LEU B 1289 -47.91 46.61 12.87
N MET B 1290 -49.12 46.65 13.44
CA MET B 1290 -49.26 46.69 14.88
C MET B 1290 -49.05 45.31 15.53
N VAL B 1291 -49.07 44.24 14.74
CA VAL B 1291 -48.97 42.90 15.31
C VAL B 1291 -47.64 42.74 16.04
N SER B 1292 -46.55 43.20 15.43
CA SER B 1292 -45.25 43.09 16.07
C SER B 1292 -45.20 43.93 17.36
N ASN B 1293 -45.75 45.14 17.31
CA ASN B 1293 -45.69 46.02 18.47
C ASN B 1293 -46.48 45.46 19.64
N TYR B 1294 -47.68 44.93 19.38
CA TYR B 1294 -48.49 44.38 20.45
C TYR B 1294 -47.97 43.01 20.89
N LEU B 1295 -47.23 42.31 20.03
CA LEU B 1295 -46.69 41.02 20.42
C LEU B 1295 -45.70 41.17 21.56
N ASN B 1296 -44.85 42.19 21.52
CA ASN B 1296 -43.94 42.45 22.63
C ASN B 1296 -44.70 42.80 23.89
N TRP B 1297 -45.76 43.60 23.77
CA TRP B 1297 -46.52 44.02 24.94
C TRP B 1297 -47.20 42.84 25.62
N MET B 1298 -47.75 41.91 24.84
CA MET B 1298 -48.42 40.75 25.44
C MET B 1298 -47.44 39.89 26.24
N VAL B 1299 -46.25 39.65 25.69
CA VAL B 1299 -45.25 38.85 26.39
C VAL B 1299 -44.76 39.59 27.63
N ARG B 1300 -44.64 40.92 27.54
CA ARG B 1300 -44.18 41.70 28.69
C ARG B 1300 -45.13 41.54 29.87
N ASN B 1301 -46.44 41.59 29.61
CA ASN B 1301 -47.41 41.48 30.69
C ASN B 1301 -47.50 40.05 31.22
N LEU B 1302 -47.26 39.06 30.36
CA LEU B 1302 -47.33 37.67 30.82
C LEU B 1302 -46.28 37.38 31.88
N ALA B 1303 -45.07 37.91 31.70
CA ALA B 1303 -44.05 37.77 32.73
C ALA B 1303 -44.44 38.52 34.00
N ASP B 1304 -45.05 39.70 33.84
CA ASP B 1304 -45.50 40.46 35.00
C ASP B 1304 -46.61 39.72 35.75
N MET B 1305 -47.51 39.06 35.02
CA MET B 1305 -48.58 38.30 35.66
C MET B 1305 -48.05 37.12 36.45
N GLU B 1306 -46.84 36.65 36.12
CA GLU B 1306 -46.23 35.58 36.90
C GLU B 1306 -45.97 36.01 38.33
N ILE B 1307 -45.55 37.27 38.52
CA ILE B 1307 -45.43 37.82 39.87
C ILE B 1307 -46.78 37.82 40.56
N GLN B 1308 -47.83 38.22 39.83
CA GLN B 1308 -49.18 38.14 40.38
C GLN B 1308 -49.57 36.70 40.66
N LEU B 1309 -49.19 35.77 39.77
CA LEU B 1309 -49.50 34.36 39.99
C LEU B 1309 -48.82 33.84 41.25
N GLY B 1310 -47.57 34.26 41.49
CA GLY B 1310 -46.90 33.89 42.72
C GLY B 1310 -47.39 34.67 43.93
N ALA B 1311 -48.00 35.83 43.69
CA ALA B 1311 -48.49 36.65 44.80
C ALA B 1311 -49.60 35.93 45.56
N VAL B 1312 -50.53 35.29 44.83
CA VAL B 1312 -51.60 34.57 45.49
C VAL B 1312 -51.09 33.30 46.14
N LYS B 1313 -49.91 32.80 45.74
CA LYS B 1313 -49.35 31.62 46.37
C LYS B 1313 -48.99 31.87 47.83
N ARG B 1314 -48.45 33.05 48.12
CA ARG B 1314 -48.16 33.41 49.51
C ARG B 1314 -49.44 33.54 50.35
N ILE B 1315 -50.56 33.84 49.71
CA ILE B 1315 -51.84 33.95 50.42
C ILE B 1315 -52.57 32.62 50.46
N HIS B 1316 -52.49 31.84 49.38
CA HIS B 1316 -53.18 30.55 49.34
C HIS B 1316 -52.63 29.61 50.39
N ARG C 32 22.15 30.06 17.84
CA ARG C 32 22.11 28.61 17.74
C ARG C 32 21.36 28.14 16.50
N ALA C 33 21.20 26.82 16.39
CA ALA C 33 20.43 26.21 15.32
C ALA C 33 19.68 25.02 15.89
N ARG C 34 18.53 24.72 15.30
CA ARG C 34 17.69 23.62 15.75
C ARG C 34 17.85 22.43 14.80
N PHE C 35 18.08 21.25 15.38
CA PHE C 35 18.18 20.05 14.55
C PHE C 35 16.83 19.67 13.96
N VAL C 36 15.75 19.85 14.72
CA VAL C 36 14.39 19.63 14.26
C VAL C 36 13.54 20.79 14.74
N SER C 37 12.77 21.38 13.82
CA SER C 37 11.91 22.48 14.18
C SER C 37 10.76 22.00 15.07
N LYS C 38 10.09 22.94 15.72
CA LYS C 38 8.96 22.60 16.57
C LYS C 38 7.85 21.92 15.78
N LYS C 39 7.75 22.20 14.48
CA LYS C 39 6.74 21.60 13.62
C LYS C 39 7.21 20.29 13.00
N GLY C 40 8.40 19.82 13.33
CA GLY C 40 8.92 18.59 12.79
C GLY C 40 9.82 18.74 11.57
N ASN C 41 9.97 19.95 11.04
CA ASN C 41 10.87 20.16 9.93
C ASN C 41 12.32 19.97 10.37
N CYS C 42 13.09 19.26 9.56
CA CYS C 42 14.50 19.01 9.85
C CYS C 42 15.34 20.10 9.22
N ASN C 43 16.11 20.81 10.04
CA ASN C 43 16.96 21.90 9.57
C ASN C 43 18.37 21.40 9.32
N VAL C 44 18.51 20.60 8.26
CA VAL C 44 19.79 20.11 7.80
C VAL C 44 19.88 20.32 6.30
N ALA C 45 21.02 20.85 5.84
CA ALA C 45 21.27 21.08 4.44
C ALA C 45 22.39 20.16 3.97
N HIS C 46 22.13 19.40 2.92
CA HIS C 46 23.11 18.48 2.36
C HIS C 46 23.93 19.22 1.31
N LYS C 47 25.25 19.21 1.47
CA LYS C 47 26.12 20.01 0.63
C LYS C 47 27.23 19.16 0.04
N ASN C 48 27.75 19.62 -1.10
CA ASN C 48 28.89 19.01 -1.78
C ASN C 48 28.65 17.53 -2.09
N ILE C 49 27.49 17.26 -2.69
CA ILE C 49 27.18 15.91 -3.16
C ILE C 49 27.73 15.77 -4.58
N ARG C 50 28.61 14.80 -4.78
CA ARG C 50 29.23 14.58 -6.09
C ARG C 50 28.78 13.27 -6.71
N GLU C 51 27.54 12.87 -6.46
CA GLU C 51 26.99 11.60 -6.92
C GLU C 51 25.62 11.81 -7.53
N ARG C 52 25.54 12.76 -8.46
CA ARG C 52 24.29 13.07 -9.14
C ARG C 52 23.72 11.87 -9.89
N GLY C 53 24.56 10.88 -10.22
CA GLY C 53 24.07 9.71 -10.91
C GLY C 53 23.09 8.90 -10.08
N ARG C 54 23.18 9.00 -8.75
CA ARG C 54 22.23 8.29 -7.90
C ARG C 54 20.84 8.90 -8.00
N PHE C 55 20.76 10.23 -8.01
CA PHE C 55 19.46 10.90 -8.16
C PHE C 55 18.84 10.59 -9.51
N LEU C 56 19.66 10.54 -10.56
CA LEU C 56 19.14 10.23 -11.89
C LEU C 56 18.64 8.79 -11.97
N GLN C 57 19.30 7.87 -11.26
CA GLN C 57 18.89 6.48 -11.26
C GLN C 57 17.63 6.23 -10.45
N ASP C 58 17.15 7.22 -9.70
CA ASP C 58 15.95 7.14 -8.89
C ASP C 58 15.04 8.29 -9.31
N VAL C 59 14.23 8.05 -10.34
CA VAL C 59 13.44 9.12 -10.93
C VAL C 59 12.07 9.25 -10.27
N PHE C 60 11.41 8.13 -9.97
CA PHE C 60 10.04 8.21 -9.46
C PHE C 60 9.98 8.90 -8.10
N THR C 61 10.92 8.58 -7.21
CA THR C 61 10.95 9.25 -5.92
C THR C 61 11.15 10.75 -6.09
N THR C 62 11.97 11.14 -7.07
CA THR C 62 12.11 12.56 -7.39
C THR C 62 10.80 13.15 -7.88
N LEU C 63 10.07 12.40 -8.72
CA LEU C 63 8.83 12.92 -9.29
C LEU C 63 7.79 13.20 -8.22
N VAL C 64 7.65 12.29 -7.25
CA VAL C 64 6.66 12.48 -6.19
C VAL C 64 7.13 13.48 -5.15
N ASP C 65 8.44 13.65 -4.97
CA ASP C 65 8.96 14.55 -3.95
C ASP C 65 8.92 16.02 -4.36
N LEU C 66 8.57 16.31 -5.61
CA LEU C 66 8.49 17.69 -6.05
C LEU C 66 7.38 18.45 -5.34
N LYS C 67 7.56 19.75 -5.21
CA LYS C 67 6.50 20.59 -4.67
C LYS C 67 5.31 20.62 -5.62
N TRP C 68 4.15 20.95 -5.06
CA TRP C 68 2.92 20.94 -5.86
C TRP C 68 2.97 21.80 -7.11
N PRO C 69 3.49 23.04 -7.10
CA PRO C 69 3.57 23.79 -8.36
C PRO C 69 4.42 23.09 -9.42
N HIS C 70 5.48 22.39 -9.02
CA HIS C 70 6.25 21.62 -9.99
C HIS C 70 5.52 20.36 -10.40
N THR C 71 4.82 19.72 -9.45
CA THR C 71 4.06 18.51 -9.79
C THR C 71 2.97 18.82 -10.79
N LEU C 72 2.28 19.96 -10.63
CA LEU C 72 1.27 20.35 -11.60
C LEU C 72 1.90 20.62 -12.96
N LEU C 73 3.06 21.28 -12.98
CA LEU C 73 3.72 21.56 -14.25
C LEU C 73 4.13 20.27 -14.94
N ILE C 74 4.73 19.35 -14.20
CA ILE C 74 5.14 18.07 -14.80
C ILE C 74 3.93 17.28 -15.24
N PHE C 75 2.87 17.25 -14.42
CA PHE C 75 1.66 16.57 -14.80
C PHE C 75 1.06 17.18 -16.06
N THR C 76 1.02 18.52 -16.13
CA THR C 76 0.49 19.19 -17.31
C THR C 76 1.39 18.96 -18.51
N MET C 77 2.70 19.11 -18.33
CA MET C 77 3.62 19.03 -19.46
C MET C 77 3.82 17.60 -19.93
N SER C 78 3.51 16.59 -19.11
CA SER C 78 3.63 15.22 -19.55
C SER C 78 2.58 14.88 -20.60
N PHE C 79 1.32 15.26 -20.34
CA PHE C 79 0.27 15.02 -21.31
C PHE C 79 0.35 15.98 -22.48
N LEU C 80 0.61 17.27 -22.21
CA LEU C 80 0.58 18.27 -23.28
C LEU C 80 1.67 18.02 -24.30
N CYS C 81 2.88 17.68 -23.84
CA CYS C 81 3.94 17.36 -24.78
C CYS C 81 3.68 16.05 -25.50
N SER C 82 3.03 15.09 -24.84
CA SER C 82 2.67 13.85 -25.51
C SER C 82 1.70 14.10 -26.66
N TRP C 83 0.70 14.96 -26.44
CA TRP C 83 -0.23 15.29 -27.50
C TRP C 83 0.47 16.01 -28.64
N LEU C 84 1.38 16.93 -28.32
CA LEU C 84 2.09 17.67 -29.36
C LEU C 84 3.00 16.75 -30.16
N LEU C 85 3.68 15.82 -29.50
CA LEU C 85 4.62 14.94 -30.20
C LEU C 85 3.90 14.12 -31.26
N PHE C 86 2.77 13.51 -30.89
CA PHE C 86 2.00 12.75 -31.87
C PHE C 86 1.22 13.65 -32.81
N ALA C 87 0.90 14.88 -32.40
CA ALA C 87 0.25 15.81 -33.31
C ALA C 87 1.13 16.10 -34.52
N MET C 88 2.43 16.28 -34.29
CA MET C 88 3.35 16.46 -35.40
C MET C 88 3.43 15.22 -36.27
N VAL C 89 3.39 14.03 -35.64
CA VAL C 89 3.41 12.79 -36.41
C VAL C 89 2.15 12.67 -37.25
N TRP C 90 0.99 12.95 -36.66
CA TRP C 90 -0.25 12.90 -37.43
C TRP C 90 -0.27 13.95 -38.54
N TRP C 91 0.24 15.14 -38.24
CA TRP C 91 0.33 16.19 -39.26
C TRP C 91 1.29 15.80 -40.36
N LEU C 92 2.40 15.17 -40.01
CA LEU C 92 3.42 14.85 -41.00
C LEU C 92 2.94 13.78 -41.97
N ILE C 93 2.37 12.69 -41.46
CA ILE C 93 1.92 11.63 -42.35
C ILE C 93 0.72 12.04 -43.17
N ALA C 94 -0.09 12.97 -42.68
CA ALA C 94 -1.13 13.54 -43.52
C ALA C 94 -0.55 14.42 -44.62
N PHE C 95 0.57 15.10 -44.34
CA PHE C 95 1.27 15.84 -45.37
C PHE C 95 1.86 14.89 -46.41
N ALA C 96 2.58 13.86 -45.96
CA ALA C 96 3.24 12.94 -46.89
C ALA C 96 2.23 12.20 -47.75
N HIS C 97 1.01 12.01 -47.25
CA HIS C 97 -0.02 11.34 -48.01
C HIS C 97 -0.78 12.28 -48.94
N GLY C 98 -0.50 13.58 -48.88
CA GLY C 98 -1.21 14.54 -49.70
C GLY C 98 -2.54 14.99 -49.15
N ASP C 99 -2.87 14.63 -47.91
CA ASP C 99 -4.17 15.01 -47.35
C ASP C 99 -4.28 16.50 -47.14
N LEU C 100 -3.18 17.17 -46.82
CA LEU C 100 -3.22 18.62 -46.62
C LEU C 100 -3.54 19.38 -47.89
N ALA C 101 -3.28 18.79 -49.05
CA ALA C 101 -3.59 19.44 -50.31
C ALA C 101 -5.09 19.33 -50.60
N PRO C 102 -5.80 20.44 -50.77
CA PRO C 102 -7.24 20.37 -51.06
C PRO C 102 -7.58 20.05 -52.50
N GLY C 103 -6.61 19.65 -53.31
CA GLY C 103 -6.84 19.37 -54.71
C GLY C 103 -7.82 18.24 -54.96
N GLU C 104 -9.01 18.59 -55.45
CA GLU C 104 -10.04 17.62 -55.81
C GLU C 104 -10.37 16.68 -54.66
N GLY C 105 -10.90 15.50 -54.99
CA GLY C 105 -11.20 14.50 -53.99
C GLY C 105 -10.82 13.11 -54.47
N THR C 106 -11.74 12.16 -54.33
CA THR C 106 -11.60 10.77 -54.78
C THR C 106 -10.41 10.06 -54.14
N ASN C 107 -9.79 10.67 -53.13
CA ASN C 107 -8.68 10.06 -52.41
C ASN C 107 -9.07 9.91 -50.94
N VAL C 108 -8.88 8.73 -50.40
CA VAL C 108 -9.24 8.43 -49.01
C VAL C 108 -8.05 8.80 -48.14
N PRO C 109 -8.19 9.77 -47.23
CA PRO C 109 -7.04 10.20 -46.43
C PRO C 109 -6.67 9.17 -45.37
N CYS C 110 -5.47 9.34 -44.82
CA CYS C 110 -5.05 8.53 -43.68
C CYS C 110 -6.00 8.75 -42.50
N VAL C 111 -6.26 10.01 -42.18
CA VAL C 111 -7.22 10.39 -41.15
C VAL C 111 -8.15 11.42 -41.75
N THR C 112 -9.45 11.18 -41.63
CA THR C 112 -10.44 12.05 -42.26
C THR C 112 -10.46 13.42 -41.59
N SER C 113 -10.77 14.44 -42.39
CA SER C 113 -11.02 15.79 -41.89
C SER C 113 -9.83 16.36 -41.14
N ILE C 114 -8.62 16.13 -41.65
CA ILE C 114 -7.41 16.77 -41.15
C ILE C 114 -6.93 17.75 -42.21
N HIS C 115 -6.90 19.04 -41.84
CA HIS C 115 -6.53 20.10 -42.77
C HIS C 115 -5.23 20.78 -42.37
N SER C 116 -5.14 21.25 -41.14
CA SER C 116 -3.97 21.98 -40.65
C SER C 116 -3.38 21.25 -39.45
N PHE C 117 -2.34 21.86 -38.87
CA PHE C 117 -1.76 21.29 -37.66
C PHE C 117 -2.73 21.33 -36.49
N SER C 118 -3.58 22.35 -36.44
CA SER C 118 -4.58 22.43 -35.37
C SER C 118 -5.53 21.23 -35.44
N SER C 119 -5.94 20.85 -36.64
CA SER C 119 -6.76 19.64 -36.78
C SER C 119 -5.99 18.41 -36.31
N ALA C 120 -4.71 18.32 -36.66
CA ALA C 120 -3.91 17.20 -36.20
C ALA C 120 -3.75 17.22 -34.69
N PHE C 121 -3.55 18.41 -34.11
CA PHE C 121 -3.42 18.50 -32.66
C PHE C 121 -4.71 18.11 -31.96
N LEU C 122 -5.86 18.56 -32.49
CA LEU C 122 -7.14 18.15 -31.91
C LEU C 122 -7.33 16.65 -32.05
N PHE C 123 -6.92 16.08 -33.17
CA PHE C 123 -7.04 14.64 -33.36
C PHE C 123 -6.18 13.87 -32.37
N SER C 124 -4.98 14.39 -32.08
CA SER C 124 -4.11 13.72 -31.12
C SER C 124 -4.74 13.71 -29.73
N ILE C 125 -5.38 14.81 -29.34
CA ILE C 125 -6.06 14.85 -28.05
C ILE C 125 -7.20 13.84 -28.02
N GLU C 126 -7.96 13.76 -29.11
CA GLU C 126 -9.08 12.81 -29.14
C GLU C 126 -8.61 11.37 -29.02
N VAL C 127 -7.51 11.02 -29.69
CA VAL C 127 -7.02 9.65 -29.65
C VAL C 127 -6.41 9.33 -28.29
N GLN C 128 -5.55 10.22 -27.77
CA GLN C 128 -4.80 9.88 -26.58
C GLN C 128 -5.66 9.93 -25.32
N VAL C 129 -6.52 10.96 -25.18
CA VAL C 129 -7.45 11.02 -24.06
C VAL C 129 -8.66 10.12 -24.30
N THR C 130 -8.72 9.43 -25.43
CA THR C 130 -9.80 8.51 -25.76
C THR C 130 -11.16 9.21 -25.77
N ILE C 131 -11.19 10.46 -26.23
CA ILE C 131 -12.46 11.14 -26.45
C ILE C 131 -13.14 10.61 -27.70
N GLY C 132 -12.47 10.75 -28.84
CA GLY C 132 -12.97 10.19 -30.08
C GLY C 132 -14.27 10.80 -30.55
N PHE C 133 -14.23 12.07 -30.95
CA PHE C 133 -15.44 12.71 -31.46
C PHE C 133 -15.92 12.03 -32.74
N GLY C 134 -15.00 11.69 -33.64
CA GLY C 134 -15.35 10.99 -34.85
C GLY C 134 -15.40 11.84 -36.10
N GLY C 135 -15.41 13.16 -35.97
CA GLY C 135 -15.23 14.00 -37.15
C GLY C 135 -13.88 13.77 -37.80
N ARG C 136 -12.86 13.55 -36.98
CA ARG C 136 -11.52 13.18 -37.45
C ARG C 136 -11.27 11.74 -37.04
N MET C 137 -11.30 10.84 -38.02
CA MET C 137 -11.29 9.40 -37.77
C MET C 137 -10.20 8.74 -38.58
N VAL C 138 -9.57 7.72 -37.99
CA VAL C 138 -8.56 6.94 -38.69
C VAL C 138 -9.23 6.11 -39.77
N THR C 139 -8.62 6.08 -40.95
CA THR C 139 -9.10 5.26 -42.06
C THR C 139 -8.10 4.15 -42.32
N GLU C 140 -8.52 3.19 -43.14
CA GLU C 140 -7.75 1.97 -43.40
C GLU C 140 -6.87 2.08 -44.63
N GLU C 141 -6.47 3.29 -45.01
CA GLU C 141 -5.66 3.47 -46.21
C GLU C 141 -4.17 3.50 -45.92
N CYS C 142 -3.77 3.96 -44.75
CA CYS C 142 -2.35 4.11 -44.45
C CYS C 142 -1.96 3.19 -43.31
N PRO C 143 -1.27 2.07 -43.58
CA PRO C 143 -0.84 1.21 -42.48
C PRO C 143 0.06 1.91 -41.49
N LEU C 144 0.83 2.89 -41.93
CA LEU C 144 1.64 3.67 -41.00
C LEU C 144 0.75 4.43 -40.01
N ALA C 145 -0.36 4.98 -40.49
CA ALA C 145 -1.30 5.65 -39.60
C ALA C 145 -1.87 4.68 -38.57
N ILE C 146 -2.19 3.45 -38.99
CA ILE C 146 -2.65 2.44 -38.05
C ILE C 146 -1.53 2.10 -37.08
N LEU C 147 -0.28 2.08 -37.55
CA LEU C 147 0.85 1.82 -36.67
C LEU C 147 0.98 2.90 -35.61
N ILE C 148 0.82 4.17 -36.01
CA ILE C 148 0.92 5.26 -35.04
C ILE C 148 -0.23 5.19 -34.04
N LEU C 149 -1.42 4.80 -34.50
CA LEU C 149 -2.55 4.67 -33.59
C LEU C 149 -2.27 3.62 -32.52
N ILE C 150 -1.62 2.51 -32.90
CA ILE C 150 -1.22 1.51 -31.93
C ILE C 150 -0.19 2.08 -30.97
N VAL C 151 0.80 2.80 -31.52
CA VAL C 151 1.89 3.32 -30.68
C VAL C 151 1.36 4.36 -29.71
N GLN C 152 0.51 5.27 -30.20
CA GLN C 152 0.02 6.35 -29.35
C GLN C 152 -0.82 5.81 -28.19
N ASN C 153 -1.66 4.82 -28.46
CA ASN C 153 -2.49 4.25 -27.40
C ASN C 153 -1.64 3.55 -26.35
N ILE C 154 -0.62 2.80 -26.77
CA ILE C 154 0.26 2.14 -25.83
C ILE C 154 1.04 3.15 -25.01
N VAL C 155 1.60 4.16 -25.67
CA VAL C 155 2.31 5.22 -24.96
C VAL C 155 1.33 6.05 -24.13
N GLY C 156 0.14 6.29 -24.66
CA GLY C 156 -0.84 7.05 -23.91
C GLY C 156 -1.26 6.38 -22.63
N LEU C 157 -1.33 5.05 -22.63
CA LEU C 157 -1.72 4.33 -21.43
C LEU C 157 -0.62 4.37 -20.37
N MET C 158 0.63 4.20 -20.78
CA MET C 158 1.73 4.23 -19.82
C MET C 158 1.85 5.59 -19.15
N ILE C 159 1.75 6.66 -19.94
CA ILE C 159 1.76 8.00 -19.35
C ILE C 159 0.55 8.21 -18.46
N ASN C 160 -0.61 7.72 -18.90
CA ASN C 160 -1.81 7.83 -18.08
C ASN C 160 -1.66 7.04 -16.78
N ALA C 161 -1.07 5.86 -16.84
CA ALA C 161 -0.94 5.02 -15.64
C ALA C 161 0.04 5.64 -14.65
N ILE C 162 1.20 6.06 -15.11
CA ILE C 162 2.23 6.57 -14.21
C ILE C 162 1.81 7.90 -13.61
N MET C 163 1.32 8.82 -14.44
CA MET C 163 1.05 10.18 -13.95
C MET C 163 -0.14 10.20 -13.00
N LEU C 164 -1.22 9.50 -13.34
CA LEU C 164 -2.38 9.48 -12.45
C LEU C 164 -2.04 8.80 -11.13
N GLY C 165 -1.29 7.71 -11.18
CA GLY C 165 -0.86 7.06 -9.94
C GLY C 165 0.11 7.92 -9.16
N CYS C 166 0.97 8.66 -9.85
CA CYS C 166 1.93 9.52 -9.17
C CYS C 166 1.23 10.66 -8.43
N ILE C 167 0.21 11.26 -9.04
CA ILE C 167 -0.45 12.39 -8.40
C ILE C 167 -1.35 11.95 -7.26
N PHE C 168 -1.79 10.68 -7.25
CA PHE C 168 -2.53 10.20 -6.09
C PHE C 168 -1.60 9.90 -4.93
N MET C 169 -0.40 9.37 -5.21
CA MET C 169 0.58 9.20 -4.14
C MET C 169 0.99 10.55 -3.56
N LYS C 170 1.12 11.56 -4.42
CA LYS C 170 1.43 12.91 -3.94
C LYS C 170 0.31 13.42 -3.04
N THR C 171 -0.94 13.14 -3.39
CA THR C 171 -2.07 13.60 -2.58
C THR C 171 -2.19 12.82 -1.29
N ALA C 172 -1.98 11.50 -1.34
CA ALA C 172 -2.23 10.62 -0.20
C ALA C 172 -0.98 10.39 0.64
N GLN C 173 -0.04 11.33 0.62
CA GLN C 173 1.13 11.22 1.47
C GLN C 173 0.73 11.30 2.93
N ALA C 174 1.40 10.49 3.76
CA ALA C 174 1.04 10.38 5.17
C ALA C 174 1.68 11.45 6.05
N HIS C 175 2.63 12.23 5.53
CA HIS C 175 3.27 13.26 6.33
CA HIS C 175 3.26 13.24 6.36
C HIS C 175 2.29 14.36 6.72
N ARG C 176 1.33 14.67 5.85
CA ARG C 176 0.34 15.68 6.18
C ARG C 176 -0.54 15.26 7.35
N ARG C 177 -0.72 13.96 7.56
CA ARG C 177 -1.43 13.48 8.74
C ARG C 177 -0.71 13.84 10.02
N ALA C 178 0.62 13.99 9.97
CA ALA C 178 1.37 14.37 11.15
C ALA C 178 1.10 15.79 11.61
N GLU C 179 0.42 16.60 10.79
CA GLU C 179 0.05 17.95 11.19
C GLU C 179 -1.07 17.97 12.23
N THR C 180 -1.73 16.83 12.47
CA THR C 180 -2.77 16.73 13.47
C THR C 180 -2.33 15.88 14.67
N LEU C 181 -1.02 15.71 14.85
CA LEU C 181 -0.46 15.02 16.01
C LEU C 181 0.32 16.07 16.78
N ILE C 182 -0.33 16.67 17.76
CA ILE C 182 0.25 17.80 18.49
C ILE C 182 1.09 17.28 19.64
N PHE C 183 2.21 17.96 19.88
CA PHE C 183 3.03 17.76 21.06
C PHE C 183 2.93 18.98 21.96
N SER C 184 3.42 18.84 23.18
CA SER C 184 3.48 19.98 24.09
C SER C 184 4.48 21.00 23.59
N LYS C 185 4.23 22.27 23.91
CA LYS C 185 5.19 23.31 23.62
C LYS C 185 6.31 23.38 24.66
N HIS C 186 6.16 22.69 25.79
CA HIS C 186 7.17 22.67 26.83
C HIS C 186 7.26 21.27 27.41
N ALA C 187 8.49 20.83 27.67
CA ALA C 187 8.71 19.59 28.38
C ALA C 187 8.85 19.85 29.87
N VAL C 188 8.71 18.80 30.67
CA VAL C 188 8.67 18.91 32.11
C VAL C 188 9.58 17.84 32.71
N ILE C 189 10.38 18.23 33.69
CA ILE C 189 11.24 17.30 34.44
C ILE C 189 10.84 17.40 35.89
N THR C 190 9.93 16.54 36.33
CA THR C 190 9.41 16.58 37.69
C THR C 190 9.70 15.26 38.39
N LEU C 191 9.23 15.16 39.63
CA LEU C 191 9.40 13.95 40.43
C LEU C 191 8.19 13.05 40.25
N ARG C 192 8.43 11.80 39.85
CA ARG C 192 7.38 10.79 39.73
C ARG C 192 7.88 9.50 40.34
N HIS C 193 7.17 9.01 41.36
CA HIS C 193 7.51 7.76 42.04
C HIS C 193 8.92 7.80 42.61
N GLY C 194 9.34 8.98 43.06
CA GLY C 194 10.62 9.13 43.72
C GLY C 194 11.81 9.35 42.80
N ARG C 195 11.62 9.33 41.48
CA ARG C 195 12.70 9.53 40.54
C ARG C 195 12.32 10.63 39.56
N LEU C 196 13.32 11.44 39.18
CA LEU C 196 13.08 12.52 38.23
C LEU C 196 12.74 11.93 36.86
N CYS C 197 11.71 12.49 36.22
CA CYS C 197 11.24 11.98 34.93
C CYS C 197 11.10 13.15 33.97
N PHE C 198 11.66 12.99 32.77
CA PHE C 198 11.50 13.97 31.71
C PHE C 198 10.18 13.68 31.00
N MET C 199 9.17 14.50 31.26
CA MET C 199 7.82 14.23 30.78
C MET C 199 7.43 15.19 29.67
N LEU C 200 6.59 14.71 28.77
CA LEU C 200 5.96 15.53 27.75
C LEU C 200 4.63 14.89 27.37
N ARG C 201 3.76 15.68 26.76
CA ARG C 201 2.42 15.23 26.41
C ARG C 201 2.25 15.23 24.90
N VAL C 202 1.68 14.17 24.37
CA VAL C 202 1.41 14.01 22.94
C VAL C 202 -0.05 13.63 22.75
N GLY C 203 -0.73 14.30 21.83
CA GLY C 203 -2.13 14.05 21.59
C GLY C 203 -2.42 13.93 20.10
N ASP C 204 -3.61 13.42 19.81
CA ASP C 204 -4.09 13.22 18.44
C ASP C 204 -5.43 13.95 18.30
N LEU C 205 -5.49 14.90 17.38
CA LEU C 205 -6.70 15.68 17.20
C LEU C 205 -7.78 14.92 16.43
N ARG C 206 -7.40 14.07 15.49
CA ARG C 206 -8.36 13.41 14.64
C ARG C 206 -9.11 12.32 15.40
N LYS C 207 -10.32 12.02 14.93
CA LYS C 207 -11.10 10.93 15.51
C LYS C 207 -10.46 9.58 15.19
N SER C 208 -9.91 9.44 13.99
CA SER C 208 -9.30 8.18 13.58
C SER C 208 -8.03 7.91 14.37
N MET C 209 -7.59 6.67 14.33
CA MET C 209 -6.49 6.18 15.17
C MET C 209 -5.18 6.17 14.39
N ILE C 210 -4.09 6.04 15.14
CA ILE C 210 -2.76 5.81 14.58
C ILE C 210 -2.40 4.37 14.96
N ILE C 211 -2.47 3.46 14.00
CA ILE C 211 -2.23 2.05 14.28
C ILE C 211 -0.74 1.81 14.45
N SER C 212 -0.39 0.98 15.43
CA SER C 212 0.99 0.59 15.70
C SER C 212 1.86 1.82 15.96
N ALA C 213 1.36 2.71 16.82
CA ALA C 213 2.11 3.91 17.16
C ALA C 213 3.32 3.56 18.01
N THR C 214 4.47 4.11 17.66
CA THR C 214 5.71 3.90 18.40
C THR C 214 6.32 5.25 18.72
N ILE C 215 6.92 5.37 19.90
CA ILE C 215 7.56 6.59 20.36
C ILE C 215 9.04 6.34 20.51
N HIS C 216 9.86 7.17 19.87
CA HIS C 216 11.30 7.12 20.01
C HIS C 216 11.79 8.49 20.47
N MET C 217 12.56 8.50 21.55
CA MET C 217 13.11 9.73 22.11
C MET C 217 14.62 9.67 22.06
N GLN C 218 15.25 10.75 21.59
CA GLN C 218 16.69 10.82 21.45
C GLN C 218 17.21 12.13 22.00
N VAL C 219 18.44 12.10 22.51
CA VAL C 219 19.14 13.28 22.96
C VAL C 219 20.18 13.65 21.91
N VAL C 220 20.14 14.89 21.44
CA VAL C 220 21.01 15.36 20.37
C VAL C 220 21.91 16.45 20.94
N ARG C 221 23.20 16.14 21.05
CA ARG C 221 24.18 17.12 21.51
C ARG C 221 25.55 16.64 21.08
N LYS C 222 26.54 17.53 21.19
CA LYS C 222 27.90 17.22 20.80
C LYS C 222 28.62 16.56 21.97
N THR C 223 28.97 15.29 21.81
CA THR C 223 29.63 14.51 22.85
C THR C 223 31.02 14.13 22.37
N THR C 224 32.02 14.29 23.25
CA THR C 224 33.40 13.96 22.94
C THR C 224 33.80 12.72 23.74
N SER C 225 34.22 11.68 23.03
CA SER C 225 34.68 10.47 23.67
C SER C 225 36.04 10.72 24.35
N PRO C 226 36.39 9.91 25.34
CA PRO C 226 37.71 10.09 25.99
C PRO C 226 38.87 9.97 25.03
N GLU C 227 38.71 9.20 23.94
CA GLU C 227 39.78 9.06 22.95
C GLU C 227 39.98 10.30 22.11
N GLY C 228 39.11 11.30 22.23
CA GLY C 228 39.23 12.54 21.48
C GLY C 228 38.30 12.68 20.31
N GLU C 229 37.58 11.62 19.94
CA GLU C 229 36.61 11.71 18.86
C GLU C 229 35.46 12.62 19.26
N VAL C 230 35.03 13.46 18.31
CA VAL C 230 33.93 14.40 18.54
C VAL C 230 32.83 14.10 17.53
N VAL C 231 31.60 13.98 18.03
CA VAL C 231 30.45 13.77 17.17
C VAL C 231 29.55 15.00 17.25
N PRO C 232 29.43 15.78 16.18
CA PRO C 232 28.72 17.07 16.28
C PRO C 232 27.26 16.93 16.71
N LEU C 233 26.59 15.87 16.29
CA LEU C 233 25.17 15.66 16.59
C LEU C 233 24.94 14.23 17.05
N HIS C 234 25.72 13.78 18.03
CA HIS C 234 25.60 12.42 18.51
C HIS C 234 24.21 12.18 19.07
N GLN C 235 23.40 11.36 18.39
CA GLN C 235 22.03 11.09 18.79
C GLN C 235 22.04 9.88 19.71
N VAL C 236 21.86 10.11 21.01
CA VAL C 236 21.80 9.06 22.01
C VAL C 236 20.34 8.71 22.22
N ASP C 237 19.99 7.44 22.04
CA ASP C 237 18.61 7.02 22.14
C ASP C 237 18.27 6.74 23.60
N ILE C 238 17.26 7.43 24.12
CA ILE C 238 16.85 7.25 25.51
C ILE C 238 15.55 6.46 25.55
N PRO C 239 15.35 5.61 26.55
CA PRO C 239 14.10 4.85 26.65
C PRO C 239 13.03 5.63 27.39
N MET C 240 11.80 5.18 27.20
CA MET C 240 10.65 5.70 27.93
C MET C 240 10.03 4.57 28.74
N GLU C 241 9.47 4.91 29.89
CA GLU C 241 8.86 3.90 30.75
C GLU C 241 7.52 3.49 30.15
N ASN C 242 7.37 2.20 29.86
CA ASN C 242 6.13 1.69 29.29
C ASN C 242 5.64 0.50 30.10
N GLY C 243 6.56 -0.20 30.76
CA GLY C 243 6.24 -1.33 31.59
C GLY C 243 6.44 -2.68 30.92
N VAL C 244 6.49 -2.72 29.60
CA VAL C 244 6.71 -3.96 28.86
C VAL C 244 7.85 -3.75 27.87
N GLY C 245 8.78 -2.87 28.23
CA GLY C 245 9.78 -2.44 27.27
C GLY C 245 9.53 -1.00 26.85
N GLY C 246 9.05 -0.80 25.64
CA GLY C 246 8.72 0.54 25.20
C GLY C 246 8.47 0.59 23.71
N ASN C 247 8.46 1.82 23.19
CA ASN C 247 8.24 2.07 21.76
C ASN C 247 6.90 1.51 21.29
N SER C 248 5.87 1.69 22.11
CA SER C 248 4.52 1.26 21.74
C SER C 248 3.52 1.98 22.62
N ILE C 249 2.59 2.71 22.01
CA ILE C 249 1.55 3.41 22.73
C ILE C 249 0.21 3.19 22.02
N PHE C 250 -0.86 3.44 22.74
CA PHE C 250 -2.22 3.41 22.20
C PHE C 250 -2.76 4.83 22.33
N LEU C 251 -2.57 5.62 21.28
CA LEU C 251 -2.84 7.06 21.32
C LEU C 251 -4.26 7.32 20.83
N VAL C 252 -5.19 7.45 21.77
CA VAL C 252 -6.55 7.88 21.44
C VAL C 252 -6.89 9.07 22.34
N ALA C 253 -6.22 9.15 23.48
CA ALA C 253 -6.30 10.29 24.38
C ALA C 253 -4.89 10.80 24.65
N PRO C 254 -4.72 12.09 24.94
CA PRO C 254 -3.37 12.64 25.07
C PRO C 254 -2.58 12.01 26.20
N LEU C 255 -1.54 11.27 25.85
CA LEU C 255 -0.69 10.57 26.80
C LEU C 255 0.45 11.46 27.26
N ILE C 256 0.96 11.16 28.45
CA ILE C 256 2.19 11.77 28.94
C ILE C 256 3.31 10.76 28.69
N ILE C 257 4.27 11.14 27.86
CA ILE C 257 5.40 10.28 27.53
C ILE C 257 6.58 10.76 28.35
N TYR C 258 7.08 9.91 29.24
CA TYR C 258 8.14 10.33 30.14
C TYR C 258 9.26 9.30 30.17
N HIS C 259 10.47 9.81 30.34
CA HIS C 259 11.68 9.01 30.46
C HIS C 259 12.23 9.14 31.86
N VAL C 260 12.41 8.02 32.55
CA VAL C 260 12.91 8.03 33.92
C VAL C 260 14.41 8.23 33.89
N ILE C 261 14.89 9.26 34.58
CA ILE C 261 16.30 9.59 34.59
C ILE C 261 16.98 8.74 35.67
N ASP C 262 17.77 7.76 35.24
CA ASP C 262 18.47 6.89 36.16
C ASP C 262 19.96 6.86 35.85
N SER C 263 20.69 5.91 36.45
CA SER C 263 22.15 5.92 36.38
C SER C 263 22.65 5.89 34.94
N ASN C 264 22.06 5.04 34.11
CA ASN C 264 22.52 4.89 32.73
C ASN C 264 21.87 5.89 31.77
N SER C 265 20.97 6.74 32.26
CA SER C 265 20.36 7.73 31.38
C SER C 265 21.34 8.84 31.04
N PRO C 266 21.26 9.39 29.82
CA PRO C 266 22.14 10.49 29.43
C PRO C 266 21.88 11.80 30.17
N LEU C 267 20.73 11.94 30.83
CA LEU C 267 20.40 13.14 31.59
C LEU C 267 20.69 12.97 33.07
N TYR C 268 21.45 11.94 33.44
CA TYR C 268 21.74 11.64 34.84
C TYR C 268 22.55 12.73 35.52
N ASP C 269 23.16 13.63 34.75
CA ASP C 269 23.95 14.73 35.29
C ASP C 269 23.40 16.07 34.83
N LEU C 270 22.09 16.16 34.67
CA LEU C 270 21.42 17.37 34.23
C LEU C 270 20.94 18.16 35.44
N ALA C 271 21.28 19.44 35.48
CA ALA C 271 20.94 20.33 36.58
C ALA C 271 19.96 21.41 36.12
N PRO C 272 19.15 21.96 37.02
CA PRO C 272 18.24 23.04 36.61
C PRO C 272 18.96 24.26 36.10
N SER C 273 20.21 24.49 36.50
CA SER C 273 20.97 25.61 35.98
C SER C 273 21.37 25.40 34.52
N ASP C 274 21.30 24.18 34.02
CA ASP C 274 21.66 23.89 32.64
C ASP C 274 20.52 24.14 31.66
N LEU C 275 19.33 24.47 32.15
CA LEU C 275 18.16 24.65 31.28
C LEU C 275 18.02 26.11 30.85
N HIS C 276 19.09 26.62 30.25
CA HIS C 276 19.09 27.93 29.62
C HIS C 276 19.24 27.76 28.12
N HIS C 277 19.05 28.88 27.39
CA HIS C 277 18.91 28.79 25.94
C HIS C 277 20.17 28.25 25.28
N HIS C 278 21.35 28.72 25.70
CA HIS C 278 22.61 28.34 25.07
C HIS C 278 23.23 27.22 25.90
N GLN C 279 22.77 25.99 25.68
CA GLN C 279 23.24 24.83 26.40
C GLN C 279 23.74 23.70 25.51
N ASP C 280 23.30 23.61 24.26
CA ASP C 280 23.61 22.50 23.37
C ASP C 280 23.08 21.19 23.97
N LEU C 281 21.77 21.14 24.13
CA LEU C 281 21.09 19.96 24.66
C LEU C 281 19.70 19.95 24.05
N GLU C 282 19.41 18.96 23.20
CA GLU C 282 18.16 18.90 22.48
C GLU C 282 17.55 17.50 22.63
N ILE C 283 16.25 17.46 22.86
CA ILE C 283 15.50 16.21 22.98
C ILE C 283 14.55 16.12 21.80
N ILE C 284 14.55 14.98 21.13
CA ILE C 284 13.73 14.76 19.94
C ILE C 284 12.75 13.64 20.23
N VAL C 285 11.48 13.86 19.90
CA VAL C 285 10.43 12.87 20.07
C VAL C 285 9.88 12.52 18.70
N ILE C 286 9.83 11.22 18.40
CA ILE C 286 9.38 10.73 17.10
C ILE C 286 8.21 9.79 17.33
N LEU C 287 7.10 10.05 16.63
CA LEU C 287 5.91 9.22 16.72
C LEU C 287 5.64 8.65 15.33
N GLU C 288 5.74 7.33 15.21
CA GLU C 288 5.58 6.65 13.94
C GLU C 288 4.46 5.62 14.05
N GLY C 289 3.57 5.60 13.06
CA GLY C 289 2.49 4.64 13.06
C GLY C 289 1.77 4.64 11.74
N VAL C 290 0.97 3.61 11.53
CA VAL C 290 0.18 3.49 10.31
C VAL C 290 -1.10 4.31 10.47
N VAL C 291 -1.38 5.16 9.49
CA VAL C 291 -2.61 5.95 9.51
C VAL C 291 -3.79 5.01 9.26
N GLU C 292 -4.73 4.97 10.20
CA GLU C 292 -5.84 4.04 10.10
C GLU C 292 -6.72 4.38 8.88
N THR C 293 -6.95 5.66 8.64
CA THR C 293 -7.81 6.06 7.53
C THR C 293 -7.21 5.67 6.19
N THR C 294 -5.90 5.89 6.02
CA THR C 294 -5.23 5.71 4.75
C THR C 294 -4.54 4.36 4.61
N GLY C 295 -3.79 3.95 5.62
CA GLY C 295 -3.00 2.73 5.55
C GLY C 295 -1.53 2.93 5.29
N ILE C 296 -1.04 4.18 5.29
CA ILE C 296 0.35 4.50 5.00
C ILE C 296 1.00 4.99 6.29
N THR C 297 2.16 4.43 6.61
CA THR C 297 2.86 4.83 7.82
C THR C 297 3.26 6.30 7.76
N THR C 298 3.09 7.00 8.87
CA THR C 298 3.44 8.41 8.99
C THR C 298 4.52 8.58 10.03
N GLN C 299 4.90 9.84 10.26
CA GLN C 299 5.93 10.15 11.27
C GLN C 299 5.75 11.59 11.71
N ALA C 300 5.56 11.80 13.00
CA ALA C 300 5.45 13.12 13.59
C ALA C 300 6.67 13.35 14.49
N ARG C 301 7.34 14.48 14.29
CA ARG C 301 8.56 14.80 15.00
C ARG C 301 8.41 16.13 15.72
N THR C 302 9.17 16.27 16.81
CA THR C 302 9.23 17.53 17.55
C THR C 302 10.54 17.53 18.33
N SER C 303 10.95 18.72 18.76
CA SER C 303 12.19 18.86 19.48
C SER C 303 12.02 19.86 20.61
N TYR C 304 12.65 19.57 21.75
CA TYR C 304 12.63 20.44 22.92
C TYR C 304 14.05 20.87 23.21
N LEU C 305 14.35 22.15 22.99
CA LEU C 305 15.66 22.68 23.33
C LEU C 305 15.80 22.76 24.84
N ALA C 306 16.97 23.24 25.29
CA ALA C 306 17.22 23.32 26.73
C ALA C 306 16.29 24.31 27.39
N ASP C 307 16.03 25.46 26.76
CA ASP C 307 15.19 26.47 27.37
C ASP C 307 13.71 26.17 27.24
N GLU C 308 13.33 25.19 26.42
CA GLU C 308 11.94 24.78 26.29
C GLU C 308 11.55 23.71 27.29
N ILE C 309 12.45 23.31 28.17
CA ILE C 309 12.19 22.31 29.19
C ILE C 309 12.05 23.02 30.53
N LEU C 310 10.93 22.79 31.19
CA LEU C 310 10.63 23.44 32.46
C LEU C 310 10.91 22.47 33.60
N TRP C 311 11.67 22.93 34.60
CA TRP C 311 12.10 22.04 35.67
C TRP C 311 11.00 21.82 36.69
N GLY C 312 10.67 22.85 37.46
CA GLY C 312 9.69 22.69 38.52
C GLY C 312 8.27 22.87 38.05
N GLN C 313 7.79 21.95 37.21
CA GLN C 313 6.45 22.04 36.65
C GLN C 313 5.83 20.65 36.63
N ARG C 314 4.58 20.58 36.16
CA ARG C 314 3.84 19.33 36.04
C ARG C 314 2.60 19.59 35.22
N PHE C 315 2.30 18.68 34.30
CA PHE C 315 1.14 18.85 33.43
C PHE C 315 -0.16 18.74 34.22
N VAL C 316 -1.13 19.56 33.84
CA VAL C 316 -2.44 19.57 34.48
C VAL C 316 -3.35 18.56 33.79
N PRO C 317 -4.11 17.75 34.53
CA PRO C 317 -5.03 16.80 33.89
C PRO C 317 -6.06 17.52 33.04
N ILE C 318 -6.41 16.93 31.91
CA ILE C 318 -7.35 17.55 30.98
C ILE C 318 -8.48 16.58 30.63
N VAL C 319 -8.29 15.31 30.94
CA VAL C 319 -9.30 14.30 30.64
C VAL C 319 -10.37 14.32 31.72
N ALA C 320 -11.62 14.48 31.31
CA ALA C 320 -12.75 14.51 32.23
C ALA C 320 -13.85 13.60 31.69
N GLU C 321 -14.82 13.31 32.54
CA GLU C 321 -15.93 12.43 32.20
C GLU C 321 -17.22 13.25 32.16
N GLU C 322 -17.81 13.34 30.98
CA GLU C 322 -19.09 14.03 30.78
C GLU C 322 -20.12 13.01 30.34
N ASP C 323 -21.20 12.89 31.10
CA ASP C 323 -22.24 11.89 30.85
C ASP C 323 -21.62 10.50 30.75
N GLY C 324 -21.71 9.88 29.58
CA GLY C 324 -21.14 8.57 29.38
C GLY C 324 -20.05 8.55 28.31
N ARG C 325 -19.26 9.61 28.27
CA ARG C 325 -18.22 9.75 27.26
C ARG C 325 -17.16 10.70 27.79
N TYR C 326 -15.91 10.24 27.80
CA TYR C 326 -14.82 11.08 28.26
C TYR C 326 -14.62 12.27 27.33
N SER C 327 -14.35 13.43 27.92
CA SER C 327 -14.15 14.66 27.17
C SER C 327 -12.74 15.17 27.41
N VAL C 328 -12.00 15.38 26.34
CA VAL C 328 -10.63 15.89 26.41
C VAL C 328 -10.67 17.38 26.11
N ASP C 329 -10.13 18.18 27.02
CA ASP C 329 -10.12 19.63 26.90
C ASP C 329 -8.76 20.05 26.34
N TYR C 330 -8.69 20.16 25.02
CA TYR C 330 -7.43 20.49 24.37
C TYR C 330 -7.00 21.93 24.58
N SER C 331 -7.86 22.78 25.15
CA SER C 331 -7.44 24.15 25.44
C SER C 331 -6.34 24.16 26.50
N LYS C 332 -6.43 23.29 27.50
CA LYS C 332 -5.45 23.19 28.56
C LYS C 332 -4.38 22.16 28.26
N PHE C 333 -4.07 21.94 26.98
CA PHE C 333 -3.17 20.86 26.59
C PHE C 333 -1.79 21.02 27.21
N GLY C 334 -1.11 22.10 26.86
CA GLY C 334 0.26 22.32 27.30
C GLY C 334 0.43 23.01 28.63
N ASN C 335 -0.66 23.27 29.36
CA ASN C 335 -0.55 24.00 30.61
C ASN C 335 0.16 23.16 31.67
N THR C 336 1.01 23.81 32.45
CA THR C 336 1.74 23.17 33.53
C THR C 336 1.55 23.96 34.82
N VAL C 337 1.67 23.26 35.94
CA VAL C 337 1.52 23.84 37.26
C VAL C 337 2.76 23.53 38.08
N LYS C 338 3.31 24.56 38.73
CA LYS C 338 4.52 24.37 39.52
C LYS C 338 4.26 23.42 40.68
N VAL C 339 5.23 22.54 40.93
CA VAL C 339 5.15 21.57 42.02
C VAL C 339 6.49 21.55 42.75
N PRO C 340 6.53 21.17 44.03
CA PRO C 340 7.81 21.14 44.74
C PRO C 340 8.74 20.05 44.19
N THR C 341 9.83 20.47 43.56
CA THR C 341 10.79 19.56 42.95
C THR C 341 12.19 19.93 43.42
N PRO C 342 13.03 18.96 43.78
CA PRO C 342 14.40 19.28 44.18
C PRO C 342 15.17 19.95 43.05
N LEU C 343 16.06 20.86 43.42
CA LEU C 343 16.90 21.58 42.46
C LEU C 343 18.24 20.91 42.27
N CYS C 344 18.30 19.59 42.43
CA CYS C 344 19.53 18.83 42.30
C CYS C 344 19.42 17.86 41.13
N THR C 345 20.58 17.47 40.61
CA THR C 345 20.62 16.53 39.50
C THR C 345 20.15 15.15 39.97
N ALA C 346 19.85 14.29 39.00
CA ALA C 346 19.46 12.93 39.35
C ALA C 346 20.63 12.16 39.96
N ARG C 347 21.86 12.53 39.62
CA ARG C 347 23.02 11.95 40.29
C ARG C 347 23.03 12.29 41.77
N GLN C 348 22.74 13.55 42.11
CA GLN C 348 22.74 13.95 43.51
C GLN C 348 21.57 13.37 44.27
N LEU C 349 20.46 13.08 43.57
CA LEU C 349 19.31 12.48 44.24
C LEU C 349 19.64 11.09 44.78
N ASP C 350 20.36 10.28 44.00
CA ASP C 350 20.76 8.96 44.48
C ASP C 350 21.74 9.08 45.63
N GLU C 351 22.67 10.03 45.56
CA GLU C 351 23.59 10.28 46.66
C GLU C 351 22.90 10.93 47.85
N ASP C 352 21.66 11.41 47.69
CA ASP C 352 20.90 12.06 48.76
C ASP C 352 21.68 13.23 49.36
N ARG D 32 38.37 -14.52 -4.87
CA ARG D 32 37.25 -14.68 -3.96
C ARG D 32 35.91 -14.43 -4.65
N ALA D 33 34.89 -14.20 -3.83
CA ALA D 33 33.55 -13.91 -4.33
C ALA D 33 32.79 -13.21 -3.22
N ARG D 34 32.19 -12.05 -3.54
CA ARG D 34 31.47 -11.26 -2.57
C ARG D 34 30.05 -11.80 -2.41
N PHE D 35 29.60 -11.89 -1.16
CA PHE D 35 28.22 -12.32 -0.92
C PHE D 35 27.23 -11.22 -1.27
N VAL D 36 27.59 -9.97 -0.99
CA VAL D 36 26.79 -8.81 -1.36
C VAL D 36 27.74 -7.77 -1.95
N SER D 37 27.38 -7.24 -3.12
CA SER D 37 28.21 -6.23 -3.75
C SER D 37 28.18 -4.94 -2.95
N LYS D 38 29.13 -4.05 -3.26
CA LYS D 38 29.17 -2.76 -2.57
C LYS D 38 27.91 -1.94 -2.83
N LYS D 39 27.25 -2.18 -3.96
CA LYS D 39 26.02 -1.48 -4.30
C LYS D 39 24.77 -2.17 -3.78
N GLY D 40 24.93 -3.26 -3.04
CA GLY D 40 23.80 -4.00 -2.50
C GLY D 40 23.33 -5.16 -3.32
N ASN D 41 23.90 -5.38 -4.51
CA ASN D 41 23.52 -6.53 -5.32
C ASN D 41 24.00 -7.81 -4.65
N CYS D 42 23.14 -8.82 -4.63
CA CYS D 42 23.46 -10.10 -4.03
C CYS D 42 24.03 -11.03 -5.10
N ASN D 43 25.25 -11.50 -4.88
CA ASN D 43 25.94 -12.35 -5.85
C ASN D 43 25.73 -13.82 -5.48
N VAL D 44 24.49 -14.27 -5.65
CA VAL D 44 24.13 -15.66 -5.45
C VAL D 44 23.32 -16.13 -6.65
N ALA D 45 23.65 -17.30 -7.17
CA ALA D 45 22.94 -17.91 -8.28
C ALA D 45 22.24 -19.17 -7.81
N HIS D 46 20.94 -19.26 -8.07
CA HIS D 46 20.14 -20.41 -7.69
C HIS D 46 20.17 -21.43 -8.82
N LYS D 47 20.57 -22.66 -8.51
CA LYS D 47 20.80 -23.67 -9.52
C LYS D 47 20.05 -24.95 -9.19
N ASN D 48 19.75 -25.71 -10.24
CA ASN D 48 19.13 -27.04 -10.13
C ASN D 48 17.81 -26.97 -9.37
N ILE D 49 16.96 -26.02 -9.75
CA ILE D 49 15.61 -25.95 -9.20
C ILE D 49 14.72 -26.85 -10.04
N ARG D 50 14.07 -27.81 -9.37
CA ARG D 50 13.20 -28.77 -10.05
C ARG D 50 11.74 -28.59 -9.65
N GLU D 51 11.34 -27.35 -9.38
CA GLU D 51 9.99 -27.03 -8.91
C GLU D 51 9.43 -25.87 -9.70
N ARG D 52 9.49 -25.97 -11.02
CA ARG D 52 8.98 -24.93 -11.90
C ARG D 52 7.49 -24.67 -11.68
N GLY D 53 6.76 -25.62 -11.11
CA GLY D 53 5.34 -25.41 -10.86
C GLY D 53 5.08 -24.29 -9.86
N ARG D 54 6.05 -24.02 -8.98
CA ARG D 54 5.88 -22.93 -8.02
C ARG D 54 5.94 -21.58 -8.71
N PHE D 55 6.87 -21.42 -9.67
CA PHE D 55 6.95 -20.17 -10.42
C PHE D 55 5.71 -19.95 -11.27
N LEU D 56 5.16 -21.02 -11.83
CA LEU D 56 3.95 -20.89 -12.64
C LEU D 56 2.75 -20.53 -11.78
N GLN D 57 2.70 -21.03 -10.54
CA GLN D 57 1.61 -20.72 -9.64
C GLN D 57 1.67 -19.31 -9.09
N ASP D 58 2.77 -18.59 -9.31
CA ASP D 58 2.96 -17.22 -8.86
C ASP D 58 3.31 -16.39 -10.08
N VAL D 59 2.28 -15.90 -10.77
CA VAL D 59 2.48 -15.22 -12.05
C VAL D 59 2.70 -13.73 -11.87
N PHE D 60 1.94 -13.08 -10.99
CA PHE D 60 2.02 -11.62 -10.89
C PHE D 60 3.39 -11.17 -10.41
N THR D 61 3.96 -11.85 -9.42
CA THR D 61 5.29 -11.49 -8.96
C THR D 61 6.31 -11.63 -10.09
N THR D 62 6.13 -12.65 -10.93
CA THR D 62 6.97 -12.79 -12.11
C THR D 62 6.77 -11.61 -13.06
N LEU D 63 5.52 -11.18 -13.24
CA LEU D 63 5.23 -10.11 -14.20
C LEU D 63 5.90 -8.81 -13.78
N VAL D 64 5.84 -8.47 -12.49
CA VAL D 64 6.45 -7.23 -12.02
C VAL D 64 7.97 -7.34 -11.91
N ASP D 65 8.51 -8.54 -11.71
CA ASP D 65 9.94 -8.72 -11.53
C ASP D 65 10.71 -8.70 -12.84
N LEU D 66 10.03 -8.66 -13.98
CA LEU D 66 10.72 -8.62 -15.26
C LEU D 66 11.47 -7.31 -15.44
N LYS D 67 12.53 -7.37 -16.22
CA LYS D 67 13.25 -6.15 -16.57
C LYS D 67 12.38 -5.25 -17.45
N TRP D 68 12.71 -3.97 -17.45
CA TRP D 68 11.91 -3.00 -18.19
C TRP D 68 11.72 -3.32 -19.66
N PRO D 69 12.73 -3.74 -20.44
CA PRO D 69 12.46 -4.11 -21.83
C PRO D 69 11.45 -5.24 -21.97
N HIS D 70 11.46 -6.20 -21.05
CA HIS D 70 10.45 -7.25 -21.09
C HIS D 70 9.10 -6.73 -20.61
N THR D 71 9.10 -5.85 -19.61
CA THR D 71 7.84 -5.30 -19.12
C THR D 71 7.15 -4.49 -20.20
N LEU D 72 7.92 -3.71 -20.98
CA LEU D 72 7.34 -2.96 -22.08
C LEU D 72 6.78 -3.91 -23.14
N LEU D 73 7.51 -4.99 -23.44
CA LEU D 73 7.03 -5.95 -24.43
C LEU D 73 5.75 -6.62 -23.97
N ILE D 74 5.70 -7.05 -22.71
CA ILE D 74 4.49 -7.69 -22.20
C ILE D 74 3.35 -6.69 -22.14
N PHE D 75 3.63 -5.47 -21.70
CA PHE D 75 2.60 -4.43 -21.68
C PHE D 75 2.08 -4.15 -23.08
N THR D 76 2.99 -4.05 -24.06
CA THR D 76 2.58 -3.80 -25.43
C THR D 76 1.84 -5.01 -26.00
N MET D 77 2.36 -6.21 -25.77
CA MET D 77 1.76 -7.39 -26.38
C MET D 77 0.48 -7.81 -25.70
N SER D 78 0.22 -7.35 -24.47
CA SER D 78 -1.03 -7.67 -23.81
C SER D 78 -2.20 -6.96 -24.48
N PHE D 79 -2.04 -5.66 -24.74
CA PHE D 79 -3.09 -4.92 -25.41
C PHE D 79 -3.15 -5.25 -26.90
N LEU D 80 -1.99 -5.34 -27.56
CA LEU D 80 -1.97 -5.53 -29.01
C LEU D 80 -2.58 -6.86 -29.40
N CYS D 81 -2.24 -7.92 -28.66
CA CYS D 81 -2.85 -9.22 -28.94
C CYS D 81 -4.33 -9.24 -28.60
N SER D 82 -4.72 -8.50 -27.55
CA SER D 82 -6.14 -8.42 -27.22
C SER D 82 -6.94 -7.77 -28.35
N TRP D 83 -6.40 -6.70 -28.94
CA TRP D 83 -7.07 -6.05 -30.06
C TRP D 83 -7.14 -6.99 -31.25
N LEU D 84 -6.06 -7.71 -31.53
CA LEU D 84 -6.05 -8.63 -32.67
C LEU D 84 -7.04 -9.78 -32.46
N LEU D 85 -7.11 -10.32 -31.26
CA LEU D 85 -7.99 -11.46 -31.00
C LEU D 85 -9.44 -11.11 -31.29
N PHE D 86 -9.89 -9.96 -30.77
CA PHE D 86 -11.25 -9.52 -31.06
C PHE D 86 -11.40 -8.96 -32.46
N ALA D 87 -10.32 -8.47 -33.07
CA ALA D 87 -10.40 -8.03 -34.45
C ALA D 87 -10.78 -9.17 -35.37
N MET D 88 -10.20 -10.35 -35.14
CA MET D 88 -10.59 -11.52 -35.92
C MET D 88 -12.04 -11.90 -35.66
N VAL D 89 -12.49 -11.77 -34.40
CA VAL D 89 -13.88 -12.08 -34.08
C VAL D 89 -14.82 -11.09 -34.77
N TRP D 90 -14.49 -9.81 -34.73
CA TRP D 90 -15.30 -8.81 -35.43
C TRP D 90 -15.28 -9.03 -36.93
N TRP D 91 -14.11 -9.36 -37.47
CA TRP D 91 -14.01 -9.65 -38.90
C TRP D 91 -14.79 -10.89 -39.27
N LEU D 92 -14.76 -11.91 -38.42
CA LEU D 92 -15.40 -13.17 -38.76
C LEU D 92 -16.92 -13.04 -38.77
N ILE D 93 -17.50 -12.42 -37.74
CA ILE D 93 -18.95 -12.30 -37.70
C ILE D 93 -19.47 -11.33 -38.74
N ALA D 94 -18.66 -10.36 -39.16
CA ALA D 94 -19.04 -9.54 -40.30
C ALA D 94 -19.00 -10.34 -41.60
N PHE D 95 -18.07 -11.29 -41.71
CA PHE D 95 -18.06 -12.20 -42.84
C PHE D 95 -19.28 -13.10 -42.83
N ALA D 96 -19.57 -13.74 -41.70
CA ALA D 96 -20.68 -14.67 -41.62
C ALA D 96 -22.01 -13.98 -41.87
N HIS D 97 -22.10 -12.68 -41.57
CA HIS D 97 -23.32 -11.93 -41.80
C HIS D 97 -23.42 -11.39 -43.21
N GLY D 98 -22.39 -11.57 -44.03
CA GLY D 98 -22.40 -11.03 -45.38
C GLY D 98 -22.01 -9.58 -45.50
N ASP D 99 -21.53 -8.96 -44.42
CA ASP D 99 -21.19 -7.54 -44.47
C ASP D 99 -20.00 -7.28 -45.38
N LEU D 100 -19.06 -8.21 -45.46
CA LEU D 100 -17.89 -8.03 -46.31
C LEU D 100 -18.26 -8.00 -47.79
N ALA D 101 -19.38 -8.60 -48.16
CA ALA D 101 -19.81 -8.59 -49.56
C ALA D 101 -20.42 -7.24 -49.90
N PRO D 102 -19.90 -6.51 -50.89
CA PRO D 102 -20.47 -5.22 -51.26
C PRO D 102 -21.72 -5.29 -52.11
N GLY D 103 -22.33 -6.47 -52.24
CA GLY D 103 -23.49 -6.63 -53.09
C GLY D 103 -24.70 -5.85 -52.63
N GLU D 104 -25.04 -4.80 -53.39
CA GLU D 104 -26.21 -3.96 -53.14
C GLU D 104 -26.21 -3.40 -51.72
N GLY D 105 -27.39 -3.05 -51.22
CA GLY D 105 -27.52 -2.56 -49.87
C GLY D 105 -28.75 -3.14 -49.18
N THR D 106 -29.55 -2.28 -48.56
CA THR D 106 -30.81 -2.64 -47.89
C THR D 106 -30.62 -3.65 -46.78
N ASN D 107 -29.38 -3.94 -46.40
CA ASN D 107 -29.08 -4.86 -45.30
C ASN D 107 -28.33 -4.10 -44.23
N VAL D 108 -28.78 -4.22 -42.98
CA VAL D 108 -28.18 -3.53 -41.86
C VAL D 108 -27.05 -4.42 -41.31
N PRO D 109 -25.80 -3.98 -41.37
CA PRO D 109 -24.69 -4.84 -40.93
C PRO D 109 -24.65 -4.99 -39.41
N CYS D 110 -23.90 -5.99 -38.96
CA CYS D 110 -23.66 -6.13 -37.53
C CYS D 110 -22.93 -4.90 -37.00
N VAL D 111 -21.87 -4.49 -37.68
CA VAL D 111 -21.14 -3.26 -37.36
C VAL D 111 -21.01 -2.45 -38.64
N THR D 112 -21.40 -1.18 -38.57
CA THR D 112 -21.42 -0.35 -39.76
C THR D 112 -20.00 -0.05 -40.23
N SER D 113 -19.86 0.09 -41.55
CA SER D 113 -18.62 0.56 -42.18
C SER D 113 -17.44 -0.37 -41.86
N ILE D 114 -17.67 -1.67 -41.89
CA ILE D 114 -16.60 -2.66 -41.79
C ILE D 114 -16.48 -3.34 -43.15
N HIS D 115 -15.31 -3.20 -43.77
CA HIS D 115 -15.06 -3.73 -45.10
C HIS D 115 -14.02 -4.83 -45.10
N SER D 116 -12.84 -4.56 -44.55
CA SER D 116 -11.74 -5.51 -44.53
C SER D 116 -11.34 -5.81 -43.09
N PHE D 117 -10.28 -6.61 -42.94
CA PHE D 117 -9.77 -6.89 -41.61
C PHE D 117 -9.19 -5.65 -40.95
N SER D 118 -8.62 -4.74 -41.75
CA SER D 118 -8.10 -3.50 -41.19
C SER D 118 -9.21 -2.67 -40.56
N SER D 119 -10.37 -2.62 -41.21
CA SER D 119 -11.52 -1.96 -40.59
C SER D 119 -11.92 -2.64 -39.30
N ALA D 120 -11.92 -3.97 -39.28
CA ALA D 120 -12.25 -4.70 -38.07
C ALA D 120 -11.20 -4.46 -36.98
N PHE D 121 -9.92 -4.41 -37.37
CA PHE D 121 -8.87 -4.14 -36.39
C PHE D 121 -8.99 -2.74 -35.82
N LEU D 122 -9.28 -1.75 -36.68
CA LEU D 122 -9.49 -0.40 -36.17
C LEU D 122 -10.70 -0.34 -35.26
N PHE D 123 -11.75 -1.07 -35.60
CA PHE D 123 -12.95 -1.10 -34.75
C PHE D 123 -12.65 -1.72 -33.39
N SER D 124 -11.81 -2.75 -33.37
CA SER D 124 -11.46 -3.38 -32.10
C SER D 124 -10.70 -2.41 -31.20
N ILE D 125 -9.80 -1.62 -31.79
CA ILE D 125 -9.08 -0.62 -31.00
C ILE D 125 -10.04 0.41 -30.45
N GLU D 126 -11.00 0.86 -31.27
CA GLU D 126 -11.95 1.87 -30.82
C GLU D 126 -12.80 1.35 -29.66
N VAL D 127 -13.24 0.10 -29.74
CA VAL D 127 -14.09 -0.46 -28.69
C VAL D 127 -13.29 -0.70 -27.41
N GLN D 128 -12.12 -1.34 -27.54
CA GLN D 128 -11.41 -1.77 -26.34
C GLN D 128 -10.74 -0.60 -25.61
N VAL D 129 -10.10 0.32 -26.35
CA VAL D 129 -9.54 1.52 -25.74
C VAL D 129 -10.62 2.57 -25.47
N THR D 130 -11.88 2.28 -25.81
CA THR D 130 -13.00 3.18 -25.57
C THR D 130 -12.80 4.52 -26.25
N ILE D 131 -12.22 4.50 -27.44
CA ILE D 131 -12.16 5.72 -28.25
C ILE D 131 -13.52 6.00 -28.88
N GLY D 132 -14.01 5.07 -29.68
CA GLY D 132 -15.34 5.18 -30.24
C GLY D 132 -15.51 6.35 -31.19
N PHE D 133 -14.85 6.28 -32.34
CA PHE D 133 -15.01 7.36 -33.32
C PHE D 133 -16.44 7.44 -33.83
N GLY D 134 -17.06 6.30 -34.09
CA GLY D 134 -18.44 6.26 -34.52
C GLY D 134 -18.66 6.03 -35.99
N GLY D 135 -17.62 6.16 -36.82
CA GLY D 135 -17.75 5.74 -38.20
C GLY D 135 -18.03 4.25 -38.31
N ARG D 136 -17.43 3.47 -37.42
CA ARG D 136 -17.69 2.03 -37.29
C ARG D 136 -18.41 1.81 -35.98
N MET D 137 -19.70 1.52 -36.05
CA MET D 137 -20.57 1.50 -34.88
C MET D 137 -21.33 0.18 -34.83
N VAL D 138 -21.53 -0.33 -33.62
CA VAL D 138 -22.32 -1.54 -33.43
C VAL D 138 -23.78 -1.24 -33.71
N THR D 139 -24.43 -2.13 -34.45
CA THR D 139 -25.86 -2.01 -34.72
C THR D 139 -26.61 -3.12 -33.99
N GLU D 140 -27.94 -3.00 -33.98
CA GLU D 140 -28.79 -3.88 -33.20
C GLU D 140 -29.33 -5.06 -34.01
N GLU D 141 -28.61 -5.46 -35.07
CA GLU D 141 -29.09 -6.55 -35.91
C GLU D 141 -28.54 -7.90 -35.50
N CYS D 142 -27.35 -7.96 -34.95
CA CYS D 142 -26.71 -9.22 -34.62
C CYS D 142 -26.54 -9.36 -33.12
N PRO D 143 -27.36 -10.16 -32.44
CA PRO D 143 -27.17 -10.34 -31.00
C PRO D 143 -25.81 -10.90 -30.64
N LEU D 144 -25.21 -11.70 -31.52
CA LEU D 144 -23.85 -12.18 -31.29
C LEU D 144 -22.87 -11.01 -31.25
N ALA D 145 -23.04 -10.03 -32.12
CA ALA D 145 -22.19 -8.85 -32.10
C ALA D 145 -22.34 -8.09 -30.78
N ILE D 146 -23.57 -7.98 -30.28
CA ILE D 146 -23.79 -7.36 -28.99
C ILE D 146 -23.14 -8.19 -27.90
N LEU D 147 -23.18 -9.52 -28.04
CA LEU D 147 -22.53 -10.40 -27.06
C LEU D 147 -21.03 -10.17 -27.04
N ILE D 148 -20.41 -10.04 -28.22
CA ILE D 148 -18.97 -9.81 -28.28
C ILE D 148 -18.62 -8.44 -27.70
N LEU D 149 -19.48 -7.44 -27.93
CA LEU D 149 -19.24 -6.12 -27.36
C LEU D 149 -19.23 -6.18 -25.84
N ILE D 150 -20.13 -6.97 -25.25
CA ILE D 150 -20.12 -7.16 -23.81
C ILE D 150 -18.84 -7.87 -23.37
N VAL D 151 -18.46 -8.92 -24.10
CA VAL D 151 -17.28 -9.71 -23.72
C VAL D 151 -16.02 -8.88 -23.83
N GLN D 152 -15.88 -8.13 -24.93
CA GLN D 152 -14.65 -7.36 -25.14
C GLN D 152 -14.48 -6.29 -24.08
N ASN D 153 -15.56 -5.61 -23.71
CA ASN D 153 -15.47 -4.57 -22.68
C ASN D 153 -15.09 -5.16 -21.33
N ILE D 154 -15.67 -6.30 -20.96
CA ILE D 154 -15.33 -6.93 -19.71
C ILE D 154 -13.88 -7.41 -19.71
N VAL D 155 -13.46 -8.05 -20.80
CA VAL D 155 -12.07 -8.48 -20.92
C VAL D 155 -11.16 -7.27 -21.05
N GLY D 156 -11.60 -6.24 -21.77
CA GLY D 156 -10.79 -5.05 -21.91
C GLY D 156 -10.52 -4.35 -20.60
N LEU D 157 -11.50 -4.37 -19.69
CA LEU D 157 -11.32 -3.72 -18.40
C LEU D 157 -10.35 -4.50 -17.52
N MET D 158 -10.45 -5.82 -17.51
CA MET D 158 -9.55 -6.62 -16.68
C MET D 158 -8.10 -6.47 -17.13
N ILE D 159 -7.87 -6.51 -18.45
CA ILE D 159 -6.52 -6.29 -18.96
C ILE D 159 -6.06 -4.88 -18.65
N ASN D 160 -6.97 -3.91 -18.79
CA ASN D 160 -6.62 -2.52 -18.46
C ASN D 160 -6.30 -2.37 -16.98
N ALA D 161 -7.06 -3.04 -16.12
CA ALA D 161 -6.85 -2.89 -14.68
C ALA D 161 -5.53 -3.53 -14.25
N ILE D 162 -5.27 -4.75 -14.70
CA ILE D 162 -4.07 -5.47 -14.26
C ILE D 162 -2.81 -4.82 -14.82
N MET D 163 -2.81 -4.51 -16.12
CA MET D 163 -1.57 -4.03 -16.75
C MET D 163 -1.20 -2.63 -16.27
N LEU D 164 -2.18 -1.73 -16.19
CA LEU D 164 -1.88 -0.38 -15.71
C LEU D 164 -1.42 -0.40 -14.26
N GLY D 165 -2.07 -1.21 -13.43
CA GLY D 165 -1.62 -1.34 -12.05
C GLY D 165 -0.27 -2.00 -11.94
N CYS D 166 0.01 -2.97 -12.82
CA CYS D 166 1.30 -3.66 -12.78
C CYS D 166 2.44 -2.72 -13.15
N ILE D 167 2.24 -1.86 -14.15
CA ILE D 167 3.32 -0.98 -14.58
C ILE D 167 3.55 0.16 -13.59
N PHE D 168 2.54 0.50 -12.78
CA PHE D 168 2.78 1.49 -11.74
C PHE D 168 3.53 0.89 -10.57
N MET D 169 3.24 -0.36 -10.22
CA MET D 169 4.05 -1.06 -9.21
C MET D 169 5.49 -1.20 -9.67
N LYS D 170 5.68 -1.48 -10.96
CA LYS D 170 7.04 -1.57 -11.49
C LYS D 170 7.75 -0.22 -11.38
N THR D 171 7.03 0.87 -11.62
CA THR D 171 7.64 2.19 -11.53
C THR D 171 7.89 2.60 -10.09
N ALA D 172 6.94 2.31 -9.20
CA ALA D 172 7.01 2.78 -7.82
C ALA D 172 7.69 1.80 -6.89
N GLN D 173 8.56 0.93 -7.40
CA GLN D 173 9.31 0.02 -6.55
C GLN D 173 10.23 0.81 -5.62
N ALA D 174 10.35 0.34 -4.39
CA ALA D 174 11.11 1.05 -3.37
C ALA D 174 12.60 0.74 -3.40
N HIS D 175 13.04 -0.26 -4.16
CA HIS D 175 14.46 -0.61 -4.22
CA HIS D 175 14.46 -0.58 -4.17
C HIS D 175 15.27 0.52 -4.84
N ARG D 176 14.70 1.23 -5.81
CA ARG D 176 15.43 2.34 -6.43
C ARG D 176 15.69 3.46 -5.44
N ARG D 177 14.85 3.61 -4.42
CA ARG D 177 15.11 4.57 -3.36
C ARG D 177 16.38 4.24 -2.59
N ALA D 178 16.76 2.96 -2.53
CA ALA D 178 17.98 2.57 -1.85
C ALA D 178 19.24 3.05 -2.55
N GLU D 179 19.12 3.54 -3.79
CA GLU D 179 20.28 4.09 -4.49
C GLU D 179 20.72 5.44 -3.93
N THR D 180 19.91 6.06 -3.08
CA THR D 180 20.25 7.32 -2.44
C THR D 180 20.52 7.16 -0.96
N LEU D 181 20.82 5.94 -0.52
CA LEU D 181 21.21 5.67 0.86
C LEU D 181 22.66 5.18 0.81
N ILE D 182 23.59 6.11 0.97
CA ILE D 182 25.00 5.81 0.80
C ILE D 182 25.57 5.28 2.09
N PHE D 183 26.47 4.31 1.96
CA PHE D 183 27.29 3.81 3.05
C PHE D 183 28.74 4.22 2.83
N SER D 184 29.55 4.07 3.87
CA SER D 184 30.97 4.33 3.74
C SER D 184 31.61 3.30 2.82
N LYS D 185 32.68 3.70 2.14
CA LYS D 185 33.45 2.77 1.35
C LYS D 185 34.45 1.98 2.20
N HIS D 186 34.66 2.38 3.46
CA HIS D 186 35.56 1.68 4.36
C HIS D 186 34.95 1.66 5.75
N ALA D 187 35.08 0.51 6.42
CA ALA D 187 34.71 0.41 7.81
C ALA D 187 35.91 0.69 8.70
N VAL D 188 35.64 0.96 9.97
CA VAL D 188 36.66 1.39 10.92
C VAL D 188 36.49 0.61 12.21
N ILE D 189 37.60 0.12 12.76
CA ILE D 189 37.61 -0.58 14.05
C ILE D 189 38.55 0.20 14.95
N THR D 190 38.01 1.13 15.73
CA THR D 190 38.81 2.00 16.58
C THR D 190 38.38 1.82 18.03
N LEU D 191 39.02 2.59 18.91
CA LEU D 191 38.70 2.56 20.33
C LEU D 191 37.65 3.63 20.65
N ARG D 192 36.56 3.20 21.26
CA ARG D 192 35.52 4.12 21.71
C ARG D 192 35.10 3.73 23.12
N HIS D 193 35.25 4.65 24.06
CA HIS D 193 34.88 4.43 25.46
C HIS D 193 35.61 3.22 26.05
N GLY D 194 36.84 2.99 25.62
CA GLY D 194 37.66 1.93 26.18
C GLY D 194 37.50 0.57 25.55
N ARG D 195 36.58 0.40 24.61
CA ARG D 195 36.35 -0.87 23.95
C ARG D 195 36.42 -0.70 22.45
N LEU D 196 36.99 -1.69 21.76
CA LEU D 196 37.07 -1.64 20.31
C LEU D 196 35.68 -1.71 19.70
N CYS D 197 35.43 -0.86 18.71
CA CYS D 197 34.12 -0.78 18.07
C CYS D 197 34.29 -0.83 16.58
N PHE D 198 33.51 -1.70 15.92
CA PHE D 198 33.48 -1.76 14.47
C PHE D 198 32.51 -0.70 13.96
N MET D 199 33.04 0.40 13.43
CA MET D 199 32.23 1.55 13.08
C MET D 199 32.09 1.70 11.57
N LEU D 200 30.96 2.24 11.14
CA LEU D 200 30.74 2.62 9.75
C LEU D 200 29.73 3.77 9.74
N ARG D 201 29.71 4.50 8.64
CA ARG D 201 28.85 5.66 8.50
C ARG D 201 27.82 5.42 7.41
N VAL D 202 26.57 5.77 7.68
CA VAL D 202 25.46 5.63 6.74
C VAL D 202 24.73 6.96 6.65
N GLY D 203 24.45 7.42 5.43
CA GLY D 203 23.79 8.68 5.23
C GLY D 203 22.66 8.56 4.22
N ASP D 204 21.83 9.60 4.20
CA ASP D 204 20.69 9.68 3.29
C ASP D 204 20.81 10.98 2.49
N LEU D 205 20.87 10.86 1.17
CA LEU D 205 21.04 12.03 0.31
C LEU D 205 19.75 12.81 0.14
N ARG D 206 18.61 12.14 0.12
CA ARG D 206 17.35 12.80 -0.16
C ARG D 206 16.89 13.66 1.01
N LYS D 207 16.09 14.67 0.70
CA LYS D 207 15.51 15.50 1.76
C LYS D 207 14.47 14.72 2.55
N SER D 208 13.72 13.86 1.89
CA SER D 208 12.68 13.08 2.56
C SER D 208 13.30 12.06 3.50
N MET D 209 12.47 11.53 4.39
CA MET D 209 12.92 10.67 5.47
C MET D 209 12.70 9.20 5.13
N ILE D 210 13.36 8.34 5.91
CA ILE D 210 13.12 6.90 5.88
C ILE D 210 12.43 6.57 7.20
N ILE D 211 11.12 6.32 7.13
CA ILE D 211 10.34 6.07 8.33
C ILE D 211 10.62 4.67 8.85
N SER D 212 10.75 4.54 10.17
CA SER D 212 10.97 3.26 10.84
C SER D 212 12.22 2.57 10.30
N ALA D 213 13.31 3.33 10.22
CA ALA D 213 14.57 2.78 9.74
C ALA D 213 15.14 1.82 10.76
N THR D 214 15.58 0.65 10.31
CA THR D 214 16.19 -0.36 11.15
C THR D 214 17.51 -0.78 10.54
N ILE D 215 18.51 -1.02 11.38
CA ILE D 215 19.84 -1.44 10.95
C ILE D 215 20.09 -2.85 11.46
N HIS D 216 20.45 -3.75 10.55
CA HIS D 216 20.84 -5.11 10.89
C HIS D 216 22.24 -5.37 10.35
N MET D 217 23.13 -5.82 11.22
CA MET D 217 24.51 -6.12 10.84
C MET D 217 24.78 -7.60 11.07
N GLN D 218 25.39 -8.25 10.08
CA GLN D 218 25.68 -9.66 10.16
C GLN D 218 27.11 -9.94 9.71
N VAL D 219 27.69 -10.99 10.28
CA VAL D 219 29.01 -11.47 9.88
C VAL D 219 28.82 -12.72 9.04
N VAL D 220 29.39 -12.73 7.85
CA VAL D 220 29.22 -13.82 6.90
C VAL D 220 30.59 -14.46 6.68
N ARG D 221 30.75 -15.70 7.16
CA ARG D 221 31.97 -16.46 6.95
C ARG D 221 31.65 -17.92 7.19
N LYS D 222 32.59 -18.78 6.80
CA LYS D 222 32.43 -20.22 6.93
C LYS D 222 32.87 -20.64 8.32
N THR D 223 31.94 -21.10 9.14
CA THR D 223 32.21 -21.52 10.51
C THR D 223 31.94 -23.00 10.65
N THR D 224 32.86 -23.71 11.30
CA THR D 224 32.74 -25.15 11.52
C THR D 224 32.45 -25.40 13.00
N SER D 225 31.34 -26.07 13.27
CA SER D 225 31.00 -26.41 14.64
C SER D 225 31.93 -27.52 15.14
N PRO D 226 32.08 -27.65 16.46
CA PRO D 226 32.93 -28.73 16.98
C PRO D 226 32.46 -30.12 16.56
N GLU D 227 31.18 -30.31 16.30
CA GLU D 227 30.67 -31.60 15.86
C GLU D 227 31.06 -31.93 14.42
N GLY D 228 31.66 -31.00 13.70
CA GLY D 228 32.09 -31.24 12.34
C GLY D 228 31.20 -30.65 11.26
N GLU D 229 30.03 -30.12 11.63
CA GLU D 229 29.16 -29.46 10.66
C GLU D 229 29.82 -28.19 10.13
N VAL D 230 29.71 -27.97 8.83
CA VAL D 230 30.29 -26.80 8.18
C VAL D 230 29.15 -26.02 7.51
N VAL D 231 29.11 -24.72 7.77
CA VAL D 231 28.13 -23.84 7.14
C VAL D 231 28.87 -22.89 6.21
N PRO D 232 28.69 -23.02 4.89
CA PRO D 232 29.54 -22.22 3.97
C PRO D 232 29.39 -20.71 4.14
N LEU D 233 28.19 -20.23 4.48
CA LEU D 233 27.91 -18.81 4.63
C LEU D 233 27.14 -18.55 5.91
N HIS D 234 27.63 -19.08 7.03
CA HIS D 234 26.93 -18.90 8.30
C HIS D 234 26.82 -17.43 8.65
N GLN D 235 25.61 -16.90 8.61
CA GLN D 235 25.35 -15.50 8.88
C GLN D 235 25.08 -15.33 10.37
N VAL D 236 26.07 -14.81 11.09
CA VAL D 236 25.94 -14.55 12.52
C VAL D 236 25.50 -13.11 12.70
N ASP D 237 24.39 -12.91 13.40
CA ASP D 237 23.83 -11.58 13.56
C ASP D 237 24.51 -10.88 14.74
N ILE D 238 25.12 -9.73 14.48
CA ILE D 238 25.81 -8.98 15.52
C ILE D 238 24.96 -7.77 15.90
N PRO D 239 24.96 -7.37 17.17
CA PRO D 239 24.19 -6.19 17.58
C PRO D 239 25.00 -4.91 17.40
N MET D 240 24.27 -3.80 17.40
CA MET D 240 24.86 -2.47 17.38
C MET D 240 24.44 -1.74 18.64
N GLU D 241 25.30 -0.86 19.13
CA GLU D 241 25.00 -0.11 20.35
C GLU D 241 24.01 1.00 20.01
N ASN D 242 22.86 0.98 20.68
CA ASN D 242 21.83 1.98 20.45
C ASN D 242 21.40 2.60 21.76
N GLY D 243 21.52 1.85 22.86
CA GLY D 243 21.19 2.30 24.19
C GLY D 243 19.84 1.83 24.69
N VAL D 244 18.95 1.43 23.78
CA VAL D 244 17.63 0.94 24.14
C VAL D 244 17.39 -0.40 23.46
N GLY D 245 18.47 -1.14 23.24
CA GLY D 245 18.39 -2.33 22.41
C GLY D 245 19.09 -2.11 21.08
N GLY D 246 18.33 -1.95 20.01
CA GLY D 246 18.93 -1.67 18.72
C GLY D 246 17.92 -1.82 17.60
N ASN D 247 18.45 -1.87 16.38
CA ASN D 247 17.65 -2.01 15.16
C ASN D 247 16.64 -0.88 15.02
N SER D 248 17.07 0.34 15.32
CA SER D 248 16.21 1.51 15.16
C SER D 248 17.07 2.75 15.15
N ILE D 249 16.99 3.53 14.06
CA ILE D 249 17.73 4.78 13.93
C ILE D 249 16.80 5.84 13.38
N PHE D 250 17.21 7.10 13.56
CA PHE D 250 16.52 8.25 13.00
C PHE D 250 17.50 8.90 12.02
N LEU D 251 17.43 8.47 10.77
CA LEU D 251 18.43 8.82 9.77
C LEU D 251 17.98 10.08 9.03
N VAL D 252 18.45 11.23 9.46
CA VAL D 252 18.24 12.48 8.75
C VAL D 252 19.60 13.12 8.50
N ALA D 253 20.57 12.80 9.35
CA ALA D 253 21.95 13.19 9.19
C ALA D 253 22.82 11.93 9.24
N PRO D 254 23.98 11.95 8.58
CA PRO D 254 24.77 10.72 8.49
C PRO D 254 25.24 10.21 9.84
N LEU D 255 24.72 9.06 10.25
CA LEU D 255 25.03 8.45 11.54
C LEU D 255 26.24 7.54 11.41
N ILE D 256 26.93 7.34 12.53
CA ILE D 256 27.96 6.32 12.65
C ILE D 256 27.32 5.12 13.34
N ILE D 257 27.27 4.00 12.63
CA ILE D 257 26.69 2.77 13.15
C ILE D 257 27.85 1.88 13.58
N TYR D 258 27.93 1.58 14.87
CA TYR D 258 29.07 0.83 15.37
C TYR D 258 28.60 -0.31 16.27
N HIS D 259 29.36 -1.40 16.22
CA HIS D 259 29.12 -2.59 17.04
C HIS D 259 30.28 -2.73 18.02
N VAL D 260 29.96 -2.80 19.31
CA VAL D 260 30.98 -2.91 20.34
C VAL D 260 31.45 -4.36 20.41
N ILE D 261 32.75 -4.56 20.26
CA ILE D 261 33.32 -5.90 20.24
C ILE D 261 33.57 -6.32 21.69
N ASP D 262 32.77 -7.26 22.18
CA ASP D 262 32.91 -7.75 23.55
C ASP D 262 33.02 -9.26 23.56
N SER D 263 32.89 -9.86 24.75
CA SER D 263 33.19 -11.29 24.91
C SER D 263 32.34 -12.15 23.99
N ASN D 264 31.05 -11.86 23.90
CA ASN D 264 30.14 -12.67 23.10
C ASN D 264 30.08 -12.24 21.64
N SER D 265 30.81 -11.20 21.25
CA SER D 265 30.81 -10.77 19.86
C SER D 265 31.60 -11.74 19.00
N PRO D 266 31.19 -11.94 17.74
CA PRO D 266 31.92 -12.82 16.83
C PRO D 266 33.28 -12.29 16.41
N LEU D 267 33.56 -11.01 16.62
CA LEU D 267 34.84 -10.41 16.27
C LEU D 267 35.76 -10.30 17.48
N TYR D 268 35.43 -11.00 18.56
CA TYR D 268 36.20 -10.93 19.80
C TYR D 268 37.62 -11.46 19.66
N ASP D 269 37.90 -12.19 18.58
CA ASP D 269 39.23 -12.74 18.33
C ASP D 269 39.77 -12.24 16.98
N LEU D 270 39.42 -11.02 16.61
CA LEU D 270 39.85 -10.42 15.37
C LEU D 270 41.10 -9.58 15.60
N ALA D 271 42.13 -9.82 14.79
CA ALA D 271 43.41 -9.14 14.91
C ALA D 271 43.66 -8.26 13.69
N PRO D 272 44.46 -7.20 13.83
CA PRO D 272 44.77 -6.36 12.66
C PRO D 272 45.48 -7.11 11.55
N SER D 273 46.19 -8.19 11.87
CA SER D 273 46.82 -9.00 10.84
C SER D 273 45.82 -9.78 10.00
N ASP D 274 44.59 -9.92 10.48
CA ASP D 274 43.56 -10.65 9.77
C ASP D 274 42.83 -9.79 8.74
N LEU D 275 43.12 -8.50 8.68
CA LEU D 275 42.41 -7.59 7.77
C LEU D 275 43.14 -7.48 6.43
N HIS D 276 43.37 -8.64 5.81
CA HIS D 276 43.90 -8.72 4.46
C HIS D 276 42.83 -9.28 3.53
N HIS D 277 43.10 -9.21 2.23
CA HIS D 277 42.05 -9.47 1.24
C HIS D 277 41.53 -10.90 1.33
N HIS D 278 42.42 -11.88 1.48
CA HIS D 278 42.03 -13.29 1.49
C HIS D 278 41.91 -13.75 2.94
N GLN D 279 40.77 -13.43 3.55
CA GLN D 279 40.51 -13.77 4.95
C GLN D 279 39.22 -14.55 5.17
N ASP D 280 38.24 -14.46 4.27
CA ASP D 280 36.92 -15.06 4.46
C ASP D 280 36.26 -14.49 5.71
N LEU D 281 36.02 -13.18 5.67
CA LEU D 281 35.37 -12.46 6.75
C LEU D 281 34.64 -11.28 6.12
N GLU D 282 33.31 -11.30 6.17
CA GLU D 282 32.51 -10.29 5.52
C GLU D 282 31.47 -9.76 6.49
N ILE D 283 31.28 -8.44 6.50
CA ILE D 283 30.29 -7.77 7.33
C ILE D 283 29.24 -7.18 6.42
N ILE D 284 27.97 -7.44 6.73
CA ILE D 284 26.84 -6.98 5.93
C ILE D 284 26.01 -6.03 6.76
N VAL D 285 25.67 -4.87 6.19
CA VAL D 285 24.82 -3.89 6.85
C VAL D 285 23.55 -3.75 6.03
N ILE D 286 22.40 -3.85 6.70
CA ILE D 286 21.09 -3.80 6.06
C ILE D 286 20.30 -2.67 6.69
N LEU D 287 19.78 -1.78 5.87
CA LEU D 287 18.96 -0.66 6.31
C LEU D 287 17.58 -0.80 5.69
N GLU D 288 16.57 -1.01 6.53
CA GLU D 288 15.20 -1.23 6.08
C GLU D 288 14.29 -0.20 6.70
N GLY D 289 13.41 0.38 5.89
CA GLY D 289 12.47 1.36 6.40
C GLY D 289 11.44 1.71 5.34
N VAL D 290 10.39 2.37 5.80
CA VAL D 290 9.32 2.80 4.89
C VAL D 290 9.73 4.12 4.25
N VAL D 291 9.62 4.19 2.93
CA VAL D 291 9.92 5.44 2.23
C VAL D 291 8.81 6.44 2.52
N GLU D 292 9.19 7.59 3.07
CA GLU D 292 8.19 8.58 3.47
C GLU D 292 7.44 9.11 2.26
N THR D 293 8.15 9.36 1.16
CA THR D 293 7.52 9.92 -0.03
C THR D 293 6.50 8.96 -0.63
N THR D 294 6.84 7.67 -0.68
CA THR D 294 6.04 6.67 -1.37
C THR D 294 5.13 5.88 -0.43
N GLY D 295 5.67 5.39 0.68
CA GLY D 295 4.94 4.55 1.58
C GLY D 295 5.24 3.07 1.48
N ILE D 296 6.25 2.68 0.69
CA ILE D 296 6.61 1.30 0.47
C ILE D 296 7.96 1.04 1.14
N THR D 297 8.03 -0.03 1.93
CA THR D 297 9.27 -0.35 2.61
C THR D 297 10.38 -0.67 1.62
N THR D 298 11.57 -0.16 1.89
CA THR D 298 12.74 -0.38 1.05
C THR D 298 13.80 -1.13 1.83
N GLN D 299 14.94 -1.35 1.18
CA GLN D 299 16.06 -2.05 1.82
C GLN D 299 17.34 -1.67 1.11
N ALA D 300 18.30 -1.13 1.87
CA ALA D 300 19.62 -0.80 1.35
C ALA D 300 20.64 -1.71 1.99
N ARG D 301 21.48 -2.34 1.18
CA ARG D 301 22.45 -3.30 1.64
C ARG D 301 23.85 -2.88 1.21
N THR D 302 24.84 -3.31 1.99
CA THR D 302 26.24 -3.10 1.65
C THR D 302 27.05 -4.14 2.40
N SER D 303 28.28 -4.35 1.94
CA SER D 303 29.15 -5.35 2.53
C SER D 303 30.58 -4.82 2.62
N TYR D 304 31.25 -5.14 3.72
CA TYR D 304 32.64 -4.76 3.93
C TYR D 304 33.47 -6.03 4.07
N LEU D 305 34.31 -6.29 3.07
CA LEU D 305 35.21 -7.42 3.14
C LEU D 305 36.30 -7.15 4.18
N ALA D 306 37.20 -8.13 4.33
CA ALA D 306 38.25 -7.98 5.33
C ALA D 306 39.19 -6.83 4.98
N ASP D 307 39.55 -6.70 3.70
CA ASP D 307 40.49 -5.66 3.29
C ASP D 307 39.84 -4.28 3.19
N GLU D 308 38.52 -4.20 3.26
CA GLU D 308 37.83 -2.92 3.23
C GLU D 308 37.59 -2.35 4.62
N ILE D 309 38.12 -3.01 5.65
CA ILE D 309 37.99 -2.55 7.03
C ILE D 309 39.35 -2.01 7.46
N LEU D 310 39.36 -0.77 7.92
CA LEU D 310 40.59 -0.10 8.32
C LEU D 310 40.71 -0.14 9.84
N TRP D 311 41.86 -0.57 10.34
CA TRP D 311 42.03 -0.77 11.78
C TRP D 311 42.29 0.55 12.50
N GLY D 312 43.46 1.14 12.25
CA GLY D 312 43.82 2.35 12.97
C GLY D 312 43.30 3.61 12.31
N GLN D 313 41.99 3.78 12.28
CA GLN D 313 41.38 4.93 11.63
C GLN D 313 40.22 5.43 12.48
N ARG D 314 39.58 6.50 12.02
CA ARG D 314 38.43 7.10 12.69
C ARG D 314 37.80 8.09 11.74
N PHE D 315 36.47 8.08 11.67
CA PHE D 315 35.76 8.98 10.76
C PHE D 315 35.91 10.43 11.21
N VAL D 316 36.01 11.33 10.24
CA VAL D 316 36.15 12.75 10.49
C VAL D 316 34.76 13.38 10.57
N PRO D 317 34.49 14.24 11.53
CA PRO D 317 33.17 14.89 11.60
C PRO D 317 32.91 15.72 10.34
N ILE D 318 31.65 15.72 9.90
CA ILE D 318 31.29 16.42 8.68
C ILE D 318 30.11 17.36 8.94
N VAL D 319 29.42 17.17 10.05
CA VAL D 319 28.27 18.01 10.39
C VAL D 319 28.76 19.32 10.98
N ALA D 320 28.32 20.43 10.40
CA ALA D 320 28.67 21.76 10.86
C ALA D 320 27.42 22.61 10.95
N GLU D 321 27.54 23.76 11.61
CA GLU D 321 26.42 24.67 11.82
C GLU D 321 26.68 25.96 11.04
N GLU D 322 25.86 26.21 10.02
CA GLU D 322 25.93 27.42 9.23
C GLU D 322 24.67 28.23 9.47
N ASP D 323 24.84 29.46 9.96
CA ASP D 323 23.72 30.33 10.31
C ASP D 323 22.80 29.62 11.29
N GLY D 324 21.56 29.35 10.87
CA GLY D 324 20.60 28.66 11.72
C GLY D 324 20.15 27.35 11.14
N ARG D 325 21.07 26.64 10.49
CA ARG D 325 20.74 25.38 9.83
C ARG D 325 22.01 24.56 9.70
N TYR D 326 21.98 23.33 10.21
CA TYR D 326 23.14 22.45 10.11
C TYR D 326 23.42 22.10 8.66
N SER D 327 24.71 22.09 8.31
CA SER D 327 25.14 21.78 6.95
C SER D 327 25.99 20.51 6.99
N VAL D 328 25.60 19.52 6.21
CA VAL D 328 26.33 18.27 6.11
C VAL D 328 27.20 18.32 4.86
N ASP D 329 28.50 18.07 5.03
CA ASP D 329 29.46 18.14 3.93
C ASP D 329 29.71 16.71 3.46
N TYR D 330 28.93 16.28 2.46
CA TYR D 330 29.03 14.92 1.96
C TYR D 330 30.32 14.66 1.17
N SER D 331 31.09 15.69 0.86
CA SER D 331 32.37 15.47 0.19
C SER D 331 33.32 14.69 1.09
N LYS D 332 33.32 14.98 2.38
CA LYS D 332 34.18 14.31 3.35
C LYS D 332 33.49 13.14 4.01
N PHE D 333 32.57 12.48 3.30
CA PHE D 333 31.73 11.45 3.91
C PHE D 333 32.57 10.29 4.43
N GLY D 334 33.27 9.61 3.55
CA GLY D 334 34.03 8.42 3.90
C GLY D 334 35.44 8.67 4.39
N ASN D 335 35.85 9.91 4.56
CA ASN D 335 37.23 10.19 4.97
C ASN D 335 37.48 9.74 6.40
N THR D 336 38.65 9.16 6.63
CA THR D 336 39.07 8.71 7.95
C THR D 336 40.42 9.30 8.28
N VAL D 337 40.70 9.42 9.58
CA VAL D 337 41.95 9.95 10.08
C VAL D 337 42.56 8.95 11.06
N LYS D 338 43.84 8.66 10.89
CA LYS D 338 44.50 7.69 11.76
C LYS D 338 44.51 8.19 13.20
N VAL D 339 44.27 7.26 14.13
CA VAL D 339 44.27 7.57 15.55
C VAL D 339 45.03 6.47 16.28
N PRO D 340 45.60 6.75 17.46
CA PRO D 340 46.34 5.70 18.17
C PRO D 340 45.42 4.60 18.67
N THR D 341 45.55 3.40 18.10
CA THR D 341 44.72 2.27 18.44
C THR D 341 45.61 1.06 18.72
N PRO D 342 45.34 0.29 19.77
CA PRO D 342 46.15 -0.91 20.04
C PRO D 342 46.06 -1.90 18.89
N LEU D 343 47.17 -2.60 18.66
CA LEU D 343 47.25 -3.62 17.61
C LEU D 343 46.94 -5.01 18.13
N CYS D 344 46.11 -5.10 19.17
CA CYS D 344 45.76 -6.37 19.78
C CYS D 344 44.28 -6.64 19.61
N THR D 345 43.92 -7.91 19.68
CA THR D 345 42.52 -8.31 19.56
C THR D 345 41.73 -7.82 20.77
N ALA D 346 40.40 -7.84 20.64
CA ALA D 346 39.57 -7.46 21.76
C ALA D 346 39.68 -8.47 22.90
N ARG D 347 40.01 -9.72 22.59
CA ARG D 347 40.29 -10.70 23.63
C ARG D 347 41.50 -10.30 24.45
N GLN D 348 42.57 -9.84 23.78
CA GLN D 348 43.78 -9.45 24.49
C GLN D 348 43.59 -8.16 25.25
N LEU D 349 42.67 -7.30 24.79
CA LEU D 349 42.42 -6.05 25.52
C LEU D 349 41.85 -6.32 26.90
N ASP D 350 40.91 -7.27 27.02
CA ASP D 350 40.37 -7.61 28.33
C ASP D 350 41.44 -8.24 29.21
N GLU D 351 42.28 -9.09 28.63
CA GLU D 351 43.40 -9.67 29.37
C GLU D 351 44.48 -8.65 29.67
N ASP D 352 44.45 -7.47 29.03
CA ASP D 352 45.44 -6.42 29.23
C ASP D 352 46.86 -6.93 28.96
N ARG E 32 -4.87 -39.16 12.25
CA ARG E 32 -4.64 -37.85 12.85
C ARG E 32 -5.20 -36.72 12.00
N ALA E 33 -4.73 -35.51 12.28
CA ALA E 33 -5.11 -34.32 11.54
C ALA E 33 -4.02 -33.27 11.72
N ARG E 34 -3.65 -32.62 10.62
CA ARG E 34 -2.59 -31.63 10.62
C ARG E 34 -3.18 -30.25 10.89
N PHE E 35 -2.57 -29.51 11.81
CA PHE E 35 -3.01 -28.15 12.07
C PHE E 35 -2.68 -27.22 10.90
N VAL E 36 -1.51 -27.42 10.29
CA VAL E 36 -1.10 -26.69 9.10
C VAL E 36 -0.52 -27.68 8.10
N SER E 37 -0.99 -27.63 6.87
CA SER E 37 -0.49 -28.52 5.85
C SER E 37 0.96 -28.20 5.50
N LYS E 38 1.61 -29.14 4.82
CA LYS E 38 3.00 -28.92 4.41
C LYS E 38 3.12 -27.73 3.47
N LYS E 39 2.07 -27.40 2.74
CA LYS E 39 2.08 -26.27 1.83
C LYS E 39 1.63 -24.97 2.50
N GLY E 40 1.36 -24.98 3.80
CA GLY E 40 0.94 -23.81 4.53
C GLY E 40 -0.55 -23.64 4.68
N ASN E 41 -1.35 -24.51 4.07
CA ASN E 41 -2.80 -24.44 4.24
C ASN E 41 -3.17 -24.81 5.67
N CYS E 42 -4.07 -24.02 6.27
CA CYS E 42 -4.53 -24.26 7.62
C CYS E 42 -5.77 -25.16 7.58
N ASN E 43 -5.68 -26.31 8.23
CA ASN E 43 -6.79 -27.28 8.24
C ASN E 43 -7.64 -27.07 9.49
N VAL E 44 -8.37 -25.96 9.49
CA VAL E 44 -9.32 -25.64 10.55
C VAL E 44 -10.63 -25.22 9.91
N ALA E 45 -11.74 -25.75 10.41
CA ALA E 45 -13.07 -25.40 9.93
C ALA E 45 -13.82 -24.68 11.04
N HIS E 46 -14.35 -23.51 10.72
CA HIS E 46 -15.11 -22.71 11.67
C HIS E 46 -16.58 -23.11 11.57
N LYS E 47 -17.17 -23.49 12.70
CA LYS E 47 -18.52 -24.04 12.72
C LYS E 47 -19.38 -23.31 13.72
N ASN E 48 -20.69 -23.35 13.47
CA ASN E 48 -21.71 -22.81 14.37
C ASN E 48 -21.47 -21.33 14.66
N ILE E 49 -21.26 -20.56 13.61
CA ILE E 49 -21.14 -19.10 13.74
C ILE E 49 -22.54 -18.51 13.65
N ARG E 50 -22.95 -17.79 14.69
CA ARG E 50 -24.28 -17.19 14.75
C ARG E 50 -24.21 -15.67 14.69
N GLU E 51 -23.24 -15.13 13.96
CA GLU E 51 -23.00 -13.70 13.88
C GLU E 51 -22.81 -13.28 12.43
N ARG E 52 -23.74 -13.70 11.57
CA ARG E 52 -23.68 -13.38 10.15
C ARG E 52 -23.69 -11.87 9.91
N GLY E 53 -24.17 -11.08 10.86
CA GLY E 53 -24.16 -9.64 10.68
C GLY E 53 -22.76 -9.06 10.56
N ARG E 54 -21.77 -9.70 11.18
CA ARG E 54 -20.41 -9.22 11.07
C ARG E 54 -19.88 -9.39 9.64
N PHE E 55 -20.18 -10.52 9.01
CA PHE E 55 -19.75 -10.72 7.62
C PHE E 55 -20.43 -9.74 6.69
N LEU E 56 -21.71 -9.45 6.93
CA LEU E 56 -22.42 -8.49 6.09
C LEU E 56 -21.88 -7.08 6.27
N GLN E 57 -21.41 -6.74 7.47
CA GLN E 57 -20.86 -5.42 7.74
C GLN E 57 -19.46 -5.25 7.17
N ASP E 58 -18.83 -6.33 6.69
CA ASP E 58 -17.51 -6.30 6.09
C ASP E 58 -17.63 -6.89 4.70
N VAL E 59 -17.95 -6.05 3.72
CA VAL E 59 -18.27 -6.52 2.38
C VAL E 59 -17.04 -6.59 1.49
N PHE E 60 -16.16 -5.60 1.56
CA PHE E 60 -15.03 -5.55 0.64
C PHE E 60 -14.09 -6.72 0.85
N THR E 61 -13.79 -7.04 2.11
CA THR E 61 -12.93 -8.19 2.38
C THR E 61 -13.55 -9.47 1.83
N THR E 62 -14.87 -9.59 1.91
CA THR E 62 -15.55 -10.71 1.29
C THR E 62 -15.37 -10.70 -0.22
N LEU E 63 -15.45 -9.52 -0.83
CA LEU E 63 -15.37 -9.42 -2.29
C LEU E 63 -14.01 -9.87 -2.79
N VAL E 64 -12.93 -9.47 -2.11
CA VAL E 64 -11.59 -9.85 -2.54
C VAL E 64 -11.25 -11.29 -2.16
N ASP E 65 -11.87 -11.83 -1.12
CA ASP E 65 -11.54 -13.18 -0.65
C ASP E 65 -12.22 -14.26 -1.47
N LEU E 66 -13.10 -13.90 -2.41
CA LEU E 66 -13.75 -14.89 -3.24
C LEU E 66 -12.74 -15.58 -4.16
N LYS E 67 -13.06 -16.82 -4.52
CA LYS E 67 -12.25 -17.52 -5.50
C LYS E 67 -12.38 -16.86 -6.87
N TRP E 68 -11.38 -17.10 -7.72
CA TRP E 68 -11.35 -16.45 -9.02
C TRP E 68 -12.60 -16.68 -9.87
N PRO E 69 -13.17 -17.89 -9.98
CA PRO E 69 -14.41 -18.02 -10.76
C PRO E 69 -15.55 -17.16 -10.22
N HIS E 70 -15.64 -16.98 -8.90
CA HIS E 70 -16.65 -16.09 -8.35
C HIS E 70 -16.27 -14.64 -8.57
N THR E 71 -14.98 -14.31 -8.47
CA THR E 71 -14.54 -12.93 -8.69
C THR E 71 -14.83 -12.50 -10.13
N LEU E 72 -14.60 -13.40 -11.10
CA LEU E 72 -14.92 -13.08 -12.48
C LEU E 72 -16.43 -12.89 -12.65
N LEU E 73 -17.23 -13.74 -12.01
CA LEU E 73 -18.68 -13.60 -12.12
C LEU E 73 -19.15 -12.29 -11.53
N ILE E 74 -18.66 -11.94 -10.35
CA ILE E 74 -19.05 -10.67 -9.72
C ILE E 74 -18.55 -9.50 -10.54
N PHE E 75 -17.32 -9.57 -11.02
CA PHE E 75 -16.80 -8.51 -11.88
C PHE E 75 -17.64 -8.37 -13.14
N THR E 76 -17.99 -9.49 -13.77
CA THR E 76 -18.81 -9.44 -14.98
C THR E 76 -20.22 -8.96 -14.65
N MET E 77 -20.82 -9.47 -13.59
CA MET E 77 -22.20 -9.14 -13.28
C MET E 77 -22.35 -7.75 -12.71
N SER E 78 -21.27 -7.15 -12.19
CA SER E 78 -21.36 -5.79 -11.69
C SER E 78 -21.55 -4.80 -12.83
N PHE E 79 -20.75 -4.94 -13.88
CA PHE E 79 -20.90 -4.05 -15.03
C PHE E 79 -22.12 -4.41 -15.86
N LEU E 80 -22.35 -5.71 -16.09
CA LEU E 80 -23.44 -6.12 -16.98
C LEU E 80 -24.79 -5.73 -16.42
N CYS E 81 -25.00 -5.92 -15.12
CA CYS E 81 -26.25 -5.50 -14.51
C CYS E 81 -26.38 -3.98 -14.48
N SER E 82 -25.25 -3.28 -14.31
CA SER E 82 -25.30 -1.82 -14.34
C SER E 82 -25.75 -1.31 -15.70
N TRP E 83 -25.24 -1.92 -16.78
CA TRP E 83 -25.67 -1.52 -18.12
C TRP E 83 -27.14 -1.84 -18.33
N LEU E 84 -27.60 -3.00 -17.86
CA LEU E 84 -29.00 -3.37 -18.03
C LEU E 84 -29.92 -2.44 -17.24
N LEU E 85 -29.53 -2.09 -16.02
CA LEU E 85 -30.39 -1.25 -15.18
C LEU E 85 -30.65 0.10 -15.84
N PHE E 86 -29.60 0.75 -16.34
CA PHE E 86 -29.78 2.01 -17.05
C PHE E 86 -30.33 1.81 -18.45
N ALA E 87 -30.12 0.65 -19.06
CA ALA E 87 -30.73 0.38 -20.35
C ALA E 87 -32.25 0.43 -20.27
N MET E 88 -32.81 -0.14 -19.21
CA MET E 88 -34.25 -0.04 -19.00
C MET E 88 -34.69 1.39 -18.77
N VAL E 89 -33.87 2.17 -18.04
CA VAL E 89 -34.20 3.57 -17.81
C VAL E 89 -34.17 4.34 -19.12
N TRP E 90 -33.13 4.13 -19.93
CA TRP E 90 -33.07 4.80 -21.22
C TRP E 90 -34.20 4.36 -22.14
N TRP E 91 -34.53 3.07 -22.11
CA TRP E 91 -35.64 2.58 -22.92
C TRP E 91 -36.96 3.15 -22.43
N LEU E 92 -37.13 3.28 -21.12
CA LEU E 92 -38.40 3.73 -20.58
C LEU E 92 -38.66 5.19 -20.91
N ILE E 93 -37.67 6.07 -20.69
CA ILE E 93 -37.90 7.48 -20.96
C ILE E 93 -38.00 7.77 -22.45
N ALA E 94 -37.39 6.94 -23.29
CA ALA E 94 -37.63 7.05 -24.73
C ALA E 94 -39.05 6.62 -25.09
N PHE E 95 -39.59 5.63 -24.36
CA PHE E 95 -40.99 5.25 -24.54
C PHE E 95 -41.91 6.39 -24.09
N ALA E 96 -41.69 6.92 -22.89
CA ALA E 96 -42.57 7.94 -22.35
C ALA E 96 -42.53 9.21 -23.20
N HIS E 97 -41.43 9.45 -23.90
CA HIS E 97 -41.32 10.62 -24.75
C HIS E 97 -41.87 10.38 -26.15
N GLY E 98 -42.30 9.16 -26.46
CA GLY E 98 -42.80 8.85 -27.78
C GLY E 98 -41.75 8.53 -28.81
N ASP E 99 -40.48 8.40 -28.40
CA ASP E 99 -39.42 8.16 -29.37
C ASP E 99 -39.55 6.78 -30.02
N LEU E 100 -40.06 5.79 -29.29
CA LEU E 100 -40.22 4.46 -29.85
C LEU E 100 -41.26 4.42 -30.96
N ALA E 101 -42.18 5.36 -30.98
CA ALA E 101 -43.19 5.41 -32.04
C ALA E 101 -42.58 5.99 -33.30
N PRO E 102 -42.60 5.27 -34.42
CA PRO E 102 -42.03 5.80 -35.67
C PRO E 102 -42.94 6.77 -36.41
N GLY E 103 -44.01 7.24 -35.79
CA GLY E 103 -44.95 8.13 -36.43
C GLY E 103 -44.35 9.47 -36.84
N GLU E 104 -44.17 9.66 -38.15
CA GLU E 104 -43.67 10.91 -38.71
C GLU E 104 -42.33 11.32 -38.10
N GLY E 105 -42.03 12.61 -38.16
CA GLY E 105 -40.82 13.13 -37.56
C GLY E 105 -41.07 14.45 -36.86
N THR E 106 -40.23 15.44 -37.14
CA THR E 106 -40.34 16.81 -36.62
C THR E 106 -40.29 16.86 -35.09
N ASN E 107 -39.97 15.75 -34.44
CA ASN E 107 -39.84 15.71 -32.99
C ASN E 107 -38.42 15.30 -32.64
N VAL E 108 -37.80 16.06 -31.75
CA VAL E 108 -36.41 15.82 -31.34
C VAL E 108 -36.45 14.83 -30.18
N PRO E 109 -35.87 13.64 -30.33
CA PRO E 109 -35.96 12.64 -29.26
C PRO E 109 -35.06 12.99 -28.08
N CYS E 110 -35.31 12.32 -26.95
CA CYS E 110 -34.42 12.44 -25.81
C CYS E 110 -33.01 11.97 -26.17
N VAL E 111 -32.92 10.80 -26.78
CA VAL E 111 -31.66 10.26 -27.29
C VAL E 111 -31.89 9.85 -28.73
N THR E 112 -31.03 10.32 -29.62
CA THR E 112 -31.21 10.08 -31.04
C THR E 112 -30.99 8.61 -31.37
N SER E 113 -31.71 8.13 -32.39
CA SER E 113 -31.51 6.80 -32.96
C SER E 113 -31.68 5.69 -31.93
N ILE E 114 -32.70 5.82 -31.08
CA ILE E 114 -33.10 4.76 -30.17
C ILE E 114 -34.45 4.23 -30.64
N HIS E 115 -34.49 2.95 -31.01
CA HIS E 115 -35.69 2.33 -31.55
C HIS E 115 -36.24 1.25 -30.63
N SER E 116 -35.42 0.29 -30.25
CA SER E 116 -35.84 -0.84 -29.42
C SER E 116 -35.01 -0.85 -28.13
N PHE E 117 -35.26 -1.88 -27.32
CA PHE E 117 -34.46 -2.04 -26.11
C PHE E 117 -33.01 -2.34 -26.42
N SER E 118 -32.75 -3.05 -27.52
CA SER E 118 -31.37 -3.32 -27.91
C SER E 118 -30.61 -2.03 -28.20
N SER E 119 -31.27 -1.08 -28.86
CA SER E 119 -30.64 0.23 -29.06
C SER E 119 -30.38 0.91 -27.73
N ALA E 120 -31.33 0.83 -26.79
CA ALA E 120 -31.13 1.42 -25.48
C ALA E 120 -30.01 0.72 -24.73
N PHE E 121 -29.93 -0.62 -24.85
CA PHE E 121 -28.86 -1.35 -24.18
C PHE E 121 -27.50 -0.99 -24.77
N LEU E 122 -27.42 -0.87 -26.10
CA LEU E 122 -26.16 -0.46 -26.71
C LEU E 122 -25.80 0.95 -26.29
N PHE E 123 -26.79 1.84 -26.17
CA PHE E 123 -26.52 3.21 -25.73
C PHE E 123 -26.01 3.24 -24.30
N SER E 124 -26.55 2.37 -23.45
CA SER E 124 -26.09 2.33 -22.06
C SER E 124 -24.63 1.90 -21.98
N ILE E 125 -24.24 0.93 -22.81
CA ILE E 125 -22.84 0.51 -22.84
C ILE E 125 -21.95 1.64 -23.31
N GLU E 126 -22.38 2.38 -24.34
CA GLU E 126 -21.58 3.48 -24.85
C GLU E 126 -21.39 4.57 -23.80
N VAL E 127 -22.44 4.89 -23.06
CA VAL E 127 -22.35 5.95 -22.06
C VAL E 127 -21.49 5.50 -20.87
N GLN E 128 -21.76 4.30 -20.34
CA GLN E 128 -21.13 3.90 -19.10
C GLN E 128 -19.67 3.53 -19.29
N VAL E 129 -19.34 2.78 -20.36
CA VAL E 129 -17.95 2.48 -20.67
C VAL E 129 -17.27 3.64 -21.36
N THR E 130 -17.98 4.75 -21.58
CA THR E 130 -17.43 5.96 -22.20
C THR E 130 -16.87 5.69 -23.59
N ILE E 131 -17.53 4.80 -24.33
CA ILE E 131 -17.18 4.61 -25.73
C ILE E 131 -17.69 5.77 -26.58
N GLY E 132 -19.00 5.97 -26.57
CA GLY E 132 -19.59 7.11 -27.25
C GLY E 132 -19.41 7.09 -28.75
N PHE E 133 -20.06 6.15 -29.42
CA PHE E 133 -19.97 6.11 -30.88
C PHE E 133 -20.57 7.36 -31.50
N GLY E 134 -21.72 7.81 -31.00
CA GLY E 134 -22.33 9.03 -31.47
C GLY E 134 -23.52 8.84 -32.39
N GLY E 135 -23.72 7.63 -32.91
CA GLY E 135 -24.97 7.36 -33.62
C GLY E 135 -26.17 7.51 -32.70
N ARG E 136 -26.01 7.10 -31.45
CA ARG E 136 -27.03 7.29 -30.41
C ARG E 136 -26.48 8.32 -29.42
N MET E 137 -27.04 9.53 -29.47
CA MET E 137 -26.48 10.67 -28.75
C MET E 137 -27.58 11.33 -27.91
N VAL E 138 -27.20 11.81 -26.74
CA VAL E 138 -28.12 12.54 -25.88
C VAL E 138 -28.42 13.89 -26.51
N THR E 139 -29.69 14.27 -26.51
CA THR E 139 -30.12 15.58 -27.00
C THR E 139 -30.60 16.42 -25.82
N GLU E 140 -30.82 17.71 -26.10
CA GLU E 140 -31.14 18.68 -25.06
C GLU E 140 -32.64 18.90 -24.91
N GLU E 141 -33.45 17.91 -25.26
CA GLU E 141 -34.90 18.08 -25.18
C GLU E 141 -35.47 17.56 -23.87
N CYS E 142 -34.87 16.55 -23.26
CA CYS E 142 -35.43 15.96 -22.06
C CYS E 142 -34.50 16.18 -20.88
N PRO E 143 -34.83 17.10 -19.97
CA PRO E 143 -33.97 17.28 -18.80
C PRO E 143 -33.83 16.03 -17.96
N LEU E 144 -34.84 15.17 -17.94
CA LEU E 144 -34.72 13.90 -17.24
C LEU E 144 -33.63 13.04 -17.87
N ALA E 145 -33.54 13.03 -19.19
CA ALA E 145 -32.47 12.30 -19.87
C ALA E 145 -31.10 12.84 -19.48
N ILE E 146 -30.98 14.17 -19.39
CA ILE E 146 -29.73 14.76 -18.94
C ILE E 146 -29.47 14.37 -17.49
N LEU E 147 -30.52 14.29 -16.68
CA LEU E 147 -30.36 13.86 -15.29
C LEU E 147 -29.84 12.43 -15.21
N ILE E 148 -30.38 11.54 -16.04
CA ILE E 148 -29.92 10.15 -16.03
C ILE E 148 -28.48 10.06 -16.51
N LEU E 149 -28.11 10.89 -17.49
CA LEU E 149 -26.73 10.89 -17.97
C LEU E 149 -25.77 11.28 -16.85
N ILE E 150 -26.16 12.25 -16.01
CA ILE E 150 -25.35 12.61 -14.87
C ILE E 150 -25.28 11.45 -13.88
N VAL E 151 -26.43 10.81 -13.62
CA VAL E 151 -26.48 9.74 -12.62
C VAL E 151 -25.66 8.55 -13.09
N GLN E 152 -25.81 8.17 -14.36
CA GLN E 152 -25.12 6.99 -14.86
C GLN E 152 -23.61 7.17 -14.83
N ASN E 153 -23.13 8.35 -15.19
CA ASN E 153 -21.68 8.60 -15.18
C ASN E 153 -21.13 8.55 -13.76
N ILE E 154 -21.85 9.14 -12.79
CA ILE E 154 -21.40 9.10 -11.42
C ILE E 154 -21.41 7.68 -10.88
N VAL E 155 -22.49 6.95 -11.14
CA VAL E 155 -22.57 5.55 -10.72
C VAL E 155 -21.57 4.71 -11.52
N GLY E 156 -21.41 5.01 -12.80
CA GLY E 156 -20.46 4.27 -13.60
C GLY E 156 -19.03 4.41 -13.12
N LEU E 157 -18.67 5.59 -12.61
CA LEU E 157 -17.32 5.80 -12.12
C LEU E 157 -17.08 5.04 -10.82
N MET E 158 -18.05 5.06 -9.90
CA MET E 158 -17.87 4.36 -8.64
C MET E 158 -17.73 2.86 -8.85
N ILE E 159 -18.57 2.28 -9.71
CA ILE E 159 -18.43 0.86 -10.02
C ILE E 159 -17.11 0.60 -10.72
N ASN E 160 -16.71 1.49 -11.62
CA ASN E 160 -15.42 1.34 -12.29
C ASN E 160 -14.27 1.43 -11.30
N ALA E 161 -14.36 2.35 -10.35
CA ALA E 161 -13.26 2.53 -9.39
C ALA E 161 -13.14 1.34 -8.45
N ILE E 162 -14.25 0.88 -7.89
CA ILE E 162 -14.20 -0.20 -6.91
C ILE E 162 -13.81 -1.51 -7.56
N MET E 163 -14.45 -1.84 -8.69
CA MET E 163 -14.23 -3.16 -9.29
C MET E 163 -12.83 -3.30 -9.87
N LEU E 164 -12.34 -2.29 -10.57
CA LEU E 164 -10.99 -2.36 -11.13
C LEU E 164 -9.95 -2.42 -10.02
N GLY E 165 -10.13 -1.63 -8.97
CA GLY E 165 -9.22 -1.70 -7.83
C GLY E 165 -9.32 -3.02 -7.10
N CYS E 166 -10.52 -3.58 -7.00
CA CYS E 166 -10.71 -4.85 -6.32
C CYS E 166 -10.01 -5.98 -7.06
N ILE E 167 -10.10 -6.00 -8.39
CA ILE E 167 -9.49 -7.10 -9.14
C ILE E 167 -7.98 -6.98 -9.19
N PHE E 168 -7.43 -5.78 -9.01
CA PHE E 168 -5.98 -5.67 -8.92
C PHE E 168 -5.47 -6.12 -7.56
N MET E 169 -6.22 -5.84 -6.49
CA MET E 169 -5.86 -6.38 -5.18
C MET E 169 -5.94 -7.90 -5.20
N LYS E 170 -6.93 -8.45 -5.87
CA LYS E 170 -7.05 -9.91 -6.00
C LYS E 170 -5.84 -10.47 -6.75
N THR E 171 -5.38 -9.77 -7.78
CA THR E 171 -4.23 -10.25 -8.54
C THR E 171 -2.93 -10.08 -7.76
N ALA E 172 -2.77 -8.95 -7.07
CA ALA E 172 -1.51 -8.61 -6.41
C ALA E 172 -1.44 -9.10 -4.97
N GLN E 173 -2.22 -10.12 -4.61
CA GLN E 173 -2.14 -10.67 -3.27
C GLN E 173 -0.75 -11.27 -3.02
N ALA E 174 -0.25 -11.08 -1.81
CA ALA E 174 1.09 -11.50 -1.47
C ALA E 174 1.20 -12.96 -1.05
N HIS E 175 0.07 -13.65 -0.83
CA HIS E 175 0.11 -15.05 -0.42
CA HIS E 175 0.16 -15.04 -0.41
C HIS E 175 0.70 -15.93 -1.52
N ARG E 176 0.44 -15.59 -2.78
CA ARG E 176 1.00 -16.38 -3.87
C ARG E 176 2.52 -16.29 -3.91
N ARG E 177 3.11 -15.21 -3.42
CA ARG E 177 4.55 -15.12 -3.30
C ARG E 177 5.11 -16.16 -2.34
N ALA E 178 4.32 -16.59 -1.36
CA ALA E 178 4.76 -17.61 -0.42
C ALA E 178 4.93 -18.98 -1.06
N GLU E 179 4.44 -19.16 -2.29
CA GLU E 179 4.64 -20.42 -3.00
C GLU E 179 6.08 -20.61 -3.48
N THR E 180 6.90 -19.56 -3.42
CA THR E 180 8.30 -19.65 -3.80
C THR E 180 9.23 -19.52 -2.59
N LEU E 181 8.71 -19.77 -1.39
CA LEU E 181 9.49 -19.80 -0.16
C LEU E 181 9.45 -21.23 0.34
N ILE E 182 10.44 -22.02 -0.03
CA ILE E 182 10.43 -23.45 0.25
C ILE E 182 11.03 -23.70 1.62
N PHE E 183 10.45 -24.66 2.34
CA PHE E 183 10.99 -25.19 3.57
C PHE E 183 11.48 -26.61 3.34
N SER E 184 12.23 -27.14 4.30
CA SER E 184 12.66 -28.53 4.23
C SER E 184 11.46 -29.44 4.40
N LYS E 185 11.55 -30.63 3.79
CA LYS E 185 10.53 -31.65 4.00
C LYS E 185 10.75 -32.42 5.30
N HIS E 186 11.90 -32.26 5.94
CA HIS E 186 12.21 -32.93 7.19
C HIS E 186 12.96 -31.99 8.10
N ALA E 187 12.61 -32.01 9.38
CA ALA E 187 13.36 -31.29 10.38
C ALA E 187 14.42 -32.19 11.00
N VAL E 188 15.39 -31.57 11.67
CA VAL E 188 16.55 -32.28 12.19
C VAL E 188 16.80 -31.81 13.62
N ILE E 189 17.05 -32.78 14.51
CA ILE E 189 17.40 -32.49 15.91
C ILE E 189 18.77 -33.11 16.14
N THR E 190 19.83 -32.32 15.97
CA THR E 190 21.19 -32.81 16.10
C THR E 190 21.92 -32.02 17.18
N LEU E 191 23.19 -32.35 17.37
CA LEU E 191 24.03 -31.68 18.34
C LEU E 191 24.76 -30.51 17.67
N ARG E 192 24.61 -29.33 18.23
CA ARG E 192 25.33 -28.14 17.76
C ARG E 192 25.88 -27.39 18.96
N HIS E 193 27.19 -27.23 19.02
CA HIS E 193 27.87 -26.53 20.11
C HIS E 193 27.55 -27.15 21.47
N GLY E 194 27.38 -28.46 21.51
CA GLY E 194 27.19 -29.17 22.75
C GLY E 194 25.75 -29.26 23.23
N ARG E 195 24.80 -28.64 22.54
CA ARG E 195 23.40 -28.67 22.93
C ARG E 195 22.56 -29.13 21.76
N LEU E 196 21.52 -29.92 22.04
CA LEU E 196 20.62 -30.39 20.99
C LEU E 196 19.85 -29.21 20.40
N CYS E 197 19.76 -29.17 19.08
CA CYS E 197 19.10 -28.07 18.38
C CYS E 197 18.12 -28.64 17.37
N PHE E 198 16.89 -28.13 17.40
CA PHE E 198 15.89 -28.49 16.41
C PHE E 198 16.10 -27.61 15.17
N MET E 199 16.66 -28.19 14.12
CA MET E 199 17.07 -27.43 12.95
C MET E 199 16.16 -27.69 11.76
N LEU E 200 16.01 -26.69 10.92
CA LEU E 200 15.33 -26.81 9.64
C LEU E 200 15.90 -25.77 8.69
N ARG E 201 15.70 -25.99 7.39
CA ARG E 201 16.25 -25.13 6.37
C ARG E 201 15.13 -24.44 5.61
N VAL E 202 15.27 -23.14 5.38
CA VAL E 202 14.30 -22.34 4.64
C VAL E 202 15.03 -21.57 3.55
N GLY E 203 14.49 -21.59 2.34
CA GLY E 203 15.12 -20.94 1.22
C GLY E 203 14.12 -20.12 0.42
N ASP E 204 14.66 -19.26 -0.44
CA ASP E 204 13.86 -18.40 -1.30
C ASP E 204 14.30 -18.64 -2.75
N LEU E 205 13.36 -19.06 -3.58
CA LEU E 205 13.69 -19.37 -4.97
C LEU E 205 13.84 -18.12 -5.83
N ARG E 206 13.08 -17.07 -5.55
CA ARG E 206 13.08 -15.90 -6.40
C ARG E 206 14.36 -15.09 -6.23
N LYS E 207 14.71 -14.34 -7.27
CA LYS E 207 15.86 -13.44 -7.18
C LYS E 207 15.58 -12.29 -6.23
N SER E 208 14.36 -11.79 -6.22
CA SER E 208 14.00 -10.66 -5.36
C SER E 208 14.02 -11.08 -3.89
N MET E 209 14.04 -10.08 -3.02
CA MET E 209 14.23 -10.28 -1.59
C MET E 209 12.90 -10.26 -0.85
N ILE E 210 12.94 -10.74 0.39
CA ILE E 210 11.84 -10.61 1.33
C ILE E 210 12.30 -9.62 2.39
N ILE E 211 11.78 -8.39 2.32
CA ILE E 211 12.21 -7.34 3.22
C ILE E 211 11.60 -7.56 4.60
N SER E 212 12.42 -7.34 5.64
CA SER E 212 11.97 -7.47 7.03
C SER E 212 11.41 -8.85 7.31
N ALA E 213 12.15 -9.88 6.89
CA ALA E 213 11.72 -11.24 7.13
C ALA E 213 11.84 -11.59 8.60
N THR E 214 10.79 -12.19 9.14
CA THR E 214 10.76 -12.63 10.54
C THR E 214 10.37 -14.10 10.58
N ILE E 215 10.97 -14.85 11.50
CA ILE E 215 10.69 -16.26 11.67
C ILE E 215 10.07 -16.46 13.04
N HIS E 216 8.91 -17.11 13.08
CA HIS E 216 8.26 -17.50 14.32
C HIS E 216 8.03 -19.00 14.32
N MET E 217 8.47 -19.65 15.38
CA MET E 217 8.32 -21.09 15.53
C MET E 217 7.47 -21.39 16.76
N GLN E 218 6.50 -22.28 16.60
CA GLN E 218 5.59 -22.63 17.68
C GLN E 218 5.42 -24.14 17.76
N VAL E 219 5.17 -24.62 18.97
CA VAL E 219 4.87 -26.03 19.23
C VAL E 219 3.38 -26.14 19.46
N VAL E 220 2.72 -27.01 18.70
CA VAL E 220 1.27 -27.17 18.76
C VAL E 220 0.98 -28.57 19.26
N ARG E 221 0.44 -28.68 20.47
CA ARG E 221 0.03 -29.96 21.03
C ARG E 221 -0.94 -29.69 22.16
N LYS E 222 -1.60 -30.75 22.62
CA LYS E 222 -2.58 -30.64 23.69
C LYS E 222 -1.87 -30.74 25.03
N THR E 223 -1.88 -29.65 25.79
CA THR E 223 -1.21 -29.58 27.08
C THR E 223 -2.27 -29.38 28.17
N THR E 224 -2.14 -30.13 29.26
CA THR E 224 -3.06 -30.06 30.38
C THR E 224 -2.33 -29.40 31.55
N SER E 225 -2.88 -28.29 32.05
CA SER E 225 -2.31 -27.63 33.21
C SER E 225 -2.57 -28.46 34.46
N PRO E 226 -1.77 -28.28 35.51
CA PRO E 226 -2.01 -29.02 36.75
C PRO E 226 -3.38 -28.78 37.35
N GLU E 227 -3.99 -27.62 37.09
CA GLU E 227 -5.32 -27.34 37.60
C GLU E 227 -6.41 -28.12 36.88
N GLY E 228 -6.08 -28.82 35.80
CA GLY E 228 -7.04 -29.60 35.06
C GLY E 228 -7.52 -28.99 33.76
N GLU E 229 -7.17 -27.74 33.49
CA GLU E 229 -7.55 -27.12 32.22
C GLU E 229 -6.82 -27.80 31.07
N VAL E 230 -7.55 -28.05 29.98
CA VAL E 230 -7.01 -28.69 28.80
C VAL E 230 -7.13 -27.73 27.63
N VAL E 231 -6.03 -27.53 26.91
CA VAL E 231 -6.04 -26.70 25.71
C VAL E 231 -5.78 -27.59 24.51
N PRO E 232 -6.77 -27.79 23.63
CA PRO E 232 -6.61 -28.79 22.55
C PRO E 232 -5.44 -28.49 21.61
N LEU E 233 -5.16 -27.22 21.35
CA LEU E 233 -4.10 -26.83 20.42
C LEU E 233 -3.26 -25.72 21.03
N HIS E 234 -2.79 -25.93 22.25
CA HIS E 234 -2.00 -24.92 22.93
C HIS E 234 -0.72 -24.62 22.15
N GLN E 235 -0.65 -23.42 21.57
CA GLN E 235 0.48 -23.02 20.75
C GLN E 235 1.51 -22.36 21.66
N VAL E 236 2.59 -23.08 21.95
CA VAL E 236 3.69 -22.57 22.76
C VAL E 236 4.74 -22.00 21.82
N ASP E 237 5.09 -20.74 22.00
CA ASP E 237 6.03 -20.07 21.12
C ASP E 237 7.45 -20.39 21.58
N ILE E 238 8.26 -20.95 20.68
CA ILE E 238 9.64 -21.29 21.00
C ILE E 238 10.57 -20.30 20.32
N PRO E 239 11.70 -19.95 20.94
CA PRO E 239 12.63 -19.03 20.30
C PRO E 239 13.61 -19.76 19.40
N MET E 240 14.25 -18.98 18.53
CA MET E 240 15.32 -19.46 17.68
C MET E 240 16.59 -18.67 17.98
N GLU E 241 17.74 -19.33 17.88
CA GLU E 241 19.00 -18.66 18.16
C GLU E 241 19.35 -17.73 17.02
N ASN E 242 19.51 -16.44 17.33
CA ASN E 242 19.83 -15.44 16.33
C ASN E 242 21.04 -14.65 16.76
N GLY E 243 21.25 -14.52 18.07
CA GLY E 243 22.37 -13.82 18.66
C GLY E 243 22.05 -12.42 19.13
N VAL E 244 20.97 -11.84 18.63
CA VAL E 244 20.55 -10.49 19.03
C VAL E 244 19.08 -10.54 19.45
N GLY E 245 18.65 -11.68 19.96
CA GLY E 245 17.24 -11.90 20.18
C GLY E 245 16.68 -12.91 19.19
N GLY E 246 15.91 -12.45 18.21
CA GLY E 246 15.41 -13.35 17.19
C GLY E 246 14.34 -12.69 16.36
N ASN E 247 13.63 -13.52 15.61
CA ASN E 247 12.54 -13.08 14.73
C ASN E 247 13.03 -12.07 13.69
N SER E 248 14.21 -12.33 13.13
CA SER E 248 14.74 -11.47 12.07
C SER E 248 15.83 -12.22 11.34
N ILE E 249 15.65 -12.38 10.02
CA ILE E 249 16.64 -13.05 9.18
C ILE E 249 16.83 -12.23 7.91
N PHE E 250 17.94 -12.49 7.23
CA PHE E 250 18.25 -11.91 5.94
C PHE E 250 18.30 -13.07 4.94
N LEU E 251 17.15 -13.37 4.34
CA LEU E 251 16.98 -14.57 3.54
C LEU E 251 17.29 -14.24 2.08
N VAL E 252 18.52 -14.52 1.67
CA VAL E 252 18.91 -14.42 0.26
C VAL E 252 19.51 -15.76 -0.15
N ALA E 253 20.06 -16.49 0.82
CA ALA E 253 20.55 -17.84 0.64
C ALA E 253 19.87 -18.74 1.66
N PRO E 254 19.72 -20.02 1.36
CA PRO E 254 18.95 -20.90 2.27
C PRO E 254 19.58 -21.02 3.64
N LEU E 255 18.90 -20.47 4.65
CA LEU E 255 19.38 -20.48 6.02
C LEU E 255 18.92 -21.73 6.74
N ILE E 256 19.67 -22.10 7.78
CA ILE E 256 19.25 -23.13 8.72
C ILE E 256 18.69 -22.42 9.94
N ILE E 257 17.40 -22.62 10.20
CA ILE E 257 16.73 -22.01 11.34
C ILE E 257 16.63 -23.07 12.43
N TYR E 258 17.28 -22.82 13.56
CA TYR E 258 17.33 -23.84 14.61
C TYR E 258 16.99 -23.22 15.96
N HIS E 259 16.35 -24.03 16.79
CA HIS E 259 15.98 -23.67 18.15
C HIS E 259 16.79 -24.52 19.11
N VAL E 260 17.50 -23.88 20.03
CA VAL E 260 18.34 -24.60 20.98
C VAL E 260 17.45 -25.12 22.10
N ILE E 261 17.50 -26.43 22.33
CA ILE E 261 16.66 -27.07 23.33
C ILE E 261 17.36 -26.95 24.68
N ASP E 262 16.82 -26.11 25.56
CA ASP E 262 17.40 -25.91 26.88
C ASP E 262 16.35 -26.12 27.96
N SER E 263 16.66 -25.72 29.19
CA SER E 263 15.81 -26.05 30.34
C SER E 263 14.39 -25.54 30.16
N ASN E 264 14.24 -24.30 29.70
CA ASN E 264 12.93 -23.69 29.56
C ASN E 264 12.27 -23.99 28.22
N SER E 265 12.93 -24.72 27.33
CA SER E 265 12.34 -25.06 26.05
C SER E 265 11.24 -26.12 26.23
N PRO E 266 10.18 -26.05 25.43
CA PRO E 266 9.12 -27.07 25.50
C PRO E 266 9.54 -28.45 25.03
N LEU E 267 10.65 -28.58 24.32
CA LEU E 267 11.15 -29.87 23.87
C LEU E 267 12.23 -30.43 24.78
N TYR E 268 12.37 -29.86 25.99
CA TYR E 268 13.40 -30.26 26.92
C TYR E 268 13.25 -31.71 27.39
N ASP E 269 12.08 -32.31 27.20
CA ASP E 269 11.83 -33.69 27.58
C ASP E 269 11.43 -34.53 26.37
N LEU E 270 12.00 -34.22 25.21
CA LEU E 270 11.70 -34.94 23.98
C LEU E 270 12.75 -36.01 23.76
N ALA E 271 12.29 -37.23 23.49
CA ALA E 271 13.14 -38.39 23.29
C ALA E 271 13.03 -38.90 21.86
N PRO E 272 14.06 -39.56 21.34
CA PRO E 272 13.98 -40.12 19.98
C PRO E 272 12.87 -41.14 19.83
N SER E 273 12.47 -41.82 20.90
CA SER E 273 11.35 -42.75 20.83
C SER E 273 10.02 -42.04 20.65
N ASP E 274 9.96 -40.74 20.90
CA ASP E 274 8.72 -39.99 20.74
C ASP E 274 8.49 -39.50 19.32
N LEU E 275 9.44 -39.72 18.42
CA LEU E 275 9.33 -39.23 17.05
C LEU E 275 8.68 -40.26 16.13
N HIS E 276 7.50 -40.73 16.51
CA HIS E 276 6.68 -41.59 15.66
C HIS E 276 5.43 -40.86 15.23
N HIS E 277 4.69 -41.46 14.31
CA HIS E 277 3.61 -40.74 13.64
C HIS E 277 2.53 -40.30 14.61
N HIS E 278 2.12 -41.17 15.53
CA HIS E 278 1.04 -40.87 16.46
C HIS E 278 1.63 -40.41 17.78
N GLN E 279 1.97 -39.12 17.84
CA GLN E 279 2.60 -38.53 19.02
C GLN E 279 1.89 -37.29 19.53
N ASP E 280 1.14 -36.57 18.69
CA ASP E 280 0.52 -35.30 19.05
C ASP E 280 1.60 -34.28 19.44
N LEU E 281 2.47 -33.99 18.46
CA LEU E 281 3.54 -33.03 18.63
C LEU E 281 3.82 -32.43 17.26
N GLU E 282 3.55 -31.13 17.11
CA GLU E 282 3.67 -30.47 15.83
C GLU E 282 4.44 -29.16 16.00
N ILE E 283 5.36 -28.90 15.07
CA ILE E 283 6.16 -27.69 15.04
C ILE E 283 5.75 -26.87 13.83
N ILE E 284 5.48 -25.59 14.04
CA ILE E 284 5.02 -24.69 12.99
C ILE E 284 6.06 -23.61 12.80
N VAL E 285 6.43 -23.35 11.55
CA VAL E 285 7.38 -22.30 11.19
C VAL E 285 6.65 -21.28 10.33
N ILE E 286 6.75 -20.01 10.72
CA ILE E 286 6.07 -18.92 10.03
C ILE E 286 7.12 -17.92 9.58
N LEU E 287 7.11 -17.58 8.30
CA LEU E 287 8.02 -16.60 7.72
C LEU E 287 7.19 -15.44 7.19
N GLU E 288 7.36 -14.27 7.77
CA GLU E 288 6.59 -13.09 7.41
C GLU E 288 7.53 -11.97 6.99
N GLY E 289 7.23 -11.32 5.89
CA GLY E 289 8.04 -10.22 5.43
C GLY E 289 7.36 -9.48 4.30
N VAL E 290 7.89 -8.30 4.00
CA VAL E 290 7.37 -7.49 2.91
C VAL E 290 7.99 -7.96 1.60
N VAL E 291 7.15 -8.20 0.60
CA VAL E 291 7.65 -8.59 -0.71
C VAL E 291 8.31 -7.38 -1.36
N GLU E 292 9.60 -7.53 -1.71
CA GLU E 292 10.33 -6.39 -2.26
C GLU E 292 9.75 -5.96 -3.60
N THR E 293 9.38 -6.92 -4.45
CA THR E 293 8.85 -6.59 -5.76
C THR E 293 7.53 -5.83 -5.67
N THR E 294 6.64 -6.25 -4.77
CA THR E 294 5.29 -5.72 -4.70
C THR E 294 5.13 -4.65 -3.62
N GLY E 295 5.64 -4.91 -2.42
CA GLY E 295 5.45 -4.02 -1.29
C GLY E 295 4.39 -4.44 -0.30
N ILE E 296 3.83 -5.64 -0.44
CA ILE E 296 2.77 -6.14 0.42
C ILE E 296 3.33 -7.27 1.27
N THR E 297 3.09 -7.21 2.57
CA THR E 297 3.59 -8.24 3.46
C THR E 297 2.96 -9.59 3.14
N THR E 298 3.78 -10.63 3.16
CA THR E 298 3.34 -11.99 2.89
C THR E 298 3.54 -12.85 4.12
N GLN E 299 3.23 -14.14 3.98
CA GLN E 299 3.40 -15.09 5.08
C GLN E 299 3.50 -16.48 4.51
N ALA E 300 4.60 -17.18 4.82
CA ALA E 300 4.82 -18.55 4.41
C ALA E 300 4.81 -19.43 5.65
N ARG E 301 4.02 -20.49 5.63
CA ARG E 301 3.84 -21.37 6.76
C ARG E 301 4.18 -22.80 6.38
N THR E 302 4.62 -23.57 7.37
CA THR E 302 4.86 -25.00 7.20
C THR E 302 4.78 -25.65 8.57
N SER E 303 4.63 -26.96 8.57
CA SER E 303 4.48 -27.71 9.80
C SER E 303 5.25 -29.02 9.71
N TYR E 304 5.89 -29.40 10.82
CA TYR E 304 6.62 -30.66 10.91
C TYR E 304 5.98 -31.50 11.99
N LEU E 305 5.34 -32.60 11.60
CA LEU E 305 4.78 -33.51 12.57
C LEU E 305 5.90 -34.26 13.28
N ALA E 306 5.51 -35.15 14.19
CA ALA E 306 6.51 -35.90 14.95
C ALA E 306 7.31 -36.82 14.06
N ASP E 307 6.66 -37.48 13.11
CA ASP E 307 7.36 -38.43 12.25
C ASP E 307 8.14 -37.76 11.13
N GLU E 308 7.92 -36.46 10.91
CA GLU E 308 8.67 -35.72 9.91
C GLU E 308 9.94 -35.10 10.45
N ILE E 309 10.26 -35.35 11.72
CA ILE E 309 11.46 -34.85 12.36
C ILE E 309 12.45 -36.00 12.49
N LEU E 310 13.64 -35.81 11.97
CA LEU E 310 14.67 -36.85 11.97
C LEU E 310 15.67 -36.56 13.08
N TRP E 311 15.94 -37.57 13.91
CA TRP E 311 16.77 -37.35 15.08
C TRP E 311 18.26 -37.33 14.72
N GLY E 312 18.80 -38.49 14.32
CA GLY E 312 20.22 -38.56 14.05
C GLY E 312 20.58 -38.16 12.64
N GLN E 313 20.37 -36.90 12.29
CA GLN E 313 20.64 -36.40 10.95
C GLN E 313 21.30 -35.03 11.04
N ARG E 314 21.61 -34.47 9.88
CA ARG E 314 22.22 -33.15 9.77
C ARG E 314 22.17 -32.73 8.30
N PHE E 315 21.81 -31.47 8.07
CA PHE E 315 21.70 -30.97 6.70
C PHE E 315 23.06 -30.90 6.03
N VAL E 316 23.09 -31.27 4.75
CA VAL E 316 24.32 -31.23 3.96
C VAL E 316 24.50 -29.83 3.40
N PRO E 317 25.70 -29.26 3.46
CA PRO E 317 25.92 -27.92 2.88
C PRO E 317 25.64 -27.91 1.39
N ILE E 318 25.04 -26.82 0.92
CA ILE E 318 24.71 -26.69 -0.50
C ILE E 318 25.28 -25.42 -1.12
N VAL E 319 25.73 -24.44 -0.36
CA VAL E 319 26.26 -23.21 -0.93
C VAL E 319 27.70 -23.44 -1.35
N ALA E 320 28.01 -23.16 -2.61
CA ALA E 320 29.35 -23.30 -3.14
C ALA E 320 29.74 -22.01 -3.85
N GLU E 321 31.03 -21.89 -4.16
CA GLU E 321 31.58 -20.70 -4.80
C GLU E 321 32.04 -21.07 -6.20
N GLU E 322 31.36 -20.53 -7.21
CA GLU E 322 31.73 -20.72 -8.61
C GLU E 322 32.18 -19.39 -9.18
N ASP E 323 33.42 -19.34 -9.67
CA ASP E 323 34.02 -18.11 -10.19
C ASP E 323 33.94 -17.01 -9.14
N GLY E 324 33.19 -15.95 -9.42
CA GLY E 324 33.04 -14.86 -8.49
C GLY E 324 31.60 -14.66 -8.06
N ARG E 325 30.87 -15.76 -7.88
CA ARG E 325 29.46 -15.71 -7.53
C ARG E 325 29.08 -17.02 -6.86
N TYR E 326 28.52 -16.92 -5.66
CA TYR E 326 28.10 -18.12 -4.95
C TYR E 326 26.96 -18.80 -5.68
N SER E 327 26.99 -20.13 -5.72
CA SER E 327 25.99 -20.93 -6.40
C SER E 327 25.30 -21.82 -5.38
N VAL E 328 23.98 -21.72 -5.32
CA VAL E 328 23.18 -22.53 -4.41
C VAL E 328 22.60 -23.69 -5.20
N ASP E 329 22.83 -24.91 -4.71
CA ASP E 329 22.37 -26.12 -5.39
C ASP E 329 21.08 -26.58 -4.70
N TYR E 330 19.95 -26.14 -5.23
CA TYR E 330 18.66 -26.45 -4.63
C TYR E 330 18.25 -27.90 -4.82
N SER E 331 18.97 -28.67 -5.63
CA SER E 331 18.67 -30.09 -5.75
C SER E 331 18.91 -30.82 -4.45
N LYS E 332 19.97 -30.46 -3.73
CA LYS E 332 20.34 -31.06 -2.45
C LYS E 332 19.75 -30.29 -1.27
N PHE E 333 18.60 -29.64 -1.47
CA PHE E 333 18.06 -28.75 -0.45
C PHE E 333 17.77 -29.49 0.84
N GLY E 334 16.86 -30.44 0.79
CA GLY E 334 16.41 -31.15 1.98
C GLY E 334 17.22 -32.37 2.37
N ASN E 335 18.33 -32.65 1.68
CA ASN E 335 19.11 -33.84 1.98
C ASN E 335 19.78 -33.73 3.34
N THR E 336 19.79 -34.83 4.08
CA THR E 336 20.41 -34.91 5.39
C THR E 336 21.37 -36.09 5.42
N VAL E 337 22.37 -36.00 6.29
CA VAL E 337 23.37 -37.05 6.46
C VAL E 337 23.43 -37.43 7.93
N LYS E 338 23.40 -38.72 8.21
CA LYS E 338 23.43 -39.19 9.59
C LYS E 338 24.73 -38.79 10.27
N VAL E 339 24.62 -38.37 11.53
CA VAL E 339 25.78 -37.97 12.32
C VAL E 339 25.64 -38.59 13.71
N PRO E 340 26.74 -38.82 14.43
CA PRO E 340 26.62 -39.40 15.78
C PRO E 340 25.95 -38.45 16.76
N THR E 341 24.74 -38.81 17.19
CA THR E 341 23.95 -37.98 18.10
C THR E 341 23.47 -38.85 19.27
N PRO E 342 23.56 -38.36 20.50
CA PRO E 342 23.05 -39.15 21.63
C PRO E 342 21.56 -39.43 21.50
N LEU E 343 21.16 -40.60 21.98
CA LEU E 343 19.75 -41.02 21.95
C LEU E 343 19.03 -40.67 23.24
N CYS E 344 19.47 -39.63 23.93
CA CYS E 344 18.88 -39.20 25.19
C CYS E 344 18.22 -37.84 25.02
N THR E 345 17.26 -37.55 25.89
CA THR E 345 16.58 -36.27 25.86
C THR E 345 17.55 -35.15 26.27
N ALA E 346 17.13 -33.91 26.00
CA ALA E 346 17.95 -32.78 26.42
C ALA E 346 18.00 -32.65 27.93
N ARG E 347 16.96 -33.13 28.63
CA ARG E 347 17.01 -33.19 30.09
C ARG E 347 18.12 -34.11 30.56
N GLN E 348 18.24 -35.28 29.93
CA GLN E 348 19.26 -36.24 30.34
C GLN E 348 20.66 -35.77 29.95
N LEU E 349 20.77 -34.95 28.90
CA LEU E 349 22.08 -34.43 28.51
C LEU E 349 22.67 -33.54 29.59
N ASP E 350 21.85 -32.67 30.19
CA ASP E 350 22.34 -31.82 31.27
C ASP E 350 22.71 -32.66 32.49
N GLU E 351 21.91 -33.68 32.80
CA GLU E 351 22.24 -34.59 33.88
C GLU E 351 23.41 -35.50 33.55
N ASP E 352 23.83 -35.56 32.28
CA ASP E 352 24.95 -36.39 31.84
C ASP E 352 24.73 -37.85 32.22
N MET F 1 -41.12 -9.22 -38.57
CA MET F 1 -41.80 -9.00 -37.30
C MET F 1 -40.96 -9.49 -36.12
N PRO F 2 -40.01 -8.66 -35.68
CA PRO F 2 -39.15 -9.06 -34.56
C PRO F 2 -39.87 -9.00 -33.23
N LEU F 3 -39.18 -9.33 -32.15
CA LEU F 3 -39.77 -9.26 -30.82
C LEU F 3 -40.06 -7.81 -30.46
N ALA F 4 -41.27 -7.54 -30.01
CA ALA F 4 -41.67 -6.20 -29.61
C ALA F 4 -42.40 -6.27 -28.28
N PHE F 5 -42.07 -5.37 -27.37
CA PHE F 5 -42.72 -5.36 -26.06
C PHE F 5 -44.20 -5.04 -26.20
N CYS F 6 -44.55 -4.10 -27.07
CA CYS F 6 -45.92 -3.65 -27.24
C CYS F 6 -46.57 -4.22 -28.49
N GLY F 7 -45.89 -5.10 -29.23
CA GLY F 7 -46.46 -5.68 -30.42
C GLY F 7 -46.40 -4.76 -31.61
N THR F 8 -46.19 -5.33 -32.80
CA THR F 8 -46.02 -4.55 -34.03
C THR F 8 -47.32 -4.62 -34.83
N GLU F 9 -48.25 -3.74 -34.49
CA GLU F 9 -49.50 -3.58 -35.22
C GLU F 9 -49.56 -2.19 -35.85
N ASN F 10 -50.41 -2.06 -36.87
CA ASN F 10 -50.49 -0.84 -37.66
C ASN F 10 -49.10 -0.46 -38.17
N HIS F 11 -48.59 0.67 -37.70
CA HIS F 11 -47.22 1.08 -37.96
C HIS F 11 -46.49 1.21 -36.64
N SER F 12 -46.64 0.20 -35.78
CA SER F 12 -46.22 0.28 -34.38
C SER F 12 -46.91 1.44 -33.68
N ALA F 13 -48.18 1.67 -34.04
CA ALA F 13 -48.96 2.77 -33.48
C ALA F 13 -49.31 2.54 -32.02
N ALA F 14 -49.12 1.35 -31.50
CA ALA F 14 -49.38 1.07 -30.09
C ALA F 14 -48.31 1.66 -29.18
N TYR F 15 -47.21 2.16 -29.73
CA TYR F 15 -46.16 2.81 -28.94
C TYR F 15 -46.40 4.31 -28.76
N ARG F 16 -47.41 4.87 -29.42
CA ARG F 16 -47.68 6.30 -29.28
C ARG F 16 -48.15 6.61 -27.87
N VAL F 17 -47.60 7.65 -27.27
CA VAL F 17 -47.92 8.02 -25.91
C VAL F 17 -48.67 9.35 -25.83
N ASP F 18 -49.28 9.77 -26.94
CA ASP F 18 -50.12 10.95 -26.89
C ASP F 18 -51.37 10.67 -26.06
N GLN F 19 -52.05 11.74 -25.67
CA GLN F 19 -53.17 11.67 -24.73
C GLN F 19 -52.74 11.02 -23.42
N GLY F 20 -51.53 11.36 -22.98
CA GLY F 20 -51.03 10.88 -21.70
C GLY F 20 -50.32 9.55 -21.78
N VAL F 21 -49.21 9.43 -21.06
CA VAL F 21 -48.48 8.16 -21.04
C VAL F 21 -49.27 7.11 -20.27
N LEU F 22 -49.90 7.50 -19.16
CA LEU F 22 -50.63 6.54 -18.35
C LEU F 22 -51.89 6.03 -19.03
N ASN F 23 -52.35 6.71 -20.09
CA ASN F 23 -53.45 6.21 -20.90
C ASN F 23 -52.98 5.26 -21.99
N ASN F 24 -51.67 5.02 -22.09
CA ASN F 24 -51.13 4.02 -22.99
C ASN F 24 -50.98 2.71 -22.23
N GLY F 25 -51.68 1.67 -22.68
CA GLY F 25 -51.72 0.42 -21.93
C GLY F 25 -50.35 -0.21 -21.78
N CYS F 26 -49.55 -0.20 -22.84
CA CYS F 26 -48.24 -0.83 -22.79
C CYS F 26 -47.32 -0.17 -21.76
N PHE F 27 -47.34 1.16 -21.71
CA PHE F 27 -46.44 1.87 -20.80
C PHE F 27 -46.75 1.53 -19.36
N VAL F 28 -48.03 1.43 -19.00
CA VAL F 28 -48.39 1.05 -17.64
C VAL F 28 -47.90 -0.36 -17.34
N ASP F 29 -48.06 -1.28 -18.29
CA ASP F 29 -47.51 -2.62 -18.12
C ASP F 29 -45.99 -2.58 -18.03
N ALA F 30 -45.35 -1.77 -18.86
CA ALA F 30 -43.90 -1.59 -18.75
C ALA F 30 -43.54 -0.97 -17.40
N LEU F 31 -44.38 -0.06 -16.91
CA LEU F 31 -44.13 0.56 -15.62
C LEU F 31 -44.18 -0.46 -14.49
N ASN F 32 -44.96 -1.53 -14.66
CA ASN F 32 -45.07 -2.55 -13.63
C ASN F 32 -43.84 -3.45 -13.54
N VAL F 33 -42.93 -3.37 -14.50
CA VAL F 33 -41.68 -4.12 -14.40
C VAL F 33 -40.68 -3.43 -13.49
N VAL F 34 -40.89 -2.15 -13.20
CA VAL F 34 -39.95 -1.40 -12.35
C VAL F 34 -39.82 -2.01 -10.96
N PRO F 35 -40.89 -2.31 -10.23
CA PRO F 35 -40.70 -2.91 -8.90
C PRO F 35 -39.97 -4.24 -8.93
N HIS F 36 -40.19 -5.04 -9.96
CA HIS F 36 -39.63 -6.39 -9.99
C HIS F 36 -38.13 -6.36 -10.25
N VAL F 37 -37.68 -5.53 -11.18
CA VAL F 37 -36.25 -5.41 -11.40
C VAL F 37 -35.57 -4.76 -10.21
N PHE F 38 -36.29 -3.89 -9.49
CA PHE F 38 -35.72 -3.29 -8.29
C PHE F 38 -35.42 -4.35 -7.24
N LEU F 39 -36.36 -5.27 -7.03
CA LEU F 39 -36.17 -6.30 -6.02
C LEU F 39 -35.01 -7.22 -6.38
N LEU F 40 -34.89 -7.57 -7.66
CA LEU F 40 -33.79 -8.43 -8.09
C LEU F 40 -32.44 -7.75 -7.91
N PHE F 41 -32.36 -6.46 -8.24
CA PHE F 41 -31.10 -5.73 -8.16
C PHE F 41 -30.70 -5.39 -6.73
N ILE F 42 -31.60 -5.52 -5.77
CA ILE F 42 -31.31 -5.23 -4.37
C ILE F 42 -31.00 -6.50 -3.59
N THR F 43 -31.83 -7.52 -3.74
CA THR F 43 -31.68 -8.73 -2.93
C THR F 43 -30.49 -9.58 -3.39
N PHE F 44 -30.30 -9.71 -4.71
CA PHE F 44 -29.22 -10.55 -5.20
C PHE F 44 -27.84 -10.10 -4.71
N PRO F 45 -27.47 -8.81 -4.76
CA PRO F 45 -26.20 -8.43 -4.12
C PRO F 45 -26.18 -8.72 -2.62
N ILE F 46 -27.30 -8.52 -1.94
CA ILE F 46 -27.34 -8.76 -0.49
C ILE F 46 -27.28 -10.26 -0.21
N LEU F 47 -28.07 -11.05 -0.93
CA LEU F 47 -28.11 -12.49 -0.68
C LEU F 47 -26.76 -13.13 -0.96
N PHE F 48 -26.11 -12.73 -2.07
CA PHE F 48 -24.82 -13.32 -2.39
C PHE F 48 -23.76 -12.95 -1.38
N ILE F 49 -23.75 -11.69 -0.93
CA ILE F 49 -22.67 -11.22 -0.06
C ILE F 49 -22.74 -11.91 1.29
N GLY F 50 -23.92 -11.96 1.90
CA GLY F 50 -24.02 -12.47 3.26
C GLY F 50 -24.25 -13.95 3.37
N TRP F 51 -24.70 -14.59 2.29
CA TRP F 51 -25.09 -15.99 2.35
C TRP F 51 -24.35 -16.88 1.36
N GLY F 52 -24.11 -16.42 0.14
CA GLY F 52 -23.50 -17.24 -0.88
C GLY F 52 -22.04 -16.97 -1.16
N SER F 53 -21.33 -16.27 -0.26
CA SER F 53 -19.94 -15.90 -0.52
C SER F 53 -18.96 -16.83 0.19
N GLN F 54 -19.07 -16.93 1.51
CA GLN F 54 -18.18 -17.78 2.28
C GLN F 54 -18.75 -19.19 2.36
N SER F 55 -17.91 -20.19 2.09
CA SER F 55 -18.38 -21.57 2.13
C SER F 55 -17.19 -22.51 2.28
N SER F 56 -17.51 -23.74 2.68
CA SER F 56 -16.60 -24.89 2.65
C SER F 56 -15.52 -24.80 3.73
N LYS F 57 -15.42 -23.65 4.40
CA LYS F 57 -14.57 -23.55 5.58
C LYS F 57 -15.15 -22.60 6.63
N VAL F 58 -16.25 -21.92 6.34
CA VAL F 58 -16.86 -20.99 7.27
C VAL F 58 -18.34 -21.33 7.34
N HIS F 59 -18.75 -21.93 8.46
CA HIS F 59 -20.14 -22.36 8.66
CA HIS F 59 -20.14 -22.35 8.64
C HIS F 59 -20.85 -21.33 9.53
N ILE F 60 -21.96 -20.80 9.04
CA ILE F 60 -22.70 -19.76 9.75
C ILE F 60 -24.07 -20.29 10.14
N HIS F 61 -24.14 -21.57 10.48
CA HIS F 61 -25.40 -22.20 10.86
C HIS F 61 -26.03 -21.50 12.05
N HIS F 62 -27.33 -21.24 11.96
CA HIS F 62 -28.13 -20.69 13.05
C HIS F 62 -28.96 -21.83 13.62
N SER F 63 -28.72 -22.17 14.89
CA SER F 63 -29.46 -23.23 15.56
C SER F 63 -30.61 -22.65 16.39
N THR F 64 -30.89 -21.37 16.18
CA THR F 64 -31.97 -20.69 16.88
C THR F 64 -32.47 -19.52 16.04
N TRP F 65 -33.77 -19.45 15.83
CA TRP F 65 -34.34 -18.41 14.99
C TRP F 65 -35.73 -18.08 15.50
N LEU F 66 -36.12 -16.81 15.40
CA LEU F 66 -37.44 -16.36 15.77
C LEU F 66 -38.16 -15.85 14.54
N HIS F 67 -39.41 -16.28 14.36
CA HIS F 67 -40.20 -15.83 13.24
C HIS F 67 -40.67 -14.40 13.48
N PHE F 68 -40.67 -13.60 12.40
CA PHE F 68 -41.20 -12.26 12.48
C PHE F 68 -42.72 -12.31 12.66
N PRO F 69 -43.30 -11.29 13.29
CA PRO F 69 -44.77 -11.25 13.42
C PRO F 69 -45.46 -11.25 12.07
N GLY F 70 -46.43 -12.13 11.88
CA GLY F 70 -47.07 -12.32 10.60
C GLY F 70 -46.38 -13.30 9.68
N HIS F 71 -45.54 -14.19 10.20
CA HIS F 71 -44.81 -15.13 9.35
C HIS F 71 -45.78 -16.04 8.60
N ASN F 72 -46.78 -16.57 9.30
CA ASN F 72 -47.72 -17.47 8.65
C ASN F 72 -48.52 -16.74 7.57
N LEU F 73 -48.96 -15.51 7.86
CA LEU F 73 -49.74 -14.76 6.89
C LEU F 73 -48.92 -14.42 5.66
N ARG F 74 -47.64 -14.08 5.85
CA ARG F 74 -46.80 -13.69 4.72
C ARG F 74 -46.63 -14.84 3.74
N TRP F 75 -46.40 -16.05 4.24
CA TRP F 75 -46.24 -17.20 3.35
C TRP F 75 -47.55 -17.55 2.66
N ILE F 76 -48.68 -17.39 3.35
CA ILE F 76 -49.97 -17.66 2.73
C ILE F 76 -50.21 -16.71 1.58
N LEU F 77 -49.95 -15.41 1.79
CA LEU F 77 -50.20 -14.43 0.75
C LEU F 77 -49.30 -14.67 -0.46
N THR F 78 -48.03 -15.00 -0.22
CA THR F 78 -47.12 -15.23 -1.34
C THR F 78 -47.56 -16.43 -2.17
N PHE F 79 -48.02 -17.50 -1.52
CA PHE F 79 -48.52 -18.65 -2.26
C PHE F 79 -49.75 -18.28 -3.08
N ILE F 80 -50.63 -17.46 -2.52
CA ILE F 80 -51.74 -16.93 -3.31
C ILE F 80 -51.21 -16.03 -4.41
N LEU F 81 -50.21 -15.20 -4.08
CA LEU F 81 -49.63 -14.31 -5.09
C LEU F 81 -48.97 -15.13 -6.20
N LEU F 82 -48.23 -16.17 -5.85
CA LEU F 82 -47.60 -17.00 -6.86
C LEU F 82 -48.64 -17.69 -7.74
N PHE F 83 -49.75 -18.13 -7.13
CA PHE F 83 -50.80 -18.78 -7.91
C PHE F 83 -51.47 -17.80 -8.86
N VAL F 84 -51.77 -16.58 -8.39
CA VAL F 84 -52.46 -15.61 -9.23
C VAL F 84 -51.59 -15.21 -10.42
N LEU F 85 -50.29 -15.02 -10.18
CA LEU F 85 -49.39 -14.68 -11.27
C LEU F 85 -49.35 -15.77 -12.32
N VAL F 86 -49.41 -17.03 -11.89
CA VAL F 86 -49.47 -18.14 -12.86
C VAL F 86 -50.72 -18.02 -13.72
N CYS F 87 -51.86 -17.69 -13.10
CA CYS F 87 -53.07 -17.43 -13.87
C CYS F 87 -52.88 -16.23 -14.79
N GLU F 88 -52.20 -15.18 -14.31
CA GLU F 88 -52.00 -14.00 -15.13
C GLU F 88 -51.08 -14.29 -16.32
N ILE F 89 -50.05 -15.11 -16.11
CA ILE F 89 -49.19 -15.50 -17.23
C ILE F 89 -49.98 -16.33 -18.23
N ALA F 90 -50.77 -17.29 -17.74
CA ALA F 90 -51.57 -18.11 -18.62
C ALA F 90 -52.63 -17.29 -19.34
N GLU F 91 -53.24 -16.33 -18.64
CA GLU F 91 -54.22 -15.46 -19.28
C GLU F 91 -53.58 -14.62 -20.37
N GLY F 92 -52.37 -14.12 -20.12
CA GLY F 92 -51.70 -13.30 -21.11
C GLY F 92 -51.34 -14.07 -22.36
N ILE F 93 -50.90 -15.32 -22.21
CA ILE F 93 -50.46 -16.10 -23.37
C ILE F 93 -51.65 -16.40 -24.29
N LEU F 94 -52.81 -16.68 -23.72
CA LEU F 94 -53.99 -16.94 -24.54
C LEU F 94 -54.36 -15.72 -25.37
N SER F 95 -54.31 -14.54 -24.76
CA SER F 95 -54.64 -13.32 -25.51
C SER F 95 -53.58 -13.01 -26.55
N ASP F 96 -52.34 -13.42 -26.30
CA ASP F 96 -51.25 -13.07 -27.20
C ASP F 96 -51.25 -13.91 -28.46
N GLY F 97 -51.70 -15.17 -28.38
CA GLY F 97 -51.60 -16.05 -29.52
C GLY F 97 -52.51 -15.68 -30.67
N VAL F 98 -53.56 -14.90 -30.38
CA VAL F 98 -54.52 -14.55 -31.42
C VAL F 98 -53.92 -13.60 -32.44
N THR F 99 -53.17 -12.60 -31.98
CA THR F 99 -52.58 -11.62 -32.88
C THR F 99 -51.44 -12.25 -33.68
N GLU F 100 -51.08 -11.57 -34.78
CA GLU F 100 -50.01 -12.06 -35.63
C GLU F 100 -48.64 -11.77 -35.03
N SER F 101 -48.57 -10.91 -34.02
CA SER F 101 -47.32 -10.55 -33.38
C SER F 101 -47.42 -10.82 -31.88
N ARG F 102 -46.27 -11.10 -31.27
CA ARG F 102 -46.21 -11.47 -29.86
C ARG F 102 -46.09 -10.21 -29.01
N HIS F 103 -47.15 -9.90 -28.26
CA HIS F 103 -47.16 -8.78 -27.34
C HIS F 103 -46.52 -9.25 -26.03
N LEU F 104 -45.26 -8.86 -25.81
CA LEU F 104 -44.57 -9.31 -24.61
C LEU F 104 -45.16 -8.71 -23.35
N HIS F 105 -45.76 -7.52 -23.44
CA HIS F 105 -46.27 -6.85 -22.25
C HIS F 105 -47.40 -7.63 -21.58
N LEU F 106 -48.02 -8.57 -22.29
CA LEU F 106 -49.14 -9.31 -21.71
C LEU F 106 -48.68 -10.25 -20.61
N TYR F 107 -47.51 -10.88 -20.77
CA TYR F 107 -47.12 -11.92 -19.83
C TYR F 107 -45.71 -11.73 -19.27
N MET F 108 -44.83 -11.06 -20.01
CA MET F 108 -43.47 -10.86 -19.52
C MET F 108 -43.42 -10.07 -18.21
N PRO F 109 -44.15 -8.94 -18.06
CA PRO F 109 -44.18 -8.31 -16.73
C PRO F 109 -44.70 -9.22 -15.64
N ALA F 110 -45.72 -10.02 -15.93
CA ALA F 110 -46.21 -10.99 -14.96
C ALA F 110 -45.21 -12.11 -14.74
N GLY F 111 -44.53 -12.53 -15.81
CA GLY F 111 -43.50 -13.55 -15.65
C GLY F 111 -42.34 -13.09 -14.81
N MET F 112 -41.91 -11.83 -14.98
CA MET F 112 -40.83 -11.31 -14.16
C MET F 112 -41.31 -11.00 -12.75
N ALA F 113 -42.62 -10.77 -12.57
CA ALA F 113 -43.17 -10.63 -11.23
C ALA F 113 -43.10 -11.95 -10.48
N PHE F 114 -43.19 -13.06 -11.21
CA PHE F 114 -43.10 -14.38 -10.58
C PHE F 114 -41.73 -14.61 -9.98
N MET F 115 -40.67 -14.23 -10.70
CA MET F 115 -39.33 -14.38 -10.15
C MET F 115 -39.11 -13.46 -8.96
N ALA F 116 -39.60 -12.23 -9.03
CA ALA F 116 -39.45 -11.31 -7.91
C ALA F 116 -40.22 -11.79 -6.69
N ALA F 117 -41.43 -12.31 -6.89
CA ALA F 117 -42.22 -12.81 -5.77
C ALA F 117 -41.51 -13.97 -5.08
N ILE F 118 -40.95 -14.89 -5.87
CA ILE F 118 -40.17 -15.99 -5.28
C ILE F 118 -38.94 -15.44 -4.59
N THR F 119 -38.26 -14.49 -5.22
CA THR F 119 -37.05 -13.92 -4.61
C THR F 119 -37.37 -13.21 -3.30
N SER F 120 -38.52 -12.55 -3.23
CA SER F 120 -38.92 -11.89 -1.99
C SER F 120 -39.10 -12.90 -0.86
N VAL F 121 -39.67 -14.07 -1.18
CA VAL F 121 -39.80 -15.12 -0.18
C VAL F 121 -38.43 -15.63 0.25
N VAL F 122 -37.56 -15.87 -0.73
CA VAL F 122 -36.20 -16.32 -0.43
C VAL F 122 -35.45 -15.26 0.36
N TYR F 123 -35.57 -14.00 -0.06
CA TYR F 123 -34.91 -12.91 0.66
C TYR F 123 -35.44 -12.79 2.08
N TYR F 124 -36.76 -12.85 2.24
CA TYR F 124 -37.34 -12.72 3.57
C TYR F 124 -36.90 -13.85 4.49
N HIS F 125 -36.92 -15.08 4.00
CA HIS F 125 -36.61 -16.23 4.84
C HIS F 125 -35.17 -16.15 5.37
N ASN F 126 -34.22 -15.81 4.50
CA ASN F 126 -32.84 -15.69 4.95
C ASN F 126 -32.67 -14.56 5.94
N ILE F 127 -33.36 -13.44 5.72
CA ILE F 127 -33.34 -12.34 6.68
C ILE F 127 -33.97 -12.78 7.99
N GLU F 128 -35.15 -13.42 7.91
CA GLU F 128 -35.89 -13.78 9.11
C GLU F 128 -35.09 -14.74 9.98
N THR F 129 -34.37 -15.68 9.35
CA THR F 129 -33.56 -16.61 10.11
C THR F 129 -32.47 -15.91 10.90
N SER F 130 -31.82 -14.91 10.29
CA SER F 130 -30.71 -14.20 10.90
C SER F 130 -31.12 -12.80 11.37
N ASN F 131 -32.34 -12.66 11.87
CA ASN F 131 -32.88 -11.38 12.33
C ASN F 131 -32.84 -10.32 11.24
N PHE F 132 -31.87 -9.42 11.30
CA PHE F 132 -31.71 -8.33 10.35
C PHE F 132 -33.02 -7.61 10.04
N PRO F 133 -33.73 -7.10 11.05
CA PRO F 133 -35.01 -6.43 10.77
C PRO F 133 -34.85 -5.20 9.90
N LYS F 134 -33.69 -4.56 9.91
CA LYS F 134 -33.47 -3.37 9.09
C LYS F 134 -33.55 -3.72 7.61
N LEU F 135 -33.08 -4.91 7.23
CA LEU F 135 -33.08 -5.30 5.83
C LEU F 135 -34.47 -5.57 5.29
N LEU F 136 -35.50 -5.59 6.14
CA LEU F 136 -36.87 -5.71 5.67
C LEU F 136 -37.35 -4.46 4.94
N ILE F 137 -36.59 -3.36 5.00
CA ILE F 137 -36.98 -2.15 4.28
C ILE F 137 -37.04 -2.41 2.79
N ALA F 138 -36.11 -3.23 2.28
CA ALA F 138 -36.10 -3.52 0.85
C ALA F 138 -37.41 -4.16 0.40
N LEU F 139 -37.95 -5.08 1.19
CA LEU F 139 -39.27 -5.61 0.91
C LEU F 139 -40.34 -4.54 1.07
N LEU F 140 -40.20 -3.69 2.09
CA LEU F 140 -41.17 -2.63 2.31
C LEU F 140 -41.23 -1.68 1.12
N ILE F 141 -40.06 -1.33 0.56
CA ILE F 141 -40.04 -0.51 -0.64
C ILE F 141 -40.63 -1.28 -1.82
N TYR F 142 -40.32 -2.58 -1.93
CA TYR F 142 -40.80 -3.37 -3.05
C TYR F 142 -42.32 -3.47 -3.06
N TRP F 143 -42.92 -3.73 -1.89
CA TRP F 143 -44.36 -3.87 -1.85
C TRP F 143 -45.06 -2.54 -2.15
N THR F 144 -44.49 -1.43 -1.67
CA THR F 144 -45.08 -0.13 -1.97
C THR F 144 -45.03 0.17 -3.45
N LEU F 145 -43.87 -0.06 -4.08
CA LEU F 145 -43.76 0.18 -5.52
C LEU F 145 -44.69 -0.72 -6.31
N ALA F 146 -44.75 -2.01 -5.94
CA ALA F 146 -45.64 -2.93 -6.64
C ALA F 146 -47.10 -2.53 -6.44
N PHE F 147 -47.47 -2.12 -5.22
CA PHE F 147 -48.85 -1.71 -4.97
C PHE F 147 -49.21 -0.45 -5.76
N ILE F 148 -48.27 0.51 -5.82
CA ILE F 148 -48.54 1.74 -6.56
C ILE F 148 -48.72 1.44 -8.05
N THR F 149 -47.82 0.64 -8.61
CA THR F 149 -47.85 0.40 -10.04
C THR F 149 -48.96 -0.55 -10.46
N LYS F 150 -49.47 -1.38 -9.55
CA LYS F 150 -50.63 -2.21 -9.87
C LYS F 150 -51.94 -1.47 -9.66
N THR F 151 -51.97 -0.52 -8.74
CA THR F 151 -53.15 0.33 -8.60
C THR F 151 -53.39 1.15 -9.85
N ILE F 152 -52.30 1.67 -10.44
CA ILE F 152 -52.44 2.49 -11.64
C ILE F 152 -53.06 1.69 -12.78
N LYS F 153 -52.58 0.45 -12.97
CA LYS F 153 -53.13 -0.37 -14.05
C LYS F 153 -54.57 -0.74 -13.79
N PHE F 154 -54.92 -1.01 -12.54
CA PHE F 154 -56.30 -1.33 -12.21
C PHE F 154 -57.22 -0.13 -12.44
N VAL F 155 -56.76 1.07 -12.06
CA VAL F 155 -57.58 2.26 -12.25
C VAL F 155 -57.82 2.52 -13.72
N LYS F 156 -56.77 2.40 -14.55
CA LYS F 156 -56.92 2.68 -15.97
C LYS F 156 -57.88 1.71 -16.65
N PHE F 157 -57.97 0.48 -16.14
CA PHE F 157 -59.00 -0.43 -16.63
C PHE F 157 -60.39 0.12 -16.31
N TYR F 158 -60.56 0.66 -15.12
CA TYR F 158 -61.84 1.25 -14.73
C TYR F 158 -62.18 2.45 -15.61
N ASP F 159 -61.17 3.25 -15.96
CA ASP F 159 -61.40 4.39 -16.86
C ASP F 159 -61.81 3.92 -18.25
N HIS F 160 -61.20 2.85 -18.74
CA HIS F 160 -61.45 2.36 -20.09
C HIS F 160 -62.63 1.40 -20.15
N ALA F 161 -63.53 1.45 -19.16
CA ALA F 161 -64.74 0.63 -19.14
C ALA F 161 -64.41 -0.86 -19.25
N ILE F 162 -63.45 -1.31 -18.45
CA ILE F 162 -63.10 -2.73 -18.38
C ILE F 162 -63.79 -3.31 -17.14
N GLY F 163 -64.89 -4.02 -17.36
CA GLY F 163 -65.65 -4.60 -16.28
C GLY F 163 -65.04 -5.90 -15.79
N PHE F 164 -65.73 -6.50 -14.82
CA PHE F 164 -65.29 -7.77 -14.27
C PHE F 164 -65.41 -8.92 -15.26
N SER F 165 -66.09 -8.70 -16.39
CA SER F 165 -66.18 -9.74 -17.42
C SER F 165 -64.80 -10.12 -17.93
N GLN F 166 -63.94 -9.13 -18.16
CA GLN F 166 -62.57 -9.41 -18.57
C GLN F 166 -61.80 -9.99 -17.40
N LEU F 167 -61.18 -11.15 -17.63
CA LEU F 167 -60.45 -11.82 -16.56
C LEU F 167 -59.27 -10.99 -16.08
N ARG F 168 -58.53 -10.38 -17.02
CA ARG F 168 -57.34 -9.61 -16.66
C ARG F 168 -57.69 -8.48 -15.70
N PHE F 169 -58.92 -7.96 -15.77
CA PHE F 169 -59.37 -6.99 -14.78
C PHE F 169 -59.44 -7.61 -13.40
N CYS F 170 -59.95 -8.84 -13.30
CA CYS F 170 -60.06 -9.50 -12.01
C CYS F 170 -58.68 -9.85 -11.45
N LEU F 171 -57.80 -10.41 -12.28
CA LEU F 171 -56.49 -10.80 -11.81
C LEU F 171 -55.68 -9.60 -11.33
N THR F 172 -55.77 -8.49 -12.05
CA THR F 172 -55.10 -7.28 -11.60
C THR F 172 -55.69 -6.79 -10.28
N GLY F 173 -57.02 -6.90 -10.13
CA GLY F 173 -57.63 -6.49 -8.88
C GLY F 173 -57.15 -7.29 -7.69
N LEU F 174 -57.00 -8.60 -7.86
CA LEU F 174 -56.51 -9.44 -6.78
C LEU F 174 -55.09 -9.08 -6.41
N LEU F 175 -54.25 -8.78 -7.41
CA LEU F 175 -52.86 -8.42 -7.13
C LEU F 175 -52.77 -7.14 -6.32
N VAL F 176 -53.66 -6.18 -6.58
CA VAL F 176 -53.72 -4.98 -5.76
C VAL F 176 -54.03 -5.35 -4.31
N ILE F 177 -54.96 -6.29 -4.12
CA ILE F 177 -55.28 -6.74 -2.77
C ILE F 177 -54.09 -7.46 -2.15
N LEU F 178 -53.50 -8.39 -2.90
CA LEU F 178 -52.39 -9.17 -2.35
C LEU F 178 -51.17 -8.29 -2.06
N TYR F 179 -50.85 -7.37 -2.97
CA TYR F 179 -49.78 -6.42 -2.69
C TYR F 179 -50.15 -5.49 -1.55
N GLY F 180 -51.43 -5.12 -1.45
CA GLY F 180 -51.85 -4.26 -0.35
C GLY F 180 -51.74 -4.94 1.00
N MET F 181 -52.20 -6.19 1.10
CA MET F 181 -52.09 -6.92 2.35
C MET F 181 -50.64 -7.17 2.72
N LEU F 182 -49.81 -7.54 1.76
CA LEU F 182 -48.39 -7.75 2.04
C LEU F 182 -47.72 -6.45 2.45
N LEU F 183 -48.19 -5.31 1.94
CA LEU F 183 -47.68 -4.04 2.42
C LEU F 183 -48.05 -3.82 3.88
N LEU F 184 -49.28 -4.18 4.26
CA LEU F 184 -49.69 -4.03 5.65
C LEU F 184 -48.90 -4.95 6.57
N VAL F 185 -48.57 -6.16 6.09
CA VAL F 185 -47.77 -7.08 6.90
C VAL F 185 -46.41 -6.47 7.20
N GLU F 186 -45.78 -5.85 6.21
CA GLU F 186 -44.50 -5.18 6.43
C GLU F 186 -44.66 -4.03 7.43
N VAL F 187 -45.76 -3.30 7.34
CA VAL F 187 -46.02 -2.27 8.33
C VAL F 187 -46.28 -2.90 9.70
N ASN F 188 -46.90 -4.08 9.72
CA ASN F 188 -47.21 -4.73 10.99
C ASN F 188 -45.94 -5.09 11.75
N VAL F 189 -44.91 -5.59 11.06
CA VAL F 189 -43.69 -5.97 11.76
C VAL F 189 -42.98 -4.74 12.30
N ILE F 190 -43.15 -3.57 11.66
CA ILE F 190 -42.57 -2.35 12.19
C ILE F 190 -43.22 -1.98 13.52
N ARG F 191 -44.54 -2.14 13.60
CA ARG F 191 -45.23 -1.83 14.85
C ARG F 191 -44.84 -2.81 15.96
N VAL F 192 -44.91 -4.11 15.67
CA VAL F 192 -44.66 -5.12 16.70
C VAL F 192 -43.19 -5.15 17.08
N ARG F 193 -42.30 -5.04 16.08
CA ARG F 193 -40.88 -5.25 16.30
C ARG F 193 -40.07 -4.00 15.97
N ARG F 194 -40.49 -2.86 16.51
CA ARG F 194 -39.93 -1.54 16.16
C ARG F 194 -38.42 -1.60 16.00
N TYR F 195 -37.95 -1.25 14.80
CA TYR F 195 -36.52 -1.34 14.51
C TYR F 195 -35.95 -0.14 13.76
N ILE F 196 -36.76 0.75 13.19
CA ILE F 196 -36.22 1.84 12.38
C ILE F 196 -36.71 3.19 12.89
N PHE F 197 -38.03 3.36 12.98
CA PHE F 197 -38.59 4.67 13.33
C PHE F 197 -38.48 4.91 14.83
N PHE F 198 -38.97 3.99 15.64
CA PHE F 198 -38.92 4.15 17.09
C PHE F 198 -37.49 4.06 17.59
N LYS F 199 -37.23 4.74 18.71
CA LYS F 199 -35.91 4.72 19.33
C LYS F 199 -35.76 3.61 20.36
N THR F 200 -36.76 2.74 20.50
CA THR F 200 -36.71 1.60 21.41
C THR F 200 -36.83 0.34 20.57
N PRO F 201 -35.71 -0.25 20.16
CA PRO F 201 -35.77 -1.51 19.42
C PRO F 201 -36.22 -2.66 20.31
N ARG F 202 -37.53 -2.87 20.38
CA ARG F 202 -38.13 -3.85 21.28
C ARG F 202 -37.36 -5.17 21.26
N GLU F 203 -37.20 -5.74 22.45
CA GLU F 203 -36.44 -6.98 22.60
C GLU F 203 -37.02 -8.08 21.73
N VAL F 204 -36.12 -8.84 21.09
CA VAL F 204 -36.57 -9.90 20.18
C VAL F 204 -37.31 -10.99 20.93
N LYS F 205 -37.08 -11.11 22.23
CA LYS F 205 -37.66 -12.18 23.06
C LYS F 205 -37.37 -13.54 22.45
N PRO F 206 -36.14 -14.04 22.56
CA PRO F 206 -35.79 -15.29 21.90
C PRO F 206 -36.65 -16.42 22.43
N PRO F 207 -36.92 -17.43 21.60
CA PRO F 207 -37.80 -18.52 22.02
C PRO F 207 -37.23 -19.25 23.24
N GLU F 208 -38.13 -19.65 24.14
CA GLU F 208 -37.71 -20.38 25.33
C GLU F 208 -37.06 -21.71 24.95
N ASP F 209 -37.63 -22.40 23.98
CA ASP F 209 -37.04 -23.62 23.44
C ASP F 209 -36.15 -23.27 22.26
N LEU F 210 -35.73 -24.28 21.50
CA LEU F 210 -34.87 -24.16 20.32
C LEU F 210 -33.45 -23.73 20.69
N GLN F 211 -33.11 -23.70 21.97
CA GLN F 211 -31.73 -23.49 22.39
C GLN F 211 -30.97 -24.80 22.25
N ASP F 212 -29.76 -24.86 22.81
CA ASP F 212 -28.95 -26.07 22.77
C ASP F 212 -29.47 -27.10 23.78
N LEU F 213 -30.74 -27.47 23.60
CA LEU F 213 -31.40 -28.48 24.42
C LEU F 213 -31.44 -29.83 23.72
N GLY F 214 -30.74 -29.97 22.60
CA GLY F 214 -30.75 -31.23 21.87
C GLY F 214 -32.01 -31.51 21.09
N VAL F 215 -32.82 -30.48 20.83
CA VAL F 215 -34.07 -30.69 20.10
C VAL F 215 -33.74 -30.92 18.64
N ARG F 216 -34.15 -32.09 18.11
CA ARG F 216 -33.96 -32.42 16.72
C ARG F 216 -35.25 -32.48 15.93
N PHE F 217 -36.40 -32.52 16.60
CA PHE F 217 -37.71 -32.52 15.95
C PHE F 217 -38.11 -31.07 15.72
N LEU F 218 -37.62 -30.51 14.61
CA LEU F 218 -37.77 -29.08 14.30
C LEU F 218 -39.08 -28.76 13.61
N GLN F 219 -40.05 -29.67 13.63
CA GLN F 219 -41.32 -29.42 12.94
C GLN F 219 -42.06 -28.18 13.41
N PRO F 220 -42.24 -27.92 14.71
CA PRO F 220 -42.98 -26.73 15.13
C PRO F 220 -42.19 -25.43 15.04
N PHE F 221 -40.97 -25.44 14.53
CA PHE F 221 -40.14 -24.25 14.47
C PHE F 221 -39.80 -23.80 13.05
N VAL F 222 -39.84 -24.72 12.07
CA VAL F 222 -39.48 -24.34 10.71
C VAL F 222 -40.55 -23.44 10.11
N ASN F 223 -40.22 -22.85 8.97
CA ASN F 223 -41.15 -21.96 8.28
C ASN F 223 -42.37 -22.74 7.79
N LEU F 224 -43.35 -22.00 7.27
CA LEU F 224 -44.62 -22.60 6.90
C LEU F 224 -44.46 -23.63 5.79
N LEU F 225 -43.64 -23.31 4.79
CA LEU F 225 -43.42 -24.25 3.69
C LEU F 225 -42.78 -25.54 4.20
N SER F 226 -41.73 -25.40 5.03
CA SER F 226 -41.07 -26.58 5.57
C SER F 226 -41.99 -27.38 6.47
N LYS F 227 -43.01 -26.75 7.05
CA LYS F 227 -44.01 -27.52 7.79
C LYS F 227 -44.86 -28.37 6.84
N GLY F 228 -45.03 -27.93 5.60
CA GLY F 228 -45.86 -28.64 4.66
C GLY F 228 -45.09 -29.60 3.78
N THR F 229 -43.76 -29.50 3.78
CA THR F 229 -42.92 -30.40 3.01
C THR F 229 -41.93 -31.18 3.87
N TYR F 230 -41.82 -30.87 5.16
CA TYR F 230 -40.91 -31.58 6.07
C TYR F 230 -39.48 -31.56 5.54
N TRP F 231 -39.08 -30.40 5.04
CA TRP F 231 -37.73 -30.26 4.49
C TRP F 231 -36.66 -30.38 5.56
N TRP F 232 -37.00 -30.05 6.82
CA TRP F 232 -36.03 -30.18 7.90
C TRP F 232 -35.65 -31.63 8.12
N MET F 233 -36.60 -32.55 7.99
CA MET F 233 -36.31 -33.97 8.12
C MET F 233 -35.43 -34.48 6.98
N ASN F 234 -35.42 -33.79 5.83
CA ASN F 234 -34.62 -34.26 4.71
C ASN F 234 -33.14 -34.33 5.06
N ALA F 235 -32.63 -33.32 5.75
CA ALA F 235 -31.23 -33.36 6.18
C ALA F 235 -31.01 -34.46 7.20
N PHE F 236 -31.95 -34.66 8.12
CA PHE F 236 -31.81 -35.69 9.13
C PHE F 236 -31.76 -37.08 8.50
N ILE F 237 -32.66 -37.35 7.55
CA ILE F 237 -32.66 -38.64 6.86
C ILE F 237 -31.44 -38.74 5.95
N LYS F 238 -30.96 -37.61 5.41
CA LYS F 238 -29.80 -37.64 4.54
C LYS F 238 -28.57 -38.21 5.24
N THR F 239 -28.49 -38.05 6.56
CA THR F 239 -27.41 -38.64 7.33
C THR F 239 -27.80 -39.93 8.04
N ALA F 240 -29.10 -40.20 8.18
CA ALA F 240 -29.52 -41.45 8.82
C ALA F 240 -29.14 -42.65 7.99
N HIS F 241 -29.01 -42.49 6.67
CA HIS F 241 -28.53 -43.58 5.83
C HIS F 241 -27.10 -43.95 6.17
N LYS F 242 -26.25 -42.95 6.43
CA LYS F 242 -24.85 -43.21 6.73
C LYS F 242 -24.68 -43.83 8.12
N LYS F 243 -25.37 -43.28 9.12
CA LYS F 243 -25.19 -43.74 10.48
C LYS F 243 -26.51 -44.23 11.06
N PRO F 244 -26.53 -45.40 11.70
CA PRO F 244 -27.74 -45.84 12.39
C PRO F 244 -28.14 -44.85 13.48
N ILE F 245 -29.44 -44.62 13.60
CA ILE F 245 -29.96 -43.65 14.55
C ILE F 245 -29.95 -44.25 15.95
N ASP F 246 -30.15 -43.40 16.96
CA ASP F 246 -30.22 -43.84 18.34
C ASP F 246 -31.12 -42.87 19.10
N LEU F 247 -31.33 -43.17 20.38
CA LEU F 247 -32.16 -42.30 21.21
C LEU F 247 -31.50 -40.96 21.49
N ARG F 248 -30.22 -40.80 21.18
CA ARG F 248 -29.50 -39.54 21.35
C ARG F 248 -29.65 -38.61 20.15
N ALA F 249 -29.49 -39.13 18.93
CA ALA F 249 -29.68 -38.31 17.74
C ALA F 249 -31.13 -37.91 17.58
N ILE F 250 -32.06 -38.73 18.08
CA ILE F 250 -33.48 -38.40 18.06
C ILE F 250 -33.80 -37.23 18.98
N GLY F 251 -32.88 -36.88 19.87
CA GLY F 251 -32.97 -35.70 20.71
C GLY F 251 -34.05 -35.76 21.77
N LYS F 252 -34.44 -34.57 22.23
CA LYS F 252 -35.46 -34.41 23.25
C LYS F 252 -36.71 -33.77 22.63
N LEU F 253 -37.85 -34.00 23.27
CA LEU F 253 -39.12 -33.50 22.78
C LEU F 253 -39.21 -32.00 23.00
N PRO F 254 -39.84 -31.25 22.12
CA PRO F 254 -40.04 -29.81 22.38
C PRO F 254 -40.85 -29.58 23.64
N ILE F 255 -40.61 -28.45 24.30
CA ILE F 255 -41.18 -28.15 25.61
C ILE F 255 -42.70 -28.20 25.55
N ALA F 256 -43.28 -27.66 24.48
CA ALA F 256 -44.73 -27.56 24.39
C ALA F 256 -45.43 -28.91 24.45
N MET F 257 -44.74 -29.99 24.11
CA MET F 257 -45.37 -31.31 24.05
C MET F 257 -44.48 -32.42 24.59
N ARG F 258 -43.76 -32.20 25.70
CA ARG F 258 -42.88 -33.27 26.16
C ARG F 258 -43.66 -34.49 26.64
N ALA F 259 -44.19 -34.43 27.86
CA ALA F 259 -45.34 -35.21 28.29
C ALA F 259 -46.19 -34.36 29.21
N LEU F 260 -45.52 -33.58 30.07
CA LEU F 260 -46.17 -32.90 31.18
C LEU F 260 -47.05 -31.76 30.70
N THR F 261 -46.54 -30.96 29.76
CA THR F 261 -47.31 -29.83 29.25
C THR F 261 -48.62 -30.27 28.62
N ASN F 262 -48.67 -31.50 28.10
CA ASN F 262 -49.93 -32.08 27.65
C ASN F 262 -50.81 -32.43 28.84
N TYR F 263 -50.23 -33.05 29.87
CA TYR F 263 -50.99 -33.41 31.06
C TYR F 263 -51.38 -32.18 31.87
N GLN F 264 -50.52 -31.16 31.88
CA GLN F 264 -50.80 -29.95 32.66
C GLN F 264 -52.09 -29.29 32.20
N ARG F 265 -52.29 -29.20 30.89
CA ARG F 265 -53.56 -28.70 30.36
C ARG F 265 -54.70 -29.68 30.62
N LEU F 266 -54.42 -30.98 30.57
CA LEU F 266 -55.43 -32.00 30.80
C LEU F 266 -56.07 -31.87 32.18
N CYS F 267 -55.23 -31.78 33.21
CA CYS F 267 -55.75 -31.65 34.57
C CYS F 267 -56.37 -30.26 34.79
N VAL F 268 -55.87 -29.25 34.07
CA VAL F 268 -56.44 -27.91 34.16
C VAL F 268 -57.88 -27.93 33.67
N ALA F 269 -58.12 -28.61 32.55
CA ALA F 269 -59.47 -28.66 31.99
C ALA F 269 -60.41 -29.47 32.90
N PHE F 270 -59.85 -30.39 33.68
CA PHE F 270 -60.65 -31.24 34.55
C PHE F 270 -61.37 -30.46 35.64
N ASP F 271 -60.93 -29.23 35.90
CA ASP F 271 -61.53 -28.43 36.97
C ASP F 271 -63.00 -28.14 36.70
N ALA F 272 -63.38 -28.07 35.42
CA ALA F 272 -64.76 -27.78 35.02
C ALA F 272 -65.27 -26.49 35.63
N PRO F 281 -68.49 -34.31 38.11
CA PRO F 281 -67.66 -35.42 38.55
C PRO F 281 -66.56 -35.75 37.55
N GLN F 282 -66.14 -37.03 37.52
CA GLN F 282 -65.09 -37.50 36.63
C GLN F 282 -65.57 -38.70 35.82
N GLY F 283 -66.83 -38.66 35.38
CA GLY F 283 -67.40 -39.73 34.59
C GLY F 283 -66.97 -39.66 33.14
N ALA F 284 -67.56 -40.56 32.34
CA ALA F 284 -67.24 -40.61 30.93
C ALA F 284 -67.62 -39.32 30.21
N ARG F 285 -68.79 -38.78 30.52
CA ARG F 285 -69.22 -37.53 29.91
C ARG F 285 -68.31 -36.37 30.29
N ALA F 286 -67.84 -36.36 31.54
CA ALA F 286 -66.95 -35.30 31.99
C ALA F 286 -65.58 -35.40 31.32
N ILE F 287 -65.14 -36.63 31.02
CA ILE F 287 -63.83 -36.81 30.39
C ILE F 287 -63.81 -36.19 29.00
N TRP F 288 -64.87 -36.43 28.21
CA TRP F 288 -64.90 -35.93 26.84
C TRP F 288 -64.90 -34.41 26.80
N ARG F 289 -65.56 -33.77 27.77
CA ARG F 289 -65.56 -32.31 27.82
C ARG F 289 -64.15 -31.76 28.00
N ALA F 290 -63.36 -32.38 28.87
CA ALA F 290 -61.99 -31.90 29.09
C ALA F 290 -61.12 -32.15 27.87
N LEU F 291 -61.22 -33.34 27.29
CA LEU F 291 -60.41 -33.66 26.10
C LEU F 291 -60.77 -32.74 24.94
N CYS F 292 -62.06 -32.47 24.75
CA CYS F 292 -62.48 -31.56 23.69
C CYS F 292 -61.96 -30.15 23.95
N HIS F 293 -61.93 -29.72 25.22
CA HIS F 293 -61.43 -28.39 25.52
C HIS F 293 -59.91 -28.34 25.41
N ALA F 294 -59.22 -29.38 25.88
CA ALA F 294 -57.76 -29.37 25.88
C ALA F 294 -57.21 -29.59 24.47
N PHE F 295 -57.80 -30.51 23.71
CA PHE F 295 -57.28 -30.92 22.41
C PHE F 295 -58.33 -30.77 21.32
N GLY F 296 -59.08 -29.66 21.34
CA GLY F 296 -60.04 -29.41 20.30
C GLY F 296 -59.63 -28.25 19.40
N ARG F 297 -58.99 -27.24 19.99
CA ARG F 297 -58.52 -26.11 19.21
C ARG F 297 -57.43 -26.51 18.22
N ARG F 298 -56.73 -27.60 18.47
CA ARG F 298 -55.77 -28.15 17.53
C ARG F 298 -56.36 -29.25 16.66
N LEU F 299 -57.37 -29.97 17.16
CA LEU F 299 -57.97 -31.04 16.39
C LEU F 299 -58.74 -30.49 15.19
N ILE F 300 -59.43 -29.36 15.35
CA ILE F 300 -60.17 -28.79 14.25
C ILE F 300 -59.24 -28.32 13.14
N LEU F 301 -57.99 -27.98 13.49
CA LEU F 301 -57.02 -27.61 12.47
C LEU F 301 -56.73 -28.78 11.54
N SER F 302 -56.61 -29.98 12.09
CA SER F 302 -56.39 -31.16 11.25
C SER F 302 -57.62 -31.47 10.40
N SER F 303 -58.81 -31.30 10.96
CA SER F 303 -60.02 -31.53 10.19
C SER F 303 -60.18 -30.50 9.08
N THR F 304 -59.85 -29.23 9.39
CA THR F 304 -59.97 -28.18 8.37
C THR F 304 -59.08 -28.45 7.18
N PHE F 305 -57.85 -28.89 7.42
CA PHE F 305 -56.97 -29.29 6.32
C PHE F 305 -57.56 -30.48 5.56
N ARG F 306 -58.15 -31.42 6.29
CA ARG F 306 -58.77 -32.58 5.63
C ARG F 306 -59.96 -32.16 4.78
N ILE F 307 -60.77 -31.24 5.29
CA ILE F 307 -61.94 -30.77 4.53
C ILE F 307 -61.50 -30.09 3.24
N LEU F 308 -60.51 -29.20 3.34
CA LEU F 308 -60.02 -28.53 2.14
C LEU F 308 -59.34 -29.50 1.19
N ALA F 309 -58.66 -30.51 1.73
CA ALA F 309 -58.06 -31.54 0.89
C ALA F 309 -59.14 -32.37 0.20
N ASP F 310 -60.27 -32.57 0.87
CA ASP F 310 -61.38 -33.30 0.24
C ASP F 310 -62.05 -32.45 -0.82
N LEU F 311 -62.22 -31.15 -0.56
CA LEU F 311 -62.83 -30.27 -1.55
C LEU F 311 -61.98 -30.22 -2.83
N LEU F 312 -60.66 -30.09 -2.68
CA LEU F 312 -59.78 -30.11 -3.84
C LEU F 312 -59.66 -31.48 -4.47
N GLY F 313 -60.16 -32.53 -3.81
CA GLY F 313 -60.15 -33.84 -4.43
C GLY F 313 -61.00 -33.91 -5.67
N PHE F 314 -62.12 -33.18 -5.68
CA PHE F 314 -62.98 -33.11 -6.84
C PHE F 314 -62.40 -32.27 -7.97
N ALA F 315 -61.35 -31.49 -7.69
CA ALA F 315 -60.70 -30.72 -8.75
C ALA F 315 -60.00 -31.63 -9.75
N GLY F 316 -59.79 -32.89 -9.41
CA GLY F 316 -59.27 -33.85 -10.34
C GLY F 316 -60.27 -34.20 -11.42
N PRO F 317 -61.40 -34.80 -11.03
CA PRO F 317 -62.44 -35.12 -12.04
C PRO F 317 -62.95 -33.92 -12.80
N LEU F 318 -63.11 -32.76 -12.14
CA LEU F 318 -63.62 -31.58 -12.83
C LEU F 318 -62.69 -31.14 -13.94
N CYS F 319 -61.38 -31.15 -13.67
CA CYS F 319 -60.43 -30.85 -14.74
C CYS F 319 -60.45 -31.93 -15.81
N ILE F 320 -60.62 -33.19 -15.41
CA ILE F 320 -60.75 -34.28 -16.37
C ILE F 320 -61.99 -34.07 -17.24
N PHE F 321 -63.11 -33.71 -16.61
CA PHE F 321 -64.33 -33.43 -17.36
C PHE F 321 -64.13 -32.23 -18.28
N GLY F 322 -63.47 -31.19 -17.79
CA GLY F 322 -63.28 -29.99 -18.61
C GLY F 322 -62.36 -30.21 -19.79
N ILE F 323 -61.26 -30.95 -19.57
CA ILE F 323 -60.24 -31.06 -20.61
C ILE F 323 -60.76 -31.90 -21.79
N VAL F 324 -61.50 -32.97 -21.51
CA VAL F 324 -61.93 -33.87 -22.57
C VAL F 324 -62.97 -33.21 -23.46
N ASP F 325 -63.92 -32.48 -22.85
CA ASP F 325 -64.98 -31.86 -23.63
C ASP F 325 -64.41 -30.84 -24.63
N HIS F 326 -63.45 -30.03 -24.18
CA HIS F 326 -62.84 -29.04 -25.05
C HIS F 326 -61.75 -29.62 -25.94
N LEU F 327 -61.40 -30.89 -25.75
CA LEU F 327 -60.46 -31.58 -26.62
C LEU F 327 -61.15 -32.45 -27.66
N GLY F 328 -62.21 -33.15 -27.27
CA GLY F 328 -62.97 -33.96 -28.20
C GLY F 328 -63.93 -33.19 -29.08
N LYS F 329 -64.10 -31.90 -28.83
CA LYS F 329 -64.96 -31.05 -29.65
C LYS F 329 -64.32 -30.65 -30.97
N GLU F 330 -63.03 -30.96 -31.16
CA GLU F 330 -62.28 -30.54 -32.34
C GLU F 330 -62.36 -29.04 -32.53
N ASN F 331 -62.89 -28.60 -33.67
CA ASN F 331 -63.09 -27.19 -33.97
C ASN F 331 -61.78 -26.43 -34.02
N HIS F 332 -61.10 -26.35 -32.87
CA HIS F 332 -59.82 -25.63 -32.75
C HIS F 332 -59.96 -24.17 -33.17
N VAL F 333 -61.09 -23.57 -32.82
CA VAL F 333 -61.36 -22.16 -33.12
C VAL F 333 -61.20 -21.36 -31.84
N PHE F 334 -60.30 -20.38 -31.87
CA PHE F 334 -60.00 -19.56 -30.69
C PHE F 334 -60.12 -18.09 -31.08
N GLN F 335 -60.99 -17.37 -30.40
CA GLN F 335 -61.18 -15.96 -30.65
C GLN F 335 -61.72 -15.27 -29.39
N PRO F 336 -60.95 -14.34 -28.80
CA PRO F 336 -61.43 -13.67 -27.58
C PRO F 336 -62.71 -12.89 -27.78
N LYS F 337 -62.93 -12.35 -28.98
CA LYS F 337 -64.14 -11.57 -29.29
C LYS F 337 -64.29 -10.36 -28.37
N THR F 338 -63.18 -9.91 -27.79
CA THR F 338 -63.19 -8.76 -26.88
C THR F 338 -61.84 -8.07 -27.02
N GLN F 339 -61.83 -6.96 -27.75
CA GLN F 339 -60.59 -6.23 -28.07
C GLN F 339 -60.72 -4.80 -27.56
N PHE F 340 -59.91 -4.46 -26.56
CA PHE F 340 -59.84 -3.10 -26.02
C PHE F 340 -58.44 -2.56 -26.26
N LEU F 341 -58.37 -1.32 -26.77
CA LEU F 341 -57.10 -0.66 -27.07
C LEU F 341 -56.26 -1.48 -28.04
N GLY F 342 -56.92 -2.20 -28.96
CA GLY F 342 -56.23 -3.11 -29.84
C GLY F 342 -55.64 -4.32 -29.17
N VAL F 343 -56.04 -4.62 -27.93
CA VAL F 343 -55.51 -5.74 -27.16
C VAL F 343 -56.68 -6.68 -26.84
N TYR F 344 -56.49 -7.96 -27.11
CA TYR F 344 -57.54 -8.93 -26.87
C TYR F 344 -57.63 -9.25 -25.38
N PHE F 345 -58.85 -9.32 -24.86
CA PHE F 345 -59.12 -9.73 -23.50
C PHE F 345 -59.96 -11.00 -23.52
N VAL F 346 -59.52 -12.02 -22.79
CA VAL F 346 -60.22 -13.30 -22.75
C VAL F 346 -61.17 -13.31 -21.57
N SER F 347 -62.41 -13.73 -21.81
CA SER F 347 -63.40 -13.80 -20.75
C SER F 347 -63.07 -14.92 -19.77
N SER F 348 -63.71 -14.88 -18.61
CA SER F 348 -63.50 -15.90 -17.60
C SER F 348 -63.92 -17.27 -18.12
N GLN F 349 -65.06 -17.34 -18.80
CA GLN F 349 -65.53 -18.61 -19.36
C GLN F 349 -64.55 -19.14 -20.40
N GLU F 350 -64.05 -18.26 -21.28
CA GLU F 350 -63.12 -18.68 -22.32
C GLU F 350 -61.78 -19.08 -21.72
N PHE F 351 -61.36 -18.44 -20.63
CA PHE F 351 -60.10 -18.80 -19.99
C PHE F 351 -60.10 -20.24 -19.51
N LEU F 352 -61.19 -20.67 -18.89
CA LEU F 352 -61.34 -22.06 -18.46
C LEU F 352 -61.88 -22.92 -19.61
N GLY F 353 -61.30 -22.72 -20.79
CA GLY F 353 -61.68 -23.47 -21.96
C GLY F 353 -60.51 -24.18 -22.60
N ASN F 354 -59.31 -23.67 -22.36
CA ASN F 354 -58.12 -24.24 -22.96
C ASN F 354 -57.65 -25.45 -22.18
N ALA F 355 -57.21 -26.48 -22.90
CA ALA F 355 -56.72 -27.69 -22.24
C ALA F 355 -55.44 -27.40 -21.46
N TYR F 356 -54.55 -26.58 -22.01
CA TYR F 356 -53.31 -26.26 -21.31
C TYR F 356 -53.59 -25.54 -19.99
N VAL F 357 -54.55 -24.61 -19.99
CA VAL F 357 -54.89 -23.90 -18.76
C VAL F 357 -55.43 -24.86 -17.72
N LEU F 358 -56.33 -25.76 -18.14
CA LEU F 358 -56.87 -26.75 -17.20
C LEU F 358 -55.78 -27.66 -16.66
N ALA F 359 -54.85 -28.08 -17.52
CA ALA F 359 -53.78 -28.97 -17.08
C ALA F 359 -52.91 -28.28 -16.04
N VAL F 360 -52.54 -27.03 -16.27
CA VAL F 360 -51.72 -26.30 -15.32
C VAL F 360 -52.49 -26.06 -14.02
N LEU F 361 -53.76 -25.66 -14.14
CA LEU F 361 -54.57 -25.44 -12.96
C LEU F 361 -54.77 -26.73 -12.18
N LEU F 362 -54.92 -27.85 -12.88
CA LEU F 362 -55.02 -29.15 -12.21
C LEU F 362 -53.73 -29.47 -11.46
N PHE F 363 -52.58 -29.16 -12.06
CA PHE F 363 -51.30 -29.43 -11.41
C PHE F 363 -51.16 -28.63 -10.12
N LEU F 364 -51.56 -27.36 -10.14
CA LEU F 364 -51.51 -26.56 -8.92
C LEU F 364 -52.57 -27.02 -7.92
N ALA F 365 -53.71 -27.49 -8.41
CA ALA F 365 -54.76 -27.97 -7.51
C ALA F 365 -54.32 -29.20 -6.75
N LEU F 366 -53.58 -30.10 -7.41
CA LEU F 366 -53.14 -31.32 -6.75
C LEU F 366 -52.11 -31.01 -5.67
N LEU F 367 -51.15 -30.12 -5.97
CA LEU F 367 -50.09 -29.83 -5.01
C LEU F 367 -50.67 -29.28 -3.71
N LEU F 368 -51.66 -28.40 -3.79
CA LEU F 368 -52.31 -27.89 -2.59
C LEU F 368 -53.10 -28.99 -1.90
N GLN F 369 -53.73 -29.88 -2.66
CA GLN F 369 -54.50 -30.96 -2.06
C GLN F 369 -53.60 -31.98 -1.38
N ARG F 370 -52.54 -32.42 -2.08
CA ARG F 370 -51.66 -33.43 -1.51
C ARG F 370 -51.01 -32.92 -0.23
N THR F 371 -50.56 -31.66 -0.22
CA THR F 371 -49.96 -31.09 0.98
C THR F 371 -50.99 -30.99 2.10
N PHE F 372 -52.23 -30.63 1.78
CA PHE F 372 -53.23 -30.44 2.81
C PHE F 372 -53.58 -31.74 3.52
N LEU F 373 -53.78 -32.82 2.76
CA LEU F 373 -54.10 -34.10 3.38
C LEU F 373 -52.95 -34.60 4.23
N GLN F 374 -51.71 -34.40 3.77
CA GLN F 374 -50.56 -34.73 4.60
C GLN F 374 -50.52 -33.86 5.85
N ALA F 375 -50.82 -32.57 5.71
CA ALA F 375 -50.85 -31.68 6.86
C ALA F 375 -51.97 -32.07 7.82
N SER F 376 -53.09 -32.58 7.28
CA SER F 376 -54.16 -33.06 8.14
C SER F 376 -53.72 -34.29 8.92
N TYR F 377 -52.91 -35.15 8.31
CA TYR F 377 -52.47 -36.36 8.99
C TYR F 377 -51.57 -36.04 10.16
N TYR F 378 -50.55 -35.20 9.95
CA TYR F 378 -49.57 -34.94 11.00
C TYR F 378 -50.20 -34.27 12.21
N VAL F 379 -51.06 -33.27 11.97
CA VAL F 379 -51.65 -32.54 13.09
C VAL F 379 -52.50 -33.47 13.95
N ALA F 380 -53.26 -34.36 13.31
CA ALA F 380 -54.04 -35.34 14.07
C ALA F 380 -53.13 -36.29 14.84
N ILE F 381 -52.06 -36.76 14.20
CA ILE F 381 -51.14 -37.67 14.87
C ILE F 381 -50.39 -36.95 15.99
N GLU F 382 -49.93 -35.73 15.72
CA GLU F 382 -49.23 -34.97 16.74
C GLU F 382 -50.13 -34.70 17.94
N THR F 383 -51.39 -34.34 17.69
CA THR F 383 -52.33 -34.19 18.78
C THR F 383 -52.72 -35.54 19.38
N GLY F 384 -52.72 -36.59 18.56
CA GLY F 384 -53.07 -37.90 19.08
C GLY F 384 -52.07 -38.42 20.10
N ILE F 385 -50.77 -38.30 19.79
CA ILE F 385 -49.76 -38.75 20.73
C ILE F 385 -49.61 -37.77 21.89
N ASN F 386 -50.02 -36.51 21.68
CA ASN F 386 -50.04 -35.55 22.77
C ASN F 386 -51.02 -35.99 23.85
N LEU F 387 -52.20 -36.46 23.44
CA LEU F 387 -53.16 -37.00 24.41
C LEU F 387 -52.63 -38.27 25.04
N ARG F 388 -51.94 -39.10 24.26
CA ARG F 388 -51.45 -40.37 24.78
C ARG F 388 -50.47 -40.15 25.94
N GLY F 389 -49.58 -39.17 25.82
CA GLY F 389 -48.68 -38.86 26.91
C GLY F 389 -49.43 -38.32 28.12
N ALA F 390 -50.41 -37.45 27.89
CA ALA F 390 -51.20 -36.91 29.00
C ALA F 390 -52.03 -38.00 29.67
N ILE F 391 -52.61 -38.91 28.88
CA ILE F 391 -53.42 -39.98 29.45
C ILE F 391 -52.56 -40.89 30.32
N GLN F 392 -51.38 -41.27 29.83
CA GLN F 392 -50.51 -42.15 30.59
C GLN F 392 -50.08 -41.50 31.90
N THR F 393 -49.87 -40.18 31.89
CA THR F 393 -49.58 -39.48 33.14
C THR F 393 -50.76 -39.58 34.10
N LYS F 394 -51.98 -39.40 33.59
CA LYS F 394 -53.17 -39.53 34.43
C LYS F 394 -53.33 -40.94 34.96
N ILE F 395 -53.10 -41.94 34.11
CA ILE F 395 -53.22 -43.33 34.54
C ILE F 395 -52.19 -43.64 35.62
N TYR F 396 -50.94 -43.24 35.40
CA TYR F 396 -49.89 -43.47 36.39
C TYR F 396 -50.18 -42.71 37.67
N ASN F 397 -50.69 -41.49 37.56
CA ASN F 397 -51.08 -40.73 38.75
C ASN F 397 -52.22 -41.43 39.49
N LYS F 398 -53.12 -42.09 38.75
CA LYS F 398 -54.20 -42.83 39.39
C LYS F 398 -53.67 -44.02 40.18
N ILE F 399 -52.70 -44.74 39.62
CA ILE F 399 -52.13 -45.88 40.34
C ILE F 399 -51.32 -45.41 41.54
N MET F 400 -50.57 -44.33 41.37
CA MET F 400 -49.71 -43.78 42.41
C MET F 400 -50.48 -42.85 43.33
N HIS F 401 -49.74 -42.01 44.07
CA HIS F 401 -50.26 -41.11 45.10
C HIS F 401 -51.50 -40.35 44.63
N LEU F 402 -52.32 -39.94 45.60
CA LEU F 402 -53.69 -39.44 45.38
C LEU F 402 -54.63 -40.58 45.01
N SER F 403 -54.34 -41.78 45.51
CA SER F 403 -55.18 -42.96 45.36
C SER F 403 -55.27 -43.71 46.68
N THR F 404 -55.48 -42.97 47.76
CA THR F 404 -55.51 -43.55 49.09
C THR F 404 -56.68 -44.52 49.24
N SER F 405 -56.52 -45.50 50.12
CA SER F 405 -57.54 -46.49 50.43
C SER F 405 -57.94 -47.28 49.18
N ASN F 406 -56.98 -48.04 48.66
CA ASN F 406 -57.24 -48.92 47.53
C ASN F 406 -58.33 -49.92 47.90
N LEU F 407 -59.16 -50.28 46.92
CA LEU F 407 -60.40 -50.98 47.19
C LEU F 407 -60.18 -52.37 47.78
N SER F 408 -59.55 -53.26 47.02
CA SER F 408 -59.33 -54.64 47.45
C SER F 408 -58.42 -55.32 46.45
N MET F 409 -58.21 -56.63 46.65
CA MET F 409 -57.43 -57.48 45.76
C MET F 409 -56.04 -56.92 45.53
N GLY F 410 -55.44 -57.27 44.37
CA GLY F 410 -54.16 -56.72 44.00
C GLY F 410 -54.29 -55.47 43.17
N GLU F 411 -54.84 -54.41 43.77
CA GLU F 411 -55.12 -53.16 43.08
C GLU F 411 -56.06 -53.41 41.89
N MET F 412 -57.29 -53.80 42.23
CA MET F 412 -58.30 -54.20 41.25
C MET F 412 -57.84 -55.43 40.48
N THR F 413 -57.16 -55.21 39.35
CA THR F 413 -56.63 -56.33 38.57
C THR F 413 -55.28 -55.93 38.00
N ALA F 414 -54.26 -56.72 38.29
CA ALA F 414 -52.92 -56.45 37.75
C ALA F 414 -52.90 -56.58 36.24
N GLY F 415 -53.57 -57.61 35.70
CA GLY F 415 -53.60 -57.79 34.26
C GLY F 415 -54.38 -56.69 33.55
N GLN F 416 -55.49 -56.24 34.14
CA GLN F 416 -56.29 -55.21 33.50
C GLN F 416 -55.51 -53.90 33.38
N ILE F 417 -54.77 -53.54 34.42
CA ILE F 417 -53.98 -52.30 34.37
C ILE F 417 -52.89 -52.40 33.31
N CYS F 418 -52.28 -53.58 33.17
CA CYS F 418 -51.21 -53.75 32.20
C CYS F 418 -51.69 -53.47 30.78
N ASN F 419 -52.81 -54.07 30.39
CA ASN F 419 -53.34 -53.85 29.05
C ASN F 419 -54.08 -52.52 28.93
N LEU F 420 -54.47 -51.92 30.06
CA LEU F 420 -55.16 -50.62 30.01
C LEU F 420 -54.26 -49.55 29.39
N VAL F 421 -52.97 -49.57 29.73
CA VAL F 421 -52.01 -48.64 29.15
C VAL F 421 -51.31 -49.23 27.93
N ALA F 422 -51.63 -50.46 27.55
CA ALA F 422 -50.96 -51.12 26.43
C ALA F 422 -51.82 -51.16 25.19
N ILE F 423 -53.05 -51.69 25.31
CA ILE F 423 -53.93 -51.85 24.16
C ILE F 423 -55.28 -51.21 24.41
N ASP F 424 -55.33 -50.21 25.29
CA ASP F 424 -56.56 -49.46 25.50
C ASP F 424 -56.37 -47.96 25.35
N THR F 425 -55.23 -47.42 25.78
CA THR F 425 -54.94 -46.02 25.50
C THR F 425 -54.53 -45.81 24.05
N ASN F 426 -53.97 -46.85 23.41
CA ASN F 426 -53.65 -46.76 21.99
C ASN F 426 -54.92 -46.61 21.16
N GLN F 427 -55.98 -47.34 21.53
CA GLN F 427 -57.25 -47.21 20.82
C GLN F 427 -57.79 -45.80 20.93
N LEU F 428 -57.68 -45.19 22.11
CA LEU F 428 -58.06 -43.78 22.24
C LEU F 428 -57.18 -42.89 21.38
N MET F 429 -55.88 -43.18 21.34
CA MET F 429 -54.98 -42.41 20.49
C MET F 429 -55.32 -42.58 19.01
N TRP F 430 -55.56 -43.82 18.59
CA TRP F 430 -55.93 -44.07 17.20
C TRP F 430 -57.30 -43.50 16.85
N PHE F 431 -58.17 -43.30 17.85
CA PHE F 431 -59.41 -42.58 17.60
C PHE F 431 -59.14 -41.16 17.16
N PHE F 432 -58.19 -40.48 17.81
CA PHE F 432 -57.80 -39.13 17.40
C PHE F 432 -56.97 -39.15 16.14
N PHE F 433 -56.33 -40.27 15.80
CA PHE F 433 -55.65 -40.38 14.52
C PHE F 433 -56.66 -40.31 13.37
N LEU F 434 -57.83 -40.89 13.56
CA LEU F 434 -58.86 -40.94 12.53
C LEU F 434 -60.08 -40.09 12.87
N CYS F 435 -59.99 -39.24 13.89
CA CYS F 435 -61.13 -38.39 14.24
C CYS F 435 -61.52 -37.44 13.10
N PRO F 436 -60.59 -36.72 12.46
CA PRO F 436 -61.00 -35.96 11.26
C PRO F 436 -61.51 -36.85 10.14
N ASN F 437 -60.98 -38.07 10.02
CA ASN F 437 -61.37 -38.95 8.92
C ASN F 437 -62.86 -39.25 8.96
N LEU F 438 -63.39 -39.59 10.14
CA LEU F 438 -64.82 -39.83 10.26
C LEU F 438 -65.61 -38.56 9.97
N TRP F 439 -65.13 -37.41 10.43
CA TRP F 439 -65.84 -36.15 10.21
C TRP F 439 -65.82 -35.76 8.73
N ALA F 440 -64.69 -35.97 8.06
CA ALA F 440 -64.53 -35.52 6.68
C ALA F 440 -65.08 -36.51 5.66
N MET F 441 -65.43 -37.73 6.06
CA MET F 441 -65.99 -38.68 5.10
C MET F 441 -67.34 -38.24 4.55
N PRO F 442 -68.33 -37.84 5.37
CA PRO F 442 -69.62 -37.45 4.78
C PRO F 442 -69.52 -36.29 3.81
N VAL F 443 -68.65 -35.31 4.10
CA VAL F 443 -68.53 -34.15 3.22
C VAL F 443 -68.04 -34.57 1.84
N GLN F 444 -67.04 -35.44 1.79
CA GLN F 444 -66.56 -35.94 0.51
C GLN F 444 -67.61 -36.80 -0.19
N ILE F 445 -68.36 -37.59 0.58
CA ILE F 445 -69.35 -38.49 0.00
C ILE F 445 -70.49 -37.70 -0.63
N ILE F 446 -71.04 -36.73 0.11
CA ILE F 446 -72.23 -36.02 -0.37
C ILE F 446 -71.91 -35.19 -1.60
N VAL F 447 -70.75 -34.52 -1.61
CA VAL F 447 -70.37 -33.76 -2.79
C VAL F 447 -70.05 -34.69 -3.95
N GLY F 448 -69.43 -35.84 -3.65
CA GLY F 448 -69.07 -36.77 -4.71
C GLY F 448 -70.29 -37.31 -5.44
N VAL F 449 -71.32 -37.72 -4.69
CA VAL F 449 -72.52 -38.25 -5.33
C VAL F 449 -73.26 -37.15 -6.07
N ILE F 450 -73.29 -35.93 -5.51
CA ILE F 450 -73.97 -34.83 -6.18
C ILE F 450 -73.30 -34.52 -7.51
N LEU F 451 -71.97 -34.48 -7.53
CA LEU F 451 -71.26 -34.26 -8.79
C LEU F 451 -71.51 -35.38 -9.78
N LEU F 452 -71.61 -36.61 -9.28
CA LEU F 452 -71.96 -37.73 -10.16
C LEU F 452 -73.34 -37.56 -10.76
N TYR F 453 -74.31 -37.09 -9.97
CA TYR F 453 -75.66 -36.90 -10.46
C TYR F 453 -75.71 -35.84 -11.56
N TYR F 454 -74.90 -34.79 -11.43
CA TYR F 454 -74.85 -33.75 -12.45
C TYR F 454 -74.05 -34.16 -13.68
N ILE F 455 -73.45 -35.35 -13.67
CA ILE F 455 -72.68 -35.81 -14.83
C ILE F 455 -73.47 -36.88 -15.59
N LEU F 456 -73.84 -37.95 -14.89
CA LEU F 456 -74.50 -39.09 -15.53
C LEU F 456 -75.96 -39.23 -15.12
N GLY F 457 -76.49 -38.31 -14.32
CA GLY F 457 -77.90 -38.34 -14.00
C GLY F 457 -78.30 -39.56 -13.17
N VAL F 458 -79.25 -40.32 -13.70
CA VAL F 458 -79.83 -41.43 -12.95
C VAL F 458 -78.83 -42.56 -12.79
N SER F 459 -78.04 -42.85 -13.85
CA SER F 459 -77.13 -43.98 -13.80
C SER F 459 -76.11 -43.84 -12.69
N ALA F 460 -75.67 -42.61 -12.40
CA ALA F 460 -74.71 -42.40 -11.31
C ALA F 460 -75.35 -42.65 -9.95
N LEU F 461 -76.64 -42.38 -9.82
CA LEU F 461 -77.32 -42.59 -8.53
C LEU F 461 -77.27 -44.06 -8.12
N ILE F 462 -77.51 -44.96 -9.07
CA ILE F 462 -77.49 -46.40 -8.75
C ILE F 462 -76.07 -46.84 -8.43
N GLY F 463 -75.08 -46.31 -9.17
CA GLY F 463 -73.70 -46.68 -8.91
C GLY F 463 -73.19 -46.21 -7.57
N ALA F 464 -73.62 -45.02 -7.15
CA ALA F 464 -73.21 -44.51 -5.85
C ALA F 464 -73.96 -45.19 -4.71
N ALA F 465 -75.21 -45.59 -4.96
CA ALA F 465 -76.00 -46.21 -3.90
C ALA F 465 -75.41 -47.54 -3.45
N VAL F 466 -74.97 -48.36 -4.41
CA VAL F 466 -74.43 -49.67 -4.05
C VAL F 466 -73.13 -49.52 -3.27
N ILE F 467 -72.33 -48.50 -3.59
CA ILE F 467 -71.11 -48.24 -2.84
C ILE F 467 -71.43 -47.83 -1.41
N ILE F 468 -72.46 -47.00 -1.24
CA ILE F 468 -72.90 -46.61 0.10
C ILE F 468 -73.39 -47.84 0.85
N LEU F 469 -74.17 -48.69 0.19
CA LEU F 469 -74.63 -49.93 0.81
C LEU F 469 -73.51 -50.91 1.10
N LEU F 470 -72.33 -50.72 0.51
CA LEU F 470 -71.19 -51.58 0.83
C LEU F 470 -70.64 -51.28 2.21
N ALA F 471 -70.83 -50.06 2.71
CA ALA F 471 -70.32 -49.70 4.02
C ALA F 471 -70.88 -50.58 5.14
N PRO F 472 -72.19 -50.82 5.23
CA PRO F 472 -72.66 -51.82 6.21
C PRO F 472 -72.10 -53.21 5.96
N VAL F 473 -71.88 -53.58 4.69
CA VAL F 473 -71.31 -54.89 4.39
C VAL F 473 -69.89 -54.98 4.92
N GLN F 474 -69.09 -53.92 4.73
CA GLN F 474 -67.72 -53.93 5.21
C GLN F 474 -67.66 -54.01 6.73
N TYR F 475 -68.56 -53.30 7.41
CA TYR F 475 -68.62 -53.42 8.86
C TYR F 475 -69.16 -54.79 9.28
N PHE F 476 -70.09 -55.34 8.50
CA PHE F 476 -70.65 -56.64 8.82
C PHE F 476 -69.58 -57.73 8.80
N VAL F 477 -68.74 -57.72 7.76
CA VAL F 477 -67.66 -58.69 7.69
C VAL F 477 -66.56 -58.35 8.70
N ALA F 478 -66.49 -57.09 9.12
CA ALA F 478 -65.51 -56.71 10.14
C ALA F 478 -65.82 -57.37 11.48
N THR F 479 -67.10 -57.39 11.86
CA THR F 479 -67.48 -58.05 13.10
C THR F 479 -67.23 -59.55 13.02
N LYS F 480 -67.52 -60.16 11.87
CA LYS F 480 -67.22 -61.58 11.69
C LYS F 480 -65.72 -61.83 11.76
N LEU F 481 -64.92 -60.96 11.13
CA LEU F 481 -63.47 -61.12 11.17
C LEU F 481 -62.94 -60.95 12.58
N SER F 482 -63.46 -59.98 13.33
CA SER F 482 -63.02 -59.76 14.70
C SER F 482 -63.41 -60.93 15.59
N GLN F 483 -64.63 -61.45 15.43
CA GLN F 483 -65.06 -62.59 16.23
C GLN F 483 -64.25 -63.83 15.92
N ALA F 484 -63.84 -64.00 14.67
CA ALA F 484 -63.05 -65.16 14.28
C ALA F 484 -61.71 -65.18 15.01
N GLN F 485 -61.06 -64.01 15.12
CA GLN F 485 -59.81 -63.94 15.86
C GLN F 485 -60.04 -64.17 17.35
N ARG F 486 -61.19 -63.71 17.87
CA ARG F 486 -61.51 -63.96 19.27
C ARG F 486 -61.64 -65.45 19.56
N SER F 487 -62.30 -66.18 18.67
CA SER F 487 -62.36 -67.64 18.82
C SER F 487 -61.01 -68.28 18.56
N THR F 488 -60.23 -67.70 17.64
CA THR F 488 -58.89 -68.21 17.38
C THR F 488 -57.99 -68.09 18.60
N LEU F 489 -58.05 -66.94 19.28
CA LEU F 489 -57.20 -66.74 20.45
C LEU F 489 -57.54 -67.70 21.58
N GLU F 490 -58.80 -68.16 21.65
CA GLU F 490 -59.18 -69.13 22.66
C GLU F 490 -58.43 -70.45 22.46
N HIS F 491 -58.30 -70.89 21.21
CA HIS F 491 -57.58 -72.12 20.90
C HIS F 491 -56.08 -71.89 20.73
N SER F 492 -55.69 -70.71 20.23
CA SER F 492 -54.26 -70.42 20.09
C SER F 492 -53.58 -70.34 21.45
N ASN F 493 -54.25 -69.76 22.44
CA ASN F 493 -53.69 -69.70 23.78
C ASN F 493 -53.48 -71.10 24.35
N GLU F 494 -54.45 -71.99 24.13
CA GLU F 494 -54.28 -73.38 24.54
C GLU F 494 -53.13 -74.03 23.79
N ARG F 495 -53.02 -73.76 22.49
CA ARG F 495 -51.89 -74.27 21.72
C ARG F 495 -50.58 -73.68 22.22
N LEU F 496 -50.56 -72.38 22.52
CA LEU F 496 -49.36 -71.76 23.07
C LEU F 496 -49.04 -72.30 24.45
N LYS F 497 -50.06 -72.44 25.31
CA LYS F 497 -49.83 -72.95 26.66
C LYS F 497 -49.34 -74.39 26.64
N GLN F 498 -49.93 -75.23 25.79
CA GLN F 498 -49.47 -76.61 25.69
C GLN F 498 -48.05 -76.68 25.13
N THR F 499 -47.75 -75.86 24.11
CA THR F 499 -46.40 -75.83 23.57
C THR F 499 -45.41 -75.24 24.56
N ASN F 500 -45.80 -74.16 25.23
CA ASN F 500 -44.92 -73.50 26.21
C ASN F 500 -45.04 -74.15 27.58
N GLU F 501 -44.89 -75.47 27.61
CA GLU F 501 -44.76 -76.24 28.85
C GLU F 501 -43.40 -76.87 29.01
N MET F 502 -42.76 -77.26 27.90
CA MET F 502 -41.38 -77.70 27.90
C MET F 502 -40.56 -77.04 26.81
N LEU F 503 -41.12 -76.05 26.09
CA LEU F 503 -40.38 -75.38 25.04
C LEU F 503 -39.21 -74.58 25.62
N ARG F 504 -39.49 -73.77 26.64
CA ARG F 504 -38.40 -73.07 27.33
C ARG F 504 -37.50 -74.04 28.08
N GLY F 505 -38.05 -75.16 28.53
CA GLY F 505 -37.30 -76.22 29.16
C GLY F 505 -36.78 -77.28 28.21
N MET F 506 -36.79 -77.02 26.91
CA MET F 506 -36.32 -78.00 25.94
C MET F 506 -34.83 -78.26 26.07
N LYS F 507 -34.10 -77.41 26.79
CA LYS F 507 -32.70 -77.70 27.08
C LYS F 507 -32.55 -78.92 27.98
N LEU F 508 -33.51 -79.15 28.87
CA LEU F 508 -33.53 -80.32 29.74
C LEU F 508 -34.63 -81.31 29.40
N LEU F 509 -35.70 -80.88 28.73
CA LEU F 509 -36.76 -81.81 28.34
C LEU F 509 -36.25 -82.84 27.34
N LYS F 510 -35.40 -82.42 26.41
CA LYS F 510 -34.85 -83.35 25.43
C LYS F 510 -33.94 -84.39 26.06
N LEU F 511 -33.35 -84.06 27.21
CA LEU F 511 -32.48 -85.02 27.89
C LEU F 511 -33.24 -86.26 28.33
N TYR F 512 -34.45 -86.07 28.86
CA TYR F 512 -35.27 -87.20 29.31
C TYR F 512 -35.85 -88.00 28.16
N ALA F 513 -35.72 -87.52 26.92
CA ALA F 513 -36.26 -88.19 25.73
C ALA F 513 -37.76 -88.37 25.80
N TRP F 514 -38.43 -87.51 26.57
CA TRP F 514 -39.89 -87.53 26.66
C TRP F 514 -40.56 -86.62 25.64
N GLU F 515 -39.78 -85.86 24.87
CA GLU F 515 -40.33 -84.98 23.85
C GLU F 515 -40.80 -85.72 22.61
N SER F 516 -40.47 -87.01 22.47
CA SER F 516 -40.95 -87.78 21.32
C SER F 516 -42.46 -87.90 21.34
N ILE F 517 -43.04 -88.16 22.52
CA ILE F 517 -44.49 -88.19 22.64
C ILE F 517 -45.07 -86.81 22.94
N PHE F 518 -44.30 -85.90 23.50
CA PHE F 518 -44.77 -84.54 23.72
C PHE F 518 -45.06 -83.83 22.40
N CYS F 519 -44.17 -84.02 21.41
CA CYS F 519 -44.37 -83.44 20.08
C CYS F 519 -45.12 -84.41 19.17
N SER F 520 -46.26 -84.90 19.65
CA SER F 520 -47.11 -85.79 18.86
C SER F 520 -48.52 -85.21 18.80
N ARG F 521 -48.92 -84.53 19.87
CA ARG F 521 -50.20 -83.83 19.92
C ARG F 521 -50.09 -82.37 19.50
N VAL F 522 -48.91 -81.95 19.03
CA VAL F 522 -48.72 -80.58 18.58
C VAL F 522 -49.63 -80.28 17.40
N GLU F 523 -49.75 -81.23 16.47
CA GLU F 523 -50.67 -81.06 15.36
C GLU F 523 -52.11 -80.96 15.84
N VAL F 524 -52.48 -81.78 16.82
CA VAL F 524 -53.83 -81.72 17.38
C VAL F 524 -54.08 -80.37 18.04
N THR F 525 -53.11 -79.87 18.80
CA THR F 525 -53.24 -78.55 19.41
C THR F 525 -53.16 -77.44 18.37
N ARG F 526 -52.62 -77.72 17.19
CA ARG F 526 -52.56 -76.72 16.13
C ARG F 526 -53.77 -76.80 15.21
N ARG F 527 -54.26 -78.01 14.93
CA ARG F 527 -55.44 -78.16 14.09
C ARG F 527 -56.67 -77.53 14.73
N LYS F 528 -56.81 -77.64 16.06
CA LYS F 528 -57.90 -76.95 16.74
C LYS F 528 -57.79 -75.44 16.62
N GLU F 529 -56.59 -74.91 16.37
CA GLU F 529 -56.40 -73.51 16.09
C GLU F 529 -56.39 -73.20 14.60
N MET F 530 -55.92 -74.13 13.76
CA MET F 530 -55.96 -73.92 12.32
C MET F 530 -57.38 -73.87 11.80
N THR F 531 -58.29 -74.69 12.34
CA THR F 531 -59.69 -74.60 11.93
C THR F 531 -60.30 -73.25 12.31
N SER F 532 -59.80 -72.62 13.37
CA SER F 532 -60.18 -71.24 13.65
C SER F 532 -59.48 -70.27 12.71
N LEU F 533 -58.27 -70.61 12.26
CA LEU F 533 -57.60 -69.80 11.25
C LEU F 533 -58.34 -69.82 9.93
N ARG F 534 -58.92 -70.98 9.58
CA ARG F 534 -59.71 -71.08 8.36
C ARG F 534 -60.91 -70.14 8.41
N ALA F 535 -61.59 -70.08 9.55
CA ALA F 535 -62.71 -69.15 9.70
C ALA F 535 -62.26 -67.70 9.60
N PHE F 536 -61.10 -67.38 10.21
CA PHE F 536 -60.56 -66.04 10.10
C PHE F 536 -60.10 -65.74 8.68
N ALA F 537 -59.57 -66.75 7.99
CA ALA F 537 -59.03 -66.53 6.66
C ALA F 537 -60.13 -66.29 5.63
N VAL F 538 -61.20 -67.06 5.70
CA VAL F 538 -62.28 -66.90 4.72
C VAL F 538 -62.93 -65.53 4.86
N TYR F 539 -63.07 -65.04 6.08
CA TYR F 539 -63.59 -63.69 6.29
C TYR F 539 -62.66 -62.65 5.66
N THR F 540 -61.35 -62.83 5.81
CA THR F 540 -60.40 -61.93 5.16
C THR F 540 -60.53 -61.99 3.64
N SER F 541 -60.62 -63.20 3.09
CA SER F 541 -60.77 -63.34 1.65
C SER F 541 -62.11 -62.77 1.18
N ILE F 542 -63.14 -62.87 2.01
CA ILE F 542 -64.42 -62.26 1.69
C ILE F 542 -64.27 -60.75 1.57
N SER F 543 -63.55 -60.13 2.51
CA SER F 543 -63.37 -58.69 2.49
C SER F 543 -62.52 -58.24 1.32
N ILE F 544 -61.73 -59.15 0.73
CA ILE F 544 -60.86 -58.77 -0.37
C ILE F 544 -61.67 -58.45 -1.62
N PHE F 545 -62.40 -59.44 -2.13
CA PHE F 545 -63.17 -59.21 -3.35
C PHE F 545 -64.39 -58.33 -3.12
N MET F 546 -64.82 -58.17 -1.86
CA MET F 546 -65.83 -57.18 -1.51
C MET F 546 -65.26 -55.78 -1.46
N ASN F 547 -63.94 -55.63 -1.56
CA ASN F 547 -63.27 -54.35 -1.56
C ASN F 547 -62.44 -54.13 -2.82
N THR F 548 -61.86 -55.19 -3.38
CA THR F 548 -61.01 -55.04 -4.56
C THR F 548 -61.84 -55.12 -5.84
N ALA F 549 -62.82 -56.03 -5.88
CA ALA F 549 -63.62 -56.24 -7.07
C ALA F 549 -64.90 -55.41 -7.10
N ILE F 550 -65.20 -54.68 -6.04
CA ILE F 550 -66.43 -53.88 -5.99
C ILE F 550 -66.35 -52.66 -6.91
N PRO F 551 -65.20 -52.01 -7.13
CA PRO F 551 -65.21 -50.91 -8.12
C PRO F 551 -65.61 -51.35 -9.51
N ILE F 552 -65.27 -52.59 -9.89
CA ILE F 552 -65.69 -53.12 -11.19
C ILE F 552 -67.20 -53.19 -11.27
N ALA F 553 -67.84 -53.70 -10.21
CA ALA F 553 -69.30 -53.78 -10.19
C ALA F 553 -69.92 -52.39 -10.24
N ALA F 554 -69.33 -51.43 -9.52
CA ALA F 554 -69.88 -50.08 -9.50
C ALA F 554 -69.84 -49.44 -10.89
N VAL F 555 -68.79 -49.70 -11.66
CA VAL F 555 -68.70 -49.16 -13.01
C VAL F 555 -69.78 -49.76 -13.90
N LEU F 556 -69.95 -51.09 -13.83
CA LEU F 556 -70.92 -51.76 -14.67
C LEU F 556 -72.35 -51.34 -14.34
N ILE F 557 -72.67 -51.21 -13.05
CA ILE F 557 -74.02 -50.82 -12.67
C ILE F 557 -74.32 -49.37 -13.05
N THR F 558 -73.29 -48.60 -13.40
CA THR F 558 -73.48 -47.24 -13.88
C THR F 558 -73.38 -47.14 -15.39
N PHE F 559 -72.54 -47.97 -16.02
CA PHE F 559 -72.35 -47.88 -17.46
C PHE F 559 -73.53 -48.46 -18.23
N VAL F 560 -73.82 -49.75 -18.03
CA VAL F 560 -74.89 -50.41 -18.76
C VAL F 560 -76.27 -49.89 -18.40
N GLY F 561 -76.39 -49.15 -17.30
CA GLY F 561 -77.66 -48.57 -16.91
C GLY F 561 -78.07 -47.36 -17.72
N HIS F 562 -77.18 -46.85 -18.58
CA HIS F 562 -77.51 -45.70 -19.41
C HIS F 562 -78.60 -46.02 -20.44
N VAL F 563 -78.74 -47.29 -20.82
CA VAL F 563 -79.79 -47.68 -21.76
C VAL F 563 -80.75 -48.70 -21.20
N SER F 564 -80.38 -49.46 -20.16
CA SER F 564 -81.30 -50.45 -19.59
C SER F 564 -82.49 -49.77 -18.92
N PHE F 565 -82.25 -48.70 -18.18
CA PHE F 565 -83.32 -47.99 -17.49
C PHE F 565 -83.26 -46.48 -17.66
N PHE F 566 -82.17 -45.93 -18.18
CA PHE F 566 -82.05 -44.49 -18.39
C PHE F 566 -82.51 -44.08 -19.79
N LYS F 567 -81.99 -44.77 -20.82
CA LYS F 567 -82.36 -44.54 -22.21
C LYS F 567 -82.11 -43.08 -22.62
N GLU F 568 -80.84 -42.69 -22.55
CA GLU F 568 -80.45 -41.32 -22.89
C GLU F 568 -79.44 -41.30 -24.03
N SER F 569 -78.90 -40.11 -24.31
CA SER F 569 -77.96 -39.95 -25.40
C SER F 569 -76.67 -40.71 -25.13
N ASP F 570 -75.90 -40.94 -26.20
CA ASP F 570 -74.64 -41.65 -26.09
C ASP F 570 -73.69 -40.93 -25.14
N LEU F 571 -73.04 -41.70 -24.28
CA LEU F 571 -72.11 -41.12 -23.32
C LEU F 571 -70.83 -40.65 -24.01
N SER F 572 -70.29 -39.55 -23.52
CA SER F 572 -69.05 -38.99 -24.04
C SER F 572 -67.88 -39.44 -23.19
N PRO F 573 -66.66 -39.40 -23.74
CA PRO F 573 -65.49 -39.76 -22.92
C PRO F 573 -65.35 -38.88 -21.68
N SER F 574 -65.73 -37.61 -21.77
CA SER F 574 -65.61 -36.71 -20.62
C SER F 574 -66.50 -37.16 -19.48
N VAL F 575 -67.76 -37.45 -19.76
CA VAL F 575 -68.69 -37.82 -18.70
C VAL F 575 -68.39 -39.22 -18.18
N ALA F 576 -67.69 -40.04 -18.97
CA ALA F 576 -67.35 -41.38 -18.52
C ALA F 576 -66.15 -41.36 -17.58
N PHE F 577 -65.07 -40.71 -17.98
CA PHE F 577 -63.87 -40.67 -17.16
C PHE F 577 -64.07 -39.85 -15.90
N ALA F 578 -64.86 -38.77 -15.99
CA ALA F 578 -65.13 -37.96 -14.80
C ALA F 578 -65.84 -38.77 -13.74
N SER F 579 -66.84 -39.57 -14.14
CA SER F 579 -67.50 -40.45 -13.17
C SER F 579 -66.57 -41.59 -12.76
N LEU F 580 -65.74 -42.06 -13.68
CA LEU F 580 -64.74 -43.08 -13.32
C LEU F 580 -63.73 -42.51 -12.32
N SER F 581 -63.28 -41.28 -12.54
CA SER F 581 -62.38 -40.64 -11.58
C SER F 581 -63.07 -40.39 -10.26
N LEU F 582 -64.34 -39.95 -10.30
CA LEU F 582 -65.08 -39.74 -9.06
C LEU F 582 -65.26 -41.04 -8.29
N PHE F 583 -65.56 -42.13 -9.00
CA PHE F 583 -65.66 -43.44 -8.35
C PHE F 583 -64.34 -43.86 -7.74
N HIS F 584 -63.23 -43.60 -8.46
CA HIS F 584 -61.93 -44.02 -7.98
C HIS F 584 -61.55 -43.29 -6.69
N ILE F 585 -61.89 -42.00 -6.60
CA ILE F 585 -61.56 -41.21 -5.42
C ILE F 585 -62.67 -41.31 -4.38
N LEU F 586 -63.63 -42.21 -4.63
CA LEU F 586 -64.71 -42.45 -3.68
C LEU F 586 -64.69 -43.85 -3.09
N VAL F 587 -64.25 -44.85 -3.86
CA VAL F 587 -64.18 -46.21 -3.33
C VAL F 587 -63.11 -46.32 -2.26
N THR F 588 -61.94 -45.73 -2.53
CA THR F 588 -60.86 -45.78 -1.54
C THR F 588 -61.25 -45.15 -0.21
N PRO F 589 -61.91 -43.96 -0.14
CA PRO F 589 -62.40 -43.43 1.14
C PRO F 589 -63.68 -44.11 1.62
N LEU F 590 -63.70 -45.44 1.57
CA LEU F 590 -64.80 -46.22 2.10
C LEU F 590 -64.26 -47.29 3.05
N PHE F 591 -63.09 -47.83 2.74
CA PHE F 591 -62.46 -48.80 3.62
C PHE F 591 -62.15 -48.18 4.98
N LEU F 592 -61.67 -46.94 4.98
CA LEU F 592 -61.45 -46.22 6.23
C LEU F 592 -62.77 -45.99 6.96
N LEU F 593 -63.85 -45.79 6.23
CA LEU F 593 -65.16 -45.58 6.87
C LEU F 593 -65.56 -46.81 7.68
N SER F 594 -65.37 -48.00 7.12
CA SER F 594 -65.60 -49.21 7.90
C SER F 594 -64.61 -49.31 9.06
N SER F 595 -63.35 -48.97 8.81
CA SER F 595 -62.33 -49.04 9.85
C SER F 595 -62.61 -48.04 10.96
N VAL F 596 -62.99 -46.81 10.61
CA VAL F 596 -63.21 -45.80 11.65
C VAL F 596 -64.43 -46.14 12.49
N VAL F 597 -65.47 -46.71 11.88
CA VAL F 597 -66.63 -47.15 12.65
C VAL F 597 -66.22 -48.25 13.63
N ARG F 598 -65.43 -49.22 13.16
CA ARG F 598 -64.91 -50.23 14.07
C ARG F 598 -64.01 -49.60 15.13
N SER F 599 -63.22 -48.60 14.76
CA SER F 599 -62.39 -47.90 15.74
C SER F 599 -63.24 -47.03 16.66
N THR F 600 -64.34 -46.47 16.14
CA THR F 600 -65.18 -45.61 16.97
C THR F 600 -65.80 -46.37 18.12
N VAL F 601 -66.37 -47.55 17.83
CA VAL F 601 -66.95 -48.36 18.90
C VAL F 601 -65.86 -48.91 19.80
N LYS F 602 -64.73 -49.29 19.22
CA LYS F 602 -63.61 -49.80 20.03
C LYS F 602 -63.10 -48.74 20.99
N ALA F 603 -62.94 -47.51 20.51
CA ALA F 603 -62.49 -46.42 21.39
C ALA F 603 -63.55 -46.07 22.42
N LEU F 604 -64.83 -46.16 22.03
CA LEU F 604 -65.90 -45.84 22.97
C LEU F 604 -65.90 -46.81 24.14
N VAL F 605 -65.58 -48.07 23.89
CA VAL F 605 -65.43 -49.03 24.98
C VAL F 605 -64.21 -48.67 25.82
N SER F 606 -63.10 -48.31 25.17
CA SER F 606 -61.86 -48.03 25.90
C SER F 606 -62.01 -46.81 26.80
N VAL F 607 -62.66 -45.75 26.31
CA VAL F 607 -62.86 -44.57 27.15
C VAL F 607 -63.81 -44.88 28.30
N LYS F 608 -64.84 -45.70 28.04
CA LYS F 608 -65.70 -46.15 29.13
C LYS F 608 -64.92 -47.01 30.12
N LYS F 609 -64.06 -47.88 29.60
CA LYS F 609 -63.21 -48.69 30.48
C LYS F 609 -62.29 -47.81 31.32
N LEU F 610 -61.70 -46.78 30.72
CA LEU F 610 -60.86 -45.87 31.47
C LEU F 610 -61.68 -45.08 32.49
N SER F 611 -62.87 -44.62 32.09
CA SER F 611 -63.70 -43.83 32.99
C SER F 611 -64.15 -44.65 34.20
N GLU F 612 -64.56 -45.90 33.97
CA GLU F 612 -65.00 -46.73 35.09
C GLU F 612 -63.83 -47.13 35.98
N PHE F 613 -62.65 -47.32 35.39
CA PHE F 613 -61.45 -47.63 36.17
C PHE F 613 -60.76 -46.39 36.72
N LEU F 614 -61.24 -45.19 36.35
CA LEU F 614 -60.66 -43.97 36.89
C LEU F 614 -60.88 -43.87 38.40
N SER F 615 -62.06 -44.28 38.85
CA SER F 615 -62.38 -44.26 40.28
C SER F 615 -62.37 -45.66 40.88
N ASN F 676 -41.99 -37.12 68.36
CA ASN F 676 -42.49 -38.02 69.40
C ASN F 676 -42.10 -39.46 69.10
N PHE F 677 -42.96 -40.40 69.48
CA PHE F 677 -42.72 -41.81 69.23
C PHE F 677 -42.80 -42.08 67.73
N CYS F 678 -41.83 -42.85 67.22
CA CYS F 678 -41.80 -43.16 65.79
C CYS F 678 -43.03 -43.98 65.39
N VAL F 679 -43.41 -44.95 66.20
CA VAL F 679 -44.59 -45.78 65.95
C VAL F 679 -45.51 -45.59 67.16
N GLN F 680 -46.43 -44.64 67.06
CA GLN F 680 -47.41 -44.36 68.11
C GLN F 680 -48.80 -44.42 67.51
N ILE F 681 -49.67 -45.20 68.13
CA ILE F 681 -51.04 -45.41 67.64
C ILE F 681 -52.01 -45.12 68.78
N ILE F 682 -53.04 -44.32 68.50
CA ILE F 682 -54.03 -43.97 69.50
C ILE F 682 -55.33 -44.72 69.21
N GLY F 683 -55.92 -44.48 68.04
CA GLY F 683 -57.15 -45.14 67.67
C GLY F 683 -56.93 -46.56 67.16
N GLY F 684 -56.21 -46.67 66.04
CA GLY F 684 -55.90 -47.99 65.49
C GLY F 684 -57.07 -48.69 64.83
N PHE F 685 -58.11 -47.96 64.48
CA PHE F 685 -59.29 -48.55 63.85
C PHE F 685 -59.16 -48.56 62.33
N PHE F 686 -58.08 -49.16 61.83
CA PHE F 686 -57.84 -49.23 60.40
C PHE F 686 -58.82 -50.21 59.74
N THR F 687 -59.19 -49.89 58.50
CA THR F 687 -60.10 -50.74 57.74
C THR F 687 -59.73 -50.67 56.27
N TRP F 688 -60.01 -51.76 55.55
CA TRP F 688 -59.78 -51.80 54.12
C TRP F 688 -61.01 -51.37 53.33
N THR F 689 -62.21 -51.69 53.81
CA THR F 689 -63.42 -51.19 53.19
C THR F 689 -63.49 -49.68 53.37
N PRO F 690 -63.84 -48.93 52.32
CA PRO F 690 -63.89 -47.47 52.46
C PRO F 690 -64.86 -46.98 53.52
N ASP F 691 -65.97 -47.69 53.74
CA ASP F 691 -67.00 -47.28 54.69
C ASP F 691 -67.23 -48.42 55.68
N GLY F 692 -66.77 -48.23 56.91
CA GLY F 692 -67.05 -49.19 57.96
C GLY F 692 -66.27 -50.49 57.83
N ILE F 693 -66.74 -51.50 58.57
CA ILE F 693 -66.17 -52.84 58.59
C ILE F 693 -64.69 -52.78 58.97
N PRO F 694 -64.37 -52.44 60.22
CA PRO F 694 -62.95 -52.37 60.62
C PRO F 694 -62.43 -53.74 61.00
N THR F 695 -61.35 -54.16 60.34
CA THR F 695 -60.72 -55.45 60.64
C THR F 695 -59.75 -55.36 61.80
N LEU F 696 -59.54 -54.17 62.36
CA LEU F 696 -58.66 -54.00 63.51
C LEU F 696 -59.02 -52.69 64.19
N SER F 697 -58.92 -52.68 65.52
CA SER F 697 -59.29 -51.50 66.30
C SER F 697 -58.66 -51.61 67.68
N ASN F 698 -58.77 -50.52 68.44
CA ASN F 698 -58.29 -50.45 69.81
C ASN F 698 -56.80 -50.76 69.91
N ILE F 699 -56.03 -50.24 68.96
CA ILE F 699 -54.58 -50.40 68.96
C ILE F 699 -53.96 -49.24 69.71
N THR F 700 -53.10 -49.55 70.69
CA THR F 700 -52.46 -48.53 71.53
C THR F 700 -51.01 -48.94 71.75
N ILE F 701 -50.10 -48.34 70.98
CA ILE F 701 -48.67 -48.58 71.12
C ILE F 701 -47.95 -47.24 71.04
N ARG F 702 -46.72 -47.23 71.55
CA ARG F 702 -45.89 -46.02 71.54
C ARG F 702 -44.43 -46.46 71.49
N ILE F 703 -43.83 -46.36 70.30
CA ILE F 703 -42.46 -46.78 70.07
C ILE F 703 -41.62 -45.54 69.80
N PRO F 704 -40.80 -45.09 70.74
CA PRO F 704 -39.95 -43.92 70.52
C PRO F 704 -38.77 -44.28 69.62
N ARG F 705 -37.91 -43.29 69.39
CA ARG F 705 -36.76 -43.47 68.51
C ARG F 705 -35.75 -44.42 69.12
N GLY F 706 -35.03 -45.11 68.25
CA GLY F 706 -33.99 -46.02 68.69
C GLY F 706 -34.52 -47.25 69.41
N GLN F 707 -35.77 -47.62 69.14
CA GLN F 707 -36.43 -48.75 69.81
C GLN F 707 -36.62 -49.87 68.79
N LEU F 708 -35.75 -50.87 68.83
CA LEU F 708 -35.87 -52.04 67.98
C LEU F 708 -37.02 -52.89 68.52
N THR F 709 -38.16 -52.85 67.84
CA THR F 709 -39.39 -53.50 68.30
C THR F 709 -39.87 -54.46 67.22
N MET F 710 -39.39 -55.70 67.26
CA MET F 710 -39.85 -56.72 66.34
C MET F 710 -41.27 -57.15 66.68
N ILE F 711 -42.04 -57.46 65.64
CA ILE F 711 -43.45 -57.84 65.78
C ILE F 711 -43.56 -59.35 65.64
N VAL F 712 -44.23 -59.99 66.60
CA VAL F 712 -44.43 -61.42 66.61
C VAL F 712 -45.88 -61.73 66.92
N GLY F 713 -46.28 -62.96 66.62
CA GLY F 713 -47.64 -63.38 66.87
C GLY F 713 -47.89 -64.74 66.25
N GLN F 714 -49.16 -65.13 66.27
CA GLN F 714 -49.57 -66.41 65.70
C GLN F 714 -49.75 -66.25 64.19
N VAL F 715 -50.20 -67.31 63.53
CA VAL F 715 -50.35 -67.31 62.08
C VAL F 715 -51.62 -66.58 61.70
N GLY F 716 -51.50 -65.59 60.82
CA GLY F 716 -52.66 -64.89 60.30
C GLY F 716 -53.38 -64.00 61.29
N CYS F 717 -52.69 -63.54 62.33
CA CYS F 717 -53.31 -62.69 63.35
C CYS F 717 -53.14 -61.21 63.03
N GLY F 718 -53.51 -60.83 61.81
CA GLY F 718 -53.50 -59.43 61.42
C GLY F 718 -52.14 -58.78 61.43
N LYS F 719 -51.06 -59.57 61.36
CA LYS F 719 -49.72 -58.99 61.38
C LYS F 719 -49.48 -58.11 60.16
N SER F 720 -49.88 -58.57 58.98
CA SER F 720 -49.73 -57.76 57.77
C SER F 720 -50.62 -56.53 57.83
N SER F 721 -51.87 -56.69 58.27
CA SER F 721 -52.79 -55.57 58.33
C SER F 721 -52.31 -54.50 59.30
N LEU F 722 -51.78 -54.92 60.46
CA LEU F 722 -51.22 -53.96 61.40
C LEU F 722 -50.02 -53.23 60.81
N LEU F 723 -49.16 -53.95 60.08
CA LEU F 723 -48.01 -53.33 59.46
C LEU F 723 -48.43 -52.31 58.41
N LEU F 724 -49.41 -52.65 57.57
CA LEU F 724 -49.91 -51.71 56.58
C LEU F 724 -50.56 -50.51 57.25
N ALA F 725 -51.32 -50.74 58.32
CA ALA F 725 -51.93 -49.63 59.05
C ALA F 725 -50.86 -48.71 59.63
N THR F 726 -49.76 -49.29 60.12
CA THR F 726 -48.66 -48.46 60.62
C THR F 726 -48.09 -47.58 59.52
N LEU F 727 -47.89 -48.15 58.32
CA LEU F 727 -47.41 -47.35 57.20
C LEU F 727 -48.43 -46.30 56.79
N GLY F 728 -49.71 -46.67 56.78
CA GLY F 728 -50.76 -45.75 56.39
C GLY F 728 -51.55 -46.20 55.18
N GLU F 729 -51.45 -47.48 54.84
CA GLU F 729 -52.11 -48.05 53.68
C GLU F 729 -53.54 -48.50 53.97
N MET F 730 -54.00 -48.40 55.22
CA MET F 730 -55.34 -48.81 55.60
C MET F 730 -56.12 -47.60 56.09
N GLN F 731 -57.43 -47.60 55.84
CA GLN F 731 -58.29 -46.49 56.20
C GLN F 731 -58.66 -46.59 57.68
N LYS F 732 -58.13 -45.67 58.49
CA LYS F 732 -58.47 -45.63 59.90
C LYS F 732 -59.86 -45.05 60.11
N VAL F 733 -60.52 -45.50 61.17
CA VAL F 733 -61.88 -45.09 61.49
C VAL F 733 -61.91 -44.21 62.74
N SER F 734 -61.25 -44.66 63.81
CA SER F 734 -61.28 -43.90 65.07
C SER F 734 -60.64 -42.53 64.90
N GLY F 735 -59.52 -42.46 64.20
CA GLY F 735 -58.86 -41.20 63.97
C GLY F 735 -57.41 -41.40 63.58
N ALA F 736 -56.72 -40.27 63.42
CA ALA F 736 -55.32 -40.30 63.05
C ALA F 736 -54.45 -40.72 64.23
N VAL F 737 -53.55 -41.66 63.99
CA VAL F 737 -52.63 -42.11 65.03
C VAL F 737 -51.61 -41.06 65.42
N PHE F 738 -51.52 -39.96 64.67
CA PHE F 738 -50.59 -38.86 64.90
C PHE F 738 -49.15 -39.27 64.64
N TRP F 739 -48.35 -38.34 64.12
CA TRP F 739 -46.96 -38.63 63.80
C TRP F 739 -46.15 -37.36 63.96
N ASN F 740 -44.83 -37.55 64.07
CA ASN F 740 -43.90 -36.44 64.19
C ASN F 740 -42.56 -36.84 63.58
N SER F 741 -41.76 -35.85 63.24
CA SER F 741 -40.46 -36.09 62.64
C SER F 741 -39.58 -36.91 63.58
N ASN F 742 -38.89 -37.90 63.02
CA ASN F 742 -38.07 -38.79 63.83
C ASN F 742 -36.92 -38.03 64.51
N LEU F 743 -36.27 -37.13 63.77
CA LEU F 743 -35.15 -36.36 64.31
C LEU F 743 -34.84 -35.17 63.42
N SER F 766 -46.64 -34.39 60.14
CA SER F 766 -45.25 -33.94 60.14
C SER F 766 -44.31 -35.03 59.65
N ARG F 767 -44.88 -36.16 59.24
CA ARG F 767 -44.10 -37.30 58.77
C ARG F 767 -44.99 -38.15 57.88
N GLY F 768 -44.57 -39.38 57.60
CA GLY F 768 -45.28 -40.27 56.71
C GLY F 768 -44.39 -41.09 55.80
N PRO F 769 -43.28 -40.52 55.31
CA PRO F 769 -42.31 -41.36 54.60
C PRO F 769 -41.57 -42.31 55.54
N VAL F 770 -41.94 -43.59 55.51
CA VAL F 770 -41.38 -44.61 56.38
C VAL F 770 -41.05 -45.84 55.54
N ALA F 771 -39.86 -46.40 55.75
CA ALA F 771 -39.47 -47.60 55.01
C ALA F 771 -40.38 -48.77 55.37
N TYR F 772 -40.69 -49.60 54.38
CA TYR F 772 -41.64 -50.68 54.54
C TYR F 772 -41.47 -51.65 53.37
N ALA F 773 -41.62 -52.94 53.66
CA ALA F 773 -41.38 -53.96 52.64
C ALA F 773 -42.58 -54.89 52.48
N SER F 774 -43.30 -55.15 53.57
CA SER F 774 -44.45 -56.04 53.58
C SER F 774 -44.09 -57.44 53.09
N GLN F 775 -45.11 -58.27 52.85
CA GLN F 775 -44.92 -59.63 52.41
C GLN F 775 -44.59 -59.69 50.93
N LYS F 776 -43.99 -60.83 50.52
CA LYS F 776 -43.64 -61.16 49.15
C LYS F 776 -42.48 -60.30 48.66
N PRO F 777 -41.58 -60.85 47.84
CA PRO F 777 -40.46 -60.07 47.32
C PRO F 777 -40.90 -59.22 46.13
N TRP F 778 -40.61 -57.93 46.19
CA TRP F 778 -40.86 -57.01 45.08
C TRP F 778 -39.52 -56.78 44.38
N LEU F 779 -39.35 -57.41 43.22
CA LEU F 779 -38.09 -57.41 42.50
C LEU F 779 -38.17 -56.50 41.29
N LEU F 780 -37.20 -55.60 41.15
CA LEU F 780 -37.10 -54.78 39.96
C LEU F 780 -36.55 -55.61 38.82
N ASN F 781 -37.25 -55.61 37.68
CA ASN F 781 -36.83 -56.39 36.53
C ASN F 781 -35.63 -55.74 35.85
N ALA F 782 -34.50 -55.71 36.54
CA ALA F 782 -33.27 -55.10 36.04
C ALA F 782 -32.10 -55.87 36.62
N THR F 783 -30.91 -55.27 36.58
CA THR F 783 -29.73 -55.89 37.15
C THR F 783 -29.86 -56.01 38.68
N VAL F 784 -29.22 -57.04 39.23
CA VAL F 784 -29.29 -57.27 40.67
C VAL F 784 -28.62 -56.14 41.43
N GLU F 785 -27.47 -55.65 40.92
CA GLU F 785 -26.75 -54.58 41.61
C GLU F 785 -27.61 -53.32 41.70
N GLU F 786 -28.29 -52.96 40.61
CA GLU F 786 -29.18 -51.80 40.65
C GLU F 786 -30.37 -52.06 41.56
N ASN F 787 -30.82 -53.32 41.64
CA ASN F 787 -31.91 -53.66 42.55
C ASN F 787 -31.50 -53.42 44.01
N ILE F 788 -30.26 -53.78 44.36
CA ILE F 788 -29.80 -53.60 45.73
C ILE F 788 -29.73 -52.11 46.08
N THR F 789 -29.17 -51.30 45.19
CA THR F 789 -29.01 -49.89 45.47
C THR F 789 -30.35 -49.19 45.62
N PHE F 790 -31.23 -49.35 44.64
CA PHE F 790 -32.59 -48.79 44.65
C PHE F 790 -32.54 -47.28 44.88
N GLU F 791 -31.94 -46.59 43.90
CA GLU F 791 -31.84 -45.13 43.92
C GLU F 791 -31.13 -44.62 45.16
N SER F 792 -29.99 -45.22 45.49
CA SER F 792 -29.19 -44.83 46.62
C SER F 792 -27.73 -44.70 46.20
N PRO F 793 -26.95 -43.86 46.90
CA PRO F 793 -25.53 -43.73 46.55
C PRO F 793 -24.79 -45.05 46.69
N PHE F 794 -23.84 -45.27 45.79
CA PHE F 794 -23.08 -46.51 45.74
C PHE F 794 -21.75 -46.31 46.46
N ASN F 795 -21.57 -47.04 47.56
CA ASN F 795 -20.31 -47.07 48.29
C ASN F 795 -19.79 -48.49 48.30
N LYS F 796 -18.53 -48.66 47.89
CA LYS F 796 -17.95 -50.00 47.79
C LYS F 796 -17.91 -50.68 49.15
N GLN F 797 -17.50 -49.95 50.20
CA GLN F 797 -17.48 -50.52 51.54
C GLN F 797 -18.88 -50.86 52.01
N ARG F 798 -19.83 -49.94 51.80
CA ARG F 798 -21.22 -50.19 52.20
C ARG F 798 -21.82 -51.34 51.42
N TYR F 799 -21.56 -51.38 50.10
CA TYR F 799 -22.09 -52.48 49.28
C TYR F 799 -21.48 -53.80 49.72
N LYS F 800 -20.17 -53.83 49.99
CA LYS F 800 -19.52 -55.06 50.42
C LYS F 800 -20.01 -55.48 51.80
N MET F 801 -20.29 -54.50 52.67
CA MET F 801 -20.82 -54.83 53.99
C MET F 801 -22.20 -55.47 53.90
N VAL F 802 -23.05 -54.94 53.02
CA VAL F 802 -24.40 -55.49 52.88
C VAL F 802 -24.35 -56.87 52.23
N ILE F 803 -23.55 -57.01 51.17
CA ILE F 803 -23.48 -58.31 50.49
C ILE F 803 -22.86 -59.35 51.40
N GLU F 804 -22.03 -58.94 52.37
CA GLU F 804 -21.51 -59.87 53.35
C GLU F 804 -22.59 -60.26 54.36
N ALA F 805 -23.40 -59.29 54.79
CA ALA F 805 -24.51 -59.61 55.69
C ALA F 805 -25.59 -60.40 54.97
N CYS F 806 -25.86 -60.06 53.71
CA CYS F 806 -26.86 -60.79 52.93
C CYS F 806 -26.33 -62.10 52.40
N SER F 807 -25.01 -62.31 52.44
CA SER F 807 -24.38 -63.54 51.95
C SER F 807 -24.76 -63.81 50.49
N LEU F 808 -24.79 -62.75 49.69
CA LEU F 808 -25.16 -62.85 48.28
C LEU F 808 -23.97 -63.15 47.38
N GLN F 809 -22.78 -63.36 47.96
CA GLN F 809 -21.61 -63.72 47.16
C GLN F 809 -21.81 -65.00 46.36
N PRO F 810 -22.31 -66.10 46.94
CA PRO F 810 -22.54 -67.30 46.11
C PRO F 810 -23.55 -67.06 44.99
N ASP F 811 -24.58 -66.24 45.24
CA ASP F 811 -25.59 -65.99 44.21
C ASP F 811 -25.00 -65.26 43.02
N ILE F 812 -24.16 -64.25 43.27
CA ILE F 812 -23.55 -63.50 42.18
C ILE F 812 -22.55 -64.36 41.42
N ASP F 813 -21.73 -65.14 42.14
CA ASP F 813 -20.71 -65.96 41.49
C ASP F 813 -21.34 -67.07 40.66
N ILE F 814 -22.44 -67.65 41.14
CA ILE F 814 -23.08 -68.75 40.42
C ILE F 814 -23.62 -68.27 39.07
N LEU F 815 -24.24 -67.09 39.06
CA LEU F 815 -24.76 -66.55 37.81
C LEU F 815 -23.63 -66.21 36.85
N PRO F 816 -23.69 -66.64 35.59
CA PRO F 816 -22.61 -66.29 34.65
C PRO F 816 -22.44 -64.81 34.44
N HIS F 817 -23.52 -64.03 34.49
CA HIS F 817 -23.45 -62.58 34.33
C HIS F 817 -23.31 -61.85 35.66
N GLY F 818 -23.24 -62.59 36.77
CA GLY F 818 -23.05 -61.94 38.06
C GLY F 818 -24.32 -61.22 38.49
N ASP F 819 -24.15 -60.07 39.15
CA ASP F 819 -25.26 -59.26 39.62
C ASP F 819 -25.84 -58.37 38.53
N GLN F 820 -25.46 -58.57 37.28
CA GLN F 820 -26.03 -57.85 36.16
C GLN F 820 -27.18 -58.60 35.50
N THR F 821 -27.56 -59.76 36.02
CA THR F 821 -28.66 -60.52 35.46
C THR F 821 -29.98 -59.79 35.68
N GLN F 822 -30.91 -60.00 34.74
CA GLN F 822 -32.24 -59.40 34.87
C GLN F 822 -33.05 -60.14 35.91
N ILE F 823 -32.85 -59.79 37.18
CA ILE F 823 -33.53 -60.47 38.29
C ILE F 823 -35.01 -60.10 38.26
N GLY F 824 -35.87 -61.10 38.43
CA GLY F 824 -37.29 -60.88 38.41
C GLY F 824 -37.96 -61.37 37.14
N GLU F 825 -39.07 -60.75 36.77
CA GLU F 825 -39.79 -61.16 35.57
C GLU F 825 -39.02 -60.74 34.32
N ARG F 826 -39.33 -61.44 33.22
CA ARG F 826 -38.68 -61.20 31.92
C ARG F 826 -37.16 -61.31 32.03
N GLY F 827 -36.69 -62.31 32.78
CA GLY F 827 -35.27 -62.51 32.96
C GLY F 827 -34.93 -63.86 33.57
N ILE F 828 -33.92 -63.88 34.44
CA ILE F 828 -33.51 -65.12 35.09
C ILE F 828 -34.39 -65.37 36.30
N ASN F 829 -34.93 -66.58 36.41
CA ASN F 829 -35.77 -66.96 37.54
C ASN F 829 -34.91 -67.62 38.60
N LEU F 830 -35.03 -67.14 39.84
CA LEU F 830 -34.23 -67.62 40.96
C LEU F 830 -35.15 -68.22 42.02
N SER F 831 -34.55 -68.64 43.13
CA SER F 831 -35.31 -69.22 44.22
C SER F 831 -36.08 -68.15 44.98
N GLY F 832 -37.16 -68.59 45.63
CA GLY F 832 -37.95 -67.65 46.43
C GLY F 832 -37.18 -67.11 47.62
N GLY F 833 -36.38 -67.97 48.26
CA GLY F 833 -35.55 -67.51 49.37
C GLY F 833 -34.52 -66.49 48.94
N GLN F 834 -33.90 -66.71 47.78
CA GLN F 834 -32.93 -65.75 47.26
C GLN F 834 -33.60 -64.43 46.92
N ARG F 835 -34.85 -64.48 46.45
CA ARG F 835 -35.58 -63.25 46.17
C ARG F 835 -35.82 -62.45 47.43
N GLN F 836 -36.15 -63.13 48.54
CA GLN F 836 -36.35 -62.43 49.80
C GLN F 836 -35.05 -61.79 50.29
N ARG F 837 -33.93 -62.50 50.15
CA ARG F 837 -32.65 -61.98 50.61
C ARG F 837 -32.29 -60.69 49.88
N ILE F 838 -32.52 -60.65 48.56
CA ILE F 838 -32.30 -59.42 47.81
C ILE F 838 -33.27 -58.34 48.27
N SER F 839 -34.54 -58.71 48.49
CA SER F 839 -35.55 -57.72 48.85
C SER F 839 -35.27 -57.11 50.22
N VAL F 840 -34.96 -57.95 51.21
CA VAL F 840 -34.72 -57.44 52.56
C VAL F 840 -33.46 -56.58 52.60
N ALA F 841 -32.43 -56.97 51.82
CA ALA F 841 -31.19 -56.21 51.81
C ALA F 841 -31.36 -54.89 51.08
N ARG F 842 -32.37 -54.78 50.21
CA ARG F 842 -32.62 -53.52 49.53
C ARG F 842 -33.04 -52.44 50.52
N ALA F 843 -33.99 -52.76 51.40
CA ALA F 843 -34.42 -51.79 52.40
C ALA F 843 -33.30 -51.45 53.36
N LEU F 844 -32.52 -52.45 53.79
CA LEU F 844 -31.45 -52.21 54.75
C LEU F 844 -30.37 -51.31 54.17
N TYR F 845 -30.04 -51.48 52.88
CA TYR F 845 -29.00 -50.68 52.26
C TYR F 845 -29.41 -49.21 52.13
N GLN F 846 -30.70 -48.91 52.25
CA GLN F 846 -31.16 -47.53 52.12
C GLN F 846 -30.66 -46.63 53.26
N GLN F 847 -30.29 -47.22 54.39
CA GLN F 847 -29.77 -46.48 55.54
C GLN F 847 -30.76 -45.41 56.00
N THR F 848 -31.93 -45.88 56.44
CA THR F 848 -32.99 -45.03 56.94
C THR F 848 -33.14 -45.18 58.45
N ASN F 849 -33.67 -44.13 59.07
CA ASN F 849 -33.87 -44.12 60.51
C ASN F 849 -34.91 -45.13 60.97
N VAL F 850 -35.79 -45.58 60.08
CA VAL F 850 -36.83 -46.55 60.40
C VAL F 850 -36.81 -47.63 59.33
N VAL F 851 -36.91 -48.89 59.75
CA VAL F 851 -36.91 -50.03 58.84
C VAL F 851 -38.05 -50.97 59.26
N PHE F 852 -38.91 -51.30 58.30
CA PHE F 852 -39.98 -52.27 58.51
C PHE F 852 -39.71 -53.49 57.62
N LEU F 853 -39.76 -54.68 58.23
CA LEU F 853 -39.50 -55.92 57.53
C LEU F 853 -40.58 -56.93 57.87
N ASP F 854 -40.85 -57.84 56.93
CA ASP F 854 -41.86 -58.89 57.10
C ASP F 854 -41.26 -60.21 56.69
N ASP F 855 -41.24 -61.17 57.61
CA ASP F 855 -40.74 -62.52 57.37
C ASP F 855 -39.35 -62.52 56.73
N PRO F 856 -38.34 -61.98 57.42
CA PRO F 856 -36.98 -62.05 56.84
C PRO F 856 -36.42 -63.46 56.82
N PHE F 857 -36.54 -64.19 57.94
CA PHE F 857 -36.02 -65.54 58.02
C PHE F 857 -37.05 -66.60 57.70
N SER F 858 -38.33 -66.23 57.66
CA SER F 858 -39.38 -67.21 57.36
C SER F 858 -39.26 -67.72 55.92
N ALA F 859 -38.93 -66.83 54.98
CA ALA F 859 -38.82 -67.24 53.58
C ALA F 859 -37.68 -68.23 53.39
N LEU F 860 -36.55 -68.00 54.04
CA LEU F 860 -35.41 -68.90 53.95
C LEU F 860 -34.83 -69.06 55.35
N ASP F 861 -34.91 -70.29 55.88
CA ASP F 861 -34.45 -70.58 57.24
C ASP F 861 -33.04 -71.18 57.25
N VAL F 862 -32.19 -70.80 56.30
CA VAL F 862 -30.82 -71.29 56.29
C VAL F 862 -30.05 -70.60 57.40
N HIS F 863 -29.40 -71.40 58.26
CA HIS F 863 -28.70 -70.85 59.42
C HIS F 863 -27.55 -69.94 58.99
N LEU F 864 -26.80 -70.36 57.97
CA LEU F 864 -25.63 -69.57 57.55
C LEU F 864 -26.04 -68.19 57.06
N SER F 865 -27.11 -68.12 56.25
CA SER F 865 -27.54 -66.82 55.71
C SER F 865 -28.20 -65.97 56.78
N ASP F 866 -29.05 -66.58 57.61
CA ASP F 866 -29.81 -65.81 58.59
C ASP F 866 -28.91 -65.26 59.70
N HIS F 867 -27.98 -66.08 60.21
CA HIS F 867 -27.16 -65.67 61.34
C HIS F 867 -26.30 -64.47 60.98
N LEU F 868 -25.67 -64.50 59.80
CA LEU F 868 -24.89 -63.35 59.36
C LEU F 868 -25.77 -62.14 59.13
N MET F 869 -26.95 -62.35 58.53
CA MET F 869 -27.90 -61.26 58.37
C MET F 869 -28.40 -60.75 59.71
N GLN F 870 -28.64 -61.66 60.66
CA GLN F 870 -29.03 -61.25 62.00
C GLN F 870 -27.91 -60.47 62.68
N ALA F 871 -26.67 -60.93 62.54
CA ALA F 871 -25.54 -60.21 63.10
C ALA F 871 -25.37 -58.85 62.43
N GLY F 872 -25.52 -58.81 61.10
CA GLY F 872 -25.41 -57.54 60.40
C GLY F 872 -26.51 -56.57 60.74
N ILE F 873 -27.72 -57.09 60.97
CA ILE F 873 -28.85 -56.21 61.26
C ILE F 873 -28.68 -55.54 62.61
N LEU F 874 -28.32 -56.31 63.64
CA LEU F 874 -28.18 -55.76 64.98
C LEU F 874 -27.04 -54.76 65.05
N GLU F 875 -25.89 -55.10 64.45
CA GLU F 875 -24.74 -54.20 64.49
C GLU F 875 -25.02 -52.91 63.73
N LEU F 876 -25.64 -53.01 62.55
CA LEU F 876 -25.93 -51.83 61.75
C LEU F 876 -26.93 -50.92 62.46
N LEU F 877 -27.97 -51.51 63.07
CA LEU F 877 -28.94 -50.71 63.81
C LEU F 877 -28.30 -50.07 65.03
N ARG F 878 -27.44 -50.80 65.74
CA ARG F 878 -26.79 -50.26 66.92
C ARG F 878 -25.90 -49.07 66.56
N ASP F 879 -25.13 -49.19 65.48
CA ASP F 879 -24.26 -48.08 65.07
C ASP F 879 -25.07 -46.87 64.64
N ASP F 880 -26.15 -47.08 63.89
CA ASP F 880 -26.97 -45.99 63.39
C ASP F 880 -27.98 -45.49 64.41
N LYS F 881 -28.23 -46.26 65.49
CA LYS F 881 -29.20 -45.90 66.51
C LYS F 881 -30.58 -45.63 65.89
N ARG F 882 -30.94 -46.47 64.92
CA ARG F 882 -32.19 -46.30 64.18
C ARG F 882 -33.27 -47.23 64.74
N THR F 883 -34.47 -47.10 64.19
CA THR F 883 -35.61 -47.90 64.60
C THR F 883 -35.78 -49.06 63.63
N VAL F 884 -36.07 -50.25 64.16
CA VAL F 884 -36.24 -51.46 63.36
C VAL F 884 -37.45 -52.22 63.89
N VAL F 885 -38.35 -52.58 62.97
CA VAL F 885 -39.52 -53.40 63.29
C VAL F 885 -39.53 -54.57 62.32
N LEU F 886 -39.59 -55.79 62.84
CA LEU F 886 -39.55 -57.00 62.02
C LEU F 886 -40.70 -57.91 62.39
N VAL F 887 -41.41 -58.41 61.38
CA VAL F 887 -42.51 -59.35 61.57
C VAL F 887 -42.02 -60.70 61.06
N THR F 888 -41.89 -61.67 61.97
CA THR F 888 -41.38 -62.98 61.59
C THR F 888 -41.83 -64.01 62.61
N HIS F 889 -41.74 -65.28 62.21
CA HIS F 889 -42.03 -66.41 63.08
C HIS F 889 -40.76 -67.14 63.50
N LYS F 890 -39.60 -66.51 63.33
CA LYS F 890 -38.32 -67.13 63.69
C LYS F 890 -38.10 -67.04 65.19
N LEU F 891 -37.89 -68.19 65.83
CA LEU F 891 -37.65 -68.25 67.26
C LEU F 891 -36.17 -68.17 67.63
N GLN F 892 -35.29 -68.04 66.64
CA GLN F 892 -33.87 -67.93 66.93
C GLN F 892 -33.56 -66.67 67.72
N TYR F 893 -34.19 -65.55 67.37
CA TYR F 893 -34.00 -64.29 68.07
C TYR F 893 -35.34 -63.71 68.53
N LEU F 894 -36.33 -64.58 68.76
CA LEU F 894 -37.60 -64.11 69.30
C LEU F 894 -37.44 -63.43 70.66
N PRO F 895 -36.72 -63.98 71.64
CA PRO F 895 -36.48 -63.21 72.87
C PRO F 895 -35.22 -62.38 72.78
N HIS F 896 -35.37 -61.09 73.07
CA HIS F 896 -34.25 -60.16 72.99
C HIS F 896 -34.42 -59.08 74.05
N ALA F 897 -33.31 -58.45 74.41
CA ALA F 897 -33.35 -57.36 75.37
C ALA F 897 -34.09 -56.16 74.81
N ASP F 898 -34.20 -56.05 73.49
CA ASP F 898 -34.93 -54.96 72.87
C ASP F 898 -36.44 -55.17 73.03
N TRP F 899 -37.20 -54.14 72.67
CA TRP F 899 -38.64 -54.20 72.79
C TRP F 899 -39.22 -55.26 71.85
N ILE F 900 -40.29 -55.91 72.30
CA ILE F 900 -41.02 -56.90 71.51
C ILE F 900 -42.51 -56.63 71.64
N ILE F 901 -43.23 -56.76 70.52
CA ILE F 901 -44.67 -56.53 70.49
C ILE F 901 -45.34 -57.79 69.95
N ALA F 902 -46.38 -58.24 70.64
CA ALA F 902 -47.13 -59.42 70.25
C ALA F 902 -48.46 -58.99 69.63
N MET F 903 -48.75 -59.55 68.46
CA MET F 903 -49.98 -59.23 67.73
C MET F 903 -50.84 -60.49 67.62
N LYS F 904 -52.10 -60.38 68.03
CA LYS F 904 -53.02 -61.49 67.95
C LYS F 904 -54.45 -60.95 67.90
N ASP F 905 -55.28 -61.57 67.06
CA ASP F 905 -56.68 -61.20 66.92
C ASP F 905 -56.84 -59.72 66.56
N GLY F 906 -55.95 -59.23 65.70
CA GLY F 906 -56.03 -57.85 65.26
C GLY F 906 -55.81 -56.82 66.35
N THR F 907 -54.98 -57.13 67.34
CA THR F 907 -54.66 -56.18 68.40
C THR F 907 -53.33 -56.59 69.02
N ILE F 908 -52.70 -55.63 69.69
CA ILE F 908 -51.39 -55.82 70.30
C ILE F 908 -51.54 -55.69 71.80
N GLN F 909 -51.10 -56.72 72.53
CA GLN F 909 -51.19 -56.70 73.99
C GLN F 909 -50.28 -55.64 74.58
N ARG F 910 -49.01 -55.63 74.18
CA ARG F 910 -48.05 -54.65 74.68
C ARG F 910 -46.83 -54.66 73.77
N GLU F 911 -46.06 -53.57 73.82
CA GLU F 911 -44.81 -53.42 73.10
C GLU F 911 -43.77 -52.91 74.09
N GLY F 912 -43.12 -53.82 74.79
CA GLY F 912 -42.17 -53.47 75.83
C GLY F 912 -41.07 -54.50 75.96
N THR F 913 -40.49 -54.57 77.16
CA THR F 913 -39.34 -55.43 77.39
C THR F 913 -39.74 -56.90 77.36
N LEU F 914 -38.71 -57.76 77.22
CA LEU F 914 -38.93 -59.21 77.19
C LEU F 914 -39.41 -59.76 78.52
N LYS F 915 -39.33 -58.98 79.60
CA LYS F 915 -39.85 -59.43 80.88
C LYS F 915 -41.36 -59.58 80.86
N ASP F 916 -42.05 -58.95 79.89
CA ASP F 916 -43.49 -59.14 79.78
C ASP F 916 -43.85 -60.57 79.42
N PHE F 917 -42.95 -61.28 78.71
CA PHE F 917 -43.18 -62.68 78.42
C PHE F 917 -43.26 -63.51 79.70
N GLN F 918 -42.34 -63.25 80.63
CA GLN F 918 -42.45 -63.85 81.95
C GLN F 918 -43.68 -63.35 82.69
N ARG F 919 -43.98 -62.06 82.54
CA ARG F 919 -45.19 -61.50 83.16
C ARG F 919 -46.44 -62.11 82.56
N SER F 920 -46.43 -62.39 81.26
CA SER F 920 -47.58 -63.03 80.62
C SER F 920 -47.77 -64.43 81.16
N GLU F 921 -49.03 -64.89 81.15
CA GLU F 921 -49.35 -66.20 81.68
C GLU F 921 -48.65 -67.30 80.90
N CYS F 922 -48.61 -67.19 79.58
CA CYS F 922 -47.96 -68.17 78.72
C CYS F 922 -46.62 -67.63 78.26
N GLN F 923 -45.56 -68.39 78.50
CA GLN F 923 -44.20 -67.99 78.10
C GLN F 923 -43.88 -68.56 76.71
N LEU F 924 -44.71 -68.17 75.74
CA LEU F 924 -44.59 -68.62 74.35
C LEU F 924 -44.62 -70.15 74.28
N PHE F 925 -45.49 -70.76 75.08
CA PHE F 925 -45.61 -72.22 75.16
C PHE F 925 -44.26 -72.87 75.48
N GLU F 926 -43.53 -72.25 76.40
CA GLU F 926 -42.19 -72.70 76.79
C GLU F 926 -41.25 -72.79 75.58
N HIS F 927 -41.30 -71.76 74.74
CA HIS F 927 -40.48 -71.67 73.53
C HIS F 927 -40.68 -72.88 72.62
N PRO F 997 -30.88 -57.49 2.71
CA PRO F 997 -32.34 -57.62 2.81
C PRO F 997 -32.96 -58.21 1.55
N TRP F 998 -33.92 -59.13 1.73
CA TRP F 998 -34.70 -59.72 0.65
C TRP F 998 -33.85 -60.66 -0.21
N ARG F 999 -32.53 -60.65 -0.01
CA ARG F 999 -31.67 -61.58 -0.74
C ARG F 999 -31.95 -63.02 -0.35
N ALA F 1000 -32.14 -63.27 0.95
CA ALA F 1000 -32.52 -64.59 1.44
C ALA F 1000 -33.97 -64.92 1.14
N CYS F 1001 -34.77 -63.96 0.70
CA CYS F 1001 -36.17 -64.20 0.34
C CYS F 1001 -36.32 -64.96 -0.95
N THR F 1002 -35.23 -65.19 -1.69
CA THR F 1002 -35.28 -66.05 -2.87
C THR F 1002 -35.73 -67.45 -2.51
N LYS F 1003 -35.51 -67.87 -1.28
CA LYS F 1003 -36.05 -69.11 -0.75
C LYS F 1003 -37.52 -68.93 -0.40
N TYR F 1004 -38.07 -69.82 0.43
CA TYR F 1004 -39.45 -69.80 0.91
C TYR F 1004 -40.43 -70.22 -0.17
N LEU F 1005 -39.98 -70.36 -1.43
CA LEU F 1005 -40.84 -70.87 -2.47
C LEU F 1005 -41.11 -72.37 -2.32
N SER F 1006 -40.31 -73.07 -1.53
CA SER F 1006 -40.53 -74.49 -1.30
C SER F 1006 -41.86 -74.73 -0.58
N SER F 1007 -42.19 -73.88 0.39
CA SER F 1007 -43.48 -73.98 1.06
C SER F 1007 -44.62 -73.76 0.08
N ALA F 1008 -44.47 -72.79 -0.82
CA ALA F 1008 -45.46 -72.56 -1.87
C ALA F 1008 -45.34 -73.53 -3.02
N GLY F 1009 -44.27 -74.34 -3.06
CA GLY F 1009 -44.12 -75.30 -4.13
C GLY F 1009 -43.88 -74.62 -5.46
N ILE F 1010 -44.34 -75.25 -6.54
CA ILE F 1010 -44.22 -74.73 -7.89
C ILE F 1010 -45.58 -74.50 -8.52
N LEU F 1011 -46.45 -75.51 -8.48
CA LEU F 1011 -47.79 -75.36 -9.07
C LEU F 1011 -48.59 -74.29 -8.35
N LEU F 1012 -48.53 -74.27 -7.03
CA LEU F 1012 -49.31 -73.30 -6.26
C LEU F 1012 -48.79 -71.88 -6.44
N LEU F 1013 -47.46 -71.72 -6.43
CA LEU F 1013 -46.89 -70.38 -6.57
C LEU F 1013 -47.08 -69.83 -7.98
N SER F 1014 -46.93 -70.69 -8.99
CA SER F 1014 -47.11 -70.23 -10.37
C SER F 1014 -48.56 -69.83 -10.64
N LEU F 1015 -49.51 -70.53 -10.01
CA LEU F 1015 -50.91 -70.18 -10.18
C LEU F 1015 -51.21 -68.77 -9.67
N LEU F 1016 -50.62 -68.41 -8.53
CA LEU F 1016 -50.81 -67.06 -8.01
C LEU F 1016 -50.23 -66.02 -8.95
N VAL F 1017 -49.05 -66.28 -9.50
CA VAL F 1017 -48.43 -65.34 -10.44
C VAL F 1017 -49.29 -65.19 -11.69
N PHE F 1018 -49.77 -66.31 -12.23
CA PHE F 1018 -50.63 -66.24 -13.41
C PHE F 1018 -51.94 -65.54 -13.10
N SER F 1019 -52.55 -65.83 -11.95
CA SER F 1019 -53.83 -65.21 -11.62
C SER F 1019 -53.66 -63.72 -11.33
N GLN F 1020 -52.65 -63.36 -10.53
CA GLN F 1020 -52.47 -61.97 -10.16
C GLN F 1020 -52.12 -61.11 -11.37
N LEU F 1021 -51.27 -61.62 -12.26
CA LEU F 1021 -50.92 -60.87 -13.47
C LEU F 1021 -52.11 -60.75 -14.39
N LEU F 1022 -52.98 -61.76 -14.42
CA LEU F 1022 -54.14 -61.73 -15.30
C LEU F 1022 -55.10 -60.61 -14.91
N LYS F 1023 -55.34 -60.43 -13.61
CA LYS F 1023 -56.35 -59.45 -13.18
C LYS F 1023 -55.98 -58.04 -13.59
N HIS F 1024 -54.70 -57.68 -13.41
CA HIS F 1024 -54.27 -56.33 -13.77
C HIS F 1024 -54.32 -56.12 -15.28
N MET F 1025 -53.95 -57.14 -16.07
CA MET F 1025 -53.99 -57.00 -17.51
C MET F 1025 -55.41 -56.81 -18.01
N VAL F 1026 -56.37 -57.55 -17.45
CA VAL F 1026 -57.77 -57.41 -17.86
C VAL F 1026 -58.27 -56.02 -17.51
N LEU F 1027 -57.95 -55.53 -16.31
CA LEU F 1027 -58.41 -54.21 -15.90
C LEU F 1027 -57.84 -53.12 -16.80
N VAL F 1028 -56.60 -53.30 -17.27
CA VAL F 1028 -56.05 -52.39 -18.27
C VAL F 1028 -56.88 -52.44 -19.54
N ALA F 1029 -57.23 -53.64 -19.99
CA ALA F 1029 -58.06 -53.78 -21.20
C ALA F 1029 -59.45 -53.24 -20.97
N ILE F 1030 -60.02 -53.45 -19.78
CA ILE F 1030 -61.39 -53.01 -19.51
C ILE F 1030 -61.49 -51.49 -19.65
N ASP F 1031 -60.55 -50.77 -19.05
CA ASP F 1031 -60.56 -49.31 -19.17
C ASP F 1031 -60.22 -48.88 -20.59
N TYR F 1032 -59.34 -49.64 -21.26
CA TYR F 1032 -58.98 -49.31 -22.64
C TYR F 1032 -60.19 -49.41 -23.56
N TRP F 1033 -60.97 -50.47 -23.43
CA TRP F 1033 -62.18 -50.60 -24.25
C TRP F 1033 -63.21 -49.54 -23.91
N LEU F 1034 -63.28 -49.13 -22.64
CA LEU F 1034 -64.19 -48.06 -22.26
C LEU F 1034 -63.84 -46.77 -22.99
N ALA F 1035 -62.55 -46.45 -23.08
CA ALA F 1035 -62.12 -45.27 -23.83
C ALA F 1035 -62.46 -45.41 -25.31
N LYS F 1036 -62.20 -46.59 -25.89
CA LYS F 1036 -62.51 -46.81 -27.30
C LYS F 1036 -64.01 -46.78 -27.55
N TRP F 1037 -64.79 -47.38 -26.65
CA TRP F 1037 -66.25 -47.37 -26.80
C TRP F 1037 -66.80 -45.95 -26.73
N THR F 1038 -66.32 -45.17 -25.75
CA THR F 1038 -66.75 -43.77 -25.65
C THR F 1038 -66.29 -42.98 -26.86
N ASP F 1039 -65.07 -43.24 -27.35
CA ASP F 1039 -64.61 -42.62 -28.57
C ASP F 1039 -65.49 -43.03 -29.76
N SER F 1040 -65.86 -44.31 -29.81
CA SER F 1040 -66.76 -44.77 -30.87
C SER F 1040 -68.19 -44.34 -30.64
N ALA F 1041 -68.55 -43.98 -29.40
CA ALA F 1041 -69.90 -43.51 -29.13
C ALA F 1041 -70.20 -42.21 -29.86
N LEU F 1042 -69.28 -41.26 -29.83
CA LEU F 1042 -69.46 -39.97 -30.48
C LEU F 1042 -69.25 -40.03 -31.98
N VAL F 1043 -68.74 -41.14 -32.50
CA VAL F 1043 -68.48 -41.35 -33.93
C VAL F 1043 -67.81 -40.15 -34.58
N ASP F 1060 -66.91 -54.22 -36.60
CA ASP F 1060 -67.41 -53.07 -35.84
C ASP F 1060 -68.48 -53.50 -34.83
N GLN F 1061 -68.05 -53.75 -33.59
CA GLN F 1061 -68.95 -54.14 -32.51
C GLN F 1061 -69.50 -52.92 -31.78
N SER F 1062 -70.09 -51.98 -32.52
CA SER F 1062 -70.61 -50.76 -31.92
C SER F 1062 -72.00 -50.92 -31.33
N VAL F 1063 -72.60 -52.10 -31.45
CA VAL F 1063 -73.95 -52.33 -30.94
C VAL F 1063 -73.90 -52.61 -29.45
N TYR F 1064 -74.33 -51.63 -28.64
CA TYR F 1064 -74.62 -51.73 -27.21
C TYR F 1064 -73.43 -52.23 -26.38
N ALA F 1065 -72.30 -52.49 -27.02
CA ALA F 1065 -71.01 -52.76 -26.37
C ALA F 1065 -71.14 -53.67 -25.14
N MET F 1066 -71.96 -54.71 -25.26
CA MET F 1066 -72.07 -55.67 -24.17
C MET F 1066 -70.93 -56.67 -24.14
N VAL F 1067 -70.15 -56.77 -25.23
CA VAL F 1067 -68.97 -57.62 -25.22
C VAL F 1067 -67.95 -57.10 -24.23
N PHE F 1068 -67.75 -55.78 -24.21
CA PHE F 1068 -66.83 -55.18 -23.24
C PHE F 1068 -67.34 -55.38 -21.82
N THR F 1069 -68.65 -55.26 -21.62
CA THR F 1069 -69.24 -55.57 -20.33
C THR F 1069 -69.06 -57.04 -19.98
N LEU F 1070 -69.21 -57.92 -20.97
CA LEU F 1070 -68.97 -59.34 -20.74
C LEU F 1070 -67.52 -59.60 -20.35
N LEU F 1071 -66.58 -58.91 -21.00
CA LEU F 1071 -65.19 -58.99 -20.58
C LEU F 1071 -65.01 -58.39 -19.19
N CYS F 1072 -65.83 -57.40 -18.84
CA CYS F 1072 -65.78 -56.84 -17.50
C CYS F 1072 -66.45 -57.76 -16.49
N SER F 1073 -67.43 -58.56 -16.92
CA SER F 1073 -68.11 -59.47 -16.02
C SER F 1073 -67.21 -60.63 -15.61
N LEU F 1074 -66.34 -61.08 -16.52
CA LEU F 1074 -65.44 -62.19 -16.18
C LEU F 1074 -64.30 -61.72 -15.28
N GLY F 1075 -63.91 -60.45 -15.38
CA GLY F 1075 -62.79 -59.96 -14.59
C GLY F 1075 -63.06 -60.02 -13.10
N ILE F 1076 -64.24 -59.57 -12.68
CA ILE F 1076 -64.59 -59.61 -11.27
C ILE F 1076 -64.66 -61.05 -10.77
N VAL F 1077 -65.24 -61.94 -11.58
CA VAL F 1077 -65.24 -63.36 -11.25
C VAL F 1077 -63.81 -63.89 -11.19
N LEU F 1078 -62.98 -63.49 -12.15
CA LEU F 1078 -61.57 -63.85 -12.10
C LEU F 1078 -60.87 -63.19 -10.92
N CYS F 1079 -61.27 -61.97 -10.58
CA CYS F 1079 -60.75 -61.33 -9.37
C CYS F 1079 -61.27 -62.02 -8.12
N LEU F 1080 -62.50 -62.51 -8.16
CA LEU F 1080 -63.08 -63.22 -7.01
C LEU F 1080 -62.29 -64.48 -6.71
N VAL F 1081 -62.01 -65.29 -7.73
CA VAL F 1081 -61.28 -66.54 -7.51
C VAL F 1081 -59.83 -66.24 -7.16
N THR F 1082 -59.28 -65.13 -7.64
CA THR F 1082 -57.92 -64.74 -7.28
C THR F 1082 -57.83 -64.38 -5.80
N SER F 1083 -58.91 -63.80 -5.26
CA SER F 1083 -58.90 -63.40 -3.85
C SER F 1083 -58.73 -64.59 -2.93
N VAL F 1084 -59.33 -65.74 -3.27
CA VAL F 1084 -59.18 -66.94 -2.45
C VAL F 1084 -58.04 -67.83 -2.92
N THR F 1085 -57.63 -67.73 -4.18
CA THR F 1085 -56.51 -68.53 -4.66
C THR F 1085 -55.22 -68.17 -3.92
N VAL F 1086 -54.97 -66.88 -3.74
CA VAL F 1086 -53.80 -66.43 -2.98
C VAL F 1086 -54.01 -66.55 -1.48
N GLU F 1087 -55.26 -66.66 -1.02
CA GLU F 1087 -55.55 -66.78 0.40
C GLU F 1087 -55.52 -68.24 0.86
N TRP F 1088 -56.08 -69.15 0.07
CA TRP F 1088 -56.06 -70.56 0.44
C TRP F 1088 -54.64 -71.12 0.45
N THR F 1089 -53.82 -70.72 -0.54
CA THR F 1089 -52.44 -71.17 -0.58
C THR F 1089 -51.65 -70.63 0.59
N GLY F 1090 -51.95 -69.41 1.03
CA GLY F 1090 -51.26 -68.85 2.18
C GLY F 1090 -51.50 -69.64 3.46
N LEU F 1091 -52.67 -70.29 3.57
CA LEU F 1091 -52.94 -71.11 4.74
C LEU F 1091 -52.10 -72.40 4.71
N LYS F 1092 -52.00 -73.04 3.55
CA LYS F 1092 -51.26 -74.29 3.45
C LYS F 1092 -49.78 -74.08 3.71
N VAL F 1093 -49.21 -73.00 3.17
CA VAL F 1093 -47.78 -72.74 3.41
C VAL F 1093 -47.53 -72.45 4.87
N ALA F 1094 -48.53 -71.93 5.60
CA ALA F 1094 -48.40 -71.80 7.04
C ALA F 1094 -48.40 -73.15 7.71
N LYS F 1095 -49.21 -74.08 7.20
CA LYS F 1095 -49.21 -75.45 7.73
C LYS F 1095 -47.87 -76.13 7.49
N ARG F 1096 -47.31 -75.97 6.28
CA ARG F 1096 -46.02 -76.56 5.98
C ARG F 1096 -44.91 -75.94 6.81
N LEU F 1097 -44.95 -74.61 7.01
CA LEU F 1097 -43.99 -73.98 7.91
C LEU F 1097 -44.18 -74.47 9.34
N HIS F 1098 -45.43 -74.63 9.76
CA HIS F 1098 -45.69 -75.22 11.08
C HIS F 1098 -45.19 -76.65 11.16
N ARG F 1099 -45.40 -77.43 10.10
CA ARG F 1099 -44.94 -78.81 10.09
C ARG F 1099 -43.41 -78.87 10.06
N SER F 1100 -42.78 -78.04 9.23
CA SER F 1100 -41.33 -78.08 9.09
C SER F 1100 -40.64 -77.68 10.39
N LEU F 1101 -41.16 -76.65 11.07
CA LEU F 1101 -40.55 -76.22 12.33
C LEU F 1101 -40.73 -77.27 13.42
N LEU F 1102 -41.88 -77.95 13.43
CA LEU F 1102 -42.13 -78.96 14.44
C LEU F 1102 -41.15 -80.12 14.33
N ASN F 1103 -40.86 -80.56 13.10
CA ASN F 1103 -39.89 -81.64 12.92
C ASN F 1103 -38.51 -81.23 13.39
N ARG F 1104 -38.08 -80.01 13.06
CA ARG F 1104 -36.79 -79.53 13.52
C ARG F 1104 -36.76 -79.34 15.03
N ILE F 1105 -37.88 -78.89 15.62
CA ILE F 1105 -37.94 -78.68 17.06
C ILE F 1105 -37.77 -80.00 17.80
N ILE F 1106 -38.43 -81.06 17.32
CA ILE F 1106 -38.32 -82.36 17.97
C ILE F 1106 -36.89 -82.89 17.85
N LEU F 1107 -36.28 -82.74 16.68
CA LEU F 1107 -34.92 -83.21 16.44
C LEU F 1107 -33.86 -82.20 16.83
N ALA F 1108 -34.23 -81.13 17.52
CA ALA F 1108 -33.25 -80.14 17.95
C ALA F 1108 -32.34 -80.72 19.01
N PRO F 1109 -31.03 -80.57 18.89
CA PRO F 1109 -30.12 -81.13 19.91
C PRO F 1109 -30.34 -80.49 21.26
N MET F 1110 -30.20 -81.30 22.32
CA MET F 1110 -30.32 -80.77 23.68
C MET F 1110 -29.12 -79.91 24.05
N ARG F 1111 -27.92 -80.32 23.62
CA ARG F 1111 -26.73 -79.52 23.91
C ARG F 1111 -26.80 -78.16 23.25
N PHE F 1112 -27.27 -78.11 21.99
CA PHE F 1112 -27.48 -76.83 21.34
C PHE F 1112 -28.56 -76.02 22.04
N PHE F 1113 -29.62 -76.71 22.49
CA PHE F 1113 -30.67 -76.02 23.24
C PHE F 1113 -30.15 -75.45 24.55
N GLU F 1114 -29.29 -76.21 25.24
CA GLU F 1114 -28.71 -75.71 26.49
C GLU F 1114 -27.81 -74.51 26.23
N THR F 1115 -26.99 -74.56 25.17
CA THR F 1115 -26.10 -73.45 24.86
C THR F 1115 -26.89 -72.20 24.48
N THR F 1116 -27.95 -72.36 23.69
CA THR F 1116 -28.77 -71.23 23.27
C THR F 1116 -29.65 -70.76 24.42
N PRO F 1117 -30.15 -69.52 24.34
CA PRO F 1117 -31.05 -69.04 25.40
C PRO F 1117 -32.35 -69.81 25.50
N LEU F 1118 -32.74 -70.50 24.43
CA LEU F 1118 -33.97 -71.31 24.36
C LEU F 1118 -35.23 -70.48 24.53
N GLY F 1119 -35.12 -69.16 24.53
CA GLY F 1119 -36.29 -68.31 24.61
C GLY F 1119 -36.64 -67.70 23.27
N SER F 1120 -35.62 -67.54 22.42
CA SER F 1120 -35.87 -67.05 21.07
C SER F 1120 -36.64 -68.07 20.24
N ILE F 1121 -36.39 -69.36 20.50
CA ILE F 1121 -37.11 -70.41 19.78
C ILE F 1121 -38.60 -70.35 20.11
N LEU F 1122 -38.93 -70.18 21.39
CA LEU F 1122 -40.33 -70.07 21.77
C LEU F 1122 -40.98 -68.84 21.16
N ASN F 1123 -40.27 -67.71 21.14
CA ASN F 1123 -40.79 -66.52 20.50
C ASN F 1123 -40.94 -66.72 19.00
N ARG F 1124 -39.96 -67.35 18.36
CA ARG F 1124 -40.04 -67.61 16.93
C ARG F 1124 -41.12 -68.64 16.63
N PHE F 1125 -41.39 -69.55 17.56
CA PHE F 1125 -42.41 -70.57 17.34
C PHE F 1125 -43.82 -69.98 17.45
N SER F 1126 -44.02 -69.06 18.40
CA SER F 1126 -45.34 -68.49 18.65
C SER F 1126 -45.56 -67.17 17.93
N SER F 1127 -44.72 -66.17 18.21
CA SER F 1127 -44.96 -64.84 17.67
C SER F 1127 -44.73 -64.78 16.17
N ASP F 1128 -43.61 -65.33 15.70
CA ASP F 1128 -43.28 -65.23 14.27
C ASP F 1128 -44.28 -66.01 13.43
N CYS F 1129 -44.68 -67.20 13.88
CA CYS F 1129 -45.64 -68.00 13.12
C CYS F 1129 -47.00 -67.33 13.07
N ASN F 1130 -47.40 -66.67 14.18
CA ASN F 1130 -48.67 -65.98 14.19
C ASN F 1130 -48.71 -64.86 13.16
N THR F 1131 -47.61 -64.12 13.02
CA THR F 1131 -47.53 -63.09 11.99
C THR F 1131 -47.58 -63.70 10.61
N ILE F 1132 -46.92 -64.84 10.43
CA ILE F 1132 -46.89 -65.49 9.11
C ILE F 1132 -48.28 -65.98 8.71
N ASP F 1133 -49.07 -66.44 9.69
CA ASP F 1133 -50.35 -67.04 9.38
C ASP F 1133 -51.38 -65.99 8.99
N GLN F 1134 -51.56 -64.97 9.83
CA GLN F 1134 -52.69 -64.06 9.68
C GLN F 1134 -52.37 -62.78 8.92
N HIS F 1135 -51.08 -62.45 8.73
CA HIS F 1135 -50.71 -61.15 8.18
C HIS F 1135 -49.96 -61.25 6.87
N ILE F 1136 -48.93 -62.11 6.79
CA ILE F 1136 -48.02 -62.08 5.65
C ILE F 1136 -48.71 -62.34 4.32
N PRO F 1137 -49.57 -63.37 4.17
CA PRO F 1137 -50.26 -63.53 2.88
C PRO F 1137 -51.08 -62.32 2.48
N SER F 1138 -51.72 -61.66 3.44
CA SER F 1138 -52.48 -60.45 3.13
C SER F 1138 -51.57 -59.33 2.66
N THR F 1139 -50.46 -59.12 3.38
CA THR F 1139 -49.53 -58.06 3.00
C THR F 1139 -48.88 -58.34 1.66
N LEU F 1140 -48.51 -59.60 1.41
CA LEU F 1140 -47.91 -59.96 0.13
C LEU F 1140 -48.90 -59.78 -1.01
N GLU F 1141 -50.17 -60.13 -0.78
CA GLU F 1141 -51.21 -59.94 -1.80
C GLU F 1141 -51.39 -58.45 -2.09
N CYS F 1142 -51.45 -57.62 -1.04
CA CYS F 1142 -51.59 -56.18 -1.25
C CYS F 1142 -50.36 -55.60 -1.93
N LEU F 1143 -49.18 -56.10 -1.59
CA LEU F 1143 -47.97 -55.62 -2.24
C LEU F 1143 -47.97 -55.97 -3.72
N SER F 1144 -48.41 -57.19 -4.06
CA SER F 1144 -48.39 -57.64 -5.44
C SER F 1144 -49.30 -56.79 -6.32
N ARG F 1145 -50.51 -56.49 -5.82
CA ARG F 1145 -51.44 -55.69 -6.62
C ARG F 1145 -51.01 -54.24 -6.69
N SER F 1146 -50.22 -53.78 -5.72
CA SER F 1146 -49.74 -52.40 -5.76
C SER F 1146 -48.50 -52.26 -6.64
N THR F 1147 -47.58 -53.22 -6.56
CA THR F 1147 -46.39 -53.16 -7.40
C THR F 1147 -46.67 -53.54 -8.85
N LEU F 1148 -47.85 -54.08 -9.14
CA LEU F 1148 -48.24 -54.39 -10.51
C LEU F 1148 -49.12 -53.30 -11.11
N LEU F 1149 -50.01 -52.72 -10.29
CA LEU F 1149 -50.88 -51.66 -10.79
C LEU F 1149 -50.08 -50.44 -11.24
N CYS F 1150 -49.04 -50.08 -10.47
CA CYS F 1150 -48.20 -48.95 -10.87
C CYS F 1150 -47.50 -49.22 -12.20
N VAL F 1151 -47.00 -50.45 -12.38
CA VAL F 1151 -46.41 -50.82 -13.66
C VAL F 1151 -47.46 -50.75 -14.77
N SER F 1152 -48.67 -51.26 -14.50
CA SER F 1152 -49.76 -51.11 -15.46
C SER F 1152 -50.11 -49.64 -15.67
N ALA F 1153 -50.11 -48.86 -14.58
CA ALA F 1153 -50.34 -47.43 -14.71
C ALA F 1153 -49.18 -46.74 -15.43
N LEU F 1154 -48.00 -47.36 -15.41
CA LEU F 1154 -46.85 -46.84 -16.15
C LEU F 1154 -46.78 -47.36 -17.57
N THR F 1155 -47.79 -48.11 -18.02
CA THR F 1155 -47.89 -48.54 -19.41
C THR F 1155 -49.06 -47.93 -20.14
N VAL F 1156 -50.17 -47.64 -19.44
CA VAL F 1156 -51.28 -46.94 -20.08
C VAL F 1156 -50.85 -45.54 -20.51
N ILE F 1157 -49.99 -44.89 -19.72
CA ILE F 1157 -49.45 -43.59 -20.12
C ILE F 1157 -48.59 -43.75 -21.36
N SER F 1158 -47.87 -44.87 -21.48
CA SER F 1158 -47.09 -45.12 -22.69
C SER F 1158 -48.00 -45.36 -23.89
N TYR F 1159 -49.10 -46.08 -23.69
CA TYR F 1159 -50.02 -46.34 -24.79
C TYR F 1159 -50.71 -45.07 -25.26
N VAL F 1160 -51.16 -44.23 -24.32
CA VAL F 1160 -51.82 -42.99 -24.71
C VAL F 1160 -50.82 -42.03 -25.34
N THR F 1161 -49.57 -42.03 -24.89
CA THR F 1161 -48.52 -41.21 -25.48
C THR F 1161 -47.17 -41.88 -25.26
N PRO F 1162 -46.55 -42.40 -26.31
CA PRO F 1162 -45.19 -42.94 -26.19
C PRO F 1162 -44.13 -41.89 -25.97
N VAL F 1163 -44.49 -40.62 -25.83
CA VAL F 1163 -43.50 -39.57 -25.61
C VAL F 1163 -43.30 -39.29 -24.13
N PHE F 1164 -44.29 -39.59 -23.29
CA PHE F 1164 -44.18 -39.32 -21.87
C PHE F 1164 -43.11 -40.17 -21.21
N LEU F 1165 -42.91 -41.39 -21.71
CA LEU F 1165 -41.98 -42.31 -21.06
C LEU F 1165 -40.54 -41.84 -21.13
N VAL F 1166 -40.24 -40.85 -21.96
CA VAL F 1166 -38.87 -40.34 -22.06
C VAL F 1166 -38.41 -39.77 -20.72
N ALA F 1167 -39.26 -38.96 -20.09
CA ALA F 1167 -38.95 -38.38 -18.80
C ALA F 1167 -39.50 -39.19 -17.63
N LEU F 1168 -40.29 -40.23 -17.89
CA LEU F 1168 -40.81 -41.06 -16.81
C LEU F 1168 -39.68 -41.79 -16.10
N LEU F 1169 -38.72 -42.31 -16.85
CA LEU F 1169 -37.63 -43.08 -16.24
C LEU F 1169 -36.80 -42.26 -15.26
N PRO F 1170 -36.34 -41.05 -15.59
CA PRO F 1170 -35.60 -40.28 -14.57
C PRO F 1170 -36.41 -40.00 -13.32
N LEU F 1171 -37.72 -39.79 -13.44
CA LEU F 1171 -38.55 -39.58 -12.26
C LEU F 1171 -38.58 -40.82 -11.39
N ALA F 1172 -38.69 -42.01 -12.00
CA ALA F 1172 -38.67 -43.25 -11.22
C ALA F 1172 -37.34 -43.45 -10.52
N VAL F 1173 -36.25 -42.99 -11.14
CA VAL F 1173 -34.94 -43.06 -10.51
C VAL F 1173 -34.93 -42.24 -9.22
N VAL F 1174 -35.48 -41.03 -9.29
CA VAL F 1174 -35.58 -40.18 -8.10
C VAL F 1174 -36.48 -40.85 -7.05
N CYS F 1175 -37.55 -41.51 -7.51
CA CYS F 1175 -38.41 -42.24 -6.59
C CYS F 1175 -37.64 -43.38 -5.91
N TYR F 1176 -36.73 -44.03 -6.65
CA TYR F 1176 -35.93 -45.10 -6.06
C TYR F 1176 -35.05 -44.58 -4.94
N PHE F 1177 -34.37 -43.45 -5.17
CA PHE F 1177 -33.51 -42.89 -4.14
C PHE F 1177 -34.30 -42.48 -2.91
N ILE F 1178 -35.47 -41.87 -3.11
CA ILE F 1178 -36.30 -41.46 -1.99
C ILE F 1178 -36.73 -42.67 -1.18
N GLN F 1179 -37.16 -43.73 -1.86
CA GLN F 1179 -37.56 -44.94 -1.15
C GLN F 1179 -36.36 -45.59 -0.46
N LYS F 1180 -35.20 -45.62 -1.13
CA LYS F 1180 -34.03 -46.24 -0.54
C LYS F 1180 -33.55 -45.51 0.71
N TYR F 1181 -33.88 -44.23 0.86
CA TYR F 1181 -33.54 -43.49 2.06
C TYR F 1181 -34.64 -43.53 3.12
N PHE F 1182 -35.86 -43.92 2.74
CA PHE F 1182 -36.94 -43.97 3.71
C PHE F 1182 -36.96 -45.29 4.47
N ARG F 1183 -36.85 -46.41 3.75
CA ARG F 1183 -36.92 -47.72 4.39
C ARG F 1183 -35.80 -47.89 5.40
N VAL F 1184 -34.61 -47.36 5.11
CA VAL F 1184 -33.50 -47.44 6.05
C VAL F 1184 -33.84 -46.68 7.33
N ALA F 1185 -34.28 -45.43 7.18
CA ALA F 1185 -34.56 -44.61 8.35
C ALA F 1185 -35.82 -45.09 9.07
N SER F 1186 -36.87 -45.45 8.33
CA SER F 1186 -38.13 -45.84 8.96
C SER F 1186 -37.96 -47.11 9.78
N ARG F 1187 -37.24 -48.11 9.24
CA ARG F 1187 -37.05 -49.35 9.99
C ARG F 1187 -36.30 -49.11 11.29
N ASP F 1188 -35.26 -48.28 11.24
CA ASP F 1188 -34.53 -47.95 12.46
C ASP F 1188 -35.41 -47.21 13.45
N LEU F 1189 -36.27 -46.32 12.94
CA LEU F 1189 -37.26 -45.67 13.81
C LEU F 1189 -38.23 -46.69 14.39
N GLN F 1190 -38.61 -47.69 13.60
CA GLN F 1190 -39.47 -48.75 14.10
C GLN F 1190 -38.79 -49.50 15.25
N GLN F 1191 -37.50 -49.78 15.11
CA GLN F 1191 -36.77 -50.47 16.18
C GLN F 1191 -36.76 -49.65 17.45
N LEU F 1192 -36.51 -48.34 17.34
CA LEU F 1192 -36.47 -47.48 18.51
C LEU F 1192 -37.85 -47.37 19.17
N ASP F 1193 -38.91 -47.31 18.34
CA ASP F 1193 -40.26 -47.31 18.89
C ASP F 1193 -40.57 -48.61 19.61
N ASP F 1194 -40.11 -49.74 19.05
CA ASP F 1194 -40.23 -51.01 19.75
C ASP F 1194 -39.32 -51.05 20.97
N THR F 1195 -38.14 -50.44 20.87
CA THR F 1195 -37.22 -50.41 22.00
C THR F 1195 -37.81 -49.64 23.18
N THR F 1196 -38.42 -48.49 22.91
CA THR F 1196 -38.97 -47.66 23.98
C THR F 1196 -40.32 -48.14 24.49
N GLN F 1197 -40.98 -49.05 23.77
CA GLN F 1197 -42.27 -49.55 24.22
C GLN F 1197 -42.12 -50.42 25.46
N LEU F 1198 -41.03 -51.20 25.52
CA LEU F 1198 -40.85 -52.13 26.64
C LEU F 1198 -40.74 -51.44 27.99
N PRO F 1199 -39.86 -50.43 28.19
CA PRO F 1199 -39.74 -49.86 29.54
C PRO F 1199 -40.99 -49.13 30.01
N LEU F 1200 -41.86 -48.72 29.10
CA LEU F 1200 -43.05 -47.97 29.50
C LEU F 1200 -44.05 -48.88 30.20
N LEU F 1201 -44.46 -49.96 29.54
CA LEU F 1201 -45.42 -50.88 30.14
C LEU F 1201 -44.81 -51.70 31.27
N SER F 1202 -43.52 -52.00 31.19
CA SER F 1202 -42.87 -52.74 32.26
C SER F 1202 -42.83 -51.90 33.54
N HIS F 1203 -42.62 -50.58 33.42
CA HIS F 1203 -42.68 -49.71 34.57
C HIS F 1203 -44.07 -49.74 35.20
N PHE F 1204 -45.11 -49.72 34.37
CA PHE F 1204 -46.47 -49.87 34.89
C PHE F 1204 -46.66 -51.23 35.55
N ALA F 1205 -46.06 -52.28 34.97
CA ALA F 1205 -46.08 -53.59 35.61
C ALA F 1205 -45.36 -53.54 36.96
N GLU F 1206 -44.21 -52.86 37.01
CA GLU F 1206 -43.53 -52.66 38.28
C GLU F 1206 -44.28 -51.67 39.17
N THR F 1207 -45.19 -50.87 38.60
CA THR F 1207 -45.95 -49.92 39.40
C THR F 1207 -47.08 -50.61 40.16
N VAL F 1208 -47.75 -51.59 39.54
CA VAL F 1208 -48.89 -52.23 40.18
C VAL F 1208 -48.47 -53.10 41.35
N GLU F 1209 -47.21 -53.58 41.37
CA GLU F 1209 -46.70 -54.42 42.44
C GLU F 1209 -45.64 -53.64 43.20
N GLY F 1210 -45.71 -53.70 44.53
CA GLY F 1210 -44.79 -52.94 45.34
C GLY F 1210 -45.09 -51.46 45.40
N LEU F 1211 -46.30 -51.05 45.02
CA LEU F 1211 -46.67 -49.64 45.11
C LEU F 1211 -46.72 -49.17 46.57
N THR F 1212 -47.09 -50.08 47.48
CA THR F 1212 -47.05 -49.74 48.90
C THR F 1212 -45.62 -49.63 49.41
N THR F 1213 -44.68 -50.35 48.78
CA THR F 1213 -43.26 -50.19 49.10
C THR F 1213 -42.68 -48.92 48.50
N ILE F 1214 -43.41 -48.26 47.61
CA ILE F 1214 -42.98 -47.01 47.01
C ILE F 1214 -43.65 -45.81 47.67
N ARG F 1215 -44.97 -45.90 47.89
CA ARG F 1215 -45.69 -44.79 48.49
C ARG F 1215 -45.20 -44.52 49.91
N ALA F 1216 -45.15 -45.56 50.75
CA ALA F 1216 -44.77 -45.37 52.15
C ALA F 1216 -43.29 -45.03 52.28
N PHE F 1217 -42.44 -45.69 51.50
CA PHE F 1217 -40.99 -45.51 51.66
C PHE F 1217 -40.51 -44.25 50.94
N ARG F 1218 -40.85 -44.10 49.67
CA ARG F 1218 -40.36 -42.99 48.86
C ARG F 1218 -41.45 -41.94 48.69
N TYR F 1219 -41.01 -40.75 48.25
CA TYR F 1219 -41.91 -39.66 47.93
C TYR F 1219 -42.71 -39.90 46.66
N GLU F 1220 -42.35 -40.93 45.88
CA GLU F 1220 -43.05 -41.32 44.66
C GLU F 1220 -42.80 -40.33 43.54
N ALA F 1221 -42.20 -39.18 43.85
CA ALA F 1221 -41.90 -38.19 42.83
C ALA F 1221 -40.88 -38.73 41.83
N ARG F 1222 -39.87 -39.45 42.31
CA ARG F 1222 -38.84 -39.98 41.42
C ARG F 1222 -39.44 -41.01 40.47
N PHE F 1223 -40.29 -41.89 40.97
CA PHE F 1223 -40.89 -42.93 40.13
C PHE F 1223 -41.81 -42.34 39.09
N GLN F 1224 -42.65 -41.37 39.48
CA GLN F 1224 -43.52 -40.71 38.51
C GLN F 1224 -42.72 -39.96 37.47
N GLN F 1225 -41.69 -39.22 37.90
CA GLN F 1225 -40.84 -38.50 36.96
C GLN F 1225 -40.00 -39.47 36.13
N LYS F 1226 -39.68 -40.64 36.68
CA LYS F 1226 -38.96 -41.65 35.90
C LYS F 1226 -39.82 -42.14 34.74
N LEU F 1227 -41.15 -42.19 34.94
CA LEU F 1227 -42.04 -42.54 33.85
C LEU F 1227 -42.01 -41.48 32.74
N LEU F 1228 -41.97 -40.21 33.14
CA LEU F 1228 -41.92 -39.14 32.14
C LEU F 1228 -40.70 -39.28 31.24
N GLU F 1229 -39.60 -39.79 31.78
CA GLU F 1229 -38.45 -40.10 30.93
C GLU F 1229 -38.79 -41.22 29.94
N TYR F 1230 -39.62 -42.18 30.37
CA TYR F 1230 -40.01 -43.27 29.48
C TYR F 1230 -41.03 -42.79 28.44
N THR F 1231 -42.00 -41.99 28.85
CA THR F 1231 -43.01 -41.50 27.92
C THR F 1231 -42.41 -40.57 26.87
N ASP F 1232 -41.52 -39.66 27.30
CA ASP F 1232 -40.87 -38.77 26.35
C ASP F 1232 -40.04 -39.54 25.34
N SER F 1233 -39.29 -40.54 25.80
CA SER F 1233 -38.55 -41.38 24.88
C SER F 1233 -39.49 -42.14 23.95
N ASN F 1234 -40.69 -42.48 24.44
CA ASN F 1234 -41.66 -43.16 23.60
C ASN F 1234 -42.32 -42.20 22.61
N ASN F 1235 -42.67 -40.99 23.07
CA ASN F 1235 -43.35 -40.04 22.20
C ASN F 1235 -42.45 -39.60 21.04
N ILE F 1236 -41.18 -39.34 21.33
CA ILE F 1236 -40.27 -38.88 20.28
C ILE F 1236 -40.11 -39.96 19.21
N ALA F 1237 -39.98 -41.22 19.63
CA ALA F 1237 -39.86 -42.30 18.66
C ALA F 1237 -41.12 -42.43 17.81
N SER F 1238 -42.24 -41.93 18.32
CA SER F 1238 -43.50 -42.03 17.58
C SER F 1238 -43.60 -40.93 16.52
N LEU F 1239 -43.45 -39.67 16.93
CA LEU F 1239 -43.60 -38.58 15.99
C LEU F 1239 -42.47 -38.56 14.96
N PHE F 1240 -41.25 -38.96 15.35
CA PHE F 1240 -40.19 -39.09 14.37
C PHE F 1240 -40.52 -40.16 13.34
N LEU F 1241 -41.09 -41.27 13.80
CA LEU F 1241 -41.60 -42.26 12.86
C LEU F 1241 -42.71 -41.68 12.00
N THR F 1242 -43.62 -40.93 12.61
CA THR F 1242 -44.68 -40.28 11.86
C THR F 1242 -44.12 -39.29 10.85
N ALA F 1243 -43.17 -38.45 11.28
CA ALA F 1243 -42.62 -37.43 10.40
C ALA F 1243 -41.91 -38.07 9.20
N ALA F 1244 -41.24 -39.20 9.41
CA ALA F 1244 -40.59 -39.89 8.31
C ALA F 1244 -41.62 -40.36 7.29
N ASN F 1245 -42.75 -40.88 7.76
CA ASN F 1245 -43.81 -41.29 6.85
C ASN F 1245 -44.39 -40.09 6.10
N ARG F 1246 -44.67 -39.01 6.82
CA ARG F 1246 -45.18 -37.80 6.17
C ARG F 1246 -44.17 -37.25 5.19
N TRP F 1247 -42.88 -37.32 5.53
CA TRP F 1247 -41.84 -36.92 4.59
C TRP F 1247 -41.86 -37.78 3.35
N LEU F 1248 -42.07 -39.09 3.51
CA LEU F 1248 -42.09 -39.99 2.37
C LEU F 1248 -43.28 -39.72 1.46
N GLU F 1249 -44.47 -39.53 2.05
CA GLU F 1249 -45.67 -39.36 1.25
C GLU F 1249 -45.60 -38.07 0.44
N VAL F 1250 -45.15 -36.98 1.06
CA VAL F 1250 -45.14 -35.68 0.38
C VAL F 1250 -44.26 -35.73 -0.86
N ARG F 1251 -43.03 -36.21 -0.70
CA ARG F 1251 -42.15 -36.32 -1.86
C ARG F 1251 -42.68 -37.32 -2.87
N MET F 1252 -43.47 -38.30 -2.42
CA MET F 1252 -44.10 -39.22 -3.35
C MET F 1252 -45.26 -38.55 -4.07
N GLU F 1253 -46.05 -37.75 -3.36
CA GLU F 1253 -47.16 -37.05 -3.99
C GLU F 1253 -46.68 -36.05 -5.02
N TYR F 1254 -45.61 -35.31 -4.69
CA TYR F 1254 -45.09 -34.32 -5.64
C TYR F 1254 -44.57 -34.97 -6.90
N ILE F 1255 -43.91 -36.13 -6.75
CA ILE F 1255 -43.51 -36.90 -7.93
C ILE F 1255 -44.74 -37.34 -8.71
N GLY F 1256 -45.76 -37.83 -8.02
CA GLY F 1256 -46.99 -38.22 -8.70
C GLY F 1256 -47.69 -37.05 -9.35
N ALA F 1257 -47.78 -35.92 -8.65
CA ALA F 1257 -48.41 -34.74 -9.23
C ALA F 1257 -47.63 -34.23 -10.43
N CYS F 1258 -46.30 -34.26 -10.36
CA CYS F 1258 -45.48 -33.84 -11.50
C CYS F 1258 -45.69 -34.78 -12.68
N VAL F 1259 -45.90 -36.07 -12.41
CA VAL F 1259 -46.17 -37.03 -13.47
C VAL F 1259 -47.44 -36.67 -14.22
N VAL F 1260 -48.48 -36.25 -13.48
CA VAL F 1260 -49.74 -35.89 -14.10
C VAL F 1260 -49.55 -34.72 -15.07
N LEU F 1261 -48.81 -33.70 -14.64
CA LEU F 1261 -48.60 -32.53 -15.50
C LEU F 1261 -47.84 -32.89 -16.76
N ILE F 1262 -46.80 -33.70 -16.65
CA ILE F 1262 -46.05 -34.12 -17.83
C ILE F 1262 -46.94 -34.98 -18.74
N ALA F 1263 -47.70 -35.90 -18.15
CA ALA F 1263 -48.59 -36.73 -18.95
C ALA F 1263 -49.68 -35.91 -19.62
N ALA F 1264 -50.27 -34.96 -18.88
CA ALA F 1264 -51.34 -34.15 -19.46
C ALA F 1264 -50.83 -33.25 -20.56
N ALA F 1265 -49.69 -32.59 -20.33
CA ALA F 1265 -49.15 -31.67 -21.33
C ALA F 1265 -48.78 -32.40 -22.61
N THR F 1266 -48.16 -33.57 -22.48
CA THR F 1266 -47.79 -34.35 -23.67
C THR F 1266 -49.03 -34.84 -24.41
N SER F 1267 -50.04 -35.31 -23.65
CA SER F 1267 -51.24 -35.83 -24.29
C SER F 1267 -51.99 -34.74 -25.05
N ILE F 1268 -52.08 -33.54 -24.46
CA ILE F 1268 -52.76 -32.43 -25.13
C ILE F 1268 -52.03 -32.06 -26.40
N SER F 1269 -50.69 -32.04 -26.37
CA SER F 1269 -49.91 -31.64 -27.53
C SER F 1269 -50.17 -32.55 -28.72
N ASN F 1270 -50.27 -33.85 -28.48
CA ASN F 1270 -50.52 -34.79 -29.58
C ASN F 1270 -51.85 -34.51 -30.25
N SER F 1271 -52.90 -34.25 -29.45
CA SER F 1271 -54.22 -34.00 -30.03
C SER F 1271 -54.21 -32.72 -30.86
N LEU F 1272 -53.40 -31.73 -30.47
CA LEU F 1272 -53.27 -30.50 -31.22
C LEU F 1272 -52.14 -30.53 -32.23
N HIS F 1273 -51.43 -31.66 -32.35
CA HIS F 1273 -50.41 -31.85 -33.37
C HIS F 1273 -50.86 -32.87 -34.41
N ARG F 1274 -52.17 -32.98 -34.62
CA ARG F 1274 -52.75 -33.90 -35.61
C ARG F 1274 -52.33 -35.35 -35.34
N GLU F 1275 -52.34 -35.75 -34.08
CA GLU F 1275 -52.07 -37.12 -33.70
C GLU F 1275 -53.32 -37.82 -33.18
N LEU F 1276 -54.50 -37.33 -33.58
CA LEU F 1276 -55.78 -37.95 -33.27
C LEU F 1276 -56.00 -38.04 -31.76
N SER F 1277 -55.74 -39.23 -31.19
CA SER F 1277 -55.94 -39.51 -29.77
C SER F 1277 -57.40 -39.38 -29.37
N ALA F 1278 -57.91 -38.15 -29.35
CA ALA F 1278 -59.33 -37.86 -29.07
C ALA F 1278 -59.63 -38.31 -27.64
N GLY F 1279 -60.73 -39.03 -27.40
CA GLY F 1279 -61.10 -39.41 -26.05
C GLY F 1279 -60.16 -40.42 -25.42
N LEU F 1280 -59.25 -41.01 -26.21
CA LEU F 1280 -58.29 -41.96 -25.65
C LEU F 1280 -57.34 -41.28 -24.67
N VAL F 1281 -57.12 -39.97 -24.82
CA VAL F 1281 -56.25 -39.25 -23.90
C VAL F 1281 -56.86 -39.24 -22.49
N GLY F 1282 -58.17 -39.01 -22.39
CA GLY F 1282 -58.81 -38.93 -21.09
C GLY F 1282 -58.64 -40.19 -20.26
N LEU F 1283 -58.49 -41.34 -20.91
CA LEU F 1283 -58.28 -42.59 -20.18
C LEU F 1283 -56.97 -42.55 -19.41
N GLY F 1284 -55.89 -42.09 -20.06
CA GLY F 1284 -54.59 -42.09 -19.41
C GLY F 1284 -54.52 -41.17 -18.22
N LEU F 1285 -55.21 -40.04 -18.30
CA LEU F 1285 -55.12 -39.05 -17.22
C LEU F 1285 -55.77 -39.55 -15.93
N THR F 1286 -56.83 -40.37 -16.05
CA THR F 1286 -57.42 -40.95 -14.86
C THR F 1286 -56.44 -41.88 -14.16
N TYR F 1287 -55.69 -42.67 -14.92
CA TYR F 1287 -54.65 -43.50 -14.32
C TYR F 1287 -53.52 -42.66 -13.75
N ALA F 1288 -53.19 -41.55 -14.42
CA ALA F 1288 -52.11 -40.68 -13.94
C ALA F 1288 -52.43 -40.13 -12.56
N LEU F 1289 -53.68 -39.75 -12.31
CA LEU F 1289 -54.08 -39.29 -10.99
C LEU F 1289 -53.91 -40.38 -9.94
N MET F 1290 -54.08 -41.65 -10.33
CA MET F 1290 -53.94 -42.75 -9.39
C MET F 1290 -52.48 -43.14 -9.17
N VAL F 1291 -51.57 -42.67 -10.03
CA VAL F 1291 -50.17 -43.08 -9.92
C VAL F 1291 -49.60 -42.64 -8.57
N SER F 1292 -49.88 -41.40 -8.17
CA SER F 1292 -49.40 -40.92 -6.88
C SER F 1292 -49.99 -41.72 -5.73
N ASN F 1293 -51.29 -42.00 -5.80
CA ASN F 1293 -51.95 -42.70 -4.71
C ASN F 1293 -51.42 -44.12 -4.56
N TYR F 1294 -51.22 -44.83 -5.67
CA TYR F 1294 -50.70 -46.19 -5.58
C TYR F 1294 -49.21 -46.21 -5.31
N LEU F 1295 -48.50 -45.12 -5.60
CA LEU F 1295 -47.07 -45.07 -5.30
C LEU F 1295 -46.82 -45.14 -3.80
N ASN F 1296 -47.63 -44.44 -3.01
CA ASN F 1296 -47.51 -44.53 -1.56
C ASN F 1296 -47.82 -45.94 -1.07
N TRP F 1297 -48.85 -46.57 -1.65
CA TRP F 1297 -49.25 -47.90 -1.20
C TRP F 1297 -48.18 -48.93 -1.47
N MET F 1298 -47.51 -48.84 -2.62
CA MET F 1298 -46.45 -49.80 -2.95
C MET F 1298 -45.30 -49.70 -1.97
N VAL F 1299 -44.88 -48.49 -1.64
CA VAL F 1299 -43.77 -48.31 -0.71
C VAL F 1299 -44.17 -48.75 0.69
N ARG F 1300 -45.42 -48.52 1.08
CA ARG F 1300 -45.89 -48.93 2.39
C ARG F 1300 -45.79 -50.44 2.56
N ASN F 1301 -46.21 -51.19 1.53
CA ASN F 1301 -46.16 -52.65 1.61
C ASN F 1301 -44.72 -53.18 1.55
N LEU F 1302 -43.84 -52.49 0.83
CA LEU F 1302 -42.45 -52.94 0.74
C LEU F 1302 -41.78 -52.94 2.11
N ALA F 1303 -42.03 -51.91 2.90
CA ALA F 1303 -41.51 -51.88 4.27
C ALA F 1303 -42.14 -52.99 5.11
N ASP F 1304 -43.43 -53.24 4.92
CA ASP F 1304 -44.10 -54.32 5.65
C ASP F 1304 -43.52 -55.68 5.26
N MET F 1305 -43.18 -55.86 3.98
CA MET F 1305 -42.61 -57.13 3.55
C MET F 1305 -41.23 -57.37 4.15
N GLU F 1306 -40.57 -56.30 4.60
CA GLU F 1306 -39.27 -56.47 5.26
C GLU F 1306 -39.43 -57.24 6.56
N ILE F 1307 -40.51 -57.00 7.29
CA ILE F 1307 -40.81 -57.81 8.47
C ILE F 1307 -41.02 -59.26 8.07
N GLN F 1308 -41.74 -59.48 6.97
CA GLN F 1308 -41.90 -60.84 6.45
C GLN F 1308 -40.56 -61.41 6.00
N LEU F 1309 -39.71 -60.58 5.39
CA LEU F 1309 -38.39 -61.03 4.96
C LEU F 1309 -37.55 -61.46 6.16
N GLY F 1310 -37.62 -60.70 7.25
CA GLY F 1310 -36.93 -61.10 8.47
C GLY F 1310 -37.62 -62.22 9.21
N ALA F 1311 -38.91 -62.42 8.95
CA ALA F 1311 -39.65 -63.49 9.62
C ALA F 1311 -39.11 -64.85 9.25
N VAL F 1312 -38.81 -65.06 7.96
CA VAL F 1312 -38.24 -66.35 7.54
C VAL F 1312 -36.81 -66.50 8.00
N LYS F 1313 -36.13 -65.41 8.35
CA LYS F 1313 -34.77 -65.51 8.85
C LYS F 1313 -34.71 -66.25 10.17
N ARG F 1314 -35.67 -65.98 11.06
CA ARG F 1314 -35.74 -66.71 12.33
C ARG F 1314 -36.03 -68.20 12.12
N ILE F 1315 -36.69 -68.55 11.02
CA ILE F 1315 -36.97 -69.95 10.72
C ILE F 1315 -35.84 -70.58 9.92
N HIS F 1316 -35.23 -69.83 9.00
CA HIS F 1316 -34.15 -70.37 8.19
C HIS F 1316 -32.95 -70.77 9.05
N MET G 1 -6.18 -3.54 -56.71
CA MET G 1 -6.38 -4.87 -56.19
C MET G 1 -5.55 -5.10 -54.92
N PRO G 2 -6.08 -4.68 -53.78
CA PRO G 2 -5.34 -4.85 -52.52
C PRO G 2 -5.36 -6.30 -52.03
N LEU G 3 -4.72 -6.57 -50.90
CA LEU G 3 -4.73 -7.90 -50.34
C LEU G 3 -6.14 -8.26 -49.89
N ALA G 4 -6.61 -9.44 -50.29
CA ALA G 4 -7.93 -9.91 -49.92
C ALA G 4 -7.82 -11.36 -49.48
N PHE G 5 -8.48 -11.69 -48.37
CA PHE G 5 -8.45 -13.07 -47.87
C PHE G 5 -9.12 -14.02 -48.85
N CYS G 6 -10.23 -13.60 -49.45
CA CYS G 6 -11.00 -14.44 -50.35
C CYS G 6 -10.78 -14.09 -51.82
N GLY G 7 -9.90 -13.14 -52.12
CA GLY G 7 -9.64 -12.76 -53.48
C GLY G 7 -10.69 -11.84 -54.05
N THR G 8 -10.27 -10.90 -54.90
CA THR G 8 -11.17 -9.88 -55.45
C THR G 8 -11.52 -10.25 -56.89
N GLU G 9 -12.53 -11.10 -57.02
CA GLU G 9 -13.07 -11.49 -58.32
C GLU G 9 -14.52 -11.01 -58.43
N ASN G 10 -14.99 -10.90 -59.68
CA ASN G 10 -16.29 -10.33 -59.95
C ASN G 10 -16.42 -8.95 -59.31
N HIS G 11 -17.32 -8.84 -58.34
CA HIS G 11 -17.44 -7.64 -57.51
C HIS G 11 -17.20 -8.03 -56.06
N SER G 12 -16.13 -8.81 -55.83
CA SER G 12 -15.90 -9.47 -54.54
C SER G 12 -17.08 -10.38 -54.19
N ALA G 13 -17.64 -11.02 -55.22
CA ALA G 13 -18.80 -11.89 -55.04
C ALA G 13 -18.45 -13.17 -54.30
N ALA G 14 -17.16 -13.47 -54.13
CA ALA G 14 -16.76 -14.66 -53.38
C ALA G 14 -16.95 -14.49 -51.88
N TYR G 15 -17.25 -13.28 -51.41
CA TYR G 15 -17.52 -13.02 -50.00
C TYR G 15 -18.99 -13.22 -49.63
N ARG G 16 -19.87 -13.46 -50.60
CA ARG G 16 -21.27 -13.66 -50.30
C ARG G 16 -21.47 -14.96 -49.54
N VAL G 17 -22.27 -14.91 -48.47
CA VAL G 17 -22.48 -16.06 -47.62
C VAL G 17 -23.93 -16.56 -47.70
N ASP G 18 -24.64 -16.21 -48.77
CA ASP G 18 -25.96 -16.77 -48.97
C ASP G 18 -25.86 -18.25 -49.28
N GLN G 19 -27.00 -18.94 -49.16
CA GLN G 19 -27.04 -20.39 -49.27
C GLN G 19 -26.13 -21.04 -48.22
N GLY G 20 -26.10 -20.47 -47.03
CA GLY G 20 -25.34 -21.03 -45.93
C GLY G 20 -23.91 -20.54 -45.87
N VAL G 21 -23.42 -20.24 -44.67
CA VAL G 21 -22.04 -19.82 -44.51
C VAL G 21 -21.09 -20.98 -44.76
N LEU G 22 -21.45 -22.18 -44.28
CA LEU G 22 -20.57 -23.33 -44.44
C LEU G 22 -20.46 -23.78 -45.88
N ASN G 23 -21.38 -23.34 -46.75
CA ASN G 23 -21.28 -23.60 -48.17
C ASN G 23 -20.41 -22.58 -48.89
N ASN G 24 -19.90 -21.59 -48.17
CA ASN G 24 -18.94 -20.64 -48.71
C ASN G 24 -17.53 -21.14 -48.43
N GLY G 25 -16.76 -21.41 -49.48
CA GLY G 25 -15.46 -22.02 -49.30
C GLY G 25 -14.51 -21.19 -48.47
N CYS G 26 -14.50 -19.87 -48.70
CA CYS G 26 -13.58 -19.01 -47.96
C CYS G 26 -13.87 -19.01 -46.47
N PHE G 27 -15.14 -18.97 -46.09
CA PHE G 27 -15.48 -18.91 -44.68
C PHE G 27 -15.01 -20.15 -43.94
N VAL G 28 -15.16 -21.32 -44.55
CA VAL G 28 -14.68 -22.55 -43.94
C VAL G 28 -13.16 -22.49 -43.77
N ASP G 29 -12.45 -22.01 -44.79
CA ASP G 29 -11.01 -21.83 -44.66
C ASP G 29 -10.69 -20.79 -43.59
N ALA G 30 -11.45 -19.70 -43.55
CA ALA G 30 -11.27 -18.73 -42.47
C ALA G 30 -11.59 -19.35 -41.13
N LEU G 31 -12.58 -20.25 -41.08
CA LEU G 31 -12.92 -20.91 -39.84
C LEU G 31 -11.79 -21.80 -39.34
N ASN G 32 -10.95 -22.31 -40.25
CA ASN G 32 -9.85 -23.17 -39.88
C ASN G 32 -8.69 -22.41 -39.24
N VAL G 33 -8.70 -21.07 -39.29
CA VAL G 33 -7.68 -20.30 -38.60
C VAL G 33 -7.98 -20.17 -37.12
N VAL G 34 -9.22 -20.45 -36.72
CA VAL G 34 -9.59 -20.30 -35.30
C VAL G 34 -8.77 -21.20 -34.39
N PRO G 35 -8.62 -22.51 -34.66
CA PRO G 35 -7.80 -23.32 -33.75
C PRO G 35 -6.36 -22.87 -33.65
N HIS G 36 -5.79 -22.36 -34.75
CA HIS G 36 -4.37 -22.02 -34.75
C HIS G 36 -4.09 -20.77 -33.93
N VAL G 37 -4.93 -19.73 -34.09
CA VAL G 37 -4.75 -18.54 -33.27
C VAL G 37 -5.05 -18.84 -31.81
N PHE G 38 -5.95 -19.80 -31.54
CA PHE G 38 -6.21 -20.18 -30.16
C PHE G 38 -4.97 -20.77 -29.51
N LEU G 39 -4.26 -21.65 -30.22
CA LEU G 39 -3.08 -22.28 -29.66
C LEU G 39 -1.99 -21.25 -29.40
N LEU G 40 -1.80 -20.30 -30.31
CA LEU G 40 -0.79 -19.27 -30.13
C LEU G 40 -1.11 -18.39 -28.93
N PHE G 41 -2.38 -18.01 -28.77
CA PHE G 41 -2.78 -17.12 -27.69
C PHE G 41 -2.81 -17.80 -26.33
N ILE G 42 -2.75 -19.12 -26.28
CA ILE G 42 -2.75 -19.85 -25.01
C ILE G 42 -1.34 -20.25 -24.60
N THR G 43 -0.56 -20.81 -25.53
CA THR G 43 0.75 -21.33 -25.17
C THR G 43 1.76 -20.22 -24.94
N PHE G 44 1.74 -19.18 -25.78
CA PHE G 44 2.72 -18.11 -25.65
C PHE G 44 2.68 -17.44 -24.28
N PRO G 45 1.52 -17.04 -23.73
CA PRO G 45 1.53 -16.56 -22.34
C PRO G 45 2.05 -17.59 -21.35
N ILE G 46 1.70 -18.87 -21.54
CA ILE G 46 2.14 -19.89 -20.61
C ILE G 46 3.64 -20.15 -20.77
N LEU G 47 4.11 -20.27 -22.01
CA LEU G 47 5.52 -20.55 -22.23
C LEU G 47 6.40 -19.43 -21.72
N PHE G 48 6.01 -18.18 -21.98
CA PHE G 48 6.81 -17.05 -21.52
C PHE G 48 6.85 -16.98 -20.00
N ILE G 49 5.71 -17.20 -19.34
CA ILE G 49 5.64 -17.00 -17.90
C ILE G 49 6.49 -18.03 -17.17
N GLY G 50 6.35 -19.30 -17.52
CA GLY G 50 7.01 -20.34 -16.77
C GLY G 50 8.41 -20.68 -17.23
N TRP G 51 8.76 -20.30 -18.46
CA TRP G 51 10.03 -20.70 -19.05
C TRP G 51 10.91 -19.54 -19.48
N GLY G 52 10.33 -18.51 -20.07
CA GLY G 52 11.11 -17.40 -20.61
C GLY G 52 11.14 -16.14 -19.77
N SER G 53 10.78 -16.21 -18.49
CA SER G 53 10.70 -15.02 -17.65
C SER G 53 11.92 -14.86 -16.76
N GLN G 54 12.20 -15.86 -15.94
CA GLN G 54 13.35 -15.81 -15.03
C GLN G 54 14.58 -16.36 -15.74
N SER G 55 15.70 -15.64 -15.64
CA SER G 55 16.92 -16.09 -16.28
C SER G 55 18.12 -15.40 -15.65
N SER G 56 19.28 -15.99 -15.90
CA SER G 56 20.60 -15.41 -15.62
C SER G 56 20.91 -15.36 -14.13
N LYS G 57 19.94 -15.66 -13.29
CA LYS G 57 20.20 -15.86 -11.87
C LYS G 57 19.32 -16.93 -11.25
N VAL G 58 18.36 -17.48 -11.99
CA VAL G 58 17.46 -18.52 -11.48
C VAL G 58 17.46 -19.65 -12.50
N HIS G 59 18.09 -20.76 -12.14
CA HIS G 59 18.22 -21.92 -13.01
CA HIS G 59 18.19 -21.92 -13.02
C HIS G 59 17.19 -22.97 -12.59
N ILE G 60 16.36 -23.40 -13.53
CA ILE G 60 15.29 -24.36 -13.24
C ILE G 60 15.54 -25.65 -14.00
N HIS G 61 16.82 -26.02 -14.13
CA HIS G 61 17.18 -27.22 -14.87
C HIS G 61 16.55 -28.46 -14.25
N HIS G 62 15.98 -29.31 -15.10
CA HIS G 62 15.44 -30.61 -14.71
C HIS G 62 16.43 -31.67 -15.15
N SER G 63 17.01 -32.39 -14.19
CA SER G 63 17.96 -33.46 -14.48
C SER G 63 17.27 -34.82 -14.48
N THR G 64 15.93 -34.79 -14.48
CA THR G 64 15.14 -36.01 -14.51
C THR G 64 13.77 -35.72 -15.12
N TRP G 65 13.38 -36.50 -16.11
CA TRP G 65 12.12 -36.26 -16.80
C TRP G 65 11.56 -37.60 -17.26
N LEU G 66 10.23 -37.71 -17.25
CA LEU G 66 9.55 -38.90 -17.73
C LEU G 66 8.71 -38.53 -18.94
N HIS G 67 8.81 -39.34 -20.00
CA HIS G 67 8.02 -39.10 -21.19
C HIS G 67 6.57 -39.51 -20.96
N PHE G 68 5.66 -38.72 -21.50
CA PHE G 68 4.25 -39.07 -21.44
C PHE G 68 3.97 -40.29 -22.32
N PRO G 69 2.95 -41.08 -21.98
CA PRO G 69 2.61 -42.22 -22.84
C PRO G 69 2.23 -41.78 -24.25
N GLY G 70 2.83 -42.41 -25.25
CA GLY G 70 2.67 -41.99 -26.62
C GLY G 70 3.64 -40.94 -27.09
N HIS G 71 4.76 -40.74 -26.40
CA HIS G 71 5.71 -39.70 -26.77
C HIS G 71 6.26 -39.92 -28.18
N ASN G 72 6.64 -41.16 -28.48
CA ASN G 72 7.19 -41.46 -29.81
C ASN G 72 6.14 -41.24 -30.90
N LEU G 73 4.91 -41.67 -30.65
CA LEU G 73 3.86 -41.51 -31.65
C LEU G 73 3.54 -40.04 -31.89
N ARG G 74 3.54 -39.24 -30.83
CA ARG G 74 3.19 -37.82 -30.99
C ARG G 74 4.19 -37.10 -31.87
N TRP G 75 5.48 -37.36 -31.68
CA TRP G 75 6.49 -36.71 -32.51
C TRP G 75 6.42 -37.19 -33.95
N ILE G 76 6.11 -38.47 -34.16
CA ILE G 76 5.99 -38.99 -35.52
C ILE G 76 4.84 -38.30 -36.24
N LEU G 77 3.68 -38.19 -35.57
CA LEU G 77 2.52 -37.57 -36.21
C LEU G 77 2.78 -36.11 -36.55
N THR G 78 3.42 -35.38 -35.64
CA THR G 78 3.70 -33.97 -35.89
C THR G 78 4.62 -33.79 -37.07
N PHE G 79 5.64 -34.65 -37.20
CA PHE G 79 6.53 -34.57 -38.36
C PHE G 79 5.78 -34.85 -39.64
N ILE G 80 4.87 -35.83 -39.61
CA ILE G 80 3.98 -36.04 -40.75
C ILE G 80 3.07 -34.84 -40.94
N LEU G 81 2.55 -34.30 -39.84
CA LEU G 81 1.69 -33.12 -39.94
C LEU G 81 2.45 -31.93 -40.51
N LEU G 82 3.68 -31.71 -40.05
CA LEU G 82 4.47 -30.61 -40.57
C LEU G 82 4.76 -30.80 -42.06
N PHE G 83 5.03 -32.04 -42.48
CA PHE G 83 5.29 -32.31 -43.88
C PHE G 83 4.06 -32.06 -44.73
N VAL G 84 2.89 -32.53 -44.28
CA VAL G 84 1.67 -32.38 -45.07
C VAL G 84 1.32 -30.91 -45.23
N LEU G 85 1.46 -30.12 -44.16
CA LEU G 85 1.17 -28.70 -44.24
C LEU G 85 2.08 -28.02 -45.26
N VAL G 86 3.34 -28.44 -45.34
CA VAL G 86 4.25 -27.89 -46.34
C VAL G 86 3.73 -28.18 -47.74
N CYS G 87 3.23 -29.41 -47.96
CA CYS G 87 2.59 -29.71 -49.23
C CYS G 87 1.34 -28.88 -49.43
N GLU G 88 0.57 -28.65 -48.38
CA GLU G 88 -0.65 -27.86 -48.51
C GLU G 88 -0.34 -26.40 -48.83
N ILE G 89 0.71 -25.86 -48.22
CA ILE G 89 1.13 -24.50 -48.55
C ILE G 89 1.59 -24.42 -50.00
N ALA G 90 2.40 -25.39 -50.41
CA ALA G 90 2.88 -25.42 -51.80
C ALA G 90 1.73 -25.62 -52.78
N GLU G 91 0.78 -26.49 -52.43
CA GLU G 91 -0.38 -26.70 -53.28
C GLU G 91 -1.20 -25.42 -53.41
N GLY G 92 -1.36 -24.68 -52.31
CA GLY G 92 -2.14 -23.46 -52.35
C GLY G 92 -1.51 -22.40 -53.21
N ILE G 93 -0.18 -22.26 -53.15
CA ILE G 93 0.50 -21.20 -53.88
C ILE G 93 0.38 -21.44 -55.38
N LEU G 94 0.47 -22.69 -55.83
CA LEU G 94 0.33 -22.98 -57.25
C LEU G 94 -1.06 -22.59 -57.76
N SER G 95 -2.10 -22.90 -56.99
CA SER G 95 -3.45 -22.55 -57.40
C SER G 95 -3.66 -21.05 -57.37
N ASP G 96 -2.94 -20.36 -56.48
CA ASP G 96 -3.17 -18.92 -56.31
C ASP G 96 -2.54 -18.11 -57.43
N GLY G 97 -1.43 -18.58 -57.99
CA GLY G 97 -0.71 -17.77 -58.97
C GLY G 97 -1.46 -17.60 -60.28
N VAL G 98 -2.41 -18.50 -60.56
CA VAL G 98 -3.12 -18.46 -61.83
C VAL G 98 -4.04 -17.25 -61.91
N THR G 99 -4.76 -16.98 -60.82
CA THR G 99 -5.71 -15.86 -60.81
C THR G 99 -4.97 -14.52 -60.81
N GLU G 100 -5.70 -13.47 -61.16
CA GLU G 100 -5.10 -12.13 -61.19
C GLU G 100 -4.97 -11.53 -59.80
N SER G 101 -5.63 -12.13 -58.80
CA SER G 101 -5.60 -11.66 -57.43
C SER G 101 -5.15 -12.77 -56.51
N ARG G 102 -4.52 -12.40 -55.40
CA ARG G 102 -3.94 -13.34 -54.47
C ARG G 102 -4.99 -13.77 -53.46
N HIS G 103 -5.42 -15.03 -53.53
CA HIS G 103 -6.37 -15.61 -52.59
C HIS G 103 -5.58 -16.08 -51.37
N LEU G 104 -5.63 -15.30 -50.28
CA LEU G 104 -4.85 -15.66 -49.10
C LEU G 104 -5.39 -16.91 -48.43
N HIS G 105 -6.68 -17.21 -48.58
CA HIS G 105 -7.27 -18.35 -47.89
C HIS G 105 -6.68 -19.68 -48.37
N LEU G 106 -6.02 -19.70 -49.52
CA LEU G 106 -5.48 -20.95 -50.05
C LEU G 106 -4.30 -21.44 -49.22
N TYR G 107 -3.46 -20.54 -48.74
CA TYR G 107 -2.22 -20.96 -48.09
C TYR G 107 -2.01 -20.34 -46.72
N MET G 108 -2.56 -19.15 -46.48
CA MET G 108 -2.37 -18.50 -45.18
C MET G 108 -2.92 -19.31 -44.03
N PRO G 109 -4.15 -19.86 -44.09
CA PRO G 109 -4.57 -20.77 -43.01
C PRO G 109 -3.65 -21.95 -42.82
N ALA G 110 -3.15 -22.53 -43.91
CA ALA G 110 -2.20 -23.63 -43.79
C ALA G 110 -0.85 -23.13 -43.28
N GLY G 111 -0.45 -21.92 -43.69
CA GLY G 111 0.79 -21.36 -43.19
C GLY G 111 0.73 -21.08 -41.71
N MET G 112 -0.40 -20.57 -41.22
CA MET G 112 -0.54 -20.33 -39.79
C MET G 112 -0.75 -21.63 -39.02
N ALA G 113 -1.22 -22.68 -39.70
CA ALA G 113 -1.28 -23.99 -39.07
C ALA G 113 0.12 -24.54 -38.85
N PHE G 114 1.06 -24.18 -39.72
CA PHE G 114 2.44 -24.64 -39.56
C PHE G 114 3.06 -24.08 -38.30
N MET G 115 2.83 -22.80 -38.01
CA MET G 115 3.35 -22.20 -36.78
C MET G 115 2.71 -22.83 -35.56
N ALA G 116 1.39 -23.05 -35.60
CA ALA G 116 0.70 -23.66 -34.46
C ALA G 116 1.17 -25.09 -34.23
N ALA G 117 1.37 -25.86 -35.30
CA ALA G 117 1.83 -27.23 -35.16
C ALA G 117 3.23 -27.26 -34.52
N ILE G 118 4.12 -26.38 -34.96
CA ILE G 118 5.43 -26.29 -34.32
C ILE G 118 5.30 -25.85 -32.88
N THR G 119 4.44 -24.86 -32.62
CA THR G 119 4.26 -24.37 -31.26
C THR G 119 3.69 -25.46 -30.35
N SER G 120 2.80 -26.31 -30.88
CA SER G 120 2.27 -27.40 -30.08
C SER G 120 3.37 -28.36 -29.67
N VAL G 121 4.31 -28.64 -30.57
CA VAL G 121 5.44 -29.49 -30.24
C VAL G 121 6.31 -28.83 -29.18
N VAL G 122 6.60 -27.54 -29.35
CA VAL G 122 7.39 -26.80 -28.37
C VAL G 122 6.66 -26.74 -27.04
N TYR G 123 5.34 -26.46 -27.08
CA TYR G 123 4.56 -26.41 -25.86
C TYR G 123 4.53 -27.76 -25.17
N TYR G 124 4.32 -28.83 -25.94
CA TYR G 124 4.26 -30.16 -25.34
C TYR G 124 5.57 -30.56 -24.70
N HIS G 125 6.69 -30.31 -25.39
CA HIS G 125 7.98 -30.74 -24.87
C HIS G 125 8.32 -30.06 -23.55
N ASN G 126 8.09 -28.76 -23.46
CA ASN G 126 8.36 -28.07 -22.21
C ASN G 126 7.44 -28.56 -21.09
N ILE G 127 6.17 -28.83 -21.41
CA ILE G 127 5.27 -29.39 -20.42
C ILE G 127 5.74 -30.79 -20.02
N GLU G 128 6.06 -31.62 -21.02
CA GLU G 128 6.42 -33.00 -20.75
C GLU G 128 7.67 -33.10 -19.87
N THR G 129 8.63 -32.20 -20.08
CA THR G 129 9.84 -32.21 -19.26
C THR G 129 9.52 -31.92 -17.81
N SER G 130 8.62 -30.97 -17.55
CA SER G 130 8.28 -30.54 -16.20
C SER G 130 6.91 -31.07 -15.77
N ASN G 131 6.57 -32.30 -16.18
CA ASN G 131 5.29 -32.92 -15.87
C ASN G 131 4.12 -32.07 -16.33
N PHE G 132 3.48 -31.35 -15.41
CA PHE G 132 2.33 -30.50 -15.69
C PHE G 132 1.28 -31.19 -16.58
N PRO G 133 0.79 -32.37 -16.19
CA PRO G 133 -0.19 -33.05 -17.05
C PRO G 133 -1.47 -32.26 -17.24
N LYS G 134 -1.83 -31.39 -16.29
CA LYS G 134 -3.04 -30.59 -16.42
C LYS G 134 -2.95 -29.64 -17.60
N LEU G 135 -1.74 -29.13 -17.88
CA LEU G 135 -1.58 -28.18 -18.98
C LEU G 135 -1.73 -28.82 -20.35
N LEU G 136 -1.81 -30.15 -20.42
CA LEU G 136 -2.08 -30.82 -21.69
C LEU G 136 -3.50 -30.58 -22.18
N ILE G 137 -4.37 -30.01 -21.35
CA ILE G 137 -5.74 -29.71 -21.79
C ILE G 137 -5.72 -28.73 -22.96
N ALA G 138 -4.80 -27.77 -22.93
CA ALA G 138 -4.72 -26.79 -24.02
C ALA G 138 -4.48 -27.46 -25.35
N LEU G 139 -3.58 -28.46 -25.39
CA LEU G 139 -3.42 -29.25 -26.60
C LEU G 139 -4.68 -30.06 -26.90
N LEU G 140 -5.31 -30.61 -25.87
CA LEU G 140 -6.52 -31.39 -26.06
C LEU G 140 -7.63 -30.55 -26.69
N ILE G 141 -7.77 -29.31 -26.24
CA ILE G 141 -8.74 -28.40 -26.85
C ILE G 141 -8.31 -28.06 -28.28
N TYR G 142 -7.00 -27.85 -28.48
CA TYR G 142 -6.52 -27.47 -29.80
C TYR G 142 -6.78 -28.56 -30.83
N TRP G 143 -6.49 -29.82 -30.48
CA TRP G 143 -6.68 -30.90 -31.43
C TRP G 143 -8.16 -31.11 -31.75
N THR G 144 -9.02 -30.95 -30.74
CA THR G 144 -10.46 -31.09 -30.99
C THR G 144 -10.96 -29.99 -31.92
N LEU G 145 -10.56 -28.74 -31.67
CA LEU G 145 -10.98 -27.65 -32.55
C LEU G 145 -10.44 -27.84 -33.96
N ALA G 146 -9.17 -28.22 -34.08
CA ALA G 146 -8.59 -28.45 -35.39
C ALA G 146 -9.28 -29.60 -36.11
N PHE G 147 -9.57 -30.68 -35.39
CA PHE G 147 -10.24 -31.82 -36.01
C PHE G 147 -11.65 -31.45 -36.45
N ILE G 148 -12.38 -30.68 -35.64
CA ILE G 148 -13.73 -30.28 -36.01
C ILE G 148 -13.70 -29.39 -37.24
N THR G 149 -12.80 -28.42 -37.27
CA THR G 149 -12.79 -27.45 -38.37
C THR G 149 -12.19 -28.02 -39.64
N LYS G 150 -11.39 -29.09 -39.56
CA LYS G 150 -10.90 -29.75 -40.77
C LYS G 150 -11.87 -30.79 -41.29
N THR G 151 -12.66 -31.39 -40.40
CA THR G 151 -13.73 -32.28 -40.85
C THR G 151 -14.76 -31.52 -41.67
N ILE G 152 -15.10 -30.31 -41.24
CA ILE G 152 -16.10 -29.51 -41.96
C ILE G 152 -15.64 -29.23 -43.37
N LYS G 153 -14.38 -28.83 -43.53
CA LYS G 153 -13.87 -28.53 -44.86
C LYS G 153 -13.81 -29.78 -45.73
N PHE G 154 -13.43 -30.92 -45.14
CA PHE G 154 -13.40 -32.16 -45.90
C PHE G 154 -14.79 -32.58 -46.34
N VAL G 155 -15.78 -32.44 -45.46
CA VAL G 155 -17.14 -32.81 -45.81
C VAL G 155 -17.67 -31.95 -46.94
N LYS G 156 -17.44 -30.64 -46.87
CA LYS G 156 -17.95 -29.73 -47.88
C LYS G 156 -17.34 -30.02 -49.24
N PHE G 157 -16.10 -30.51 -49.29
CA PHE G 157 -15.55 -30.98 -50.55
C PHE G 157 -16.34 -32.15 -51.09
N TYR G 158 -16.73 -33.08 -50.21
CA TYR G 158 -17.53 -34.22 -50.63
C TYR G 158 -18.89 -33.78 -51.14
N ASP G 159 -19.48 -32.76 -50.52
CA ASP G 159 -20.75 -32.22 -50.99
C ASP G 159 -20.61 -31.59 -52.37
N HIS G 160 -19.51 -30.88 -52.60
CA HIS G 160 -19.29 -30.16 -53.85
C HIS G 160 -18.65 -31.03 -54.92
N ALA G 161 -18.77 -32.35 -54.80
CA ALA G 161 -18.25 -33.30 -55.79
C ALA G 161 -16.76 -33.09 -56.05
N ILE G 162 -15.98 -32.97 -54.99
CA ILE G 162 -14.53 -32.87 -55.08
C ILE G 162 -13.96 -34.26 -54.82
N GLY G 163 -13.56 -34.95 -55.88
CA GLY G 163 -13.02 -36.29 -55.76
C GLY G 163 -11.56 -36.28 -55.36
N PHE G 164 -10.99 -37.48 -55.30
CA PHE G 164 -9.58 -37.62 -54.95
C PHE G 164 -8.66 -37.10 -56.04
N SER G 165 -9.19 -36.79 -57.23
CA SER G 165 -8.36 -36.22 -58.28
C SER G 165 -7.75 -34.89 -57.85
N GLN G 166 -8.53 -34.05 -57.18
CA GLN G 166 -8.00 -32.80 -56.65
C GLN G 166 -7.08 -33.09 -55.48
N LEU G 167 -5.87 -32.56 -55.53
CA LEU G 167 -4.90 -32.82 -54.47
C LEU G 167 -5.35 -32.24 -53.15
N ARG G 168 -5.91 -31.03 -53.17
CA ARG G 168 -6.32 -30.38 -51.93
C ARG G 168 -7.35 -31.21 -51.18
N PHE G 169 -8.14 -32.00 -51.90
CA PHE G 169 -9.03 -32.95 -51.24
C PHE G 169 -8.25 -34.00 -50.46
N CYS G 170 -7.17 -34.51 -51.06
CA CYS G 170 -6.37 -35.53 -50.38
C CYS G 170 -5.63 -34.96 -49.19
N LEU G 171 -5.02 -33.78 -49.34
CA LEU G 171 -4.26 -33.19 -48.24
C LEU G 171 -5.16 -32.85 -47.07
N THR G 172 -6.36 -32.34 -47.34
CA THR G 172 -7.32 -32.10 -46.26
C THR G 172 -7.71 -33.40 -45.58
N GLY G 173 -7.89 -34.47 -46.37
CA GLY G 173 -8.25 -35.75 -45.78
C GLY G 173 -7.19 -36.28 -44.85
N LEU G 174 -5.91 -36.14 -45.22
CA LEU G 174 -4.84 -36.59 -44.35
C LEU G 174 -4.81 -35.79 -43.05
N LEU G 175 -5.05 -34.48 -43.14
CA LEU G 175 -5.03 -33.65 -41.94
C LEU G 175 -6.12 -34.06 -40.97
N VAL G 176 -7.28 -34.46 -41.49
CA VAL G 176 -8.34 -34.99 -40.62
C VAL G 176 -7.84 -36.23 -39.91
N ILE G 177 -7.12 -37.11 -40.62
CA ILE G 177 -6.56 -38.30 -39.98
C ILE G 177 -5.51 -37.91 -38.96
N LEU G 178 -4.59 -37.03 -39.35
CA LEU G 178 -3.49 -36.66 -38.44
C LEU G 178 -4.01 -35.94 -37.21
N TYR G 179 -4.96 -35.02 -37.39
CA TYR G 179 -5.59 -34.37 -36.25
C TYR G 179 -6.40 -35.37 -35.43
N GLY G 180 -7.03 -36.33 -36.10
CA GLY G 180 -7.79 -37.33 -35.38
C GLY G 180 -6.91 -38.23 -34.52
N MET G 181 -5.80 -38.70 -35.09
CA MET G 181 -4.89 -39.55 -34.33
C MET G 181 -4.27 -38.78 -33.17
N LEU G 182 -3.85 -37.54 -33.41
CA LEU G 182 -3.29 -36.73 -32.34
C LEU G 182 -4.33 -36.44 -31.26
N LEU G 183 -5.61 -36.35 -31.63
CA LEU G 183 -6.65 -36.24 -30.63
C LEU G 183 -6.73 -37.50 -29.78
N LEU G 184 -6.60 -38.67 -30.40
CA LEU G 184 -6.63 -39.92 -29.65
C LEU G 184 -5.43 -40.04 -28.72
N VAL G 185 -4.26 -39.56 -29.16
CA VAL G 185 -3.07 -39.59 -28.32
C VAL G 185 -3.30 -38.79 -27.05
N GLU G 186 -3.89 -37.61 -27.18
CA GLU G 186 -4.21 -36.80 -26.00
C GLU G 186 -5.21 -37.51 -25.10
N VAL G 187 -6.18 -38.20 -25.69
CA VAL G 187 -7.10 -39.01 -24.89
C VAL G 187 -6.34 -40.17 -24.25
N ASN G 188 -5.35 -40.71 -24.96
CA ASN G 188 -4.60 -41.85 -24.43
C ASN G 188 -3.86 -41.50 -23.15
N VAL G 189 -3.23 -40.31 -23.10
CA VAL G 189 -2.49 -39.94 -21.91
C VAL G 189 -3.43 -39.73 -20.73
N ILE G 190 -4.67 -39.32 -20.99
CA ILE G 190 -5.64 -39.19 -19.92
C ILE G 190 -5.95 -40.55 -19.31
N ARG G 191 -6.09 -41.58 -20.15
CA ARG G 191 -6.36 -42.92 -19.63
C ARG G 191 -5.17 -43.46 -18.86
N VAL G 192 -3.97 -43.40 -19.45
CA VAL G 192 -2.80 -44.00 -18.82
C VAL G 192 -2.37 -43.20 -17.60
N ARG G 193 -2.42 -41.87 -17.69
CA ARG G 193 -1.86 -41.01 -16.66
C ARG G 193 -2.92 -40.12 -16.04
N ARG G 194 -4.05 -40.71 -15.62
CA ARG G 194 -5.23 -39.99 -15.16
C ARG G 194 -4.85 -38.79 -14.31
N TYR G 195 -5.26 -37.59 -14.75
CA TYR G 195 -4.88 -36.37 -14.05
C TYR G 195 -6.01 -35.37 -13.88
N ILE G 196 -7.13 -35.49 -14.58
CA ILE G 196 -8.18 -34.47 -14.50
C ILE G 196 -9.52 -35.09 -14.10
N PHE G 197 -9.98 -36.08 -14.86
CA PHE G 197 -11.30 -36.64 -14.61
C PHE G 197 -11.30 -37.58 -13.42
N PHE G 198 -10.41 -38.56 -13.42
CA PHE G 198 -10.33 -39.51 -12.32
C PHE G 198 -9.84 -38.83 -11.05
N LYS G 199 -10.26 -39.37 -9.91
CA LYS G 199 -9.86 -38.86 -8.61
C LYS G 199 -8.60 -39.53 -8.08
N THR G 200 -7.97 -40.41 -8.86
CA THR G 200 -6.72 -41.08 -8.49
C THR G 200 -5.66 -40.66 -9.51
N PRO G 201 -4.90 -39.60 -9.23
CA PRO G 201 -3.81 -39.22 -10.12
C PRO G 201 -2.68 -40.23 -10.08
N ARG G 202 -2.76 -41.25 -10.96
CA ARG G 202 -1.83 -42.36 -10.97
C ARG G 202 -0.38 -41.88 -10.83
N GLU G 203 0.38 -42.63 -10.04
CA GLU G 203 1.76 -42.26 -9.76
C GLU G 203 2.56 -42.15 -11.05
N VAL G 204 3.41 -41.12 -11.11
CA VAL G 204 4.19 -40.88 -12.33
C VAL G 204 5.17 -42.01 -12.59
N LYS G 205 5.54 -42.76 -11.54
CA LYS G 205 6.55 -43.81 -11.61
C LYS G 205 7.84 -43.27 -12.21
N PRO G 206 8.62 -42.49 -11.46
CA PRO G 206 9.81 -41.87 -12.03
C PRO G 206 10.78 -42.93 -12.53
N PRO G 207 11.55 -42.62 -13.57
CA PRO G 207 12.46 -43.62 -14.13
C PRO G 207 13.48 -44.09 -13.09
N GLU G 208 13.80 -45.38 -13.14
CA GLU G 208 14.77 -45.96 -12.22
C GLU G 208 16.15 -45.31 -12.42
N ASP G 209 16.53 -45.09 -13.67
CA ASP G 209 17.76 -44.39 -13.98
C ASP G 209 17.45 -42.89 -14.14
N LEU G 210 18.40 -42.14 -14.67
CA LEU G 210 18.31 -40.70 -14.90
C LEU G 210 18.30 -39.90 -13.61
N GLN G 211 18.53 -40.54 -12.47
CA GLN G 211 18.71 -39.83 -11.22
C GLN G 211 20.12 -39.27 -11.16
N ASP G 212 20.54 -38.79 -9.99
CA ASP G 212 21.89 -38.25 -9.83
C ASP G 212 22.90 -39.40 -9.71
N LEU G 213 22.94 -40.21 -10.76
CA LEU G 213 23.89 -41.31 -10.88
C LEU G 213 25.07 -40.95 -11.77
N GLY G 214 25.21 -39.69 -12.13
CA GLY G 214 26.30 -39.28 -12.99
C GLY G 214 26.15 -39.66 -14.44
N VAL G 215 24.94 -40.00 -14.88
CA VAL G 215 24.74 -40.39 -16.27
C VAL G 215 24.83 -39.15 -17.16
N ARG G 216 25.77 -39.17 -18.10
CA ARG G 216 25.93 -38.09 -19.06
C ARG G 216 25.57 -38.49 -20.48
N PHE G 217 25.43 -39.78 -20.76
CA PHE G 217 25.04 -40.28 -22.07
C PHE G 217 23.52 -40.30 -22.12
N LEU G 218 22.93 -39.15 -22.44
CA LEU G 218 21.49 -38.96 -22.38
C LEU G 218 20.77 -39.41 -23.64
N GLN G 219 21.42 -40.17 -24.50
CA GLN G 219 20.79 -40.58 -25.76
C GLN G 219 19.49 -41.38 -25.57
N PRO G 220 19.40 -42.37 -24.70
CA PRO G 220 18.15 -43.12 -24.57
C PRO G 220 17.06 -42.41 -23.77
N PHE G 221 17.28 -41.18 -23.33
CA PHE G 221 16.31 -40.45 -22.52
C PHE G 221 15.76 -39.21 -23.18
N VAL G 222 16.48 -38.62 -24.14
CA VAL G 222 16.00 -37.40 -24.77
C VAL G 222 14.79 -37.69 -25.66
N ASN G 223 14.14 -36.62 -26.09
CA ASN G 223 12.97 -36.75 -26.96
C ASN G 223 13.37 -37.35 -28.30
N LEU G 224 12.35 -37.64 -29.12
CA LEU G 224 12.59 -38.35 -30.37
C LEU G 224 13.44 -37.52 -31.32
N LEU G 225 13.18 -36.21 -31.42
CA LEU G 225 13.97 -35.37 -32.30
C LEU G 225 15.42 -35.32 -31.86
N SER G 226 15.65 -35.15 -30.55
CA SER G 226 17.02 -35.12 -30.05
C SER G 226 17.72 -36.46 -30.21
N LYS G 227 16.97 -37.56 -30.31
CA LYS G 227 17.59 -38.83 -30.65
C LYS G 227 18.08 -38.84 -32.10
N GLY G 228 17.41 -38.10 -32.98
CA GLY G 228 17.76 -38.09 -34.38
C GLY G 228 18.73 -36.99 -34.75
N THR G 229 18.93 -36.03 -33.85
CA THR G 229 19.89 -34.96 -34.07
C THR G 229 20.99 -34.89 -33.03
N TYR G 230 20.91 -35.68 -31.95
CA TYR G 230 21.94 -35.69 -30.91
C TYR G 230 22.17 -34.29 -30.34
N TRP G 231 21.08 -33.57 -30.12
CA TRP G 231 21.17 -32.22 -29.58
C TRP G 231 21.69 -32.21 -28.15
N TRP G 232 21.48 -33.29 -27.41
CA TRP G 232 22.00 -33.35 -26.04
C TRP G 232 23.52 -33.32 -26.02
N MET G 233 24.16 -33.98 -26.99
CA MET G 233 25.61 -33.95 -27.08
C MET G 233 26.14 -32.56 -27.44
N ASN G 234 25.31 -31.72 -28.06
CA ASN G 234 25.76 -30.39 -28.47
C ASN G 234 26.23 -29.57 -27.28
N ALA G 235 25.48 -29.61 -26.17
CA ALA G 235 25.90 -28.91 -24.96
C ALA G 235 27.18 -29.52 -24.38
N PHE G 236 27.27 -30.85 -24.40
CA PHE G 236 28.45 -31.52 -23.87
C PHE G 236 29.70 -31.15 -24.66
N ILE G 237 29.60 -31.16 -26.00
CA ILE G 237 30.74 -30.76 -26.82
C ILE G 237 31.00 -29.26 -26.69
N LYS G 238 29.94 -28.47 -26.47
CA LYS G 238 30.11 -27.02 -26.33
C LYS G 238 31.05 -26.67 -25.19
N THR G 239 31.11 -27.52 -24.15
CA THR G 239 32.04 -27.31 -23.06
C THR G 239 33.30 -28.16 -23.17
N ALA G 240 33.28 -29.22 -23.98
CA ALA G 240 34.46 -30.05 -24.14
C ALA G 240 35.60 -29.27 -24.80
N HIS G 241 35.27 -28.26 -25.61
CA HIS G 241 36.31 -27.40 -26.18
C HIS G 241 37.05 -26.64 -25.09
N LYS G 242 36.32 -26.15 -24.09
CA LYS G 242 36.95 -25.36 -23.03
C LYS G 242 37.78 -26.24 -22.11
N LYS G 243 37.24 -27.38 -21.70
CA LYS G 243 37.92 -28.23 -20.74
C LYS G 243 38.18 -29.61 -21.33
N PRO G 244 39.39 -30.14 -21.19
CA PRO G 244 39.64 -31.53 -21.61
C PRO G 244 38.74 -32.49 -20.83
N ILE G 245 38.25 -33.50 -21.54
CA ILE G 245 37.33 -34.47 -20.95
C ILE G 245 38.12 -35.47 -20.13
N ASP G 246 37.41 -36.25 -19.31
CA ASP G 246 38.02 -37.29 -18.50
C ASP G 246 37.00 -38.40 -18.31
N LEU G 247 37.42 -39.45 -17.60
CA LEU G 247 36.51 -40.57 -17.33
C LEU G 247 35.42 -40.19 -16.33
N ARG G 248 35.52 -39.04 -15.67
CA ARG G 248 34.50 -38.56 -14.76
C ARG G 248 33.40 -37.77 -15.45
N ALA G 249 33.75 -36.85 -16.35
CA ALA G 249 32.74 -36.11 -17.09
C ALA G 249 32.00 -37.03 -18.06
N ILE G 250 32.64 -38.09 -18.52
CA ILE G 250 32.00 -39.07 -19.37
C ILE G 250 30.94 -39.86 -18.63
N GLY G 251 30.94 -39.81 -17.30
CA GLY G 251 29.90 -40.36 -16.46
C GLY G 251 29.87 -41.87 -16.43
N LYS G 252 28.70 -42.39 -16.04
CA LYS G 252 28.47 -43.82 -15.95
C LYS G 252 27.48 -44.25 -17.02
N LEU G 253 27.53 -45.53 -17.38
CA LEU G 253 26.69 -46.07 -18.43
C LEU G 253 25.26 -46.19 -17.93
N PRO G 254 24.24 -45.98 -18.78
CA PRO G 254 22.87 -46.22 -18.35
C PRO G 254 22.64 -47.65 -17.92
N ILE G 255 21.71 -47.86 -16.98
CA ILE G 255 21.47 -49.16 -16.36
C ILE G 255 21.17 -50.22 -17.41
N ALA G 256 20.36 -49.86 -18.41
CA ALA G 256 19.91 -50.84 -19.40
C ALA G 256 21.06 -51.47 -20.16
N MET G 257 22.22 -50.80 -20.24
CA MET G 257 23.33 -51.30 -21.05
C MET G 257 24.69 -51.10 -20.37
N ARG G 258 24.79 -51.34 -19.06
CA ARG G 258 26.10 -51.09 -18.45
C ARG G 258 27.16 -52.08 -18.94
N ALA G 259 27.16 -53.29 -18.40
CA ALA G 259 27.71 -54.47 -19.05
C ALA G 259 26.83 -55.67 -18.74
N LEU G 260 26.38 -55.72 -17.49
CA LEU G 260 25.72 -56.91 -16.94
C LEU G 260 24.35 -57.15 -17.56
N THR G 261 23.56 -56.07 -17.69
CA THR G 261 22.22 -56.20 -18.25
C THR G 261 22.26 -56.73 -19.67
N ASN G 262 23.35 -56.49 -20.39
CA ASN G 262 23.55 -57.13 -21.69
C ASN G 262 23.85 -58.61 -21.52
N TYR G 263 24.74 -58.94 -20.57
CA TYR G 263 25.09 -60.33 -20.33
C TYR G 263 23.93 -61.09 -19.68
N GLN G 264 23.15 -60.42 -18.84
CA GLN G 264 22.04 -61.07 -18.15
C GLN G 264 21.03 -61.64 -19.14
N ARG G 265 20.72 -60.87 -20.18
CA ARG G 265 19.87 -61.39 -21.25
C ARG G 265 20.57 -62.45 -22.08
N LEU G 266 21.89 -62.31 -22.27
CA LEU G 266 22.66 -63.26 -23.05
C LEU G 266 22.59 -64.66 -22.45
N CYS G 267 22.86 -64.77 -21.15
CA CYS G 267 22.80 -66.08 -20.50
C CYS G 267 21.37 -66.57 -20.37
N VAL G 268 20.41 -65.65 -20.29
CA VAL G 268 19.00 -66.04 -20.24
C VAL G 268 18.61 -66.73 -21.54
N ALA G 269 19.04 -66.18 -22.67
CA ALA G 269 18.71 -66.77 -23.96
C ALA G 269 19.39 -68.12 -24.15
N PHE G 270 20.52 -68.33 -23.47
CA PHE G 270 21.28 -69.57 -23.61
C PHE G 270 20.52 -70.79 -23.10
N ASP G 271 19.48 -70.56 -22.30
CA ASP G 271 18.74 -71.68 -21.72
C ASP G 271 18.07 -72.53 -22.80
N ALA G 272 17.73 -71.92 -23.94
CA ALA G 272 17.08 -72.62 -25.05
C ALA G 272 15.80 -73.32 -24.60
N PRO G 281 22.94 -77.86 -27.04
CA PRO G 281 24.27 -77.64 -26.48
C PRO G 281 24.70 -76.18 -26.56
N GLN G 282 26.01 -75.95 -26.64
CA GLN G 282 26.59 -74.61 -26.71
C GLN G 282 27.51 -74.48 -27.92
N GLY G 283 27.10 -75.08 -29.04
CA GLY G 283 27.88 -75.01 -30.26
C GLY G 283 27.70 -73.70 -30.99
N ALA G 284 28.31 -73.63 -32.18
CA ALA G 284 28.23 -72.41 -32.98
C ALA G 284 26.79 -72.11 -33.39
N ARG G 285 26.05 -73.14 -33.79
CA ARG G 285 24.66 -72.93 -34.18
C ARG G 285 23.82 -72.46 -32.99
N ALA G 286 24.09 -72.99 -31.80
CA ALA G 286 23.35 -72.58 -30.61
C ALA G 286 23.67 -71.15 -30.23
N ILE G 287 24.90 -70.70 -30.47
CA ILE G 287 25.28 -69.33 -30.11
C ILE G 287 24.48 -68.33 -30.92
N TRP G 288 24.36 -68.55 -32.23
CA TRP G 288 23.67 -67.60 -33.08
C TRP G 288 22.20 -67.47 -32.71
N ARG G 289 21.58 -68.57 -32.27
CA ARG G 289 20.18 -68.51 -31.86
C ARG G 289 20.00 -67.58 -30.67
N ALA G 290 20.91 -67.65 -29.70
CA ALA G 290 20.80 -66.80 -28.52
C ALA G 290 21.06 -65.34 -28.87
N LEU G 291 22.09 -65.08 -29.68
CA LEU G 291 22.41 -63.71 -30.08
C LEU G 291 21.27 -63.10 -30.88
N CYS G 292 20.69 -63.88 -31.80
CA CYS G 292 19.56 -63.40 -32.57
C CYS G 292 18.36 -63.10 -31.68
N HIS G 293 18.14 -63.92 -30.65
CA HIS G 293 17.02 -63.69 -29.74
C HIS G 293 17.31 -62.51 -28.81
N ALA G 294 18.54 -62.42 -28.31
CA ALA G 294 18.87 -61.35 -27.36
C ALA G 294 19.00 -60.00 -28.06
N PHE G 295 19.64 -59.97 -29.22
CA PHE G 295 19.96 -58.72 -29.90
C PHE G 295 19.41 -58.72 -31.32
N GLY G 296 18.18 -59.20 -31.49
CA GLY G 296 17.54 -59.15 -32.80
C GLY G 296 16.41 -58.16 -32.86
N ARG G 297 15.67 -58.03 -31.75
CA ARG G 297 14.57 -57.08 -31.70
C ARG G 297 15.06 -55.64 -31.80
N ARG G 298 16.32 -55.39 -31.44
CA ARG G 298 16.92 -54.08 -31.62
C ARG G 298 17.72 -53.98 -32.92
N LEU G 299 18.25 -55.10 -33.42
CA LEU G 299 19.02 -55.07 -34.65
C LEU G 299 18.15 -54.75 -35.85
N ILE G 300 16.93 -55.29 -35.88
CA ILE G 300 16.03 -55.02 -37.00
C ILE G 300 15.65 -53.55 -37.04
N LEU G 301 15.66 -52.88 -35.89
CA LEU G 301 15.37 -51.44 -35.88
C LEU G 301 16.43 -50.67 -36.66
N SER G 302 17.70 -51.06 -36.52
CA SER G 302 18.75 -50.38 -37.28
C SER G 302 18.64 -50.71 -38.76
N SER G 303 18.28 -51.94 -39.10
CA SER G 303 18.10 -52.29 -40.51
C SER G 303 16.91 -51.57 -41.11
N THR G 304 15.81 -51.45 -40.35
CA THR G 304 14.63 -50.78 -40.86
C THR G 304 14.92 -49.32 -41.19
N PHE G 305 15.66 -48.63 -40.33
CA PHE G 305 16.09 -47.27 -40.65
C PHE G 305 16.98 -47.26 -41.88
N ARG G 306 17.86 -48.24 -42.01
CA ARG G 306 18.73 -48.31 -43.19
C ARG G 306 17.93 -48.55 -44.45
N ILE G 307 16.93 -49.43 -44.39
CA ILE G 307 16.11 -49.71 -45.56
C ILE G 307 15.35 -48.46 -46.00
N LEU G 308 14.74 -47.75 -45.05
CA LEU G 308 14.03 -46.52 -45.39
C LEU G 308 15.00 -45.44 -45.88
N ALA G 309 16.20 -45.40 -45.32
CA ALA G 309 17.20 -44.46 -45.80
C ALA G 309 17.64 -44.80 -47.22
N ASP G 310 17.67 -46.10 -47.54
CA ASP G 310 18.02 -46.51 -48.90
C ASP G 310 16.88 -46.21 -49.87
N LEU G 311 15.64 -46.42 -49.45
CA LEU G 311 14.50 -46.10 -50.32
C LEU G 311 14.47 -44.62 -50.65
N LEU G 312 14.67 -43.76 -49.65
CA LEU G 312 14.72 -42.32 -49.90
C LEU G 312 15.98 -41.89 -50.63
N GLY G 313 16.98 -42.78 -50.76
CA GLY G 313 18.15 -42.44 -51.54
C GLY G 313 17.82 -42.19 -53.00
N PHE G 314 16.87 -42.94 -53.54
CA PHE G 314 16.43 -42.76 -54.91
C PHE G 314 15.59 -41.50 -55.10
N ALA G 315 15.11 -40.88 -54.02
CA ALA G 315 14.37 -39.64 -54.13
C ALA G 315 15.26 -38.50 -54.61
N GLY G 316 16.57 -38.66 -54.58
CA GLY G 316 17.48 -37.71 -55.15
C GLY G 316 17.42 -37.71 -56.66
N PRO G 317 17.79 -38.83 -57.29
CA PRO G 317 17.72 -38.90 -58.76
C PRO G 317 16.32 -38.67 -59.32
N LEU G 318 15.28 -39.16 -58.65
CA LEU G 318 13.92 -38.98 -59.16
C LEU G 318 13.55 -37.51 -59.22
N CYS G 319 13.90 -36.75 -58.18
CA CYS G 319 13.67 -35.30 -58.23
C CYS G 319 14.55 -34.66 -59.28
N ILE G 320 15.78 -35.14 -59.45
CA ILE G 320 16.65 -34.65 -60.51
C ILE G 320 16.03 -34.92 -61.87
N PHE G 321 15.52 -36.14 -62.07
CA PHE G 321 14.86 -36.47 -63.33
C PHE G 321 13.62 -35.62 -63.53
N GLY G 322 12.84 -35.41 -62.47
CA GLY G 322 11.62 -34.63 -62.60
C GLY G 322 11.87 -33.16 -62.88
N ILE G 323 12.87 -32.57 -62.22
CA ILE G 323 13.05 -31.13 -62.33
C ILE G 323 13.56 -30.74 -63.71
N VAL G 324 14.46 -31.55 -64.29
CA VAL G 324 15.07 -31.17 -65.55
C VAL G 324 14.06 -31.27 -66.70
N ASP G 325 13.23 -32.33 -66.69
CA ASP G 325 12.26 -32.51 -67.76
C ASP G 325 11.27 -31.34 -67.82
N HIS G 326 10.78 -30.91 -66.67
CA HIS G 326 9.84 -29.80 -66.60
C HIS G 326 10.52 -28.44 -66.68
N LEU G 327 11.85 -28.40 -66.66
CA LEU G 327 12.60 -27.17 -66.85
C LEU G 327 13.12 -27.01 -68.27
N GLY G 328 13.60 -28.09 -68.88
CA GLY G 328 14.07 -28.05 -70.25
C GLY G 328 12.97 -28.08 -71.29
N LYS G 329 11.73 -28.28 -70.88
CA LYS G 329 10.60 -28.28 -71.80
C LYS G 329 10.16 -26.89 -72.20
N GLU G 330 10.72 -25.85 -71.58
CA GLU G 330 10.33 -24.46 -71.81
C GLU G 330 8.83 -24.28 -71.60
N ASN G 331 8.12 -23.86 -72.64
CA ASN G 331 6.67 -23.70 -72.61
C ASN G 331 6.24 -22.66 -71.57
N HIS G 332 6.48 -22.97 -70.29
CA HIS G 332 6.11 -22.09 -69.19
C HIS G 332 4.61 -21.79 -69.18
N VAL G 333 3.81 -22.81 -69.51
CA VAL G 333 2.36 -22.70 -69.54
C VAL G 333 1.81 -23.42 -68.31
N PHE G 334 1.08 -22.69 -67.47
CA PHE G 334 0.54 -23.23 -66.23
C PHE G 334 -0.96 -22.95 -66.19
N GLN G 335 -1.75 -24.01 -66.09
CA GLN G 335 -3.20 -23.88 -66.03
C GLN G 335 -3.78 -25.09 -65.30
N PRO G 336 -4.41 -24.89 -64.14
CA PRO G 336 -4.98 -26.02 -63.40
C PRO G 336 -6.06 -26.76 -64.17
N LYS G 337 -6.81 -26.06 -65.02
CA LYS G 337 -7.88 -26.66 -65.83
C LYS G 337 -8.94 -27.31 -64.95
N THR G 338 -9.04 -26.88 -63.70
CA THR G 338 -10.01 -27.44 -62.76
C THR G 338 -10.39 -26.32 -61.79
N GLN G 339 -11.57 -25.76 -61.98
CA GLN G 339 -12.04 -24.61 -61.21
C GLN G 339 -13.36 -24.95 -60.55
N PHE G 340 -13.37 -25.02 -59.22
CA PHE G 340 -14.57 -25.26 -58.45
C PHE G 340 -14.81 -24.05 -57.54
N LEU G 341 -16.06 -23.56 -57.53
CA LEU G 341 -16.44 -22.39 -56.74
C LEU G 341 -15.59 -21.18 -57.10
N GLY G 342 -15.19 -21.08 -58.36
CA GLY G 342 -14.28 -20.02 -58.78
C GLY G 342 -12.88 -20.14 -58.24
N VAL G 343 -12.51 -21.30 -57.71
CA VAL G 343 -11.20 -21.54 -57.12
C VAL G 343 -10.51 -22.66 -57.91
N TYR G 344 -9.27 -22.41 -58.31
CA TYR G 344 -8.54 -23.41 -59.08
C TYR G 344 -8.03 -24.52 -58.18
N PHE G 345 -8.17 -25.76 -58.63
CA PHE G 345 -7.63 -26.93 -57.96
C PHE G 345 -6.61 -27.59 -58.86
N VAL G 346 -5.42 -27.85 -58.33
CA VAL G 346 -4.34 -28.46 -59.10
C VAL G 346 -4.39 -29.97 -58.89
N SER G 347 -4.29 -30.72 -59.98
CA SER G 347 -4.31 -32.16 -59.89
C SER G 347 -3.01 -32.68 -59.29
N SER G 348 -3.03 -33.94 -58.87
CA SER G 348 -1.84 -34.55 -58.30
C SER G 348 -0.69 -34.60 -59.30
N GLN G 349 -0.99 -34.96 -60.55
CA GLN G 349 0.04 -34.99 -61.57
C GLN G 349 0.61 -33.60 -61.83
N GLU G 350 -0.25 -32.58 -61.89
CA GLU G 350 0.23 -31.22 -62.12
C GLU G 350 1.02 -30.69 -60.93
N PHE G 351 0.65 -31.10 -59.72
CA PHE G 351 1.39 -30.65 -58.53
C PHE G 351 2.84 -31.08 -58.58
N LEU G 352 3.09 -32.33 -58.95
CA LEU G 352 4.46 -32.82 -59.12
C LEU G 352 4.99 -32.46 -60.50
N GLY G 353 4.75 -31.22 -60.91
CA GLY G 353 5.21 -30.73 -62.20
C GLY G 353 6.07 -29.49 -62.06
N ASN G 354 5.89 -28.76 -60.98
CA ASN G 354 6.62 -27.52 -60.77
C ASN G 354 8.01 -27.81 -60.23
N ALA G 355 9.00 -27.05 -60.73
CA ALA G 355 10.36 -27.23 -60.27
C ALA G 355 10.51 -26.85 -58.80
N TYR G 356 9.84 -25.77 -58.38
CA TYR G 356 9.92 -25.34 -56.99
C TYR G 356 9.37 -26.41 -56.05
N VAL G 357 8.25 -27.03 -56.44
CA VAL G 357 7.67 -28.08 -55.60
C VAL G 357 8.63 -29.26 -55.48
N LEU G 358 9.23 -29.66 -56.58
CA LEU G 358 10.17 -30.76 -56.55
C LEU G 358 11.39 -30.42 -55.70
N ALA G 359 11.88 -29.18 -55.81
CA ALA G 359 13.04 -28.78 -55.02
C ALA G 359 12.75 -28.83 -53.53
N VAL G 360 11.58 -28.32 -53.13
CA VAL G 360 11.21 -28.35 -51.71
C VAL G 360 11.00 -29.77 -51.25
N LEU G 361 10.31 -30.58 -52.05
CA LEU G 361 10.08 -31.97 -51.70
C LEU G 361 11.39 -32.74 -51.62
N LEU G 362 12.33 -32.43 -52.51
CA LEU G 362 13.66 -33.05 -52.44
C LEU G 362 14.37 -32.66 -51.15
N PHE G 363 14.25 -31.40 -50.75
CA PHE G 363 14.90 -30.95 -49.51
C PHE G 363 14.36 -31.68 -48.30
N LEU G 364 13.04 -31.87 -48.24
CA LEU G 364 12.46 -32.63 -47.13
C LEU G 364 12.81 -34.10 -47.23
N ALA G 365 12.93 -34.63 -48.46
CA ALA G 365 13.27 -36.04 -48.63
C ALA G 365 14.68 -36.32 -48.13
N LEU G 366 15.61 -35.40 -48.35
CA LEU G 366 16.99 -35.61 -47.91
C LEU G 366 17.08 -35.59 -46.39
N LEU G 367 16.41 -34.64 -45.74
CA LEU G 367 16.51 -34.53 -44.29
C LEU G 367 16.05 -35.80 -43.61
N LEU G 368 14.95 -36.39 -44.08
CA LEU G 368 14.50 -37.66 -43.52
C LEU G 368 15.47 -38.78 -43.85
N GLN G 369 16.08 -38.76 -45.03
CA GLN G 369 17.02 -39.80 -45.40
C GLN G 369 18.32 -39.69 -44.61
N ARG G 370 18.87 -38.48 -44.52
CA ARG G 370 20.13 -38.30 -43.80
C ARG G 370 19.98 -38.68 -42.34
N THR G 371 18.88 -38.28 -41.71
CA THR G 371 18.65 -38.65 -40.32
C THR G 371 18.49 -40.16 -40.16
N PHE G 372 17.79 -40.81 -41.10
CA PHE G 372 17.53 -42.23 -40.98
C PHE G 372 18.82 -43.05 -41.06
N LEU G 373 19.69 -42.74 -42.01
CA LEU G 373 20.94 -43.49 -42.12
C LEU G 373 21.82 -43.28 -40.90
N GLN G 374 21.82 -42.06 -40.36
CA GLN G 374 22.54 -41.83 -39.10
C GLN G 374 21.90 -42.59 -37.96
N ALA G 375 20.57 -42.63 -37.91
CA ALA G 375 19.88 -43.41 -36.89
C ALA G 375 20.14 -44.89 -37.05
N SER G 376 20.28 -45.36 -38.29
CA SER G 376 20.64 -46.75 -38.53
C SER G 376 22.03 -47.07 -38.00
N TYR G 377 22.96 -46.11 -38.15
CA TYR G 377 24.33 -46.34 -37.70
C TYR G 377 24.39 -46.48 -36.18
N TYR G 378 23.80 -45.55 -35.46
CA TYR G 378 23.93 -45.55 -34.00
C TYR G 378 23.31 -46.80 -33.38
N VAL G 379 22.12 -47.19 -33.83
CA VAL G 379 21.44 -48.33 -33.23
C VAL G 379 22.26 -49.60 -33.44
N ALA G 380 22.85 -49.76 -34.62
CA ALA G 380 23.72 -50.91 -34.86
C ALA G 380 24.96 -50.85 -33.97
N ILE G 381 25.57 -49.67 -33.86
CA ILE G 381 26.76 -49.54 -33.02
C ILE G 381 26.40 -49.72 -31.55
N GLU G 382 25.29 -49.12 -31.11
CA GLU G 382 24.88 -49.28 -29.72
C GLU G 382 24.58 -50.74 -29.38
N THR G 383 23.91 -51.44 -30.29
CA THR G 383 23.70 -52.87 -30.10
C THR G 383 25.00 -53.65 -30.29
N GLY G 384 25.89 -53.15 -31.14
CA GLY G 384 27.16 -53.85 -31.36
C GLY G 384 28.03 -53.87 -30.12
N ILE G 385 28.16 -52.71 -29.46
CA ILE G 385 28.98 -52.67 -28.25
C ILE G 385 28.23 -53.29 -27.07
N ASN G 386 26.90 -53.35 -27.15
CA ASN G 386 26.14 -54.06 -26.13
C ASN G 386 26.49 -55.54 -26.13
N LEU G 387 26.62 -56.14 -27.32
CA LEU G 387 27.04 -57.54 -27.40
C LEU G 387 28.50 -57.68 -26.95
N ARG G 388 29.34 -56.69 -27.27
CA ARG G 388 30.75 -56.78 -26.91
C ARG G 388 30.93 -56.88 -25.40
N GLY G 389 30.18 -56.07 -24.65
CA GLY G 389 30.25 -56.18 -23.20
C GLY G 389 29.73 -57.51 -22.69
N ALA G 390 28.63 -58.00 -23.27
CA ALA G 390 28.09 -59.29 -22.85
C ALA G 390 29.05 -60.43 -23.22
N ILE G 391 29.68 -60.36 -24.38
CA ILE G 391 30.61 -61.40 -24.80
C ILE G 391 31.82 -61.45 -23.87
N GLN G 392 32.37 -60.28 -23.55
CA GLN G 392 33.53 -60.24 -22.66
C GLN G 392 33.20 -60.80 -21.29
N THR G 393 31.99 -60.55 -20.81
CA THR G 393 31.56 -61.16 -19.55
C THR G 393 31.52 -62.68 -19.67
N LYS G 394 30.99 -63.19 -20.79
CA LYS G 394 30.96 -64.64 -20.99
C LYS G 394 32.36 -65.22 -21.11
N ILE G 395 33.26 -64.52 -21.82
CA ILE G 395 34.63 -65.00 -21.97
C ILE G 395 35.32 -65.03 -20.61
N TYR G 396 35.19 -63.94 -19.84
CA TYR G 396 35.80 -63.89 -18.51
C TYR G 396 35.21 -64.94 -17.59
N ASN G 397 33.89 -65.16 -17.68
CA ASN G 397 33.25 -66.20 -16.89
C ASN G 397 33.78 -67.58 -17.30
N LYS G 398 34.09 -67.76 -18.59
CA LYS G 398 34.65 -69.03 -19.04
C LYS G 398 36.03 -69.27 -18.46
N ILE G 399 36.86 -68.23 -18.41
CA ILE G 399 38.19 -68.39 -17.83
C ILE G 399 38.10 -68.61 -16.32
N MET G 400 37.22 -67.87 -15.66
CA MET G 400 37.05 -67.95 -14.21
C MET G 400 36.10 -69.07 -13.82
N HIS G 401 35.58 -69.00 -12.59
CA HIS G 401 34.74 -70.02 -11.97
C HIS G 401 33.66 -70.54 -12.90
N LEU G 402 33.21 -71.78 -12.66
CA LEU G 402 32.40 -72.57 -13.57
C LEU G 402 33.20 -73.07 -14.75
N SER G 403 34.50 -73.28 -14.53
CA SER G 403 35.42 -73.87 -15.50
C SER G 403 36.32 -74.89 -14.82
N THR G 404 35.70 -75.75 -14.00
CA THR G 404 36.47 -76.72 -13.23
C THR G 404 37.13 -77.73 -14.15
N SER G 405 38.25 -78.29 -13.68
CA SER G 405 39.02 -79.31 -14.40
C SER G 405 39.49 -78.78 -15.76
N ASN G 406 40.38 -77.79 -15.69
CA ASN G 406 40.99 -77.26 -16.90
C ASN G 406 41.76 -78.36 -17.62
N LEU G 407 41.77 -78.29 -18.95
CA LEU G 407 42.20 -79.42 -19.77
C LEU G 407 43.68 -79.76 -19.56
N SER G 408 44.56 -78.84 -19.93
CA SER G 408 46.00 -79.08 -19.85
C SER G 408 46.72 -77.76 -20.13
N MET G 409 48.06 -77.84 -20.21
CA MET G 409 48.92 -76.72 -20.55
C MET G 409 48.68 -75.52 -19.65
N GLY G 410 48.97 -74.33 -20.17
CA GLY G 410 48.70 -73.10 -19.45
C GLY G 410 47.34 -72.54 -19.80
N GLU G 411 46.28 -73.27 -19.44
CA GLU G 411 44.90 -72.92 -19.79
C GLU G 411 44.75 -72.80 -21.31
N MET G 412 44.90 -73.94 -21.98
CA MET G 412 44.90 -74.02 -23.44
C MET G 412 46.08 -73.24 -24.01
N THR G 413 45.86 -71.95 -24.31
CA THR G 413 46.94 -71.11 -24.81
C THR G 413 46.78 -69.71 -24.23
N ALA G 414 47.83 -69.22 -23.56
CA ALA G 414 47.78 -67.88 -23.00
C ALA G 414 47.69 -66.83 -24.09
N GLY G 415 48.44 -67.01 -25.18
CA GLY G 415 48.39 -66.04 -26.26
C GLY G 415 47.05 -66.03 -26.98
N GLN G 416 46.46 -67.21 -27.17
CA GLN G 416 45.18 -67.29 -27.87
C GLN G 416 44.09 -66.56 -27.10
N ILE G 417 44.06 -66.72 -25.78
CA ILE G 417 43.06 -66.04 -24.97
C ILE G 417 43.24 -64.53 -25.03
N CYS G 418 44.49 -64.07 -25.05
CA CYS G 418 44.76 -62.64 -25.07
C CYS G 418 44.17 -61.98 -26.33
N ASN G 419 44.44 -62.56 -27.49
CA ASN G 419 43.90 -62.00 -28.73
C ASN G 419 42.42 -62.36 -28.94
N LEU G 420 41.92 -63.39 -28.24
CA LEU G 420 40.52 -63.75 -28.37
C LEU G 420 39.61 -62.61 -27.94
N VAL G 421 39.98 -61.92 -26.86
CA VAL G 421 39.21 -60.76 -26.40
C VAL G 421 39.77 -59.45 -26.96
N ALA G 422 40.82 -59.51 -27.76
CA ALA G 422 41.44 -58.29 -28.28
C ALA G 422 41.09 -58.05 -29.75
N ILE G 423 41.33 -59.05 -30.60
CA ILE G 423 41.12 -58.89 -32.04
C ILE G 423 40.23 -60.00 -32.57
N ASP G 424 39.40 -60.57 -31.72
CA ASP G 424 38.42 -61.56 -32.17
C ASP G 424 37.00 -61.23 -31.76
N THR G 425 36.79 -60.66 -30.56
CA THR G 425 35.47 -60.16 -30.20
C THR G 425 35.16 -58.85 -30.90
N ASN G 426 36.18 -58.08 -31.26
CA ASN G 426 35.96 -56.86 -32.04
C ASN G 426 35.40 -57.19 -33.42
N GLN G 427 35.90 -58.26 -34.03
CA GLN G 427 35.39 -58.68 -35.33
C GLN G 427 33.92 -59.05 -35.24
N LEU G 428 33.53 -59.75 -34.17
CA LEU G 428 32.12 -60.01 -33.94
C LEU G 428 31.33 -58.73 -33.74
N MET G 429 31.91 -57.78 -33.00
CA MET G 429 31.25 -56.49 -32.80
C MET G 429 31.12 -55.74 -34.12
N TRP G 430 32.20 -55.70 -34.91
CA TRP G 430 32.15 -55.02 -36.20
C TRP G 430 31.23 -55.73 -37.19
N PHE G 431 30.99 -57.02 -37.01
CA PHE G 431 29.97 -57.69 -37.82
C PHE G 431 28.60 -57.10 -37.56
N PHE G 432 28.27 -56.84 -36.29
CA PHE G 432 27.01 -56.19 -35.98
C PHE G 432 27.02 -54.71 -36.32
N PHE G 433 28.20 -54.10 -36.43
CA PHE G 433 28.25 -52.72 -36.93
C PHE G 433 27.79 -52.65 -38.38
N LEU G 434 28.11 -53.67 -39.17
CA LEU G 434 27.77 -53.70 -40.59
C LEU G 434 26.72 -54.75 -40.92
N CYS G 435 26.08 -55.34 -39.91
CA CYS G 435 25.04 -56.34 -40.18
C CYS G 435 23.88 -55.77 -40.99
N PRO G 436 23.30 -54.61 -40.66
CA PRO G 436 22.31 -54.03 -41.57
C PRO G 436 22.86 -53.68 -42.93
N ASN G 437 24.15 -53.30 -42.99
CA ASN G 437 24.75 -52.88 -44.25
C ASN G 437 24.70 -54.00 -45.29
N LEU G 438 25.06 -55.21 -44.89
CA LEU G 438 24.97 -56.36 -45.80
C LEU G 438 23.54 -56.63 -46.19
N TRP G 439 22.61 -56.53 -45.24
CA TRP G 439 21.21 -56.80 -45.54
C TRP G 439 20.62 -55.74 -46.46
N ALA G 440 20.98 -54.48 -46.26
CA ALA G 440 20.39 -53.38 -47.02
C ALA G 440 21.06 -53.13 -48.35
N MET G 441 22.22 -53.73 -48.61
CA MET G 441 22.86 -53.55 -49.91
C MET G 441 22.04 -54.11 -51.08
N PRO G 442 21.55 -55.36 -51.04
CA PRO G 442 20.79 -55.86 -52.20
C PRO G 442 19.54 -55.04 -52.49
N VAL G 443 18.85 -54.54 -51.47
CA VAL G 443 17.64 -53.78 -51.69
C VAL G 443 17.94 -52.49 -52.47
N GLN G 444 19.02 -51.79 -52.08
CA GLN G 444 19.41 -50.60 -52.80
C GLN G 444 19.89 -50.94 -54.21
N ILE G 445 20.59 -52.06 -54.36
CA ILE G 445 21.13 -52.42 -55.67
C ILE G 445 20.01 -52.77 -56.65
N ILE G 446 19.07 -53.60 -56.24
CA ILE G 446 18.05 -54.08 -57.16
C ILE G 446 17.13 -52.94 -57.60
N VAL G 447 16.76 -52.05 -56.67
CA VAL G 447 15.94 -50.92 -57.05
C VAL G 447 16.74 -49.95 -57.90
N GLY G 448 18.03 -49.79 -57.60
CA GLY G 448 18.85 -48.86 -58.37
C GLY G 448 18.98 -49.27 -59.82
N VAL G 449 19.24 -50.56 -60.08
CA VAL G 449 19.39 -51.02 -61.45
C VAL G 449 18.04 -50.97 -62.17
N ILE G 450 16.95 -51.29 -61.47
CA ILE G 450 15.63 -51.23 -62.09
C ILE G 450 15.29 -49.81 -62.52
N LEU G 451 15.57 -48.84 -61.64
CA LEU G 451 15.33 -47.44 -62.00
C LEU G 451 16.20 -47.02 -63.17
N LEU G 452 17.44 -47.52 -63.23
CA LEU G 452 18.30 -47.23 -64.36
C LEU G 452 17.72 -47.80 -65.65
N TYR G 453 17.17 -49.02 -65.58
CA TYR G 453 16.59 -49.64 -66.77
C TYR G 453 15.40 -48.84 -67.30
N TYR G 454 14.61 -48.28 -66.40
CA TYR G 454 13.46 -47.47 -66.80
C TYR G 454 13.85 -46.07 -67.25
N ILE G 455 15.13 -45.72 -67.19
CA ILE G 455 15.59 -44.40 -67.62
C ILE G 455 16.31 -44.50 -68.96
N LEU G 456 17.37 -45.33 -68.99
CA LEU G 456 18.21 -45.44 -70.17
C LEU G 456 18.06 -46.78 -70.89
N GLY G 457 17.21 -47.67 -70.40
CA GLY G 457 16.94 -48.91 -71.12
C GLY G 457 18.14 -49.83 -71.14
N VAL G 458 18.58 -50.20 -72.34
CA VAL G 458 19.62 -51.21 -72.49
C VAL G 458 20.97 -50.68 -72.02
N SER G 459 21.25 -49.40 -72.33
CA SER G 459 22.56 -48.85 -72.00
C SER G 459 22.83 -48.88 -70.50
N ALA G 460 21.81 -48.67 -69.68
CA ALA G 460 21.98 -48.72 -68.24
C ALA G 460 22.27 -50.14 -67.75
N LEU G 461 21.73 -51.14 -68.44
CA LEU G 461 21.97 -52.53 -68.04
C LEU G 461 23.45 -52.88 -68.11
N ILE G 462 24.12 -52.46 -69.17
CA ILE G 462 25.54 -52.75 -69.31
C ILE G 462 26.35 -51.98 -68.27
N GLY G 463 25.96 -50.73 -68.01
CA GLY G 463 26.68 -49.94 -67.02
C GLY G 463 26.54 -50.48 -65.62
N ALA G 464 25.35 -50.99 -65.27
CA ALA G 464 25.15 -51.57 -63.95
C ALA G 464 25.80 -52.93 -63.82
N ALA G 465 25.87 -53.68 -64.92
CA ALA G 465 26.43 -55.03 -64.86
C ALA G 465 27.92 -55.00 -64.51
N VAL G 466 28.67 -54.07 -65.11
CA VAL G 466 30.11 -54.02 -64.84
C VAL G 466 30.37 -53.61 -63.39
N ILE G 467 29.53 -52.74 -62.82
CA ILE G 467 29.69 -52.37 -61.42
C ILE G 467 29.42 -53.57 -60.52
N ILE G 468 28.40 -54.37 -60.86
CA ILE G 468 28.13 -55.59 -60.10
C ILE G 468 29.30 -56.55 -60.21
N LEU G 469 29.85 -56.69 -61.42
CA LEU G 469 31.02 -57.54 -61.62
C LEU G 469 32.26 -57.01 -60.94
N LEU G 470 32.26 -55.74 -60.53
CA LEU G 470 33.40 -55.20 -59.79
C LEU G 470 33.45 -55.74 -58.36
N ALA G 471 32.30 -56.14 -57.82
CA ALA G 471 32.27 -56.66 -56.45
C ALA G 471 33.15 -57.89 -56.26
N PRO G 472 33.10 -58.92 -57.12
CA PRO G 472 34.09 -59.99 -57.00
C PRO G 472 35.51 -59.51 -57.17
N VAL G 473 35.74 -58.51 -58.03
CA VAL G 473 37.09 -57.97 -58.21
C VAL G 473 37.57 -57.32 -56.94
N GLN G 474 36.72 -56.53 -56.27
CA GLN G 474 37.11 -55.87 -55.04
C GLN G 474 37.43 -56.88 -53.94
N TYR G 475 36.64 -57.96 -53.85
CA TYR G 475 36.95 -59.02 -52.91
C TYR G 475 38.20 -59.79 -53.33
N PHE G 476 38.41 -59.95 -54.64
CA PHE G 476 39.58 -60.67 -55.12
C PHE G 476 40.87 -59.95 -54.73
N VAL G 477 40.90 -58.63 -54.90
CA VAL G 477 42.07 -57.87 -54.51
C VAL G 477 42.15 -57.74 -53.00
N ALA G 478 41.01 -57.90 -52.30
CA ALA G 478 41.03 -57.87 -50.84
C ALA G 478 41.79 -59.07 -50.28
N THR G 479 41.57 -60.25 -50.84
CA THR G 479 42.29 -61.44 -50.40
C THR G 479 43.78 -61.29 -50.68
N LYS G 480 44.13 -60.76 -51.86
CA LYS G 480 45.53 -60.52 -52.16
C LYS G 480 46.14 -59.50 -51.21
N LEU G 481 45.40 -58.44 -50.90
CA LEU G 481 45.89 -57.44 -49.96
C LEU G 481 46.06 -58.01 -48.57
N SER G 482 45.11 -58.84 -48.12
CA SER G 482 45.22 -59.45 -46.80
C SER G 482 46.38 -60.42 -46.73
N GLN G 483 46.58 -61.22 -47.79
CA GLN G 483 47.69 -62.17 -47.81
C GLN G 483 49.03 -61.45 -47.82
N ALA G 484 49.10 -60.29 -48.50
CA ALA G 484 50.34 -59.54 -48.56
C ALA G 484 50.77 -59.07 -47.17
N GLN G 485 49.83 -58.61 -46.36
CA GLN G 485 50.15 -58.21 -45.00
C GLN G 485 50.54 -59.42 -44.16
N ARG G 486 49.92 -60.57 -44.41
CA ARG G 486 50.28 -61.80 -43.69
C ARG G 486 51.72 -62.18 -43.97
N SER G 487 52.14 -62.10 -45.23
CA SER G 487 53.55 -62.35 -45.55
C SER G 487 54.44 -61.23 -45.03
N THR G 488 53.93 -60.00 -45.01
CA THR G 488 54.70 -58.88 -44.47
C THR G 488 54.97 -59.06 -42.98
N LEU G 489 53.95 -59.51 -42.22
CA LEU G 489 54.13 -59.69 -40.78
C LEU G 489 55.15 -60.78 -40.46
N GLU G 490 55.29 -61.77 -41.36
CA GLU G 490 56.30 -62.81 -41.14
C GLU G 490 57.71 -62.22 -41.16
N HIS G 491 57.98 -61.29 -42.07
CA HIS G 491 59.28 -60.64 -42.13
C HIS G 491 59.38 -59.43 -41.23
N SER G 492 58.26 -58.71 -41.01
CA SER G 492 58.28 -57.57 -40.10
C SER G 492 58.56 -58.01 -38.67
N ASN G 493 58.00 -59.14 -38.25
CA ASN G 493 58.27 -59.65 -36.91
C ASN G 493 59.75 -59.99 -36.74
N GLU G 494 60.35 -60.60 -37.77
CA GLU G 494 61.79 -60.85 -37.73
C GLU G 494 62.57 -59.55 -37.68
N ARG G 495 62.15 -58.55 -38.47
CA ARG G 495 62.79 -57.25 -38.40
C ARG G 495 62.60 -56.61 -37.04
N LEU G 496 61.39 -56.71 -36.47
CA LEU G 496 61.15 -56.18 -35.13
C LEU G 496 61.96 -56.94 -34.09
N LYS G 497 61.98 -58.28 -34.19
CA LYS G 497 62.72 -59.08 -33.21
C LYS G 497 64.21 -58.81 -33.29
N GLN G 498 64.77 -58.71 -34.50
CA GLN G 498 66.17 -58.39 -34.65
C GLN G 498 66.49 -57.00 -34.13
N THR G 499 65.62 -56.03 -34.42
CA THR G 499 65.81 -54.67 -33.91
C THR G 499 65.62 -54.62 -32.41
N ASN G 500 64.59 -55.29 -31.90
CA ASN G 500 64.31 -55.29 -30.46
C ASN G 500 65.12 -56.37 -29.74
N GLU G 501 66.43 -56.37 -29.97
CA GLU G 501 67.37 -57.18 -29.22
C GLU G 501 68.32 -56.34 -28.39
N MET G 502 68.67 -55.15 -28.86
CA MET G 502 69.42 -54.19 -28.06
C MET G 502 68.80 -52.79 -28.14
N LEU G 503 67.63 -52.65 -28.75
CA LEU G 503 66.98 -51.33 -28.83
C LEU G 503 66.58 -50.84 -27.45
N ARG G 504 65.90 -51.70 -26.67
CA ARG G 504 65.58 -51.34 -25.29
C ARG G 504 66.84 -51.28 -24.43
N GLY G 505 67.85 -52.05 -24.77
CA GLY G 505 69.14 -52.02 -24.11
C GLY G 505 70.14 -51.06 -24.73
N MET G 506 69.68 -50.15 -25.59
CA MET G 506 70.59 -49.20 -26.23
C MET G 506 71.20 -48.24 -25.22
N LYS G 507 70.66 -48.16 -24.01
CA LYS G 507 71.29 -47.37 -22.96
C LYS G 507 72.64 -47.96 -22.56
N LEU G 508 72.77 -49.28 -22.63
CA LEU G 508 74.03 -49.96 -22.33
C LEU G 508 74.67 -50.61 -23.55
N LEU G 509 73.92 -50.88 -24.62
CA LEU G 509 74.51 -51.44 -25.82
C LEU G 509 75.48 -50.46 -26.47
N LYS G 510 75.13 -49.17 -26.46
CA LYS G 510 76.01 -48.16 -27.05
C LYS G 510 77.31 -48.01 -26.29
N LEU G 511 77.30 -48.36 -24.99
CA LEU G 511 78.53 -48.26 -24.20
C LEU G 511 79.60 -49.20 -24.71
N TYR G 512 79.22 -50.42 -25.09
CA TYR G 512 80.18 -51.39 -25.61
C TYR G 512 80.65 -51.07 -27.02
N ALA G 513 80.04 -50.09 -27.68
CA ALA G 513 80.39 -49.69 -29.04
C ALA G 513 80.23 -50.85 -30.02
N TRP G 514 79.35 -51.79 -29.70
CA TRP G 514 79.04 -52.91 -30.59
C TRP G 514 77.87 -52.61 -31.51
N GLU G 515 77.21 -51.46 -31.35
CA GLU G 515 76.08 -51.09 -32.19
C GLU G 515 76.50 -50.63 -33.58
N SER G 516 77.80 -50.37 -33.80
CA SER G 516 78.25 -49.99 -35.12
C SER G 516 78.01 -51.11 -36.13
N ILE G 517 78.30 -52.35 -35.75
CA ILE G 517 78.01 -53.49 -36.61
C ILE G 517 76.60 -54.01 -36.42
N PHE G 518 75.98 -53.78 -35.26
CA PHE G 518 74.59 -54.18 -35.07
C PHE G 518 73.66 -53.42 -36.00
N CYS G 519 73.89 -52.12 -36.18
CA CYS G 519 73.10 -51.30 -37.10
C CYS G 519 73.71 -51.28 -38.49
N SER G 520 73.98 -52.47 -39.02
CA SER G 520 74.54 -52.61 -40.37
C SER G 520 73.65 -53.54 -41.18
N ARG G 521 73.05 -54.52 -40.51
CA ARG G 521 72.09 -55.43 -41.13
C ARG G 521 70.65 -54.96 -40.96
N VAL G 522 70.46 -53.76 -40.41
CA VAL G 522 69.10 -53.22 -40.23
C VAL G 522 68.44 -53.03 -41.58
N GLU G 523 69.19 -52.55 -42.58
CA GLU G 523 68.65 -52.43 -43.93
C GLU G 523 68.29 -53.80 -44.49
N VAL G 524 69.14 -54.80 -44.25
CA VAL G 524 68.86 -56.15 -44.74
C VAL G 524 67.59 -56.69 -44.07
N THR G 525 67.45 -56.49 -42.76
CA THR G 525 66.23 -56.91 -42.07
C THR G 525 65.03 -56.07 -42.46
N ARG G 526 65.25 -54.87 -43.01
CA ARG G 526 64.14 -54.04 -43.46
C ARG G 526 63.81 -54.28 -44.93
N ARG G 527 64.83 -54.52 -45.76
CA ARG G 527 64.58 -54.79 -47.17
C ARG G 527 63.77 -56.08 -47.36
N LYS G 528 64.03 -57.10 -46.54
CA LYS G 528 63.23 -58.31 -46.59
C LYS G 528 61.77 -58.05 -46.20
N GLU G 529 61.52 -56.99 -45.44
CA GLU G 529 60.16 -56.55 -45.14
C GLU G 529 59.65 -55.51 -46.12
N MET G 530 60.54 -54.64 -46.64
CA MET G 530 60.11 -53.66 -47.63
C MET G 530 59.64 -54.32 -48.92
N THR G 531 60.31 -55.40 -49.35
CA THR G 531 59.85 -56.11 -50.53
C THR G 531 58.46 -56.72 -50.31
N SER G 532 58.13 -57.05 -49.06
CA SER G 532 56.76 -57.44 -48.75
C SER G 532 55.84 -56.22 -48.69
N LEU G 533 56.38 -55.07 -48.31
CA LEU G 533 55.60 -53.83 -48.36
C LEU G 533 55.26 -53.46 -49.79
N ARG G 534 56.20 -53.71 -50.72
CA ARG G 534 55.92 -53.44 -52.13
C ARG G 534 54.75 -54.27 -52.63
N ALA G 535 54.70 -55.55 -52.25
CA ALA G 535 53.58 -56.40 -52.63
C ALA G 535 52.28 -55.90 -52.01
N PHE G 536 52.32 -55.47 -50.74
CA PHE G 536 51.13 -54.91 -50.11
C PHE G 536 50.74 -53.58 -50.74
N ALA G 537 51.74 -52.79 -51.15
CA ALA G 537 51.46 -51.46 -51.68
C ALA G 537 50.82 -51.53 -53.06
N VAL G 538 51.31 -52.41 -53.93
CA VAL G 538 50.77 -52.49 -55.28
C VAL G 538 49.33 -52.97 -55.24
N TYR G 539 48.99 -53.88 -54.33
CA TYR G 539 47.60 -54.30 -54.17
C TYR G 539 46.73 -53.13 -53.73
N THR G 540 47.23 -52.31 -52.82
CA THR G 540 46.49 -51.12 -52.40
C THR G 540 46.30 -50.16 -53.58
N SER G 541 47.36 -49.93 -54.35
CA SER G 541 47.24 -49.06 -55.52
C SER G 541 46.30 -49.64 -56.56
N ILE G 542 46.29 -50.97 -56.69
CA ILE G 542 45.35 -51.62 -57.59
C ILE G 542 43.92 -51.34 -57.16
N SER G 543 43.64 -51.44 -55.86
CA SER G 543 42.30 -51.19 -55.37
C SER G 543 41.89 -49.73 -55.51
N ILE G 544 42.86 -48.82 -55.67
CA ILE G 544 42.54 -47.41 -55.77
C ILE G 544 41.85 -47.11 -57.10
N PHE G 545 42.56 -47.34 -58.21
CA PHE G 545 41.98 -47.04 -59.52
C PHE G 545 40.89 -48.03 -59.91
N MET G 546 40.83 -49.19 -59.27
CA MET G 546 39.69 -50.10 -59.42
C MET G 546 38.48 -49.63 -58.63
N ASN G 547 38.63 -48.60 -57.80
CA ASN G 547 37.55 -48.03 -57.02
C ASN G 547 37.33 -46.55 -57.31
N THR G 548 38.41 -45.82 -57.61
CA THR G 548 38.28 -44.38 -57.85
C THR G 548 38.00 -44.10 -59.32
N ALA G 549 38.64 -44.83 -60.22
CA ALA G 549 38.48 -44.60 -61.65
C ALA G 549 37.39 -45.45 -62.29
N ILE G 550 36.77 -46.36 -61.54
CA ILE G 550 35.72 -47.22 -62.10
C ILE G 550 34.42 -46.44 -62.38
N PRO G 551 34.03 -45.41 -61.61
CA PRO G 551 32.83 -44.66 -62.02
C PRO G 551 32.96 -44.02 -63.38
N ILE G 552 34.16 -43.59 -63.76
CA ILE G 552 34.37 -43.03 -65.09
C ILE G 552 34.09 -44.07 -66.16
N ALA G 553 34.58 -45.30 -65.96
CA ALA G 553 34.32 -46.36 -66.92
C ALA G 553 32.85 -46.70 -67.00
N ALA G 554 32.16 -46.69 -65.85
CA ALA G 554 30.74 -47.01 -65.84
C ALA G 554 29.92 -45.99 -66.62
N VAL G 555 30.33 -44.72 -66.55
CA VAL G 555 29.62 -43.68 -67.29
C VAL G 555 29.81 -43.88 -68.79
N LEU G 556 31.05 -44.14 -69.21
CA LEU G 556 31.35 -44.30 -70.62
C LEU G 556 30.66 -45.53 -71.21
N ILE G 557 30.65 -46.64 -70.47
CA ILE G 557 30.03 -47.85 -70.97
C ILE G 557 28.51 -47.70 -71.05
N THR G 558 27.96 -46.67 -70.43
CA THR G 558 26.53 -46.40 -70.53
C THR G 558 26.24 -45.27 -71.51
N PHE G 559 27.13 -44.29 -71.63
CA PHE G 559 26.89 -43.15 -72.50
C PHE G 559 27.05 -43.51 -73.96
N VAL G 560 28.26 -43.95 -74.35
CA VAL G 560 28.53 -44.25 -75.75
C VAL G 560 27.76 -45.46 -76.26
N GLY G 561 27.18 -46.26 -75.37
CA GLY G 561 26.38 -47.39 -75.77
C GLY G 561 25.01 -47.06 -76.29
N HIS G 562 24.59 -45.80 -76.18
CA HIS G 562 23.29 -45.38 -76.68
C HIS G 562 23.20 -45.47 -78.19
N VAL G 563 24.33 -45.39 -78.90
CA VAL G 563 24.33 -45.51 -80.36
C VAL G 563 25.18 -46.67 -80.85
N SER G 564 26.15 -47.16 -80.08
CA SER G 564 26.97 -48.28 -80.54
C SER G 564 26.14 -49.56 -80.67
N PHE G 565 25.27 -49.82 -79.70
CA PHE G 565 24.44 -51.02 -79.72
C PHE G 565 22.99 -50.76 -79.41
N PHE G 566 22.62 -49.59 -78.90
CA PHE G 566 21.24 -49.26 -78.59
C PHE G 566 20.54 -48.59 -79.77
N LYS G 567 21.15 -47.55 -80.33
CA LYS G 567 20.64 -46.85 -81.51
C LYS G 567 19.24 -46.29 -81.25
N GLU G 568 19.17 -45.38 -80.28
CA GLU G 568 17.89 -44.78 -79.89
C GLU G 568 17.93 -43.27 -80.02
N SER G 569 16.88 -42.61 -79.55
CA SER G 569 16.77 -41.17 -79.66
C SER G 569 17.85 -40.48 -78.83
N ASP G 570 18.08 -39.20 -79.14
CA ASP G 570 19.08 -38.42 -78.43
C ASP G 570 18.75 -38.35 -76.95
N LEU G 571 19.77 -38.52 -76.12
CA LEU G 571 19.57 -38.48 -74.68
C LEU G 571 19.31 -37.05 -74.21
N SER G 572 18.45 -36.92 -73.21
CA SER G 572 18.12 -35.63 -72.61
C SER G 572 18.96 -35.40 -71.37
N PRO G 573 19.12 -34.15 -70.94
CA PRO G 573 19.86 -33.90 -69.69
C PRO G 573 19.23 -34.60 -68.49
N SER G 574 17.91 -34.71 -68.46
CA SER G 574 17.24 -35.36 -67.34
C SER G 574 17.63 -36.83 -67.23
N VAL G 575 17.57 -37.56 -68.35
CA VAL G 575 17.88 -38.98 -68.30
C VAL G 575 19.36 -39.23 -68.12
N ALA G 576 20.20 -38.22 -68.41
CA ALA G 576 21.63 -38.38 -68.24
C ALA G 576 22.04 -38.17 -66.78
N PHE G 577 21.60 -37.05 -66.18
CA PHE G 577 21.97 -36.77 -64.79
C PHE G 577 21.31 -37.72 -63.83
N ALA G 578 20.07 -38.16 -64.11
CA ALA G 578 19.42 -39.12 -63.24
C ALA G 578 20.19 -40.43 -63.17
N SER G 579 20.66 -40.92 -64.32
CA SER G 579 21.50 -42.11 -64.31
C SER G 579 22.87 -41.81 -63.71
N LEU G 580 23.39 -40.60 -63.94
CA LEU G 580 24.63 -40.20 -63.30
C LEU G 580 24.47 -40.14 -61.79
N SER G 581 23.36 -39.58 -61.31
CA SER G 581 23.10 -39.55 -59.88
C SER G 581 22.90 -40.96 -59.33
N LEU G 582 22.17 -41.80 -60.07
CA LEU G 582 21.98 -43.18 -59.62
C LEU G 582 23.31 -43.92 -59.54
N PHE G 583 24.18 -43.73 -60.54
CA PHE G 583 25.50 -44.33 -60.48
C PHE G 583 26.30 -43.82 -59.30
N HIS G 584 26.21 -42.52 -59.02
CA HIS G 584 26.99 -41.93 -57.93
C HIS G 584 26.56 -42.50 -56.59
N ILE G 585 25.26 -42.72 -56.39
CA ILE G 585 24.75 -43.25 -55.13
C ILE G 585 24.75 -44.76 -55.16
N LEU G 586 25.35 -45.35 -56.18
CA LEU G 586 25.46 -46.80 -56.29
C LEU G 586 26.91 -47.29 -56.24
N VAL G 587 27.86 -46.52 -56.76
CA VAL G 587 29.26 -46.92 -56.71
C VAL G 587 29.76 -46.89 -55.27
N THR G 588 29.43 -45.82 -54.53
CA THR G 588 29.88 -45.73 -53.15
C THR G 588 29.38 -46.89 -52.28
N PRO G 589 28.09 -47.33 -52.35
CA PRO G 589 27.65 -48.54 -51.63
C PRO G 589 28.09 -49.84 -52.32
N LEU G 590 29.36 -49.90 -52.71
CA LEU G 590 29.93 -51.12 -53.27
C LEU G 590 31.22 -51.47 -52.53
N PHE G 591 31.96 -50.43 -52.12
CA PHE G 591 33.17 -50.67 -51.34
C PHE G 591 32.85 -51.34 -50.02
N LEU G 592 31.76 -50.91 -49.38
CA LEU G 592 31.31 -51.57 -48.16
C LEU G 592 30.88 -53.00 -48.43
N LEU G 593 30.34 -53.27 -49.62
CA LEU G 593 29.93 -54.63 -49.96
C LEU G 593 31.13 -55.57 -49.97
N SER G 594 32.25 -55.12 -50.56
CA SER G 594 33.47 -55.91 -50.48
C SER G 594 33.96 -56.00 -49.04
N SER G 595 33.89 -54.89 -48.31
CA SER G 595 34.35 -54.88 -46.92
C SER G 595 33.49 -55.78 -46.04
N VAL G 596 32.16 -55.73 -46.21
CA VAL G 596 31.30 -56.54 -45.36
C VAL G 596 31.47 -58.02 -45.65
N VAL G 597 31.69 -58.39 -46.91
CA VAL G 597 31.96 -59.79 -47.24
C VAL G 597 33.25 -60.25 -46.57
N ARG G 598 34.29 -59.41 -46.64
CA ARG G 598 35.53 -59.73 -45.93
C ARG G 598 35.28 -59.78 -44.43
N SER G 599 34.45 -58.88 -43.91
CA SER G 599 34.12 -58.91 -42.49
C SER G 599 33.22 -60.10 -42.16
N THR G 600 32.36 -60.51 -43.09
CA THR G 600 31.45 -61.62 -42.83
C THR G 600 32.22 -62.92 -42.62
N VAL G 601 33.17 -63.21 -43.51
CA VAL G 601 33.98 -64.42 -43.36
C VAL G 601 34.89 -64.30 -42.15
N LYS G 602 35.43 -63.11 -41.91
CA LYS G 602 36.30 -62.90 -40.76
C LYS G 602 35.55 -63.12 -39.46
N ALA G 603 34.32 -62.59 -39.36
CA ALA G 603 33.52 -62.80 -38.16
C ALA G 603 33.08 -64.25 -38.03
N LEU G 604 32.80 -64.91 -39.16
CA LEU G 604 32.39 -66.30 -39.13
C LEU G 604 33.48 -67.19 -38.55
N VAL G 605 34.75 -66.87 -38.85
CA VAL G 605 35.86 -67.57 -38.23
C VAL G 605 35.93 -67.25 -36.75
N SER G 606 35.74 -65.98 -36.39
CA SER G 606 35.87 -65.58 -35.00
C SER G 606 34.80 -66.22 -34.12
N VAL G 607 33.56 -66.29 -34.61
CA VAL G 607 32.50 -66.92 -33.83
C VAL G 607 32.73 -68.42 -33.73
N LYS G 608 33.25 -69.03 -34.79
CA LYS G 608 33.65 -70.43 -34.71
C LYS G 608 34.80 -70.62 -33.73
N LYS G 609 35.76 -69.70 -33.76
CA LYS G 609 36.87 -69.74 -32.80
C LYS G 609 36.36 -69.61 -31.37
N LEU G 610 35.42 -68.70 -31.14
CA LEU G 610 34.85 -68.55 -29.81
C LEU G 610 34.03 -69.79 -29.42
N SER G 611 33.27 -70.34 -30.37
CA SER G 611 32.45 -71.50 -30.06
C SER G 611 33.31 -72.72 -29.72
N GLU G 612 34.38 -72.94 -30.47
CA GLU G 612 35.25 -74.09 -30.20
C GLU G 612 36.04 -73.89 -28.91
N PHE G 613 36.40 -72.64 -28.60
CA PHE G 613 37.10 -72.35 -27.34
C PHE G 613 36.14 -72.14 -26.18
N LEU G 614 34.83 -72.15 -26.43
CA LEU G 614 33.87 -72.03 -25.34
C LEU G 614 33.95 -73.22 -24.41
N SER G 615 34.14 -74.42 -24.95
CA SER G 615 34.24 -75.63 -24.15
C SER G 615 35.69 -76.12 -24.09
N ASN G 676 36.27 -79.87 10.96
CA ASN G 676 37.17 -81.01 11.13
C ASN G 676 38.60 -80.62 10.79
N PHE G 677 39.35 -81.58 10.25
CA PHE G 677 40.72 -81.31 9.85
C PHE G 677 40.75 -80.36 8.67
N CYS G 678 41.63 -79.35 8.73
CA CYS G 678 41.73 -78.38 7.65
C CYS G 678 42.16 -79.03 6.35
N VAL G 679 43.14 -79.93 6.41
CA VAL G 679 43.63 -80.66 5.25
C VAL G 679 43.41 -82.14 5.55
N GLN G 680 42.27 -82.67 5.13
CA GLN G 680 41.94 -84.08 5.32
C GLN G 680 41.58 -84.67 3.97
N ILE G 681 42.22 -85.79 3.61
CA ILE G 681 42.04 -86.45 2.33
C ILE G 681 41.71 -87.91 2.57
N ILE G 682 40.66 -88.41 1.91
CA ILE G 682 40.24 -89.79 2.07
C ILE G 682 40.62 -90.58 0.82
N GLY G 683 40.07 -90.18 -0.33
CA GLY G 683 40.37 -90.84 -1.58
C GLY G 683 41.70 -90.42 -2.18
N GLY G 684 41.81 -89.15 -2.54
CA GLY G 684 43.07 -88.63 -3.07
C GLY G 684 43.38 -89.06 -4.48
N PHE G 685 42.38 -89.52 -5.23
CA PHE G 685 42.58 -89.97 -6.60
C PHE G 685 42.40 -88.84 -7.59
N PHE G 686 43.14 -87.76 -7.39
CA PHE G 686 43.05 -86.60 -8.27
C PHE G 686 43.67 -86.90 -9.63
N THR G 687 43.10 -86.29 -10.67
CA THR G 687 43.59 -86.47 -12.02
C THR G 687 43.39 -85.19 -12.81
N TRP G 688 44.26 -84.97 -13.79
CA TRP G 688 44.14 -83.82 -14.67
C TRP G 688 43.34 -84.13 -15.92
N THR G 689 43.44 -85.35 -16.44
CA THR G 689 42.59 -85.77 -17.54
C THR G 689 41.14 -85.83 -17.07
N PRO G 690 40.18 -85.30 -17.85
CA PRO G 690 38.79 -85.35 -17.39
C PRO G 690 38.26 -86.75 -17.14
N ASP G 691 38.71 -87.74 -17.90
CA ASP G 691 38.23 -89.10 -17.78
C ASP G 691 39.40 -90.04 -17.55
N GLY G 692 39.52 -90.54 -16.31
CA GLY G 692 40.52 -91.53 -16.01
C GLY G 692 41.94 -90.96 -15.95
N ILE G 693 42.90 -91.88 -16.00
CA ILE G 693 44.33 -91.58 -15.97
C ILE G 693 44.67 -90.77 -14.71
N PRO G 694 44.61 -91.38 -13.53
CA PRO G 694 44.92 -90.63 -12.30
C PRO G 694 46.42 -90.61 -12.05
N THR G 695 46.98 -89.41 -11.92
CA THR G 695 48.39 -89.25 -11.65
C THR G 695 48.72 -89.35 -10.16
N LEU G 696 47.71 -89.50 -9.31
CA LEU G 696 47.91 -89.64 -7.88
C LEU G 696 46.67 -90.29 -7.28
N SER G 697 46.87 -91.13 -6.28
CA SER G 697 45.78 -91.86 -5.65
C SER G 697 46.23 -92.37 -4.29
N ASN G 698 45.26 -92.90 -3.54
CA ASN G 698 45.51 -93.51 -2.23
C ASN G 698 46.18 -92.51 -1.27
N ILE G 699 45.72 -91.27 -1.30
CA ILE G 699 46.21 -90.24 -0.39
C ILE G 699 45.34 -90.24 0.86
N THR G 700 45.99 -90.31 2.02
CA THR G 700 45.28 -90.37 3.31
C THR G 700 46.04 -89.50 4.31
N ILE G 701 45.56 -88.27 4.52
CA ILE G 701 46.13 -87.36 5.49
C ILE G 701 45.00 -86.69 6.27
N ARG G 702 45.36 -86.16 7.44
CA ARG G 702 44.39 -85.47 8.29
C ARG G 702 45.14 -84.42 9.09
N ILE G 703 45.00 -83.16 8.67
CA ILE G 703 45.69 -82.04 9.29
C ILE G 703 44.65 -81.16 9.98
N PRO G 704 44.55 -81.20 11.30
CA PRO G 704 43.59 -80.35 12.01
C PRO G 704 44.07 -78.90 12.06
N ARG G 705 43.28 -78.06 12.73
CA ARG G 705 43.58 -76.65 12.80
C ARG G 705 44.83 -76.39 13.64
N GLY G 706 45.54 -75.32 13.31
CA GLY G 706 46.73 -74.94 14.06
C GLY G 706 47.87 -75.91 13.89
N GLN G 707 47.91 -76.65 12.78
CA GLN G 707 48.94 -77.64 12.53
C GLN G 707 49.82 -77.16 11.38
N LEU G 708 51.00 -76.63 11.72
CA LEU G 708 51.98 -76.21 10.72
C LEU G 708 52.60 -77.46 10.13
N THR G 709 52.20 -77.81 8.91
CA THR G 709 52.61 -79.06 8.26
C THR G 709 53.26 -78.72 6.92
N MET G 710 54.57 -78.49 6.94
CA MET G 710 55.30 -78.25 5.71
C MET G 710 55.44 -79.54 4.91
N ILE G 711 55.40 -79.40 3.58
CA ILE G 711 55.45 -80.52 2.66
C ILE G 711 56.87 -80.61 2.09
N VAL G 712 57.46 -81.80 2.17
CA VAL G 712 58.81 -82.04 1.66
C VAL G 712 58.80 -83.33 0.85
N GLY G 713 59.84 -83.48 0.04
CA GLY G 713 59.97 -84.66 -0.79
C GLY G 713 61.12 -84.50 -1.75
N GLN G 714 61.23 -85.47 -2.66
CA GLN G 714 62.28 -85.47 -3.67
C GLN G 714 61.85 -84.54 -4.82
N VAL G 715 62.67 -84.47 -5.87
CA VAL G 715 62.41 -83.56 -6.98
C VAL G 715 61.36 -84.18 -7.91
N GLY G 716 60.30 -83.42 -8.17
CA GLY G 716 59.29 -83.86 -9.11
C GLY G 716 58.41 -84.99 -8.64
N CYS G 717 58.29 -85.20 -7.33
CA CYS G 717 57.48 -86.29 -6.80
C CYS G 717 56.04 -85.85 -6.52
N GLY G 718 55.41 -85.24 -7.53
CA GLY G 718 54.01 -84.87 -7.42
C GLY G 718 53.71 -83.85 -6.34
N LYS G 719 54.71 -83.07 -5.92
CA LYS G 719 54.47 -82.08 -4.88
C LYS G 719 53.49 -81.00 -5.33
N SER G 720 53.68 -80.50 -6.56
CA SER G 720 52.75 -79.51 -7.09
C SER G 720 51.35 -80.10 -7.31
N SER G 721 51.29 -81.32 -7.85
CA SER G 721 50.00 -81.94 -8.12
C SER G 721 49.24 -82.20 -6.82
N LEU G 722 49.93 -82.65 -5.78
CA LEU G 722 49.28 -82.84 -4.48
C LEU G 722 48.77 -81.51 -3.92
N LEU G 723 49.56 -80.44 -4.07
CA LEU G 723 49.13 -79.13 -3.59
C LEU G 723 47.90 -78.64 -4.33
N LEU G 724 47.88 -78.80 -5.66
CA LEU G 724 46.71 -78.41 -6.44
C LEU G 724 45.50 -79.26 -6.08
N ALA G 725 45.71 -80.56 -5.87
CA ALA G 725 44.61 -81.44 -5.46
C ALA G 725 44.07 -81.00 -4.10
N THR G 726 44.94 -80.59 -3.20
CA THR G 726 44.49 -80.08 -1.90
C THR G 726 43.60 -78.85 -2.07
N LEU G 727 44.01 -77.92 -2.94
CA LEU G 727 43.19 -76.74 -3.21
C LEU G 727 41.88 -77.13 -3.89
N GLY G 728 41.94 -78.06 -4.84
CA GLY G 728 40.76 -78.50 -5.55
C GLY G 728 40.84 -78.26 -7.04
N GLU G 729 42.04 -78.03 -7.55
CA GLU G 729 42.25 -77.75 -8.96
C GLU G 729 42.40 -79.01 -9.81
N MET G 730 42.38 -80.19 -9.20
CA MET G 730 42.52 -81.45 -9.91
C MET G 730 41.25 -82.27 -9.76
N GLN G 731 40.91 -83.03 -10.80
CA GLN G 731 39.69 -83.84 -10.81
C GLN G 731 39.93 -85.12 -10.02
N LYS G 732 39.28 -85.24 -8.87
CA LYS G 732 39.39 -86.46 -8.08
C LYS G 732 38.53 -87.56 -8.68
N VAL G 733 38.97 -88.80 -8.50
CA VAL G 733 38.31 -89.98 -9.04
C VAL G 733 37.65 -90.81 -7.95
N SER G 734 38.38 -91.10 -6.87
CA SER G 734 37.83 -91.93 -5.80
C SER G 734 36.64 -91.26 -5.13
N GLY G 735 36.73 -89.97 -4.88
CA GLY G 735 35.63 -89.25 -4.27
C GLY G 735 36.10 -87.95 -3.66
N ALA G 736 35.15 -87.27 -3.02
CA ALA G 736 35.45 -86.00 -2.37
C ALA G 736 36.22 -86.23 -1.08
N VAL G 737 37.31 -85.47 -0.90
CA VAL G 737 38.11 -85.57 0.32
C VAL G 737 37.39 -85.03 1.54
N PHE G 738 36.24 -84.37 1.36
CA PHE G 738 35.43 -83.80 2.43
C PHE G 738 36.12 -82.61 3.07
N TRP G 739 35.34 -81.60 3.47
CA TRP G 739 35.89 -80.41 4.08
C TRP G 739 34.87 -79.84 5.06
N ASN G 740 35.38 -78.98 5.95
CA ASN G 740 34.55 -78.33 6.95
C ASN G 740 35.15 -76.97 7.28
N SER G 741 34.32 -76.09 7.83
CA SER G 741 34.78 -74.76 8.20
C SER G 741 35.90 -74.83 9.21
N ASN G 742 36.94 -74.01 9.01
CA ASN G 742 38.10 -74.03 9.88
C ASN G 742 37.73 -73.63 11.31
N LEU G 743 36.91 -72.59 11.46
CA LEU G 743 36.52 -72.10 12.78
C LEU G 743 35.30 -71.18 12.68
N SER G 766 31.34 -77.36 2.84
CA SER G 766 31.23 -76.33 3.86
C SER G 766 32.42 -75.39 3.84
N ARG G 767 33.31 -75.59 2.87
CA ARG G 767 34.52 -74.78 2.75
C ARG G 767 35.01 -74.87 1.31
N GLY G 768 36.24 -74.44 1.06
CA GLY G 768 36.79 -74.40 -0.27
C GLY G 768 37.66 -73.19 -0.55
N PRO G 769 37.30 -72.01 -0.02
CA PRO G 769 38.23 -70.87 -0.11
C PRO G 769 39.45 -71.05 0.79
N VAL G 770 40.58 -71.38 0.19
CA VAL G 770 41.83 -71.65 0.91
C VAL G 770 42.96 -70.92 0.20
N ALA G 771 43.81 -70.25 0.96
CA ALA G 771 44.94 -69.54 0.38
C ALA G 771 45.91 -70.52 -0.28
N TYR G 772 46.49 -70.10 -1.39
CA TYR G 772 47.34 -70.97 -2.19
C TYR G 772 48.13 -70.11 -3.16
N ALA G 773 49.39 -70.50 -3.40
CA ALA G 773 50.28 -69.70 -4.24
C ALA G 773 50.86 -70.51 -5.40
N SER G 774 51.10 -71.80 -5.16
CA SER G 774 51.70 -72.69 -6.15
C SER G 774 53.05 -72.19 -6.64
N GLN G 775 53.56 -72.82 -7.69
CA GLN G 775 54.87 -72.46 -8.24
C GLN G 775 54.78 -71.20 -9.08
N LYS G 776 55.94 -70.57 -9.28
CA LYS G 776 56.15 -69.38 -10.10
C LYS G 776 55.51 -68.15 -9.47
N PRO G 777 56.14 -66.98 -9.60
CA PRO G 777 55.57 -65.76 -9.03
C PRO G 777 54.47 -65.20 -9.94
N TRP G 778 53.31 -64.94 -9.35
CA TRP G 778 52.20 -64.29 -10.06
C TRP G 778 52.18 -62.84 -9.62
N LEU G 779 52.65 -61.96 -10.50
CA LEU G 779 52.85 -60.55 -10.18
C LEU G 779 51.77 -59.71 -10.86
N LEU G 780 51.11 -58.87 -10.07
CA LEU G 780 50.16 -57.91 -10.63
C LEU G 780 50.92 -56.77 -11.31
N ASN G 781 50.58 -56.49 -12.57
CA ASN G 781 51.26 -55.45 -13.32
C ASN G 781 50.81 -54.07 -12.83
N ALA G 782 51.16 -53.73 -11.60
CA ALA G 782 50.78 -52.46 -10.98
C ALA G 782 51.88 -52.07 -10.00
N THR G 783 51.56 -51.16 -9.10
CA THR G 783 52.53 -50.73 -8.09
C THR G 783 52.83 -51.88 -7.14
N VAL G 784 54.05 -51.86 -6.60
CA VAL G 784 54.48 -52.92 -5.69
C VAL G 784 53.66 -52.90 -4.41
N GLU G 785 53.38 -51.70 -3.89
CA GLU G 785 52.62 -51.59 -2.65
C GLU G 785 51.22 -52.18 -2.80
N GLU G 786 50.56 -51.90 -3.92
CA GLU G 786 49.24 -52.48 -4.17
C GLU G 786 49.34 -53.99 -4.36
N ASN G 787 50.46 -54.45 -4.94
CA ASN G 787 50.67 -55.89 -5.10
C ASN G 787 50.75 -56.58 -3.75
N ILE G 788 51.43 -55.95 -2.78
CA ILE G 788 51.57 -56.56 -1.45
C ILE G 788 50.21 -56.66 -0.76
N THR G 789 49.43 -55.58 -0.82
CA THR G 789 48.15 -55.56 -0.13
C THR G 789 47.18 -56.59 -0.71
N PHE G 790 47.00 -56.55 -2.03
CA PHE G 790 46.14 -57.50 -2.76
C PHE G 790 44.73 -57.53 -2.16
N GLU G 791 44.06 -56.38 -2.29
CA GLU G 791 42.69 -56.21 -1.82
C GLU G 791 42.55 -56.53 -0.34
N SER G 792 43.44 -55.97 0.48
CA SER G 792 43.41 -56.15 1.91
C SER G 792 43.56 -54.80 2.60
N PRO G 793 43.04 -54.67 3.82
CA PRO G 793 43.18 -53.40 4.55
C PRO G 793 44.64 -53.05 4.78
N PHE G 794 44.94 -51.75 4.70
CA PHE G 794 46.30 -51.25 4.84
C PHE G 794 46.52 -50.79 6.27
N ASN G 795 47.43 -51.47 6.98
CA ASN G 795 47.85 -51.07 8.31
C ASN G 795 49.34 -50.78 8.28
N LYS G 796 49.73 -49.61 8.77
CA LYS G 796 51.15 -49.22 8.72
C LYS G 796 52.02 -50.17 9.53
N GLN G 797 51.56 -50.54 10.72
CA GLN G 797 52.32 -51.50 11.52
C GLN G 797 52.39 -52.87 10.86
N ARG G 798 51.25 -53.34 10.33
CA ARG G 798 51.24 -54.63 9.65
C ARG G 798 52.08 -54.60 8.38
N TYR G 799 51.98 -53.51 7.61
CA TYR G 799 52.80 -53.39 6.41
C TYR G 799 54.28 -53.34 6.75
N LYS G 800 54.65 -52.58 7.79
CA LYS G 800 56.05 -52.50 8.20
C LYS G 800 56.53 -53.84 8.74
N MET G 801 55.67 -54.57 9.44
CA MET G 801 56.05 -55.89 9.95
C MET G 801 56.33 -56.86 8.80
N VAL G 802 55.50 -56.83 7.76
CA VAL G 802 55.69 -57.74 6.64
C VAL G 802 56.94 -57.35 5.84
N ILE G 803 57.11 -56.05 5.57
CA ILE G 803 58.26 -55.61 4.80
C ILE G 803 59.55 -55.86 5.57
N GLU G 804 59.48 -55.91 6.91
CA GLU G 804 60.65 -56.28 7.69
C GLU G 804 60.92 -57.77 7.59
N ALA G 805 59.87 -58.59 7.63
CA ALA G 805 60.04 -60.03 7.46
C ALA G 805 60.46 -60.37 6.03
N CYS G 806 59.87 -59.68 5.05
CA CYS G 806 60.23 -59.90 3.66
C CYS G 806 61.55 -59.24 3.27
N SER G 807 62.06 -58.32 4.11
CA SER G 807 63.31 -57.61 3.85
C SER G 807 63.26 -56.90 2.50
N LEU G 808 62.11 -56.30 2.19
CA LEU G 808 61.92 -55.60 0.93
C LEU G 808 62.35 -54.14 0.99
N GLN G 809 62.91 -53.69 2.12
CA GLN G 809 63.39 -52.33 2.22
C GLN G 809 64.47 -52.01 1.19
N PRO G 810 65.50 -52.84 0.97
CA PRO G 810 66.46 -52.52 -0.10
C PRO G 810 65.83 -52.44 -1.48
N ASP G 811 64.85 -53.30 -1.76
CA ASP G 811 64.22 -53.30 -3.08
C ASP G 811 63.48 -52.01 -3.33
N ILE G 812 62.75 -51.51 -2.34
CA ILE G 812 62.00 -50.26 -2.52
C ILE G 812 62.96 -49.08 -2.63
N ASP G 813 64.00 -49.04 -1.78
CA ASP G 813 64.93 -47.92 -1.79
C ASP G 813 65.73 -47.87 -3.09
N ILE G 814 66.11 -49.03 -3.63
CA ILE G 814 66.90 -49.07 -4.85
C ILE G 814 66.12 -48.48 -6.02
N LEU G 815 64.84 -48.84 -6.13
CA LEU G 815 64.01 -48.33 -7.22
C LEU G 815 63.80 -46.82 -7.06
N PRO G 816 64.02 -46.03 -8.10
CA PRO G 816 63.79 -44.58 -7.98
C PRO G 816 62.37 -44.20 -7.62
N HIS G 817 61.38 -44.97 -8.08
CA HIS G 817 59.99 -44.72 -7.76
C HIS G 817 59.52 -45.49 -6.54
N GLY G 818 60.39 -46.25 -5.90
CA GLY G 818 60.01 -46.97 -4.70
C GLY G 818 59.09 -48.13 -5.02
N ASP G 819 58.13 -48.38 -4.13
CA ASP G 819 57.16 -49.45 -4.31
C ASP G 819 56.00 -49.06 -5.21
N GLN G 820 56.11 -47.94 -5.92
CA GLN G 820 55.11 -47.53 -6.89
C GLN G 820 55.47 -47.94 -8.32
N THR G 821 56.57 -48.66 -8.51
CA THR G 821 56.96 -49.11 -9.84
C THR G 821 55.99 -50.17 -10.35
N GLN G 822 55.83 -50.20 -11.68
CA GLN G 822 54.97 -51.20 -12.30
C GLN G 822 55.65 -52.56 -12.28
N ILE G 823 55.55 -53.27 -11.16
CA ILE G 823 56.21 -54.56 -11.01
C ILE G 823 55.51 -55.58 -11.88
N GLY G 824 56.30 -56.38 -12.59
CA GLY G 824 55.74 -57.39 -13.47
C GLY G 824 55.89 -57.05 -14.94
N GLU G 825 54.96 -57.51 -15.77
CA GLU G 825 55.02 -57.23 -17.19
C GLU G 825 54.61 -55.79 -17.47
N ARG G 826 55.05 -55.29 -18.63
CA ARG G 826 54.78 -53.92 -19.06
C ARG G 826 55.25 -52.90 -18.03
N GLY G 827 56.43 -53.16 -17.45
CA GLY G 827 56.98 -52.27 -16.45
C GLY G 827 58.44 -52.53 -16.16
N ILE G 828 58.83 -52.41 -14.90
CA ILE G 828 60.21 -52.64 -14.49
C ILE G 828 60.42 -54.13 -14.27
N ASN G 829 61.48 -54.68 -14.87
CA ASN G 829 61.82 -56.09 -14.72
C ASN G 829 62.82 -56.25 -13.57
N LEU G 830 62.51 -57.15 -12.66
CA LEU G 830 63.32 -57.39 -11.47
C LEU G 830 63.84 -58.82 -11.48
N SER G 831 64.54 -59.19 -10.41
CA SER G 831 65.09 -60.53 -10.28
C SER G 831 63.99 -61.54 -9.97
N GLY G 832 64.25 -62.79 -10.33
CA GLY G 832 63.30 -63.85 -10.03
C GLY G 832 63.14 -64.08 -8.54
N GLY G 833 64.24 -64.01 -7.79
CA GLY G 833 64.15 -64.14 -6.34
C GLY G 833 63.34 -63.04 -5.70
N GLN G 834 63.53 -61.80 -6.18
CA GLN G 834 62.76 -60.68 -5.65
C GLN G 834 61.28 -60.84 -5.98
N ARG G 835 60.97 -61.41 -7.15
CA ARG G 835 59.58 -61.67 -7.51
C ARG G 835 58.94 -62.66 -6.55
N GLN G 836 59.68 -63.71 -6.17
CA GLN G 836 59.14 -64.67 -5.22
C GLN G 836 58.91 -64.04 -3.85
N ARG G 837 59.84 -63.18 -3.40
CA ARG G 837 59.70 -62.55 -2.10
C ARG G 837 58.43 -61.70 -2.03
N ILE G 838 58.15 -60.95 -3.11
CA ILE G 838 56.90 -60.19 -3.17
C ILE G 838 55.70 -61.14 -3.19
N SER G 839 55.80 -62.22 -3.97
CA SER G 839 54.67 -63.14 -4.11
C SER G 839 54.35 -63.83 -2.79
N VAL G 840 55.37 -64.35 -2.11
CA VAL G 840 55.13 -65.07 -0.87
C VAL G 840 54.61 -64.14 0.21
N ALA G 841 55.11 -62.89 0.23
CA ALA G 841 54.66 -61.93 1.24
C ALA G 841 53.24 -61.46 0.97
N ARG G 842 52.78 -61.59 -0.28
CA ARG G 842 51.40 -61.22 -0.59
C ARG G 842 50.42 -62.13 0.12
N ALA G 843 50.63 -63.44 0.03
CA ALA G 843 49.75 -64.39 0.71
C ALA G 843 49.83 -64.22 2.23
N LEU G 844 51.02 -64.02 2.76
CA LEU G 844 51.19 -63.89 4.22
C LEU G 844 50.47 -62.66 4.75
N TYR G 845 50.54 -61.54 4.01
CA TYR G 845 49.91 -60.31 4.47
C TYR G 845 48.39 -60.41 4.49
N GLN G 846 47.81 -61.41 3.82
CA GLN G 846 46.36 -61.56 3.80
C GLN G 846 45.79 -61.93 5.15
N GLN G 847 46.61 -62.48 6.06
CA GLN G 847 46.19 -62.84 7.40
C GLN G 847 44.99 -63.80 7.36
N THR G 848 45.24 -64.98 6.79
CA THR G 848 44.25 -66.03 6.66
C THR G 848 44.59 -67.19 7.59
N ASN G 849 43.54 -67.94 7.97
CA ASN G 849 43.72 -69.08 8.86
C ASN G 849 44.50 -70.22 8.24
N VAL G 850 44.59 -70.27 6.91
CA VAL G 850 45.34 -71.30 6.20
C VAL G 850 46.22 -70.61 5.16
N VAL G 851 47.48 -71.05 5.07
CA VAL G 851 48.44 -70.51 4.12
C VAL G 851 49.13 -71.67 3.42
N PHE G 852 49.12 -71.65 2.09
CA PHE G 852 49.84 -72.63 1.28
C PHE G 852 50.93 -71.91 0.50
N LEU G 853 52.15 -72.44 0.58
CA LEU G 853 53.30 -71.86 -0.08
C LEU G 853 54.08 -72.94 -0.81
N ASP G 854 54.76 -72.53 -1.89
CA ASP G 854 55.54 -73.44 -2.71
C ASP G 854 56.91 -72.81 -2.97
N ASP G 855 57.96 -73.50 -2.56
CA ASP G 855 59.34 -73.06 -2.75
C ASP G 855 59.58 -71.63 -2.29
N PRO G 856 59.38 -71.32 -1.01
CA PRO G 856 59.66 -69.96 -0.54
C PRO G 856 61.15 -69.64 -0.55
N PHE G 857 61.99 -70.56 -0.07
CA PHE G 857 63.43 -70.33 -0.02
C PHE G 857 64.17 -70.94 -1.21
N SER G 858 63.52 -71.81 -1.98
CA SER G 858 64.18 -72.41 -3.14
C SER G 858 64.48 -71.36 -4.20
N ALA G 859 63.55 -70.42 -4.42
CA ALA G 859 63.76 -69.40 -5.44
C ALA G 859 64.95 -68.51 -5.11
N LEU G 860 65.08 -68.12 -3.84
CA LEU G 860 66.21 -67.30 -3.39
C LEU G 860 66.70 -67.87 -2.07
N ASP G 861 67.94 -68.37 -2.07
CA ASP G 861 68.53 -68.99 -0.89
C ASP G 861 69.44 -68.04 -0.12
N VAL G 862 69.13 -66.74 -0.13
CA VAL G 862 69.91 -65.77 0.63
C VAL G 862 69.58 -65.94 2.11
N HIS G 863 70.63 -66.12 2.92
CA HIS G 863 70.43 -66.38 4.35
C HIS G 863 69.77 -65.20 5.04
N LEU G 864 70.19 -63.97 4.70
CA LEU G 864 69.64 -62.80 5.38
C LEU G 864 68.14 -62.66 5.12
N SER G 865 67.71 -62.86 3.88
CA SER G 865 66.30 -62.72 3.56
C SER G 865 65.48 -63.88 4.11
N ASP G 866 65.99 -65.11 3.98
CA ASP G 866 65.21 -66.27 4.37
C ASP G 866 65.06 -66.35 5.90
N HIS G 867 66.14 -66.09 6.64
CA HIS G 867 66.09 -66.25 8.09
C HIS G 867 65.09 -65.30 8.72
N LEU G 868 65.09 -64.03 8.30
CA LEU G 868 64.10 -63.09 8.81
C LEU G 868 62.69 -63.49 8.38
N MET G 869 62.53 -63.94 7.14
CA MET G 869 61.24 -64.44 6.69
C MET G 869 60.84 -65.69 7.45
N GLN G 870 61.80 -66.58 7.72
CA GLN G 870 61.52 -67.77 8.52
C GLN G 870 61.13 -67.38 9.94
N ALA G 871 61.84 -66.41 10.53
CA ALA G 871 61.48 -65.94 11.86
C ALA G 871 60.12 -65.25 11.86
N GLY G 872 59.85 -64.45 10.83
CA GLY G 872 58.56 -63.79 10.74
C GLY G 872 57.41 -64.77 10.52
N ILE G 873 57.66 -65.83 9.75
CA ILE G 873 56.60 -66.79 9.45
C ILE G 873 56.19 -67.56 10.71
N LEU G 874 57.18 -68.06 11.45
CA LEU G 874 56.88 -68.84 12.64
C LEU G 874 56.18 -68.00 13.71
N GLU G 875 56.68 -66.78 13.94
CA GLU G 875 56.09 -65.92 14.96
C GLU G 875 54.67 -65.52 14.58
N LEU G 876 54.46 -65.16 13.31
CA LEU G 876 53.13 -64.74 12.87
C LEU G 876 52.14 -65.89 12.97
N LEU G 877 52.55 -67.09 12.55
CA LEU G 877 51.67 -68.26 12.66
C LEU G 877 51.38 -68.60 14.12
N ARG G 878 52.40 -68.50 14.98
CA ARG G 878 52.19 -68.81 16.40
C ARG G 878 51.20 -67.84 17.04
N ASP G 879 51.33 -66.55 16.76
CA ASP G 879 50.41 -65.57 17.33
C ASP G 879 48.99 -65.78 16.81
N ASP G 880 48.84 -66.04 15.51
CA ASP G 880 47.53 -66.22 14.92
C ASP G 880 46.97 -67.63 15.11
N LYS G 881 47.80 -68.59 15.50
CA LYS G 881 47.38 -69.98 15.69
C LYS G 881 46.71 -70.52 14.42
N ARG G 882 47.28 -70.17 13.27
CA ARG G 882 46.72 -70.54 11.98
C ARG G 882 47.44 -71.77 11.42
N THR G 883 46.98 -72.24 10.27
CA THR G 883 47.55 -73.40 9.60
C THR G 883 48.48 -72.93 8.49
N VAL G 884 49.63 -73.58 8.37
CA VAL G 884 50.64 -73.24 7.37
C VAL G 884 51.16 -74.52 6.75
N VAL G 885 51.17 -74.57 5.42
CA VAL G 885 51.74 -75.68 4.66
C VAL G 885 52.72 -75.10 3.65
N LEU G 886 53.95 -75.58 3.66
CA LEU G 886 55.01 -75.07 2.79
C LEU G 886 55.67 -76.22 2.05
N VAL G 887 55.82 -76.06 0.74
CA VAL G 887 56.51 -77.04 -0.10
C VAL G 887 57.85 -76.43 -0.51
N THR G 888 58.93 -77.03 -0.04
CA THR G 888 60.25 -76.48 -0.31
C THR G 888 61.30 -77.58 -0.17
N HIS G 889 62.48 -77.32 -0.72
CA HIS G 889 63.63 -78.20 -0.60
C HIS G 889 64.69 -77.63 0.34
N LYS G 890 64.33 -76.63 1.14
CA LYS G 890 65.27 -76.01 2.06
C LYS G 890 65.45 -76.89 3.29
N LEU G 891 66.70 -77.24 3.58
CA LEU G 891 67.03 -78.07 4.73
C LEU G 891 67.34 -77.27 5.98
N GLN G 892 67.28 -75.93 5.89
CA GLN G 892 67.56 -75.10 7.07
C GLN G 892 66.53 -75.35 8.17
N TYR G 893 65.25 -75.47 7.80
CA TYR G 893 64.19 -75.74 8.76
C TYR G 893 63.40 -76.98 8.36
N LEU G 894 64.05 -77.91 7.65
CA LEU G 894 63.39 -79.18 7.32
C LEU G 894 62.96 -79.95 8.55
N PRO G 895 63.80 -80.14 9.58
CA PRO G 895 63.30 -80.76 10.82
C PRO G 895 62.76 -79.73 11.80
N HIS G 896 61.53 -79.96 12.25
CA HIS G 896 60.88 -79.04 13.16
C HIS G 896 59.96 -79.82 14.08
N ALA G 897 59.67 -79.22 15.25
CA ALA G 897 58.75 -79.85 16.19
C ALA G 897 57.34 -79.92 15.62
N ASP G 898 57.01 -79.07 14.65
CA ASP G 898 55.71 -79.10 14.03
C ASP G 898 55.59 -80.31 13.10
N TRP G 899 54.37 -80.53 12.62
CA TRP G 899 54.11 -81.67 11.73
C TRP G 899 54.86 -81.51 10.42
N ILE G 900 55.31 -82.63 9.86
CA ILE G 900 55.97 -82.67 8.57
C ILE G 900 55.39 -83.81 7.75
N ILE G 901 55.18 -83.57 6.46
CA ILE G 901 54.62 -84.56 5.54
C ILE G 901 55.59 -84.76 4.39
N ALA G 902 55.90 -86.02 4.09
CA ALA G 902 56.80 -86.37 3.01
C ALA G 902 55.99 -86.88 1.82
N MET G 903 56.26 -86.31 0.64
CA MET G 903 55.56 -86.67 -0.59
C MET G 903 56.54 -87.28 -1.57
N LYS G 904 56.22 -88.48 -2.06
CA LYS G 904 57.07 -89.15 -3.03
C LYS G 904 56.21 -90.10 -3.86
N ASP G 905 56.49 -90.15 -5.16
CA ASP G 905 55.79 -91.02 -6.10
C ASP G 905 54.28 -90.82 -6.05
N GLY G 906 53.85 -89.57 -5.94
CA GLY G 906 52.44 -89.25 -5.95
C GLY G 906 51.67 -89.72 -4.74
N THR G 907 52.35 -89.94 -3.63
CA THR G 907 51.67 -90.34 -2.40
C THR G 907 52.47 -89.83 -1.21
N ILE G 908 51.80 -89.74 -0.06
CA ILE G 908 52.39 -89.21 1.16
C ILE G 908 52.45 -90.35 2.18
N GLN G 909 53.64 -90.61 2.72
CA GLN G 909 53.80 -91.69 3.68
C GLN G 909 53.07 -91.36 4.98
N ARG G 910 53.30 -90.18 5.54
CA ARG G 910 52.65 -89.77 6.77
C ARG G 910 52.81 -88.26 6.93
N GLU G 911 51.95 -87.68 7.77
CA GLU G 911 51.99 -86.27 8.12
C GLU G 911 51.88 -86.18 9.63
N GLY G 912 53.01 -86.25 10.31
CA GLY G 912 53.05 -86.28 11.77
C GLY G 912 54.30 -85.63 12.31
N THR G 913 54.69 -86.05 13.51
CA THR G 913 55.81 -85.43 14.20
C THR G 913 57.14 -85.77 13.52
N LEU G 914 58.17 -85.01 13.89
CA LEU G 914 59.51 -85.23 13.35
C LEU G 914 60.12 -86.55 13.81
N LYS G 915 59.56 -87.19 14.83
CA LYS G 915 60.05 -88.48 15.28
C LYS G 915 59.85 -89.56 14.23
N ASP G 916 58.95 -89.35 13.28
CA ASP G 916 58.77 -90.31 12.20
C ASP G 916 60.02 -90.42 11.32
N PHE G 917 60.79 -89.34 11.22
CA PHE G 917 62.05 -89.40 10.48
C PHE G 917 63.01 -90.38 11.13
N GLN G 918 63.12 -90.35 12.46
CA GLN G 918 63.87 -91.38 13.16
C GLN G 918 63.21 -92.74 13.00
N ARG G 919 61.88 -92.78 13.05
CA ARG G 919 61.15 -94.03 12.85
C ARG G 919 61.36 -94.56 11.44
N SER G 920 61.44 -93.67 10.45
CA SER G 920 61.70 -94.09 9.08
C SER G 920 63.09 -94.70 8.96
N GLU G 921 63.23 -95.63 8.01
CA GLU G 921 64.50 -96.31 7.83
C GLU G 921 65.60 -95.34 7.44
N CYS G 922 65.30 -94.40 6.55
CA CYS G 922 66.26 -93.41 6.11
C CYS G 922 65.98 -92.08 6.82
N GLN G 923 67.00 -91.53 7.47
CA GLN G 923 66.87 -90.25 8.18
C GLN G 923 67.29 -89.10 7.26
N LEU G 924 66.57 -88.99 6.14
CA LEU G 924 66.84 -87.98 5.12
C LEU G 924 68.29 -88.04 4.63
N PHE G 925 68.80 -89.27 4.47
CA PHE G 925 70.19 -89.51 4.06
C PHE G 925 71.16 -88.80 4.99
N GLU G 926 70.88 -88.87 6.30
CA GLU G 926 71.68 -88.21 7.32
C GLU G 926 71.79 -86.71 7.07
N HIS G 927 70.66 -86.09 6.70
CA HIS G 927 70.59 -84.66 6.41
C HIS G 927 71.58 -84.24 5.33
N PRO G 997 48.67 -27.88 -33.64
CA PRO G 997 48.48 -29.01 -34.56
C PRO G 997 48.72 -28.63 -36.01
N TRP G 998 49.41 -29.49 -36.75
CA TRP G 998 49.64 -29.34 -38.19
C TRP G 998 50.60 -28.20 -38.49
N ARG G 999 50.94 -27.39 -37.49
CA ARG G 999 51.91 -26.33 -37.69
C ARG G 999 53.30 -26.89 -37.98
N ALA G 1000 53.68 -27.94 -37.25
CA ALA G 1000 54.94 -28.64 -37.50
C ALA G 1000 54.89 -29.50 -38.76
N CYS G 1001 53.71 -29.71 -39.33
CA CYS G 1001 53.57 -30.48 -40.56
C CYS G 1001 54.08 -29.74 -41.78
N THR G 1002 54.44 -28.46 -41.65
CA THR G 1002 55.08 -27.74 -42.74
C THR G 1002 56.38 -28.41 -43.16
N LYS G 1003 57.01 -29.14 -42.25
CA LYS G 1003 58.16 -29.98 -42.56
C LYS G 1003 57.70 -31.27 -43.22
N TYR G 1004 58.54 -32.29 -43.23
CA TYR G 1004 58.28 -33.62 -43.78
C TYR G 1004 58.30 -33.60 -45.31
N LEU G 1005 58.34 -32.43 -45.94
CA LEU G 1005 58.48 -32.35 -47.39
C LEU G 1005 59.88 -32.75 -47.85
N SER G 1006 60.86 -32.77 -46.95
CA SER G 1006 62.21 -33.19 -47.32
C SER G 1006 62.23 -34.66 -47.75
N SER G 1007 61.47 -35.50 -47.05
CA SER G 1007 61.37 -36.91 -47.46
C SER G 1007 60.76 -37.04 -48.83
N ALA G 1008 59.73 -36.24 -49.11
CA ALA G 1008 59.11 -36.21 -50.44
C ALA G 1008 59.92 -35.37 -51.44
N GLY G 1009 60.94 -34.65 -50.98
CA GLY G 1009 61.74 -33.85 -51.88
C GLY G 1009 60.95 -32.71 -52.48
N ILE G 1010 61.27 -32.36 -53.72
CA ILE G 1010 60.60 -31.30 -54.46
C ILE G 1010 59.96 -31.83 -55.74
N LEU G 1011 60.73 -32.55 -56.55
CA LEU G 1011 60.21 -33.09 -57.80
C LEU G 1011 59.10 -34.10 -57.53
N LEU G 1012 59.29 -34.97 -56.55
CA LEU G 1012 58.31 -36.00 -56.25
C LEU G 1012 57.04 -35.39 -55.67
N LEU G 1013 57.18 -34.44 -54.75
CA LEU G 1013 56.01 -33.84 -54.12
C LEU G 1013 55.23 -32.97 -55.10
N SER G 1014 55.93 -32.21 -55.94
CA SER G 1014 55.26 -31.37 -56.91
C SER G 1014 54.49 -32.19 -57.94
N LEU G 1015 55.03 -33.36 -58.30
CA LEU G 1015 54.35 -34.24 -59.25
C LEU G 1015 53.00 -34.70 -58.71
N LEU G 1016 52.95 -35.04 -57.41
CA LEU G 1016 51.69 -35.45 -56.80
C LEU G 1016 50.68 -34.31 -56.82
N VAL G 1017 51.12 -33.09 -56.51
CA VAL G 1017 50.23 -31.94 -56.51
C VAL G 1017 49.70 -31.69 -57.92
N PHE G 1018 50.58 -31.74 -58.92
CA PHE G 1018 50.15 -31.54 -60.29
C PHE G 1018 49.20 -32.64 -60.75
N SER G 1019 49.52 -33.89 -60.42
CA SER G 1019 48.68 -35.00 -60.85
C SER G 1019 47.34 -34.98 -60.14
N GLN G 1020 47.34 -34.79 -58.82
CA GLN G 1020 46.09 -34.82 -58.06
C GLN G 1020 45.16 -33.68 -58.47
N LEU G 1021 45.71 -32.48 -58.67
CA LEU G 1021 44.90 -31.36 -59.10
C LEU G 1021 44.37 -31.56 -60.51
N LEU G 1022 45.15 -32.23 -61.36
CA LEU G 1022 44.72 -32.46 -62.74
C LEU G 1022 43.47 -33.34 -62.80
N LYS G 1023 43.43 -34.40 -61.98
CA LYS G 1023 42.33 -35.37 -62.07
C LYS G 1023 41.00 -34.71 -61.73
N HIS G 1024 40.97 -33.89 -60.69
CA HIS G 1024 39.72 -33.24 -60.30
C HIS G 1024 39.29 -32.22 -61.34
N MET G 1025 40.24 -31.48 -61.92
CA MET G 1025 39.88 -30.49 -62.94
C MET G 1025 39.29 -31.16 -64.17
N VAL G 1026 39.86 -32.29 -64.60
CA VAL G 1026 39.34 -32.99 -65.76
C VAL G 1026 37.93 -33.51 -65.49
N LEU G 1027 37.73 -34.08 -64.30
CA LEU G 1027 36.41 -34.61 -63.96
C LEU G 1027 35.36 -33.50 -63.93
N VAL G 1028 35.76 -32.31 -63.50
CA VAL G 1028 34.86 -31.15 -63.59
C VAL G 1028 34.52 -30.88 -65.05
N ALA G 1029 35.54 -30.89 -65.92
CA ALA G 1029 35.30 -30.66 -67.34
C ALA G 1029 34.49 -31.80 -67.96
N ILE G 1030 34.73 -33.03 -67.53
CA ILE G 1030 34.03 -34.17 -68.12
C ILE G 1030 32.53 -34.06 -67.89
N ASP G 1031 32.14 -33.75 -66.64
CA ASP G 1031 30.72 -33.58 -66.36
C ASP G 1031 30.17 -32.31 -67.02
N TYR G 1032 31.01 -31.27 -67.13
CA TYR G 1032 30.57 -30.04 -67.78
C TYR G 1032 30.25 -30.28 -69.25
N TRP G 1033 31.11 -31.02 -69.95
CA TRP G 1033 30.83 -31.31 -71.36
C TRP G 1033 29.63 -32.23 -71.51
N LEU G 1034 29.41 -33.13 -70.56
CA LEU G 1034 28.22 -33.97 -70.59
C LEU G 1034 26.96 -33.13 -70.53
N ALA G 1035 26.94 -32.11 -69.66
CA ALA G 1035 25.80 -31.21 -69.60
C ALA G 1035 25.64 -30.43 -70.90
N LYS G 1036 26.74 -29.94 -71.46
CA LYS G 1036 26.67 -29.20 -72.71
C LYS G 1036 26.26 -30.10 -73.86
N TRP G 1037 26.79 -31.32 -73.90
CA TRP G 1037 26.42 -32.26 -74.96
C TRP G 1037 24.93 -32.61 -74.89
N THR G 1038 24.44 -32.90 -73.69
CA THR G 1038 23.02 -33.19 -73.52
C THR G 1038 22.17 -31.96 -73.87
N ASP G 1039 22.64 -30.77 -73.49
CA ASP G 1039 21.96 -29.54 -73.88
C ASP G 1039 21.98 -29.38 -75.40
N SER G 1040 23.11 -29.70 -76.03
CA SER G 1040 23.21 -29.65 -77.48
C SER G 1040 22.49 -30.81 -78.16
N ALA G 1041 22.25 -31.91 -77.42
CA ALA G 1041 21.53 -33.04 -78.00
C ALA G 1041 20.10 -32.66 -78.35
N LEU G 1042 19.41 -31.94 -77.46
CA LEU G 1042 18.03 -31.54 -77.70
C LEU G 1042 17.90 -30.34 -78.63
N VAL G 1043 19.02 -29.70 -78.98
CA VAL G 1043 19.07 -28.54 -79.87
C VAL G 1043 17.97 -27.52 -79.56
N ASP G 1060 31.39 -26.42 -84.15
CA ASP G 1060 30.28 -27.23 -83.64
C ASP G 1060 30.60 -28.71 -83.73
N GLN G 1061 31.13 -29.28 -82.65
CA GLN G 1061 31.45 -30.70 -82.57
C GLN G 1061 30.26 -31.53 -82.09
N SER G 1062 29.11 -31.38 -82.75
CA SER G 1062 27.90 -32.09 -82.33
C SER G 1062 27.83 -33.50 -82.87
N VAL G 1063 28.80 -33.94 -83.67
CA VAL G 1063 28.79 -35.27 -84.25
C VAL G 1063 29.29 -36.29 -83.24
N TYR G 1064 28.37 -37.08 -82.69
CA TYR G 1064 28.61 -38.29 -81.89
C TYR G 1064 29.48 -38.05 -80.65
N ALA G 1065 29.90 -36.81 -80.45
CA ALA G 1065 30.56 -36.36 -79.21
C ALA G 1065 31.58 -37.35 -78.67
N MET G 1066 32.39 -37.92 -79.58
CA MET G 1066 33.44 -38.82 -79.13
C MET G 1066 34.67 -38.08 -78.63
N VAL G 1067 34.78 -36.78 -78.92
CA VAL G 1067 35.88 -35.99 -78.36
C VAL G 1067 35.75 -35.90 -76.85
N PHE G 1068 34.53 -35.69 -76.35
CA PHE G 1068 34.31 -35.66 -74.91
C PHE G 1068 34.60 -37.02 -74.30
N THR G 1069 34.20 -38.10 -74.98
CA THR G 1069 34.56 -39.44 -74.53
C THR G 1069 36.07 -39.64 -74.56
N LEU G 1070 36.74 -39.13 -75.60
CA LEU G 1070 38.19 -39.21 -75.65
C LEU G 1070 38.83 -38.46 -74.49
N LEU G 1071 38.29 -37.28 -74.16
CA LEU G 1071 38.74 -36.57 -72.97
C LEU G 1071 38.42 -37.36 -71.71
N CYS G 1072 37.33 -38.13 -71.74
CA CYS G 1072 37.00 -38.99 -70.60
C CYS G 1072 37.88 -40.23 -70.57
N SER G 1073 38.34 -40.69 -71.74
CA SER G 1073 39.20 -41.87 -71.79
C SER G 1073 40.58 -41.58 -71.21
N LEU G 1074 41.08 -40.37 -71.41
CA LEU G 1074 42.40 -40.03 -70.88
C LEU G 1074 42.35 -39.79 -69.37
N GLY G 1075 41.21 -39.35 -68.85
CA GLY G 1075 41.12 -39.06 -67.43
C GLY G 1075 41.34 -40.28 -66.57
N ILE G 1076 40.69 -41.39 -66.92
CA ILE G 1076 40.86 -42.62 -66.16
C ILE G 1076 42.30 -43.12 -66.24
N VAL G 1077 42.90 -43.03 -67.43
CA VAL G 1077 44.31 -43.35 -67.57
C VAL G 1077 45.16 -42.40 -66.74
N LEU G 1078 44.83 -41.11 -66.77
CA LEU G 1078 45.51 -40.15 -65.90
C LEU G 1078 45.21 -40.41 -64.44
N CYS G 1079 43.98 -40.86 -64.13
CA CYS G 1079 43.68 -41.28 -62.77
C CYS G 1079 44.41 -42.57 -62.40
N LEU G 1080 44.59 -43.46 -63.38
CA LEU G 1080 45.31 -44.71 -63.13
C LEU G 1080 46.76 -44.44 -62.73
N VAL G 1081 47.44 -43.58 -63.49
CA VAL G 1081 48.85 -43.29 -63.18
C VAL G 1081 48.94 -42.48 -61.90
N THR G 1082 47.93 -41.67 -61.58
CA THR G 1082 47.93 -40.91 -60.34
C THR G 1082 47.81 -41.84 -59.13
N SER G 1083 47.09 -42.96 -59.30
CA SER G 1083 46.91 -43.90 -58.20
C SER G 1083 48.23 -44.50 -57.75
N VAL G 1084 49.15 -44.76 -58.69
CA VAL G 1084 50.46 -45.30 -58.33
C VAL G 1084 51.51 -44.22 -58.15
N THR G 1085 51.32 -43.05 -58.75
CA THR G 1085 52.29 -41.97 -58.57
C THR G 1085 52.35 -41.53 -57.11
N VAL G 1086 51.18 -41.39 -56.47
CA VAL G 1086 51.14 -41.04 -55.05
C VAL G 1086 51.42 -42.23 -54.15
N GLU G 1087 51.31 -43.45 -54.68
CA GLU G 1087 51.57 -44.65 -53.89
C GLU G 1087 53.04 -45.04 -53.93
N TRP G 1088 53.67 -44.97 -55.10
CA TRP G 1088 55.10 -45.30 -55.20
C TRP G 1088 55.95 -44.31 -54.43
N THR G 1089 55.61 -43.02 -54.47
CA THR G 1089 56.37 -42.03 -53.72
C THR G 1089 56.20 -42.22 -52.22
N GLY G 1090 55.02 -42.68 -51.79
CA GLY G 1090 54.80 -42.94 -50.38
C GLY G 1090 55.69 -44.04 -49.84
N LEU G 1091 56.08 -44.98 -50.69
CA LEU G 1091 57.00 -46.04 -50.26
C LEU G 1091 58.42 -45.51 -50.07
N LYS G 1092 58.88 -44.68 -51.00
CA LYS G 1092 60.24 -44.17 -50.92
C LYS G 1092 60.42 -43.26 -49.71
N VAL G 1093 59.44 -42.41 -49.42
CA VAL G 1093 59.55 -41.53 -48.27
C VAL G 1093 59.55 -42.34 -46.98
N ALA G 1094 58.91 -43.51 -46.98
CA ALA G 1094 59.03 -44.41 -45.83
C ALA G 1094 60.44 -44.96 -45.72
N LYS G 1095 61.07 -45.27 -46.87
CA LYS G 1095 62.46 -45.73 -46.86
C LYS G 1095 63.39 -44.64 -46.35
N ARG G 1096 63.19 -43.39 -46.79
CA ARG G 1096 64.02 -42.29 -46.32
C ARG G 1096 63.80 -42.03 -44.83
N LEU G 1097 62.54 -42.10 -44.37
CA LEU G 1097 62.28 -42.00 -42.94
C LEU G 1097 62.93 -43.15 -42.18
N HIS G 1098 62.86 -44.36 -42.74
CA HIS G 1098 63.56 -45.49 -42.13
C HIS G 1098 65.06 -45.28 -42.13
N ARG G 1099 65.61 -44.76 -43.23
CA ARG G 1099 67.04 -44.49 -43.30
C ARG G 1099 67.45 -43.38 -42.34
N SER G 1100 66.66 -42.31 -42.28
CA SER G 1100 67.02 -41.17 -41.44
C SER G 1100 66.98 -41.55 -39.96
N LEU G 1101 65.97 -42.32 -39.55
CA LEU G 1101 65.89 -42.73 -38.15
C LEU G 1101 67.02 -43.70 -37.79
N LEU G 1102 67.40 -44.57 -38.71
CA LEU G 1102 68.46 -45.53 -38.44
C LEU G 1102 69.79 -44.82 -38.17
N ASN G 1103 70.11 -43.80 -38.97
CA ASN G 1103 71.34 -43.05 -38.76
C ASN G 1103 71.33 -42.34 -37.41
N ARG G 1104 70.21 -41.74 -37.04
CA ARG G 1104 70.11 -41.08 -35.74
C ARG G 1104 70.15 -42.09 -34.60
N ILE G 1105 69.55 -43.26 -34.80
CA ILE G 1105 69.54 -44.29 -33.76
C ILE G 1105 70.96 -44.76 -33.47
N ILE G 1106 71.75 -44.99 -34.51
CA ILE G 1106 73.14 -45.43 -34.31
C ILE G 1106 73.95 -44.36 -33.61
N LEU G 1107 73.78 -43.10 -34.01
CA LEU G 1107 74.51 -41.99 -33.42
C LEU G 1107 73.84 -41.41 -32.18
N ALA G 1108 72.83 -42.09 -31.64
CA ALA G 1108 72.16 -41.61 -30.44
C ALA G 1108 73.10 -41.72 -29.25
N PRO G 1109 73.23 -40.67 -28.44
CA PRO G 1109 74.13 -40.75 -27.27
C PRO G 1109 73.66 -41.80 -26.27
N MET G 1110 74.63 -42.49 -25.67
CA MET G 1110 74.31 -43.47 -24.65
C MET G 1110 73.81 -42.82 -23.37
N ARG G 1111 74.42 -41.69 -22.98
CA ARG G 1111 73.97 -40.98 -21.79
C ARG G 1111 72.55 -40.48 -21.95
N PHE G 1112 72.20 -39.95 -23.12
CA PHE G 1112 70.82 -39.57 -23.38
C PHE G 1112 69.91 -40.78 -23.38
N PHE G 1113 70.38 -41.90 -23.94
CA PHE G 1113 69.59 -43.13 -23.92
C PHE G 1113 69.36 -43.62 -22.50
N GLU G 1114 70.39 -43.54 -21.64
CA GLU G 1114 70.23 -43.95 -20.25
C GLU G 1114 69.25 -43.04 -19.52
N THR G 1115 69.32 -41.73 -19.74
CA THR G 1115 68.42 -40.81 -19.08
C THR G 1115 66.98 -41.02 -19.53
N THR G 1116 66.77 -41.24 -20.82
CA THR G 1116 65.43 -41.47 -21.35
C THR G 1116 64.95 -42.86 -21.00
N PRO G 1117 63.63 -43.09 -21.04
CA PRO G 1117 63.11 -44.44 -20.75
C PRO G 1117 63.57 -45.49 -21.74
N LEU G 1118 63.99 -45.07 -22.95
CA LEU G 1118 64.48 -45.95 -24.01
C LEU G 1118 63.42 -46.94 -24.51
N GLY G 1119 62.16 -46.77 -24.08
CA GLY G 1119 61.09 -47.62 -24.55
C GLY G 1119 60.23 -46.90 -25.57
N SER G 1120 60.17 -45.58 -25.47
CA SER G 1120 59.43 -44.79 -26.46
C SER G 1120 60.12 -44.84 -27.82
N ILE G 1121 61.45 -44.93 -27.82
CA ILE G 1121 62.19 -45.01 -29.07
C ILE G 1121 61.85 -46.31 -29.80
N LEU G 1122 61.79 -47.43 -29.07
CA LEU G 1122 61.42 -48.70 -29.68
C LEU G 1122 60.00 -48.65 -30.23
N ASN G 1123 59.08 -48.05 -29.46
CA ASN G 1123 57.70 -47.90 -29.94
C ASN G 1123 57.65 -46.99 -31.16
N ARG G 1124 58.39 -45.87 -31.13
CA ARG G 1124 58.41 -44.97 -32.27
C ARG G 1124 59.11 -45.60 -33.46
N PHE G 1125 60.06 -46.50 -33.22
CA PHE G 1125 60.76 -47.14 -34.32
C PHE G 1125 59.88 -48.19 -34.99
N SER G 1126 59.10 -48.94 -34.22
CA SER G 1126 58.29 -50.03 -34.75
C SER G 1126 56.86 -49.60 -35.06
N SER G 1127 56.13 -49.13 -34.05
CA SER G 1127 54.71 -48.84 -34.21
C SER G 1127 54.48 -47.64 -35.12
N ASP G 1128 55.20 -46.54 -34.88
CA ASP G 1128 54.97 -45.32 -35.64
C ASP G 1128 55.36 -45.50 -37.10
N CYS G 1129 56.49 -46.17 -37.35
CA CYS G 1129 56.93 -46.40 -38.73
C CYS G 1129 55.97 -47.30 -39.48
N ASN G 1130 55.40 -48.30 -38.78
CA ASN G 1130 54.43 -49.18 -39.43
C ASN G 1130 53.20 -48.41 -39.88
N THR G 1131 52.72 -47.48 -39.05
CA THR G 1131 51.60 -46.64 -39.45
C THR G 1131 51.98 -45.75 -40.63
N ILE G 1132 53.21 -45.22 -40.63
CA ILE G 1132 53.64 -44.33 -41.70
C ILE G 1132 53.71 -45.09 -43.02
N ASP G 1133 54.10 -46.37 -42.98
CA ASP G 1133 54.32 -47.12 -44.21
C ASP G 1133 52.99 -47.50 -44.87
N GLN G 1134 52.15 -48.24 -44.14
CA GLN G 1134 50.98 -48.86 -44.75
C GLN G 1134 49.72 -48.01 -44.72
N HIS G 1135 49.69 -46.94 -43.93
CA HIS G 1135 48.45 -46.19 -43.72
C HIS G 1135 48.53 -44.74 -44.18
N ILE G 1136 49.58 -44.02 -43.80
CA ILE G 1136 49.58 -42.56 -44.00
C ILE G 1136 49.47 -42.15 -45.46
N PRO G 1137 50.23 -42.73 -46.40
CA PRO G 1137 50.05 -42.33 -47.81
C PRO G 1137 48.63 -42.57 -48.31
N SER G 1138 47.99 -43.66 -47.88
CA SER G 1138 46.61 -43.91 -48.27
C SER G 1138 45.67 -42.86 -47.69
N THR G 1139 45.84 -42.53 -46.41
CA THR G 1139 44.98 -41.53 -45.78
C THR G 1139 45.20 -40.15 -46.39
N LEU G 1140 46.46 -39.80 -46.66
CA LEU G 1140 46.75 -38.50 -47.27
C LEU G 1140 46.17 -38.42 -48.68
N GLU G 1141 46.26 -39.52 -49.44
CA GLU G 1141 45.68 -39.55 -50.77
C GLU G 1141 44.16 -39.38 -50.71
N CYS G 1142 43.50 -40.10 -49.79
CA CYS G 1142 42.06 -39.97 -49.64
C CYS G 1142 41.68 -38.57 -49.17
N LEU G 1143 42.47 -37.99 -48.28
CA LEU G 1143 42.20 -36.62 -47.83
C LEU G 1143 42.31 -35.65 -48.98
N SER G 1144 43.34 -35.81 -49.83
CA SER G 1144 43.57 -34.86 -50.92
C SER G 1144 42.41 -34.86 -51.90
N ARG G 1145 41.91 -36.05 -52.26
CA ARG G 1145 40.82 -36.12 -53.22
C ARG G 1145 39.51 -35.66 -52.60
N SER G 1146 39.40 -35.72 -51.27
CA SER G 1146 38.18 -35.26 -50.62
C SER G 1146 38.19 -33.75 -50.40
N THR G 1147 39.34 -33.20 -49.99
CA THR G 1147 39.45 -31.76 -49.79
C THR G 1147 39.52 -30.99 -51.10
N LEU G 1148 39.72 -31.67 -52.23
CA LEU G 1148 39.73 -31.03 -53.52
C LEU G 1148 38.39 -31.18 -54.23
N LEU G 1149 37.74 -32.33 -54.07
CA LEU G 1149 36.45 -32.54 -54.72
C LEU G 1149 35.41 -31.57 -54.18
N CYS G 1150 35.40 -31.33 -52.87
CA CYS G 1150 34.46 -30.39 -52.30
C CYS G 1150 34.69 -28.98 -52.85
N VAL G 1151 35.95 -28.58 -52.98
CA VAL G 1151 36.26 -27.29 -53.60
C VAL G 1151 35.78 -27.27 -55.05
N SER G 1152 36.04 -28.36 -55.78
CA SER G 1152 35.50 -28.46 -57.14
C SER G 1152 33.98 -28.48 -57.12
N ALA G 1153 33.38 -29.19 -56.16
CA ALA G 1153 31.92 -29.16 -56.02
C ALA G 1153 31.44 -27.79 -55.57
N LEU G 1154 32.30 -26.99 -54.96
CA LEU G 1154 31.96 -25.62 -54.59
C LEU G 1154 32.27 -24.63 -55.69
N THR G 1155 32.69 -25.10 -56.86
CA THR G 1155 32.87 -24.24 -58.03
C THR G 1155 31.90 -24.54 -59.16
N VAL G 1156 31.47 -25.79 -59.31
CA VAL G 1156 30.46 -26.11 -60.30
C VAL G 1156 29.14 -25.42 -59.95
N ILE G 1157 28.84 -25.30 -58.66
CA ILE G 1157 27.66 -24.54 -58.25
C ILE G 1157 27.82 -23.07 -58.61
N SER G 1158 29.05 -22.55 -58.52
CA SER G 1158 29.28 -21.18 -58.93
C SER G 1158 29.13 -21.01 -60.44
N TYR G 1159 29.60 -21.98 -61.21
CA TYR G 1159 29.47 -21.90 -62.66
C TYR G 1159 28.01 -22.00 -63.11
N VAL G 1160 27.25 -22.92 -62.51
CA VAL G 1160 25.84 -23.03 -62.88
C VAL G 1160 25.05 -21.81 -62.43
N THR G 1161 25.42 -21.24 -61.28
CA THR G 1161 24.77 -20.02 -60.80
C THR G 1161 25.75 -19.24 -59.93
N PRO G 1162 26.25 -18.11 -60.42
CA PRO G 1162 27.11 -17.24 -59.59
C PRO G 1162 26.38 -16.55 -58.44
N VAL G 1163 25.09 -16.83 -58.25
CA VAL G 1163 24.35 -16.19 -57.18
C VAL G 1163 24.34 -17.05 -55.91
N PHE G 1164 24.52 -18.37 -56.05
CA PHE G 1164 24.49 -19.25 -54.89
C PHE G 1164 25.66 -18.99 -53.95
N LEU G 1165 26.81 -18.59 -54.50
CA LEU G 1165 28.01 -18.43 -53.69
C LEU G 1165 27.88 -17.31 -52.66
N VAL G 1166 26.87 -16.45 -52.79
CA VAL G 1166 26.67 -15.36 -51.83
C VAL G 1166 26.45 -15.93 -50.43
N ALA G 1167 25.56 -16.91 -50.32
CA ALA G 1167 25.25 -17.54 -49.04
C ALA G 1167 26.08 -18.80 -48.78
N LEU G 1168 26.86 -19.26 -49.77
CA LEU G 1168 27.70 -20.43 -49.56
C LEU G 1168 28.77 -20.17 -48.51
N LEU G 1169 29.38 -18.99 -48.55
CA LEU G 1169 30.46 -18.68 -47.62
C LEU G 1169 30.02 -18.70 -46.16
N PRO G 1170 28.90 -18.06 -45.76
CA PRO G 1170 28.48 -18.18 -44.36
C PRO G 1170 28.21 -19.61 -43.92
N LEU G 1171 27.68 -20.46 -44.82
CA LEU G 1171 27.47 -21.86 -44.47
C LEU G 1171 28.79 -22.56 -44.20
N ALA G 1172 29.81 -22.29 -45.01
CA ALA G 1172 31.11 -22.90 -44.79
C ALA G 1172 31.72 -22.44 -43.48
N VAL G 1173 31.44 -21.19 -43.07
CA VAL G 1173 31.91 -20.70 -41.79
C VAL G 1173 31.31 -21.52 -40.66
N VAL G 1174 30.00 -21.79 -40.74
CA VAL G 1174 29.36 -22.64 -39.73
C VAL G 1174 29.94 -24.05 -39.77
N CYS G 1175 30.26 -24.54 -40.96
CA CYS G 1175 30.91 -25.85 -41.07
C CYS G 1175 32.27 -25.84 -40.39
N TYR G 1176 33.00 -24.72 -40.49
CA TYR G 1176 34.30 -24.63 -39.85
C TYR G 1176 34.17 -24.73 -38.33
N PHE G 1177 33.21 -24.01 -37.76
CA PHE G 1177 33.01 -24.05 -36.31
C PHE G 1177 32.61 -25.45 -35.84
N ILE G 1178 31.74 -26.11 -36.59
CA ILE G 1178 31.32 -27.46 -36.22
C ILE G 1178 32.51 -28.41 -36.25
N GLN G 1179 33.32 -28.32 -37.31
CA GLN G 1179 34.51 -29.16 -37.40
C GLN G 1179 35.50 -28.83 -36.29
N LYS G 1180 35.69 -27.54 -36.01
CA LYS G 1180 36.65 -27.13 -34.98
C LYS G 1180 36.25 -27.61 -33.60
N TYR G 1181 34.96 -27.86 -33.36
CA TYR G 1181 34.50 -28.40 -32.10
C TYR G 1181 34.46 -29.92 -32.08
N PHE G 1182 34.49 -30.57 -33.24
CA PHE G 1182 34.44 -32.03 -33.28
C PHE G 1182 35.81 -32.65 -33.10
N ARG G 1183 36.80 -32.15 -33.85
CA ARG G 1183 38.14 -32.73 -33.79
C ARG G 1183 38.72 -32.63 -32.39
N VAL G 1184 38.43 -31.54 -31.67
CA VAL G 1184 38.91 -31.39 -30.30
C VAL G 1184 38.29 -32.46 -29.41
N ALA G 1185 36.97 -32.60 -29.48
CA ALA G 1185 36.28 -33.56 -28.62
C ALA G 1185 36.56 -35.00 -29.05
N SER G 1186 36.56 -35.25 -30.36
CA SER G 1186 36.74 -36.62 -30.84
C SER G 1186 38.12 -37.16 -30.50
N ARG G 1187 39.16 -36.34 -30.66
CA ARG G 1187 40.51 -36.80 -30.35
C ARG G 1187 40.65 -37.14 -28.87
N ASP G 1188 40.08 -36.30 -28.00
CA ASP G 1188 40.11 -36.60 -26.57
C ASP G 1188 39.35 -37.87 -26.26
N LEU G 1189 38.21 -38.09 -26.94
CA LEU G 1189 37.49 -39.34 -26.80
C LEU G 1189 38.33 -40.51 -27.30
N GLN G 1190 39.09 -40.31 -28.38
CA GLN G 1190 39.99 -41.35 -28.86
C GLN G 1190 41.03 -41.70 -27.81
N GLN G 1191 41.57 -40.69 -27.14
CA GLN G 1191 42.56 -40.94 -26.09
C GLN G 1191 41.96 -41.77 -24.96
N LEU G 1192 40.74 -41.42 -24.53
CA LEU G 1192 40.11 -42.16 -23.45
C LEU G 1192 39.79 -43.58 -23.86
N ASP G 1193 39.36 -43.78 -25.11
CA ASP G 1193 39.12 -45.12 -25.61
C ASP G 1193 40.42 -45.93 -25.65
N ASP G 1194 41.51 -45.30 -26.06
CA ASP G 1194 42.81 -45.95 -25.98
C ASP G 1194 43.24 -46.14 -24.52
N THR G 1195 42.92 -45.18 -23.66
CA THR G 1195 43.27 -45.30 -22.25
C THR G 1195 42.57 -46.48 -21.60
N THR G 1196 41.27 -46.66 -21.87
CA THR G 1196 40.51 -47.73 -21.25
C THR G 1196 40.74 -49.09 -21.91
N GLN G 1197 41.36 -49.12 -23.09
CA GLN G 1197 41.60 -50.40 -23.75
C GLN G 1197 42.67 -51.20 -23.00
N LEU G 1198 43.67 -50.52 -22.45
CA LEU G 1198 44.78 -51.22 -21.79
C LEU G 1198 44.33 -52.03 -20.58
N PRO G 1199 43.60 -51.48 -19.60
CA PRO G 1199 43.28 -52.29 -18.41
C PRO G 1199 42.35 -53.45 -18.69
N LEU G 1200 41.63 -53.42 -19.81
CA LEU G 1200 40.69 -54.51 -20.11
C LEU G 1200 41.43 -55.77 -20.50
N LEU G 1201 42.27 -55.68 -21.54
CA LEU G 1201 43.03 -56.85 -21.99
C LEU G 1201 44.12 -57.24 -21.00
N SER G 1202 44.71 -56.28 -20.29
CA SER G 1202 45.72 -56.60 -19.29
C SER G 1202 45.11 -57.41 -18.15
N HIS G 1203 43.88 -57.07 -17.76
CA HIS G 1203 43.20 -57.87 -16.74
C HIS G 1203 42.99 -59.30 -17.21
N PHE G 1204 42.62 -59.48 -18.48
CA PHE G 1204 42.53 -60.82 -19.03
C PHE G 1204 43.89 -61.51 -19.05
N ALA G 1205 44.95 -60.74 -19.36
CA ALA G 1205 46.30 -61.29 -19.26
C ALA G 1205 46.62 -61.70 -17.83
N GLU G 1206 46.24 -60.86 -16.86
CA GLU G 1206 46.38 -61.24 -15.46
C GLU G 1206 45.40 -62.33 -15.06
N THR G 1207 44.34 -62.52 -15.84
CA THR G 1207 43.36 -63.57 -15.53
C THR G 1207 43.88 -64.95 -15.91
N VAL G 1208 44.57 -65.06 -17.04
CA VAL G 1208 45.02 -66.37 -17.51
C VAL G 1208 46.14 -66.93 -16.64
N GLU G 1209 46.88 -66.08 -15.93
CA GLU G 1209 47.96 -66.50 -15.06
C GLU G 1209 47.57 -66.23 -13.61
N GLY G 1210 47.81 -67.19 -12.74
CA GLY G 1210 47.40 -67.04 -11.36
C GLY G 1210 45.92 -67.20 -11.12
N LEU G 1211 45.19 -67.79 -12.08
CA LEU G 1211 43.77 -68.02 -11.88
C LEU G 1211 43.52 -69.03 -10.77
N THR G 1212 44.43 -69.99 -10.60
CA THR G 1212 44.33 -70.91 -9.48
C THR G 1212 44.64 -70.23 -8.15
N THR G 1213 45.45 -69.16 -8.17
CA THR G 1213 45.68 -68.35 -6.98
C THR G 1213 44.50 -67.43 -6.68
N ILE G 1214 43.57 -67.31 -7.61
CA ILE G 1214 42.37 -66.49 -7.42
C ILE G 1214 41.17 -67.35 -7.08
N ARG G 1215 40.98 -68.46 -7.80
CA ARG G 1215 39.84 -69.33 -7.56
C ARG G 1215 39.90 -69.93 -6.16
N ALA G 1216 41.03 -70.53 -5.81
CA ALA G 1216 41.15 -71.22 -4.52
C ALA G 1216 41.18 -70.22 -3.37
N PHE G 1217 41.90 -69.11 -3.54
CA PHE G 1217 42.08 -68.18 -2.43
C PHE G 1217 40.88 -67.24 -2.28
N ARG G 1218 40.45 -66.63 -3.37
CA ARG G 1218 39.39 -65.64 -3.32
C ARG G 1218 38.09 -66.22 -3.88
N TYR G 1219 37.00 -65.53 -3.59
CA TYR G 1219 35.68 -65.88 -4.11
C TYR G 1219 35.54 -65.58 -5.60
N GLU G 1220 36.49 -64.86 -6.19
CA GLU G 1220 36.54 -64.55 -7.61
C GLU G 1220 35.47 -63.52 -7.99
N ALA G 1221 34.56 -63.24 -7.06
CA ALA G 1221 33.52 -62.24 -7.34
C ALA G 1221 34.12 -60.86 -7.51
N ARG G 1222 35.12 -60.51 -6.69
CA ARG G 1222 35.74 -59.19 -6.80
C ARG G 1222 36.46 -59.03 -8.13
N PHE G 1223 37.18 -60.05 -8.58
CA PHE G 1223 37.92 -59.94 -9.83
C PHE G 1223 36.98 -59.86 -11.02
N GLN G 1224 35.92 -60.67 -11.03
CA GLN G 1224 34.93 -60.60 -12.12
C GLN G 1224 34.24 -59.25 -12.12
N GLN G 1225 33.84 -58.76 -10.95
CA GLN G 1225 33.21 -57.45 -10.88
C GLN G 1225 34.20 -56.33 -11.17
N LYS G 1226 35.48 -56.54 -10.85
CA LYS G 1226 36.49 -55.55 -11.22
C LYS G 1226 36.60 -55.41 -12.72
N LEU G 1227 36.38 -56.50 -13.46
CA LEU G 1227 36.35 -56.41 -14.92
C LEU G 1227 35.17 -55.57 -15.40
N LEU G 1228 34.02 -55.72 -14.75
CA LEU G 1228 32.85 -54.93 -15.14
C LEU G 1228 33.13 -53.44 -15.02
N GLU G 1229 33.96 -53.05 -14.05
CA GLU G 1229 34.40 -51.66 -13.99
C GLU G 1229 35.25 -51.30 -15.21
N TYR G 1230 36.04 -52.25 -15.69
CA TYR G 1230 36.86 -51.99 -16.87
C TYR G 1230 36.02 -51.97 -18.14
N THR G 1231 35.08 -52.90 -18.27
CA THR G 1231 34.24 -52.95 -19.48
C THR G 1231 33.34 -51.73 -19.57
N ASP G 1232 32.73 -51.34 -18.44
CA ASP G 1232 31.87 -50.15 -18.45
C ASP G 1232 32.66 -48.91 -18.84
N SER G 1233 33.86 -48.75 -18.28
CA SER G 1233 34.71 -47.63 -18.68
C SER G 1233 35.07 -47.72 -20.16
N ASN G 1234 35.21 -48.94 -20.67
CA ASN G 1234 35.50 -49.11 -22.09
C ASN G 1234 34.29 -48.84 -22.96
N ASN G 1235 33.11 -49.33 -22.54
CA ASN G 1235 31.91 -49.15 -23.36
C ASN G 1235 31.53 -47.68 -23.47
N ILE G 1236 31.60 -46.94 -22.36
CA ILE G 1236 31.23 -45.53 -22.39
C ILE G 1236 32.14 -44.75 -23.32
N ALA G 1237 33.44 -45.02 -23.28
CA ALA G 1237 34.37 -44.34 -24.17
C ALA G 1237 34.08 -44.67 -25.62
N SER G 1238 33.40 -45.80 -25.88
CA SER G 1238 33.11 -46.19 -27.24
C SER G 1238 31.87 -45.47 -27.77
N LEU G 1239 30.75 -45.56 -27.05
CA LEU G 1239 29.52 -44.93 -27.53
C LEU G 1239 29.62 -43.42 -27.51
N PHE G 1240 30.33 -42.84 -26.54
CA PHE G 1240 30.57 -41.40 -26.56
C PHE G 1240 31.36 -41.00 -27.79
N LEU G 1241 32.38 -41.79 -28.14
CA LEU G 1241 33.07 -41.58 -29.41
C LEU G 1241 32.13 -41.74 -30.59
N THR G 1242 31.28 -42.78 -30.55
CA THR G 1242 30.30 -42.97 -31.61
C THR G 1242 29.32 -41.80 -31.68
N ALA G 1243 28.82 -41.37 -30.52
CA ALA G 1243 27.84 -40.29 -30.52
C ALA G 1243 28.42 -39.00 -31.07
N ALA G 1244 29.69 -38.74 -30.78
CA ALA G 1244 30.34 -37.55 -31.34
C ALA G 1244 30.41 -37.61 -32.86
N ASN G 1245 30.72 -38.80 -33.40
CA ASN G 1245 30.74 -38.96 -34.86
C ASN G 1245 29.34 -38.78 -35.43
N ARG G 1246 28.34 -39.41 -34.82
CA ARG G 1246 26.97 -39.25 -35.29
C ARG G 1246 26.52 -37.79 -35.18
N TRP G 1247 26.93 -37.12 -34.11
CA TRP G 1247 26.65 -35.69 -33.98
C TRP G 1247 27.29 -34.90 -35.11
N LEU G 1248 28.52 -35.25 -35.47
CA LEU G 1248 29.22 -34.53 -36.53
C LEU G 1248 28.54 -34.74 -37.88
N GLU G 1249 28.19 -35.99 -38.20
CA GLU G 1249 27.62 -36.29 -39.50
C GLU G 1249 26.28 -35.59 -39.69
N VAL G 1250 25.42 -35.64 -38.67
CA VAL G 1250 24.08 -35.08 -38.80
C VAL G 1250 24.14 -33.59 -39.11
N ARG G 1251 24.91 -32.83 -38.32
CA ARG G 1251 25.05 -31.41 -38.60
C ARG G 1251 25.73 -31.16 -39.93
N MET G 1252 26.58 -32.10 -40.38
CA MET G 1252 27.17 -31.97 -41.70
C MET G 1252 26.16 -32.26 -42.79
N GLU G 1253 25.31 -33.27 -42.58
CA GLU G 1253 24.29 -33.60 -43.57
C GLU G 1253 23.28 -32.47 -43.71
N TYR G 1254 22.86 -31.87 -42.59
CA TYR G 1254 21.89 -30.79 -42.65
C TYR G 1254 22.46 -29.58 -43.38
N ILE G 1255 23.75 -29.29 -43.17
CA ILE G 1255 24.40 -28.24 -43.94
C ILE G 1255 24.42 -28.61 -45.42
N GLY G 1256 24.75 -29.86 -45.72
CA GLY G 1256 24.75 -30.30 -47.11
C GLY G 1256 23.36 -30.28 -47.72
N ALA G 1257 22.36 -30.74 -46.97
CA ALA G 1257 20.99 -30.72 -47.49
C ALA G 1257 20.49 -29.30 -47.69
N CYS G 1258 20.85 -28.39 -46.77
CA CYS G 1258 20.48 -26.99 -46.94
C CYS G 1258 21.16 -26.38 -48.16
N VAL G 1259 22.39 -26.82 -48.46
CA VAL G 1259 23.09 -26.33 -49.64
C VAL G 1259 22.33 -26.71 -50.91
N VAL G 1260 21.80 -27.93 -50.95
CA VAL G 1260 21.07 -28.40 -52.12
C VAL G 1260 19.85 -27.51 -52.36
N LEU G 1261 19.10 -27.19 -51.31
CA LEU G 1261 17.89 -26.39 -51.46
C LEU G 1261 18.23 -24.99 -51.96
N ILE G 1262 19.28 -24.37 -51.41
CA ILE G 1262 19.67 -23.04 -51.87
C ILE G 1262 20.15 -23.11 -53.31
N ALA G 1263 20.95 -24.13 -53.65
CA ALA G 1263 21.43 -24.27 -55.02
C ALA G 1263 20.28 -24.53 -55.99
N ALA G 1264 19.35 -25.40 -55.61
CA ALA G 1264 18.23 -25.72 -56.49
C ALA G 1264 17.32 -24.53 -56.70
N ALA G 1265 16.98 -23.83 -55.60
CA ALA G 1265 16.08 -22.69 -55.72
C ALA G 1265 16.68 -21.59 -56.58
N THR G 1266 17.97 -21.30 -56.39
CA THR G 1266 18.62 -20.27 -57.20
C THR G 1266 18.71 -20.68 -58.67
N SER G 1267 19.03 -21.95 -58.93
CA SER G 1267 19.16 -22.43 -60.30
C SER G 1267 17.83 -22.37 -61.03
N ILE G 1268 16.74 -22.76 -60.35
CA ILE G 1268 15.42 -22.72 -60.97
C ILE G 1268 15.04 -21.28 -61.29
N SER G 1269 15.34 -20.35 -60.39
CA SER G 1269 14.96 -18.95 -60.59
C SER G 1269 15.60 -18.38 -61.85
N ASN G 1270 16.86 -18.70 -62.10
CA ASN G 1270 17.54 -18.19 -63.28
C ASN G 1270 16.87 -18.67 -64.57
N SER G 1271 16.50 -19.95 -64.61
CA SER G 1271 15.85 -20.48 -65.81
C SER G 1271 14.50 -19.83 -66.05
N LEU G 1272 13.81 -19.44 -64.99
CA LEU G 1272 12.54 -18.75 -65.10
C LEU G 1272 12.68 -17.23 -65.08
N HIS G 1273 13.90 -16.71 -65.00
CA HIS G 1273 14.17 -15.29 -65.10
C HIS G 1273 14.90 -14.96 -66.41
N ARG G 1274 14.68 -15.77 -67.44
CA ARG G 1274 15.28 -15.57 -68.77
C ARG G 1274 16.80 -15.54 -68.70
N GLU G 1275 17.37 -16.45 -67.92
CA GLU G 1275 18.82 -16.62 -67.84
C GLU G 1275 19.28 -17.92 -68.47
N LEU G 1276 18.48 -18.44 -69.41
CA LEU G 1276 18.82 -19.64 -70.18
C LEU G 1276 19.09 -20.84 -69.28
N SER G 1277 20.38 -21.12 -69.04
CA SER G 1277 20.81 -22.26 -68.23
C SER G 1277 20.40 -23.58 -68.88
N ALA G 1278 19.11 -23.89 -68.85
CA ALA G 1278 18.54 -25.07 -69.50
C ALA G 1278 19.11 -26.31 -68.82
N GLY G 1279 19.57 -27.32 -69.56
CA GLY G 1279 20.06 -28.54 -68.94
C GLY G 1279 21.34 -28.37 -68.16
N LEU G 1280 22.00 -27.21 -68.28
CA LEU G 1280 23.22 -26.97 -67.51
C LEU G 1280 22.93 -26.93 -66.01
N VAL G 1281 21.71 -26.57 -65.63
CA VAL G 1281 21.35 -26.53 -64.22
C VAL G 1281 21.40 -27.93 -63.61
N GLY G 1282 20.90 -28.93 -64.33
CA GLY G 1282 20.87 -30.28 -63.81
C GLY G 1282 22.24 -30.82 -63.44
N LEU G 1283 23.28 -30.34 -64.11
CA LEU G 1283 24.63 -30.77 -63.79
C LEU G 1283 25.02 -30.36 -62.37
N GLY G 1284 24.73 -29.11 -62.00
CA GLY G 1284 25.13 -28.61 -60.71
C GLY G 1284 24.43 -29.32 -59.56
N LEU G 1285 23.18 -29.71 -59.76
CA LEU G 1285 22.40 -30.32 -58.68
C LEU G 1285 22.93 -31.70 -58.33
N THR G 1286 23.45 -32.43 -59.32
CA THR G 1286 24.06 -33.74 -59.03
C THR G 1286 25.28 -33.58 -58.12
N TYR G 1287 26.10 -32.56 -58.39
CA TYR G 1287 27.23 -32.28 -57.51
C TYR G 1287 26.76 -31.81 -56.14
N ALA G 1288 25.68 -31.03 -56.09
CA ALA G 1288 25.17 -30.53 -54.82
C ALA G 1288 24.76 -31.67 -53.90
N LEU G 1289 24.15 -32.72 -54.46
CA LEU G 1289 23.81 -33.88 -53.66
C LEU G 1289 25.05 -34.57 -53.10
N MET G 1290 26.17 -34.51 -53.83
CA MET G 1290 27.39 -35.13 -53.36
C MET G 1290 28.14 -34.25 -52.35
N VAL G 1291 27.78 -32.97 -52.24
CA VAL G 1291 28.51 -32.07 -51.35
C VAL G 1291 28.42 -32.56 -49.91
N SER G 1292 27.22 -32.95 -49.48
CA SER G 1292 27.06 -33.47 -48.12
C SER G 1292 27.86 -34.75 -47.91
N ASN G 1293 27.82 -35.65 -48.90
CA ASN G 1293 28.50 -36.93 -48.74
C ASN G 1293 30.01 -36.75 -48.65
N TYR G 1294 30.57 -35.88 -49.50
CA TYR G 1294 32.01 -35.65 -49.46
C TYR G 1294 32.42 -34.78 -48.29
N LEU G 1295 31.49 -33.98 -47.75
CA LEU G 1295 31.83 -33.16 -46.59
C LEU G 1295 32.18 -34.01 -45.38
N ASN G 1296 31.43 -35.10 -45.17
CA ASN G 1296 31.75 -36.02 -44.07
C ASN G 1296 33.11 -36.69 -44.31
N TRP G 1297 33.39 -37.06 -45.55
CA TRP G 1297 34.64 -37.76 -45.86
C TRP G 1297 35.85 -36.86 -45.63
N MET G 1298 35.74 -35.58 -45.98
CA MET G 1298 36.86 -34.67 -45.78
C MET G 1298 37.19 -34.49 -44.31
N VAL G 1299 36.16 -34.34 -43.47
CA VAL G 1299 36.39 -34.17 -42.04
C VAL G 1299 36.93 -35.45 -41.42
N ARG G 1300 36.46 -36.61 -41.91
CA ARG G 1300 36.94 -37.88 -41.39
C ARG G 1300 38.45 -38.03 -41.62
N ASN G 1301 38.92 -37.66 -42.82
CA ASN G 1301 40.34 -37.79 -43.11
C ASN G 1301 41.16 -36.76 -42.36
N LEU G 1302 40.60 -35.57 -42.11
CA LEU G 1302 41.35 -34.54 -41.39
C LEU G 1302 41.71 -35.00 -39.98
N ALA G 1303 40.77 -35.66 -39.30
CA ALA G 1303 41.07 -36.23 -37.99
C ALA G 1303 42.11 -37.34 -38.10
N ASP G 1304 42.03 -38.15 -39.15
CA ASP G 1304 43.01 -39.20 -39.36
C ASP G 1304 44.40 -38.62 -39.62
N MET G 1305 44.46 -37.50 -40.35
CA MET G 1305 45.75 -36.88 -40.63
C MET G 1305 46.38 -36.31 -39.36
N GLU G 1306 45.58 -36.07 -38.32
CA GLU G 1306 46.13 -35.61 -37.06
C GLU G 1306 47.05 -36.66 -36.44
N ILE G 1307 46.67 -37.94 -36.57
CA ILE G 1307 47.55 -39.02 -36.15
C ILE G 1307 48.84 -38.99 -36.95
N GLN G 1308 48.73 -38.77 -38.26
CA GLN G 1308 49.91 -38.61 -39.09
C GLN G 1308 50.71 -37.36 -38.68
N LEU G 1309 50.00 -36.28 -38.34
CA LEU G 1309 50.69 -35.07 -37.89
C LEU G 1309 51.46 -35.32 -36.61
N GLY G 1310 50.87 -36.08 -35.67
CA GLY G 1310 51.60 -36.45 -34.47
C GLY G 1310 52.63 -37.53 -34.71
N ALA G 1311 52.49 -38.30 -35.79
CA ALA G 1311 53.45 -39.36 -36.08
C ALA G 1311 54.84 -38.80 -36.36
N VAL G 1312 54.91 -37.71 -37.12
CA VAL G 1312 56.20 -37.09 -37.40
C VAL G 1312 56.76 -36.38 -36.17
N LYS G 1313 55.91 -36.08 -35.19
CA LYS G 1313 56.40 -35.44 -33.97
C LYS G 1313 57.31 -36.37 -33.19
N ARG G 1314 56.97 -37.66 -33.12
CA ARG G 1314 57.85 -38.63 -32.47
C ARG G 1314 59.17 -38.78 -33.20
N ILE G 1315 59.20 -38.54 -34.50
CA ILE G 1315 60.44 -38.62 -35.28
C ILE G 1315 61.19 -37.30 -35.27
N HIS G 1316 60.47 -36.17 -35.32
CA HIS G 1316 61.13 -34.86 -35.33
C HIS G 1316 61.91 -34.63 -34.05
N MET H 1 -6.40 34.49 -45.12
CA MET H 1 -5.08 33.89 -45.23
C MET H 1 -4.48 33.62 -43.86
N PRO H 2 -4.83 32.48 -43.27
CA PRO H 2 -4.31 32.13 -41.94
C PRO H 2 -2.85 31.69 -42.00
N LEU H 3 -2.29 31.34 -40.84
CA LEU H 3 -0.92 30.85 -40.81
C LEU H 3 -0.82 29.51 -41.52
N ALA H 4 0.14 29.38 -42.42
CA ALA H 4 0.35 28.14 -43.15
C ALA H 4 1.84 27.82 -43.15
N PHE H 5 2.16 26.56 -42.88
CA PHE H 5 3.56 26.16 -42.87
C PHE H 5 4.18 26.29 -44.25
N CYS H 6 3.45 25.92 -45.29
CA CYS H 6 3.94 25.94 -46.66
C CYS H 6 3.43 27.14 -47.45
N GLY H 7 2.69 28.03 -46.82
CA GLY H 7 2.18 29.19 -47.53
C GLY H 7 0.97 28.88 -48.38
N THR H 8 0.03 29.83 -48.47
CA THR H 8 -1.22 29.64 -49.18
C THR H 8 -1.15 30.35 -50.53
N GLU H 9 -0.59 29.67 -51.52
CA GLU H 9 -0.55 30.15 -52.88
C GLU H 9 -1.36 29.23 -53.79
N ASN H 10 -1.75 29.75 -54.95
CA ASN H 10 -2.64 29.04 -55.86
C ASN H 10 -3.89 28.59 -55.12
N HIS H 11 -4.06 27.28 -54.99
CA HIS H 11 -5.12 26.70 -54.17
C HIS H 11 -4.48 25.84 -53.09
N SER H 12 -3.46 26.40 -52.42
CA SER H 12 -2.58 25.64 -51.55
C SER H 12 -1.91 24.49 -52.30
N ALA H 13 -1.59 24.75 -53.57
CA ALA H 13 -0.98 23.73 -54.42
C ALA H 13 0.45 23.39 -54.01
N ALA H 14 1.05 24.18 -53.12
CA ALA H 14 2.39 23.87 -52.63
C ALA H 14 2.40 22.72 -51.64
N TYR H 15 1.23 22.25 -51.20
CA TYR H 15 1.13 21.10 -50.32
C TYR H 15 1.04 19.77 -51.07
N ARG H 16 0.92 19.81 -52.39
CA ARG H 16 0.85 18.57 -53.16
C ARG H 16 2.16 17.82 -53.09
N VAL H 17 2.09 16.51 -52.85
CA VAL H 17 3.28 15.69 -52.69
C VAL H 17 3.42 14.68 -53.83
N ASP H 18 2.77 14.93 -54.96
CA ASP H 18 2.97 14.08 -56.12
C ASP H 18 4.39 14.27 -56.65
N GLN H 19 4.80 13.33 -57.50
CA GLN H 19 6.19 13.27 -57.98
C GLN H 19 7.17 13.17 -56.82
N GLY H 20 6.79 12.40 -55.80
CA GLY H 20 7.65 12.15 -54.66
C GLY H 20 7.52 13.17 -53.56
N VAL H 21 7.53 12.70 -52.30
CA VAL H 21 7.46 13.63 -51.17
C VAL H 21 8.76 14.41 -51.04
N LEU H 22 9.90 13.74 -51.26
CA LEU H 22 11.18 14.42 -51.10
C LEU H 22 11.43 15.46 -52.18
N ASN H 23 10.67 15.42 -53.28
CA ASN H 23 10.74 16.47 -54.28
C ASN H 23 9.84 17.65 -53.95
N ASN H 24 9.11 17.58 -52.85
CA ASN H 24 8.33 18.71 -52.36
C ASN H 24 9.18 19.49 -51.37
N GLY H 25 9.44 20.76 -51.67
CA GLY H 25 10.37 21.53 -50.86
C GLY H 25 9.91 21.69 -49.43
N CYS H 26 8.61 21.93 -49.22
CA CYS H 26 8.10 22.16 -47.88
C CYS H 26 8.27 20.91 -47.01
N PHE H 27 7.99 19.73 -47.56
CA PHE H 27 8.06 18.52 -46.76
C PHE H 27 9.48 18.26 -46.26
N VAL H 28 10.48 18.52 -47.11
CA VAL H 28 11.86 18.35 -46.68
C VAL H 28 12.17 19.33 -45.55
N ASP H 29 11.72 20.58 -45.68
CA ASP H 29 11.88 21.53 -44.59
C ASP H 29 11.13 21.10 -43.35
N ALA H 30 9.92 20.58 -43.52
CA ALA H 30 9.18 20.03 -42.39
C ALA H 30 9.90 18.83 -41.81
N LEU H 31 10.54 18.04 -42.66
CA LEU H 31 11.29 16.88 -42.19
C LEU H 31 12.49 17.30 -41.34
N ASN H 32 13.02 18.49 -41.57
CA ASN H 32 14.16 18.98 -40.81
C ASN H 32 13.79 19.42 -39.40
N VAL H 33 12.49 19.54 -39.09
CA VAL H 33 12.08 19.85 -37.73
C VAL H 33 12.10 18.62 -36.85
N VAL H 34 12.14 17.42 -37.45
CA VAL H 34 12.12 16.19 -36.65
C VAL H 34 13.32 16.09 -35.70
N PRO H 35 14.56 16.30 -36.14
CA PRO H 35 15.68 16.21 -35.17
C PRO H 35 15.58 17.20 -34.04
N HIS H 36 15.06 18.40 -34.30
CA HIS H 36 15.07 19.44 -33.29
C HIS H 36 14.04 19.17 -32.19
N VAL H 37 12.84 18.73 -32.58
CA VAL H 37 11.85 18.38 -31.57
C VAL H 37 12.29 17.13 -30.81
N PHE H 38 13.04 16.24 -31.46
CA PHE H 38 13.55 15.07 -30.76
C PHE H 38 14.49 15.48 -29.63
N LEU H 39 15.39 16.42 -29.91
CA LEU H 39 16.35 16.84 -28.90
C LEU H 39 15.65 17.51 -27.72
N LEU H 40 14.64 18.34 -28.01
CA LEU H 40 13.91 19.00 -26.93
C LEU H 40 13.16 18.00 -26.06
N PHE H 41 12.53 17.00 -26.68
CA PHE H 41 11.74 16.03 -25.95
C PHE H 41 12.59 15.02 -25.18
N ILE H 42 13.89 14.94 -25.45
CA ILE H 42 14.78 14.02 -24.76
C ILE H 42 15.55 14.72 -23.64
N THR H 43 16.13 15.88 -23.94
CA THR H 43 16.98 16.55 -22.97
C THR H 43 16.17 17.19 -21.85
N PHE H 44 15.05 17.82 -22.18
CA PHE H 44 14.27 18.50 -21.15
C PHE H 44 13.80 17.57 -20.04
N PRO H 45 13.25 16.39 -20.31
CA PRO H 45 12.99 15.47 -19.19
C PRO H 45 14.25 15.08 -18.43
N ILE H 46 15.36 14.88 -19.13
CA ILE H 46 16.59 14.49 -18.45
C ILE H 46 17.16 15.65 -17.65
N LEU H 47 17.20 16.84 -18.25
CA LEU H 47 17.77 17.99 -17.55
C LEU H 47 16.96 18.35 -16.32
N PHE H 48 15.63 18.32 -16.43
CA PHE H 48 14.79 18.66 -15.28
C PHE H 48 14.96 17.64 -14.16
N ILE H 49 15.00 16.35 -14.50
CA ILE H 49 15.01 15.31 -13.48
C ILE H 49 16.30 15.36 -12.67
N GLY H 50 17.44 15.42 -13.35
CA GLY H 50 18.71 15.30 -12.66
C GLY H 50 19.28 16.62 -12.16
N TRP H 51 18.81 17.74 -12.69
CA TRP H 51 19.41 19.03 -12.39
C TRP H 51 18.42 20.04 -11.81
N GLY H 52 17.21 20.10 -12.33
CA GLY H 52 16.25 21.10 -11.91
C GLY H 52 15.17 20.63 -10.96
N SER H 53 15.33 19.48 -10.32
CA SER H 53 14.29 18.92 -9.47
C SER H 53 14.55 19.18 -7.99
N GLN H 54 15.69 18.74 -7.49
CA GLN H 54 16.03 18.94 -6.09
C GLN H 54 16.74 20.28 -5.92
N SER H 55 16.32 21.06 -4.92
CA SER H 55 16.94 22.35 -4.70
C SER H 55 16.63 22.82 -3.28
N SER H 56 17.44 23.80 -2.84
CA SER H 56 17.21 24.60 -1.64
C SER H 56 17.46 23.80 -0.37
N LYS H 57 17.66 22.49 -0.48
CA LYS H 57 18.12 21.69 0.63
C LYS H 57 19.05 20.56 0.21
N VAL H 58 19.24 20.35 -1.09
CA VAL H 58 20.11 19.28 -1.59
C VAL H 58 21.05 19.92 -2.60
N HIS H 59 22.32 20.05 -2.23
CA HIS H 59 23.34 20.68 -3.07
CA HIS H 59 23.32 20.66 -3.10
C HIS H 59 24.17 19.58 -3.72
N ILE H 60 24.26 19.60 -5.05
CA ILE H 60 24.98 18.57 -5.79
C ILE H 60 26.17 19.20 -6.50
N HIS H 61 26.78 20.19 -5.86
CA HIS H 61 27.92 20.87 -6.47
C HIS H 61 29.05 19.91 -6.77
N HIS H 62 29.62 20.04 -7.96
CA HIS H 62 30.80 19.30 -8.38
C HIS H 62 31.99 20.25 -8.32
N SER H 63 32.96 19.94 -7.46
CA SER H 63 34.16 20.76 -7.33
C SER H 63 35.31 20.19 -8.15
N THR H 64 34.99 19.23 -9.01
CA THR H 64 35.97 18.59 -9.88
C THR H 64 35.29 18.05 -11.12
N TRP H 65 35.80 18.40 -12.30
CA TRP H 65 35.18 17.99 -13.54
C TRP H 65 36.27 17.82 -14.59
N LEU H 66 36.08 16.86 -15.48
CA LEU H 66 36.99 16.63 -16.59
C LEU H 66 36.27 16.88 -17.89
N HIS H 67 36.91 17.62 -18.78
CA HIS H 67 36.33 17.90 -20.09
C HIS H 67 36.43 16.67 -20.98
N PHE H 68 35.37 16.43 -21.75
CA PHE H 68 35.41 15.35 -22.73
C PHE H 68 36.39 15.69 -23.85
N PRO H 69 36.96 14.68 -24.50
CA PRO H 69 37.84 14.94 -25.64
C PRO H 69 37.12 15.68 -26.76
N GLY H 70 37.72 16.77 -27.23
CA GLY H 70 37.09 17.62 -28.20
C GLY H 70 36.21 18.71 -27.62
N HIS H 71 36.40 19.05 -26.34
CA HIS H 71 35.55 20.06 -25.70
C HIS H 71 35.68 21.42 -26.39
N ASN H 72 36.91 21.82 -26.69
CA ASN H 72 37.12 23.11 -27.35
C ASN H 72 36.52 23.12 -28.74
N LEU H 73 36.69 22.04 -29.49
CA LEU H 73 36.15 21.98 -30.84
C LEU H 73 34.63 22.02 -30.84
N ARG H 74 34.00 21.34 -29.88
CA ARG H 74 32.55 21.28 -29.84
C ARG H 74 31.94 22.66 -29.61
N TRP H 75 32.52 23.44 -28.71
CA TRP H 75 32.00 24.77 -28.46
C TRP H 75 32.23 25.69 -29.65
N ILE H 76 33.37 25.53 -30.33
CA ILE H 76 33.64 26.34 -31.52
C ILE H 76 32.60 26.07 -32.60
N LEU H 77 32.33 24.79 -32.85
CA LEU H 77 31.38 24.43 -33.91
C LEU H 77 29.98 24.94 -33.58
N THR H 78 29.56 24.82 -32.32
CA THR H 78 28.23 25.28 -31.94
C THR H 78 28.09 26.78 -32.14
N PHE H 79 29.12 27.55 -31.78
CA PHE H 79 29.08 28.99 -32.00
C PHE H 79 28.99 29.32 -33.48
N ILE H 80 29.73 28.58 -34.31
CA ILE H 80 29.56 28.72 -35.76
C ILE H 80 28.17 28.26 -36.17
N LEU H 81 27.69 27.17 -35.59
CA LEU H 81 26.34 26.69 -35.91
C LEU H 81 25.30 27.71 -35.50
N LEU H 82 25.43 28.28 -34.31
CA LEU H 82 24.48 29.29 -33.87
C LEU H 82 24.51 30.51 -34.78
N PHE H 83 25.70 30.92 -35.23
CA PHE H 83 25.81 32.06 -36.12
C PHE H 83 25.16 31.77 -37.47
N VAL H 84 25.41 30.59 -38.04
CA VAL H 84 24.87 30.27 -39.35
C VAL H 84 23.35 30.22 -39.31
N LEU H 85 22.79 29.63 -38.24
CA LEU H 85 21.34 29.57 -38.12
C LEU H 85 20.74 30.98 -38.06
N VAL H 86 21.42 31.91 -37.40
CA VAL H 86 20.95 33.29 -37.37
C VAL H 86 20.91 33.86 -38.79
N CYS H 87 21.93 33.58 -39.59
CA CYS H 87 21.91 33.98 -40.98
C CYS H 87 20.77 33.28 -41.73
N GLU H 88 20.54 32.00 -41.43
CA GLU H 88 19.49 31.27 -42.11
C GLU H 88 18.11 31.80 -41.75
N ILE H 89 17.91 32.17 -40.48
CA ILE H 89 16.64 32.79 -40.08
C ILE H 89 16.47 34.13 -40.79
N ALA H 90 17.52 34.94 -40.80
CA ALA H 90 17.45 36.24 -41.48
C ALA H 90 17.24 36.08 -42.98
N GLU H 91 17.91 35.10 -43.58
CA GLU H 91 17.72 34.84 -45.00
C GLU H 91 16.29 34.42 -45.29
N GLY H 92 15.71 33.59 -44.43
CA GLY H 92 14.35 33.13 -44.65
C GLY H 92 13.33 34.25 -44.55
N ILE H 93 13.52 35.17 -43.61
CA ILE H 93 12.55 36.24 -43.40
C ILE H 93 12.51 37.17 -44.60
N LEU H 94 13.68 37.46 -45.19
CA LEU H 94 13.72 38.33 -46.36
C LEU H 94 12.95 37.70 -47.53
N SER H 95 13.13 36.40 -47.75
CA SER H 95 12.42 35.74 -48.83
C SER H 95 10.93 35.66 -48.54
N ASP H 96 10.55 35.60 -47.26
CA ASP H 96 9.16 35.42 -46.91
C ASP H 96 8.35 36.70 -47.08
N GLY H 97 8.96 37.85 -46.87
CA GLY H 97 8.21 39.10 -46.89
C GLY H 97 7.69 39.48 -48.26
N VAL H 98 8.29 38.93 -49.31
CA VAL H 98 7.90 39.30 -50.67
C VAL H 98 6.52 38.76 -51.01
N THR H 99 6.25 37.51 -50.64
CA THR H 99 4.97 36.90 -50.96
C THR H 99 3.85 37.51 -50.12
N GLU H 100 2.62 37.29 -50.56
CA GLU H 100 1.47 37.83 -49.84
C GLU H 100 1.12 36.99 -48.62
N SER H 101 1.69 35.80 -48.51
CA SER H 101 1.44 34.90 -47.39
C SER H 101 2.76 34.53 -46.73
N ARG H 102 2.70 34.23 -45.43
CA ARG H 102 3.88 33.95 -44.65
C ARG H 102 4.21 32.46 -44.73
N HIS H 103 5.31 32.13 -45.40
CA HIS H 103 5.79 30.75 -45.50
C HIS H 103 6.60 30.45 -44.25
N LEU H 104 6.00 29.71 -43.31
CA LEU H 104 6.70 29.43 -42.06
C LEU H 104 7.88 28.50 -42.27
N HIS H 105 7.86 27.66 -43.31
CA HIS H 105 8.93 26.69 -43.51
C HIS H 105 10.26 27.35 -43.80
N LEU H 106 10.26 28.63 -44.20
CA LEU H 106 11.50 29.29 -44.55
C LEU H 106 12.37 29.53 -43.31
N TYR H 107 11.76 29.87 -42.17
CA TYR H 107 12.55 30.28 -41.03
C TYR H 107 12.20 29.54 -39.74
N MET H 108 10.96 29.05 -39.62
CA MET H 108 10.57 28.33 -38.42
C MET H 108 11.41 27.08 -38.18
N PRO H 109 11.65 26.21 -39.17
CA PRO H 109 12.57 25.09 -38.92
C PRO H 109 13.96 25.55 -38.49
N ALA H 110 14.47 26.63 -39.09
CA ALA H 110 15.75 27.16 -38.67
C ALA H 110 15.66 27.81 -37.29
N GLY H 111 14.53 28.46 -37.01
CA GLY H 111 14.34 29.04 -35.69
C GLY H 111 14.28 27.99 -34.60
N MET H 112 13.60 26.87 -34.86
CA MET H 112 13.56 25.80 -33.89
C MET H 112 14.87 25.05 -33.81
N ALA H 113 15.67 25.08 -34.89
CA ALA H 113 17.01 24.53 -34.83
C ALA H 113 17.90 25.35 -33.90
N PHE H 114 17.63 26.65 -33.80
CA PHE H 114 18.41 27.50 -32.91
C PHE H 114 18.20 27.12 -31.46
N MET H 115 16.95 26.84 -31.07
CA MET H 115 16.70 26.40 -29.70
C MET H 115 17.32 25.04 -29.42
N ALA H 116 17.23 24.12 -30.37
CA ALA H 116 17.82 22.80 -30.18
C ALA H 116 19.34 22.89 -30.09
N ALA H 117 19.96 23.72 -30.93
CA ALA H 117 21.42 23.86 -30.88
C ALA H 117 21.86 24.42 -29.53
N ILE H 118 21.15 25.42 -29.01
CA ILE H 118 21.47 25.93 -27.68
C ILE H 118 21.22 24.86 -26.62
N THR H 119 20.12 24.13 -26.75
CA THR H 119 19.80 23.09 -25.78
C THR H 119 20.87 21.99 -25.79
N SER H 120 21.39 21.66 -26.97
CA SER H 120 22.44 20.66 -27.05
C SER H 120 23.68 21.11 -26.29
N VAL H 121 24.03 22.39 -26.38
CA VAL H 121 25.16 22.91 -25.63
C VAL H 121 24.87 22.85 -24.13
N VAL H 122 23.67 23.25 -23.73
CA VAL H 122 23.29 23.18 -22.33
C VAL H 122 23.26 21.74 -21.85
N TYR H 123 22.68 20.85 -22.66
CA TYR H 123 22.64 19.44 -22.30
C TYR H 123 24.04 18.86 -22.19
N TYR H 124 24.91 19.17 -23.15
CA TYR H 124 26.26 18.63 -23.13
C TYR H 124 27.03 19.11 -21.91
N HIS H 125 26.94 20.40 -21.60
CA HIS H 125 27.73 20.95 -20.51
C HIS H 125 27.36 20.33 -19.17
N ASN H 126 26.06 20.16 -18.91
CA ASN H 126 25.63 19.54 -17.67
C ASN H 126 26.07 18.09 -17.61
N ILE H 127 25.99 17.38 -18.72
CA ILE H 127 26.48 16.01 -18.78
C ILE H 127 27.99 15.98 -18.56
N GLU H 128 28.71 16.84 -19.27
CA GLU H 128 30.17 16.83 -19.21
C GLU H 128 30.68 17.11 -17.79
N THR H 129 29.99 18.01 -17.08
CA THR H 129 30.41 18.31 -15.71
C THR H 129 30.27 17.10 -14.81
N SER H 130 29.19 16.33 -14.96
CA SER H 130 28.90 15.18 -14.12
C SER H 130 29.16 13.86 -14.86
N ASN H 131 30.19 13.83 -15.69
CA ASN H 131 30.54 12.64 -16.47
C ASN H 131 29.39 12.18 -17.35
N PHE H 132 28.70 11.13 -16.92
CA PHE H 132 27.58 10.55 -17.66
C PHE H 132 27.87 10.35 -19.15
N PRO H 133 28.95 9.67 -19.51
CA PRO H 133 29.25 9.51 -20.95
C PRO H 133 28.17 8.76 -21.71
N LYS H 134 27.39 7.91 -21.04
CA LYS H 134 26.33 7.19 -21.72
C LYS H 134 25.25 8.13 -22.24
N LEU H 135 25.00 9.23 -21.51
CA LEU H 135 23.96 10.16 -21.93
C LEU H 135 24.34 10.96 -23.16
N LEU H 136 25.59 10.86 -23.62
CA LEU H 136 25.99 11.50 -24.86
C LEU H 136 25.36 10.84 -26.08
N ILE H 137 24.73 9.68 -25.92
CA ILE H 137 24.07 9.01 -27.04
C ILE H 137 22.96 9.90 -27.60
N ALA H 138 22.24 10.61 -26.72
CA ALA H 138 21.16 11.46 -27.18
C ALA H 138 21.66 12.53 -28.14
N LEU H 139 22.82 13.13 -27.85
CA LEU H 139 23.44 14.04 -28.81
C LEU H 139 23.89 13.28 -30.05
N LEU H 140 24.43 12.08 -29.88
CA LEU H 140 24.88 11.29 -31.04
C LEU H 140 23.72 10.99 -31.97
N ILE H 141 22.56 10.65 -31.41
CA ILE H 141 21.38 10.44 -32.24
C ILE H 141 20.93 11.75 -32.88
N TYR H 142 21.00 12.85 -32.12
CA TYR H 142 20.54 14.13 -32.64
C TYR H 142 21.38 14.60 -33.82
N TRP H 143 22.71 14.47 -33.71
CA TRP H 143 23.57 14.92 -34.80
C TRP H 143 23.39 14.07 -36.04
N THR H 144 23.18 12.76 -35.86
CA THR H 144 22.95 11.89 -37.00
C THR H 144 21.65 12.25 -37.72
N LEU H 145 20.58 12.44 -36.95
CA LEU H 145 19.30 12.81 -37.55
C LEU H 145 19.40 14.16 -38.25
N ALA H 146 20.03 15.14 -37.60
CA ALA H 146 20.19 16.45 -38.21
C ALA H 146 21.03 16.38 -39.47
N PHE H 147 22.12 15.59 -39.43
CA PHE H 147 22.96 15.46 -40.62
C PHE H 147 22.22 14.79 -41.76
N ILE H 148 21.44 13.76 -41.46
CA ILE H 148 20.69 13.06 -42.50
C ILE H 148 19.66 14.00 -43.12
N THR H 149 18.91 14.71 -42.30
CA THR H 149 17.83 15.54 -42.80
C THR H 149 18.33 16.82 -43.47
N LYS H 150 19.54 17.28 -43.15
CA LYS H 150 20.11 18.42 -43.86
C LYS H 150 20.81 18.01 -45.14
N THR H 151 21.34 16.79 -45.19
CA THR H 151 21.89 16.28 -46.44
C THR H 151 20.81 16.15 -47.50
N ILE H 152 19.62 15.69 -47.10
CA ILE H 152 18.53 15.51 -48.06
C ILE H 152 18.15 16.85 -48.68
N LYS H 153 18.03 17.89 -47.86
CA LYS H 153 17.66 19.20 -48.39
C LYS H 153 18.75 19.76 -49.29
N PHE H 154 20.02 19.56 -48.92
CA PHE H 154 21.11 20.02 -49.77
C PHE H 154 21.13 19.30 -51.11
N VAL H 155 20.90 17.99 -51.10
CA VAL H 155 20.89 17.22 -52.34
C VAL H 155 19.77 17.68 -53.25
N LYS H 156 18.58 17.88 -52.70
CA LYS H 156 17.44 18.28 -53.53
C LYS H 156 17.66 19.65 -54.17
N PHE H 157 18.41 20.53 -53.51
CA PHE H 157 18.80 21.77 -54.16
C PHE H 157 19.68 21.50 -55.37
N TYR H 158 20.60 20.55 -55.25
CA TYR H 158 21.46 20.19 -56.37
C TYR H 158 20.65 19.59 -57.51
N ASP H 159 19.63 18.80 -57.18
CA ASP H 159 18.76 18.25 -58.22
C ASP H 159 17.97 19.34 -58.93
N HIS H 160 17.51 20.34 -58.19
CA HIS H 160 16.68 21.41 -58.74
C HIS H 160 17.51 22.56 -59.30
N ALA H 161 18.77 22.31 -59.65
CA ALA H 161 19.65 23.31 -60.26
C ALA H 161 19.74 24.57 -59.39
N ILE H 162 19.97 24.39 -58.10
CA ILE H 162 20.19 25.51 -57.19
C ILE H 162 21.69 25.66 -56.99
N GLY H 163 22.28 26.63 -57.66
CA GLY H 163 23.71 26.87 -57.58
C GLY H 163 24.08 27.63 -56.32
N PHE H 164 25.38 27.92 -56.22
CA PHE H 164 25.89 28.69 -55.10
C PHE H 164 25.43 30.15 -55.12
N SER H 165 24.83 30.60 -56.22
CA SER H 165 24.32 31.97 -56.28
C SER H 165 23.25 32.18 -55.23
N GLN H 166 22.37 31.21 -55.04
CA GLN H 166 21.36 31.30 -53.99
C GLN H 166 22.02 31.12 -52.64
N LEU H 167 21.77 32.07 -51.73
CA LEU H 167 22.40 32.02 -50.42
C LEU H 167 21.94 30.81 -49.63
N ARG H 168 20.64 30.50 -49.68
CA ARG H 168 20.11 29.38 -48.91
C ARG H 168 20.79 28.07 -49.28
N PHE H 169 21.27 27.95 -50.52
CA PHE H 169 22.07 26.80 -50.89
C PHE H 169 23.37 26.77 -50.10
N CYS H 170 24.02 27.92 -49.95
CA CYS H 170 25.29 27.97 -49.21
C CYS H 170 25.08 27.69 -47.74
N LEU H 171 24.06 28.33 -47.14
CA LEU H 171 23.83 28.16 -45.71
C LEU H 171 23.48 26.70 -45.37
N THR H 172 22.67 26.07 -46.22
CA THR H 172 22.39 24.65 -46.01
C THR H 172 23.65 23.81 -46.15
N GLY H 173 24.51 24.16 -47.09
CA GLY H 173 25.75 23.42 -47.26
C GLY H 173 26.65 23.50 -46.03
N LEU H 174 26.75 24.68 -45.43
CA LEU H 174 27.55 24.83 -44.23
C LEU H 174 26.98 24.00 -43.08
N LEU H 175 25.65 23.98 -42.95
CA LEU H 175 25.03 23.21 -41.87
C LEU H 175 25.32 21.72 -42.02
N VAL H 176 25.36 21.22 -43.25
CA VAL H 176 25.77 19.83 -43.46
C VAL H 176 27.18 19.60 -42.95
N ILE H 177 28.07 20.56 -43.22
CA ILE H 177 29.44 20.46 -42.72
C ILE H 177 29.46 20.52 -41.20
N LEU H 178 28.76 21.51 -40.64
CA LEU H 178 28.77 21.69 -39.18
C LEU H 178 28.13 20.51 -38.47
N TYR H 179 27.01 20.01 -38.99
CA TYR H 179 26.40 18.82 -38.42
C TYR H 179 27.29 17.60 -38.66
N GLY H 180 28.05 17.60 -39.75
CA GLY H 180 28.95 16.49 -40.01
C GLY H 180 30.12 16.46 -39.07
N MET H 181 30.76 17.63 -38.86
CA MET H 181 31.89 17.68 -37.95
C MET H 181 31.48 17.39 -36.52
N LEU H 182 30.32 17.93 -36.09
CA LEU H 182 29.83 17.63 -34.76
C LEU H 182 29.48 16.16 -34.60
N LEU H 183 29.05 15.50 -35.67
CA LEU H 183 28.85 14.06 -35.62
C LEU H 183 30.16 13.34 -35.40
N LEU H 184 31.23 13.79 -36.07
CA LEU H 184 32.54 13.16 -35.89
C LEU H 184 33.06 13.38 -34.48
N VAL H 185 32.80 14.55 -33.90
CA VAL H 185 33.23 14.82 -32.53
C VAL H 185 32.58 13.83 -31.57
N GLU H 186 31.30 13.56 -31.74
CA GLU H 186 30.62 12.58 -30.91
C GLU H 186 31.21 11.19 -31.10
N VAL H 187 31.57 10.85 -32.35
CA VAL H 187 32.26 9.59 -32.59
C VAL H 187 33.65 9.62 -31.95
N ASN H 188 34.30 10.79 -31.94
CA ASN H 188 35.63 10.89 -31.38
C ASN H 188 35.65 10.57 -29.90
N VAL H 189 34.66 11.06 -29.14
CA VAL H 189 34.64 10.79 -27.71
C VAL H 189 34.40 9.31 -27.44
N ILE H 190 33.69 8.62 -28.34
CA ILE H 190 33.51 7.18 -28.17
C ILE H 190 34.84 6.46 -28.30
N ARG H 191 35.67 6.87 -29.26
CA ARG H 191 36.97 6.24 -29.43
C ARG H 191 37.88 6.53 -28.24
N VAL H 192 38.01 7.80 -27.87
CA VAL H 192 38.94 8.18 -26.81
C VAL H 192 38.45 7.70 -25.45
N ARG H 193 37.15 7.80 -25.20
CA ARG H 193 36.60 7.55 -23.87
C ARG H 193 35.59 6.40 -23.89
N ARG H 194 35.97 5.28 -24.49
CA ARG H 194 35.08 4.15 -24.75
C ARG H 194 34.13 3.90 -23.58
N TYR H 195 32.83 3.99 -23.85
CA TYR H 195 31.85 3.85 -22.79
C TYR H 195 30.65 2.99 -23.14
N ILE H 196 30.41 2.65 -24.41
CA ILE H 196 29.21 1.91 -24.77
C ILE H 196 29.55 0.64 -25.53
N PHE H 197 30.30 0.76 -26.63
CA PHE H 197 30.57 -0.39 -27.47
C PHE H 197 31.66 -1.28 -26.88
N PHE H 198 32.80 -0.69 -26.54
CA PHE H 198 33.89 -1.46 -25.98
C PHE H 198 33.55 -1.93 -24.57
N LYS H 199 34.13 -3.06 -24.18
CA LYS H 199 33.93 -3.64 -22.86
C LYS H 199 34.94 -3.14 -21.85
N THR H 200 35.81 -2.20 -22.22
CA THR H 200 36.78 -1.60 -21.31
C THR H 200 36.48 -0.12 -21.22
N PRO H 201 35.68 0.30 -20.24
CA PRO H 201 35.42 1.74 -20.07
C PRO H 201 36.65 2.45 -19.56
N ARG H 202 37.47 2.94 -20.50
CA ARG H 202 38.77 3.55 -20.18
C ARG H 202 38.66 4.51 -19.02
N GLU H 203 39.67 4.48 -18.15
CA GLU H 203 39.66 5.29 -16.94
C GLU H 203 39.55 6.78 -17.30
N VAL H 204 38.74 7.50 -16.53
CA VAL H 204 38.51 8.90 -16.80
C VAL H 204 39.78 9.73 -16.63
N LYS H 205 40.73 9.22 -15.85
CA LYS H 205 41.96 9.93 -15.52
C LYS H 205 41.65 11.31 -14.95
N PRO H 206 41.18 11.40 -13.71
CA PRO H 206 40.77 12.68 -13.17
C PRO H 206 41.94 13.66 -13.16
N PRO H 207 41.66 14.94 -13.30
CA PRO H 207 42.74 15.93 -13.36
C PRO H 207 43.59 15.92 -12.08
N GLU H 208 44.90 16.10 -12.26
CA GLU H 208 45.80 16.13 -11.11
C GLU H 208 45.46 17.30 -10.19
N ASP H 209 45.16 18.45 -10.76
CA ASP H 209 44.70 19.59 -9.98
C ASP H 209 43.18 19.57 -9.90
N LEU H 210 42.59 20.68 -9.46
CA LEU H 210 41.14 20.86 -9.31
C LEU H 210 40.56 20.00 -8.19
N GLN H 211 41.41 19.34 -7.40
CA GLN H 211 40.94 18.64 -6.21
C GLN H 211 40.73 19.67 -5.09
N ASP H 212 40.53 19.18 -3.87
CA ASP H 212 40.36 20.07 -2.72
C ASP H 212 41.70 20.64 -2.28
N LEU H 213 42.34 21.35 -3.21
CA LEU H 213 43.59 22.04 -2.97
C LEU H 213 43.38 23.53 -2.72
N GLY H 214 42.14 23.97 -2.55
CA GLY H 214 41.87 25.37 -2.33
C GLY H 214 41.99 26.25 -3.55
N VAL H 215 41.98 25.66 -4.74
CA VAL H 215 42.10 26.45 -5.97
C VAL H 215 40.81 27.20 -6.22
N ARG H 216 40.90 28.53 -6.26
CA ARG H 216 39.74 29.37 -6.55
C ARG H 216 39.83 30.07 -7.90
N PHE H 217 41.01 30.09 -8.53
CA PHE H 217 41.20 30.69 -9.85
C PHE H 217 40.87 29.61 -10.89
N LEU H 218 39.58 29.48 -11.18
CA LEU H 218 39.08 28.41 -12.04
C LEU H 218 39.17 28.74 -13.52
N GLN H 219 39.92 29.76 -13.90
CA GLN H 219 39.99 30.15 -15.31
C GLN H 219 40.47 29.04 -16.25
N PRO H 220 41.55 28.30 -15.95
CA PRO H 220 42.00 27.27 -16.89
C PRO H 220 41.20 25.98 -16.85
N PHE H 221 40.12 25.92 -16.08
CA PHE H 221 39.32 24.71 -15.96
C PHE H 221 37.89 24.85 -16.46
N VAL H 222 37.34 26.06 -16.47
CA VAL H 222 35.97 26.24 -16.91
C VAL H 222 35.86 25.98 -18.41
N ASN H 223 34.61 25.85 -18.88
CA ASN H 223 34.36 25.59 -20.28
C ASN H 223 34.82 26.77 -21.14
N LEU H 224 34.74 26.58 -22.46
CA LEU H 224 35.27 27.58 -23.38
C LEU H 224 34.54 28.90 -23.27
N LEU H 225 33.20 28.86 -23.15
CA LEU H 225 32.44 30.09 -23.04
C LEU H 225 32.81 30.84 -21.76
N SER H 226 32.89 30.12 -20.64
CA SER H 226 33.24 30.76 -19.38
C SER H 226 34.66 31.29 -19.39
N LYS H 227 35.54 30.74 -20.25
CA LYS H 227 36.85 31.34 -20.43
C LYS H 227 36.75 32.69 -21.12
N GLY H 228 35.76 32.87 -21.99
CA GLY H 228 35.62 34.10 -22.74
C GLY H 228 34.72 35.12 -22.08
N THR H 229 33.98 34.70 -21.06
CA THR H 229 33.13 35.61 -20.31
C THR H 229 33.47 35.69 -18.82
N TYR H 230 34.36 34.83 -18.33
CA TYR H 230 34.77 34.85 -16.92
C TYR H 230 33.56 34.72 -15.99
N TRP H 231 32.65 33.81 -16.37
CA TRP H 231 31.44 33.60 -15.56
C TRP H 231 31.76 32.99 -14.22
N TRP H 232 32.87 32.25 -14.11
CA TRP H 232 33.25 31.68 -12.82
C TRP H 232 33.57 32.77 -11.80
N MET H 233 34.21 33.84 -12.23
CA MET H 233 34.49 34.96 -11.35
C MET H 233 33.23 35.67 -10.89
N ASN H 234 32.13 35.56 -11.64
CA ASN H 234 30.91 36.25 -11.28
C ASN H 234 30.40 35.81 -9.91
N ALA H 235 30.44 34.50 -9.65
CA ALA H 235 30.03 34.02 -8.33
C ALA H 235 30.99 34.49 -7.25
N PHE H 236 32.29 34.50 -7.54
CA PHE H 236 33.28 34.94 -6.57
C PHE H 236 33.08 36.41 -6.21
N ILE H 237 32.88 37.26 -7.21
CA ILE H 237 32.62 38.67 -6.94
C ILE H 237 31.27 38.86 -6.29
N LYS H 238 30.30 37.99 -6.62
CA LYS H 238 28.96 38.11 -6.03
C LYS H 238 29.01 38.01 -4.51
N THR H 239 29.98 37.29 -3.96
CA THR H 239 30.16 37.21 -2.52
C THR H 239 31.24 38.13 -2.00
N ALA H 240 32.14 38.62 -2.86
CA ALA H 240 33.18 39.54 -2.42
C ALA H 240 32.59 40.85 -1.93
N HIS H 241 31.42 41.24 -2.45
CA HIS H 241 30.75 42.43 -1.94
C HIS H 241 30.34 42.25 -0.49
N LYS H 242 29.85 41.07 -0.13
CA LYS H 242 29.38 40.84 1.23
C LYS H 242 30.56 40.74 2.21
N LYS H 243 31.60 40.01 1.83
CA LYS H 243 32.72 39.78 2.74
C LYS H 243 34.02 40.28 2.13
N PRO H 244 34.82 41.03 2.87
CA PRO H 244 36.15 41.41 2.38
C PRO H 244 36.99 40.18 2.09
N ILE H 245 37.75 40.25 1.00
CA ILE H 245 38.56 39.11 0.56
C ILE H 245 39.82 39.03 1.40
N ASP H 246 40.54 37.92 1.30
CA ASP H 246 41.79 37.73 2.00
C ASP H 246 42.65 36.79 1.18
N LEU H 247 43.87 36.55 1.67
CA LEU H 247 44.78 35.64 0.97
C LEU H 247 44.32 34.19 1.05
N ARG H 248 43.34 33.87 1.89
CA ARG H 248 42.78 32.52 1.99
C ARG H 248 41.67 32.26 0.98
N ALA H 249 40.73 33.21 0.83
CA ALA H 249 39.68 33.03 -0.17
C ALA H 249 40.24 33.11 -1.58
N ILE H 250 41.35 33.83 -1.76
CA ILE H 250 42.02 33.90 -3.05
C ILE H 250 42.64 32.56 -3.43
N GLY H 251 42.79 31.65 -2.47
CA GLY H 251 43.21 30.30 -2.70
C GLY H 251 44.67 30.15 -3.11
N LYS H 252 44.96 29.01 -3.74
CA LYS H 252 46.30 28.69 -4.20
C LYS H 252 46.32 28.69 -5.72
N LEU H 253 47.52 28.89 -6.28
CA LEU H 253 47.69 28.98 -7.72
C LEU H 253 47.55 27.60 -8.34
N PRO H 254 47.00 27.48 -9.54
CA PRO H 254 46.98 26.17 -10.20
C PRO H 254 48.37 25.62 -10.43
N ILE H 255 48.49 24.30 -10.44
CA ILE H 255 49.78 23.61 -10.49
C ILE H 255 50.58 24.04 -11.71
N ALA H 256 49.91 24.18 -12.86
CA ALA H 256 50.60 24.47 -14.10
C ALA H 256 51.36 25.80 -14.06
N MET H 257 50.97 26.73 -13.18
CA MET H 257 51.57 28.05 -13.15
C MET H 257 51.79 28.58 -11.74
N ARG H 258 52.24 27.73 -10.79
CA ARG H 258 52.39 28.26 -9.44
C ARG H 258 53.49 29.30 -9.36
N ALA H 259 54.74 28.85 -9.29
CA ALA H 259 55.91 29.63 -9.71
C ALA H 259 56.91 28.70 -10.38
N LEU H 260 57.04 27.50 -9.80
CA LEU H 260 58.12 26.58 -10.15
C LEU H 260 57.94 26.01 -11.55
N THR H 261 56.72 25.59 -11.88
CA THR H 261 56.45 25.01 -13.19
C THR H 261 56.76 25.99 -14.31
N ASN H 262 56.67 27.29 -14.04
CA ASN H 262 57.13 28.29 -15.00
C ASN H 262 58.65 28.31 -15.07
N TYR H 263 59.31 28.27 -13.90
CA TYR H 263 60.77 28.26 -13.87
C TYR H 263 61.33 26.93 -14.38
N GLN H 264 60.63 25.83 -14.11
CA GLN H 264 61.11 24.51 -14.51
C GLN H 264 61.29 24.44 -16.02
N ARG H 265 60.32 24.98 -16.77
CA ARG H 265 60.47 25.07 -18.22
C ARG H 265 61.53 26.09 -18.61
N LEU H 266 61.65 27.18 -17.85
CA LEU H 266 62.64 28.21 -18.14
C LEU H 266 64.06 27.67 -18.14
N CYS H 267 64.41 26.95 -17.07
CA CYS H 267 65.76 26.38 -16.99
C CYS H 267 65.92 25.23 -17.97
N VAL H 268 64.84 24.54 -18.30
CA VAL H 268 64.89 23.46 -19.30
C VAL H 268 65.28 24.03 -20.66
N ALA H 269 64.68 25.16 -21.03
CA ALA H 269 64.98 25.79 -22.31
C ALA H 269 66.40 26.32 -22.35
N PHE H 270 66.96 26.65 -21.19
CA PHE H 270 68.30 27.23 -21.11
C PHE H 270 69.37 26.25 -21.57
N ASP H 271 69.05 24.96 -21.62
CA ASP H 271 70.04 23.96 -22.00
C ASP H 271 70.55 24.17 -23.42
N ALA H 272 69.72 24.76 -24.29
CA ALA H 272 70.07 25.01 -25.69
C ALA H 272 70.53 23.75 -26.40
N PRO H 281 76.18 30.28 -24.62
CA PRO H 281 76.34 30.87 -23.29
C PRO H 281 75.02 31.32 -22.68
N GLN H 282 75.08 32.33 -21.82
CA GLN H 282 73.90 32.87 -21.14
C GLN H 282 73.79 34.38 -21.35
N GLY H 283 74.12 34.83 -22.57
CA GLY H 283 74.06 36.24 -22.89
C GLY H 283 72.64 36.70 -23.18
N ALA H 284 72.54 37.96 -23.60
CA ALA H 284 71.22 38.54 -23.91
C ALA H 284 70.55 37.80 -25.07
N ARG H 285 71.31 37.48 -26.11
CA ARG H 285 70.75 36.76 -27.24
C ARG H 285 70.28 35.37 -26.83
N ALA H 286 71.03 34.70 -25.95
CA ALA H 286 70.64 33.37 -25.50
C ALA H 286 69.39 33.42 -24.63
N ILE H 287 69.20 34.51 -23.89
CA ILE H 287 68.02 34.62 -23.02
C ILE H 287 66.75 34.67 -23.85
N TRP H 288 66.76 35.47 -24.92
CA TRP H 288 65.55 35.63 -25.73
C TRP H 288 65.15 34.32 -26.39
N ARG H 289 66.13 33.51 -26.78
CA ARG H 289 65.82 32.22 -27.40
C ARG H 289 65.05 31.32 -26.43
N ALA H 290 65.48 31.29 -25.16
CA ALA H 290 64.81 30.45 -24.17
C ALA H 290 63.41 30.98 -23.86
N LEU H 291 63.27 32.29 -23.68
CA LEU H 291 61.97 32.88 -23.40
C LEU H 291 61.00 32.65 -24.55
N CYS H 292 61.49 32.82 -25.78
CA CYS H 292 60.64 32.57 -26.94
C CYS H 292 60.22 31.11 -27.01
N HIS H 293 61.12 30.19 -26.65
CA HIS H 293 60.77 28.77 -26.69
C HIS H 293 59.86 28.40 -25.53
N ALA H 294 60.11 28.94 -24.35
CA ALA H 294 59.30 28.58 -23.18
C ALA H 294 57.93 29.24 -23.22
N PHE H 295 57.86 30.51 -23.62
CA PHE H 295 56.64 31.29 -23.57
C PHE H 295 56.29 31.88 -24.93
N GLY H 296 56.44 31.09 -25.99
CA GLY H 296 56.07 31.55 -27.32
C GLY H 296 54.85 30.82 -27.84
N ARG H 297 54.73 29.53 -27.52
CA ARG H 297 53.56 28.76 -27.95
C ARG H 297 52.28 29.28 -27.32
N ARG H 298 52.37 29.95 -26.17
CA ARG H 298 51.22 30.60 -25.56
C ARG H 298 51.12 32.07 -25.93
N LEU H 299 52.24 32.72 -26.23
CA LEU H 299 52.20 34.14 -26.59
C LEU H 299 51.51 34.35 -27.93
N ILE H 300 51.76 33.46 -28.89
CA ILE H 300 51.13 33.61 -30.20
C ILE H 300 49.62 33.46 -30.10
N LEU H 301 49.14 32.71 -29.11
CA LEU H 301 47.70 32.58 -28.89
C LEU H 301 47.08 33.92 -28.56
N SER H 302 47.75 34.71 -27.71
CA SER H 302 47.24 36.04 -27.39
C SER H 302 47.30 36.97 -28.59
N SER H 303 48.36 36.87 -29.39
CA SER H 303 48.44 37.70 -30.59
C SER H 303 47.39 37.31 -31.61
N THR H 304 47.15 36.00 -31.76
CA THR H 304 46.15 35.54 -32.74
C THR H 304 44.77 36.07 -32.39
N PHE H 305 44.40 36.04 -31.11
CA PHE H 305 43.14 36.66 -30.70
C PHE H 305 43.14 38.15 -30.97
N ARG H 306 44.28 38.81 -30.76
CA ARG H 306 44.36 40.24 -31.01
C ARG H 306 44.23 40.53 -32.50
N ILE H 307 44.84 39.71 -33.35
CA ILE H 307 44.76 39.92 -34.79
C ILE H 307 43.32 39.77 -35.27
N LEU H 308 42.64 38.71 -34.81
CA LEU H 308 41.24 38.52 -35.21
C LEU H 308 40.36 39.61 -34.64
N ALA H 309 40.67 40.08 -33.42
CA ALA H 309 39.92 41.20 -32.86
C ALA H 309 40.14 42.47 -33.66
N ASP H 310 41.35 42.64 -34.21
CA ASP H 310 41.61 43.81 -35.04
C ASP H 310 40.92 43.68 -36.40
N LEU H 311 40.91 42.47 -36.98
CA LEU H 311 40.22 42.28 -38.24
C LEU H 311 38.73 42.58 -38.12
N LEU H 312 38.10 42.09 -37.05
CA LEU H 312 36.69 42.38 -36.82
C LEU H 312 36.46 43.82 -36.39
N GLY H 313 37.51 44.57 -36.08
CA GLY H 313 37.33 45.97 -35.76
C GLY H 313 36.80 46.77 -36.95
N PHE H 314 37.23 46.41 -38.15
CA PHE H 314 36.74 47.06 -39.36
C PHE H 314 35.32 46.66 -39.71
N ALA H 315 34.78 45.60 -39.10
CA ALA H 315 33.39 45.23 -39.33
C ALA H 315 32.43 46.27 -38.80
N GLY H 316 32.90 47.18 -37.95
CA GLY H 316 32.09 48.29 -37.51
C GLY H 316 31.86 49.29 -38.62
N PRO H 317 32.93 49.92 -39.11
CA PRO H 317 32.76 50.88 -40.22
C PRO H 317 32.13 50.28 -41.46
N LEU H 318 32.47 49.04 -41.80
CA LEU H 318 31.92 48.43 -43.01
C LEU H 318 30.41 48.29 -42.90
N CYS H 319 29.91 47.87 -41.74
CA CYS H 319 28.46 47.83 -41.54
C CYS H 319 27.88 49.24 -41.55
N ILE H 320 28.59 50.20 -40.97
CA ILE H 320 28.16 51.59 -41.02
C ILE H 320 28.09 52.07 -42.46
N PHE H 321 29.11 51.76 -43.26
CA PHE H 321 29.10 52.13 -44.66
C PHE H 321 27.96 51.44 -45.40
N GLY H 322 27.74 50.16 -45.11
CA GLY H 322 26.70 49.42 -45.80
C GLY H 322 25.30 49.89 -45.45
N ILE H 323 25.05 50.18 -44.17
CA ILE H 323 23.69 50.48 -43.73
C ILE H 323 23.23 51.82 -44.28
N VAL H 324 24.12 52.82 -44.31
CA VAL H 324 23.70 54.16 -44.71
C VAL H 324 23.41 54.21 -46.21
N ASP H 325 24.23 53.55 -47.02
CA ASP H 325 24.03 53.58 -48.47
C ASP H 325 22.69 52.98 -48.85
N HIS H 326 22.31 51.87 -48.24
CA HIS H 326 21.04 51.22 -48.52
C HIS H 326 19.88 51.84 -47.76
N LEU H 327 20.15 52.80 -46.88
CA LEU H 327 19.11 53.54 -46.19
C LEU H 327 18.86 54.90 -46.80
N GLY H 328 19.91 55.60 -47.20
CA GLY H 328 19.77 56.89 -47.86
C GLY H 328 19.41 56.83 -49.32
N LYS H 329 19.38 55.62 -49.90
CA LYS H 329 18.99 55.46 -51.30
C LYS H 329 17.48 55.50 -51.50
N GLU H 330 16.70 55.55 -50.41
CA GLU H 330 15.24 55.51 -50.47
C GLU H 330 14.77 54.29 -51.25
N ASN H 331 14.04 54.53 -52.35
CA ASN H 331 13.56 53.47 -53.24
C ASN H 331 12.63 52.51 -52.51
N HIS H 332 13.16 51.78 -51.52
CA HIS H 332 12.39 50.80 -50.75
C HIS H 332 11.77 49.74 -51.67
N VAL H 333 12.52 49.33 -52.68
CA VAL H 333 12.09 48.32 -53.63
C VAL H 333 12.84 47.02 -53.31
N PHE H 334 12.08 45.96 -53.01
CA PHE H 334 12.67 44.68 -52.63
C PHE H 334 12.07 43.60 -53.51
N GLN H 335 12.92 42.89 -54.25
CA GLN H 335 12.48 41.80 -55.11
C GLN H 335 13.62 40.80 -55.30
N PRO H 336 13.45 39.56 -54.84
CA PRO H 336 14.52 38.57 -55.00
C PRO H 336 14.88 38.28 -56.44
N LYS H 337 13.91 38.38 -57.36
CA LYS H 337 14.12 38.13 -58.78
C LYS H 337 14.65 36.72 -59.04
N THR H 338 14.40 35.80 -58.10
CA THR H 338 14.85 34.42 -58.22
C THR H 338 13.83 33.55 -57.49
N GLN H 339 12.99 32.87 -58.25
CA GLN H 339 11.89 32.07 -57.70
C GLN H 339 12.02 30.64 -58.19
N PHE H 340 12.29 29.72 -57.28
CA PHE H 340 12.35 28.29 -57.58
C PHE H 340 11.27 27.57 -56.79
N LEU H 341 10.53 26.69 -57.46
CA LEU H 341 9.43 25.95 -56.85
C LEU H 341 8.40 26.88 -56.23
N GLY H 342 8.21 28.05 -56.83
CA GLY H 342 7.33 29.05 -56.25
C GLY H 342 7.84 29.69 -54.99
N VAL H 343 9.12 29.51 -54.67
CA VAL H 343 9.72 30.04 -53.45
C VAL H 343 10.84 31.00 -53.86
N TYR H 344 10.83 32.19 -53.26
CA TYR H 344 11.84 33.19 -53.59
C TYR H 344 13.16 32.86 -52.90
N PHE H 345 14.26 32.99 -53.65
CA PHE H 345 15.60 32.84 -53.12
C PHE H 345 16.33 34.16 -53.27
N VAL H 346 16.94 34.63 -52.18
CA VAL H 346 17.66 35.89 -52.18
C VAL H 346 19.13 35.62 -52.46
N SER H 347 19.71 36.41 -53.37
CA SER H 347 21.12 36.25 -53.70
C SER H 347 21.99 36.72 -52.55
N SER H 348 23.27 36.35 -52.60
CA SER H 348 24.21 36.77 -51.57
C SER H 348 24.36 38.28 -51.54
N GLN H 349 24.45 38.91 -52.71
CA GLN H 349 24.56 40.36 -52.78
C GLN H 349 23.31 41.03 -52.20
N GLU H 350 22.14 40.52 -52.54
CA GLU H 350 20.90 41.10 -52.04
C GLU H 350 20.74 40.88 -50.54
N PHE H 351 21.24 39.75 -50.03
CA PHE H 351 21.14 39.48 -48.59
C PHE H 351 21.89 40.54 -47.78
N LEU H 352 23.09 40.91 -48.22
CA LEU H 352 23.84 41.98 -47.57
C LEU H 352 23.42 43.34 -48.10
N GLY H 353 22.11 43.53 -48.23
CA GLY H 353 21.56 44.78 -48.69
C GLY H 353 20.58 45.38 -47.71
N ASN H 354 19.98 44.55 -46.87
CA ASN H 354 18.99 45.00 -45.92
C ASN H 354 19.67 45.62 -44.70
N ALA H 355 19.10 46.72 -44.20
CA ALA H 355 19.65 47.37 -43.02
C ALA H 355 19.52 46.48 -41.79
N TYR H 356 18.39 45.78 -41.66
CA TYR H 356 18.21 44.90 -40.51
C TYR H 356 19.25 43.79 -40.48
N VAL H 357 19.53 43.21 -41.65
CA VAL H 357 20.54 42.14 -41.73
C VAL H 357 21.90 42.67 -41.32
N LEU H 358 22.27 43.85 -41.82
CA LEU H 358 23.56 44.43 -41.46
C LEU H 358 23.62 44.75 -39.96
N ALA H 359 22.53 45.26 -39.40
CA ALA H 359 22.52 45.57 -37.98
C ALA H 359 22.72 44.32 -37.13
N VAL H 360 22.02 43.24 -37.47
CA VAL H 360 22.17 41.99 -36.72
C VAL H 360 23.57 41.42 -36.91
N LEU H 361 24.07 41.44 -38.14
CA LEU H 361 25.41 40.93 -38.40
C LEU H 361 26.46 41.78 -37.68
N LEU H 362 26.25 43.09 -37.62
CA LEU H 362 27.15 43.95 -36.86
C LEU H 362 27.13 43.59 -35.39
N PHE H 363 25.94 43.31 -34.85
CA PHE H 363 25.84 42.96 -33.43
C PHE H 363 26.60 41.68 -33.12
N LEU H 364 26.50 40.67 -33.99
CA LEU H 364 27.26 39.45 -33.79
C LEU H 364 28.75 39.68 -34.03
N ALA H 365 29.10 40.57 -34.95
CA ALA H 365 30.50 40.85 -35.22
C ALA H 365 31.18 41.50 -34.02
N LEU H 366 30.46 42.39 -33.32
CA LEU H 366 31.04 43.06 -32.16
C LEU H 366 31.28 42.08 -31.02
N LEU H 367 30.30 41.21 -30.75
CA LEU H 367 30.43 40.28 -29.63
C LEU H 367 31.66 39.39 -29.79
N LEU H 368 31.90 38.90 -31.00
CA LEU H 368 33.10 38.11 -31.24
C LEU H 368 34.36 38.95 -31.11
N GLN H 369 34.29 40.21 -31.55
CA GLN H 369 35.47 41.08 -31.47
C GLN H 369 35.76 41.48 -30.03
N ARG H 370 34.74 41.89 -29.28
CA ARG H 370 34.96 42.31 -27.90
C ARG H 370 35.51 41.16 -27.06
N THR H 371 34.97 39.96 -27.25
CA THR H 371 35.48 38.81 -26.51
C THR H 371 36.92 38.49 -26.90
N PHE H 372 37.23 38.60 -28.19
CA PHE H 372 38.57 38.24 -28.66
C PHE H 372 39.64 39.17 -28.08
N LEU H 373 39.39 40.48 -28.09
CA LEU H 373 40.39 41.41 -27.56
C LEU H 373 40.56 41.20 -26.05
N GLN H 374 39.47 40.91 -25.34
CA GLN H 374 39.59 40.56 -23.93
C GLN H 374 40.36 39.27 -23.75
N ALA H 375 40.09 38.28 -24.60
CA ALA H 375 40.84 37.03 -24.53
C ALA H 375 42.30 37.23 -24.86
N SER H 376 42.59 38.17 -25.77
CA SER H 376 43.99 38.48 -26.07
C SER H 376 44.68 39.11 -24.87
N TYR H 377 43.95 39.93 -24.10
CA TYR H 377 44.55 40.59 -22.95
C TYR H 377 44.93 39.58 -21.88
N TYR H 378 43.99 38.70 -21.51
CA TYR H 378 44.24 37.79 -20.40
C TYR H 378 45.40 36.85 -20.69
N VAL H 379 45.43 36.28 -21.90
CA VAL H 379 46.48 35.31 -22.22
C VAL H 379 47.85 35.97 -22.16
N ALA H 380 47.97 37.19 -22.65
CA ALA H 380 49.23 37.92 -22.54
C ALA H 380 49.59 38.19 -21.09
N ILE H 381 48.61 38.63 -20.30
CA ILE H 381 48.87 38.91 -18.89
C ILE H 381 49.19 37.62 -18.14
N GLU H 382 48.42 36.56 -18.39
CA GLU H 382 48.69 35.29 -17.72
C GLU H 382 50.08 34.76 -18.07
N THR H 383 50.47 34.86 -19.34
CA THR H 383 51.82 34.48 -19.71
C THR H 383 52.84 35.50 -19.20
N GLY H 384 52.44 36.78 -19.09
CA GLY H 384 53.35 37.78 -18.59
C GLY H 384 53.76 37.55 -17.14
N ILE H 385 52.78 37.26 -16.29
CA ILE H 385 53.09 37.01 -14.88
C ILE H 385 53.70 35.62 -14.70
N ASN H 386 53.45 34.72 -15.65
CA ASN H 386 54.12 33.42 -15.62
C ASN H 386 55.62 33.58 -15.78
N LEU H 387 56.04 34.45 -16.70
CA LEU H 387 57.47 34.74 -16.83
C LEU H 387 58.01 35.47 -15.60
N ARG H 388 57.20 36.35 -15.02
CA ARG H 388 57.65 37.11 -13.86
C ARG H 388 58.01 36.20 -12.70
N GLY H 389 57.18 35.18 -12.45
CA GLY H 389 57.50 34.22 -11.41
C GLY H 389 58.75 33.41 -11.74
N ALA H 390 58.89 33.00 -13.00
CA ALA H 390 60.08 32.24 -13.40
C ALA H 390 61.32 33.11 -13.32
N ILE H 391 61.23 34.37 -13.72
CA ILE H 391 62.39 35.26 -13.68
C ILE H 391 62.84 35.49 -12.25
N GLN H 392 61.90 35.73 -11.34
CA GLN H 392 62.25 35.96 -9.94
C GLN H 392 62.90 34.74 -9.33
N THR H 393 62.47 33.54 -9.73
CA THR H 393 63.15 32.33 -9.28
C THR H 393 64.59 32.28 -9.79
N LYS H 394 64.80 32.65 -11.06
CA LYS H 394 66.14 32.68 -11.62
C LYS H 394 67.00 33.73 -10.92
N ILE H 395 66.44 34.91 -10.66
CA ILE H 395 67.18 35.96 -9.98
C ILE H 395 67.56 35.52 -8.57
N TYR H 396 66.61 34.96 -7.83
CA TYR H 396 66.89 34.48 -6.48
C TYR H 396 67.90 33.35 -6.51
N ASN H 397 67.79 32.46 -7.48
CA ASN H 397 68.78 31.39 -7.63
C ASN H 397 70.16 31.96 -7.93
N LYS H 398 70.21 33.06 -8.69
CA LYS H 398 71.49 33.70 -8.97
C LYS H 398 72.13 34.27 -7.71
N ILE H 399 71.32 34.90 -6.85
CA ILE H 399 71.86 35.46 -5.62
C ILE H 399 72.27 34.34 -4.67
N MET H 400 71.47 33.28 -4.59
CA MET H 400 71.71 32.15 -3.70
C MET H 400 72.64 31.13 -4.33
N HIS H 401 72.63 29.91 -3.78
CA HIS H 401 73.52 28.82 -4.17
C HIS H 401 73.63 28.65 -5.67
N LEU H 402 74.76 28.08 -6.12
CA LEU H 402 75.20 28.07 -7.51
C LEU H 402 75.70 29.45 -7.94
N SER H 403 76.23 30.21 -6.99
CA SER H 403 76.86 31.51 -7.23
C SER H 403 78.15 31.62 -6.43
N THR H 404 78.95 30.56 -6.47
CA THR H 404 80.17 30.52 -5.69
C THR H 404 81.16 31.59 -6.16
N SER H 405 82.02 32.02 -5.24
CA SER H 405 83.07 33.01 -5.50
C SER H 405 82.46 34.32 -6.01
N ASN H 406 81.72 34.97 -5.13
CA ASN H 406 81.16 36.28 -5.44
C ASN H 406 82.29 37.26 -5.73
N LEU H 407 82.03 38.19 -6.66
CA LEU H 407 83.10 38.99 -7.24
C LEU H 407 83.78 39.90 -6.22
N SER H 408 83.05 40.85 -5.66
CA SER H 408 83.61 41.81 -4.71
C SER H 408 82.47 42.62 -4.11
N MET H 409 82.85 43.62 -3.30
CA MET H 409 81.91 44.55 -2.68
C MET H 409 80.82 43.83 -1.90
N GLY H 410 79.66 44.46 -1.76
CA GLY H 410 78.52 43.85 -1.11
C GLY H 410 77.64 43.14 -2.10
N GLU H 411 78.17 42.09 -2.73
CA GLU H 411 77.46 41.35 -3.79
C GLU H 411 77.07 42.31 -4.92
N MET H 412 78.11 42.81 -5.61
CA MET H 412 77.96 43.81 -6.65
C MET H 412 77.39 45.09 -6.08
N THR H 413 76.06 45.23 -6.08
CA THR H 413 75.42 46.41 -5.52
C THR H 413 74.13 45.97 -4.83
N ALA H 414 74.00 46.30 -3.54
CA ALA H 414 72.78 45.96 -2.82
C ALA H 414 71.58 46.72 -3.38
N GLY H 415 71.75 48.00 -3.69
CA GLY H 415 70.65 48.77 -4.23
C GLY H 415 70.24 48.31 -5.62
N GLN H 416 71.21 47.93 -6.46
CA GLN H 416 70.89 47.49 -7.81
C GLN H 416 70.05 46.22 -7.80
N ILE H 417 70.39 45.28 -6.92
CA ILE H 417 69.62 44.04 -6.84
C ILE H 417 68.20 44.31 -6.36
N CYS H 418 68.05 45.26 -5.43
CA CYS H 418 66.72 45.56 -4.89
C CYS H 418 65.77 46.05 -5.98
N ASN H 419 66.22 47.01 -6.80
CA ASN H 419 65.38 47.51 -7.89
C ASN H 419 65.36 46.57 -9.08
N LEU H 420 66.33 45.66 -9.19
CA LEU H 420 66.36 44.72 -10.30
C LEU H 420 65.12 43.83 -10.30
N VAL H 421 64.69 43.39 -9.11
CA VAL H 421 63.47 42.60 -8.98
C VAL H 421 62.26 43.46 -8.68
N ALA H 422 62.42 44.78 -8.56
CA ALA H 422 61.32 45.66 -8.20
C ALA H 422 60.80 46.44 -9.41
N ILE H 423 61.69 47.14 -10.12
CA ILE H 423 61.27 47.99 -11.23
C ILE H 423 62.07 47.65 -12.49
N ASP H 424 62.56 46.42 -12.58
CA ASP H 424 63.22 45.96 -13.80
C ASP H 424 62.63 44.68 -14.35
N THR H 425 62.22 43.74 -13.49
CA THR H 425 61.50 42.57 -13.97
C THR H 425 60.06 42.91 -14.32
N ASN H 426 59.49 43.95 -13.70
CA ASN H 426 58.15 44.40 -14.07
C ASN H 426 58.14 44.94 -15.50
N GLN H 427 59.19 45.66 -15.89
CA GLN H 427 59.29 46.16 -17.26
C GLN H 427 59.32 45.02 -18.26
N LEU H 428 60.06 43.95 -17.94
CA LEU H 428 60.03 42.77 -18.79
C LEU H 428 58.64 42.15 -18.82
N MET H 429 57.97 42.09 -17.67
CA MET H 429 56.62 41.56 -17.61
C MET H 429 55.67 42.43 -18.43
N TRP H 430 55.75 43.74 -18.27
CA TRP H 430 54.90 44.65 -19.04
C TRP H 430 55.23 44.63 -20.52
N PHE H 431 56.45 44.24 -20.89
CA PHE H 431 56.74 44.03 -22.31
C PHE H 431 55.89 42.91 -22.88
N PHE H 432 55.75 41.81 -22.14
CA PHE H 432 54.89 40.72 -22.57
C PHE H 432 53.40 41.06 -22.42
N PHE H 433 53.08 42.03 -21.56
CA PHE H 433 51.69 42.51 -21.51
C PHE H 433 51.30 43.18 -22.81
N LEU H 434 52.24 43.89 -23.43
CA LEU H 434 51.98 44.62 -24.66
C LEU H 434 52.70 44.03 -25.87
N CYS H 435 53.27 42.84 -25.73
CA CYS H 435 53.96 42.22 -26.87
C CYS H 435 53.04 41.97 -28.05
N PRO H 436 51.83 41.40 -27.89
CA PRO H 436 50.91 41.35 -29.04
C PRO H 436 50.49 42.71 -29.53
N ASN H 437 50.42 43.70 -28.63
CA ASN H 437 49.96 45.03 -29.03
C ASN H 437 50.87 45.64 -30.09
N LEU H 438 52.18 45.56 -29.88
CA LEU H 438 53.12 46.06 -30.88
C LEU H 438 53.00 45.28 -32.18
N TRP H 439 52.82 43.96 -32.09
CA TRP H 439 52.73 43.14 -33.28
C TRP H 439 51.45 43.41 -34.05
N ALA H 440 50.33 43.61 -33.33
CA ALA H 440 49.04 43.77 -33.97
C ALA H 440 48.75 45.20 -34.41
N MET H 441 49.56 46.17 -34.00
CA MET H 441 49.33 47.55 -34.45
C MET H 441 49.52 47.73 -35.95
N PRO H 442 50.61 47.27 -36.57
CA PRO H 442 50.75 47.48 -38.02
C PRO H 442 49.63 46.86 -38.84
N VAL H 443 49.14 45.68 -38.44
CA VAL H 443 48.09 45.01 -39.20
C VAL H 443 46.83 45.84 -39.20
N GLN H 444 46.46 46.38 -38.04
CA GLN H 444 45.28 47.25 -37.97
C GLN H 444 45.51 48.54 -38.74
N ILE H 445 46.73 49.09 -38.69
CA ILE H 445 47.00 50.36 -39.34
C ILE H 445 46.94 50.22 -40.86
N ILE H 446 47.59 49.19 -41.41
CA ILE H 446 47.68 49.07 -42.86
C ILE H 446 46.31 48.79 -43.48
N VAL H 447 45.51 47.93 -42.83
CA VAL H 447 44.17 47.68 -43.34
C VAL H 447 43.28 48.90 -43.16
N GLY H 448 43.47 49.62 -42.05
CA GLY H 448 42.66 50.81 -41.81
C GLY H 448 42.86 51.89 -42.85
N VAL H 449 44.12 52.17 -43.21
CA VAL H 449 44.39 53.20 -44.21
C VAL H 449 43.94 52.73 -45.59
N ILE H 450 44.10 51.44 -45.89
CA ILE H 450 43.66 50.92 -47.18
C ILE H 450 42.16 51.06 -47.33
N LEU H 451 41.41 50.71 -46.28
CA LEU H 451 39.96 50.88 -46.32
C LEU H 451 39.58 52.34 -46.46
N LEU H 452 40.32 53.24 -45.82
CA LEU H 452 40.07 54.66 -45.98
C LEU H 452 40.30 55.10 -47.42
N TYR H 453 41.35 54.59 -48.05
CA TYR H 453 41.64 54.97 -49.44
C TYR H 453 40.53 54.51 -50.38
N TYR H 454 39.94 53.35 -50.12
CA TYR H 454 38.85 52.87 -50.95
C TYR H 454 37.51 53.54 -50.64
N ILE H 455 37.47 54.43 -49.65
CA ILE H 455 36.24 55.15 -49.32
C ILE H 455 36.32 56.59 -49.80
N LEU H 456 37.34 57.32 -49.36
CA LEU H 456 37.47 58.74 -49.67
C LEU H 456 38.62 59.04 -50.63
N GLY H 457 39.35 58.04 -51.08
CA GLY H 457 40.38 58.26 -52.08
C GLY H 457 41.54 59.08 -51.54
N VAL H 458 41.81 60.19 -52.21
CA VAL H 458 43.01 60.99 -51.89
C VAL H 458 42.86 61.67 -50.53
N SER H 459 41.66 62.17 -50.22
CA SER H 459 41.47 62.92 -48.98
C SER H 459 41.78 62.08 -47.76
N ALA H 460 41.47 60.77 -47.81
CA ALA H 460 41.77 59.89 -46.69
C ALA H 460 43.27 59.68 -46.53
N LEU H 461 44.03 59.71 -47.63
CA LEU H 461 45.47 59.50 -47.54
C LEU H 461 46.13 60.59 -46.71
N ILE H 462 45.73 61.85 -46.91
CA ILE H 462 46.30 62.95 -46.16
C ILE H 462 45.89 62.86 -44.69
N GLY H 463 44.65 62.48 -44.43
CA GLY H 463 44.19 62.36 -43.05
C GLY H 463 44.89 61.24 -42.30
N ALA H 464 45.16 60.14 -42.97
CA ALA H 464 45.86 59.03 -42.32
C ALA H 464 47.35 59.32 -42.16
N ALA H 465 47.93 60.09 -43.09
CA ALA H 465 49.36 60.37 -43.04
C ALA H 465 49.71 61.20 -41.81
N VAL H 466 48.91 62.20 -41.49
CA VAL H 466 49.21 63.06 -40.34
C VAL H 466 49.09 62.28 -39.04
N ILE H 467 48.15 61.33 -38.97
CA ILE H 467 48.04 60.50 -37.77
C ILE H 467 49.26 59.61 -37.62
N ILE H 468 49.75 59.06 -38.73
CA ILE H 468 50.97 58.26 -38.70
C ILE H 468 52.15 59.12 -38.25
N LEU H 469 52.24 60.35 -38.80
CA LEU H 469 53.29 61.27 -38.39
C LEU H 469 53.16 61.74 -36.95
N LEU H 470 51.99 61.53 -36.32
CA LEU H 470 51.85 61.87 -34.91
C LEU H 470 52.58 60.88 -34.01
N ALA H 471 52.79 59.66 -34.49
CA ALA H 471 53.48 58.66 -33.67
C ALA H 471 54.90 59.08 -33.29
N PRO H 472 55.74 59.58 -34.20
CA PRO H 472 57.02 60.14 -33.75
C PRO H 472 56.84 61.32 -32.81
N VAL H 473 55.81 62.13 -33.00
CA VAL H 473 55.56 63.27 -32.11
C VAL H 473 55.24 62.77 -30.70
N GLN H 474 54.39 61.73 -30.61
CA GLN H 474 54.03 61.20 -29.29
C GLN H 474 55.24 60.62 -28.58
N TYR H 475 56.12 59.92 -29.32
CA TYR H 475 57.35 59.43 -28.72
C TYR H 475 58.31 60.58 -28.40
N PHE H 476 58.32 61.61 -29.24
CA PHE H 476 59.21 62.75 -29.00
C PHE H 476 58.86 63.45 -27.69
N VAL H 477 57.57 63.67 -27.44
CA VAL H 477 57.18 64.30 -26.19
C VAL H 477 57.28 63.30 -25.04
N ALA H 478 57.29 62.00 -25.34
CA ALA H 478 57.48 61.01 -24.29
C ALA H 478 58.88 61.08 -23.70
N THR H 479 59.90 61.24 -24.56
CA THR H 479 61.25 61.39 -24.07
C THR H 479 61.42 62.66 -23.25
N LYS H 480 60.80 63.76 -23.71
CA LYS H 480 60.83 65.00 -22.95
C LYS H 480 60.13 64.82 -21.60
N LEU H 481 58.99 64.14 -21.59
CA LEU H 481 58.26 63.91 -20.35
C LEU H 481 59.08 63.03 -19.39
N SER H 482 59.72 61.99 -19.93
CA SER H 482 60.53 61.11 -19.09
C SER H 482 61.75 61.85 -18.53
N GLN H 483 62.40 62.66 -19.36
CA GLN H 483 63.56 63.42 -18.90
C GLN H 483 63.16 64.44 -17.83
N ALA H 484 61.97 65.03 -17.96
CA ALA H 484 61.52 66.01 -16.99
C ALA H 484 61.37 65.39 -15.61
N GLN H 485 60.83 64.17 -15.54
CA GLN H 485 60.73 63.48 -14.25
C GLN H 485 62.11 63.11 -13.72
N ARG H 486 63.03 62.76 -14.62
CA ARG H 486 64.40 62.46 -14.20
C ARG H 486 65.05 63.66 -13.54
N SER H 487 64.88 64.86 -14.13
CA SER H 487 65.39 66.07 -13.51
C SER H 487 64.59 66.41 -12.25
N THR H 488 63.30 66.11 -12.25
CA THR H 488 62.47 66.34 -11.06
C THR H 488 62.94 65.50 -9.88
N LEU H 489 63.25 64.22 -10.13
CA LEU H 489 63.69 63.33 -9.06
C LEU H 489 65.00 63.78 -8.44
N GLU H 490 65.86 64.46 -9.24
CA GLU H 490 67.11 64.97 -8.70
C GLU H 490 66.86 66.02 -7.63
N HIS H 491 65.90 66.90 -7.86
CA HIS H 491 65.56 67.93 -6.88
C HIS H 491 64.54 67.44 -5.85
N SER H 492 63.63 66.54 -6.24
CA SER H 492 62.68 65.99 -5.28
C SER H 492 63.38 65.18 -4.20
N ASN H 493 64.40 64.41 -4.57
CA ASN H 493 65.16 63.66 -3.59
C ASN H 493 65.84 64.58 -2.59
N GLU H 494 66.42 65.68 -3.08
CA GLU H 494 66.98 66.68 -2.18
C GLU H 494 65.91 67.29 -1.29
N ARG H 495 64.74 67.58 -1.86
CA ARG H 495 63.63 68.08 -1.05
C ARG H 495 63.18 67.03 -0.04
N LEU H 496 63.10 65.77 -0.46
CA LEU H 496 62.74 64.70 0.47
C LEU H 496 63.81 64.51 1.53
N LYS H 497 65.09 64.52 1.13
CA LYS H 497 66.16 64.33 2.10
C LYS H 497 66.22 65.47 3.10
N GLN H 498 66.07 66.71 2.62
CA GLN H 498 66.07 67.85 3.54
C GLN H 498 64.86 67.79 4.47
N THR H 499 63.69 67.44 3.95
CA THR H 499 62.51 67.32 4.80
C THR H 499 62.63 66.15 5.76
N ASN H 500 63.11 65.01 5.26
CA ASN H 500 63.27 63.81 6.08
C ASN H 500 64.59 63.82 6.84
N GLU H 501 64.86 64.92 7.54
CA GLU H 501 65.96 65.02 8.48
C GLU H 501 65.50 65.18 9.92
N MET H 502 64.35 65.83 10.12
CA MET H 502 63.72 65.88 11.43
C MET H 502 62.23 65.57 11.34
N LEU H 503 61.73 65.17 10.18
CA LEU H 503 60.31 64.85 10.05
C LEU H 503 59.95 63.63 10.88
N ARG H 504 60.73 62.55 10.76
CA ARG H 504 60.52 61.39 11.61
C ARG H 504 60.87 61.69 13.06
N GLY H 505 61.79 62.61 13.29
CA GLY H 505 62.15 63.09 14.61
C GLY H 505 61.36 64.28 15.08
N MET H 506 60.26 64.62 14.41
CA MET H 506 59.46 65.77 14.81
C MET H 506 58.82 65.58 16.18
N LYS H 507 58.79 64.35 16.70
CA LYS H 507 58.34 64.14 18.07
C LYS H 507 59.28 64.78 19.07
N LEU H 508 60.58 64.83 18.77
CA LEU H 508 61.56 65.48 19.62
C LEU H 508 62.15 66.75 19.01
N LEU H 509 62.06 66.93 17.69
CA LEU H 509 62.56 68.16 17.07
C LEU H 509 61.73 69.37 17.51
N LYS H 510 60.42 69.19 17.63
CA LYS H 510 59.55 70.29 18.05
C LYS H 510 59.82 70.70 19.49
N LEU H 511 60.34 69.79 20.31
CA LEU H 511 60.64 70.13 21.70
C LEU H 511 61.71 71.20 21.80
N TYR H 512 62.75 71.11 20.96
CA TYR H 512 63.82 72.09 20.97
C TYR H 512 63.41 73.42 20.36
N ALA H 513 62.23 73.50 19.74
CA ALA H 513 61.72 74.71 19.11
C ALA H 513 62.65 75.21 18.01
N TRP H 514 63.42 74.29 17.41
CA TRP H 514 64.30 74.62 16.29
C TRP H 514 63.62 74.42 14.94
N GLU H 515 62.39 73.90 14.92
CA GLU H 515 61.66 73.70 13.68
C GLU H 515 61.10 75.00 13.10
N SER H 516 61.11 76.09 13.87
CA SER H 516 60.64 77.37 13.35
C SER H 516 61.50 77.83 12.18
N ILE H 517 62.82 77.70 12.31
CA ILE H 517 63.73 78.03 11.22
C ILE H 517 63.94 76.85 10.28
N PHE H 518 63.75 75.61 10.75
CA PHE H 518 63.87 74.46 9.87
C PHE H 518 62.78 74.48 8.80
N CYS H 519 61.56 74.84 9.17
CA CYS H 519 60.46 74.95 8.22
C CYS H 519 60.36 76.36 7.65
N SER H 520 61.48 76.86 7.14
CA SER H 520 61.54 78.18 6.51
C SER H 520 62.11 78.04 5.11
N ARG H 521 63.02 77.09 4.93
CA ARG H 521 63.59 76.77 3.63
C ARG H 521 62.82 75.65 2.93
N VAL H 522 61.71 75.20 3.51
CA VAL H 522 60.92 74.15 2.88
C VAL H 522 60.38 74.61 1.54
N GLU H 523 59.93 75.86 1.46
CA GLU H 523 59.49 76.42 0.18
C GLU H 523 60.65 76.47 -0.82
N VAL H 524 61.84 76.85 -0.36
CA VAL H 524 63.01 76.89 -1.24
C VAL H 524 63.33 75.49 -1.74
N THR H 525 63.31 74.50 -0.86
CA THR H 525 63.54 73.12 -1.28
C THR H 525 62.40 72.58 -2.11
N ARG H 526 61.22 73.18 -2.05
CA ARG H 526 60.09 72.76 -2.87
C ARG H 526 60.03 73.52 -4.19
N ARG H 527 60.37 74.82 -4.18
CA ARG H 527 60.37 75.59 -5.41
C ARG H 527 61.40 75.06 -6.41
N LYS H 528 62.57 74.62 -5.92
CA LYS H 528 63.55 74.00 -6.80
C LYS H 528 63.02 72.70 -7.41
N GLU H 529 62.04 72.06 -6.77
CA GLU H 529 61.37 70.90 -7.34
C GLU H 529 60.09 71.27 -8.09
N MET H 530 59.39 72.32 -7.66
CA MET H 530 58.20 72.77 -8.37
C MET H 530 58.55 73.29 -9.77
N THR H 531 59.67 73.98 -9.91
CA THR H 531 60.09 74.43 -11.24
C THR H 531 60.38 73.24 -12.15
N SER H 532 60.82 72.11 -11.58
CA SER H 532 60.92 70.89 -12.36
C SER H 532 59.55 70.27 -12.60
N LEU H 533 58.61 70.47 -11.66
CA LEU H 533 57.23 70.02 -11.89
C LEU H 533 56.59 70.79 -13.03
N ARG H 534 56.90 72.08 -13.14
CA ARG H 534 56.37 72.88 -14.25
C ARG H 534 56.83 72.33 -15.60
N ALA H 535 58.11 71.95 -15.69
CA ALA H 535 58.62 71.36 -16.92
C ALA H 535 57.94 70.03 -17.21
N PHE H 536 57.72 69.22 -16.17
CA PHE H 536 57.02 67.95 -16.36
C PHE H 536 55.55 68.18 -16.70
N ALA H 537 54.94 69.23 -16.12
CA ALA H 537 53.52 69.47 -16.34
C ALA H 537 53.24 69.97 -17.74
N VAL H 538 54.08 70.87 -18.27
CA VAL H 538 53.84 71.41 -19.60
C VAL H 538 53.97 70.32 -20.65
N TYR H 539 54.90 69.39 -20.46
CA TYR H 539 55.02 68.26 -21.37
C TYR H 539 53.77 67.39 -21.33
N THR H 540 53.22 67.17 -20.14
CA THR H 540 51.96 66.42 -20.02
C THR H 540 50.83 67.16 -20.73
N SER H 541 50.72 68.48 -20.52
CA SER H 541 49.68 69.25 -21.18
C SER H 541 49.89 69.27 -22.68
N ILE H 542 51.15 69.26 -23.13
CA ILE H 542 51.44 69.17 -24.56
C ILE H 542 50.90 67.87 -25.13
N SER H 543 51.11 66.76 -24.42
CA SER H 543 50.65 65.47 -24.91
C SER H 543 49.12 65.37 -24.89
N ILE H 544 48.45 66.22 -24.11
CA ILE H 544 46.99 66.15 -24.02
C ILE H 544 46.35 66.59 -25.33
N PHE H 545 46.57 67.86 -25.72
CA PHE H 545 45.96 68.36 -26.93
C PHE H 545 46.60 67.78 -28.20
N MET H 546 47.81 67.24 -28.10
CA MET H 546 48.41 66.47 -29.18
C MET H 546 47.79 65.08 -29.31
N ASN H 547 46.96 64.68 -28.34
CA ASN H 547 46.27 63.39 -28.36
C ASN H 547 44.77 63.54 -28.30
N THR H 548 44.26 64.55 -27.61
CA THR H 548 42.81 64.72 -27.49
C THR H 548 42.25 65.54 -28.65
N ALA H 549 42.97 66.59 -29.06
CA ALA H 549 42.49 67.47 -30.12
C ALA H 549 42.98 67.06 -31.50
N ILE H 550 43.82 66.04 -31.62
CA ILE H 550 44.32 65.62 -32.93
C ILE H 550 43.24 64.93 -33.77
N PRO H 551 42.28 64.18 -33.21
CA PRO H 551 41.23 63.65 -34.09
C PRO H 551 40.44 64.73 -34.81
N ILE H 552 40.24 65.88 -34.17
CA ILE H 552 39.56 67.00 -34.81
C ILE H 552 40.34 67.47 -36.03
N ALA H 553 41.66 67.60 -35.89
CA ALA H 553 42.49 68.02 -37.02
C ALA H 553 42.46 66.98 -38.13
N ALA H 554 42.47 65.69 -37.77
CA ALA H 554 42.46 64.64 -38.78
C ALA H 554 41.17 64.67 -39.59
N VAL H 555 40.05 64.97 -38.96
CA VAL H 555 38.78 65.05 -39.68
C VAL H 555 38.80 66.22 -40.66
N LEU H 556 39.27 67.38 -40.19
CA LEU H 556 39.27 68.57 -41.05
C LEU H 556 40.21 68.40 -42.24
N ILE H 557 41.39 67.81 -42.02
CA ILE H 557 42.34 67.64 -43.11
C ILE H 557 41.85 66.61 -44.11
N THR H 558 40.83 65.84 -43.76
CA THR H 558 40.21 64.90 -44.70
C THR H 558 38.92 65.44 -45.29
N PHE H 559 38.15 66.21 -44.52
CA PHE H 559 36.87 66.72 -45.00
C PHE H 559 37.05 67.83 -46.02
N VAL H 560 37.68 68.94 -45.62
CA VAL H 560 37.82 70.09 -46.50
C VAL H 560 38.73 69.81 -47.69
N GLY H 561 39.50 68.72 -47.65
CA GLY H 561 40.36 68.36 -48.76
C GLY H 561 39.65 67.75 -49.93
N HIS H 562 38.35 67.46 -49.79
CA HIS H 562 37.59 66.89 -50.90
C HIS H 562 37.43 67.87 -52.05
N VAL H 563 37.51 69.18 -51.79
CA VAL H 563 37.41 70.17 -52.85
C VAL H 563 38.64 71.06 -52.96
N SER H 564 39.45 71.19 -51.91
CA SER H 564 40.64 72.03 -51.98
C SER H 564 41.66 71.44 -52.95
N PHE H 565 41.87 70.13 -52.91
CA PHE H 565 42.84 69.47 -53.79
C PHE H 565 42.30 68.22 -54.46
N PHE H 566 41.16 67.70 -54.04
CA PHE H 566 40.58 66.50 -54.64
C PHE H 566 39.60 66.86 -55.75
N LYS H 567 38.66 67.75 -55.47
CA LYS H 567 37.68 68.25 -56.45
C LYS H 567 36.87 67.10 -57.04
N GLU H 568 36.13 66.41 -56.16
CA GLU H 568 35.32 65.27 -56.56
C GLU H 568 33.85 65.48 -56.23
N SER H 569 33.05 64.43 -56.42
CA SER H 569 31.61 64.53 -56.19
C SER H 569 31.32 64.77 -54.71
N ASP H 570 30.10 65.24 -54.45
CA ASP H 570 29.67 65.52 -53.08
C ASP H 570 29.75 64.26 -52.23
N LEU H 571 30.26 64.40 -51.01
CA LEU H 571 30.40 63.26 -50.11
C LEU H 571 29.03 62.84 -49.58
N SER H 572 28.86 61.54 -49.41
CA SER H 572 27.65 60.97 -48.86
C SER H 572 27.79 60.72 -47.37
N PRO H 573 26.68 60.62 -46.64
CA PRO H 573 26.80 60.29 -45.21
C PRO H 573 27.50 58.98 -44.95
N SER H 574 27.33 58.00 -45.84
CA SER H 574 27.97 56.70 -45.65
C SER H 574 29.49 56.81 -45.70
N VAL H 575 30.01 57.50 -46.72
CA VAL H 575 31.46 57.59 -46.86
C VAL H 575 32.05 58.52 -45.82
N ALA H 576 31.23 59.38 -45.22
CA ALA H 576 31.73 60.29 -44.19
C ALA H 576 31.84 59.58 -42.85
N PHE H 577 30.75 58.92 -42.41
CA PHE H 577 30.77 58.26 -41.12
C PHE H 577 31.68 57.04 -41.11
N ALA H 578 31.78 56.33 -42.24
CA ALA H 578 32.69 55.18 -42.32
C ALA H 578 34.12 55.62 -42.10
N SER H 579 34.54 56.72 -42.73
CA SER H 579 35.88 57.25 -42.49
C SER H 579 35.99 57.84 -41.09
N LEU H 580 34.91 58.44 -40.59
CA LEU H 580 34.90 58.92 -39.22
C LEU H 580 35.03 57.76 -38.24
N SER H 581 34.31 56.67 -38.49
CA SER H 581 34.44 55.49 -37.63
C SER H 581 35.82 54.88 -37.75
N LEU H 582 36.36 54.81 -38.97
CA LEU H 582 37.71 54.28 -39.14
C LEU H 582 38.74 55.14 -38.41
N PHE H 583 38.59 56.46 -38.49
CA PHE H 583 39.49 57.34 -37.74
C PHE H 583 39.35 57.12 -36.24
N HIS H 584 38.12 56.95 -35.76
CA HIS H 584 37.90 56.78 -34.34
C HIS H 584 38.56 55.51 -33.81
N ILE H 585 38.50 54.43 -34.59
CA ILE H 585 39.07 53.15 -34.17
C ILE H 585 40.53 53.08 -34.59
N LEU H 586 41.07 54.19 -35.08
CA LEU H 586 42.48 54.26 -35.45
C LEU H 586 43.29 55.23 -34.61
N VAL H 587 42.68 56.32 -34.15
CA VAL H 587 43.38 57.27 -33.29
C VAL H 587 43.69 56.65 -31.93
N THR H 588 42.70 55.96 -31.35
CA THR H 588 42.92 55.32 -30.06
C THR H 588 44.05 54.30 -30.08
N PRO H 589 44.17 53.38 -31.09
CA PRO H 589 45.34 52.51 -31.17
C PRO H 589 46.59 53.21 -31.72
N LEU H 590 46.88 54.39 -31.18
CA LEU H 590 48.10 55.11 -31.52
C LEU H 590 48.82 55.51 -30.24
N PHE H 591 48.07 55.82 -29.19
CA PHE H 591 48.68 56.14 -27.91
C PHE H 591 49.44 54.95 -27.37
N LEU H 592 48.88 53.75 -27.51
CA LEU H 592 49.60 52.54 -27.11
C LEU H 592 50.84 52.33 -27.97
N LEU H 593 50.79 52.74 -29.23
CA LEU H 593 51.96 52.60 -30.10
C LEU H 593 53.13 53.42 -29.57
N SER H 594 52.87 54.66 -29.13
CA SER H 594 53.92 55.43 -28.48
C SER H 594 54.34 54.79 -27.17
N SER H 595 53.35 54.29 -26.40
CA SER H 595 53.66 53.67 -25.12
C SER H 595 54.47 52.39 -25.30
N VAL H 596 54.09 51.56 -26.28
CA VAL H 596 54.80 50.29 -26.46
C VAL H 596 56.23 50.53 -26.93
N VAL H 597 56.44 51.53 -27.78
CA VAL H 597 57.80 51.87 -28.22
C VAL H 597 58.63 52.31 -27.02
N ARG H 598 58.06 53.16 -26.16
CA ARG H 598 58.74 53.53 -24.93
C ARG H 598 58.96 52.31 -24.04
N SER H 599 57.98 51.40 -23.99
CA SER H 599 58.15 50.18 -23.22
C SER H 599 59.13 49.23 -23.87
N THR H 600 59.19 49.24 -25.21
CA THR H 600 60.10 48.33 -25.92
C THR H 600 61.55 48.66 -25.61
N VAL H 601 61.92 49.94 -25.69
CA VAL H 601 63.28 50.33 -25.37
C VAL H 601 63.55 50.17 -23.88
N LYS H 602 62.56 50.47 -23.04
CA LYS H 602 62.73 50.30 -21.60
C LYS H 602 62.96 48.85 -21.23
N ALA H 603 62.19 47.93 -21.84
CA ALA H 603 62.39 46.51 -21.58
C ALA H 603 63.71 46.02 -22.15
N LEU H 604 64.11 46.57 -23.30
CA LEU H 604 65.37 46.16 -23.90
C LEU H 604 66.55 46.50 -23.01
N VAL H 605 66.49 47.64 -22.33
CA VAL H 605 67.51 47.97 -21.33
C VAL H 605 67.43 46.99 -20.16
N SER H 606 66.23 46.69 -19.70
CA SER H 606 66.07 45.84 -18.52
C SER H 606 66.58 44.42 -18.77
N VAL H 607 66.29 43.88 -19.95
CA VAL H 607 66.78 42.54 -20.27
C VAL H 607 68.29 42.53 -20.42
N LYS H 608 68.84 43.61 -21.01
CA LYS H 608 70.30 43.74 -21.06
C LYS H 608 70.88 43.89 -19.65
N LYS H 609 70.19 44.66 -18.80
CA LYS H 609 70.65 44.78 -17.41
C LYS H 609 70.61 43.44 -16.70
N LEU H 610 69.55 42.66 -16.91
CA LEU H 610 69.48 41.33 -16.31
C LEU H 610 70.55 40.40 -16.89
N SER H 611 70.77 40.48 -18.21
CA SER H 611 71.75 39.61 -18.84
C SER H 611 73.16 39.91 -18.35
N GLU H 612 73.50 41.19 -18.24
CA GLU H 612 74.84 41.55 -17.77
C GLU H 612 75.02 41.24 -16.29
N PHE H 613 73.96 41.36 -15.50
CA PHE H 613 74.00 41.02 -14.09
C PHE H 613 73.77 39.53 -13.84
N LEU H 614 73.44 38.77 -14.87
CA LEU H 614 73.27 37.32 -14.71
C LEU H 614 74.58 36.66 -14.31
N SER H 615 75.68 37.10 -14.89
CA SER H 615 76.99 36.55 -14.57
C SER H 615 77.81 37.52 -13.72
N ASN H 676 86.76 13.44 10.46
CA ASN H 676 88.08 13.90 10.87
C ASN H 676 87.98 15.19 11.67
N PHE H 677 89.00 16.04 11.53
CA PHE H 677 88.99 17.33 12.22
C PHE H 677 87.89 18.23 11.65
N CYS H 678 87.15 18.87 12.54
CA CYS H 678 86.06 19.76 12.11
C CYS H 678 86.60 20.94 11.30
N VAL H 679 87.70 21.53 11.74
CA VAL H 679 88.35 22.63 11.04
C VAL H 679 89.77 22.18 10.73
N GLN H 680 89.96 21.63 9.53
CA GLN H 680 91.27 21.17 9.07
C GLN H 680 91.56 21.80 7.72
N ILE H 681 92.72 22.44 7.60
CA ILE H 681 93.11 23.15 6.39
C ILE H 681 94.49 22.65 5.97
N ILE H 682 94.63 22.33 4.68
CA ILE H 682 95.89 21.83 4.15
C ILE H 682 96.54 22.92 3.31
N GLY H 683 95.87 23.35 2.24
CA GLY H 683 96.40 24.39 1.38
C GLY H 683 96.21 25.79 1.96
N GLY H 684 94.95 26.20 2.11
CA GLY H 684 94.66 27.50 2.69
C GLY H 684 94.93 28.67 1.79
N PHE H 685 95.04 28.45 0.48
CA PHE H 685 95.32 29.52 -0.47
C PHE H 685 94.02 30.14 -1.00
N PHE H 686 93.18 30.60 -0.07
CA PHE H 686 91.91 31.21 -0.45
C PHE H 686 92.14 32.58 -1.08
N THR H 687 91.28 32.93 -2.03
CA THR H 687 91.36 34.21 -2.72
C THR H 687 89.96 34.69 -3.06
N TRP H 688 89.80 36.01 -3.12
CA TRP H 688 88.54 36.60 -3.52
C TRP H 688 88.46 36.87 -5.01
N THR H 689 89.57 37.23 -5.63
CA THR H 689 89.62 37.36 -7.08
C THR H 689 89.43 35.97 -7.71
N PRO H 690 88.60 35.85 -8.75
CA PRO H 690 88.38 34.53 -9.36
C PRO H 690 89.65 33.88 -9.89
N ASP H 691 90.59 34.68 -10.40
CA ASP H 691 91.82 34.18 -10.99
C ASP H 691 93.02 34.80 -10.30
N GLY H 692 93.71 34.00 -9.49
CA GLY H 692 94.94 34.45 -8.87
C GLY H 692 94.72 35.46 -7.75
N ILE H 693 95.81 36.13 -7.39
CA ILE H 693 95.84 37.16 -6.35
C ILE H 693 95.34 36.58 -5.03
N PRO H 694 96.08 35.68 -4.39
CA PRO H 694 95.62 35.10 -3.12
C PRO H 694 95.97 36.00 -1.96
N THR H 695 94.95 36.39 -1.19
CA THR H 695 95.15 37.23 -0.01
C THR H 695 95.55 36.43 1.22
N LEU H 696 95.60 35.11 1.11
CA LEU H 696 96.01 34.25 2.22
C LEU H 696 96.44 32.90 1.65
N SER H 697 97.45 32.31 2.27
CA SER H 697 97.99 31.04 1.81
C SER H 697 98.78 30.39 2.94
N ASN H 698 99.19 29.15 2.69
CA ASN H 698 100.01 28.37 3.62
C ASN H 698 99.35 28.25 4.99
N ILE H 699 98.05 28.01 5.00
CA ILE H 699 97.30 27.80 6.23
C ILE H 699 97.29 26.31 6.55
N THR H 700 97.68 25.97 7.78
CA THR H 700 97.76 24.57 8.20
C THR H 700 97.25 24.48 9.64
N ILE H 701 96.00 24.07 9.79
CA ILE H 701 95.39 23.86 11.11
C ILE H 701 94.61 22.55 11.09
N ARG H 702 94.35 22.04 12.28
CA ARG H 702 93.60 20.78 12.42
C ARG H 702 92.87 20.84 13.76
N ILE H 703 91.56 21.11 13.71
CA ILE H 703 90.73 21.24 14.90
C ILE H 703 89.76 20.07 14.93
N PRO H 704 89.96 19.08 15.78
CA PRO H 704 89.03 17.95 15.88
C PRO H 704 87.75 18.36 16.61
N ARG H 705 86.86 17.39 16.78
CA ARG H 705 85.58 17.65 17.41
C ARG H 705 85.75 17.98 18.89
N GLY H 706 84.83 18.77 19.41
CA GLY H 706 84.85 19.12 20.82
C GLY H 706 86.00 20.02 21.21
N GLN H 707 86.56 20.76 20.25
CA GLN H 707 87.72 21.62 20.48
C GLN H 707 87.27 23.07 20.38
N LEU H 708 87.07 23.72 21.53
CA LEU H 708 86.75 25.13 21.57
C LEU H 708 88.01 25.92 21.23
N THR H 709 88.06 26.45 20.00
CA THR H 709 89.27 27.12 19.50
C THR H 709 88.89 28.53 19.06
N MET H 710 88.96 29.48 19.99
CA MET H 710 88.71 30.87 19.66
C MET H 710 89.86 31.45 18.85
N ILE H 711 89.52 32.34 17.92
CA ILE H 711 90.50 32.95 17.01
C ILE H 711 90.80 34.34 17.51
N VAL H 712 92.10 34.65 17.64
CA VAL H 712 92.55 35.95 18.11
C VAL H 712 93.66 36.44 17.20
N GLY H 713 93.94 37.73 17.29
CA GLY H 713 94.98 38.33 16.47
C GLY H 713 94.95 39.84 16.60
N GLN H 714 95.75 40.49 15.74
CA GLN H 714 95.83 41.94 15.73
C GLN H 714 94.67 42.49 14.89
N VAL H 715 94.65 43.81 14.71
CA VAL H 715 93.55 44.46 13.99
C VAL H 715 93.77 44.30 12.49
N GLY H 716 92.75 43.77 11.80
CA GLY H 716 92.79 43.66 10.35
C GLY H 716 93.76 42.63 9.81
N CYS H 717 94.12 41.63 10.61
CA CYS H 717 95.06 40.61 10.16
C CYS H 717 94.36 39.40 9.54
N GLY H 718 93.48 39.68 8.57
CA GLY H 718 92.83 38.62 7.82
C GLY H 718 91.94 37.72 8.64
N LYS H 719 91.49 38.19 9.81
CA LYS H 719 90.64 37.35 10.65
C LYS H 719 89.32 37.04 9.96
N SER H 720 88.69 38.04 9.35
CA SER H 720 87.44 37.80 8.62
C SER H 720 87.68 36.92 7.40
N SER H 721 88.75 37.18 6.65
CA SER H 721 89.03 36.40 5.45
C SER H 721 89.30 34.94 5.79
N LEU H 722 90.04 34.69 6.87
CA LEU H 722 90.26 33.31 7.30
C LEU H 722 88.95 32.64 7.71
N LEU H 723 88.08 33.37 8.41
CA LEU H 723 86.80 32.81 8.81
C LEU H 723 85.93 32.47 7.61
N LEU H 724 85.89 33.37 6.62
CA LEU H 724 85.13 33.11 5.40
C LEU H 724 85.72 31.93 4.64
N ALA H 725 87.05 31.86 4.58
CA ALA H 725 87.70 30.72 3.92
C ALA H 725 87.37 29.41 4.62
N THR H 726 87.30 29.44 5.95
CA THR H 726 86.91 28.24 6.69
C THR H 726 85.50 27.80 6.33
N LEU H 727 84.56 28.75 6.23
CA LEU H 727 83.21 28.42 5.80
C LEU H 727 83.19 27.93 4.37
N GLY H 728 83.96 28.56 3.50
CA GLY H 728 84.01 28.18 2.10
C GLY H 728 83.56 29.27 1.15
N GLU H 729 83.55 30.51 1.64
CA GLU H 729 83.10 31.66 0.86
C GLU H 729 84.22 32.28 0.03
N MET H 730 85.45 31.77 0.13
CA MET H 730 86.59 32.28 -0.61
C MET H 730 87.11 31.21 -1.55
N GLN H 731 87.62 31.64 -2.70
CA GLN H 731 88.11 30.72 -3.72
C GLN H 731 89.52 30.28 -3.36
N LYS H 732 89.66 29.00 -2.99
CA LYS H 732 90.97 28.45 -2.69
C LYS H 732 91.75 28.19 -3.97
N VAL H 733 93.08 28.29 -3.87
CA VAL H 733 93.98 28.13 -5.01
C VAL H 733 94.79 26.84 -4.88
N SER H 734 95.39 26.61 -3.71
CA SER H 734 96.24 25.42 -3.54
C SER H 734 95.43 24.15 -3.68
N GLY H 735 94.24 24.10 -3.10
CA GLY H 735 93.40 22.94 -3.20
C GLY H 735 92.35 22.92 -2.12
N ALA H 736 91.58 21.84 -2.12
CA ALA H 736 90.52 21.69 -1.13
C ALA H 736 91.10 21.33 0.24
N VAL H 737 90.63 22.04 1.27
CA VAL H 737 91.08 21.77 2.63
C VAL H 737 90.59 20.45 3.18
N PHE H 738 89.67 19.78 2.47
CA PHE H 738 89.09 18.49 2.84
C PHE H 738 88.19 18.63 4.05
N TRP H 739 87.11 17.84 4.08
CA TRP H 739 86.16 17.89 5.19
C TRP H 739 85.54 16.53 5.38
N ASN H 740 84.96 16.32 6.56
CA ASN H 740 84.29 15.07 6.89
C ASN H 740 83.17 15.36 7.88
N SER H 741 82.22 14.44 7.95
CA SER H 741 81.09 14.59 8.86
C SER H 741 81.57 14.70 10.30
N ASN H 742 80.97 15.64 11.05
CA ASN H 742 81.39 15.86 12.42
C ASN H 742 81.13 14.64 13.30
N LEU H 743 79.97 14.01 13.14
CA LEU H 743 79.60 12.85 13.93
C LEU H 743 78.44 12.10 13.31
N SER H 766 82.02 15.67 2.13
CA SER H 766 81.15 14.95 3.06
C SER H 766 80.52 15.89 4.07
N ARG H 767 80.78 17.19 3.92
CA ARG H 767 80.24 18.18 4.84
C ARG H 767 80.22 19.54 4.11
N GLY H 768 80.05 20.62 4.87
CA GLY H 768 79.94 21.94 4.29
C GLY H 768 78.93 22.83 4.98
N PRO H 769 77.79 22.27 5.44
CA PRO H 769 76.89 23.07 6.29
C PRO H 769 77.47 23.32 7.67
N VAL H 770 77.96 24.53 7.91
CA VAL H 770 78.61 24.91 9.16
C VAL H 770 78.06 26.26 9.59
N ALA H 771 77.72 26.39 10.87
CA ALA H 771 77.21 27.64 11.39
C ALA H 771 78.28 28.73 11.31
N TYR H 772 77.83 29.95 11.00
CA TYR H 772 78.75 31.06 10.77
C TYR H 772 77.95 32.36 10.83
N ALA H 773 78.58 33.39 11.38
CA ALA H 773 77.88 34.66 11.59
C ALA H 773 78.62 35.83 10.95
N SER H 774 79.95 35.76 10.93
CA SER H 774 80.79 36.82 10.39
C SER H 774 80.54 38.17 11.07
N GLN H 775 81.11 39.22 10.51
CA GLN H 775 80.99 40.57 11.07
C GLN H 775 79.62 41.16 10.74
N LYS H 776 79.24 42.18 11.53
CA LYS H 776 78.03 42.97 11.38
C LYS H 776 76.79 42.16 11.74
N PRO H 777 75.78 42.77 12.37
CA PRO H 777 74.56 42.03 12.71
C PRO H 777 73.64 41.91 11.51
N TRP H 778 73.22 40.68 11.21
CA TRP H 778 72.24 40.42 10.17
C TRP H 778 70.90 40.19 10.85
N LEU H 779 70.02 41.19 10.77
CA LEU H 779 68.75 41.19 11.49
C LEU H 779 67.62 40.94 10.53
N LEU H 780 66.76 39.98 10.87
CA LEU H 780 65.55 39.74 10.10
C LEU H 780 64.53 40.82 10.43
N ASN H 781 64.00 41.47 9.39
CA ASN H 781 63.03 42.54 9.58
C ASN H 781 61.68 41.96 9.98
N ALA H 782 61.61 41.38 11.17
CA ALA H 782 60.40 40.77 11.69
C ALA H 782 60.41 40.90 13.21
N THR H 783 59.59 40.10 13.89
CA THR H 783 59.56 40.13 15.34
C THR H 783 60.87 39.61 15.91
N VAL H 784 61.22 40.12 17.10
CA VAL H 784 62.47 39.73 17.74
C VAL H 784 62.45 38.26 18.12
N GLU H 785 61.31 37.77 18.62
CA GLU H 785 61.21 36.38 19.02
C GLU H 785 61.44 35.44 17.84
N GLU H 786 60.85 35.75 16.69
CA GLU H 786 61.08 34.94 15.49
C GLU H 786 62.52 35.06 15.03
N ASN H 787 63.13 36.22 15.22
CA ASN H 787 64.54 36.40 14.88
C ASN H 787 65.42 35.48 15.71
N ILE H 788 65.12 35.34 17.00
CA ILE H 788 65.93 34.49 17.87
C ILE H 788 65.82 33.03 17.44
N THR H 789 64.60 32.57 17.18
CA THR H 789 64.39 31.17 16.82
C THR H 789 65.08 30.82 15.50
N PHE H 790 64.80 31.60 14.46
CA PHE H 790 65.42 31.43 13.14
C PHE H 790 65.21 30.00 12.63
N GLU H 791 63.94 29.67 12.40
CA GLU H 791 63.53 28.38 11.87
C GLU H 791 64.03 27.22 12.74
N SER H 792 63.81 27.34 14.05
CA SER H 792 64.20 26.31 15.00
C SER H 792 63.03 26.03 15.95
N PRO H 793 62.97 24.82 16.50
CA PRO H 793 61.88 24.51 17.44
C PRO H 793 61.92 25.42 18.66
N PHE H 794 60.72 25.76 19.15
CA PHE H 794 60.56 26.67 20.26
C PHE H 794 60.38 25.87 21.54
N ASN H 795 61.35 25.98 22.44
CA ASN H 795 61.27 25.39 23.77
C ASN H 795 61.32 26.50 24.81
N LYS H 796 60.34 26.52 25.71
CA LYS H 796 60.27 27.58 26.70
C LYS H 796 61.51 27.60 27.60
N GLN H 797 61.95 26.42 28.05
CA GLN H 797 63.15 26.34 28.87
C GLN H 797 64.39 26.78 28.08
N ARG H 798 64.51 26.30 26.83
CA ARG H 798 65.65 26.68 26.02
C ARG H 798 65.62 28.17 25.67
N TYR H 799 64.44 28.70 25.35
CA TYR H 799 64.32 30.14 25.06
C TYR H 799 64.66 30.96 26.30
N LYS H 800 64.17 30.55 27.46
CA LYS H 800 64.47 31.28 28.69
C LYS H 800 65.95 31.17 29.05
N MET H 801 66.56 30.02 28.78
CA MET H 801 67.99 29.86 29.04
C MET H 801 68.82 30.79 28.17
N VAL H 802 68.45 30.92 26.89
CA VAL H 802 69.20 31.78 25.98
C VAL H 802 68.99 33.25 26.34
N ILE H 803 67.74 33.64 26.59
CA ILE H 803 67.46 35.04 26.93
C ILE H 803 68.11 35.41 28.26
N GLU H 804 68.33 34.43 29.14
CA GLU H 804 69.08 34.70 30.37
C GLU H 804 70.57 34.87 30.08
N ALA H 805 71.11 34.04 29.19
CA ALA H 805 72.50 34.19 28.80
C ALA H 805 72.71 35.46 27.97
N CYS H 806 71.77 35.76 27.08
CA CYS H 806 71.86 36.98 26.28
C CYS H 806 71.46 38.23 27.05
N SER H 807 70.83 38.06 28.22
CA SER H 807 70.38 39.19 29.05
C SER H 807 69.50 40.14 28.25
N LEU H 808 68.61 39.57 27.44
CA LEU H 808 67.70 40.35 26.61
C LEU H 808 66.40 40.70 27.32
N GLN H 809 66.27 40.35 28.60
CA GLN H 809 65.07 40.71 29.35
C GLN H 809 64.85 42.22 29.41
N PRO H 810 65.84 43.06 29.73
CA PRO H 810 65.59 44.51 29.69
C PRO H 810 65.18 45.02 28.32
N ASP H 811 65.75 44.44 27.25
CA ASP H 811 65.42 44.91 25.91
C ASP H 811 63.97 44.64 25.56
N ILE H 812 63.46 43.45 25.92
CA ILE H 812 62.07 43.13 25.63
C ILE H 812 61.13 43.96 26.49
N ASP H 813 61.45 44.12 27.78
CA ASP H 813 60.57 44.86 28.67
C ASP H 813 60.51 46.34 28.30
N ILE H 814 61.65 46.91 27.87
CA ILE H 814 61.67 48.33 27.52
C ILE H 814 60.77 48.61 26.32
N LEU H 815 60.80 47.75 25.32
CA LEU H 815 59.96 47.94 24.14
C LEU H 815 58.49 47.77 24.52
N PRO H 816 57.61 48.69 24.12
CA PRO H 816 56.19 48.54 24.46
C PRO H 816 55.56 47.28 23.87
N HIS H 817 56.00 46.85 22.70
CA HIS H 817 55.49 45.64 22.07
C HIS H 817 56.31 44.41 22.42
N GLY H 818 57.33 44.54 23.25
CA GLY H 818 58.12 43.39 23.65
C GLY H 818 58.98 42.89 22.51
N ASP H 819 59.13 41.57 22.44
CA ASP H 819 59.93 40.94 21.39
C ASP H 819 59.16 40.76 20.09
N GLN H 820 57.99 41.37 19.96
CA GLN H 820 57.22 41.36 18.73
C GLN H 820 57.49 42.58 17.85
N THR H 821 58.40 43.46 18.26
CA THR H 821 58.74 44.62 17.46
C THR H 821 59.44 44.21 16.17
N GLN H 822 59.26 45.01 15.13
CA GLN H 822 59.93 44.76 13.86
C GLN H 822 61.40 45.15 13.96
N ILE H 823 62.22 44.26 14.49
CA ILE H 823 63.64 44.54 14.70
C ILE H 823 64.33 44.59 13.34
N GLY H 824 65.18 45.60 13.15
CA GLY H 824 65.89 45.76 11.90
C GLY H 824 65.36 46.90 11.06
N GLU H 825 65.50 46.77 9.74
CA GLU H 825 65.02 47.80 8.84
C GLU H 825 63.50 47.80 8.77
N ARG H 826 62.95 48.95 8.36
CA ARG H 826 61.50 49.13 8.24
C ARG H 826 60.78 48.82 9.55
N GLY H 827 61.37 49.25 10.66
CA GLY H 827 60.79 49.02 11.97
C GLY H 827 61.43 49.85 13.06
N ILE H 828 61.58 49.26 14.25
CA ILE H 828 62.18 49.97 15.38
C ILE H 828 63.70 49.87 15.27
N ASN H 829 64.37 51.01 15.40
CA ASN H 829 65.83 51.07 15.36
C ASN H 829 66.36 50.98 16.78
N LEU H 830 67.31 50.07 16.99
CA LEU H 830 67.90 49.81 18.30
C LEU H 830 69.39 50.11 18.26
N SER H 831 70.06 49.85 19.38
CA SER H 831 71.49 50.08 19.48
C SER H 831 72.27 49.01 18.71
N GLY H 832 73.48 49.37 18.30
CA GLY H 832 74.32 48.41 17.60
C GLY H 832 74.73 47.24 18.48
N GLY H 833 75.02 47.52 19.76
CA GLY H 833 75.35 46.45 20.68
C GLY H 833 74.20 45.49 20.90
N GLN H 834 72.98 46.03 21.01
CA GLN H 834 71.80 45.18 21.17
C GLN H 834 71.58 44.33 19.92
N ARG H 835 71.87 44.89 18.74
CA ARG H 835 71.76 44.12 17.51
C ARG H 835 72.71 42.93 17.50
N GLN H 836 73.94 43.14 17.98
CA GLN H 836 74.89 42.03 18.04
C GLN H 836 74.44 40.96 19.02
N ARG H 837 73.89 41.37 20.17
CA ARG H 837 73.44 40.40 21.16
C ARG H 837 72.34 39.50 20.61
N ILE H 838 71.39 40.08 19.86
CA ILE H 838 70.37 39.27 19.20
C ILE H 838 71.01 38.37 18.15
N SER H 839 71.96 38.91 17.38
CA SER H 839 72.57 38.14 16.29
C SER H 839 73.36 36.96 16.83
N VAL H 840 74.19 37.19 17.85
CA VAL H 840 75.02 36.11 18.37
C VAL H 840 74.16 35.05 19.05
N ALA H 841 73.08 35.47 19.72
CA ALA H 841 72.21 34.51 20.39
C ALA H 841 71.39 33.71 19.39
N ARG H 842 71.22 34.23 18.17
CA ARG H 842 70.50 33.48 17.15
C ARG H 842 71.26 32.21 16.77
N ALA H 843 72.57 32.35 16.50
CA ALA H 843 73.37 31.18 16.15
C ALA H 843 73.45 30.20 17.31
N LEU H 844 73.61 30.70 18.54
CA LEU H 844 73.75 29.82 19.70
C LEU H 844 72.48 29.02 19.94
N TYR H 845 71.31 29.65 19.75
CA TYR H 845 70.04 28.96 19.97
C TYR H 845 69.81 27.84 18.97
N GLN H 846 70.53 27.83 17.85
CA GLN H 846 70.35 26.80 16.84
C GLN H 846 70.77 25.42 17.33
N GLN H 847 71.62 25.36 18.35
CA GLN H 847 72.08 24.09 18.94
C GLN H 847 72.73 23.21 17.87
N THR H 848 73.83 23.71 17.32
CA THR H 848 74.60 23.02 16.30
C THR H 848 75.92 22.54 16.88
N ASN H 849 76.47 21.49 16.25
CA ASN H 849 77.73 20.91 16.69
C ASN H 849 78.92 21.85 16.48
N VAL H 850 78.79 22.83 15.59
CA VAL H 850 79.84 23.80 15.32
C VAL H 850 79.24 25.20 15.33
N VAL H 851 79.92 26.13 15.98
CA VAL H 851 79.47 27.52 16.07
C VAL H 851 80.64 28.43 15.73
N PHE H 852 80.43 29.35 14.79
CA PHE H 852 81.41 30.36 14.42
C PHE H 852 80.86 31.73 14.79
N LEU H 853 81.66 32.51 15.51
CA LEU H 853 81.25 33.84 15.95
C LEU H 853 82.36 34.84 15.67
N ASP H 854 81.96 36.09 15.44
CA ASP H 854 82.90 37.17 15.15
C ASP H 854 82.56 38.36 16.03
N ASP H 855 83.53 38.80 16.83
CA ASP H 855 83.38 39.96 17.72
C ASP H 855 82.12 39.90 18.57
N PRO H 856 81.97 38.88 19.43
CA PRO H 856 80.81 38.86 20.31
C PRO H 856 80.83 39.97 21.36
N PHE H 857 81.95 40.16 22.04
CA PHE H 857 82.07 41.18 23.06
C PHE H 857 82.64 42.49 22.54
N SER H 858 83.22 42.50 21.34
CA SER H 858 83.78 43.73 20.81
C SER H 858 82.68 44.76 20.51
N ALA H 859 81.54 44.29 20.00
CA ALA H 859 80.45 45.21 19.68
C ALA H 859 79.91 45.89 20.93
N LEU H 860 79.75 45.14 22.02
CA LEU H 860 79.28 45.69 23.30
C LEU H 860 80.14 45.10 24.41
N ASP H 861 80.90 45.94 25.08
CA ASP H 861 81.81 45.51 26.14
C ASP H 861 81.21 45.70 27.53
N VAL H 862 79.89 45.57 27.66
CA VAL H 862 79.25 45.66 28.97
C VAL H 862 79.57 44.40 29.77
N HIS H 863 80.09 44.59 30.97
CA HIS H 863 80.51 43.44 31.78
C HIS H 863 79.33 42.55 32.15
N LEU H 864 78.19 43.16 32.50
CA LEU H 864 77.04 42.37 32.93
C LEU H 864 76.52 41.48 31.82
N SER H 865 76.44 42.01 30.59
CA SER H 865 75.92 41.22 29.47
C SER H 865 76.94 40.18 29.02
N ASP H 866 78.22 40.56 28.93
CA ASP H 866 79.23 39.65 28.41
C ASP H 866 79.50 38.50 29.35
N HIS H 867 79.60 38.77 30.65
CA HIS H 867 79.96 37.72 31.60
C HIS H 867 78.92 36.62 31.64
N LEU H 868 77.63 37.00 31.67
CA LEU H 868 76.58 35.99 31.64
C LEU H 868 76.58 35.25 30.31
N MET H 869 76.79 35.98 29.21
CA MET H 869 76.91 35.32 27.90
C MET H 869 78.14 34.42 27.85
N GLN H 870 79.25 34.88 28.43
CA GLN H 870 80.44 34.05 28.50
C GLN H 870 80.19 32.80 29.35
N ALA H 871 79.52 32.96 30.49
CA ALA H 871 79.18 31.81 31.32
C ALA H 871 78.21 30.88 30.60
N GLY H 872 77.22 31.45 29.90
CA GLY H 872 76.29 30.63 29.16
C GLY H 872 76.93 29.89 28.01
N ILE H 873 77.90 30.54 27.34
CA ILE H 873 78.54 29.93 26.18
C ILE H 873 79.37 28.73 26.60
N LEU H 874 80.18 28.88 27.65
CA LEU H 874 81.05 27.78 28.08
C LEU H 874 80.24 26.61 28.60
N GLU H 875 79.22 26.88 29.42
CA GLU H 875 78.41 25.80 29.97
C GLU H 875 77.64 25.06 28.88
N LEU H 876 77.05 25.81 27.94
CA LEU H 876 76.29 25.18 26.86
C LEU H 876 77.19 24.33 25.98
N LEU H 877 78.37 24.84 25.65
CA LEU H 877 79.31 24.06 24.83
C LEU H 877 79.79 22.82 25.59
N ARG H 878 80.06 22.96 26.88
CA ARG H 878 80.52 21.82 27.67
C ARG H 878 79.47 20.72 27.73
N ASP H 879 78.21 21.10 27.94
CA ASP H 879 77.13 20.10 28.00
C ASP H 879 76.94 19.42 26.65
N ASP H 880 76.97 20.19 25.56
CA ASP H 880 76.76 19.65 24.24
C ASP H 880 78.01 19.02 23.63
N LYS H 881 79.19 19.30 24.21
CA LYS H 881 80.46 18.78 23.69
C LYS H 881 80.64 19.13 22.22
N ARG H 882 80.26 20.36 21.87
CA ARG H 882 80.31 20.83 20.50
C ARG H 882 81.56 21.67 20.26
N THR H 883 81.75 22.08 19.01
CA THR H 883 82.89 22.89 18.60
C THR H 883 82.48 24.35 18.56
N VAL H 884 83.35 25.23 19.06
CA VAL H 884 83.09 26.66 19.10
C VAL H 884 84.36 27.40 18.66
N VAL H 885 84.20 28.32 17.71
CA VAL H 885 85.28 29.19 17.26
C VAL H 885 84.79 30.62 17.34
N LEU H 886 85.54 31.48 18.03
CA LEU H 886 85.15 32.87 18.25
C LEU H 886 86.30 33.78 17.86
N VAL H 887 85.99 34.83 17.09
CA VAL H 887 86.95 35.84 16.69
C VAL H 887 86.61 37.12 17.44
N THR H 888 87.50 37.54 18.33
CA THR H 888 87.24 38.71 19.15
C THR H 888 88.56 39.29 19.65
N HIS H 889 88.49 40.54 20.10
CA HIS H 889 89.62 41.23 20.71
C HIS H 889 89.45 41.37 22.22
N LYS H 890 88.52 40.63 22.82
CA LYS H 890 88.27 40.72 24.24
C LYS H 890 89.33 39.94 25.01
N LEU H 891 90.02 40.61 25.93
CA LEU H 891 91.05 39.99 26.75
C LEU H 891 90.50 39.41 28.05
N GLN H 892 89.19 39.50 28.27
CA GLN H 892 88.61 38.95 29.49
C GLN H 892 88.79 37.43 29.54
N TYR H 893 88.59 36.75 28.41
CA TYR H 893 88.76 35.32 28.32
C TYR H 893 89.71 34.94 27.18
N LEU H 894 90.64 35.83 26.86
CA LEU H 894 91.66 35.51 25.87
C LEU H 894 92.50 34.29 26.26
N PRO H 895 93.02 34.17 27.48
CA PRO H 895 93.69 32.92 27.85
C PRO H 895 92.72 31.93 28.47
N HIS H 896 92.75 30.70 27.96
CA HIS H 896 91.86 29.65 28.43
C HIS H 896 92.54 28.31 28.26
N ALA H 897 92.06 27.33 29.04
CA ALA H 897 92.59 25.98 28.92
C ALA H 897 92.25 25.35 27.58
N ASP H 898 91.22 25.86 26.90
CA ASP H 898 90.86 25.36 25.59
C ASP H 898 91.86 25.83 24.54
N TRP H 899 91.73 25.28 23.33
CA TRP H 899 92.64 25.64 22.25
C TRP H 899 92.46 27.08 21.85
N ILE H 900 93.56 27.72 21.45
CA ILE H 900 93.55 29.09 20.96
C ILE H 900 94.40 29.17 19.70
N ILE H 901 93.93 29.93 18.72
CA ILE H 901 94.61 30.10 17.45
C ILE H 901 94.85 31.59 17.22
N ALA H 902 96.08 31.94 16.85
CA ALA H 902 96.46 33.31 16.60
C ALA H 902 96.59 33.54 15.10
N MET H 903 95.94 34.59 14.59
CA MET H 903 95.95 34.92 13.18
C MET H 903 96.62 36.26 12.97
N LYS H 904 97.61 36.29 12.09
CA LYS H 904 98.32 37.53 11.78
C LYS H 904 98.92 37.42 10.39
N ASP H 905 98.86 38.52 9.64
CA ASP H 905 99.41 38.60 8.29
C ASP H 905 98.85 37.51 7.39
N GLY H 906 97.55 37.22 7.55
CA GLY H 906 96.90 36.23 6.72
C GLY H 906 97.42 34.82 6.90
N THR H 907 97.85 34.46 8.11
CA THR H 907 98.28 33.10 8.40
C THR H 907 98.16 32.87 9.90
N ILE H 908 98.12 31.59 10.27
CA ILE H 908 97.95 31.18 11.66
C ILE H 908 99.22 30.47 12.12
N GLN H 909 99.81 30.95 13.21
CA GLN H 909 101.03 30.33 13.72
C GLN H 909 100.74 28.93 14.26
N ARG H 910 99.73 28.79 15.10
CA ARG H 910 99.36 27.50 15.67
C ARG H 910 97.98 27.59 16.27
N GLU H 911 97.35 26.44 16.45
CA GLU H 911 96.04 26.31 17.10
C GLU H 911 96.16 25.19 18.12
N GLY H 912 96.58 25.53 19.32
CA GLY H 912 96.81 24.55 20.37
C GLY H 912 96.57 25.12 21.74
N THR H 913 97.23 24.54 22.73
CA THR H 913 97.00 24.91 24.12
C THR H 913 97.54 26.31 24.42
N LEU H 914 97.10 26.86 25.54
CA LEU H 914 97.53 28.18 25.98
C LEU H 914 99.00 28.22 26.38
N LYS H 915 99.64 27.05 26.56
CA LYS H 915 101.06 27.03 26.86
C LYS H 915 101.91 27.54 25.70
N ASP H 916 101.35 27.57 24.49
CA ASP H 916 102.08 28.13 23.35
C ASP H 916 102.33 29.62 23.53
N PHE H 917 101.45 30.32 24.25
CA PHE H 917 101.68 31.72 24.54
C PHE H 917 102.94 31.91 25.37
N GLN H 918 103.14 31.06 26.38
CA GLN H 918 104.41 31.05 27.11
C GLN H 918 105.55 30.61 26.21
N ARG H 919 105.29 29.61 25.34
CA ARG H 919 106.30 29.16 24.40
C ARG H 919 106.66 30.26 23.40
N SER H 920 105.67 31.04 22.99
CA SER H 920 105.92 32.15 22.07
C SER H 920 106.80 33.20 22.74
N GLU H 921 107.58 33.91 21.92
CA GLU H 921 108.50 34.90 22.45
C GLU H 921 107.76 36.02 23.16
N CYS H 922 106.64 36.47 22.58
CA CYS H 922 105.83 37.54 23.17
C CYS H 922 104.61 36.92 23.83
N GLN H 923 104.40 37.24 25.11
CA GLN H 923 103.25 36.73 25.85
C GLN H 923 102.10 37.73 25.79
N LEU H 924 101.67 38.01 24.55
CA LEU H 924 100.60 38.97 24.26
C LEU H 924 100.93 40.34 24.86
N PHE H 925 102.19 40.74 24.75
CA PHE H 925 102.68 42.00 25.31
C PHE H 925 102.36 42.10 26.80
N GLU H 926 102.56 40.99 27.51
CA GLU H 926 102.25 40.89 28.94
C GLU H 926 100.79 41.26 29.23
N HIS H 927 99.89 40.74 28.39
CA HIS H 927 98.45 40.99 28.52
C HIS H 927 98.13 42.48 28.50
N PRO H 997 32.87 56.46 0.78
CA PRO H 997 33.78 56.88 -0.28
C PRO H 997 33.25 58.09 -1.06
N TRP H 998 34.13 59.04 -1.35
CA TRP H 998 33.82 60.21 -2.18
C TRP H 998 32.90 61.19 -1.45
N ARG H 999 32.35 60.78 -0.32
CA ARG H 999 31.51 61.69 0.47
C ARG H 999 32.34 62.84 1.02
N ALA H 1000 33.54 62.55 1.51
CA ALA H 1000 34.46 63.59 1.98
C ALA H 1000 35.10 64.37 0.83
N CYS H 1001 34.93 63.90 -0.41
CA CYS H 1001 35.47 64.59 -1.58
C CYS H 1001 34.69 65.86 -1.90
N THR H 1002 33.56 66.10 -1.24
CA THR H 1002 32.84 67.36 -1.41
C THR H 1002 33.72 68.54 -1.03
N LYS H 1003 34.70 68.32 -0.16
CA LYS H 1003 35.72 69.32 0.16
C LYS H 1003 36.76 69.36 -0.96
N TYR H 1004 37.93 69.90 -0.67
CA TYR H 1004 39.07 70.02 -1.59
C TYR H 1004 38.84 71.09 -2.65
N LEU H 1005 37.61 71.64 -2.75
CA LEU H 1005 37.36 72.74 -3.67
C LEU H 1005 37.99 74.04 -3.18
N SER H 1006 38.36 74.12 -1.91
CA SER H 1006 39.01 75.32 -1.39
C SER H 1006 40.36 75.55 -2.05
N SER H 1007 41.12 74.47 -2.27
CA SER H 1007 42.39 74.60 -2.99
C SER H 1007 42.17 75.10 -4.40
N ALA H 1008 41.13 74.60 -5.07
CA ALA H 1008 40.76 75.08 -6.41
C ALA H 1008 40.00 76.40 -6.36
N GLY H 1009 39.59 76.85 -5.18
CA GLY H 1009 38.87 78.11 -5.09
C GLY H 1009 37.50 78.01 -5.75
N ILE H 1010 37.06 79.15 -6.29
CA ILE H 1010 35.77 79.24 -6.99
C ILE H 1010 35.95 79.63 -8.45
N LEU H 1011 36.70 80.70 -8.70
CA LEU H 1011 36.92 81.15 -10.07
C LEU H 1011 37.67 80.10 -10.88
N LEU H 1012 38.71 79.50 -10.28
CA LEU H 1012 39.52 78.52 -11.00
C LEU H 1012 38.73 77.25 -11.26
N LEU H 1013 37.98 76.78 -10.26
CA LEU H 1013 37.23 75.53 -10.42
C LEU H 1013 36.07 75.70 -11.40
N SER H 1014 35.39 76.84 -11.35
CA SER H 1014 34.26 77.07 -12.25
C SER H 1014 34.74 77.18 -13.69
N LEU H 1015 35.93 77.76 -13.90
CA LEU H 1015 36.47 77.86 -15.26
C LEU H 1015 36.69 76.49 -15.87
N LEU H 1016 37.20 75.54 -15.09
CA LEU H 1016 37.41 74.19 -15.59
C LEU H 1016 36.08 73.54 -15.97
N VAL H 1017 35.05 73.72 -15.13
CA VAL H 1017 33.74 73.16 -15.42
C VAL H 1017 33.17 73.76 -16.70
N PHE H 1018 33.27 75.08 -16.83
CA PHE H 1018 32.77 75.73 -18.04
C PHE H 1018 33.56 75.31 -19.27
N SER H 1019 34.87 75.22 -19.15
CA SER H 1019 35.70 74.84 -20.31
C SER H 1019 35.48 73.39 -20.68
N GLN H 1020 35.49 72.49 -19.70
CA GLN H 1020 35.35 71.07 -19.98
C GLN H 1020 33.98 70.75 -20.59
N LEU H 1021 32.92 71.36 -20.04
CA LEU H 1021 31.58 71.15 -20.58
C LEU H 1021 31.45 71.73 -21.98
N LEU H 1022 32.15 72.83 -22.25
CA LEU H 1022 32.06 73.46 -23.57
C LEU H 1022 32.62 72.55 -24.65
N LYS H 1023 33.76 71.89 -24.39
CA LYS H 1023 34.42 71.11 -25.43
C LYS H 1023 33.54 69.96 -25.90
N HIS H 1024 32.91 69.26 -24.96
CA HIS H 1024 32.05 68.13 -25.34
C HIS H 1024 30.82 68.61 -26.10
N MET H 1025 30.24 69.74 -25.69
CA MET H 1025 29.06 70.25 -26.37
C MET H 1025 29.39 70.63 -27.81
N VAL H 1026 30.54 71.27 -28.04
CA VAL H 1026 30.93 71.65 -29.38
C VAL H 1026 31.16 70.42 -30.25
N LEU H 1027 31.83 69.41 -29.70
CA LEU H 1027 32.09 68.19 -30.46
C LEU H 1027 30.79 67.49 -30.84
N VAL H 1028 29.78 67.55 -29.96
CA VAL H 1028 28.45 67.04 -30.31
C VAL H 1028 27.89 67.83 -31.49
N ALA H 1029 28.01 69.16 -31.45
CA ALA H 1029 27.53 69.98 -32.54
C ALA H 1029 28.34 69.76 -33.82
N ILE H 1030 29.66 69.56 -33.68
CA ILE H 1030 30.51 69.39 -34.85
C ILE H 1030 30.09 68.16 -35.64
N ASP H 1031 29.89 67.04 -34.95
CA ASP H 1031 29.43 65.83 -35.63
C ASP H 1031 28.01 65.98 -36.12
N TYR H 1032 27.17 66.72 -35.38
CA TYR H 1032 25.79 66.93 -35.79
C TYR H 1032 25.73 67.70 -37.11
N TRP H 1033 26.53 68.76 -37.24
CA TRP H 1033 26.53 69.52 -38.49
C TRP H 1033 27.13 68.70 -39.62
N LEU H 1034 28.09 67.82 -39.33
CA LEU H 1034 28.63 66.94 -40.36
C LEU H 1034 27.54 66.04 -40.93
N ALA H 1035 26.68 65.49 -40.05
CA ALA H 1035 25.56 64.68 -40.53
C ALA H 1035 24.59 65.52 -41.35
N LYS H 1036 24.28 66.73 -40.88
CA LYS H 1036 23.36 67.58 -41.62
C LYS H 1036 23.97 68.04 -42.95
N TRP H 1037 25.26 68.37 -42.96
CA TRP H 1037 25.92 68.77 -44.19
C TRP H 1037 25.93 67.63 -45.20
N THR H 1038 26.28 66.42 -44.75
CA THR H 1038 26.25 65.27 -45.64
C THR H 1038 24.83 64.98 -46.12
N ASP H 1039 23.85 65.12 -45.23
CA ASP H 1039 22.45 64.99 -45.64
C ASP H 1039 22.09 66.06 -46.65
N SER H 1040 22.55 67.28 -46.44
CA SER H 1040 22.31 68.36 -47.39
C SER H 1040 23.17 68.23 -48.64
N ALA H 1041 24.27 67.48 -48.58
CA ALA H 1041 25.11 67.30 -49.75
C ALA H 1041 24.37 66.54 -50.85
N LEU H 1042 23.66 65.48 -50.48
CA LEU H 1042 22.93 64.67 -51.45
C LEU H 1042 21.61 65.30 -51.88
N VAL H 1043 21.18 66.38 -51.21
CA VAL H 1043 19.95 67.10 -51.51
C VAL H 1043 18.77 66.17 -51.75
N ASP H 1060 20.07 79.07 -45.87
CA ASP H 1060 20.67 77.87 -46.44
C ASP H 1060 22.16 78.07 -46.70
N GLN H 1061 22.98 77.67 -45.74
CA GLN H 1061 24.43 77.75 -45.85
C GLN H 1061 25.03 76.52 -46.51
N SER H 1062 24.53 76.16 -47.69
CA SER H 1062 24.99 74.96 -48.37
C SER H 1062 26.26 75.19 -49.18
N VAL H 1063 26.78 76.41 -49.22
CA VAL H 1063 27.97 76.71 -49.99
C VAL H 1063 29.22 76.31 -49.21
N TYR H 1064 29.86 75.22 -49.63
CA TYR H 1064 31.20 74.77 -49.22
C TYR H 1064 31.35 74.55 -47.72
N ALA H 1065 30.28 74.79 -46.97
CA ALA H 1065 30.16 74.44 -45.55
C ALA H 1065 31.45 74.74 -44.76
N MET H 1066 32.03 75.91 -45.02
CA MET H 1066 33.21 76.30 -44.25
C MET H 1066 32.85 76.89 -42.89
N VAL H 1067 31.58 77.24 -42.67
CA VAL H 1067 31.15 77.71 -41.36
C VAL H 1067 31.27 76.57 -40.35
N PHE H 1068 30.85 75.36 -40.74
CA PHE H 1068 30.99 74.21 -39.86
C PHE H 1068 32.46 73.90 -39.59
N THR H 1069 33.30 74.03 -40.62
CA THR H 1069 34.73 73.88 -40.42
C THR H 1069 35.27 74.98 -39.51
N LEU H 1070 34.77 76.20 -39.66
CA LEU H 1070 35.17 77.29 -38.76
C LEU H 1070 34.76 76.99 -37.33
N LEU H 1071 33.56 76.44 -37.14
CA LEU H 1071 33.16 75.99 -35.81
C LEU H 1071 34.03 74.84 -35.34
N CYS H 1072 34.52 74.03 -36.28
CA CYS H 1072 35.44 72.95 -35.92
C CYS H 1072 36.84 73.49 -35.65
N SER H 1073 37.21 74.60 -36.28
CA SER H 1073 38.53 75.18 -36.06
C SER H 1073 38.65 75.79 -34.67
N LEU H 1074 37.56 76.37 -34.16
CA LEU H 1074 37.61 76.97 -32.84
C LEU H 1074 37.60 75.91 -31.74
N GLY H 1075 36.99 74.74 -32.02
CA GLY H 1075 36.91 73.71 -30.99
C GLY H 1075 38.26 73.19 -30.55
N ILE H 1076 39.14 72.91 -31.53
CA ILE H 1076 40.48 72.42 -31.20
C ILE H 1076 41.25 73.49 -30.44
N VAL H 1077 41.14 74.75 -30.86
CA VAL H 1077 41.74 75.84 -30.11
C VAL H 1077 41.15 75.93 -28.72
N LEU H 1078 39.82 75.80 -28.62
CA LEU H 1078 39.19 75.75 -27.31
C LEU H 1078 39.60 74.50 -26.54
N CYS H 1079 39.80 73.38 -27.25
CA CYS H 1079 40.32 72.19 -26.59
C CYS H 1079 41.78 72.38 -26.20
N LEU H 1080 42.55 73.13 -27.00
CA LEU H 1080 43.94 73.39 -26.68
C LEU H 1080 44.07 74.18 -25.38
N VAL H 1081 43.29 75.25 -25.25
CA VAL H 1081 43.36 76.06 -24.04
C VAL H 1081 42.80 75.29 -22.84
N THR H 1082 41.83 74.40 -23.07
CA THR H 1082 41.30 73.59 -21.99
C THR H 1082 42.34 72.61 -21.48
N SER H 1083 43.23 72.14 -22.35
CA SER H 1083 44.25 71.19 -21.94
C SER H 1083 45.20 71.79 -20.91
N VAL H 1084 45.52 73.08 -21.03
CA VAL H 1084 46.38 73.75 -20.08
C VAL H 1084 45.60 74.45 -18.97
N THR H 1085 44.34 74.80 -19.20
CA THR H 1085 43.55 75.43 -18.16
C THR H 1085 43.35 74.49 -16.97
N VAL H 1086 43.05 73.22 -17.25
CA VAL H 1086 42.91 72.23 -16.18
C VAL H 1086 44.26 71.74 -15.68
N GLU H 1087 45.33 71.95 -16.44
CA GLU H 1087 46.67 71.52 -16.04
C GLU H 1087 47.37 72.57 -15.20
N TRP H 1088 47.27 73.85 -15.59
CA TRP H 1088 47.90 74.91 -14.82
C TRP H 1088 47.26 75.05 -13.45
N THR H 1089 45.94 74.93 -13.37
CA THR H 1089 45.26 75.02 -12.07
C THR H 1089 45.63 73.85 -11.17
N GLY H 1090 45.86 72.67 -11.76
CA GLY H 1090 46.27 71.53 -10.97
C GLY H 1090 47.62 71.72 -10.29
N LEU H 1091 48.49 72.52 -10.90
CA LEU H 1091 49.78 72.81 -10.29
C LEU H 1091 49.62 73.73 -9.08
N LYS H 1092 48.79 74.77 -9.21
CA LYS H 1092 48.62 75.72 -8.11
C LYS H 1092 47.97 75.07 -6.90
N VAL H 1093 46.97 74.22 -7.13
CA VAL H 1093 46.31 73.56 -6.00
C VAL H 1093 47.28 72.61 -5.30
N ALA H 1094 48.27 72.09 -6.04
CA ALA H 1094 49.33 71.32 -5.39
C ALA H 1094 50.20 72.23 -4.53
N LYS H 1095 50.46 73.45 -5.00
CA LYS H 1095 51.22 74.42 -4.20
C LYS H 1095 50.45 74.79 -2.94
N ARG H 1096 49.15 75.03 -3.05
CA ARG H 1096 48.34 75.36 -1.89
C ARG H 1096 48.26 74.19 -0.91
N LEU H 1097 48.12 72.97 -1.44
CA LEU H 1097 48.17 71.80 -0.57
C LEU H 1097 49.54 71.66 0.10
N HIS H 1098 50.60 71.93 -0.66
CA HIS H 1098 51.94 71.93 -0.08
C HIS H 1098 52.08 73.02 0.96
N ARG H 1099 51.54 74.21 0.69
CA ARG H 1099 51.61 75.31 1.65
C ARG H 1099 50.77 75.01 2.88
N SER H 1100 49.56 74.47 2.68
CA SER H 1100 48.66 74.21 3.82
C SER H 1100 49.24 73.15 4.74
N LEU H 1101 49.81 72.09 4.17
CA LEU H 1101 50.40 71.04 5.00
C LEU H 1101 51.62 71.53 5.76
N LEU H 1102 52.42 72.40 5.11
CA LEU H 1102 53.62 72.92 5.78
C LEU H 1102 53.26 73.74 7.01
N ASN H 1103 52.23 74.56 6.92
CA ASN H 1103 51.82 75.36 8.09
C ASN H 1103 51.34 74.46 9.22
N ARG H 1104 50.56 73.42 8.89
CA ARG H 1104 50.11 72.49 9.92
C ARG H 1104 51.27 71.69 10.49
N ILE H 1105 52.24 71.32 9.64
CA ILE H 1105 53.38 70.53 10.10
C ILE H 1105 54.20 71.32 11.12
N ILE H 1106 54.44 72.61 10.83
CA ILE H 1106 55.20 73.44 11.76
C ILE H 1106 54.46 73.61 13.07
N LEU H 1107 53.15 73.83 13.01
CA LEU H 1107 52.33 74.01 14.20
C LEU H 1107 51.82 72.71 14.79
N ALA H 1108 52.32 71.57 14.32
CA ALA H 1108 51.89 70.29 14.85
C ALA H 1108 52.39 70.13 16.29
N PRO H 1109 51.55 69.72 17.23
CA PRO H 1109 52.01 69.56 18.61
C PRO H 1109 53.06 68.48 18.73
N MET H 1110 54.03 68.70 19.63
CA MET H 1110 55.06 67.70 19.87
C MET H 1110 54.50 66.50 20.62
N ARG H 1111 53.61 66.74 21.58
CA ARG H 1111 53.00 65.64 22.33
C ARG H 1111 52.18 64.75 21.41
N PHE H 1112 51.41 65.36 20.50
CA PHE H 1112 50.68 64.57 19.51
C PHE H 1112 51.64 63.83 18.59
N PHE H 1113 52.75 64.48 18.21
CA PHE H 1113 53.75 63.83 17.38
C PHE H 1113 54.38 62.64 18.11
N GLU H 1114 54.65 62.79 19.40
CA GLU H 1114 55.22 61.69 20.17
C GLU H 1114 54.22 60.53 20.28
N THR H 1115 52.95 60.84 20.52
CA THR H 1115 51.95 59.78 20.63
C THR H 1115 51.77 59.05 19.31
N THR H 1116 51.74 59.77 18.20
CA THR H 1116 51.59 59.18 16.89
C THR H 1116 52.87 58.49 16.45
N PRO H 1117 52.79 57.56 15.51
CA PRO H 1117 54.01 56.90 15.02
C PRO H 1117 54.98 57.85 14.33
N LEU H 1118 54.50 59.00 13.86
CA LEU H 1118 55.30 60.03 13.19
C LEU H 1118 55.92 59.54 11.89
N GLY H 1119 55.55 58.36 11.42
CA GLY H 1119 56.04 57.87 10.15
C GLY H 1119 55.00 58.00 9.05
N SER H 1120 53.73 57.97 9.44
CA SER H 1120 52.66 58.18 8.47
C SER H 1120 52.66 59.61 7.95
N ILE H 1121 53.03 60.57 8.81
CA ILE H 1121 53.11 61.96 8.38
C ILE H 1121 54.17 62.14 7.30
N LEU H 1122 55.33 61.52 7.49
CA LEU H 1122 56.39 61.60 6.47
C LEU H 1122 55.93 60.95 5.17
N ASN H 1123 55.27 59.79 5.25
CA ASN H 1123 54.75 59.15 4.06
C ASN H 1123 53.68 60.01 3.40
N ARG H 1124 52.78 60.59 4.20
CA ARG H 1124 51.74 61.45 3.65
C ARG H 1124 52.33 62.74 3.09
N PHE H 1125 53.45 63.20 3.66
CA PHE H 1125 54.07 64.42 3.17
C PHE H 1125 54.77 64.20 1.84
N SER H 1126 55.42 63.06 1.67
CA SER H 1126 56.21 62.77 0.48
C SER H 1126 55.42 61.98 -0.56
N SER H 1127 54.96 60.78 -0.20
CA SER H 1127 54.33 59.90 -1.18
C SER H 1127 52.98 60.44 -1.65
N ASP H 1128 52.12 60.84 -0.70
CA ASP H 1128 50.78 61.29 -1.08
C ASP H 1128 50.83 62.57 -1.90
N CYS H 1129 51.70 63.52 -1.52
CA CYS H 1129 51.80 64.76 -2.26
C CYS H 1129 52.35 64.53 -3.67
N ASN H 1130 53.29 63.59 -3.81
CA ASN H 1130 53.83 63.27 -5.12
C ASN H 1130 52.74 62.75 -6.05
N THR H 1131 51.86 61.89 -5.54
CA THR H 1131 50.74 61.41 -6.35
C THR H 1131 49.80 62.56 -6.70
N ILE H 1132 49.57 63.47 -5.76
CA ILE H 1132 48.65 64.58 -6.01
C ILE H 1132 49.20 65.51 -7.08
N ASP H 1133 50.53 65.70 -7.11
CA ASP H 1133 51.12 66.66 -8.02
C ASP H 1133 51.12 66.16 -9.45
N GLN H 1134 51.64 64.96 -9.69
CA GLN H 1134 51.92 64.50 -11.04
C GLN H 1134 50.82 63.62 -11.63
N HIS H 1135 49.90 63.11 -10.83
CA HIS H 1135 48.94 62.12 -11.31
C HIS H 1135 47.50 62.58 -11.21
N ILE H 1136 47.09 63.12 -10.06
CA ILE H 1136 45.66 63.36 -9.80
C ILE H 1136 45.03 64.32 -10.81
N PRO H 1137 45.63 65.48 -11.12
CA PRO H 1137 45.01 66.35 -12.13
C PRO H 1137 44.84 65.67 -13.48
N SER H 1138 45.79 64.83 -13.88
CA SER H 1138 45.67 64.10 -15.13
C SER H 1138 44.53 63.09 -15.07
N THR H 1139 44.45 62.33 -13.97
CA THR H 1139 43.38 61.34 -13.82
C THR H 1139 42.02 62.01 -13.74
N LEU H 1140 41.92 63.13 -13.01
CA LEU H 1140 40.65 63.84 -12.91
C LEU H 1140 40.24 64.40 -14.27
N GLU H 1141 41.20 64.93 -15.03
CA GLU H 1141 40.89 65.43 -16.37
C GLU H 1141 40.39 64.31 -17.27
N CYS H 1142 41.06 63.15 -17.24
CA CYS H 1142 40.64 62.02 -18.05
C CYS H 1142 39.28 61.50 -17.60
N LEU H 1143 39.02 61.49 -16.28
CA LEU H 1143 37.72 61.08 -15.79
C LEU H 1143 36.63 62.01 -16.26
N SER H 1144 36.90 63.33 -16.23
CA SER H 1144 35.88 64.30 -16.60
C SER H 1144 35.46 64.15 -18.06
N ARG H 1145 36.45 63.96 -18.95
CA ARG H 1145 36.12 63.85 -20.37
C ARG H 1145 35.48 62.50 -20.67
N SER H 1146 35.71 61.50 -19.82
CA SER H 1146 35.09 60.19 -20.04
C SER H 1146 33.68 60.15 -19.47
N THR H 1147 33.46 60.73 -18.30
CA THR H 1147 32.13 60.75 -17.71
C THR H 1147 31.21 61.77 -18.38
N LEU H 1148 31.76 62.65 -19.22
CA LEU H 1148 30.94 63.60 -19.97
C LEU H 1148 30.68 63.11 -21.39
N LEU H 1149 31.66 62.46 -22.01
CA LEU H 1149 31.49 61.95 -23.37
C LEU H 1149 30.39 60.90 -23.41
N CYS H 1150 30.36 60.01 -22.42
CA CYS H 1150 29.31 58.99 -22.39
C CYS H 1150 27.94 59.62 -22.26
N VAL H 1151 27.80 60.66 -21.42
CA VAL H 1151 26.54 61.38 -21.32
C VAL H 1151 26.21 62.04 -22.65
N SER H 1152 27.20 62.66 -23.29
CA SER H 1152 26.99 63.20 -24.62
C SER H 1152 26.65 62.10 -25.62
N ALA H 1153 27.35 60.96 -25.52
CA ALA H 1153 27.01 59.82 -26.36
C ALA H 1153 25.65 59.24 -26.02
N LEU H 1154 25.16 59.49 -24.80
CA LEU H 1154 23.83 59.08 -24.39
C LEU H 1154 22.77 60.12 -24.71
N THR H 1155 23.14 61.21 -25.39
CA THR H 1155 22.18 62.19 -25.87
C THR H 1155 22.08 62.26 -27.37
N VAL H 1156 23.17 61.98 -28.09
CA VAL H 1156 23.09 61.90 -29.54
C VAL H 1156 22.18 60.77 -29.98
N ILE H 1157 22.19 59.66 -29.23
CA ILE H 1157 21.26 58.57 -29.52
C ILE H 1157 19.83 59.02 -29.28
N SER H 1158 19.62 59.88 -28.27
CA SER H 1158 18.28 60.42 -28.04
C SER H 1158 17.87 61.36 -29.17
N TYR H 1159 18.80 62.17 -29.66
CA TYR H 1159 18.47 63.10 -30.75
C TYR H 1159 18.17 62.35 -32.05
N VAL H 1160 18.97 61.32 -32.37
CA VAL H 1160 18.71 60.57 -33.59
C VAL H 1160 17.42 59.76 -33.46
N THR H 1161 17.12 59.27 -32.27
CA THR H 1161 15.87 58.55 -32.02
C THR H 1161 15.48 58.71 -30.57
N PRO H 1162 14.41 59.46 -30.28
CA PRO H 1162 13.92 59.56 -28.90
C PRO H 1162 13.25 58.29 -28.39
N VAL H 1163 13.24 57.21 -29.18
CA VAL H 1163 12.63 55.96 -28.74
C VAL H 1163 13.65 55.04 -28.08
N PHE H 1164 14.93 55.19 -28.40
CA PHE H 1164 15.95 54.30 -27.84
C PHE H 1164 16.11 54.52 -26.34
N LEU H 1165 15.89 55.74 -25.86
CA LEU H 1165 16.13 56.05 -24.46
C LEU H 1165 15.17 55.32 -23.53
N VAL H 1166 14.10 54.72 -24.06
CA VAL H 1166 13.16 53.99 -23.22
C VAL H 1166 13.86 52.82 -22.53
N ALA H 1167 14.61 52.04 -23.30
CA ALA H 1167 15.35 50.91 -22.75
C ALA H 1167 16.78 51.24 -22.36
N LEU H 1168 17.25 52.46 -22.66
CA LEU H 1168 18.60 52.84 -22.28
C LEU H 1168 18.75 52.91 -20.78
N LEU H 1169 17.75 53.45 -20.08
CA LEU H 1169 17.83 53.61 -18.63
C LEU H 1169 17.97 52.27 -17.89
N PRO H 1170 17.16 51.23 -18.18
CA PRO H 1170 17.39 49.95 -17.49
C PRO H 1170 18.77 49.38 -17.74
N LEU H 1171 19.33 49.56 -18.94
CA LEU H 1171 20.68 49.07 -19.20
C LEU H 1171 21.71 49.80 -18.34
N ALA H 1172 21.55 51.12 -18.17
CA ALA H 1172 22.47 51.86 -17.32
C ALA H 1172 22.36 51.41 -15.87
N VAL H 1173 21.15 51.02 -15.45
CA VAL H 1173 20.97 50.49 -14.09
C VAL H 1173 21.80 49.22 -13.91
N VAL H 1174 21.75 48.32 -14.89
CA VAL H 1174 22.57 47.11 -14.83
C VAL H 1174 24.04 47.47 -14.84
N CYS H 1175 24.42 48.50 -15.60
CA CYS H 1175 25.80 48.95 -15.60
C CYS H 1175 26.21 49.46 -14.23
N TYR H 1176 25.29 50.13 -13.52
CA TYR H 1176 25.59 50.62 -12.19
C TYR H 1176 25.88 49.47 -11.22
N PHE H 1177 25.05 48.42 -11.26
CA PHE H 1177 25.27 47.28 -10.37
C PHE H 1177 26.59 46.59 -10.68
N ILE H 1178 26.92 46.43 -11.96
CA ILE H 1178 28.17 45.78 -12.33
C ILE H 1178 29.35 46.61 -11.82
N GLN H 1179 29.30 47.93 -12.01
CA GLN H 1179 30.37 48.78 -11.52
C GLN H 1179 30.44 48.76 -10.00
N LYS H 1180 29.29 48.78 -9.33
CA LYS H 1180 29.26 48.79 -7.87
C LYS H 1180 29.84 47.51 -7.28
N TYR H 1181 29.82 46.41 -8.03
CA TYR H 1181 30.43 45.17 -7.57
C TYR H 1181 31.87 45.02 -8.00
N PHE H 1182 32.34 45.81 -8.96
CA PHE H 1182 33.72 45.70 -9.41
C PHE H 1182 34.65 46.54 -8.55
N ARG H 1183 34.28 47.79 -8.29
CA ARG H 1183 35.15 48.68 -7.52
C ARG H 1183 35.40 48.14 -6.13
N VAL H 1184 34.38 47.51 -5.52
CA VAL H 1184 34.56 46.91 -4.20
C VAL H 1184 35.58 45.78 -4.26
N ALA H 1185 35.41 44.86 -5.22
CA ALA H 1185 36.30 43.71 -5.31
C ALA H 1185 37.68 44.12 -5.81
N SER H 1186 37.74 45.01 -6.80
CA SER H 1186 39.03 45.39 -7.39
C SER H 1186 39.90 46.11 -6.37
N ARG H 1187 39.32 47.02 -5.60
CA ARG H 1187 40.11 47.75 -4.60
C ARG H 1187 40.69 46.81 -3.56
N ASP H 1188 39.89 45.85 -3.10
CA ASP H 1188 40.39 44.87 -2.14
C ASP H 1188 41.49 44.02 -2.77
N LEU H 1189 41.34 43.65 -4.04
CA LEU H 1189 42.41 42.97 -4.75
C LEU H 1189 43.65 43.84 -4.86
N GLN H 1190 43.46 45.15 -5.07
CA GLN H 1190 44.60 46.05 -5.10
C GLN H 1190 45.33 46.07 -3.76
N GLN H 1191 44.58 46.05 -2.66
CA GLN H 1191 45.20 46.02 -1.35
C GLN H 1191 46.04 44.76 -1.15
N LEU H 1192 45.49 43.61 -1.56
CA LEU H 1192 46.21 42.36 -1.40
C LEU H 1192 47.45 42.32 -2.29
N ASP H 1193 47.35 42.86 -3.50
CA ASP H 1193 48.52 42.96 -4.36
C ASP H 1193 49.58 43.86 -3.75
N ASP H 1194 49.15 44.97 -3.14
CA ASP H 1194 50.09 45.81 -2.40
C ASP H 1194 50.58 45.10 -1.15
N THR H 1195 49.71 44.33 -0.50
CA THR H 1195 50.12 43.60 0.69
C THR H 1195 51.20 42.57 0.38
N THR H 1196 51.03 41.82 -0.72
CA THR H 1196 51.98 40.78 -1.06
C THR H 1196 53.24 41.31 -1.73
N GLN H 1197 53.24 42.58 -2.17
CA GLN H 1197 54.44 43.13 -2.81
C GLN H 1197 55.56 43.33 -1.80
N LEU H 1198 55.21 43.72 -0.57
CA LEU H 1198 56.23 44.00 0.43
C LEU H 1198 57.09 42.80 0.79
N PRO H 1199 56.54 41.62 1.15
CA PRO H 1199 57.42 40.52 1.56
C PRO H 1199 58.29 39.98 0.45
N LEU H 1200 57.94 40.23 -0.82
CA LEU H 1200 58.72 39.70 -1.92
C LEU H 1200 60.05 40.42 -2.05
N LEU H 1201 60.01 41.76 -2.19
CA LEU H 1201 61.23 42.53 -2.33
C LEU H 1201 62.00 42.62 -1.02
N SER H 1202 61.30 42.60 0.12
CA SER H 1202 62.00 42.62 1.41
C SER H 1202 62.81 41.34 1.61
N HIS H 1203 62.27 40.21 1.16
CA HIS H 1203 63.02 38.95 1.22
C HIS H 1203 64.29 39.05 0.37
N PHE H 1204 64.18 39.64 -0.82
CA PHE H 1204 65.38 39.88 -1.62
C PHE H 1204 66.34 40.83 -0.91
N ALA H 1205 65.81 41.85 -0.24
CA ALA H 1205 66.65 42.72 0.58
C ALA H 1205 67.33 41.93 1.69
N GLU H 1206 66.59 41.04 2.35
CA GLU H 1206 67.19 40.15 3.33
C GLU H 1206 68.07 39.10 2.68
N THR H 1207 67.91 38.86 1.37
CA THR H 1207 68.73 37.88 0.68
C THR H 1207 70.13 38.42 0.39
N VAL H 1208 70.23 39.70 0.01
CA VAL H 1208 71.52 40.26 -0.36
C VAL H 1208 72.44 40.43 0.84
N GLU H 1209 71.89 40.53 2.04
CA GLU H 1209 72.67 40.68 3.26
C GLU H 1209 72.52 39.42 4.10
N GLY H 1210 73.64 38.92 4.62
CA GLY H 1210 73.60 37.69 5.38
C GLY H 1210 73.46 36.44 4.53
N LEU H 1211 73.71 36.55 3.22
CA LEU H 1211 73.64 35.37 2.36
C LEU H 1211 74.73 34.37 2.72
N THR H 1212 75.89 34.85 3.19
CA THR H 1212 76.92 33.94 3.68
C THR H 1212 76.52 33.29 4.99
N THR H 1213 75.68 33.95 5.80
CA THR H 1213 75.13 33.34 6.99
C THR H 1213 74.02 32.34 6.67
N ILE H 1214 73.55 32.33 5.44
CA ILE H 1214 72.53 31.38 4.99
C ILE H 1214 73.14 30.22 4.21
N ARG H 1215 74.05 30.52 3.29
CA ARG H 1215 74.66 29.48 2.48
C ARG H 1215 75.48 28.52 3.36
N ALA H 1216 76.36 29.06 4.18
CA ALA H 1216 77.23 28.21 4.99
C ALA H 1216 76.45 27.49 6.08
N PHE H 1217 75.52 28.20 6.73
CA PHE H 1217 74.82 27.61 7.88
C PHE H 1217 73.68 26.70 7.43
N ARG H 1218 72.80 27.20 6.57
CA ARG H 1218 71.63 26.45 6.16
C ARG H 1218 71.82 25.88 4.76
N TYR H 1219 70.95 24.92 4.43
CA TYR H 1219 70.91 24.32 3.11
C TYR H 1219 70.38 25.26 2.04
N GLU H 1220 69.80 26.40 2.45
CA GLU H 1220 69.31 27.45 1.55
C GLU H 1220 68.03 27.00 0.84
N ALA H 1221 67.68 25.72 0.98
CA ALA H 1221 66.45 25.21 0.37
C ALA H 1221 65.22 25.86 1.00
N ARG H 1222 65.23 26.03 2.32
CA ARG H 1222 64.09 26.63 3.00
C ARG H 1222 63.89 28.08 2.57
N PHE H 1223 64.98 28.84 2.46
CA PHE H 1223 64.87 30.25 2.09
C PHE H 1223 64.40 30.40 0.64
N GLN H 1224 64.94 29.59 -0.27
CA GLN H 1224 64.47 29.65 -1.65
C GLN H 1224 63.01 29.24 -1.77
N GLN H 1225 62.63 28.16 -1.08
CA GLN H 1225 61.23 27.74 -1.10
C GLN H 1225 60.34 28.73 -0.37
N LYS H 1226 60.88 29.41 0.65
CA LYS H 1226 60.11 30.45 1.32
C LYS H 1226 59.78 31.59 0.37
N LEU H 1227 60.66 31.86 -0.59
CA LEU H 1227 60.36 32.85 -1.62
C LEU H 1227 59.21 32.39 -2.50
N LEU H 1228 59.18 31.10 -2.86
CA LEU H 1228 58.10 30.59 -3.68
C LEU H 1228 56.75 30.79 -3.02
N GLU H 1229 56.70 30.75 -1.68
CA GLU H 1229 55.47 31.10 -0.98
C GLU H 1229 55.14 32.58 -1.20
N TYR H 1230 56.16 33.43 -1.27
CA TYR H 1230 55.93 34.86 -1.49
C TYR H 1230 55.51 35.13 -2.93
N THR H 1231 56.18 34.49 -3.89
CA THR H 1231 55.87 34.72 -5.29
C THR H 1231 54.47 34.20 -5.64
N ASP H 1232 54.12 33.01 -5.15
CA ASP H 1232 52.79 32.48 -5.40
C ASP H 1232 51.71 33.39 -4.83
N SER H 1233 51.92 33.88 -3.61
CA SER H 1233 50.97 34.83 -3.03
C SER H 1233 50.92 36.11 -3.86
N ASN H 1234 52.05 36.49 -4.46
CA ASN H 1234 52.07 37.67 -5.31
C ASN H 1234 51.39 37.42 -6.66
N ASN H 1235 51.67 36.25 -7.26
CA ASN H 1235 51.11 35.95 -8.57
C ASN H 1235 49.59 35.85 -8.51
N ILE H 1236 49.05 35.18 -7.49
CA ILE H 1236 47.61 35.01 -7.38
C ILE H 1236 46.93 36.36 -7.24
N ALA H 1237 47.49 37.25 -6.43
CA ALA H 1237 46.91 38.58 -6.27
C ALA H 1237 46.95 39.37 -7.57
N SER H 1238 47.84 38.98 -8.49
CA SER H 1238 47.95 39.69 -9.76
C SER H 1238 46.90 39.21 -10.75
N LEU H 1239 46.84 37.90 -10.99
CA LEU H 1239 45.88 37.39 -11.97
C LEU H 1239 44.45 37.54 -11.50
N PHE H 1240 44.20 37.43 -10.20
CA PHE H 1240 42.86 37.70 -9.68
C PHE H 1240 42.48 39.15 -9.92
N LEU H 1241 43.42 40.06 -9.72
CA LEU H 1241 43.19 41.46 -10.09
C LEU H 1241 42.96 41.58 -11.59
N THR H 1242 43.76 40.87 -12.39
CA THR H 1242 43.58 40.89 -13.84
C THR H 1242 42.21 40.32 -14.22
N ALA H 1243 41.85 39.18 -13.63
CA ALA H 1243 40.59 38.54 -13.98
C ALA H 1243 39.40 39.42 -13.65
N ALA H 1244 39.48 40.15 -12.54
CA ALA H 1244 38.41 41.07 -12.19
C ALA H 1244 38.26 42.17 -13.24
N ASN H 1245 39.38 42.70 -13.73
CA ASN H 1245 39.32 43.69 -14.78
C ASN H 1245 38.75 43.11 -16.06
N ARG H 1246 39.21 41.93 -16.46
CA ARG H 1246 38.67 41.28 -17.64
C ARG H 1246 37.20 40.96 -17.48
N TRP H 1247 36.80 40.56 -16.27
CA TRP H 1247 35.38 40.36 -15.99
C TRP H 1247 34.59 41.66 -16.16
N LEU H 1248 35.16 42.78 -15.69
CA LEU H 1248 34.46 44.05 -15.80
C LEU H 1248 34.32 44.48 -17.26
N GLU H 1249 35.40 44.37 -18.03
CA GLU H 1249 35.36 44.85 -19.41
C GLU H 1249 34.36 44.06 -20.25
N VAL H 1250 34.35 42.73 -20.10
CA VAL H 1250 33.49 41.89 -20.92
C VAL H 1250 32.03 42.24 -20.71
N ARG H 1251 31.59 42.29 -19.45
CA ARG H 1251 30.21 42.67 -19.18
C ARG H 1251 29.93 44.11 -19.60
N MET H 1252 30.96 44.95 -19.62
CA MET H 1252 30.77 46.31 -20.12
C MET H 1252 30.66 46.32 -21.64
N GLU H 1253 31.48 45.51 -22.32
CA GLU H 1253 31.41 45.44 -23.78
C GLU H 1253 30.06 44.88 -24.23
N TYR H 1254 29.57 43.84 -23.56
CA TYR H 1254 28.29 43.25 -23.96
C TYR H 1254 27.15 44.24 -23.78
N ILE H 1255 27.20 45.03 -22.70
CA ILE H 1255 26.22 46.10 -22.54
C ILE H 1255 26.35 47.11 -23.66
N GLY H 1256 27.60 47.48 -23.99
CA GLY H 1256 27.81 48.42 -25.08
C GLY H 1256 27.38 47.85 -26.42
N ALA H 1257 27.71 46.59 -26.68
CA ALA H 1257 27.31 45.96 -27.93
C ALA H 1257 25.79 45.82 -28.02
N CYS H 1258 25.14 45.50 -26.90
CA CYS H 1258 23.68 45.44 -26.90
C CYS H 1258 23.06 46.81 -27.16
N VAL H 1259 23.71 47.87 -26.67
CA VAL H 1259 23.23 49.22 -26.92
C VAL H 1259 23.24 49.53 -28.41
N VAL H 1260 24.29 49.10 -29.10
CA VAL H 1260 24.39 49.36 -30.54
C VAL H 1260 23.23 48.70 -31.29
N LEU H 1261 22.92 47.46 -30.94
CA LEU H 1261 21.85 46.75 -31.64
C LEU H 1261 20.50 47.42 -31.39
N ILE H 1262 20.22 47.83 -30.16
CA ILE H 1262 18.96 48.51 -29.88
C ILE H 1262 18.92 49.85 -30.59
N ALA H 1263 20.04 50.59 -30.58
CA ALA H 1263 20.07 51.88 -31.27
C ALA H 1263 19.92 51.71 -32.77
N ALA H 1264 20.61 50.72 -33.35
CA ALA H 1264 20.54 50.51 -34.79
C ALA H 1264 19.14 50.07 -35.22
N ALA H 1265 18.56 49.12 -34.49
CA ALA H 1265 17.24 48.61 -34.86
C ALA H 1265 16.18 49.71 -34.78
N THR H 1266 16.24 50.53 -33.73
CA THR H 1266 15.26 51.62 -33.60
C THR H 1266 15.47 52.66 -34.68
N SER H 1267 16.73 53.00 -34.98
CA SER H 1267 17.00 54.01 -36.00
C SER H 1267 16.54 53.56 -37.38
N ILE H 1268 16.76 52.29 -37.72
CA ILE H 1268 16.33 51.78 -39.01
C ILE H 1268 14.81 51.81 -39.11
N SER H 1269 14.12 51.46 -38.02
CA SER H 1269 12.67 51.42 -38.05
C SER H 1269 12.07 52.78 -38.37
N ASN H 1270 12.63 53.84 -37.80
CA ASN H 1270 12.11 55.19 -38.05
C ASN H 1270 12.23 55.56 -39.53
N SER H 1271 13.37 55.24 -40.14
CA SER H 1271 13.56 55.58 -41.55
C SER H 1271 12.58 54.82 -42.44
N LEU H 1272 12.22 53.60 -42.04
CA LEU H 1272 11.25 52.79 -42.78
C LEU H 1272 9.82 52.99 -42.27
N HIS H 1273 9.62 53.84 -41.27
CA HIS H 1273 8.29 54.21 -40.79
C HIS H 1273 7.94 55.65 -41.15
N ARG H 1274 8.51 56.15 -42.24
CA ARG H 1274 8.26 57.51 -42.73
C ARG H 1274 8.59 58.57 -41.68
N GLU H 1275 9.71 58.37 -40.98
CA GLU H 1275 10.20 59.35 -40.01
C GLU H 1275 11.47 60.04 -40.52
N LEU H 1276 11.65 60.07 -41.84
CA LEU H 1276 12.77 60.78 -42.47
C LEU H 1276 14.12 60.28 -41.97
N SER H 1277 14.72 61.01 -41.04
CA SER H 1277 16.03 60.69 -40.47
C SER H 1277 17.12 60.77 -41.54
N ALA H 1278 17.12 59.81 -42.47
CA ALA H 1278 18.04 59.77 -43.62
C ALA H 1278 19.46 59.64 -43.07
N GLY H 1279 20.43 60.42 -43.56
CA GLY H 1279 21.80 60.27 -43.12
C GLY H 1279 22.05 60.65 -41.68
N LEU H 1280 21.07 61.28 -41.03
CA LEU H 1280 21.22 61.64 -39.63
C LEU H 1280 21.34 60.40 -38.74
N VAL H 1281 20.77 59.27 -39.18
CA VAL H 1281 20.86 58.03 -38.42
C VAL H 1281 22.32 57.57 -38.32
N GLY H 1282 23.06 57.65 -39.43
CA GLY H 1282 24.43 57.17 -39.43
C GLY H 1282 25.31 57.87 -38.42
N LEU H 1283 24.99 59.12 -38.07
CA LEU H 1283 25.77 59.84 -37.07
C LEU H 1283 25.66 59.18 -35.71
N GLY H 1284 24.44 58.79 -35.32
CA GLY H 1284 24.26 58.20 -34.00
C GLY H 1284 24.95 56.87 -33.83
N LEU H 1285 25.00 56.08 -34.91
CA LEU H 1285 25.57 54.74 -34.81
C LEU H 1285 27.08 54.79 -34.58
N THR H 1286 27.74 55.81 -35.13
CA THR H 1286 29.18 55.96 -34.87
C THR H 1286 29.44 56.22 -33.39
N TYR H 1287 28.61 57.06 -32.76
CA TYR H 1287 28.73 57.28 -31.33
C TYR H 1287 28.37 56.01 -30.55
N ALA H 1288 27.38 55.25 -31.03
CA ALA H 1288 26.97 54.04 -30.34
C ALA H 1288 28.11 53.04 -30.25
N LEU H 1289 28.91 52.92 -31.32
CA LEU H 1289 30.07 52.05 -31.28
C LEU H 1289 31.09 52.51 -30.24
N MET H 1290 31.18 53.82 -30.01
CA MET H 1290 32.12 54.35 -29.03
C MET H 1290 31.59 54.23 -27.60
N VAL H 1291 30.30 53.98 -27.42
CA VAL H 1291 29.72 53.94 -26.08
C VAL H 1291 30.39 52.85 -25.25
N SER H 1292 30.57 51.66 -25.84
CA SER H 1292 31.22 50.58 -25.12
C SER H 1292 32.67 50.92 -24.79
N ASN H 1293 33.39 51.52 -25.75
CA ASN H 1293 34.79 51.83 -25.52
C ASN H 1293 34.97 52.87 -24.42
N TYR H 1294 34.13 53.91 -24.41
CA TYR H 1294 34.25 54.93 -23.39
C TYR H 1294 33.68 54.48 -22.06
N LEU H 1295 32.78 53.48 -22.07
CA LEU H 1295 32.23 52.97 -20.82
C LEU H 1295 33.32 52.33 -19.97
N ASN H 1296 34.23 51.58 -20.59
CA ASN H 1296 35.35 51.00 -19.86
C ASN H 1296 36.26 52.10 -19.31
N TRP H 1297 36.50 53.14 -20.10
CA TRP H 1297 37.40 54.21 -19.68
C TRP H 1297 36.85 54.97 -18.48
N MET H 1298 35.54 55.21 -18.47
CA MET H 1298 34.93 55.94 -17.35
C MET H 1298 35.06 55.15 -16.05
N VAL H 1299 34.81 53.85 -16.09
CA VAL H 1299 34.91 53.03 -14.89
C VAL H 1299 36.36 52.92 -14.43
N ARG H 1300 37.29 52.85 -15.39
CA ARG H 1300 38.71 52.77 -15.04
C ARG H 1300 39.15 53.99 -14.26
N ASN H 1301 38.74 55.18 -14.68
CA ASN H 1301 39.12 56.40 -13.99
C ASN H 1301 38.42 56.54 -12.65
N LEU H 1302 37.20 56.03 -12.52
CA LEU H 1302 36.48 56.13 -11.25
C LEU H 1302 37.22 55.38 -10.15
N ALA H 1303 37.75 54.20 -10.46
CA ALA H 1303 38.56 53.48 -9.48
C ALA H 1303 39.84 54.23 -9.17
N ASP H 1304 40.45 54.85 -10.18
CA ASP H 1304 41.65 55.65 -9.96
C ASP H 1304 41.37 56.85 -9.08
N MET H 1305 40.20 57.48 -9.26
CA MET H 1305 39.85 58.63 -8.44
C MET H 1305 39.63 58.25 -6.98
N GLU H 1306 39.38 56.96 -6.71
CA GLU H 1306 39.24 56.51 -5.33
C GLU H 1306 40.56 56.67 -4.58
N ILE H 1307 41.68 56.42 -5.24
CA ILE H 1307 42.98 56.69 -4.66
C ILE H 1307 43.12 58.18 -4.37
N GLN H 1308 42.68 59.02 -5.30
CA GLN H 1308 42.68 60.46 -5.07
C GLN H 1308 41.72 60.82 -3.94
N LEU H 1309 40.58 60.15 -3.87
CA LEU H 1309 39.62 60.41 -2.79
C LEU H 1309 40.23 60.06 -1.44
N GLY H 1310 40.97 58.95 -1.37
CA GLY H 1310 41.66 58.62 -0.13
C GLY H 1310 42.91 59.45 0.10
N ALA H 1311 43.45 60.04 -0.97
CA ALA H 1311 44.65 60.87 -0.82
C ALA H 1311 44.39 62.09 0.04
N VAL H 1312 43.24 62.75 -0.17
CA VAL H 1312 42.90 63.91 0.65
C VAL H 1312 42.53 63.50 2.07
N LYS H 1313 42.18 62.23 2.29
CA LYS H 1313 41.85 61.78 3.65
C LYS H 1313 43.08 61.84 4.55
N ARG H 1314 44.25 61.46 4.03
CA ARG H 1314 45.48 61.58 4.81
C ARG H 1314 45.81 63.03 5.13
N ILE H 1315 45.39 63.97 4.30
CA ILE H 1315 45.64 65.38 4.53
C ILE H 1315 44.54 66.01 5.38
N HIS H 1316 43.28 65.59 5.17
CA HIS H 1316 42.18 66.16 5.93
C HIS H 1316 42.31 65.85 7.41
O12 PT5 I . -23.66 1.06 1.14
P1 PT5 I . -23.26 2.46 0.74
O13 PT5 I . -24.26 3.00 -0.47
O11 PT5 I . -21.84 2.45 0.23
O6 PT5 I . -22.43 0.93 3.43
O1 PT5 I . -23.38 3.47 2.05
C1 PT5 I . -23.74 2.94 3.30
C6 PT5 I . -22.47 2.27 3.86
C2 PT5 I . -24.38 4.07 4.13
O2 PT5 I . -23.97 5.30 3.61
C3 PT5 I . -24.06 4.06 5.64
O3 PT5 I . -24.31 5.35 6.17
C4 PT5 I . -22.61 3.67 5.93
O4 PT5 I . -22.38 3.72 7.32
P4 PT5 I . -20.89 4.24 7.87
O41 PT5 I . -20.36 3.26 8.89
O42 PT5 I . -19.92 4.34 6.71
O43 PT5 I . -21.04 5.61 8.50
C5 PT5 I . -22.36 2.27 5.39
O5 PT5 I . -21.07 1.84 5.76
P5 PT5 I . -20.83 0.23 6.11
O52 PT5 I . -20.20 -0.45 4.91
O51 PT5 I . -19.91 0.11 7.31
O53 PT5 I . -22.16 -0.41 6.42
C7 PT5 I . -23.68 3.57 -1.61
C8 PT5 I . -24.10 2.74 -2.84
C9 PT5 I . -25.61 2.82 -3.01
O16 PT5 I . -23.47 3.21 -4.00
C10 PT5 I . -22.53 2.32 -4.57
O17 PT5 I . -21.90 1.59 -3.87
O18 PT5 I . -26.00 4.18 -2.96
C11 PT5 I . -26.16 4.78 -4.23
O19 PT5 I . -26.74 4.19 -5.09
C12 PT5 I . -22.33 2.29 -6.10
C13 PT5 I . -23.51 1.52 -6.75
C14 PT5 I . -24.68 2.48 -7.04
C15 PT5 I . -26.00 1.66 -7.09
C16 PT5 I . -26.95 2.17 -7.89
C17 PT5 I . -28.38 2.09 -8.52
C18 PT5 I . -28.83 3.43 -9.17
C19 PT5 I . -30.13 3.66 -8.92
C20 PT5 I . -29.98 4.98 -9.76
C21 PT5 I . -30.50 5.36 -11.18
C22 PT5 I . -31.84 5.54 -11.23
C23 PT5 I . -33.25 5.61 -10.61
C24 PT5 I . -34.29 5.28 -11.67
C31 PT5 I . -25.61 6.18 -4.51
C32 PT5 I . -25.35 6.35 -6.02
C33 PT5 I . -24.78 7.74 -6.30
C34 PT5 I . -25.94 8.72 -6.57
C35 PT5 I . -25.46 9.80 -7.53
C36 PT5 I . -26.68 10.60 -8.04
C37 PT5 I . -26.20 11.91 -8.66
C38 PT5 I . -27.07 13.08 -8.14
C39 PT5 I . -27.20 14.15 -9.24
C40 PT5 I . -28.67 14.64 -9.32
C25 PT5 I . -35.57 5.61 -11.51
C26 PT5 I . -36.59 5.27 -12.59
C27 PT5 I . -36.98 6.53 -13.35
C28 PT5 I . -37.80 6.17 -14.59
C29 PT5 I . -38.16 7.44 -15.37
C30 PT5 I . -39.34 7.15 -16.29
C41 PT5 I . -28.69 16.19 -9.34
C42 PT5 I . -28.14 16.70 -10.71
C43 PT5 I . -28.71 18.09 -11.03
C44 PT5 I . -29.06 18.17 -12.53
C45 PT5 I . -29.15 19.65 -12.99
C46 PT5 I . -27.73 20.24 -13.11
C47 PT5 I . -27.76 21.43 -14.11
K K J . -12.13 6.44 -21.36
K K K . -17.82 9.47 -31.37
K K L . -14.79 7.86 -26.05
K K M . -20.26 10.76 -35.66
O12 PT5 N . -5.15 27.62 7.48
P1 PT5 N . -4.10 27.99 6.46
O13 PT5 N . -4.84 28.64 5.12
O11 PT5 N . -3.34 26.75 6.05
O6 PT5 N . -2.47 28.12 10.44
O1 PT5 N . -3.05 29.10 7.09
C1 PT5 N . -3.12 29.37 8.47
C6 PT5 N . -2.03 28.53 9.15
C2 PT5 N . -3.01 30.88 8.71
O2 PT5 N . -2.41 31.48 7.59
C3 PT5 N . -2.19 31.23 9.97
O3 PT5 N . -2.12 32.63 10.10
C4 PT5 N . -0.76 30.67 9.89
O4 PT5 N . -0.14 30.71 11.16
P4 PT5 N . -0.48 29.61 12.37
O41 PT5 N . -1.92 29.14 12.31
O42 PT5 N . 0.44 28.42 12.26
O43 PT5 N . -0.26 30.27 13.72
C5 PT5 N . -0.67 29.26 9.28
O5 PT5 N . -0.13 29.38 7.98
P5 PT5 N . 0.35 28.03 7.14
O52 PT5 N . 1.67 28.30 6.45
O51 PT5 N . -0.69 27.68 6.10
O53 PT5 N . 0.51 26.87 8.09
C7 PT5 N . -4.01 28.96 4.04
C8 PT5 N . -4.14 27.90 2.92
C9 PT5 N . -5.25 26.90 3.29
O16 PT5 N . -4.45 28.54 1.71
C10 PT5 N . -3.70 29.70 1.43
O17 PT5 N . -2.51 29.66 1.44
O18 PT5 N . -5.07 25.71 2.55
C11 PT5 N . -6.22 25.33 1.82
O19 PT5 N . -7.20 24.96 2.40
C12 PT5 N . -4.41 31.03 1.08
C13 PT5 N . -4.20 31.32 -0.41
C14 PT5 N . -5.53 31.12 -1.19
C15 PT5 N . -5.45 31.97 -2.49
C16 PT5 N . -6.41 31.65 -3.38
C17 PT5 N . -7.64 30.84 -3.88
C18 PT5 N . -7.29 30.18 -5.24
C19 PT5 N . -8.09 30.58 -6.23
C20 PT5 N . -7.25 29.64 -7.15
C21 PT5 N . -7.59 28.27 -7.81
C22 PT5 N . -8.35 28.40 -8.91
C23 PT5 N . -9.12 29.23 -9.96
C24 PT5 N . -10.43 28.52 -10.31
C31 PT5 N . -6.21 25.38 0.29
C32 PT5 N . -7.23 24.36 -0.27
C33 PT5 N . -7.30 24.51 -1.79
C34 PT5 N . -7.71 25.95 -2.15
C35 PT5 N . -8.37 25.97 -3.53
C36 PT5 N . -9.51 24.94 -3.58
C37 PT5 N . -9.34 24.02 -4.80
C38 PT5 N . -10.72 23.47 -5.20
C39 PT5 N . -11.55 24.58 -5.88
C40 PT5 N . -12.08 24.07 -7.24
C25 PT5 N . -11.58 29.01 -9.87
C26 PT5 N . -12.89 28.32 -10.21
C27 PT5 N . -13.91 29.34 -10.71
C28 PT5 N . -13.38 30.01 -11.98
C29 PT5 N . -14.47 30.86 -12.62
C30 PT5 N . -14.12 31.17 -14.07
C41 PT5 N . -13.27 23.09 -6.99
C42 PT5 N . -13.49 22.21 -8.25
C43 PT5 N . -14.13 20.86 -7.84
C44 PT5 N . -13.43 20.30 -6.57
C45 PT5 N . -12.17 19.51 -6.98
C46 PT5 N . -11.73 18.59 -5.82
C47 PT5 N . -10.56 17.69 -6.29
C2 PEF O . -22.36 33.78 14.50
C1 PEF O . -22.38 34.16 15.97
N PEF O . -17.29 32.12 18.21
C3 PEF O . -22.95 32.39 14.30
C4 PEF O . -18.62 34.14 18.33
C5 PEF O . -18.65 32.63 18.20
C10 PEF O . -24.35 35.12 13.94
C11 PEF O . -24.88 36.43 13.32
C12 PEF O . -26.41 36.47 13.46
C13 PEF O . -27.06 35.53 12.42
C14 PEF O . -28.18 36.28 11.65
C15 PEF O . -29.55 35.69 12.02
C16 PEF O . -30.65 36.72 11.65
C17 PEF O . -31.93 35.98 11.21
C18 PEF O . -32.29 34.89 12.24
C30 PEF O . -24.69 31.42 13.04
C31 PEF O . -25.32 31.05 11.71
C32 PEF O . -26.84 31.15 11.83
C33 PEF O . -27.42 31.60 10.49
O4 PEF O . -25.07 34.48 14.61
O5 PEF O . -25.08 30.92 14.04
O2 PEF O . -23.01 34.74 13.68
O3 PEF O . -23.64 32.35 13.08
O1P PEF O . -19.55 36.75 16.52
O2P PEF O . -19.36 34.51 15.52
O3P PEF O . -21.71 35.37 16.15
O4P PEF O . -19.89 34.68 18.02
P PEF O . -20.10 35.34 16.54
C P5S P . -17.08 27.41 15.15
N P5S P . -17.12 27.32 17.68
O P5S P . -15.99 28.01 15.03
C1 P5S P . -21.10 30.36 10.77
C2 P5S P . -21.75 29.31 11.64
C3 P5S P . -20.94 28.91 12.87
CA P5S P . -17.86 27.60 16.47
CB P5S P . -18.37 29.04 16.51
OG P5S P . -19.49 29.20 15.66
P12 P5S P . -19.59 30.43 14.59
O13 P5S P . -18.52 30.35 13.55
O15 P5S P . -19.83 31.70 15.33
O16 P5S P . -20.96 29.95 13.82
C17 P5S P . -21.78 32.45 9.96
O18 P5S P . -20.69 32.91 10.19
O19 P5S P . -22.09 31.20 10.19
C20 P5S P . -22.92 33.23 9.38
C21 P5S P . -22.70 34.73 9.43
C22 P5S P . -23.98 35.50 9.21
C23 P5S P . -24.45 35.41 7.77
C24 P5S P . -25.95 35.56 7.59
C25 P5S P . -26.31 36.66 6.60
C26 P5S P . -27.81 36.88 6.45
C27 P5S P . -28.12 38.24 5.82
C28 P5S P . -29.58 38.39 5.41
C29 P5S P . -29.88 39.76 4.82
C30 P5S P . -31.17 39.79 4.01
C31 P5S P . -31.47 41.17 3.41
C32 P5S P . -32.48 41.12 2.27
C33 P5S P . -33.59 40.11 2.50
C34 P5S P . -34.59 40.01 1.36
O37 P5S P . -22.09 28.16 10.85
C38 P5S P . -22.27 28.24 9.54
C39 P5S P . -23.70 28.53 9.19
C40 P5S P . -23.90 28.86 7.72
C41 P5S P . -25.33 29.28 7.42
C42 P5S P . -25.42 30.10 6.14
C43 P5S P . -26.76 30.80 5.96
C44 P5S P . -26.69 31.93 4.93
C45 P5S P . -28.03 32.62 4.69
C46 P5S P . -29.08 31.69 4.11
O47 P5S P . -21.39 28.08 8.72
C48 P5S P . -30.25 32.43 3.46
C49 P5S P . -30.86 33.49 4.37
C50 P5S P . -30.78 34.89 3.80
C51 P5S P . -31.49 35.05 2.46
C52 P5S P . -33.00 35.06 2.59
C53 P5S P . -33.71 35.37 1.27
C54 P5S P . -35.20 35.63 1.44
OXT P5S P . -17.62 26.67 14.30
C P5S Q . -15.44 50.62 18.69
N P5S Q . -15.79 49.00 20.61
O P5S Q . -14.28 50.84 18.27
C1 P5S Q . -23.33 48.61 17.97
C2 P5S Q . -21.84 48.70 17.79
C3 P5S Q . -21.03 48.40 19.03
CA P5S Q . -15.78 49.19 19.18
CB P5S Q . -17.14 48.81 18.59
OG P5S Q . -18.04 48.31 19.56
P12 P5S Q . -18.99 49.29 20.47
O13 P5S Q . -18.40 50.66 20.62
O15 P5S Q . -19.45 48.53 21.67
O16 P5S Q . -20.22 49.49 19.41
C17 P5S Q . -25.11 47.89 16.61
O18 P5S Q . -25.48 47.13 17.47
O19 P5S Q . -23.99 48.60 16.71
C20 P5S Q . -25.82 48.14 15.31
C21 P5S Q . -26.87 47.09 15.00
C22 P5S Q . -26.53 46.30 13.75
C23 P5S Q . -27.61 46.42 12.68
C24 P5S Q . -27.54 45.35 11.59
C25 P5S Q . -28.82 45.32 10.76
C26 P5S Q . -29.09 43.99 10.07
C27 P5S Q . -30.53 43.89 9.56
C28 P5S Q . -31.06 42.47 9.47
O37 P5S Q . -21.55 49.99 17.25
C38 P5S Q . -20.55 50.13 16.38
C39 P5S Q . -20.95 50.96 15.19
C40 P5S Q . -22.28 50.53 14.61
C41 P5S Q . -22.67 51.30 13.35
C42 P5S Q . -24.01 50.81 12.81
C43 P5S Q . -24.47 51.51 11.53
C44 P5S Q . -25.78 50.93 11.02
C45 P5S Q . -26.10 51.29 9.58
C46 P5S Q . -26.81 50.16 8.84
O47 P5S Q . -19.45 49.63 16.52
C48 P5S Q . -27.24 50.54 7.43
C49 P5S Q . -27.91 49.38 6.69
C50 P5S Q . -28.72 49.85 5.48
C51 P5S Q . -29.15 48.71 4.56
C52 P5S Q . -29.84 47.56 5.28
C53 P5S Q . -30.57 46.64 4.33
C54 P5S Q . -30.77 45.22 4.87
C55 P5S Q . -31.88 45.11 5.91
C56 P5S Q . -32.24 43.67 6.22
OXT P5S Q . -16.37 51.46 18.74
C1 NAG R . -36.78 42.88 -34.63
C2 NAG R . -37.56 43.34 -35.85
C3 NAG R . -38.59 44.42 -35.46
C4 NAG R . -38.02 45.40 -34.43
C5 NAG R . -37.40 44.67 -33.24
C6 NAG R . -38.12 44.96 -31.95
C7 NAG R . -36.02 43.04 -37.74
C8 NAG R . -35.13 43.72 -38.73
N2 NAG R . -36.67 43.84 -36.88
O3 NAG R . -39.76 43.80 -34.94
O4 NAG R . -37.02 46.21 -35.05
O5 NAG R . -37.46 43.26 -33.46
O6 NAG R . -37.22 45.40 -30.94
O7 NAG R . -36.14 41.81 -37.70
O12 PT5 S . -3.89 23.14 -3.43
P1 PT5 S . -3.06 22.75 -4.62
O13 PT5 S . -3.69 23.42 -6.00
O11 PT5 S . -3.07 21.24 -4.77
O6 PT5 S . -2.21 22.57 -1.54
O1 PT5 S . -1.50 23.27 -4.42
C1 PT5 S . -1.15 23.91 -3.22
C6 PT5 S . -0.97 22.80 -2.17
C2 PT5 S . 0.07 24.82 -3.50
O2 PT5 S . 0.70 24.37 -4.67
C3 PT5 S . 1.14 24.92 -2.39
O3 PT5 S . 2.34 25.38 -2.95
C4 PT5 S . 1.38 23.58 -1.70
O4 PT5 S . 2.37 23.72 -0.71
P4 PT5 S . 3.45 22.47 -0.47
O41 PT5 S . 3.54 22.17 1.01
O42 PT5 S . 2.98 21.24 -1.21
O43 PT5 S . 4.81 22.87 -0.98
C5 PT5 S . 0.07 23.10 -1.07
O5 PT5 S . 0.30 21.93 -0.32
P5 PT5 S . -0.57 21.69 1.07
O52 PT5 S . -1.71 20.72 0.79
O51 PT5 S . 0.34 21.11 2.14
O53 PT5 S . -1.14 23.01 1.54
C7 PT5 S . -3.90 22.59 -7.12
C8 PT5 S . -5.40 22.63 -7.47
C9 PT5 S . -5.78 24.04 -7.88
O16 PT5 S . -5.67 21.75 -8.54
C10 PT5 S . -6.47 20.64 -8.18
O17 PT5 S . -6.40 20.17 -7.09
O18 PT5 S . -4.86 24.52 -8.84
C11 PT5 S . -5.31 24.38 -10.18
O19 PT5 S . -6.42 24.67 -10.46
C12 PT5 S . -7.44 20.04 -9.23
C13 PT5 S . -8.69 20.95 -9.32
C14 PT5 S . -8.46 22.06 -10.37
C15 PT5 S . -9.39 23.26 -10.03
C16 PT5 S . -9.76 24.01 -11.08
C17 PT5 S . -10.56 25.21 -11.68
C18 PT5 S . -10.12 25.56 -13.13
C19 PT5 S . -10.09 26.88 -13.31
C20 PT5 S . -9.66 26.61 -14.79
C21 PT5 S . -10.43 26.75 -16.13
C22 PT5 S . -10.64 28.03 -16.50
C23 PT5 S . -10.51 29.57 -16.31
C24 PT5 S . -11.69 30.26 -17.00
C31 PT5 S . -4.35 23.85 -11.26
C32 PT5 S . -5.16 23.22 -12.40
C33 PT5 S . -4.21 22.69 -13.48
C34 PT5 S . -3.94 23.80 -14.53
C35 PT5 S . -3.69 23.15 -15.89
C36 PT5 S . -3.73 24.25 -16.96
C37 PT5 S . -3.08 23.71 -18.25
C38 PT5 S . -2.10 24.75 -18.81
C39 PT5 S . -2.07 24.65 -20.36
C40 PT5 S . -2.11 26.07 -20.97
C25 PT5 S . -11.63 31.55 -17.30
C26 PT5 S . -12.82 32.23 -17.97
C27 PT5 S . -12.49 32.49 -19.45
C28 PT5 S . -13.76 32.91 -20.19
C29 PT5 S . -13.43 33.14 -21.67
C30 PT5 S . -14.52 34.01 -22.31
C41 PT5 S . -1.02 26.20 -22.07
C42 PT5 S . -1.42 25.33 -23.29
C43 PT5 S . -0.75 25.89 -24.57
C44 PT5 S . -1.78 25.82 -25.74
C45 PT5 S . -1.03 25.89 -27.09
C46 PT5 S . -0.36 24.53 -27.38
C47 PT5 S . -0.17 24.37 -28.91
O12 PT5 T . 13.53 4.34 -19.00
P1 PT5 T . 12.65 3.20 -19.45
O13 PT5 T . 12.09 3.49 -20.99
O11 PT5 T . 11.47 3.08 -18.52
O6 PT5 T . 14.73 3.18 -17.03
O1 PT5 T . 13.52 1.78 -19.43
C1 PT5 T . 14.85 1.81 -18.98
C6 PT5 T . 14.78 1.84 -17.44
C2 PT5 T . 15.59 0.62 -19.63
O2 PT5 T . 14.65 -0.33 -20.05
C3 PT5 T . 16.64 -0.11 -18.76
O3 PT5 T . 16.88 -1.39 -19.28
C4 PT5 T . 16.18 -0.25 -17.30
O4 PT5 T . 17.16 -0.93 -16.55
P4 PT5 T . 16.66 -1.99 -15.36
O41 PT5 T . 17.44 -1.69 -14.09
O42 PT5 T . 15.19 -1.81 -15.10
O43 PT5 T . 16.92 -3.41 -15.80
C5 PT5 T . 15.95 1.15 -16.72
O5 PT5 T . 15.65 1.05 -15.35
P5 PT5 T . 16.19 2.25 -14.33
O52 PT5 T . 15.05 3.20 -14.03
O51 PT5 T . 16.68 1.62 -13.04
O53 PT5 T . 17.32 3.00 -15.00
C7 PT5 T . 10.72 3.34 -21.24
C8 PT5 T . 10.16 4.69 -21.73
C9 PT5 T . 10.82 5.04 -23.05
O16 PT5 T . 8.77 4.61 -21.91
C10 PT5 T . 8.02 5.40 -21.02
O17 PT5 T . 8.41 5.59 -19.91
O18 PT5 T . 10.74 3.93 -23.93
C11 PT5 T . 9.66 3.99 -24.84
O19 PT5 T . 9.43 5.01 -25.41
C12 PT5 T . 6.68 6.02 -21.48
C13 PT5 T . 6.99 7.25 -22.36
C14 PT5 T . 7.16 6.83 -23.85
C15 PT5 T . 8.04 7.89 -24.56
C16 PT5 T . 7.78 8.02 -25.88
C17 PT5 T . 8.07 8.71 -27.26
C18 PT5 T . 7.47 7.93 -28.46
C19 PT5 T . 8.32 7.93 -29.50
C20 PT5 T . 7.25 7.11 -30.28
C21 PT5 T . 6.30 7.50 -31.45
C22 PT5 T . 6.93 7.69 -32.63
C23 PT5 T . 8.19 7.71 -33.54
C24 PT5 T . 7.97 8.71 -34.68
C31 PT5 T . 8.80 2.75 -25.10
C32 PT5 T . 7.40 3.19 -25.59
C33 PT5 T . 6.53 1.96 -25.85
C34 PT5 T . 6.71 1.49 -27.31
C35 PT5 T . 5.41 0.85 -27.79
C36 PT5 T . 5.49 0.67 -29.31
C37 PT5 T . 4.40 -0.32 -29.76
C38 PT5 T . 5.01 -1.35 -30.73
C39 PT5 T . 3.93 -1.79 -31.74
C40 PT5 T . 4.55 -1.83 -33.18
C25 PT5 T . 8.72 8.66 -35.77
C26 PT5 T . 8.49 9.66 -36.89
C27 PT5 T . 7.78 8.98 -38.07
C28 PT5 T . 7.32 10.03 -39.07
C29 PT5 T . 6.58 9.34 -40.23
C30 PT5 T . 6.55 10.27 -41.45
C41 PT5 T . 4.16 -3.16 -33.86
C42 PT5 T . 2.64 -3.15 -34.19
C43 PT5 T . 2.35 -4.10 -35.38
C44 PT5 T . 1.32 -3.43 -36.32
C45 PT5 T . 0.64 -4.50 -37.21
C46 PT5 T . -0.37 -5.31 -36.38
C47 PT5 T . -1.45 -5.91 -37.32
O12 PT5 U . -6.23 -17.75 -14.43
P1 PT5 U . -7.55 -17.10 -14.09
O13 PT5 U . -8.48 -16.95 -15.46
O11 PT5 U . -7.30 -15.72 -13.52
O6 PT5 U . -5.49 -18.46 -12.06
O1 PT5 U . -8.36 -18.02 -12.97
C1 PT5 U . -7.74 -19.18 -12.47
C6 PT5 U . -6.73 -18.70 -11.40
C2 PT5 U . -8.85 -20.15 -12.00
O2 PT5 U . -10.02 -19.41 -11.78
C3 PT5 U . -8.56 -20.97 -10.72
O3 PT5 U . -9.77 -21.43 -10.17
C4 PT5 U . -7.81 -20.15 -9.67
O4 PT5 U . -7.59 -20.94 -8.52
P4 PT5 U . -7.68 -20.21 -7.01
O41 PT5 U . -6.46 -20.60 -6.21
O42 PT5 U . -7.72 -18.71 -7.18
O43 PT5 U . -8.94 -20.67 -6.31
C5 PT5 U . -6.48 -19.69 -10.25
O5 PT5 U . -5.72 -19.04 -9.26
P5 PT5 U . -4.07 -19.21 -9.29
O52 PT5 U . -3.44 -17.97 -9.90
O51 PT5 U . -3.56 -19.38 -7.87
O53 PT5 U . -3.71 -20.43 -10.11
C7 PT5 U . -9.06 -15.71 -15.74
C8 PT5 U . -8.54 -15.21 -17.10
C9 PT5 U . -9.00 -16.18 -18.18
O16 PT5 U . -9.04 -13.93 -17.38
C10 PT5 U . -8.05 -12.92 -17.41
O17 PT5 U . -7.10 -12.99 -16.70
O18 PT5 U . -10.39 -16.40 -18.05
C11 PT5 U . -11.19 -15.60 -18.90
O19 PT5 U . -10.89 -15.47 -20.04
C12 PT5 U . -8.21 -11.71 -18.36
C13 PT5 U . -7.83 -12.16 -19.79
C14 PT5 U . -9.08 -12.75 -20.52
C15 PT5 U . -8.58 -13.71 -21.63
C16 PT5 U . -9.41 -13.80 -22.70
C17 PT5 U . -9.75 -14.41 -24.10
C18 PT5 U . -11.24 -14.20 -24.50
C19 PT5 U . -11.72 -15.29 -25.11
C20 PT5 U . -13.08 -14.52 -25.25
C21 PT5 U . -13.77 -13.89 -26.50
C22 PT5 U . -14.26 -14.80 -27.36
C23 PT5 U . -14.56 -16.25 -27.83
C24 PT5 U . -14.64 -16.27 -29.35
C31 PT5 U . -12.46 -14.91 -18.35
C32 PT5 U . -12.78 -13.67 -19.21
C33 PT5 U . -14.03 -12.99 -18.67
C34 PT5 U . -15.28 -13.58 -19.35
C35 PT5 U . -16.36 -12.49 -19.44
C36 PT5 U . -17.47 -12.98 -20.38
C37 PT5 U . -18.73 -12.12 -20.17
C38 PT5 U . -19.96 -13.02 -20.05
C39 PT5 U . -21.19 -12.28 -20.63
C40 PT5 U . -22.02 -13.25 -21.52
C25 PT5 U . -15.22 -17.28 -29.99
C26 PT5 U . -15.28 -17.30 -31.51
C27 PT5 U . -16.71 -16.97 -31.98
C28 PT5 U . -16.72 -16.73 -33.48
C29 PT5 U . -18.14 -16.37 -33.93
C30 PT5 U . -18.28 -16.60 -35.44
C41 PT5 U . -23.52 -13.16 -21.14
C42 PT5 U . -24.07 -11.78 -21.61
C43 PT5 U . -25.59 -11.87 -21.84
C44 PT5 U . -25.97 -11.09 -23.12
C45 PT5 U . -27.48 -10.74 -23.11
C46 PT5 U . -27.75 -9.60 -22.11
C47 PT5 U . -29.04 -8.85 -22.52
O12 PT5 V . -26.65 -7.11 9.21
P1 PT5 V . -26.90 -5.62 9.27
O13 PT5 V . -27.89 -5.17 8.02
O11 PT5 V . -25.59 -4.87 9.14
O6 PT5 V . -26.06 -7.18 13.19
O1 PT5 V . -27.64 -5.23 10.71
C1 PT5 V . -27.70 -6.22 11.71
C6 PT5 V . -26.54 -5.95 12.69
C2 PT5 V . -29.10 -6.20 12.35
O2 PT5 V . -29.71 -4.95 12.11
C3 PT5 V . -29.06 -6.45 13.87
O3 PT5 V . -30.37 -6.41 14.38
C4 PT5 V . -28.20 -5.41 14.60
O4 PT5 V . -27.91 -5.84 15.92
P4 PT5 V . -26.75 -7.01 16.26
O41 PT5 V . -26.64 -8.02 15.14
O42 PT5 V . -25.41 -6.33 16.46
O43 PT5 V . -27.13 -7.73 17.53
C5 PT5 V . -26.92 -5.01 13.85
O5 PT5 V . -27.10 -3.72 13.32
P5 PT5 V . -25.82 -2.89 12.69
O52 PT5 V . -25.89 -1.44 13.13
O51 PT5 V . -25.88 -2.94 11.17
O53 PT5 V . -24.52 -3.50 13.16
C7 PT5 V . -28.16 -3.80 7.88
C8 PT5 V . -27.34 -3.20 6.72
C9 PT5 V . -26.59 -4.31 5.99
O16 PT5 V . -28.22 -2.56 5.83
C10 PT5 V . -29.20 -1.73 6.43
O17 PT5 V . -28.88 -0.89 7.21
O18 PT5 V . -25.50 -3.77 5.27
C11 PT5 V . -25.51 -4.12 3.90
O19 PT5 V . -25.29 -5.24 3.56
C12 PT5 V . -30.69 -1.93 6.08
C13 PT5 V . -31.15 -0.73 5.23
C14 PT5 V . -31.37 -1.17 3.76
C15 PT5 V . -32.37 -0.19 3.11
C16 PT5 V . -32.42 -0.27 1.77
C17 PT5 V . -31.98 -0.85 0.40
C18 PT5 V . -31.47 0.31 -0.51
C19 PT5 V . -32.19 0.44 -1.63
C20 PT5 V . -31.22 1.62 -1.97
C21 PT5 V . -30.07 1.75 -3.02
C22 PT5 V . -30.53 1.98 -4.26
C23 PT5 V . -31.67 2.21 -5.29
C24 PT5 V . -31.33 1.46 -6.58
C31 PT5 V . -25.79 -3.05 2.84
C32 PT5 V . -25.13 -3.45 1.51
C33 PT5 V . -25.50 -2.44 0.42
C34 PT5 V . -27.03 -2.39 0.27
C35 PT5 V . -27.41 -1.92 -1.12
C36 PT5 V . -26.68 -2.77 -2.17
C37 PT5 V . -25.95 -1.86 -3.17
C38 PT5 V . -25.79 -2.62 -4.50
C39 PT5 V . -27.15 -2.68 -5.23
C40 PT5 V . -26.98 -2.15 -6.68
C25 PT5 V . -32.00 0.35 -6.89
C26 PT5 V . -31.67 -0.40 -8.17
C27 PT5 V . -32.97 -0.72 -8.92
C28 PT5 V . -33.68 0.58 -9.29
C29 PT5 V . -34.84 0.27 -10.25
C30 PT5 V . -35.28 1.56 -10.95
C41 PT5 V . -26.28 -3.24 -7.54
C42 PT5 V . -25.67 -2.59 -8.81
C43 PT5 V . -24.45 -3.42 -9.29
C44 PT5 V . -23.56 -3.83 -8.09
C45 PT5 V . -22.57 -2.68 -7.76
C46 PT5 V . -21.42 -3.22 -6.89
C47 PT5 V . -20.36 -2.11 -6.70
C2 PEF W . -35.45 -23.95 4.52
C1 PEF W . -35.61 -24.96 5.65
N PEF W . -32.13 -22.97 10.03
C3 PEF W . -34.27 -24.33 3.62
C4 PEF W . -34.37 -23.88 9.78
C5 PEF W . -32.93 -23.90 9.26
C10 PEF W . -37.28 -24.90 3.18
C11 PEF W . -38.75 -24.77 2.73
C12 PEF W . -39.11 -25.97 1.84
C13 PEF W . -38.51 -25.77 0.43
C14 PEF W . -39.60 -26.00 -0.64
C15 PEF W . -39.30 -27.29 -1.44
C16 PEF W . -40.58 -27.75 -2.15
C17 PEF W . -40.23 -28.41 -3.49
C18 PEF W . -39.11 -29.45 -3.29
C30 PEF W . -33.92 -24.76 1.34
C31 PEF W . -33.91 -24.33 -0.12
C32 PEF W . -34.34 -25.49 -0.99
C33 PEF W . -35.10 -24.95 -2.20
O4 PEF W . -36.72 -25.93 3.01
O5 PEF W . -33.39 -25.77 1.66
O2 PEF W . -36.65 -23.78 3.78
O3 PEF W . -34.58 -23.98 2.30
O1P PEF W . -37.35 -23.13 8.57
O2P PEF W . -35.32 -22.45 7.39
O3P PEF W . -36.59 -24.51 6.54
O4P PEF W . -35.22 -24.54 8.87
P PEF W . -36.12 -23.62 7.85
C P5S X . -28.02 -20.99 6.75
N P5S X . -27.56 -22.79 8.48
O P5S X . -28.36 -20.10 7.55
C1 P5S X . -32.42 -20.68 1.80
C2 P5S X . -31.43 -21.82 1.71
C3 P5S X . -30.68 -22.11 2.99
CA P5S X . -28.19 -22.46 7.22
CB P5S X . -29.68 -22.75 7.30
OG P5S X . -30.22 -22.97 6.00
P12 P5S X . -31.58 -22.24 5.50
O13 P5S X . -31.41 -20.75 5.45
O15 P5S X . -32.75 -22.84 6.21
O16 P5S X . -31.53 -22.72 3.94
C17 P5S X . -34.71 -20.48 1.34
O18 P5S X . -34.87 -19.84 2.35
O19 P5S X . -33.54 -20.94 0.96
C20 P5S X . -35.81 -20.85 0.39
C21 P5S X . -37.19 -20.63 0.98
C22 P5S X . -38.26 -21.35 0.17
C23 P5S X . -38.49 -20.70 -1.18
C24 P5S X . -39.00 -21.65 -2.24
C25 P5S X . -40.29 -21.14 -2.89
C26 P5S X . -40.87 -22.11 -3.91
C27 P5S X . -42.33 -21.81 -4.22
C28 P5S X . -42.88 -22.57 -5.42
C29 P5S X . -44.36 -22.29 -5.67
C30 P5S X . -44.81 -22.65 -7.09
C31 P5S X . -46.28 -22.36 -7.34
C32 P5S X . -46.64 -22.30 -8.82
C33 P5S X . -45.87 -23.33 -9.66
C34 P5S X . -46.18 -23.27 -11.14
O37 P5S X . -30.51 -21.58 0.63
C38 P5S X . -30.83 -20.80 -0.40
C39 P5S X . -31.49 -21.58 -1.51
C40 P5S X . -32.07 -20.68 -2.59
C41 P5S X . -32.84 -21.47 -3.64
C42 P5S X . -33.85 -20.59 -4.37
C43 P5S X . -34.86 -21.40 -5.19
C44 P5S X . -36.08 -20.57 -5.58
C45 P5S X . -37.08 -21.31 -6.44
C46 P5S X . -36.52 -21.74 -7.79
O47 P5S X . -30.61 -19.61 -0.44
C48 P5S X . -37.59 -22.07 -8.81
C49 P5S X . -38.61 -23.08 -8.30
C50 P5S X . -40.03 -22.54 -8.27
C51 P5S X . -40.54 -22.12 -9.64
C52 P5S X . -40.88 -23.29 -10.54
C53 P5S X . -41.54 -22.87 -11.85
C54 P5S X . -42.10 -24.04 -12.65
OXT P5S X . -27.56 -20.84 5.61
C P5S Y . -49.45 -20.75 16.49
N P5S Y . -47.68 -22.43 17.19
O P5S Y . -49.43 -19.61 17.00
C1 P5S Y . -49.44 -26.08 10.27
C2 P5S Y . -49.19 -24.87 11.15
C3 P5S Y . -48.54 -25.17 12.48
CA P5S Y . -48.08 -21.42 16.22
CB P5S Y . -48.12 -22.02 14.81
OG P5S Y . -47.70 -23.36 14.77
P12 P5S Y . -48.71 -24.61 15.07
O13 P5S Y . -49.87 -24.21 15.92
O15 P5S Y . -47.90 -25.83 15.41
O16 P5S Y . -49.35 -24.77 13.56
C17 P5S Y . -49.35 -26.47 7.96
O18 P5S Y . -48.58 -27.38 8.13
O19 P5S Y . -49.76 -25.68 8.94
C20 P5S Y . -49.94 -26.07 6.63
C21 P5S Y . -49.22 -26.68 5.45
C22 P5S Y . -48.56 -25.62 4.57
C23 P5S Y . -49.08 -25.66 3.14
C24 P5S Y . -48.20 -24.93 2.14
C25 P5S Y . -48.59 -25.27 0.71
C26 P5S Y . -47.47 -25.08 -0.31
C27 P5S Y . -47.77 -25.75 -1.64
C28 P5S Y . -46.54 -26.17 -2.43
O37 P5S Y . -50.45 -24.21 11.29
C38 P5S Y . -50.49 -22.88 11.37
C39 P5S Y . -51.56 -22.30 10.49
C40 P5S Y . -51.53 -22.88 9.08
C41 P5S Y . -52.55 -22.25 8.14
C42 P5S Y . -52.47 -22.86 6.76
C43 P5S Y . -53.43 -22.27 5.73
C44 P5S Y . -53.24 -22.90 4.37
C45 P5S Y . -53.89 -22.12 3.22
C46 P5S Y . -53.07 -22.18 1.94
O47 P5S Y . -49.74 -22.22 12.04
C48 P5S Y . -53.74 -21.50 0.75
C49 P5S Y . -52.89 -21.54 -0.51
C50 P5S Y . -53.71 -21.25 -1.77
C51 P5S Y . -52.85 -21.01 -3.01
C52 P5S Y . -51.79 -22.07 -3.25
C53 P5S Y . -51.20 -22.00 -4.65
C54 P5S Y . -49.81 -22.61 -4.78
C55 P5S Y . -49.80 -24.12 -4.80
C56 P5S Y . -48.45 -24.70 -5.19
OXT P5S Y . -50.45 -21.41 16.14
C1 NAG Z . -54.81 0.19 -37.28
C2 NAG Z . -55.62 0.48 -38.54
C3 NAG Z . -56.82 -0.45 -38.65
C4 NAG Z . -57.48 -0.68 -37.30
C5 NAG Z . -56.48 -1.10 -36.24
C6 NAG Z . -56.71 -2.50 -35.70
C7 NAG Z . -55.25 2.88 -38.97
C8 NAG Z . -55.85 4.24 -38.93
N2 NAG Z . -56.04 1.88 -38.57
O3 NAG Z . -56.40 -1.70 -39.21
O4 NAG Z . -58.14 0.51 -36.87
O5 NAG Z . -55.15 -1.10 -36.80
O6 NAG Z . -56.78 -2.50 -34.28
O7 NAG Z . -54.10 2.68 -39.35
O12 PT5 AA . 2.12 -26.02 -12.88
P1 PT5 AA . 0.65 -26.14 -12.59
O13 PT5 AA . -0.20 -25.96 -14.00
O11 PT5 AA . 0.23 -25.07 -11.62
O6 PT5 AA . 2.93 -28.35 -9.68
O1 PT5 AA . 0.32 -27.64 -11.95
C1 PT5 AA . 1.41 -28.44 -11.55
C6 PT5 AA . 1.57 -28.27 -10.03
C2 PT5 AA . 1.17 -29.90 -12.01
O2 PT5 AA . -0.20 -30.08 -12.25
C3 PT5 AA . 1.65 -30.93 -10.98
O3 PT5 AA . 1.38 -32.22 -11.46
C4 PT5 AA . 0.95 -30.75 -9.62
O4 PT5 AA . 1.62 -31.48 -8.60
P4 PT5 AA . 3.05 -30.96 -7.91
O41 PT5 AA . 3.89 -30.16 -8.90
O42 PT5 AA . 2.74 -30.09 -6.72
O43 PT5 AA . 3.85 -32.16 -7.46
C5 PT5 AA . 0.75 -29.28 -9.20
O5 PT5 AA . -0.62 -28.97 -9.35
P5 PT5 AA . -1.22 -27.55 -8.74
O52 PT5 AA . -2.56 -27.81 -8.08
O51 PT5 AA . -1.40 -26.55 -9.86
O53 PT5 AA . -0.27 -26.98 -7.72
C7 PT5 AA . -1.60 -25.96 -13.89
C8 PT5 AA . -2.16 -24.54 -14.04
C9 PT5 AA . -1.02 -23.57 -14.35
O16 PT5 AA . -3.10 -24.50 -15.07
C10 PT5 AA . -4.04 -25.58 -15.07
O17 PT5 AA . -4.67 -25.82 -14.09
O18 PT5 AA . -1.40 -22.25 -14.00
C11 PT5 AA . -1.27 -21.33 -15.07
O19 PT5 AA . -0.20 -21.02 -15.47
C12 PT5 AA . -4.24 -26.41 -16.35
C13 PT5 AA . -5.62 -26.10 -16.94
C14 PT5 AA . -5.48 -25.25 -18.23
C15 PT5 AA . -6.75 -25.46 -19.08
C16 PT5 AA . -6.88 -24.57 -20.08
C17 PT5 AA . -6.42 -23.36 -20.93
C18 PT5 AA . -7.56 -22.29 -20.92
C19 PT5 AA . -8.00 -22.01 -22.16
C20 PT5 AA . -8.98 -21.01 -21.45
C21 PT5 AA . -8.99 -19.45 -21.40
C22 PT5 AA . -9.50 -18.91 -22.53
C23 PT5 AA . -10.13 -19.00 -23.94
C24 PT5 AA . -9.53 -17.91 -24.83
C31 PT5 AA . -2.53 -20.73 -15.72
C32 PT5 AA . -2.18 -19.35 -16.34
C33 PT5 AA . -3.40 -18.82 -17.08
C34 PT5 AA . -3.82 -19.81 -18.17
C35 PT5 AA . -4.57 -19.08 -19.28
C36 PT5 AA . -3.74 -17.89 -19.78
C37 PT5 AA . -4.60 -16.61 -19.76
C38 PT5 AA . -4.03 -15.62 -20.80
C39 PT5 AA . -4.39 -16.10 -22.22
C40 PT5 AA . -5.08 -14.95 -23.00
C25 PT5 AA . -8.65 -18.24 -25.77
C26 PT5 AA . -8.04 -17.17 -26.67
C27 PT5 AA . -8.15 -17.61 -28.14
C28 PT5 AA . -9.61 -17.79 -28.52
C29 PT5 AA . -9.73 -17.98 -30.03
C30 PT5 AA . -11.18 -17.72 -30.47
C41 PT5 AA . -4.00 -13.91 -23.43
C42 PT5 AA . -4.67 -12.56 -23.76
C43 PT5 AA . -3.66 -11.40 -23.52
C44 PT5 AA . -2.89 -11.62 -22.20
C45 PT5 AA . -3.72 -11.06 -21.01
C46 PT5 AA . -2.81 -10.87 -19.78
C47 PT5 AA . -3.60 -10.16 -18.65
C2 PEF BA . 15.62 -30.19 -26.41
C1 PEF BA . 16.74 -31.15 -25.98
N PEF BA . 16.26 -31.55 -20.07
C3 PEF BA . 16.12 -28.74 -26.37
C4 PEF BA . 16.59 -33.04 -21.96
C5 PEF BA . 16.86 -31.65 -21.40
C10 PEF BA . 15.93 -30.64 -28.80
C11 PEF BA . 15.39 -31.38 -30.05
C12 PEF BA . 16.34 -31.09 -31.24
C13 PEF BA . 16.08 -29.68 -31.79
C14 PEF BA . 15.88 -29.74 -33.32
C15 PEF BA . 17.07 -29.05 -34.03
C16 PEF BA . 17.12 -29.52 -35.49
C17 PEF BA . 17.64 -28.38 -36.40
C18 PEF BA . 18.93 -27.78 -35.79
C30 PEF BA . 16.29 -26.94 -27.87
C31 PEF BA . 15.65 -25.90 -28.77
C32 PEF BA . 16.55 -25.67 -29.99
C33 PEF BA . 15.67 -25.35 -31.20
O4 PEF BA . 17.01 -30.18 -28.84
O5 PEF BA . 17.43 -26.84 -27.56
O2 PEF BA . 15.08 -30.51 -27.68
O3 PEF BA . 15.53 -28.02 -27.41
O1P PEF BA . 15.01 -34.31 -24.57
O2P PEF BA . 14.64 -31.98 -23.87
O3P PEF BA . 16.21 -32.44 -25.87
O4P PEF BA . 16.91 -33.06 -23.34
P PEF BA . 15.66 -32.95 -24.41
C P5S CA . 14.82 -26.18 -19.18
N P5S CA . 16.90 -27.18 -18.12
O P5S CA . 13.99 -26.91 -18.60
C1 P5S CA . 12.77 -25.92 -25.48
C2 P5S CA . 14.07 -25.21 -25.19
C3 P5S CA . 14.72 -25.58 -23.87
CA P5S CA . 16.26 -26.73 -19.34
CB P5S CA . 16.21 -27.87 -20.35
OG P5S CA . 16.11 -27.38 -21.67
P12 P5S CA . 15.00 -27.97 -22.71
O13 P5S CA . 13.60 -27.72 -22.25
O15 P5S CA . 15.43 -29.33 -23.14
O16 P5S CA . 15.24 -26.88 -23.93
C17 P5S CA . 11.98 -27.24 -27.24
O18 P5S CA . 11.48 -28.00 -26.46
O19 P5S CA . 12.64 -26.15 -26.87
C20 P5S CA . 11.94 -27.39 -28.74
C21 P5S CA . 11.51 -28.77 -29.16
C22 P5S CA . 11.84 -29.04 -30.63
C23 P5S CA . 10.95 -28.23 -31.56
C24 P5S CA . 11.59 -27.92 -32.91
C25 P5S CA . 10.72 -28.37 -34.07
C26 P5S CA . 11.36 -28.14 -35.44
C27 P5S CA . 10.69 -28.96 -36.53
C28 P5S CA . 11.12 -28.57 -37.94
C29 P5S CA . 10.47 -29.44 -39.02
C30 P5S CA . 10.51 -28.81 -40.40
C31 P5S CA . 9.86 -29.68 -41.47
C32 P5S CA . 9.51 -28.91 -42.73
C33 P5S CA . 10.54 -27.85 -43.09
C34 P5S CA . 10.19 -27.04 -44.34
O37 P5S CA . 13.90 -23.79 -25.30
C38 P5S CA . 12.92 -23.25 -26.03
C39 P5S CA . 13.36 -23.02 -27.44
C40 P5S CA . 12.21 -22.63 -28.36
C41 P5S CA . 12.63 -22.52 -29.82
C42 P5S CA . 11.46 -22.67 -30.77
C43 P5S CA . 11.87 -22.88 -32.22
C44 P5S CA . 10.74 -23.42 -33.07
C45 P5S CA . 11.09 -23.61 -34.54
C46 P5S CA . 11.43 -22.30 -35.23
O47 P5S CA . 11.83 -22.98 -25.60
C48 P5S CA . 11.37 -22.38 -36.75
C49 P5S CA . 12.16 -23.55 -37.32
C50 P5S CA . 11.32 -24.56 -38.08
C51 P5S CA . 10.60 -23.95 -39.27
C52 P5S CA . 11.52 -23.64 -40.45
C53 P5S CA . 10.77 -23.17 -41.70
C54 P5S CA . 11.65 -23.11 -42.93
OXT P5S CA . 14.61 -25.05 -19.65
C P5S DA . 11.11 -48.31 -26.26
N P5S DA . 13.23 -47.63 -25.06
O P5S DA . 10.09 -48.58 -25.58
C1 P5S DA . 15.32 -44.36 -32.07
C2 P5S DA . 14.35 -44.72 -30.98
C3 P5S DA . 14.97 -45.19 -29.68
CA P5S DA . 12.03 -47.19 -25.73
CB P5S DA . 12.39 -46.28 -26.91
OG P5S DA . 13.77 -46.04 -27.02
P12 P5S DA . 14.78 -47.07 -27.82
O13 P5S DA . 14.26 -48.46 -27.86
O15 P5S DA . 16.19 -46.79 -27.36
O16 P5S DA . 14.56 -46.49 -29.33
C17 P5S DA . 15.37 -42.73 -33.74
O18 P5S DA . 16.45 -42.36 -33.36
O19 P5S DA . 14.67 -43.66 -33.11
C20 P5S DA . 14.65 -42.21 -34.96
C21 P5S DA . 15.23 -40.92 -35.49
C22 P5S DA . 14.24 -39.77 -35.40
C23 P5S DA . 13.95 -39.15 -36.76
C24 P5S DA . 13.30 -37.78 -36.71
C25 P5S DA . 13.32 -37.09 -38.07
C26 P5S DA . 13.24 -35.57 -38.00
C27 P5S DA . 13.62 -34.92 -39.32
C28 P5S DA . 14.19 -33.51 -39.18
O37 P5S DA . 13.44 -45.69 -31.51
C38 P5S DA . 12.16 -45.68 -31.13
C39 P5S DA . 11.23 -45.80 -32.31
C40 P5S DA . 11.58 -44.84 -33.44
C41 P5S DA . 10.60 -44.89 -34.60
C42 P5S DA . 11.01 -43.92 -35.69
C43 P5S DA . 10.07 -43.86 -36.88
C44 P5S DA . 10.51 -42.81 -37.90
C45 P5S DA . 9.44 -42.44 -38.91
C46 P5S DA . 9.51 -40.97 -39.31
O47 P5S DA . 11.80 -45.56 -29.99
C48 P5S DA . 8.52 -40.58 -40.40
C49 P5S DA . 8.56 -39.11 -40.76
C50 P5S DA . 7.92 -38.80 -42.10
C51 P5S DA . 7.69 -37.32 -42.35
C52 P5S DA . 8.92 -36.46 -42.11
C53 P5S DA . 8.79 -35.06 -42.70
C54 P5S DA . 9.66 -34.00 -42.03
C55 P5S DA . 11.13 -34.09 -42.44
C56 P5S DA . 11.93 -32.87 -41.98
OXT P5S DA . 11.45 -48.85 -27.33
C1 NAG EA . -18.22 -13.63 -62.24
C2 NAG EA . -18.89 -13.32 -63.59
C3 NAG EA . -18.28 -14.18 -64.70
C4 NAG EA . -18.02 -15.61 -64.24
C5 NAG EA . -17.22 -15.64 -62.94
C6 NAG EA . -15.86 -16.27 -63.10
C7 NAG EA . -21.17 -12.61 -63.01
C8 NAG EA . -22.62 -12.99 -63.01
N2 NAG EA . -20.33 -13.52 -63.51
O3 NAG EA . -17.07 -13.58 -65.15
O4 NAG EA . -19.26 -16.29 -64.05
O5 NAG EA . -17.01 -14.31 -62.47
O6 NAG EA . -15.65 -17.31 -62.14
O7 NAG EA . -20.77 -11.53 -62.56
O12 PT5 FA . 23.62 8.74 -14.60
P1 PT5 FA . 23.45 7.47 -15.41
O13 PT5 FA . 22.87 7.85 -16.91
O11 PT5 FA . 22.46 6.56 -14.71
O6 PT5 FA . 26.52 6.97 -12.44
O1 PT5 FA . 24.91 6.70 -15.56
C1 PT5 FA . 25.99 7.15 -14.78
C6 PT5 FA . 26.08 6.23 -13.56
C2 PT5 FA . 27.27 7.20 -15.65
O2 PT5 FA . 27.09 6.37 -16.76
C3 PT5 FA . 28.52 6.77 -14.88
O3 PT5 FA . 29.63 6.82 -15.74
C4 PT5 FA . 28.39 5.33 -14.33
O4 PT5 FA . 29.40 5.08 -13.36
P4 PT5 FA . 29.32 5.66 -11.80
O41 PT5 FA . 28.60 7.00 -11.74
O42 PT5 FA . 28.60 4.67 -10.92
O43 PT5 FA . 30.73 5.85 -11.27
C5 PT5 FA . 26.99 5.00 -13.78
O5 PT5 FA . 26.35 4.14 -14.70
P5 PT5 FA . 24.94 3.38 -14.28
O52 PT5 FA . 24.99 1.94 -14.76
O51 PT5 FA . 23.78 4.08 -14.93
O53 PT5 FA . 24.77 3.39 -12.78
C7 PT5 FA . 22.57 6.78 -17.76
C8 PT5 FA . 21.04 6.56 -17.85
C9 PT5 FA . 20.32 7.66 -17.07
O16 PT5 FA . 20.65 6.59 -19.19
C10 PT5 FA . 21.47 5.85 -20.08
O17 PT5 FA . 21.71 4.71 -19.87
O18 PT5 FA . 19.02 7.23 -16.72
C11 PT5 FA . 18.01 8.11 -17.15
O19 PT5 FA . 17.89 9.19 -16.64
C12 PT5 FA . 22.04 6.53 -21.35
C13 PT5 FA . 21.32 5.97 -22.58
C14 PT5 FA . 20.36 7.03 -23.18
C15 PT5 FA . 20.15 6.68 -24.67
C16 PT5 FA . 19.11 7.35 -25.23
C17 PT5 FA . 17.91 8.33 -25.20
C18 PT5 FA . 16.63 7.58 -25.66
C19 PT5 FA . 16.08 8.12 -26.76
C20 PT5 FA . 15.00 7.00 -26.62
C21 PT5 FA . 13.50 7.06 -26.19
C22 PT5 FA . 12.70 7.51 -27.17
C23 PT5 FA . 12.43 8.02 -28.61
C24 PT5 FA . 11.40 9.14 -28.56
C31 PT5 FA . 17.05 7.70 -18.27
C32 PT5 FA . 15.71 8.47 -18.12
C33 PT5 FA . 14.80 8.14 -19.30
C34 PT5 FA . 15.51 8.53 -20.61
C35 PT5 FA . 14.47 8.80 -21.70
C36 PT5 FA . 13.44 9.82 -21.18
C37 PT5 FA . 12.01 9.28 -21.39
C38 PT5 FA . 11.04 10.46 -21.49
C39 PT5 FA . 11.21 11.15 -22.87
C40 PT5 FA . 9.83 11.27 -23.56
C25 PT5 FA . 11.77 10.40 -28.75
C26 PT5 FA . 10.75 11.52 -28.69
C27 PT5 FA . 10.92 12.44 -29.91
C28 PT5 FA . 10.70 11.63 -31.19
C29 PT5 FA . 10.64 12.59 -32.38
C30 PT5 FA . 9.99 11.87 -33.58
C41 PT5 FA . 9.01 12.41 -22.88
C42 PT5 FA . 7.51 12.25 -23.19
C43 PT5 FA . 6.66 12.88 -22.06
C44 PT5 FA . 7.24 12.51 -20.68
C45 PT5 FA . 6.69 11.13 -20.23
C46 PT5 FA . 6.89 10.95 -18.72
C47 PT5 FA . 6.20 9.64 -18.25
C2 PEF GA . 28.71 27.54 -16.42
C1 PEF GA . 29.95 27.98 -15.65
N PEF GA . 31.11 23.54 -11.89
C3 PEF GA . 27.44 27.97 -15.69
C4 PEF GA . 32.34 24.99 -13.40
C5 PEF GA . 31.15 24.88 -12.46
C10 PEF GA . 28.85 29.38 -18.04
C11 PEF GA . 29.26 29.83 -19.46
C12 PEF GA . 29.03 31.34 -19.61
C13 PEF GA . 27.53 31.63 -19.79
C14 PEF GA . 27.31 32.54 -21.03
C15 PEF GA . 26.81 33.93 -20.56
C16 PEF GA . 27.06 34.96 -21.69
C17 PEF GA . 25.95 36.02 -21.69
C18 PEF GA . 25.74 36.56 -20.25
C30 PEF GA . 25.52 29.24 -16.16
C31 PEF GA . 24.24 29.48 -16.95
C32 PEF GA . 24.04 30.97 -17.15
C33 PEF GA . 23.35 31.20 -18.50
O4 PEF GA . 28.66 30.23 -17.23
O5 PEF GA . 25.73 29.86 -15.17
O2 PEF GA . 28.71 28.01 -17.77
O3 PEF GA . 26.46 28.31 -16.62
O1P PEF GA . 32.81 25.57 -16.62
O2P PEF GA . 30.59 24.97 -15.77
O3P PEF GA . 31.10 27.46 -16.26
O4P PEF GA . 32.23 26.15 -14.18
P PEF GA . 31.68 26.01 -15.73
C P5S HA . 25.75 22.22 -10.79
N P5S HA . 27.34 22.91 -8.94
O P5S HA . 26.35 21.17 -11.11
C1 P5S HA . 24.09 25.12 -16.51
C2 P5S HA . 23.75 25.91 -15.27
C3 P5S HA . 24.45 25.44 -14.01
CA P5S HA . 26.57 23.33 -10.10
CB P5S HA . 27.51 23.93 -11.15
OG P5S HA . 26.83 24.79 -12.02
P12 P5S HA . 26.98 24.69 -13.63
O13 P5S HA . 26.49 23.39 -14.16
O15 P5S HA . 28.33 25.20 -14.02
O16 P5S HA . 25.82 25.77 -14.05
C17 P5S HA . 24.92 25.69 -18.63
O18 P5S HA . 25.65 24.74 -18.61
O19 P5S HA . 24.08 25.98 -17.64
C20 P5S HA . 24.84 26.69 -19.75
C21 P5S HA . 26.00 26.58 -20.70
C22 P5S HA . 26.11 27.82 -21.59
C23 P5S HA . 25.00 27.88 -22.62
C24 P5S HA . 24.64 29.29 -23.07
C25 P5S HA . 24.70 29.43 -24.58
C26 P5S HA . 24.43 30.85 -25.07
C27 P5S HA . 24.91 31.07 -26.49
C28 P5S HA . 24.42 32.38 -27.10
C29 P5S HA . 24.95 32.60 -28.51
C30 P5S HA . 24.15 33.63 -29.30
C31 P5S HA . 24.67 33.84 -30.71
C32 P5S HA . 23.66 34.51 -31.64
C33 P5S HA . 22.83 35.58 -30.94
C34 P5S HA . 21.78 36.23 -31.84
O37 P5S HA . 22.32 25.94 -15.07
C38 P5S HA . 21.48 25.78 -16.10
C39 P5S HA . 21.14 27.09 -16.75
C40 P5S HA . 20.36 26.91 -18.05
C41 P5S HA . 20.13 28.23 -18.77
C42 P5S HA . 19.88 28.04 -20.26
C43 P5S HA . 19.95 29.32 -21.06
C44 P5S HA . 20.11 29.06 -22.55
C45 P5S HA . 20.15 30.33 -23.40
C46 P5S HA . 18.86 31.13 -23.33
O47 P5S HA . 21.03 24.71 -16.44
C48 P5S HA . 18.70 32.13 -24.47
C49 P5S HA . 19.91 33.02 -24.64
C50 P5S HA . 20.57 32.88 -26.01
C51 P5S HA . 19.64 33.22 -27.16
C52 P5S HA . 19.39 34.71 -27.32
C53 P5S HA . 18.59 35.07 -28.56
C54 P5S HA . 18.54 36.56 -28.85
OXT P5S HA . 24.54 22.46 -10.95
C P5S IA . 45.14 23.06 -24.07
N P5S IA . 45.17 23.80 -21.64
O P5S IA . 45.28 21.86 -24.34
C1 P5S IA . 41.44 30.35 -24.37
C2 P5S IA . 41.72 28.87 -24.32
C3 P5S IA . 42.51 28.39 -23.12
CA P5S IA . 44.36 23.43 -22.79
CB P5S IA . 43.40 24.56 -23.15
OG P5S IA . 43.47 25.65 -22.25
P12 P5S IA . 44.55 26.86 -22.42
O13 P5S IA . 45.77 26.42 -23.16
O15 P5S IA . 44.68 27.58 -21.11
O16 P5S IA . 43.72 27.78 -23.49
C17 P5S IA . 39.63 31.65 -25.09
O18 P5S IA . 39.56 32.19 -24.02
O19 P5S IA . 40.46 30.65 -25.35
C20 P5S IA . 38.79 32.01 -26.28
C21 P5S IA . 37.59 32.87 -25.94
C22 P5S IA . 36.27 32.15 -26.24
C23 P5S IA . 35.41 32.93 -27.21
C24 P5S IA . 33.95 32.51 -27.25
C25 P5S IA . 33.09 33.51 -28.00
C26 P5S IA . 31.62 33.51 -27.61
C27 P5S IA . 30.88 34.74 -28.11
C28 P5S IA . 29.67 35.14 -27.27
O37 P5S IA . 42.37 28.52 -25.57
C38 P5S IA . 42.12 27.34 -26.13
C39 P5S IA . 41.86 27.48 -27.60
C40 P5S IA . 40.85 28.57 -27.91
C41 P5S IA . 40.50 28.66 -29.39
C42 P5S IA . 39.49 29.78 -29.63
C43 P5S IA . 39.05 29.92 -31.08
C44 P5S IA . 38.00 31.01 -31.24
C45 P5S IA . 37.24 30.97 -32.56
C46 P5S IA . 35.78 31.38 -32.40
O47 P5S IA . 42.11 26.30 -25.52
C48 P5S IA . 35.02 31.44 -33.72
C49 P5S IA . 33.55 31.82 -33.56
C50 P5S IA . 32.92 32.31 -34.86
C51 P5S IA . 31.40 32.41 -34.78
C52 P5S IA . 30.88 33.18 -33.58
C53 P5S IA . 29.42 33.58 -33.72
C54 P5S IA . 28.71 33.82 -32.39
C55 P5S IA . 29.06 35.15 -31.75
C56 P5S IA . 28.14 35.49 -30.57
OXT P5S IA . 45.58 24.02 -24.74
C1 NAG JA . -0.23 29.02 -59.61
C2 NAG JA . -0.87 29.49 -60.91
C3 NAG JA . -0.07 30.65 -61.53
C4 NAG JA . 1.43 30.43 -61.40
C5 NAG JA . 1.83 30.10 -59.97
C6 NAG JA . 2.72 31.15 -59.35
C7 NAG JA . -1.99 27.49 -61.81
C8 NAG JA . -1.95 26.43 -62.86
N2 NAG JA . -0.99 28.39 -61.85
O3 NAG JA . -0.44 31.87 -60.90
O4 NAG JA . 1.84 29.37 -62.25
O5 NAG JA . 0.66 30.01 -59.14
O6 NAG JA . 3.90 30.57 -58.81
O7 NAG JA . -2.87 27.54 -60.96
#